data_9ONA
#
_entry.id   9ONA
#
loop_
_entity.id
_entity.type
_entity.pdbx_description
1 polymer 'Capsid protein p24'
2 non-polymer 'INOSITOL HEXAKISPHOSPHATE'
3 non-polymer 1-{(2S)-2-(4-tert-butylphenyl)-2-[(2,3-dihydro-1H-inden-2-yl)amino]ethyl}-3-(trifluoromethyl)pyridin-2(1H)-one
#
_entity_poly.entity_id   1
_entity_poly.type   'polypeptide(L)'
_entity_poly.pdbx_seq_one_letter_code
;GGSPTSILDIRQGPKEPFRDYVDRFYKTLRAEQASQEVKNWMTETLLVQNANPDCKTILKALGPGATLEEMMTACQGVGG
PGHKARVLAEAMSQVTNTATIM
;
_entity_poly.pdbx_strand_id   G,H,I,J,K,L
#
loop_
_chem_comp.id
_chem_comp.type
_chem_comp.name
_chem_comp.formula
A1CCZ non-polymer 1-{(2S)-2-(4-tert-butylphenyl)-2-[(2,3-dihydro-1H-inden-2-yl)amino]ethyl}-3-(trifluoromethyl)pyridin-2(1H)-one 'C27 H29 F3 N2 O'
IHP non-polymer 'INOSITOL HEXAKISPHOSPHATE' 'C6 H18 O24 P6'
#
# COMPACT_ATOMS: atom_id res chain seq x y z
N GLY A 1 -31.77 -17.68 -6.90
CA GLY A 1 -30.46 -18.34 -6.79
C GLY A 1 -29.32 -17.38 -6.94
N GLY A 2 -28.35 -17.52 -6.04
CA GLY A 2 -27.23 -16.62 -6.05
C GLY A 2 -27.77 -15.24 -5.85
N SER A 3 -28.84 -15.15 -5.06
CA SER A 3 -29.42 -13.89 -4.82
C SER A 3 -28.38 -13.06 -4.11
N PRO A 4 -28.38 -11.78 -4.25
CA PRO A 4 -27.35 -10.95 -3.63
C PRO A 4 -27.35 -11.08 -2.12
N THR A 5 -26.16 -11.04 -1.57
CA THR A 5 -25.98 -11.08 -0.14
C THR A 5 -26.73 -12.24 0.57
N SER A 6 -26.82 -13.34 -0.11
CA SER A 6 -27.42 -14.54 0.44
C SER A 6 -26.37 -15.42 1.12
N ILE A 7 -25.07 -14.91 1.25
CA ILE A 7 -23.95 -15.71 1.79
C ILE A 7 -23.28 -16.55 0.76
N LEU A 8 -23.97 -16.90 -0.24
CA LEU A 8 -23.36 -17.62 -1.31
C LEU A 8 -22.30 -16.74 -1.91
N ASP A 9 -22.58 -15.40 -2.07
CA ASP A 9 -21.50 -14.59 -2.48
C ASP A 9 -21.05 -13.60 -1.39
N ILE A 10 -21.21 -13.85 -0.02
CA ILE A 10 -20.73 -12.73 0.77
C ILE A 10 -19.18 -12.81 0.80
N ARG A 11 -18.48 -11.68 0.66
CA ARG A 11 -16.99 -11.72 0.61
C ARG A 11 -16.30 -10.70 1.50
N GLN A 12 -15.12 -11.08 1.98
CA GLN A 12 -14.28 -10.21 2.81
C GLN A 12 -13.24 -9.55 1.92
N GLY A 13 -13.14 -8.24 1.99
CA GLY A 13 -12.13 -7.56 1.21
C GLY A 13 -10.76 -8.05 1.66
N PRO A 14 -9.78 -8.10 0.79
CA PRO A 14 -8.43 -8.63 1.14
C PRO A 14 -7.93 -7.93 2.35
N LYS A 15 -8.18 -6.64 2.40
CA LYS A 15 -7.77 -5.87 3.55
C LYS A 15 -8.92 -5.79 4.58
N GLU A 16 -10.15 -5.99 4.11
CA GLU A 16 -11.29 -5.89 5.01
C GLU A 16 -11.07 -6.81 6.22
N PRO A 17 -11.06 -6.33 7.45
CA PRO A 17 -10.83 -7.24 8.58
C PRO A 17 -11.91 -8.27 8.71
N PHE A 18 -11.48 -9.41 9.28
CA PHE A 18 -12.33 -10.55 9.51
C PHE A 18 -13.53 -10.10 10.29
N ARG A 19 -13.31 -9.38 11.35
CA ARG A 19 -14.46 -8.91 12.11
C ARG A 19 -15.36 -8.03 11.28
N ASP A 20 -14.80 -7.17 10.47
CA ASP A 20 -15.66 -6.31 9.67
C ASP A 20 -16.56 -7.16 8.77
N TYR A 21 -15.95 -7.92 7.88
CA TYR A 21 -16.67 -8.77 6.94
C TYR A 21 -17.62 -9.71 7.63
N VAL A 22 -17.21 -10.23 8.78
CA VAL A 22 -18.08 -11.10 9.54
C VAL A 22 -19.38 -10.33 9.83
N ASP A 23 -19.28 -9.03 9.98
CA ASP A 23 -20.48 -8.22 10.22
C ASP A 23 -21.33 -8.14 8.93
N ARG A 24 -20.63 -8.25 7.77
CA ARG A 24 -21.30 -8.27 6.48
C ARG A 24 -21.98 -9.63 6.23
N PHE A 25 -21.38 -10.69 6.76
CA PHE A 25 -21.91 -12.05 6.60
C PHE A 25 -23.03 -12.30 7.60
N TYR A 26 -22.87 -11.82 8.80
CA TYR A 26 -23.92 -11.99 9.80
C TYR A 26 -25.12 -11.14 9.44
N LYS A 27 -24.87 -9.82 9.21
CA LYS A 27 -25.95 -8.86 8.92
C LYS A 27 -26.67 -9.33 7.71
N THR A 28 -25.92 -9.69 6.69
CA THR A 28 -26.57 -10.16 5.51
C THR A 28 -27.24 -11.49 5.75
N LEU A 29 -26.76 -12.26 6.71
CA LEU A 29 -27.48 -13.47 7.00
C LEU A 29 -28.89 -13.10 7.45
N ARG A 30 -29.03 -11.98 8.15
CA ARG A 30 -30.35 -11.57 8.58
C ARG A 30 -31.21 -11.43 7.33
N ALA A 31 -30.61 -10.87 6.29
CA ALA A 31 -31.30 -10.70 5.02
C ALA A 31 -31.58 -12.09 4.44
N GLU A 32 -30.75 -13.05 4.76
CA GLU A 32 -30.96 -14.40 4.24
C GLU A 32 -31.92 -15.14 5.16
N GLN A 33 -33.09 -15.52 4.62
CA GLN A 33 -34.07 -16.29 5.42
C GLN A 33 -33.61 -17.74 5.57
N ALA A 34 -32.73 -18.01 6.53
CA ALA A 34 -32.21 -19.37 6.70
C ALA A 34 -32.33 -19.87 8.11
N SER A 35 -32.55 -21.17 8.19
CA SER A 35 -32.62 -21.84 9.44
C SER A 35 -31.34 -21.55 10.18
N GLN A 36 -31.38 -21.46 11.48
CA GLN A 36 -30.16 -21.15 12.21
C GLN A 36 -29.10 -22.21 11.91
N GLU A 37 -29.48 -23.48 12.01
CA GLU A 37 -28.52 -24.55 11.72
C GLU A 37 -27.93 -24.36 10.34
N VAL A 38 -28.75 -23.95 9.38
CA VAL A 38 -28.20 -23.71 8.06
C VAL A 38 -27.17 -22.62 8.20
N LYS A 39 -27.57 -21.50 8.85
CA LYS A 39 -26.66 -20.37 9.00
C LYS A 39 -25.37 -20.83 9.60
N ASN A 40 -25.45 -21.79 10.44
CA ASN A 40 -24.24 -22.30 11.02
C ASN A 40 -23.29 -22.83 9.95
N TRP A 41 -23.79 -23.58 8.97
CA TRP A 41 -22.90 -24.11 7.94
C TRP A 41 -22.27 -22.95 7.17
N MET A 42 -23.02 -21.87 7.06
CA MET A 42 -22.55 -20.65 6.38
C MET A 42 -21.48 -19.92 7.23
N THR A 43 -21.68 -19.92 8.54
CA THR A 43 -20.76 -19.26 9.46
C THR A 43 -19.49 -20.08 9.58
N GLU A 44 -19.61 -21.39 9.49
CA GLU A 44 -18.47 -22.29 9.65
C GLU A 44 -17.68 -22.53 8.39
N THR A 45 -18.40 -22.77 7.33
CA THR A 45 -17.77 -23.03 6.07
C THR A 45 -17.71 -21.80 5.20
N LEU A 46 -18.85 -21.25 4.83
CA LEU A 46 -18.78 -20.14 3.92
C LEU A 46 -17.96 -19.01 4.48
N LEU A 47 -18.07 -18.76 5.77
CA LEU A 47 -17.28 -17.72 6.38
C LEU A 47 -15.83 -18.05 6.09
N VAL A 48 -15.47 -19.30 6.15
CA VAL A 48 -14.11 -19.64 5.89
C VAL A 48 -13.74 -19.44 4.41
N GLN A 49 -14.60 -19.92 3.50
CA GLN A 49 -14.25 -19.92 2.08
C GLN A 49 -14.05 -18.58 1.36
N ASN A 50 -14.94 -17.63 1.51
CA ASN A 50 -14.84 -16.38 0.75
C ASN A 50 -14.38 -15.20 1.57
N ALA A 51 -13.95 -15.46 2.77
CA ALA A 51 -13.56 -14.38 3.60
C ALA A 51 -12.12 -14.04 3.63
N ASN A 52 -11.54 -13.53 2.53
CA ASN A 52 -10.17 -13.05 2.62
C ASN A 52 -9.18 -14.17 2.98
N PRO A 53 -8.42 -14.72 2.07
CA PRO A 53 -7.53 -15.85 2.39
C PRO A 53 -6.68 -15.65 3.64
N ASP A 54 -6.54 -14.42 4.13
CA ASP A 54 -5.81 -14.22 5.36
C ASP A 54 -6.47 -15.01 6.43
N CYS A 55 -7.78 -14.95 6.46
CA CYS A 55 -8.44 -15.69 7.47
C CYS A 55 -8.45 -17.13 7.02
N LYS A 56 -8.62 -17.40 5.75
CA LYS A 56 -8.70 -18.79 5.33
C LYS A 56 -7.48 -19.60 5.75
N THR A 57 -6.34 -18.99 5.73
CA THR A 57 -5.17 -19.68 6.16
C THR A 57 -5.18 -19.79 7.72
N ILE A 58 -5.89 -18.84 8.38
CA ILE A 58 -5.99 -18.82 9.85
C ILE A 58 -7.05 -19.78 10.36
N LEU A 59 -8.30 -19.58 9.96
CA LEU A 59 -9.40 -20.44 10.35
C LEU A 59 -8.96 -21.87 10.10
N LYS A 60 -8.27 -22.14 8.97
CA LYS A 60 -7.82 -23.50 8.72
C LYS A 60 -6.91 -23.95 9.84
N ALA A 61 -5.97 -23.08 10.22
CA ALA A 61 -5.02 -23.40 11.31
C ALA A 61 -5.74 -23.62 12.67
N LEU A 62 -6.60 -22.70 13.04
CA LEU A 62 -7.35 -22.80 14.28
C LEU A 62 -8.22 -24.01 14.27
N GLY A 63 -8.69 -24.36 13.10
CA GLY A 63 -9.58 -25.46 12.96
C GLY A 63 -10.99 -24.89 12.64
N PRO A 64 -11.71 -25.37 11.66
CA PRO A 64 -13.04 -24.80 11.37
C PRO A 64 -13.91 -25.06 12.57
N GLY A 65 -14.89 -24.21 12.78
CA GLY A 65 -15.76 -24.41 13.91
C GLY A 65 -15.25 -23.69 15.13
N ALA A 66 -14.02 -23.15 15.08
CA ALA A 66 -13.54 -22.39 16.22
C ALA A 66 -14.56 -21.28 16.50
N THR A 67 -14.74 -20.97 17.77
CA THR A 67 -15.71 -19.97 18.13
C THR A 67 -15.37 -18.67 17.49
N LEU A 68 -16.36 -17.87 17.21
CA LEU A 68 -16.10 -16.62 16.55
C LEU A 68 -15.08 -15.81 17.35
N GLU A 69 -15.11 -15.92 18.66
CA GLU A 69 -14.11 -15.22 19.44
C GLU A 69 -12.72 -15.79 19.11
N GLU A 70 -12.63 -17.11 18.98
CA GLU A 70 -11.36 -17.76 18.65
C GLU A 70 -10.89 -17.42 17.21
N MET A 71 -11.81 -17.43 16.21
CA MET A 71 -11.47 -17.08 14.82
C MET A 71 -11.06 -15.64 14.76
N MET A 72 -11.77 -14.84 15.54
CA MET A 72 -11.57 -13.41 15.61
C MET A 72 -10.21 -13.06 16.18
N THR A 73 -9.91 -13.65 17.30
CA THR A 73 -8.71 -13.28 17.99
C THR A 73 -7.55 -13.49 17.07
N ALA A 74 -7.54 -14.63 16.41
CA ALA A 74 -6.46 -14.95 15.51
C ALA A 74 -6.57 -14.13 14.23
N CYS A 75 -7.80 -13.97 13.74
CA CYS A 75 -8.02 -13.23 12.53
C CYS A 75 -7.98 -11.77 12.73
N GLN A 76 -7.73 -11.31 13.96
CA GLN A 76 -7.51 -9.95 14.10
C GLN A 76 -6.12 -9.75 13.42
N GLY A 77 -5.30 -10.88 13.29
CA GLY A 77 -4.06 -10.84 12.57
C GLY A 77 -4.36 -10.54 11.09
N VAL A 78 -5.61 -10.69 10.62
CA VAL A 78 -5.99 -10.41 9.16
C VAL A 78 -5.80 -8.91 8.89
N GLY A 79 -5.46 -8.43 7.61
CA GLY A 79 -5.11 -7.00 7.56
C GLY A 79 -3.88 -6.67 6.73
N GLY A 80 -3.56 -5.43 6.33
CA GLY A 80 -2.36 -5.35 5.49
C GLY A 80 -1.07 -5.50 6.34
N PRO A 81 -0.60 -4.47 6.97
CA PRO A 81 0.59 -4.53 7.88
C PRO A 81 0.34 -5.49 9.04
N GLY A 82 -0.94 -5.58 9.47
CA GLY A 82 -1.32 -6.44 10.60
C GLY A 82 -1.09 -7.93 10.34
N HIS A 83 -1.47 -8.38 9.14
CA HIS A 83 -1.23 -9.78 8.75
C HIS A 83 0.18 -9.90 8.29
N LYS A 84 0.72 -8.85 7.72
CA LYS A 84 2.10 -8.85 7.23
C LYS A 84 3.13 -9.00 8.34
N ALA A 85 2.83 -8.46 9.49
CA ALA A 85 3.76 -8.53 10.58
C ALA A 85 4.04 -10.00 10.92
N ARG A 86 3.00 -10.79 10.84
CA ARG A 86 3.13 -12.20 11.09
C ARG A 86 3.52 -12.93 9.79
N VAL A 87 2.62 -12.85 8.83
CA VAL A 87 2.78 -13.53 7.54
C VAL A 87 4.08 -13.22 6.86
N LEU A 88 4.57 -12.01 6.92
CA LEU A 88 5.86 -11.81 6.29
C LEU A 88 6.92 -12.72 7.00
N ALA A 89 6.91 -12.71 8.31
CA ALA A 89 7.83 -13.54 9.02
C ALA A 89 7.60 -15.00 8.66
N GLU A 90 6.34 -15.35 8.47
CA GLU A 90 5.99 -16.76 8.19
C GLU A 90 6.37 -17.24 6.78
N ALA A 91 5.82 -16.62 5.77
CA ALA A 91 6.02 -17.07 4.39
C ALA A 91 7.50 -17.06 4.05
N MET A 92 8.16 -16.04 4.55
CA MET A 92 9.58 -15.91 4.36
C MET A 92 10.29 -17.12 4.97
N SER A 93 9.80 -17.57 6.12
CA SER A 93 10.40 -18.74 6.75
C SER A 93 9.80 -20.03 6.15
N GLN A 94 8.70 -19.92 5.39
CA GLN A 94 8.16 -21.11 4.75
C GLN A 94 9.06 -21.52 3.61
N VAL A 95 9.75 -20.57 3.04
CA VAL A 95 10.64 -20.88 1.95
C VAL A 95 12.03 -21.28 2.47
N THR A 96 12.56 -20.49 3.38
CA THR A 96 13.91 -20.77 3.87
C THR A 96 14.00 -21.72 5.07
N ASN A 97 13.38 -21.37 6.20
CA ASN A 97 13.59 -22.17 7.40
C ASN A 97 12.62 -23.32 7.75
N THR A 98 11.33 -23.03 7.91
CA THR A 98 10.40 -24.07 8.38
C THR A 98 9.80 -24.97 7.30
N ALA A 99 9.40 -24.39 6.18
CA ALA A 99 8.76 -25.17 5.11
C ALA A 99 9.66 -25.29 3.89
N THR A 100 10.97 -25.26 4.08
CA THR A 100 11.84 -25.32 2.91
C THR A 100 11.62 -26.65 2.22
N ILE A 101 11.11 -26.55 0.99
CA ILE A 101 10.76 -27.73 0.21
C ILE A 101 11.98 -28.22 -0.57
N MET A 102 12.36 -29.47 -0.34
CA MET A 102 13.51 -30.04 -1.03
C MET A 102 14.73 -29.14 -0.86
N GLY B 1 -13.11 3.77 -30.05
CA GLY B 1 -11.94 4.30 -29.27
C GLY B 1 -12.45 5.06 -28.07
N GLY B 2 -11.91 4.74 -26.89
CA GLY B 2 -12.34 5.40 -25.67
C GLY B 2 -13.73 4.92 -25.24
N SER B 3 -14.16 3.77 -25.77
CA SER B 3 -15.49 3.27 -25.42
C SER B 3 -15.47 2.53 -24.07
N PRO B 4 -16.23 2.94 -23.05
CA PRO B 4 -16.26 2.22 -21.75
C PRO B 4 -17.27 1.07 -21.75
N THR B 5 -17.22 0.27 -20.67
CA THR B 5 -18.13 -0.87 -20.41
C THR B 5 -18.15 -2.01 -21.46
N SER B 6 -17.34 -1.90 -22.47
CA SER B 6 -17.27 -2.94 -23.47
C SER B 6 -16.25 -4.02 -23.06
N ILE B 7 -15.66 -3.92 -21.80
CA ILE B 7 -14.56 -4.83 -21.32
C ILE B 7 -13.19 -4.42 -21.83
N LEU B 8 -13.16 -3.64 -22.89
CA LEU B 8 -11.96 -3.09 -23.44
C LEU B 8 -11.31 -2.26 -22.39
N ASP B 9 -12.10 -1.75 -21.39
CA ASP B 9 -11.44 -1.16 -20.29
C ASP B 9 -11.94 -1.72 -18.96
N ILE B 10 -12.59 -2.95 -18.85
CA ILE B 10 -13.02 -3.20 -17.46
C ILE B 10 -11.78 -3.57 -16.64
N ARG B 11 -11.71 -3.22 -15.35
CA ARG B 11 -10.46 -3.50 -14.61
C ARG B 11 -10.59 -3.84 -13.11
N GLN B 12 -9.80 -4.84 -12.74
CA GLN B 12 -9.65 -5.30 -11.36
C GLN B 12 -8.39 -4.69 -10.78
N GLY B 13 -8.58 -4.03 -9.67
CA GLY B 13 -7.50 -3.38 -8.99
C GLY B 13 -6.57 -4.39 -8.39
N PRO B 14 -5.40 -3.97 -7.99
CA PRO B 14 -4.38 -4.86 -7.41
C PRO B 14 -4.94 -5.55 -6.18
N LYS B 15 -5.67 -4.76 -5.41
CA LYS B 15 -6.29 -5.23 -4.20
C LYS B 15 -7.75 -5.57 -4.46
N GLU B 16 -8.24 -5.41 -5.68
CA GLU B 16 -9.64 -5.65 -5.92
C GLU B 16 -9.88 -7.12 -6.21
N PRO B 17 -10.74 -7.83 -5.51
CA PRO B 17 -10.92 -9.28 -5.76
C PRO B 17 -11.51 -9.61 -7.11
N PHE B 18 -11.09 -10.78 -7.57
CA PHE B 18 -11.58 -11.39 -8.78
C PHE B 18 -13.07 -11.48 -8.71
N ARG B 19 -13.61 -12.03 -7.62
CA ARG B 19 -15.08 -12.13 -7.46
C ARG B 19 -15.79 -10.77 -7.63
N ASP B 20 -15.32 -9.74 -6.93
CA ASP B 20 -15.94 -8.41 -7.03
C ASP B 20 -15.81 -7.84 -8.44
N TYR B 21 -14.65 -7.99 -9.03
CA TYR B 21 -14.39 -7.48 -10.37
C TYR B 21 -15.14 -8.29 -11.40
N VAL B 22 -15.41 -9.54 -11.08
CA VAL B 22 -16.17 -10.35 -11.98
C VAL B 22 -17.48 -9.67 -12.16
N ASP B 23 -18.02 -9.13 -11.07
CA ASP B 23 -19.26 -8.39 -11.16
C ASP B 23 -19.03 -7.19 -12.07
N ARG B 24 -17.85 -6.60 -12.02
CA ARG B 24 -17.57 -5.47 -12.95
C ARG B 24 -17.47 -5.98 -14.43
N PHE B 25 -17.06 -7.25 -14.62
CA PHE B 25 -16.96 -7.82 -15.98
C PHE B 25 -18.32 -8.42 -16.44
N TYR B 26 -19.16 -8.76 -15.48
CA TYR B 26 -20.46 -9.32 -15.82
C TYR B 26 -21.44 -8.18 -16.00
N LYS B 27 -21.54 -7.41 -14.94
CA LYS B 27 -22.42 -6.26 -14.89
C LYS B 27 -22.04 -5.26 -15.98
N THR B 28 -20.74 -5.08 -16.28
CA THR B 28 -20.44 -4.12 -17.34
C THR B 28 -20.71 -4.75 -18.71
N LEU B 29 -20.78 -6.08 -18.77
CA LEU B 29 -21.19 -6.72 -19.99
C LEU B 29 -22.73 -6.67 -20.10
N ARG B 30 -23.43 -6.47 -18.98
CA ARG B 30 -24.88 -6.35 -19.03
C ARG B 30 -25.22 -5.13 -19.87
N ALA B 31 -24.43 -4.07 -19.65
CA ALA B 31 -24.59 -2.81 -20.39
C ALA B 31 -24.26 -3.04 -21.87
N GLU B 32 -23.42 -4.03 -22.15
CA GLU B 32 -23.03 -4.34 -23.51
C GLU B 32 -24.02 -5.33 -24.16
N GLN B 33 -24.50 -5.02 -25.36
CA GLN B 33 -25.42 -5.90 -26.05
C GLN B 33 -24.64 -7.01 -26.77
N ALA B 34 -24.44 -8.16 -26.09
CA ALA B 34 -23.65 -9.23 -26.70
C ALA B 34 -24.27 -10.63 -26.56
N SER B 35 -23.57 -11.57 -27.18
CA SER B 35 -23.92 -12.98 -27.10
C SER B 35 -23.16 -13.60 -25.93
N GLN B 36 -23.66 -14.68 -25.39
CA GLN B 36 -23.00 -15.33 -24.27
C GLN B 36 -21.58 -15.83 -24.66
N GLU B 37 -21.42 -16.41 -25.86
CA GLU B 37 -20.08 -16.85 -26.29
C GLU B 37 -19.24 -15.64 -26.62
N VAL B 38 -19.86 -14.61 -27.14
CA VAL B 38 -19.12 -13.42 -27.42
C VAL B 38 -18.46 -12.93 -26.14
N LYS B 39 -19.25 -12.88 -25.10
CA LYS B 39 -18.75 -12.45 -23.82
C LYS B 39 -17.63 -13.38 -23.34
N ASN B 40 -17.47 -14.56 -23.96
CA ASN B 40 -16.46 -15.55 -23.54
C ASN B 40 -14.99 -15.04 -23.76
N TRP B 41 -14.68 -14.20 -24.79
CA TRP B 41 -13.30 -13.61 -24.86
C TRP B 41 -13.06 -12.86 -23.53
N MET B 42 -14.11 -12.46 -22.87
CA MET B 42 -14.00 -11.76 -21.64
C MET B 42 -13.98 -12.73 -20.49
N THR B 43 -15.11 -13.44 -20.28
CA THR B 43 -15.25 -14.40 -19.18
C THR B 43 -13.97 -15.24 -19.06
N GLU B 44 -13.46 -15.64 -20.23
CA GLU B 44 -12.23 -16.39 -20.34
C GLU B 44 -10.97 -15.54 -20.50
N THR B 45 -10.91 -14.58 -21.49
CA THR B 45 -9.64 -13.80 -21.70
C THR B 45 -9.52 -12.41 -21.02
N LEU B 46 -10.40 -11.38 -21.24
CA LEU B 46 -10.13 -10.01 -20.59
C LEU B 46 -10.39 -10.13 -19.04
N LEU B 47 -11.19 -11.17 -18.63
CA LEU B 47 -11.41 -11.57 -17.20
C LEU B 47 -10.07 -12.15 -16.72
N VAL B 48 -9.29 -12.74 -17.62
CA VAL B 48 -7.99 -13.29 -17.25
C VAL B 48 -6.85 -12.27 -17.45
N GLN B 49 -7.05 -11.29 -18.36
CA GLN B 49 -5.97 -10.34 -18.65
C GLN B 49 -5.96 -9.06 -17.80
N ASN B 50 -7.06 -8.33 -17.80
CA ASN B 50 -7.10 -7.09 -17.02
C ASN B 50 -7.44 -7.28 -15.59
N ALA B 51 -7.66 -8.49 -15.18
CA ALA B 51 -8.13 -8.72 -13.88
C ALA B 51 -7.14 -9.01 -12.81
N ASN B 52 -6.31 -8.04 -12.32
CA ASN B 52 -5.47 -8.35 -11.15
C ASN B 52 -4.48 -9.46 -11.44
N PRO B 53 -3.23 -9.23 -11.71
CA PRO B 53 -2.30 -10.34 -12.07
C PRO B 53 -2.34 -11.50 -11.12
N ASP B 54 -2.93 -11.35 -9.90
CA ASP B 54 -3.03 -12.52 -9.03
C ASP B 54 -3.82 -13.55 -9.86
N CYS B 55 -4.83 -13.04 -10.55
CA CYS B 55 -5.66 -13.86 -11.41
C CYS B 55 -4.74 -14.41 -12.53
N LYS B 56 -3.73 -13.68 -13.02
CA LYS B 56 -2.93 -14.27 -14.06
C LYS B 56 -2.11 -15.41 -13.47
N THR B 57 -1.26 -15.09 -12.52
CA THR B 57 -0.46 -16.10 -11.87
C THR B 57 -1.36 -17.24 -11.31
N ILE B 58 -2.66 -16.97 -11.08
CA ILE B 58 -3.60 -18.02 -10.60
C ILE B 58 -4.22 -18.77 -11.79
N LEU B 59 -5.04 -18.09 -12.57
CA LEU B 59 -5.67 -18.66 -13.78
C LEU B 59 -4.58 -19.29 -14.68
N LYS B 60 -3.32 -18.95 -14.51
CA LYS B 60 -2.30 -19.59 -15.37
C LYS B 60 -2.04 -21.00 -14.84
N ALA B 61 -2.16 -21.17 -13.52
CA ALA B 61 -1.98 -22.48 -12.87
C ALA B 61 -3.31 -23.23 -12.80
N LEU B 62 -4.28 -22.60 -12.13
CA LEU B 62 -5.64 -23.12 -12.02
C LEU B 62 -6.18 -23.35 -13.38
N GLY B 63 -5.83 -22.44 -14.26
CA GLY B 63 -6.32 -22.51 -15.60
C GLY B 63 -7.37 -21.41 -15.73
N PRO B 64 -7.65 -20.98 -16.91
CA PRO B 64 -8.68 -19.94 -17.17
C PRO B 64 -10.04 -20.60 -17.42
N GLY B 65 -11.10 -19.80 -17.38
CA GLY B 65 -12.43 -20.31 -17.64
C GLY B 65 -12.88 -21.24 -16.56
N ALA B 66 -12.11 -21.35 -15.46
CA ALA B 66 -12.55 -22.24 -14.41
C ALA B 66 -13.89 -21.71 -13.96
N THR B 67 -14.78 -22.61 -13.61
CA THR B 67 -16.13 -22.20 -13.26
C THR B 67 -16.11 -21.12 -12.23
N LEU B 68 -17.18 -20.35 -12.23
CA LEU B 68 -17.23 -19.24 -11.33
C LEU B 68 -17.08 -19.70 -9.90
N GLU B 69 -17.32 -20.98 -9.63
CA GLU B 69 -17.10 -21.47 -8.28
C GLU B 69 -15.62 -21.86 -8.08
N GLU B 70 -14.94 -22.21 -9.19
CA GLU B 70 -13.52 -22.61 -9.14
C GLU B 70 -12.63 -21.36 -9.15
N MET B 71 -12.72 -20.56 -10.23
CA MET B 71 -11.96 -19.29 -10.32
C MET B 71 -12.29 -18.44 -9.08
N MET B 72 -13.41 -18.69 -8.42
CA MET B 72 -13.74 -17.92 -7.22
C MET B 72 -12.89 -18.38 -6.07
N THR B 73 -13.04 -19.65 -5.74
CA THR B 73 -12.32 -20.22 -4.63
C THR B 73 -10.82 -19.97 -4.80
N ALA B 74 -10.39 -19.89 -6.04
CA ALA B 74 -8.96 -19.75 -6.33
C ALA B 74 -8.54 -18.33 -6.38
N CYS B 75 -9.29 -17.56 -7.14
CA CYS B 75 -8.97 -16.16 -7.23
C CYS B 75 -9.39 -15.44 -5.95
N GLN B 76 -10.02 -16.13 -5.00
CA GLN B 76 -10.21 -15.49 -3.73
C GLN B 76 -8.80 -15.32 -3.11
N GLY B 77 -7.78 -16.08 -3.63
CA GLY B 77 -6.41 -15.92 -3.19
C GLY B 77 -5.99 -14.50 -3.53
N VAL B 78 -6.60 -13.92 -4.58
CA VAL B 78 -6.29 -12.54 -5.06
C VAL B 78 -6.45 -11.60 -3.90
N GLY B 79 -5.65 -10.45 -3.81
CA GLY B 79 -5.83 -9.71 -2.55
C GLY B 79 -4.63 -9.08 -1.92
N GLY B 80 -4.70 -7.91 -1.23
CA GLY B 80 -3.40 -7.41 -0.76
C GLY B 80 -2.81 -8.39 0.26
N PRO B 81 -3.18 -8.31 1.49
CA PRO B 81 -2.71 -9.30 2.43
C PRO B 81 -3.39 -10.64 2.11
N GLY B 82 -4.58 -10.57 1.48
CA GLY B 82 -5.31 -11.77 1.10
C GLY B 82 -4.46 -12.73 0.27
N HIS B 83 -3.68 -12.24 -0.69
CA HIS B 83 -2.82 -13.17 -1.43
C HIS B 83 -1.49 -13.30 -0.73
N LYS B 84 -1.02 -12.24 -0.03
CA LYS B 84 0.29 -12.32 0.66
C LYS B 84 0.37 -13.56 1.51
N ALA B 85 -0.77 -14.05 1.94
CA ALA B 85 -0.77 -15.24 2.73
C ALA B 85 -0.12 -16.39 1.91
N ARG B 86 -0.56 -16.53 0.62
CA ARG B 86 -0.05 -17.57 -0.33
C ARG B 86 1.05 -17.14 -1.34
N VAL B 87 0.81 -16.04 -2.08
CA VAL B 87 1.72 -15.59 -3.16
C VAL B 87 3.02 -15.08 -2.64
N LEU B 88 3.00 -14.53 -1.41
CA LEU B 88 4.21 -14.00 -0.85
C LEU B 88 5.30 -15.05 -0.93
N ALA B 89 4.98 -16.23 -0.38
CA ALA B 89 5.91 -17.35 -0.35
C ALA B 89 6.24 -17.84 -1.75
N GLU B 90 5.24 -17.85 -2.61
CA GLU B 90 5.44 -18.37 -3.94
C GLU B 90 6.57 -17.65 -4.67
N ALA B 91 6.55 -16.33 -4.71
CA ALA B 91 7.64 -15.62 -5.37
C ALA B 91 8.93 -15.92 -4.63
N MET B 92 8.80 -15.97 -3.33
CA MET B 92 9.96 -16.27 -2.53
C MET B 92 10.50 -17.70 -2.87
N SER B 93 9.62 -18.59 -3.34
CA SER B 93 10.05 -19.91 -3.74
C SER B 93 10.31 -19.94 -5.27
N GLN B 94 9.92 -18.86 -6.00
CA GLN B 94 10.22 -18.77 -7.42
C GLN B 94 11.68 -18.44 -7.59
N VAL B 95 12.26 -17.76 -6.60
CA VAL B 95 13.66 -17.40 -6.66
C VAL B 95 14.57 -18.46 -6.03
N THR B 96 14.35 -18.75 -4.77
CA THR B 96 15.25 -19.66 -4.06
C THR B 96 14.92 -21.16 -4.11
N ASN B 97 13.71 -21.54 -3.71
CA ASN B 97 13.42 -22.98 -3.59
C ASN B 97 12.88 -23.77 -4.80
N THR B 98 11.76 -23.35 -5.38
CA THR B 98 11.16 -24.17 -6.45
C THR B 98 11.51 -23.76 -7.89
N ALA B 99 11.50 -22.47 -8.17
CA ALA B 99 11.77 -21.99 -9.53
C ALA B 99 13.11 -21.27 -9.61
N THR B 100 14.06 -21.66 -8.77
CA THR B 100 15.34 -21.00 -8.80
C THR B 100 16.02 -21.26 -10.13
N ILE B 101 16.39 -20.17 -10.77
CA ILE B 101 16.99 -20.23 -12.09
C ILE B 101 18.51 -20.26 -11.99
N MET B 102 19.12 -21.33 -12.48
CA MET B 102 20.57 -21.48 -12.43
C MET B 102 21.08 -21.30 -11.02
N GLY C 1 1.18 24.41 -21.30
CA GLY C 1 1.75 23.89 -20.02
C GLY C 1 0.61 23.54 -19.07
N GLY C 2 0.67 22.35 -18.48
CA GLY C 2 -0.39 21.91 -17.58
C GLY C 2 -1.68 21.66 -18.35
N SER C 3 -1.59 21.55 -19.70
CA SER C 3 -2.78 21.29 -20.48
C SER C 3 -3.24 19.86 -20.18
N PRO C 4 -4.46 19.61 -19.71
CA PRO C 4 -4.89 18.23 -19.40
C PRO C 4 -5.43 17.48 -20.60
N THR C 5 -5.57 16.17 -20.40
CA THR C 5 -6.13 15.25 -21.40
C THR C 5 -5.50 15.32 -22.79
N SER C 6 -4.36 15.98 -22.92
CA SER C 6 -3.66 16.04 -24.20
C SER C 6 -2.59 14.91 -24.34
N ILE C 7 -2.46 14.04 -23.31
CA ILE C 7 -1.42 12.98 -23.23
C ILE C 7 -0.14 13.51 -22.65
N LEU C 8 0.06 14.78 -22.71
CA LEU C 8 1.20 15.31 -22.07
C LEU C 8 1.11 15.06 -20.60
N ASP C 9 -0.09 15.21 -19.92
CA ASP C 9 -0.06 14.79 -18.58
C ASP C 9 -0.70 13.42 -18.42
N ILE C 10 -1.01 12.61 -19.53
CA ILE C 10 -1.69 11.39 -19.11
C ILE C 10 -0.63 10.45 -18.59
N ARG C 11 -0.80 9.89 -17.41
CA ARG C 11 0.26 9.04 -16.86
C ARG C 11 -0.28 7.77 -16.26
N GLN C 12 0.57 6.76 -16.27
CA GLN C 12 0.19 5.52 -15.67
C GLN C 12 0.35 5.68 -14.23
N GLY C 13 -0.75 5.53 -13.51
CA GLY C 13 -0.66 5.60 -12.09
C GLY C 13 0.27 4.46 -11.80
N PRO C 14 1.26 4.62 -10.97
CA PRO C 14 2.24 3.53 -10.78
C PRO C 14 1.55 2.21 -10.44
N LYS C 15 0.39 2.31 -9.77
CA LYS C 15 -0.38 1.13 -9.42
C LYS C 15 -1.44 0.84 -10.49
N GLU C 16 -1.80 1.88 -11.27
CA GLU C 16 -2.77 1.71 -12.32
C GLU C 16 -2.17 0.74 -13.34
N PRO C 17 -2.79 -0.37 -13.66
CA PRO C 17 -2.16 -1.27 -14.62
C PRO C 17 -1.97 -0.60 -15.96
N PHE C 18 -1.14 -1.22 -16.74
CA PHE C 18 -0.86 -0.75 -18.07
C PHE C 18 -2.15 -0.48 -18.83
N ARG C 19 -3.17 -1.32 -18.61
CA ARG C 19 -4.48 -1.13 -19.29
C ARG C 19 -5.22 0.08 -18.78
N ASP C 20 -5.30 0.20 -17.46
CA ASP C 20 -6.04 1.31 -16.90
C ASP C 20 -5.48 2.58 -17.44
N TYR C 21 -4.19 2.58 -17.62
CA TYR C 21 -3.52 3.76 -18.08
C TYR C 21 -3.56 3.97 -19.58
N VAL C 22 -3.45 2.89 -20.32
CA VAL C 22 -3.59 2.95 -21.78
C VAL C 22 -4.96 3.48 -22.12
N ASP C 23 -5.94 3.00 -21.40
CA ASP C 23 -7.29 3.41 -21.66
C ASP C 23 -7.33 4.91 -21.52
N ARG C 24 -6.77 5.39 -20.42
CA ARG C 24 -6.75 6.81 -20.17
C ARG C 24 -6.03 7.50 -21.32
N PHE C 25 -4.95 6.91 -21.78
CA PHE C 25 -4.26 7.50 -22.88
C PHE C 25 -5.17 7.44 -24.11
N TYR C 26 -6.06 6.46 -24.20
CA TYR C 26 -6.88 6.39 -25.41
C TYR C 26 -8.07 7.31 -25.39
N LYS C 27 -8.95 7.09 -24.44
CA LYS C 27 -10.20 7.86 -24.32
C LYS C 27 -9.95 9.35 -24.17
N THR C 28 -8.97 9.73 -23.31
CA THR C 28 -8.70 11.13 -23.11
C THR C 28 -8.25 11.76 -24.45
N LEU C 29 -7.66 10.92 -25.35
CA LEU C 29 -7.23 11.41 -26.67
C LEU C 29 -8.45 11.74 -27.49
N ARG C 30 -9.60 11.15 -27.17
CA ARG C 30 -10.80 11.49 -27.89
C ARG C 30 -10.99 12.97 -27.70
N ALA C 31 -10.80 13.41 -26.47
CA ALA C 31 -10.90 14.82 -26.18
C ALA C 31 -9.78 15.58 -26.88
N GLU C 32 -8.56 14.98 -26.97
CA GLU C 32 -7.45 15.66 -27.63
C GLU C 32 -7.67 15.67 -29.14
N GLN C 33 -7.99 16.84 -29.69
CA GLN C 33 -8.22 16.96 -31.14
C GLN C 33 -6.89 17.00 -31.87
N ALA C 34 -6.39 15.81 -32.25
CA ALA C 34 -5.08 15.72 -32.90
C ALA C 34 -5.08 14.89 -34.19
N SER C 35 -3.89 14.85 -34.83
CA SER C 35 -3.66 14.08 -36.06
C SER C 35 -3.35 12.63 -35.68
N GLN C 36 -3.70 11.68 -36.54
CA GLN C 36 -3.46 10.26 -36.24
C GLN C 36 -1.97 9.98 -35.99
N GLU C 37 -1.09 10.54 -36.80
CA GLU C 37 0.33 10.33 -36.59
C GLU C 37 0.76 10.95 -35.27
N VAL C 38 0.22 12.12 -34.98
CA VAL C 38 0.55 12.80 -33.73
C VAL C 38 0.15 11.92 -32.57
N LYS C 39 -1.04 11.32 -32.67
CA LYS C 39 -1.48 10.40 -31.63
C LYS C 39 -0.49 9.18 -31.55
N ASN C 40 0.33 8.96 -32.62
CA ASN C 40 1.30 7.85 -32.64
C ASN C 40 2.45 8.04 -31.61
N TRP C 41 2.94 9.28 -31.34
CA TRP C 41 3.94 9.41 -30.26
C TRP C 41 3.18 9.04 -29.05
N MET C 42 1.91 9.57 -28.97
CA MET C 42 1.04 9.39 -27.80
C MET C 42 0.76 7.92 -27.51
N THR C 43 0.60 7.10 -28.56
CA THR C 43 0.34 5.69 -28.34
C THR C 43 1.58 4.86 -28.17
N GLU C 44 2.57 5.09 -28.97
CA GLU C 44 3.74 4.25 -28.88
C GLU C 44 4.67 4.65 -27.78
N THR C 45 5.14 5.86 -27.89
CA THR C 45 6.14 6.36 -27.00
C THR C 45 5.62 6.95 -25.69
N LEU C 46 4.48 7.71 -25.62
CA LEU C 46 4.07 8.19 -24.32
C LEU C 46 3.77 6.92 -23.61
N LEU C 47 3.03 6.05 -24.27
CA LEU C 47 2.62 4.82 -23.64
C LEU C 47 3.84 4.05 -23.14
N VAL C 48 5.02 4.34 -23.71
CA VAL C 48 6.27 3.76 -23.23
C VAL C 48 7.02 4.69 -22.21
N GLN C 49 6.83 6.03 -22.20
CA GLN C 49 7.63 6.89 -21.31
C GLN C 49 7.04 7.27 -19.95
N ASN C 50 5.85 7.86 -19.93
CA ASN C 50 5.25 8.27 -18.66
C ASN C 50 4.27 7.19 -18.20
N ALA C 51 4.55 5.97 -18.60
CA ALA C 51 3.64 4.90 -18.31
C ALA C 51 4.04 3.98 -17.19
N ASN C 52 4.51 4.44 -16.05
CA ASN C 52 4.81 3.49 -14.97
C ASN C 52 5.91 2.45 -15.44
N PRO C 53 7.23 2.66 -15.16
CA PRO C 53 8.38 1.78 -15.63
C PRO C 53 8.14 0.29 -15.60
N ASP C 54 7.19 -0.17 -14.83
CA ASP C 54 6.86 -1.62 -14.84
C ASP C 54 6.53 -2.07 -16.28
N CYS C 55 5.80 -1.19 -16.98
CA CYS C 55 5.43 -1.43 -18.38
C CYS C 55 6.57 -1.02 -19.29
N LYS C 56 7.50 -0.23 -18.79
CA LYS C 56 8.59 0.17 -19.66
C LYS C 56 9.55 -1.01 -19.76
N THR C 57 10.11 -1.42 -18.60
CA THR C 57 11.03 -2.56 -18.54
C THR C 57 10.47 -3.73 -19.35
N ILE C 58 9.16 -3.86 -19.35
CA ILE C 58 8.53 -4.89 -20.16
C ILE C 58 8.53 -4.50 -21.62
N LEU C 59 7.99 -3.30 -21.85
CA LEU C 59 7.81 -2.75 -23.20
C LEU C 59 9.07 -2.88 -23.99
N LYS C 60 10.23 -2.74 -23.35
CA LYS C 60 11.47 -2.85 -24.10
C LYS C 60 11.65 -4.28 -24.60
N ALA C 61 11.39 -5.22 -23.71
CA ALA C 61 11.48 -6.65 -24.05
C ALA C 61 10.51 -6.98 -25.17
N LEU C 62 9.32 -6.40 -25.06
CA LEU C 62 8.25 -6.58 -26.04
C LEU C 62 8.58 -5.87 -27.36
N GLY C 63 9.28 -4.76 -27.21
CA GLY C 63 9.61 -3.84 -28.29
C GLY C 63 8.80 -2.55 -27.97
N PRO C 64 9.38 -1.36 -27.95
CA PRO C 64 8.61 -0.11 -27.57
C PRO C 64 7.50 0.27 -28.55
N GLY C 65 6.28 0.45 -28.00
CA GLY C 65 5.14 0.83 -28.83
C GLY C 65 4.55 -0.36 -29.57
N ALA C 66 4.87 -1.57 -29.11
CA ALA C 66 4.32 -2.77 -29.71
C ALA C 66 2.80 -2.68 -29.71
N THR C 67 2.15 -3.59 -30.40
CA THR C 67 0.70 -3.53 -30.43
C THR C 67 0.16 -3.55 -29.01
N LEU C 68 -0.93 -2.83 -28.83
CA LEU C 68 -1.51 -2.69 -27.53
C LEU C 68 -1.84 -4.05 -26.93
N GLU C 69 -2.39 -4.95 -27.72
CA GLU C 69 -2.71 -6.25 -27.17
C GLU C 69 -1.45 -6.92 -26.67
N GLU C 70 -0.35 -6.76 -27.42
CA GLU C 70 0.94 -7.37 -27.05
C GLU C 70 1.49 -6.76 -25.75
N MET C 71 1.57 -5.43 -25.69
CA MET C 71 2.06 -4.76 -24.47
C MET C 71 1.05 -5.01 -23.37
N MET C 72 -0.21 -5.27 -23.71
CA MET C 72 -1.23 -5.51 -22.72
C MET C 72 -1.00 -6.83 -22.04
N THR C 73 -0.90 -7.90 -22.80
CA THR C 73 -0.71 -9.19 -22.15
C THR C 73 0.55 -9.19 -21.29
N ALA C 74 1.67 -8.72 -21.84
CA ALA C 74 2.92 -8.67 -21.08
C ALA C 74 2.85 -7.72 -19.90
N CYS C 75 2.29 -6.54 -20.13
CA CYS C 75 2.21 -5.57 -19.05
C CYS C 75 1.01 -5.73 -18.22
N GLN C 76 0.21 -6.74 -18.43
CA GLN C 76 -0.87 -6.86 -17.52
C GLN C 76 -0.29 -7.16 -16.17
N GLY C 77 0.92 -7.76 -16.13
CA GLY C 77 1.55 -7.99 -14.86
C GLY C 77 1.82 -6.62 -14.19
N VAL C 78 1.94 -5.55 -15.01
CA VAL C 78 2.08 -4.15 -14.49
C VAL C 78 0.80 -3.89 -13.77
N GLY C 79 0.71 -2.93 -12.80
CA GLY C 79 -0.52 -2.99 -12.03
C GLY C 79 0.07 -3.61 -10.82
N GLY C 80 -0.57 -3.75 -9.69
CA GLY C 80 0.27 -4.26 -8.66
C GLY C 80 0.68 -5.75 -8.82
N PRO C 81 -0.19 -6.66 -8.44
CA PRO C 81 0.03 -8.14 -8.34
C PRO C 81 0.94 -8.86 -9.31
N GLY C 82 1.20 -8.29 -10.44
CA GLY C 82 2.02 -8.99 -11.39
C GLY C 82 3.47 -8.68 -11.22
N HIS C 83 3.76 -7.43 -11.12
CA HIS C 83 5.13 -7.03 -11.01
C HIS C 83 5.62 -7.54 -9.65
N LYS C 84 4.69 -7.59 -8.65
CA LYS C 84 5.10 -8.11 -7.34
C LYS C 84 5.22 -9.62 -7.39
N ALA C 85 4.31 -10.30 -8.14
CA ALA C 85 4.41 -11.80 -8.27
C ALA C 85 5.73 -12.18 -8.95
N ARG C 86 5.97 -11.51 -10.08
CA ARG C 86 7.11 -11.79 -10.97
C ARG C 86 8.40 -11.01 -10.74
N VAL C 87 8.34 -9.70 -10.99
CA VAL C 87 9.52 -8.84 -10.93
C VAL C 87 10.19 -8.76 -9.60
N LEU C 88 9.45 -9.01 -8.53
CA LEU C 88 10.09 -8.99 -7.24
C LEU C 88 11.16 -10.08 -7.31
N ALA C 89 10.70 -11.25 -7.72
CA ALA C 89 11.57 -12.41 -7.89
C ALA C 89 12.64 -12.19 -8.98
N GLU C 90 12.27 -11.58 -10.09
CA GLU C 90 13.25 -11.41 -11.15
C GLU C 90 14.43 -10.58 -10.67
N ALA C 91 14.15 -9.34 -10.31
CA ALA C 91 15.23 -8.45 -9.87
C ALA C 91 16.03 -9.11 -8.77
N MET C 92 15.36 -9.83 -7.91
CA MET C 92 16.03 -10.48 -6.82
C MET C 92 17.14 -11.40 -7.31
N SER C 93 16.86 -12.17 -8.38
CA SER C 93 17.86 -13.08 -8.94
C SER C 93 18.81 -12.35 -9.91
N GLN C 94 18.43 -11.12 -10.32
CA GLN C 94 19.33 -10.32 -11.15
C GLN C 94 20.45 -9.94 -10.22
N VAL C 95 20.07 -9.59 -9.01
CA VAL C 95 21.04 -9.24 -8.00
C VAL C 95 21.96 -10.43 -7.69
N THR C 96 21.37 -11.61 -7.49
CA THR C 96 22.19 -12.76 -7.10
C THR C 96 22.73 -13.64 -8.26
N ASN C 97 21.84 -14.25 -9.04
CA ASN C 97 22.30 -15.20 -10.07
C ASN C 97 22.48 -14.68 -11.52
N THR C 98 21.40 -14.19 -12.12
CA THR C 98 21.43 -13.79 -13.54
C THR C 98 22.22 -12.52 -13.89
N ALA C 99 22.09 -11.49 -13.06
CA ALA C 99 22.72 -10.21 -13.35
C ALA C 99 23.74 -9.81 -12.29
N THR C 100 24.40 -10.76 -11.66
CA THR C 100 25.32 -10.41 -10.59
C THR C 100 26.41 -9.52 -11.17
N ILE C 101 26.38 -8.28 -10.71
CA ILE C 101 27.30 -7.26 -11.19
C ILE C 101 28.64 -7.37 -10.46
N MET C 102 29.70 -7.63 -11.23
CA MET C 102 31.02 -7.76 -10.64
C MET C 102 31.00 -8.79 -9.50
N GLY D 1 6.97 33.51 5.19
CA GLY D 1 7.33 32.08 5.36
C GLY D 1 6.09 31.30 5.77
N GLY D 2 5.93 30.09 5.21
CA GLY D 2 4.77 29.28 5.54
C GLY D 2 3.53 29.78 4.79
N SER D 3 3.68 30.80 3.93
CA SER D 3 2.55 31.25 3.15
C SER D 3 2.13 30.03 2.37
N PRO D 4 0.89 29.88 2.02
CA PRO D 4 0.46 28.65 1.32
C PRO D 4 1.33 28.33 0.10
N THR D 5 1.91 27.15 0.17
CA THR D 5 2.73 26.59 -0.87
C THR D 5 3.63 27.60 -1.62
N SER D 6 4.59 28.11 -0.88
CA SER D 6 5.57 29.05 -1.43
C SER D 6 6.67 28.30 -2.16
N ILE D 7 6.52 26.95 -2.34
CA ILE D 7 7.57 26.07 -2.89
C ILE D 7 8.43 25.60 -1.80
N LEU D 8 8.77 26.47 -0.86
CA LEU D 8 9.58 26.13 0.29
C LEU D 8 9.15 24.78 0.87
N ASP D 9 7.81 24.45 0.98
CA ASP D 9 7.50 23.07 1.32
C ASP D 9 6.63 22.31 0.27
N ILE D 10 6.67 22.59 -1.10
CA ILE D 10 5.61 21.88 -1.81
C ILE D 10 5.86 20.35 -1.74
N ARG D 11 4.80 19.53 -1.62
CA ARG D 11 5.03 18.09 -1.38
C ARG D 11 4.57 17.11 -2.45
N GLN D 12 5.48 16.16 -2.67
CA GLN D 12 5.25 15.05 -3.56
C GLN D 12 4.88 13.86 -2.71
N GLY D 13 3.79 13.25 -3.02
CA GLY D 13 3.35 12.10 -2.28
C GLY D 13 4.35 10.92 -2.40
N PRO D 14 4.48 10.08 -1.39
CA PRO D 14 5.42 8.94 -1.43
C PRO D 14 5.23 8.14 -2.73
N LYS D 15 4.00 8.20 -3.25
CA LYS D 15 3.68 7.52 -4.51
C LYS D 15 3.30 8.51 -5.63
N GLU D 16 2.90 9.74 -5.25
CA GLU D 16 2.47 10.76 -6.25
C GLU D 16 3.49 10.88 -7.39
N PRO D 17 3.18 10.51 -8.62
CA PRO D 17 4.17 10.65 -9.72
C PRO D 17 4.77 12.04 -9.78
N PHE D 18 6.07 12.08 -10.10
CA PHE D 18 6.83 13.32 -10.17
C PHE D 18 6.15 14.27 -11.12
N ARG D 19 5.72 13.80 -12.25
CA ARG D 19 5.04 14.68 -13.18
C ARG D 19 3.84 15.32 -12.49
N ASP D 20 3.14 14.52 -11.67
CA ASP D 20 1.95 15.00 -10.95
C ASP D 20 2.30 16.01 -9.86
N TYR D 21 3.23 15.67 -9.00
CA TYR D 21 3.62 16.58 -7.96
C TYR D 21 4.16 17.84 -8.57
N VAL D 22 4.88 17.66 -9.64
CA VAL D 22 5.38 18.76 -10.39
C VAL D 22 4.23 19.65 -10.83
N ASP D 23 3.05 19.06 -10.97
CA ASP D 23 1.87 19.82 -11.36
C ASP D 23 1.50 20.74 -10.19
N ARG D 24 1.63 20.21 -8.95
CA ARG D 24 1.34 20.97 -7.72
C ARG D 24 2.38 22.06 -7.47
N PHE D 25 3.62 21.70 -7.79
CA PHE D 25 4.78 22.55 -7.64
C PHE D 25 4.68 23.67 -8.65
N TYR D 26 4.33 23.36 -9.86
CA TYR D 26 4.18 24.41 -10.84
C TYR D 26 2.95 25.23 -10.52
N LYS D 27 1.89 24.52 -10.15
CA LYS D 27 0.64 25.17 -9.85
C LYS D 27 0.83 26.15 -8.72
N THR D 28 1.63 25.77 -7.72
CA THR D 28 1.83 26.68 -6.63
C THR D 28 2.93 27.68 -6.96
N LEU D 29 3.77 27.37 -7.93
CA LEU D 29 4.75 28.39 -8.32
C LEU D 29 4.00 29.63 -8.78
N ARG D 30 2.87 29.39 -9.42
CA ARG D 30 2.03 30.46 -9.89
C ARG D 30 1.50 31.27 -8.69
N ALA D 31 1.23 30.56 -7.59
CA ALA D 31 0.68 31.19 -6.38
C ALA D 31 1.65 32.17 -5.71
N GLU D 32 2.93 31.84 -5.81
CA GLU D 32 4.02 32.68 -5.24
C GLU D 32 4.59 33.60 -6.34
N GLN D 33 5.07 34.77 -5.95
CA GLN D 33 5.62 35.71 -6.95
C GLN D 33 7.15 35.57 -7.07
N ALA D 34 7.61 34.94 -8.15
CA ALA D 34 9.05 34.74 -8.35
C ALA D 34 9.51 35.02 -9.78
N SER D 35 10.65 35.66 -9.90
CA SER D 35 11.21 35.85 -11.22
C SER D 35 11.46 34.46 -11.77
N GLN D 36 11.63 34.30 -13.06
CA GLN D 36 11.82 32.95 -13.55
C GLN D 36 13.10 32.33 -12.97
N GLU D 37 14.19 33.08 -13.00
CA GLU D 37 15.43 32.56 -12.44
C GLU D 37 15.23 32.24 -10.96
N VAL D 38 14.42 33.07 -10.27
CA VAL D 38 14.15 32.85 -8.86
C VAL D 38 13.42 31.53 -8.71
N LYS D 39 12.46 31.29 -9.65
CA LYS D 39 11.72 30.01 -9.68
C LYS D 39 12.70 28.90 -10.11
N ASN D 40 13.81 29.26 -10.72
CA ASN D 40 14.73 28.23 -11.10
C ASN D 40 15.22 27.49 -9.85
N TRP D 41 15.52 28.18 -8.71
CA TRP D 41 15.93 27.38 -7.51
C TRP D 41 14.73 26.50 -7.18
N MET D 42 13.54 27.11 -7.33
CA MET D 42 12.31 26.44 -6.95
C MET D 42 12.07 25.19 -7.79
N THR D 43 12.52 25.20 -9.04
CA THR D 43 12.33 24.05 -9.91
C THR D 43 13.51 23.08 -9.85
N GLU D 44 14.69 23.61 -10.08
CA GLU D 44 15.90 22.83 -10.16
C GLU D 44 16.28 22.09 -8.91
N THR D 45 16.32 22.82 -7.80
CA THR D 45 16.73 22.26 -6.53
C THR D 45 15.58 21.91 -5.57
N LEU D 46 14.53 22.77 -5.35
CA LEU D 46 13.47 22.34 -4.39
C LEU D 46 12.96 21.02 -4.81
N LEU D 47 12.59 20.95 -6.07
CA LEU D 47 11.99 19.77 -6.63
C LEU D 47 12.85 18.58 -6.19
N VAL D 48 14.16 18.77 -6.14
CA VAL D 48 15.06 17.72 -5.66
C VAL D 48 14.97 17.55 -4.15
N GLN D 49 15.00 18.63 -3.40
CA GLN D 49 15.02 18.51 -1.95
C GLN D 49 13.75 18.01 -1.24
N ASN D 50 12.54 18.48 -1.65
CA ASN D 50 11.33 18.16 -0.88
C ASN D 50 10.29 17.38 -1.61
N ALA D 51 10.70 16.65 -2.63
CA ALA D 51 9.71 15.96 -3.45
C ALA D 51 9.70 14.45 -3.41
N ASN D 52 9.25 13.80 -2.33
CA ASN D 52 9.14 12.32 -2.40
C ASN D 52 10.51 11.64 -2.61
N PRO D 53 11.14 11.04 -1.62
CA PRO D 53 12.51 10.46 -1.77
C PRO D 53 12.73 9.60 -3.00
N ASP D 54 11.65 9.15 -3.66
CA ASP D 54 11.83 8.39 -4.88
C ASP D 54 12.52 9.21 -5.92
N CYS D 55 12.12 10.48 -6.06
CA CYS D 55 12.78 11.30 -7.04
C CYS D 55 14.04 11.88 -6.43
N LYS D 56 13.95 12.62 -5.32
CA LYS D 56 15.13 13.23 -4.67
C LYS D 56 16.37 12.31 -4.62
N THR D 57 16.20 11.04 -4.33
CA THR D 57 17.35 10.13 -4.28
C THR D 57 18.01 10.03 -5.68
N ILE D 58 17.16 9.99 -6.72
CA ILE D 58 17.59 9.94 -8.14
C ILE D 58 18.17 11.27 -8.57
N LEU D 59 17.50 12.30 -8.13
CA LEU D 59 17.84 13.60 -8.52
C LEU D 59 19.32 13.84 -8.11
N LYS D 60 19.80 13.10 -7.08
CA LYS D 60 21.24 13.16 -6.69
C LYS D 60 22.08 12.49 -7.76
N ALA D 61 21.57 11.39 -8.34
CA ALA D 61 22.27 10.66 -9.42
C ALA D 61 22.34 11.46 -10.76
N LEU D 62 21.23 12.05 -11.17
CA LEU D 62 21.21 12.87 -12.37
C LEU D 62 21.92 14.21 -12.10
N GLY D 63 22.12 14.55 -10.80
CA GLY D 63 22.70 15.83 -10.43
C GLY D 63 21.52 16.80 -10.25
N PRO D 64 21.56 17.72 -9.31
CA PRO D 64 20.41 18.67 -9.11
C PRO D 64 20.28 19.67 -10.26
N GLY D 65 19.23 19.51 -11.05
CA GLY D 65 19.00 20.41 -12.17
C GLY D 65 19.19 19.76 -13.53
N ALA D 66 19.17 18.44 -13.56
CA ALA D 66 19.21 17.77 -14.85
C ALA D 66 17.96 18.25 -15.55
N THR D 67 18.02 18.57 -16.87
CA THR D 67 16.85 19.19 -17.51
C THR D 67 15.60 18.44 -17.23
N LEU D 68 14.55 19.19 -17.00
CA LEU D 68 13.28 18.62 -16.63
C LEU D 68 12.90 17.44 -17.53
N GLU D 69 13.41 17.40 -18.78
CA GLU D 69 13.10 16.27 -19.67
C GLU D 69 13.93 15.06 -19.27
N GLU D 70 15.18 15.28 -18.89
CA GLU D 70 15.96 14.16 -18.43
C GLU D 70 15.36 13.69 -17.09
N MET D 71 15.22 14.64 -16.14
CA MET D 71 14.65 14.35 -14.81
C MET D 71 13.28 13.76 -14.98
N MET D 72 12.50 14.19 -15.95
CA MET D 72 11.16 13.61 -16.12
C MET D 72 11.32 12.12 -16.30
N THR D 73 12.27 11.74 -17.13
CA THR D 73 12.49 10.35 -17.34
C THR D 73 12.99 9.68 -16.02
N ALA D 74 13.95 10.33 -15.32
CA ALA D 74 14.54 9.74 -14.08
C ALA D 74 13.49 9.49 -12.99
N CYS D 75 12.75 10.53 -12.72
CA CYS D 75 11.71 10.53 -11.74
C CYS D 75 10.49 9.77 -12.24
N GLN D 76 10.47 9.36 -13.52
CA GLN D 76 9.36 8.56 -13.97
C GLN D 76 9.45 7.20 -13.28
N GLY D 77 10.57 6.91 -12.55
CA GLY D 77 10.69 5.72 -11.77
C GLY D 77 9.78 5.81 -10.55
N VAL D 78 9.48 7.04 -10.12
CA VAL D 78 8.65 7.27 -8.88
C VAL D 78 7.37 6.49 -8.99
N GLY D 79 7.00 5.71 -7.93
CA GLY D 79 5.96 4.74 -8.23
C GLY D 79 6.02 3.45 -7.43
N GLY D 80 5.04 2.53 -7.46
CA GLY D 80 5.25 1.41 -6.59
C GLY D 80 6.18 0.37 -7.17
N PRO D 81 5.73 -0.51 -8.01
CA PRO D 81 6.64 -1.57 -8.57
C PRO D 81 7.60 -0.97 -9.64
N GLY D 82 7.20 0.20 -10.21
CA GLY D 82 8.00 0.91 -11.17
C GLY D 82 9.22 1.48 -10.48
N HIS D 83 9.02 1.98 -9.25
CA HIS D 83 10.16 2.52 -8.53
C HIS D 83 10.84 1.42 -7.81
N LYS D 84 10.08 0.70 -7.06
CA LYS D 84 10.61 -0.36 -6.23
C LYS D 84 11.30 -1.41 -7.04
N ALA D 85 10.99 -1.56 -8.31
CA ALA D 85 11.71 -2.56 -9.06
C ALA D 85 13.18 -2.13 -9.05
N ARG D 86 13.40 -0.86 -9.44
CA ARG D 86 14.74 -0.29 -9.48
C ARG D 86 15.38 -0.17 -8.08
N VAL D 87 14.65 0.42 -7.15
CA VAL D 87 15.15 0.62 -5.79
C VAL D 87 15.48 -0.71 -5.15
N LEU D 88 14.64 -1.72 -5.41
CA LEU D 88 14.85 -3.06 -4.85
C LEU D 88 16.12 -3.65 -5.47
N ALA D 89 16.23 -3.51 -6.79
CA ALA D 89 17.38 -4.03 -7.53
C ALA D 89 18.69 -3.39 -7.11
N GLU D 90 18.66 -2.08 -6.87
CA GLU D 90 19.85 -1.36 -6.45
C GLU D 90 20.15 -1.60 -4.98
N ALA D 91 19.21 -1.34 -4.13
CA ALA D 91 19.44 -1.53 -2.70
C ALA D 91 19.74 -2.98 -2.33
N MET D 92 19.05 -3.94 -2.95
CA MET D 92 19.26 -5.33 -2.59
C MET D 92 20.66 -5.77 -2.90
N SER D 93 21.22 -5.31 -4.02
CA SER D 93 22.57 -5.72 -4.36
C SER D 93 23.60 -4.79 -3.73
N GLN D 94 23.18 -3.61 -3.30
CA GLN D 94 24.14 -2.75 -2.64
C GLN D 94 24.59 -3.39 -1.35
N VAL D 95 23.63 -3.85 -0.59
CA VAL D 95 23.95 -4.47 0.65
C VAL D 95 24.78 -5.75 0.42
N THR D 96 24.37 -6.60 -0.52
CA THR D 96 25.09 -7.85 -0.75
C THR D 96 26.19 -7.84 -1.85
N ASN D 97 25.84 -7.56 -3.10
CA ASN D 97 26.81 -7.66 -4.21
C ASN D 97 27.60 -6.40 -4.65
N THR D 98 26.90 -5.36 -5.09
CA THR D 98 27.56 -4.16 -5.67
C THR D 98 28.25 -3.20 -4.69
N ALA D 99 27.63 -2.95 -3.56
CA ALA D 99 28.16 -1.97 -2.60
C ALA D 99 28.34 -2.55 -1.22
N THR D 100 28.63 -3.83 -1.12
CA THR D 100 28.75 -4.43 0.20
C THR D 100 29.88 -3.76 0.96
N ILE D 101 29.48 -3.05 1.99
CA ILE D 101 30.41 -2.30 2.82
C ILE D 101 31.09 -3.23 3.83
N MET D 102 32.41 -3.21 3.85
CA MET D 102 33.18 -4.06 4.75
C MET D 102 32.83 -5.52 4.53
N GLY E 1 -8.57 21.29 30.10
CA GLY E 1 -7.11 21.08 30.28
C GLY E 1 -6.67 19.85 29.49
N GLY E 2 -5.59 19.99 28.70
CA GLY E 2 -5.13 18.90 27.90
C GLY E 2 -6.21 18.62 26.85
N SER E 3 -6.97 19.67 26.48
CA SER E 3 -8.00 19.50 25.50
C SER E 3 -7.32 18.97 24.27
N PRO E 4 -8.02 18.27 23.42
CA PRO E 4 -7.39 17.67 22.24
C PRO E 4 -6.54 18.66 21.45
N THR E 5 -5.30 18.24 21.21
CA THR E 5 -4.31 18.97 20.37
C THR E 5 -3.73 20.29 20.90
N SER E 6 -3.38 20.33 22.16
CA SER E 6 -2.72 21.51 22.70
C SER E 6 -1.18 21.33 22.68
N ILE E 7 -0.67 20.31 21.98
CA ILE E 7 0.72 19.92 22.05
C ILE E 7 0.80 19.01 23.27
N LEU E 8 -0.13 18.06 23.19
CA LEU E 8 -0.24 16.97 24.17
C LEU E 8 0.31 15.79 23.52
N ASP E 9 -0.25 15.61 22.34
CA ASP E 9 0.19 14.56 21.58
C ASP E 9 0.08 14.84 20.12
N ILE E 10 0.40 16.06 19.57
CA ILE E 10 -0.02 16.18 18.19
C ILE E 10 0.69 15.11 17.30
N ARG E 11 -0.11 14.11 16.89
CA ARG E 11 0.44 12.92 16.22
C ARG E 11 0.54 13.03 14.74
N GLN E 12 1.62 12.44 14.20
CA GLN E 12 1.79 12.39 12.74
C GLN E 12 1.46 11.01 12.19
N GLY E 13 0.92 10.97 10.99
CA GLY E 13 0.57 9.71 10.39
C GLY E 13 1.82 8.88 10.10
N PRO E 14 1.65 7.76 9.51
CA PRO E 14 2.79 6.90 9.13
C PRO E 14 3.38 7.34 7.79
N LYS E 15 2.49 7.56 6.83
CA LYS E 15 2.88 8.04 5.51
C LYS E 15 2.65 9.56 5.43
N GLU E 16 1.69 10.06 6.28
CA GLU E 16 1.37 11.49 6.34
C GLU E 16 2.71 12.19 6.45
N PRO E 17 3.09 13.05 5.52
CA PRO E 17 4.45 13.64 5.57
C PRO E 17 4.59 14.62 6.68
N PHE E 18 5.84 14.82 7.04
CA PHE E 18 6.23 15.71 8.12
C PHE E 18 5.69 17.12 7.90
N ARG E 19 5.86 17.67 6.73
CA ARG E 19 5.36 19.01 6.51
C ARG E 19 3.83 19.06 6.64
N ASP E 20 3.12 17.94 6.30
CA ASP E 20 1.62 17.86 6.45
C ASP E 20 1.20 18.02 7.95
N TYR E 21 1.79 17.18 8.81
CA TYR E 21 1.51 17.19 10.29
C TYR E 21 2.18 18.40 11.01
N VAL E 22 3.29 18.86 10.50
CA VAL E 22 3.96 20.04 11.11
C VAL E 22 3.03 21.25 10.88
N ASP E 23 2.39 21.25 9.71
CA ASP E 23 1.43 22.28 9.36
C ASP E 23 0.24 22.18 10.34
N ARG E 24 -0.12 20.92 10.69
CA ARG E 24 -1.22 20.65 11.63
C ARG E 24 -0.93 21.13 13.04
N PHE E 25 0.29 20.85 13.57
CA PHE E 25 0.58 21.24 14.95
C PHE E 25 0.85 22.70 15.06
N TYR E 26 1.28 23.32 13.98
CA TYR E 26 1.49 24.74 14.03
C TYR E 26 0.10 25.32 14.14
N LYS E 27 -0.76 24.79 13.32
CA LYS E 27 -2.13 25.18 13.33
C LYS E 27 -2.76 24.80 14.65
N THR E 28 -2.27 23.72 15.31
CA THR E 28 -2.92 23.33 16.53
C THR E 28 -2.38 24.12 17.70
N LEU E 29 -1.13 24.63 17.60
CA LEU E 29 -0.66 25.45 18.67
C LEU E 29 -1.51 26.72 18.66
N ARG E 30 -1.96 27.14 17.46
CA ARG E 30 -2.86 28.30 17.35
C ARG E 30 -4.12 27.97 18.14
N ALA E 31 -4.50 26.69 18.10
CA ALA E 31 -5.65 26.20 18.86
C ALA E 31 -5.38 26.31 20.39
N GLU E 32 -4.09 26.36 20.76
CA GLU E 32 -3.66 26.47 22.17
C GLU E 32 -3.17 27.89 22.52
N GLN E 33 -3.79 28.54 23.53
CA GLN E 33 -3.37 29.90 23.95
C GLN E 33 -2.12 29.85 24.84
N ALA E 34 -0.93 29.96 24.23
CA ALA E 34 0.33 29.90 25.00
C ALA E 34 1.35 30.97 24.59
N SER E 35 2.40 31.09 25.40
CA SER E 35 3.47 32.04 25.13
C SER E 35 4.06 31.71 23.76
N GLN E 36 4.57 32.71 23.02
CA GLN E 36 5.20 32.44 21.73
C GLN E 36 6.40 31.53 21.98
N GLU E 37 7.11 31.85 23.05
CA GLU E 37 8.23 31.05 23.50
C GLU E 37 7.70 29.70 23.92
N VAL E 38 6.51 29.68 24.56
CA VAL E 38 5.97 28.41 24.97
C VAL E 38 5.82 27.57 23.74
N LYS E 39 5.30 28.17 22.69
CA LYS E 39 5.10 27.43 21.49
C LYS E 39 6.44 26.94 20.95
N ASN E 40 7.53 27.62 21.28
CA ASN E 40 8.83 27.19 20.79
C ASN E 40 9.24 25.81 21.32
N TRP E 41 9.23 25.59 22.66
CA TRP E 41 9.58 24.26 23.18
C TRP E 41 8.52 23.24 22.69
N MET E 42 7.28 23.71 22.44
CA MET E 42 6.21 22.85 21.91
C MET E 42 6.53 22.34 20.49
N THR E 43 7.09 23.22 19.65
CA THR E 43 7.44 22.85 18.25
C THR E 43 8.76 22.07 18.17
N GLU E 44 9.68 22.34 19.08
CA GLU E 44 10.96 21.66 19.05
C GLU E 44 10.88 20.29 19.73
N THR E 45 10.30 20.24 20.92
CA THR E 45 10.25 19.00 21.63
C THR E 45 9.04 18.11 21.35
N LEU E 46 7.86 18.63 21.63
CA LEU E 46 6.68 17.81 21.56
C LEU E 46 6.52 17.33 20.13
N LEU E 47 6.79 18.21 19.16
CA LEU E 47 6.66 17.84 17.73
C LEU E 47 7.41 16.53 17.43
N VAL E 48 8.68 16.51 17.86
CA VAL E 48 9.59 15.42 17.58
C VAL E 48 9.17 14.10 18.18
N GLN E 49 8.78 14.11 19.43
CA GLN E 49 8.39 12.88 20.12
C GLN E 49 7.14 12.21 19.55
N ASN E 50 6.20 13.01 19.11
CA ASN E 50 4.91 12.52 18.65
C ASN E 50 4.68 12.65 17.15
N ALA E 51 5.64 12.26 16.32
CA ALA E 51 5.41 12.42 14.90
C ALA E 51 6.12 11.42 13.95
N ASN E 52 5.38 10.43 13.42
CA ASN E 52 5.91 9.58 12.35
C ASN E 52 7.27 8.98 12.64
N PRO E 53 7.39 7.75 13.15
CA PRO E 53 8.72 7.13 13.46
C PRO E 53 9.73 7.37 12.37
N ASP E 54 9.25 7.58 11.10
CA ASP E 54 10.17 7.89 9.99
C ASP E 54 10.84 9.22 10.22
N CYS E 55 10.05 10.24 10.56
CA CYS E 55 10.62 11.57 10.79
C CYS E 55 11.02 11.73 12.23
N LYS E 56 10.58 10.83 13.10
CA LYS E 56 11.00 10.87 14.46
C LYS E 56 12.39 10.25 14.49
N THR E 57 12.61 9.24 13.59
CA THR E 57 13.91 8.56 13.56
C THR E 57 14.93 9.49 12.92
N ILE E 58 14.46 10.28 11.97
CA ILE E 58 15.28 11.28 11.32
C ILE E 58 15.57 12.41 12.24
N LEU E 59 14.52 12.92 12.86
CA LEU E 59 14.60 14.02 13.79
C LEU E 59 15.72 13.76 14.77
N LYS E 60 15.89 12.52 15.20
CA LYS E 60 16.97 12.23 16.13
C LYS E 60 18.32 12.33 15.43
N ALA E 61 18.37 11.81 14.18
CA ALA E 61 19.58 11.82 13.38
C ALA E 61 20.06 13.23 13.06
N LEU E 62 19.16 14.09 12.59
CA LEU E 62 19.54 15.46 12.34
C LEU E 62 20.03 16.00 13.64
N GLY E 63 19.31 15.58 14.72
CA GLY E 63 19.59 16.04 16.07
C GLY E 63 18.82 17.32 16.27
N PRO E 64 18.32 17.62 17.44
CA PRO E 64 17.54 18.88 17.64
C PRO E 64 18.31 20.11 17.17
N GLY E 65 17.63 21.24 17.07
CA GLY E 65 18.27 22.46 16.61
C GLY E 65 18.22 22.64 15.09
N ALA E 66 17.73 21.63 14.37
CA ALA E 66 17.63 21.73 12.92
C ALA E 66 16.45 22.62 12.55
N THR E 67 16.72 23.74 11.86
CA THR E 67 15.64 24.65 11.47
C THR E 67 14.61 23.87 10.77
N LEU E 68 13.35 24.25 10.91
CA LEU E 68 12.27 23.49 10.32
C LEU E 68 12.57 23.16 8.87
N GLU E 69 13.02 24.13 8.06
CA GLU E 69 13.34 23.84 6.66
C GLU E 69 14.31 22.68 6.64
N GLU E 70 15.28 22.69 7.53
CA GLU E 70 16.19 21.57 7.65
C GLU E 70 15.45 20.31 8.18
N MET E 71 14.50 20.44 9.13
CA MET E 71 13.82 19.24 9.63
C MET E 71 13.19 18.61 8.44
N MET E 72 12.18 19.31 7.90
CA MET E 72 11.45 18.85 6.72
C MET E 72 12.38 18.39 5.60
N THR E 73 13.57 18.96 5.50
CA THR E 73 14.45 18.50 4.45
C THR E 73 14.81 17.03 4.71
N ALA E 74 15.19 16.71 5.96
CA ALA E 74 15.56 15.33 6.28
C ALA E 74 14.33 14.43 6.32
N CYS E 75 13.23 14.98 6.90
CA CYS E 75 11.91 14.32 6.99
C CYS E 75 11.31 14.17 5.62
N GLN E 76 11.81 14.89 4.64
CA GLN E 76 11.29 14.65 3.32
C GLN E 76 11.68 13.19 2.93
N GLY E 77 12.65 12.57 3.67
CA GLY E 77 13.03 11.18 3.49
C GLY E 77 11.85 10.23 3.84
N VAL E 78 10.83 10.73 4.58
CA VAL E 78 9.59 9.99 5.13
C VAL E 78 8.55 9.60 4.06
N GLY E 79 7.60 8.56 4.31
CA GLY E 79 6.77 8.18 3.13
C GLY E 79 6.68 6.67 2.82
N GLY E 80 5.60 6.10 2.22
CA GLY E 80 5.69 4.63 2.08
C GLY E 80 6.71 4.29 0.97
N PRO E 81 6.33 4.29 -0.29
CA PRO E 81 7.32 4.14 -1.39
C PRO E 81 8.41 5.22 -1.29
N GLY E 82 8.19 6.28 -0.50
CA GLY E 82 9.22 7.32 -0.33
C GLY E 82 10.29 6.93 0.69
N HIS E 83 9.90 6.73 1.95
CA HIS E 83 10.86 6.34 2.98
C HIS E 83 11.27 4.96 2.78
N LYS E 84 10.36 4.08 2.40
CA LYS E 84 10.69 2.66 2.18
C LYS E 84 11.76 2.54 1.10
N ALA E 85 11.69 3.45 0.11
CA ALA E 85 12.66 3.48 -0.97
C ALA E 85 14.05 3.77 -0.40
N ARG E 86 14.10 4.65 0.60
CA ARG E 86 15.38 5.00 1.27
C ARG E 86 15.70 4.01 2.42
N VAL E 87 14.68 3.34 2.92
CA VAL E 87 14.80 2.40 4.00
C VAL E 87 15.24 1.06 3.46
N LEU E 88 15.01 0.81 2.19
CA LEU E 88 15.49 -0.39 1.66
C LEU E 88 16.99 -0.27 1.75
N ALA E 89 17.54 0.70 1.05
CA ALA E 89 18.98 0.88 1.14
C ALA E 89 19.43 1.28 2.55
N GLU E 90 18.58 1.97 3.35
CA GLU E 90 19.07 2.35 4.69
C GLU E 90 18.82 1.25 5.73
N ALA E 91 17.53 0.94 6.07
CA ALA E 91 17.22 -0.11 7.10
C ALA E 91 17.43 -1.57 6.65
N MET E 92 17.05 -1.97 5.42
CA MET E 92 17.28 -3.39 5.04
C MET E 92 18.77 -3.65 5.12
N SER E 93 19.62 -2.57 5.07
CA SER E 93 21.08 -2.75 5.18
C SER E 93 21.54 -2.68 6.64
N GLN E 94 20.70 -2.17 7.55
CA GLN E 94 21.11 -2.13 8.97
C GLN E 94 21.20 -3.53 9.55
N VAL E 95 20.22 -4.35 9.23
CA VAL E 95 20.21 -5.70 9.74
C VAL E 95 21.39 -6.48 9.19
N THR E 96 21.66 -6.30 7.90
CA THR E 96 22.73 -7.06 7.27
C THR E 96 24.14 -6.42 7.33
N ASN E 97 24.32 -5.24 6.72
CA ASN E 97 25.67 -4.65 6.68
C ASN E 97 26.04 -3.59 7.74
N THR E 98 25.30 -2.48 7.77
CA THR E 98 25.64 -1.36 8.65
C THR E 98 25.41 -1.58 10.15
N ALA E 99 24.30 -2.20 10.49
CA ALA E 99 23.95 -2.41 11.91
C ALA E 99 23.99 -3.87 12.29
N THR E 100 24.87 -4.65 11.66
CA THR E 100 24.90 -6.07 11.99
C THR E 100 25.28 -6.22 13.45
N ILE E 101 24.31 -6.70 14.21
CA ILE E 101 24.46 -6.85 15.65
C ILE E 101 24.94 -8.25 15.99
N MET E 102 26.15 -8.34 16.54
CA MET E 102 26.73 -9.62 16.91
C MET E 102 26.73 -10.57 15.72
N GLY F 1 -25.05 -9.05 19.06
CA GLY F 1 -24.22 -9.40 17.88
C GLY F 1 -24.29 -8.26 16.86
N GLY F 2 -23.13 -7.73 16.48
CA GLY F 2 -23.10 -6.62 15.53
C GLY F 2 -23.69 -5.38 16.20
N SER F 3 -23.72 -5.35 17.54
CA SER F 3 -24.27 -4.19 18.23
C SER F 3 -23.40 -3.00 17.82
N PRO F 4 -23.94 -1.90 17.33
CA PRO F 4 -23.09 -0.77 16.88
C PRO F 4 -22.21 -0.15 17.97
N THR F 5 -20.93 -0.07 17.66
CA THR F 5 -19.96 0.60 18.51
C THR F 5 -19.98 0.22 19.99
N SER F 6 -20.21 -1.05 20.24
CA SER F 6 -20.21 -1.60 21.58
C SER F 6 -18.78 -2.05 22.02
N ILE F 7 -17.74 -1.69 21.22
CA ILE F 7 -16.32 -2.08 21.44
C ILE F 7 -16.03 -3.45 20.88
N LEU F 8 -16.96 -4.35 20.96
CA LEU F 8 -16.80 -5.64 20.41
C LEU F 8 -16.54 -5.53 18.94
N ASP F 9 -17.31 -4.70 18.14
CA ASP F 9 -16.86 -4.58 16.80
C ASP F 9 -16.10 -3.28 16.62
N ILE F 10 -15.55 -2.60 17.71
CA ILE F 10 -14.89 -1.37 17.31
C ILE F 10 -13.56 -1.85 16.77
N ARG F 11 -12.94 -1.18 15.78
CA ARG F 11 -11.65 -1.67 15.25
C ARG F 11 -10.65 -0.58 14.81
N GLN F 12 -9.37 -1.00 14.78
CA GLN F 12 -8.30 -0.13 14.31
C GLN F 12 -7.89 -0.57 12.93
N GLY F 13 -7.86 0.35 12.04
CA GLY F 13 -7.43 0.03 10.73
C GLY F 13 -5.99 -0.53 10.80
N PRO F 14 -5.61 -1.40 9.90
CA PRO F 14 -4.23 -1.95 9.87
C PRO F 14 -3.23 -0.79 9.84
N LYS F 15 -3.65 0.32 9.28
CA LYS F 15 -2.80 1.49 9.22
C LYS F 15 -3.21 2.51 10.28
N GLU F 16 -4.48 2.46 10.68
CA GLU F 16 -5.00 3.44 11.59
C GLU F 16 -4.12 3.56 12.81
N PRO F 17 -3.64 4.74 13.17
CA PRO F 17 -2.80 4.81 14.36
C PRO F 17 -3.55 4.29 15.53
N PHE F 18 -2.81 3.84 16.47
CA PHE F 18 -3.37 3.29 17.68
C PHE F 18 -4.37 4.28 18.28
N ARG F 19 -3.92 5.49 18.45
CA ARG F 19 -4.77 6.55 19.03
C ARG F 19 -6.03 6.86 18.20
N ASP F 20 -5.90 7.07 16.87
CA ASP F 20 -7.08 7.48 16.05
C ASP F 20 -8.25 6.56 16.29
N TYR F 21 -7.93 5.32 16.34
CA TYR F 21 -8.90 4.27 16.60
C TYR F 21 -9.37 4.24 18.06
N VAL F 22 -8.43 4.43 18.96
CA VAL F 22 -8.75 4.52 20.39
C VAL F 22 -9.74 5.66 20.62
N ASP F 23 -9.62 6.70 19.84
CA ASP F 23 -10.56 7.79 19.95
C ASP F 23 -11.96 7.23 19.66
N ARG F 24 -12.04 6.27 18.71
CA ARG F 24 -13.31 5.65 18.36
C ARG F 24 -13.79 4.76 19.52
N PHE F 25 -12.94 3.81 19.92
CA PHE F 25 -13.24 2.89 21.02
C PHE F 25 -13.73 3.71 22.24
N TYR F 26 -12.91 4.61 22.71
CA TYR F 26 -13.31 5.46 23.81
C TYR F 26 -14.62 6.21 23.48
N LYS F 27 -14.61 6.96 22.36
CA LYS F 27 -15.77 7.79 21.99
C LYS F 27 -17.07 6.99 22.10
N THR F 28 -17.05 5.74 21.68
CA THR F 28 -18.25 4.94 21.80
C THR F 28 -18.38 4.31 23.18
N LEU F 29 -17.25 4.13 23.88
CA LEU F 29 -17.33 3.64 25.26
C LEU F 29 -18.14 4.60 26.09
N ARG F 30 -17.89 5.89 25.89
CA ARG F 30 -18.65 6.90 26.57
C ARG F 30 -20.14 6.65 26.28
N ALA F 31 -20.42 6.04 25.11
CA ALA F 31 -21.80 5.75 24.70
C ALA F 31 -22.27 4.41 25.25
N GLU F 32 -21.35 3.47 25.46
CA GLU F 32 -21.71 2.18 26.02
C GLU F 32 -21.85 2.37 27.52
N GLN F 33 -23.09 2.33 28.03
CA GLN F 33 -23.33 2.52 29.46
C GLN F 33 -22.62 1.41 30.24
N ALA F 34 -21.38 1.67 30.63
CA ALA F 34 -20.57 0.67 31.32
C ALA F 34 -19.91 1.24 32.57
N SER F 35 -19.44 0.32 33.41
CA SER F 35 -18.75 0.65 34.65
C SER F 35 -17.32 0.96 34.32
N GLN F 36 -16.59 1.64 35.20
CA GLN F 36 -15.24 1.97 34.83
C GLN F 36 -14.42 0.69 34.60
N GLU F 37 -14.61 -0.31 35.44
CA GLU F 37 -13.89 -1.59 35.28
C GLU F 37 -14.26 -2.23 33.96
N VAL F 38 -15.54 -2.17 33.62
CA VAL F 38 -16.02 -2.75 32.37
C VAL F 38 -15.35 -2.06 31.21
N LYS F 39 -15.30 -0.73 31.28
CA LYS F 39 -14.64 0.03 30.24
C LYS F 39 -13.14 -0.44 30.17
N ASN F 40 -12.60 -0.85 31.35
CA ASN F 40 -11.19 -1.31 31.48
C ASN F 40 -10.97 -2.72 30.78
N TRP F 41 -12.06 -3.49 30.45
CA TRP F 41 -11.89 -4.75 29.69
C TRP F 41 -11.65 -4.28 28.29
N MET F 42 -12.50 -3.26 27.91
CA MET F 42 -12.46 -2.68 26.57
C MET F 42 -11.12 -2.00 26.37
N THR F 43 -10.58 -1.39 27.43
CA THR F 43 -9.30 -0.70 27.29
C THR F 43 -8.10 -1.65 27.40
N GLU F 44 -8.20 -2.63 28.28
CA GLU F 44 -7.07 -3.52 28.51
C GLU F 44 -6.93 -4.58 27.46
N THR F 45 -7.92 -5.46 27.33
CA THR F 45 -7.83 -6.53 26.35
C THR F 45 -8.54 -6.28 24.99
N LEU F 46 -9.71 -5.56 24.91
CA LEU F 46 -10.36 -5.48 23.57
C LEU F 46 -9.55 -4.53 22.80
N LEU F 47 -9.22 -3.41 23.48
CA LEU F 47 -8.37 -2.34 22.91
C LEU F 47 -7.23 -2.95 22.16
N VAL F 48 -6.72 -4.05 22.69
CA VAL F 48 -5.62 -4.77 22.11
C VAL F 48 -6.09 -5.66 20.95
N GLN F 49 -7.11 -6.48 21.22
CA GLN F 49 -7.62 -7.45 20.25
C GLN F 49 -8.12 -6.87 18.94
N ASN F 50 -8.85 -5.77 19.01
CA ASN F 50 -9.42 -5.16 17.82
C ASN F 50 -8.58 -4.06 17.28
N ALA F 51 -7.29 -4.04 17.69
CA ALA F 51 -6.45 -2.96 17.28
C ALA F 51 -5.23 -3.29 16.50
N ASN F 52 -5.34 -3.23 15.17
CA ASN F 52 -4.19 -3.29 14.27
C ASN F 52 -3.05 -4.18 14.73
N PRO F 53 -2.92 -5.40 14.27
CA PRO F 53 -1.83 -6.29 14.72
C PRO F 53 -0.43 -5.67 14.75
N ASP F 54 -0.19 -4.51 14.13
CA ASP F 54 1.09 -3.87 14.29
C ASP F 54 1.29 -3.62 15.75
N CYS F 55 0.21 -3.12 16.36
CA CYS F 55 0.23 -2.79 17.76
C CYS F 55 -0.32 -3.91 18.61
N LYS F 56 -1.22 -4.75 18.11
CA LYS F 56 -1.77 -5.80 18.97
C LYS F 56 -0.63 -6.63 19.57
N THR F 57 0.38 -6.83 18.75
CA THR F 57 1.55 -7.54 19.21
C THR F 57 2.25 -6.65 20.25
N ILE F 58 2.34 -5.33 19.96
CA ILE F 58 3.00 -4.42 20.90
C ILE F 58 2.35 -4.41 22.27
N LEU F 59 1.02 -4.23 22.33
CA LEU F 59 0.35 -4.10 23.59
C LEU F 59 0.59 -5.29 24.47
N LYS F 60 1.02 -6.40 23.91
CA LYS F 60 1.35 -7.51 24.75
C LYS F 60 2.73 -7.26 25.37
N ALA F 61 3.66 -6.76 24.56
CA ALA F 61 5.01 -6.49 25.04
C ALA F 61 4.93 -5.48 26.15
N LEU F 62 4.19 -4.43 25.83
CA LEU F 62 3.88 -3.40 26.83
C LEU F 62 3.15 -4.13 27.94
N GLY F 63 2.33 -5.10 27.53
CA GLY F 63 1.58 -5.89 28.44
C GLY F 63 0.41 -5.07 28.91
N PRO F 64 -0.72 -5.65 29.21
CA PRO F 64 -1.88 -4.88 29.72
C PRO F 64 -1.49 -4.18 31.03
N GLY F 65 -2.35 -3.28 31.50
CA GLY F 65 -2.06 -2.54 32.73
C GLY F 65 -1.14 -1.34 32.50
N ALA F 66 -0.74 -1.08 31.23
CA ALA F 66 0.12 0.05 30.87
C ALA F 66 -0.77 1.24 30.61
N THR F 67 -0.26 2.45 30.83
CA THR F 67 -1.11 3.59 30.61
C THR F 67 -1.41 3.72 29.13
N LEU F 68 -2.51 4.38 28.82
CA LEU F 68 -2.85 4.54 27.43
C LEU F 68 -1.77 5.36 26.72
N GLU F 69 -1.13 6.24 27.48
CA GLU F 69 -0.04 7.03 26.95
C GLU F 69 1.20 6.12 26.86
N GLU F 70 1.25 5.05 27.70
CA GLU F 70 2.40 4.11 27.66
C GLU F 70 2.31 3.27 26.39
N MET F 71 1.14 2.69 26.15
CA MET F 71 0.93 1.91 24.93
C MET F 71 1.06 2.85 23.77
N MET F 72 0.44 4.03 23.88
CA MET F 72 0.48 5.01 22.78
C MET F 72 1.92 5.33 22.39
N THR F 73 2.77 5.58 23.38
CA THR F 73 4.16 5.90 23.11
C THR F 73 4.80 4.74 22.36
N ALA F 74 4.53 3.53 22.78
CA ALA F 74 5.08 2.37 22.07
C ALA F 74 4.35 2.16 20.73
N CYS F 75 3.16 2.76 20.60
CA CYS F 75 2.36 2.57 19.44
C CYS F 75 2.43 3.74 18.47
N GLN F 76 3.24 4.74 18.78
CA GLN F 76 3.47 5.75 17.77
C GLN F 76 4.19 5.00 16.61
N GLY F 77 4.85 3.83 16.93
CA GLY F 77 5.48 3.01 15.94
C GLY F 77 4.42 2.45 15.02
N VAL F 78 3.19 2.31 15.48
CA VAL F 78 2.05 1.76 14.65
C VAL F 78 1.99 2.48 13.36
N GLY F 79 1.58 1.83 12.18
CA GLY F 79 1.78 2.62 10.97
C GLY F 79 2.28 1.92 9.72
N GLY F 80 2.09 2.42 8.49
CA GLY F 80 2.66 1.60 7.45
C GLY F 80 4.17 1.81 7.44
N PRO F 81 4.69 2.81 6.77
CA PRO F 81 6.14 3.07 6.84
C PRO F 81 6.55 3.49 8.24
N GLY F 82 5.58 3.96 9.05
CA GLY F 82 5.85 4.37 10.42
C GLY F 82 6.28 3.20 11.23
N HIS F 83 5.56 2.06 11.03
CA HIS F 83 5.84 0.79 11.72
C HIS F 83 6.77 -0.09 11.00
N LYS F 84 6.88 0.07 9.72
CA LYS F 84 7.75 -0.81 8.98
C LYS F 84 9.24 -0.51 9.31
N ALA F 85 9.54 0.74 9.45
CA ALA F 85 10.91 1.13 9.73
C ALA F 85 11.41 0.44 10.99
N ARG F 86 10.58 0.43 12.05
CA ARG F 86 10.98 -0.22 13.31
C ARG F 86 10.65 -1.71 13.31
N VAL F 87 9.40 -1.99 12.98
CA VAL F 87 8.88 -3.36 12.98
C VAL F 87 9.08 -4.14 11.69
N LEU F 88 8.99 -3.53 10.51
CA LEU F 88 9.22 -4.36 9.31
C LEU F 88 10.64 -4.78 9.43
N ALA F 89 11.48 -3.82 9.81
CA ALA F 89 12.86 -4.08 10.03
C ALA F 89 12.99 -5.12 11.10
N GLU F 90 12.15 -5.06 12.14
CA GLU F 90 12.22 -6.08 13.19
C GLU F 90 12.00 -7.46 12.57
N ALA F 91 11.00 -7.55 11.69
CA ALA F 91 10.71 -8.80 10.98
C ALA F 91 11.88 -9.17 10.07
N MET F 92 12.52 -8.15 9.51
CA MET F 92 13.67 -8.36 8.65
C MET F 92 14.76 -8.98 9.49
N SER F 93 14.82 -8.55 10.76
CA SER F 93 15.81 -9.10 11.68
C SER F 93 15.27 -10.38 12.37
N GLN F 94 13.97 -10.70 12.18
CA GLN F 94 13.40 -11.93 12.75
C GLN F 94 13.80 -13.12 11.93
N VAL F 95 14.06 -12.92 10.65
CA VAL F 95 14.49 -14.02 9.80
C VAL F 95 16.02 -14.13 9.82
N THR F 96 16.71 -13.01 9.75
CA THR F 96 18.17 -13.06 9.68
C THR F 96 18.94 -13.01 11.02
N ASN F 97 18.79 -11.95 11.81
CA ASN F 97 19.64 -11.80 13.01
C ASN F 97 19.13 -12.31 14.38
N THR F 98 17.99 -11.82 14.86
CA THR F 98 17.58 -12.17 16.24
C THR F 98 16.61 -13.32 16.40
N ALA F 99 15.58 -13.37 15.56
CA ALA F 99 14.58 -14.43 15.68
C ALA F 99 14.81 -15.52 14.67
N THR F 100 16.05 -15.72 14.25
CA THR F 100 16.30 -16.74 13.26
C THR F 100 16.01 -18.11 13.87
N ILE F 101 14.94 -18.71 13.37
CA ILE F 101 14.49 -20.00 13.87
C ILE F 101 15.31 -21.13 13.25
N MET F 102 15.76 -22.06 14.10
CA MET F 102 16.56 -23.19 13.63
C MET F 102 17.67 -22.74 12.69
C1 IHP G . -1.81 -1.66 -0.08
C2 IHP G . -0.48 -1.84 0.74
C3 IHP G . 0.70 -2.06 -0.22
C4 IHP G . 0.83 -0.85 -1.09
C5 IHP G . -0.44 -0.99 -2.03
C6 IHP G . -1.70 -0.54 -1.09
O11 IHP G . -2.94 -1.47 0.83
P1 IHP G . -3.90 -2.74 1.17
O21 IHP G . -3.21 -3.95 0.62
O31 IHP G . -4.17 -2.74 2.72
O41 IHP G . -5.15 -2.45 0.43
O12 IHP G . -0.22 -0.62 1.54
P2 IHP G . 0.04 -0.70 3.09
O22 IHP G . -0.37 -2.07 3.66
O32 IHP G . -0.73 0.40 3.72
O42 IHP G . 1.48 -0.52 3.32
O13 IHP G . 1.84 -2.29 0.50
P3 IHP G . 2.82 -3.48 0.18
O23 IHP G . 2.68 -4.49 1.28
O33 IHP G . 2.55 -3.98 -1.24
O43 IHP G . 4.16 -2.77 0.31
O14 IHP G . 2.04 -0.93 -1.83
P4 IHP G . 3.05 0.29 -2.15
O24 IHP G . 2.33 1.20 -3.12
O34 IHP G . 3.57 1.04 -0.97
O44 IHP G . 4.25 -0.32 -2.86
O15 IHP G . -0.29 -0.26 -3.25
P5 IHP G . -0.13 -0.99 -4.66
O25 IHP G . -0.15 0.21 -5.61
O35 IHP G . -1.26 -1.99 -4.82
O45 IHP G . 1.15 -1.75 -4.67
O16 IHP G . -2.91 -0.49 -1.93
P6 IHP G . -3.75 0.74 -2.26
O26 IHP G . -2.94 1.86 -2.86
O36 IHP G . -4.63 0.17 -3.37
O46 IHP G . -4.49 1.25 -1.07
H1 IHP G . -1.85 -2.52 -0.78
H2 IHP G . -0.52 -2.83 1.27
H3 IHP G . 0.40 -2.92 -0.85
H4 IHP G . 0.71 0.04 -0.46
H5 IHP G . -0.70 -2.05 -2.21
H6 IHP G . -1.45 0.43 -0.60
C1 A1CCZ H . 6.68 -7.29 1.77
C2 A1CCZ H . 7.68 -6.99 2.73
C3 A1CCZ H . 7.65 -5.75 3.34
C11 A1CCZ H . 4.23 -8.92 -1.94
C12 A1CCZ H . 3.92 -10.22 -2.73
C13 A1CCZ H . 4.69 -7.75 -2.76
C14 A1CCZ H . 5.96 -7.67 -3.38
C15 A1CCZ H . 6.35 -6.43 -3.92
C16 A1CCZ H . 5.54 -5.25 -3.88
C17 A1CCZ H . 4.28 -5.41 -3.27
C18 A1CCZ H . 3.87 -6.57 -2.76
C19 A1CCZ H . 6.04 -3.98 -4.46
C20 A1CCZ H . 5.20 -3.70 -5.69
C21 A1CCZ H . 5.65 -2.76 -3.57
C22 A1CCZ H . 7.56 -3.99 -4.66
C24 A1CCZ H . 1.53 -9.97 -3.35
C25 A1CCZ H . 0.49 -9.89 -4.38
C26 A1CCZ H . 0.83 -10.32 -5.64
N23 A1CCZ H . 2.80 -10.26 -3.78
C28 A1CCZ H . 3.04 -10.78 -5.00
C27 A1CCZ H . 2.07 -10.81 -5.94
O29 A1CCZ H . 1.34 -9.84 -2.08
C30 A1CCZ H . -0.85 -9.29 -4.21
F31 A1CCZ H . -0.87 -8.43 -3.21
F32 A1CCZ H . -1.75 -10.19 -3.88
F33 A1CCZ H . -1.28 -8.64 -5.34
N10 A1CCZ H . 5.16 -9.34 -0.83
C8 A1CCZ H . 5.75 -8.11 -0.12
C7 A1CCZ H . 4.77 -7.15 0.39
C6 A1CCZ H . 5.62 -6.43 1.46
C5 A1CCZ H . 5.66 -5.15 2.05
C4 A1CCZ H . 6.76 -4.78 2.89
C9 A1CCZ H . 6.56 -8.60 1.03
H2 A1CCZ H . 8.34 -7.71 3.16
H3 A1CCZ H . 8.38 -5.38 4.05
H11 A1CCZ H . 3.28 -8.64 -1.44
H12A A1CCZ H . 3.51 -10.95 -1.99
H12B A1CCZ H . 4.80 -10.66 -3.22
H14 A1CCZ H . 6.66 -8.48 -3.34
H15 A1CCZ H . 7.34 -6.41 -4.35
H17 A1CCZ H . 3.62 -4.56 -3.19
H18 A1CCZ H . 2.98 -6.67 -2.18
H20C A1CCZ H . 5.28 -4.52 -6.45
H20B A1CCZ H . 5.59 -2.85 -6.28
H20A A1CCZ H . 4.10 -3.60 -5.55
H21A A1CCZ H . 6.18 -2.80 -2.59
H21C A1CCZ H . 4.59 -2.62 -3.30
H21B A1CCZ H . 5.92 -1.78 -4.01
H22C A1CCZ H . 7.98 -4.47 -3.74
H22B A1CCZ H . 7.90 -2.93 -4.76
H22A A1CCZ H . 7.85 -4.60 -5.55
H26 A1CCZ H . 0.08 -10.13 -6.41
H6 A1CCZ H . 4.07 -10.86 -5.33
H27 A1CCZ H . 2.23 -11.21 -6.94
H9 A1CCZ H . 5.99 -9.80 -1.19
H8 A1CCZ H . 6.44 -7.67 -0.86
H7A A1CCZ H . 3.90 -7.69 0.81
H7B A1CCZ H . 4.30 -6.47 -0.34
H5 A1CCZ H . 5.08 -4.34 1.64
H4 A1CCZ H . 6.80 -3.76 3.25
H9B A1CCZ H . 6.17 -9.53 1.49
H9A A1CCZ H . 7.59 -8.85 0.74
N GLY A 1 -32.09 -18.34 -6.92
CA GLY A 1 -30.71 -18.90 -6.90
C GLY A 1 -29.73 -17.78 -6.96
N GLY A 2 -28.73 -17.84 -6.08
CA GLY A 2 -27.76 -16.79 -6.03
C GLY A 2 -28.47 -15.52 -5.67
N SER A 3 -29.46 -15.66 -4.80
CA SER A 3 -30.20 -14.51 -4.37
C SER A 3 -29.20 -13.53 -3.80
N PRO A 4 -29.52 -12.28 -3.77
CA PRO A 4 -28.55 -11.27 -3.30
C PRO A 4 -28.08 -11.53 -1.89
N THR A 5 -26.76 -11.56 -1.75
CA THR A 5 -26.14 -11.71 -0.47
C THR A 5 -26.76 -12.78 0.40
N SER A 6 -26.99 -13.90 -0.20
CA SER A 6 -27.55 -15.03 0.48
C SER A 6 -26.46 -15.91 1.10
N ILE A 7 -25.16 -15.38 1.15
CA ILE A 7 -23.98 -16.11 1.67
C ILE A 7 -23.20 -16.87 0.69
N LEU A 8 -23.84 -17.38 -0.29
CA LEU A 8 -23.23 -18.10 -1.39
C LEU A 8 -22.09 -17.29 -1.89
N ASP A 9 -22.29 -15.94 -1.99
CA ASP A 9 -21.16 -15.16 -2.29
C ASP A 9 -20.82 -14.10 -1.23
N ILE A 10 -21.08 -14.21 0.12
CA ILE A 10 -20.71 -13.01 0.82
C ILE A 10 -19.16 -12.95 0.88
N ARG A 11 -18.53 -11.76 0.76
CA ARG A 11 -17.02 -11.73 0.72
C ARG A 11 -16.37 -10.73 1.66
N GLN A 12 -15.18 -11.11 2.10
CA GLN A 12 -14.35 -10.24 2.93
C GLN A 12 -13.32 -9.57 2.05
N GLY A 13 -13.24 -8.26 2.14
CA GLY A 13 -12.24 -7.56 1.35
C GLY A 13 -10.86 -8.11 1.71
N PRO A 14 -9.92 -8.13 0.83
CA PRO A 14 -8.56 -8.73 1.08
C PRO A 14 -7.91 -8.05 2.26
N LYS A 15 -8.25 -6.80 2.46
CA LYS A 15 -7.73 -6.07 3.60
C LYS A 15 -8.84 -5.96 4.69
N GLU A 16 -10.09 -6.04 4.26
CA GLU A 16 -11.21 -5.90 5.17
C GLU A 16 -11.04 -6.83 6.37
N PRO A 17 -11.06 -6.37 7.62
CA PRO A 17 -10.86 -7.31 8.73
C PRO A 17 -11.98 -8.30 8.83
N PHE A 18 -11.60 -9.44 9.42
CA PHE A 18 -12.47 -10.57 9.60
C PHE A 18 -13.73 -10.16 10.33
N ARG A 19 -13.57 -9.48 11.44
CA ARG A 19 -14.72 -9.05 12.20
C ARG A 19 -15.65 -8.18 11.37
N ASP A 20 -15.09 -7.31 10.55
CA ASP A 20 -15.94 -6.43 9.74
C ASP A 20 -16.85 -7.25 8.83
N TYR A 21 -16.21 -8.00 7.94
CA TYR A 21 -16.87 -8.86 6.99
C TYR A 21 -17.79 -9.83 7.67
N VAL A 22 -17.40 -10.29 8.84
CA VAL A 22 -18.24 -11.20 9.59
C VAL A 22 -19.58 -10.47 9.87
N ASP A 23 -19.51 -9.15 9.99
CA ASP A 23 -20.73 -8.35 10.20
C ASP A 23 -21.53 -8.28 8.87
N ARG A 24 -20.80 -8.44 7.72
CA ARG A 24 -21.40 -8.46 6.40
C ARG A 24 -21.99 -9.84 6.12
N PHE A 25 -21.44 -10.86 6.75
CA PHE A 25 -21.92 -12.23 6.57
C PHE A 25 -23.07 -12.50 7.53
N TYR A 26 -23.00 -11.93 8.72
CA TYR A 26 -24.07 -12.10 9.68
C TYR A 26 -25.30 -11.29 9.31
N LYS A 27 -25.08 -10.00 9.00
CA LYS A 27 -26.18 -9.09 8.65
C LYS A 27 -26.85 -9.60 7.42
N THR A 28 -26.05 -10.03 6.49
CA THR A 28 -26.64 -10.51 5.31
C THR A 28 -27.35 -11.83 5.57
N LEU A 29 -26.85 -12.63 6.52
CA LEU A 29 -27.57 -13.84 6.87
C LEU A 29 -28.96 -13.40 7.36
N ARG A 30 -29.06 -12.27 8.03
CA ARG A 30 -30.35 -11.81 8.50
C ARG A 30 -31.27 -11.65 7.27
N ALA A 31 -30.68 -11.17 6.17
CA ALA A 31 -31.41 -11.03 4.92
C ALA A 31 -31.73 -12.42 4.37
N GLU A 32 -30.90 -13.40 4.70
CA GLU A 32 -31.13 -14.76 4.24
C GLU A 32 -32.07 -15.47 5.21
N GLN A 33 -33.22 -15.98 4.72
CA GLN A 33 -34.17 -16.72 5.59
C GLN A 33 -33.73 -18.16 5.76
N ALA A 34 -32.66 -18.38 6.54
CA ALA A 34 -32.15 -19.73 6.73
C ALA A 34 -32.27 -20.21 8.15
N SER A 35 -32.48 -21.51 8.26
CA SER A 35 -32.55 -22.11 9.54
C SER A 35 -31.23 -21.88 10.21
N GLN A 36 -31.22 -21.92 11.52
CA GLN A 36 -30.00 -21.64 12.23
C GLN A 36 -28.94 -22.68 11.88
N GLU A 37 -29.29 -23.97 11.93
CA GLU A 37 -28.31 -25.00 11.63
C GLU A 37 -27.72 -24.76 10.27
N VAL A 38 -28.57 -24.37 9.34
CA VAL A 38 -28.08 -24.07 8.03
C VAL A 38 -27.12 -22.88 8.14
N LYS A 39 -27.53 -21.82 8.83
CA LYS A 39 -26.66 -20.64 8.98
C LYS A 39 -25.35 -21.06 9.57
N ASN A 40 -25.37 -22.06 10.39
CA ASN A 40 -24.14 -22.52 10.96
C ASN A 40 -23.19 -23.04 9.88
N TRP A 41 -23.71 -23.76 8.88
CA TRP A 41 -22.81 -24.29 7.84
C TRP A 41 -22.24 -23.11 7.06
N MET A 42 -23.04 -22.06 6.94
CA MET A 42 -22.61 -20.86 6.27
C MET A 42 -21.51 -20.13 7.09
N THR A 43 -21.70 -20.09 8.42
CA THR A 43 -20.75 -19.44 9.32
C THR A 43 -19.46 -20.24 9.43
N GLU A 44 -19.58 -21.55 9.35
CA GLU A 44 -18.42 -22.44 9.49
C GLU A 44 -17.64 -22.63 8.22
N THR A 45 -18.35 -22.94 7.18
CA THR A 45 -17.71 -23.18 5.95
C THR A 45 -17.64 -21.94 5.09
N LEU A 46 -18.79 -21.41 4.71
CA LEU A 46 -18.74 -20.32 3.81
C LEU A 46 -17.91 -19.17 4.37
N LEU A 47 -18.04 -18.88 5.65
CA LEU A 47 -17.24 -17.83 6.25
C LEU A 47 -15.77 -18.15 5.95
N VAL A 48 -15.38 -19.37 6.18
CA VAL A 48 -14.02 -19.72 5.89
C VAL A 48 -13.67 -19.50 4.43
N GLN A 49 -14.53 -19.98 3.51
CA GLN A 49 -14.18 -19.95 2.08
C GLN A 49 -14.02 -18.63 1.36
N ASN A 50 -14.93 -17.70 1.54
CA ASN A 50 -14.88 -16.45 0.77
C ASN A 50 -14.51 -15.26 1.58
N ALA A 51 -13.91 -15.49 2.71
CA ALA A 51 -13.59 -14.40 3.59
C ALA A 51 -12.15 -14.03 3.65
N ASN A 52 -11.54 -13.47 2.61
CA ASN A 52 -10.16 -12.99 2.77
C ASN A 52 -9.21 -14.12 3.09
N PRO A 53 -8.45 -14.65 2.17
CA PRO A 53 -7.56 -15.79 2.46
C PRO A 53 -6.73 -15.62 3.71
N ASP A 54 -6.58 -14.40 4.22
CA ASP A 54 -5.87 -14.21 5.46
C ASP A 54 -6.53 -15.02 6.50
N CYS A 55 -7.85 -14.96 6.54
CA CYS A 55 -8.52 -15.71 7.53
C CYS A 55 -8.52 -17.14 7.07
N LYS A 56 -8.71 -17.41 5.80
CA LYS A 56 -8.77 -18.80 5.34
C LYS A 56 -7.55 -19.61 5.74
N THR A 57 -6.41 -19.02 5.71
CA THR A 57 -5.24 -19.74 6.11
C THR A 57 -5.26 -19.88 7.65
N ILE A 58 -5.93 -18.91 8.33
CA ILE A 58 -6.02 -18.91 9.82
C ILE A 58 -7.08 -19.87 10.37
N LEU A 59 -8.31 -19.75 9.93
CA LEU A 59 -9.39 -20.57 10.37
C LEU A 59 -8.98 -21.99 10.09
N LYS A 60 -8.40 -22.20 8.88
CA LYS A 60 -8.02 -23.54 8.54
C LYS A 60 -7.02 -24.04 9.58
N ALA A 61 -6.11 -23.15 9.99
CA ALA A 61 -5.14 -23.49 11.06
C ALA A 61 -5.85 -23.75 12.44
N LEU A 62 -6.82 -22.92 12.77
CA LEU A 62 -7.55 -23.06 14.02
C LEU A 62 -8.41 -24.29 14.04
N GLY A 63 -8.58 -24.94 12.90
CA GLY A 63 -9.46 -26.09 12.84
C GLY A 63 -10.87 -25.50 12.60
N PRO A 64 -11.58 -25.84 11.53
CA PRO A 64 -12.88 -25.20 11.30
C PRO A 64 -13.80 -25.41 12.48
N GLY A 65 -14.79 -24.58 12.58
CA GLY A 65 -15.70 -24.71 13.67
C GLY A 65 -15.19 -24.03 14.91
N ALA A 66 -13.99 -23.43 14.85
CA ALA A 66 -13.51 -22.72 16.00
C ALA A 66 -14.54 -21.65 16.31
N THR A 67 -14.79 -21.44 17.58
CA THR A 67 -15.79 -20.47 17.96
C THR A 67 -15.45 -19.16 17.37
N LEU A 68 -16.46 -18.39 17.07
CA LEU A 68 -16.25 -17.11 16.47
C LEU A 68 -15.27 -16.29 17.30
N GLU A 69 -15.32 -16.43 18.61
CA GLU A 69 -14.36 -15.68 19.41
C GLU A 69 -12.94 -16.12 19.10
N GLU A 70 -12.76 -17.43 18.97
CA GLU A 70 -11.47 -18.00 18.66
C GLU A 70 -11.01 -17.61 17.23
N MET A 71 -11.92 -17.69 16.23
CA MET A 71 -11.61 -17.30 14.84
C MET A 71 -11.26 -15.86 14.80
N MET A 72 -11.98 -15.10 15.59
CA MET A 72 -11.84 -13.66 15.67
C MET A 72 -10.51 -13.27 16.25
N THR A 73 -10.18 -13.86 17.37
CA THR A 73 -8.99 -13.49 18.05
C THR A 73 -7.84 -13.65 17.10
N ALA A 74 -7.79 -14.80 16.48
CA ALA A 74 -6.72 -15.11 15.55
C ALA A 74 -6.83 -14.30 14.25
N CYS A 75 -8.05 -14.14 13.79
CA CYS A 75 -8.28 -13.41 12.57
C CYS A 75 -8.19 -11.94 12.77
N GLN A 76 -8.00 -11.49 14.02
CA GLN A 76 -7.73 -10.12 14.17
C GLN A 76 -6.31 -9.92 13.56
N GLY A 77 -5.52 -11.07 13.38
CA GLY A 77 -4.25 -11.04 12.71
C GLY A 77 -4.47 -10.66 11.23
N VAL A 78 -5.71 -10.78 10.71
CA VAL A 78 -6.06 -10.44 9.27
C VAL A 78 -5.84 -8.96 9.04
N GLY A 79 -5.43 -8.46 7.81
CA GLY A 79 -5.03 -7.03 7.82
C GLY A 79 -3.82 -6.69 6.99
N GLY A 80 -3.50 -5.43 6.65
CA GLY A 80 -2.32 -5.33 5.77
C GLY A 80 -1.01 -5.53 6.55
N PRO A 81 -0.49 -4.52 7.20
CA PRO A 81 0.73 -4.64 8.02
C PRO A 81 0.51 -5.58 9.18
N GLY A 82 -0.76 -5.64 9.66
CA GLY A 82 -1.12 -6.51 10.80
C GLY A 82 -0.93 -8.02 10.52
N HIS A 83 -1.40 -8.47 9.37
CA HIS A 83 -1.23 -9.88 9.01
C HIS A 83 0.16 -10.09 8.50
N LYS A 84 0.70 -9.06 7.86
CA LYS A 84 2.05 -9.11 7.31
C LYS A 84 3.08 -9.34 8.35
N ALA A 85 2.90 -8.71 9.47
CA ALA A 85 3.85 -8.83 10.54
C ALA A 85 4.02 -10.32 10.84
N ARG A 86 2.96 -11.08 10.66
CA ARG A 86 3.02 -12.48 10.92
C ARG A 86 3.43 -13.26 9.68
N VAL A 87 2.57 -13.26 8.67
CA VAL A 87 2.82 -14.05 7.46
C VAL A 87 4.09 -13.69 6.78
N LEU A 88 4.61 -12.52 6.97
CA LEU A 88 5.90 -12.24 6.33
C LEU A 88 6.98 -13.17 6.96
N ALA A 89 6.99 -13.20 8.27
CA ALA A 89 7.94 -14.01 8.98
C ALA A 89 7.72 -15.46 8.63
N GLU A 90 6.46 -15.81 8.45
CA GLU A 90 6.09 -17.22 8.15
C GLU A 90 6.49 -17.67 6.76
N ALA A 91 6.09 -16.91 5.76
CA ALA A 91 6.36 -17.26 4.36
C ALA A 91 7.84 -17.30 4.14
N MET A 92 8.49 -16.36 4.78
CA MET A 92 9.93 -16.27 4.73
C MET A 92 10.51 -17.55 5.27
N SER A 93 9.88 -18.06 6.33
CA SER A 93 10.33 -19.30 6.95
C SER A 93 9.71 -20.52 6.25
N GLN A 94 8.77 -20.29 5.30
CA GLN A 94 8.21 -21.41 4.57
C GLN A 94 9.17 -21.78 3.48
N VAL A 95 9.88 -20.80 2.95
CA VAL A 95 10.83 -21.07 1.88
C VAL A 95 12.20 -21.49 2.44
N THR A 96 12.55 -20.97 3.60
CA THR A 96 13.86 -21.25 4.15
C THR A 96 13.96 -22.40 5.15
N ASN A 97 13.20 -22.31 6.26
CA ASN A 97 13.37 -23.32 7.32
C ASN A 97 12.45 -24.56 7.33
N THR A 98 11.13 -24.39 7.40
CA THR A 98 10.26 -25.57 7.55
C THR A 98 9.60 -26.10 6.27
N ALA A 99 9.10 -25.22 5.43
CA ALA A 99 8.42 -25.65 4.23
C ALA A 99 9.35 -25.63 3.02
N THR A 100 10.65 -25.78 3.24
CA THR A 100 11.57 -25.70 2.12
C THR A 100 11.27 -26.82 1.15
N ILE A 101 10.85 -26.41 -0.03
CA ILE A 101 10.45 -27.33 -1.08
C ILE A 101 11.66 -27.77 -1.90
N MET A 102 11.86 -29.08 -2.00
CA MET A 102 12.97 -29.62 -2.76
C MET A 102 12.46 -30.45 -3.94
N GLY B 1 -14.07 3.34 -30.54
CA GLY B 1 -12.87 3.92 -29.84
C GLY B 1 -13.33 4.71 -28.62
N GLY B 2 -12.74 4.43 -27.47
CA GLY B 2 -13.14 5.11 -26.24
C GLY B 2 -14.57 4.73 -25.88
N SER B 3 -15.03 3.56 -26.35
CA SER B 3 -16.40 3.11 -26.06
C SER B 3 -16.52 2.83 -24.56
N PRO B 4 -17.68 3.01 -23.96
CA PRO B 4 -17.82 2.80 -22.49
C PRO B 4 -18.09 1.36 -22.05
N THR B 5 -17.21 0.92 -21.16
CA THR B 5 -17.30 -0.37 -20.48
C THR B 5 -17.82 -1.57 -21.31
N SER B 6 -17.13 -1.84 -22.40
CA SER B 6 -17.41 -2.98 -23.29
C SER B 6 -16.53 -4.21 -22.93
N ILE B 7 -15.77 -4.14 -21.76
CA ILE B 7 -14.72 -5.13 -21.32
C ILE B 7 -13.37 -4.76 -21.85
N LEU B 8 -13.38 -4.15 -23.01
CA LEU B 8 -12.19 -3.67 -23.63
C LEU B 8 -11.50 -2.83 -22.64
N ASP B 9 -12.28 -2.09 -21.75
CA ASP B 9 -11.59 -1.50 -20.66
C ASP B 9 -12.15 -1.93 -19.31
N ILE B 10 -12.77 -3.14 -19.06
CA ILE B 10 -13.26 -3.26 -17.69
C ILE B 10 -12.04 -3.49 -16.82
N ARG B 11 -11.99 -3.18 -15.51
CA ARG B 11 -10.69 -3.36 -14.81
C ARG B 11 -10.71 -3.68 -13.32
N GLN B 12 -10.05 -4.78 -13.03
CA GLN B 12 -9.76 -5.16 -11.67
C GLN B 12 -8.49 -4.39 -11.36
N GLY B 13 -8.53 -3.56 -10.37
CA GLY B 13 -7.34 -2.84 -10.02
C GLY B 13 -6.22 -3.78 -9.67
N PRO B 14 -5.15 -3.29 -9.19
CA PRO B 14 -4.05 -4.16 -8.80
C PRO B 14 -4.35 -4.84 -7.43
N LYS B 15 -4.80 -4.10 -6.43
CA LYS B 15 -5.17 -4.77 -5.17
C LYS B 15 -6.62 -5.31 -5.26
N GLU B 16 -7.39 -4.80 -6.22
CA GLU B 16 -8.79 -5.13 -6.35
C GLU B 16 -9.04 -6.64 -6.50
N PRO B 17 -9.88 -7.27 -5.69
CA PRO B 17 -10.16 -8.74 -5.83
C PRO B 17 -10.78 -9.17 -7.13
N PHE B 18 -10.54 -10.44 -7.41
CA PHE B 18 -11.07 -11.10 -8.56
C PHE B 18 -12.57 -11.12 -8.49
N ARG B 19 -13.07 -11.61 -7.36
CA ARG B 19 -14.50 -11.63 -7.15
C ARG B 19 -15.05 -10.22 -7.19
N ASP B 20 -14.22 -9.26 -6.83
CA ASP B 20 -14.66 -7.88 -6.85
C ASP B 20 -14.80 -7.40 -8.29
N TYR B 21 -13.85 -7.77 -9.12
CA TYR B 21 -13.90 -7.34 -10.49
C TYR B 21 -14.84 -8.19 -11.35
N VAL B 22 -15.10 -9.41 -10.90
CA VAL B 22 -16.00 -10.30 -11.63
C VAL B 22 -17.31 -9.58 -11.89
N ASP B 23 -17.80 -8.92 -10.87
CA ASP B 23 -19.04 -8.16 -11.00
C ASP B 23 -18.85 -7.04 -12.02
N ARG B 24 -17.67 -6.42 -12.03
CA ARG B 24 -17.40 -5.34 -12.99
C ARG B 24 -17.41 -5.88 -14.45
N PHE B 25 -16.91 -7.11 -14.63
CA PHE B 25 -16.88 -7.73 -15.96
C PHE B 25 -18.24 -8.38 -16.28
N TYR B 26 -19.01 -8.75 -15.26
CA TYR B 26 -20.31 -9.35 -15.53
C TYR B 26 -21.33 -8.26 -15.80
N LYS B 27 -21.50 -7.43 -14.78
CA LYS B 27 -22.42 -6.31 -14.81
C LYS B 27 -22.10 -5.39 -15.96
N THR B 28 -20.82 -5.14 -16.26
CA THR B 28 -20.59 -4.23 -17.35
C THR B 28 -20.92 -4.91 -18.66
N LEU B 29 -20.98 -6.24 -18.67
CA LEU B 29 -21.41 -6.87 -19.88
C LEU B 29 -22.94 -6.70 -20.01
N ARG B 30 -23.63 -6.40 -18.89
CA ARG B 30 -25.07 -6.12 -18.94
C ARG B 30 -25.26 -4.88 -19.78
N ALA B 31 -24.30 -3.95 -19.64
CA ALA B 31 -24.30 -2.70 -20.41
C ALA B 31 -24.07 -3.00 -21.90
N GLU B 32 -23.37 -4.11 -22.18
CA GLU B 32 -23.08 -4.49 -23.55
C GLU B 32 -24.13 -5.50 -24.08
N GLN B 33 -24.78 -5.19 -25.22
CA GLN B 33 -25.80 -6.10 -25.79
C GLN B 33 -25.13 -7.14 -26.68
N ALA B 34 -24.58 -8.17 -26.06
CA ALA B 34 -23.84 -9.20 -26.81
C ALA B 34 -24.35 -10.63 -26.57
N SER B 35 -23.69 -11.57 -27.25
CA SER B 35 -24.01 -12.98 -27.13
C SER B 35 -23.24 -13.60 -25.97
N GLN B 36 -23.75 -14.66 -25.40
CA GLN B 36 -23.10 -15.32 -24.27
C GLN B 36 -21.70 -15.86 -24.65
N GLU B 37 -21.55 -16.48 -25.83
CA GLU B 37 -20.22 -16.98 -26.24
C GLU B 37 -19.30 -15.81 -26.51
N VAL B 38 -19.86 -14.76 -27.08
CA VAL B 38 -19.09 -13.56 -27.35
C VAL B 38 -18.50 -13.07 -26.04
N LYS B 39 -19.38 -12.98 -25.05
CA LYS B 39 -18.97 -12.56 -23.72
C LYS B 39 -17.96 -13.54 -23.13
N ASN B 40 -17.80 -14.73 -23.75
CA ASN B 40 -16.90 -15.73 -23.22
C ASN B 40 -15.42 -15.35 -23.44
N TRP B 41 -14.99 -14.64 -24.53
CA TRP B 41 -13.54 -14.20 -24.55
C TRP B 41 -13.31 -13.36 -23.32
N MET B 42 -14.35 -12.76 -22.80
CA MET B 42 -14.21 -11.94 -21.69
C MET B 42 -14.19 -12.81 -20.45
N THR B 43 -15.32 -13.47 -20.14
CA THR B 43 -15.41 -14.35 -18.95
C THR B 43 -14.16 -15.23 -18.80
N GLU B 44 -13.73 -15.75 -19.92
CA GLU B 44 -12.54 -16.58 -19.99
C GLU B 44 -11.26 -15.79 -20.17
N THR B 45 -11.12 -15.00 -21.24
CA THR B 45 -9.85 -14.28 -21.49
C THR B 45 -9.69 -12.83 -20.90
N LEU B 46 -10.66 -11.88 -21.03
CA LEU B 46 -10.40 -10.50 -20.45
C LEU B 46 -10.46 -10.50 -18.93
N LEU B 47 -11.36 -11.34 -18.43
CA LEU B 47 -11.44 -11.64 -17.02
C LEU B 47 -10.03 -12.17 -16.65
N VAL B 48 -9.32 -12.78 -17.61
CA VAL B 48 -7.98 -13.25 -17.38
C VAL B 48 -6.93 -12.18 -17.74
N GLN B 49 -7.28 -11.18 -18.55
CA GLN B 49 -6.27 -10.22 -18.96
C GLN B 49 -6.15 -8.95 -18.13
N ASN B 50 -7.11 -8.02 -18.17
CA ASN B 50 -6.91 -6.84 -17.32
C ASN B 50 -7.26 -7.07 -15.88
N ALA B 51 -7.52 -8.30 -15.50
CA ALA B 51 -7.93 -8.54 -14.15
C ALA B 51 -6.81 -8.89 -13.18
N ASN B 52 -6.29 -7.87 -12.49
CA ASN B 52 -5.27 -8.03 -11.43
C ASN B 52 -4.37 -9.26 -11.52
N PRO B 53 -3.15 -9.19 -12.02
CA PRO B 53 -2.21 -10.39 -12.10
C PRO B 53 -2.18 -11.25 -10.87
N ASP B 54 -2.69 -10.81 -9.68
CA ASP B 54 -2.78 -11.75 -8.57
C ASP B 54 -3.65 -12.88 -9.09
N CYS B 55 -4.80 -12.52 -9.68
CA CYS B 55 -5.63 -13.52 -10.30
C CYS B 55 -5.15 -13.81 -11.69
N LYS B 56 -5.00 -12.77 -12.51
CA LYS B 56 -4.59 -12.99 -13.89
C LYS B 56 -3.37 -13.94 -13.98
N THR B 57 -2.56 -14.03 -12.94
CA THR B 57 -1.42 -14.97 -12.96
C THR B 57 -1.90 -16.35 -12.49
N ILE B 58 -2.77 -16.37 -11.44
CA ILE B 58 -3.35 -17.62 -10.87
C ILE B 58 -4.06 -18.41 -11.97
N LEU B 59 -4.80 -17.70 -12.78
CA LEU B 59 -5.55 -18.28 -13.88
C LEU B 59 -4.58 -19.05 -14.80
N LYS B 60 -3.26 -18.80 -14.71
CA LYS B 60 -2.32 -19.55 -15.55
C LYS B 60 -2.03 -20.92 -14.91
N ALA B 61 -2.16 -20.99 -13.59
CA ALA B 61 -1.95 -22.25 -12.84
C ALA B 61 -3.25 -23.03 -12.71
N LEU B 62 -4.23 -22.37 -12.11
CA LEU B 62 -5.59 -22.89 -11.97
C LEU B 62 -6.12 -23.20 -13.33
N GLY B 63 -5.77 -22.32 -14.24
CA GLY B 63 -6.26 -22.44 -15.57
C GLY B 63 -7.32 -21.36 -15.73
N PRO B 64 -7.55 -20.88 -16.92
CA PRO B 64 -8.57 -19.84 -17.15
C PRO B 64 -9.93 -20.48 -17.40
N GLY B 65 -10.98 -19.68 -17.24
CA GLY B 65 -12.32 -20.16 -17.51
C GLY B 65 -12.78 -21.14 -16.48
N ALA B 66 -12.03 -21.28 -15.36
CA ALA B 66 -12.48 -22.21 -14.36
C ALA B 66 -13.82 -21.68 -13.92
N THR B 67 -14.72 -22.59 -13.58
CA THR B 67 -16.07 -22.18 -13.23
C THR B 67 -16.05 -21.10 -12.19
N LEU B 68 -17.11 -20.36 -12.16
CA LEU B 68 -17.18 -19.25 -11.26
C LEU B 68 -17.01 -19.71 -9.84
N GLU B 69 -17.24 -20.99 -9.57
CA GLU B 69 -17.02 -21.48 -8.22
C GLU B 69 -15.54 -21.86 -8.01
N GLU B 70 -14.83 -22.13 -9.12
CA GLU B 70 -13.40 -22.48 -9.06
C GLU B 70 -12.53 -21.22 -9.08
N MET B 71 -12.61 -20.45 -10.17
CA MET B 71 -11.87 -19.17 -10.24
C MET B 71 -12.18 -18.34 -8.99
N MET B 72 -13.35 -18.56 -8.39
CA MET B 72 -13.67 -17.79 -7.18
C MET B 72 -12.86 -18.28 -6.01
N THR B 73 -12.92 -19.57 -5.77
CA THR B 73 -12.22 -20.17 -4.66
C THR B 73 -10.72 -19.89 -4.75
N ALA B 74 -10.23 -19.82 -5.98
CA ALA B 74 -8.81 -19.64 -6.18
C ALA B 74 -8.41 -18.21 -6.18
N CYS B 75 -9.14 -17.47 -6.95
CA CYS B 75 -8.81 -16.08 -7.05
C CYS B 75 -9.24 -15.31 -5.85
N GLN B 76 -9.86 -15.96 -4.88
CA GLN B 76 -10.07 -15.25 -3.67
C GLN B 76 -8.66 -15.07 -3.02
N GLY B 77 -7.60 -15.80 -3.54
CA GLY B 77 -6.25 -15.61 -3.09
C GLY B 77 -5.86 -14.17 -3.43
N VAL B 78 -6.51 -13.56 -4.42
CA VAL B 78 -6.20 -12.17 -4.84
C VAL B 78 -6.32 -11.27 -3.67
N GLY B 79 -5.48 -10.13 -3.57
CA GLY B 79 -5.61 -9.45 -2.28
C GLY B 79 -4.37 -8.84 -1.69
N GLY B 80 -4.42 -7.71 -0.90
CA GLY B 80 -3.10 -7.27 -0.43
C GLY B 80 -2.57 -8.36 0.51
N PRO B 81 -3.01 -8.40 1.74
CA PRO B 81 -2.61 -9.48 2.65
C PRO B 81 -3.32 -10.77 2.26
N GLY B 82 -4.48 -10.63 1.63
CA GLY B 82 -5.25 -11.81 1.18
C GLY B 82 -4.39 -12.70 0.30
N HIS B 83 -3.54 -12.09 -0.52
CA HIS B 83 -2.66 -12.90 -1.37
C HIS B 83 -1.33 -13.10 -0.70
N LYS B 84 -0.81 -12.12 0.04
CA LYS B 84 0.50 -12.28 0.68
C LYS B 84 0.58 -13.56 1.47
N ALA B 85 -0.56 -14.06 1.89
CA ALA B 85 -0.59 -15.31 2.60
C ALA B 85 0.00 -16.44 1.71
N ARG B 86 -0.41 -16.46 0.41
CA ARG B 86 0.07 -17.47 -0.60
C ARG B 86 1.24 -17.06 -1.55
N VAL B 87 1.26 -15.81 -2.09
CA VAL B 87 2.29 -15.44 -3.13
C VAL B 87 3.66 -15.10 -2.62
N LEU B 88 3.75 -14.49 -1.48
CA LEU B 88 5.06 -14.11 -0.94
C LEU B 88 5.98 -15.32 -0.92
N ALA B 89 5.48 -16.39 -0.35
CA ALA B 89 6.24 -17.63 -0.30
C ALA B 89 6.52 -18.13 -1.72
N GLU B 90 5.56 -17.95 -2.63
CA GLU B 90 5.73 -18.43 -4.00
C GLU B 90 6.89 -17.72 -4.71
N ALA B 91 6.92 -16.39 -4.67
CA ALA B 91 8.01 -15.66 -5.29
C ALA B 91 9.31 -16.06 -4.60
N MET B 92 9.19 -16.24 -3.31
CA MET B 92 10.30 -16.67 -2.50
C MET B 92 10.78 -18.07 -2.97
N SER B 93 9.83 -18.91 -3.36
CA SER B 93 10.17 -20.22 -3.87
C SER B 93 10.52 -20.11 -5.37
N GLN B 94 10.24 -18.93 -6.00
CA GLN B 94 10.62 -18.74 -7.39
C GLN B 94 12.07 -18.29 -7.43
N VAL B 95 12.52 -17.61 -6.36
CA VAL B 95 13.91 -17.16 -6.34
C VAL B 95 14.86 -18.21 -5.74
N THR B 96 14.42 -18.94 -4.71
CA THR B 96 15.30 -19.89 -4.05
C THR B 96 15.22 -21.37 -4.52
N ASN B 97 14.05 -22.01 -4.40
CA ASN B 97 13.97 -23.45 -4.68
C ASN B 97 13.58 -23.94 -6.09
N THR B 98 12.42 -23.54 -6.62
CA THR B 98 11.98 -24.11 -7.90
C THR B 98 12.26 -23.29 -9.15
N ALA B 99 12.05 -21.99 -9.09
CA ALA B 99 12.26 -21.15 -10.26
C ALA B 99 13.60 -20.42 -10.19
N THR B 100 14.58 -21.02 -9.50
CA THR B 100 15.87 -20.36 -9.38
C THR B 100 16.50 -20.29 -10.76
N ILE B 101 16.64 -19.06 -11.24
CA ILE B 101 17.17 -18.80 -12.56
C ILE B 101 18.69 -18.83 -12.57
N MET B 102 19.27 -19.65 -13.45
CA MET B 102 20.73 -19.74 -13.54
C MET B 102 21.21 -19.20 -14.88
N GLY C 1 1.32 25.65 -22.88
CA GLY C 1 1.77 25.21 -21.53
C GLY C 1 0.55 25.02 -20.63
N GLY C 2 0.47 23.87 -19.96
CA GLY C 2 -0.67 23.59 -19.11
C GLY C 2 -1.93 23.36 -19.95
N SER C 3 -1.76 23.16 -21.28
CA SER C 3 -2.93 22.91 -22.10
C SER C 3 -3.55 21.64 -21.57
N PRO C 4 -4.84 21.47 -21.63
CA PRO C 4 -5.43 20.26 -21.02
C PRO C 4 -5.19 18.97 -21.77
N THR C 5 -4.54 18.07 -21.04
CA THR C 5 -4.28 16.70 -21.45
C THR C 5 -4.04 16.42 -22.94
N SER C 6 -3.07 17.04 -23.56
CA SER C 6 -2.84 16.68 -24.98
C SER C 6 -2.06 15.36 -25.14
N ILE C 7 -1.74 14.69 -24.01
CA ILE C 7 -0.94 13.49 -23.97
C ILE C 7 0.55 13.88 -24.01
N LEU C 8 0.81 14.97 -23.28
CA LEU C 8 2.16 15.46 -23.04
C LEU C 8 2.40 15.00 -21.65
N ASP C 9 1.40 15.32 -20.78
CA ASP C 9 1.47 14.80 -19.48
C ASP C 9 0.32 13.86 -19.20
N ILE C 10 -0.33 13.09 -20.17
CA ILE C 10 -1.41 12.29 -19.61
C ILE C 10 -0.70 11.13 -18.88
N ARG C 11 -1.00 10.85 -17.59
CA ARG C 11 -0.22 9.81 -16.87
C ARG C 11 -0.96 8.57 -16.46
N GLN C 12 -0.17 7.49 -16.41
CA GLN C 12 -0.66 6.21 -15.93
C GLN C 12 -0.28 6.15 -14.47
N GLY C 13 -1.25 5.83 -13.65
CA GLY C 13 -0.96 5.73 -12.23
C GLY C 13 0.08 4.64 -11.97
N PRO C 14 0.92 4.78 -10.94
CA PRO C 14 1.93 3.74 -10.63
C PRO C 14 1.26 2.42 -10.36
N LYS C 15 0.02 2.50 -9.84
CA LYS C 15 -0.76 1.30 -9.56
C LYS C 15 -1.95 1.19 -10.53
N GLU C 16 -2.38 2.33 -11.08
CA GLU C 16 -3.51 2.37 -12.00
C GLU C 16 -3.27 1.41 -13.18
N PRO C 17 -4.25 0.61 -13.59
CA PRO C 17 -4.02 -0.31 -14.72
C PRO C 17 -3.76 0.48 -15.99
N PHE C 18 -2.93 -0.13 -16.80
CA PHE C 18 -2.55 0.43 -18.08
C PHE C 18 -3.77 0.81 -18.87
N ARG C 19 -4.74 -0.07 -18.93
CA ARG C 19 -5.97 0.19 -19.69
C ARG C 19 -6.77 1.37 -19.16
N ASP C 20 -6.86 1.50 -17.83
CA ASP C 20 -7.63 2.61 -17.24
C ASP C 20 -7.08 3.90 -17.80
N TYR C 21 -5.77 3.91 -17.82
CA TYR C 21 -4.99 4.98 -18.31
C TYR C 21 -5.05 5.10 -19.85
N VAL C 22 -5.02 3.99 -20.57
CA VAL C 22 -5.09 4.05 -22.02
C VAL C 22 -6.40 4.74 -22.36
N ASP C 23 -7.43 4.48 -21.57
CA ASP C 23 -8.71 5.16 -21.79
C ASP C 23 -8.59 6.67 -21.52
N ARG C 24 -7.63 7.08 -20.68
CA ARG C 24 -7.45 8.50 -20.39
C ARG C 24 -6.75 9.14 -21.57
N PHE C 25 -5.59 8.55 -21.92
CA PHE C 25 -4.80 8.96 -23.08
C PHE C 25 -5.77 9.08 -24.28
N TYR C 26 -6.45 8.03 -24.59
CA TYR C 26 -7.41 8.11 -25.67
C TYR C 26 -8.56 9.15 -25.38
N LYS C 27 -9.17 9.12 -24.22
CA LYS C 27 -10.32 10.02 -23.97
C LYS C 27 -9.94 11.47 -24.24
N THR C 28 -8.81 11.87 -23.76
CA THR C 28 -8.36 13.24 -23.97
C THR C 28 -7.74 13.41 -25.38
N LEU C 29 -7.39 12.30 -26.06
CA LEU C 29 -6.86 12.41 -27.43
C LEU C 29 -7.84 13.15 -28.35
N ARG C 30 -9.15 12.90 -28.16
CA ARG C 30 -10.17 13.60 -28.93
C ARG C 30 -10.06 15.10 -28.64
N ALA C 31 -9.78 15.43 -27.40
CA ALA C 31 -9.62 16.85 -27.05
C ALA C 31 -8.38 17.39 -27.75
N GLU C 32 -7.41 16.53 -27.91
CA GLU C 32 -6.22 16.94 -28.61
C GLU C 32 -6.48 16.88 -30.09
N GLN C 33 -6.60 18.03 -30.71
CA GLN C 33 -6.81 18.05 -32.13
C GLN C 33 -5.48 17.64 -32.77
N ALA C 34 -5.30 16.33 -32.95
CA ALA C 34 -4.06 15.79 -33.51
C ALA C 34 -4.34 14.93 -34.74
N SER C 35 -3.27 14.68 -35.48
CA SER C 35 -3.32 13.87 -36.68
C SER C 35 -3.10 12.44 -36.24
N GLN C 36 -3.50 11.45 -37.02
CA GLN C 36 -3.36 10.08 -36.57
C GLN C 36 -1.91 9.79 -36.20
N GLU C 37 -0.98 10.27 -37.00
CA GLU C 37 0.44 10.07 -36.71
C GLU C 37 0.83 10.71 -35.39
N VAL C 38 0.35 11.92 -35.17
CA VAL C 38 0.66 12.64 -33.95
C VAL C 38 0.10 11.86 -32.76
N LYS C 39 -1.10 11.34 -32.94
CA LYS C 39 -1.71 10.52 -31.91
C LYS C 39 -0.85 9.22 -31.72
N ASN C 40 0.03 8.90 -32.73
CA ASN C 40 0.93 7.73 -32.66
C ASN C 40 2.18 7.98 -31.72
N TRP C 41 2.51 9.28 -31.37
CA TRP C 41 3.58 9.48 -30.33
C TRP C 41 2.79 9.15 -29.12
N MET C 42 1.61 9.83 -29.04
CA MET C 42 0.68 9.69 -27.94
C MET C 42 0.42 8.20 -27.65
N THR C 43 0.31 7.36 -28.69
CA THR C 43 0.10 5.91 -28.46
C THR C 43 1.39 5.13 -28.24
N GLU C 44 2.43 5.48 -28.95
CA GLU C 44 3.68 4.73 -28.84
C GLU C 44 4.61 5.33 -27.80
N THR C 45 5.12 6.51 -28.09
CA THR C 45 6.09 7.14 -27.21
C THR C 45 5.51 7.78 -25.91
N LEU C 46 4.40 8.58 -25.89
CA LEU C 46 3.93 9.04 -24.59
C LEU C 46 3.54 7.78 -23.89
N LEU C 47 2.75 6.95 -24.59
CA LEU C 47 2.20 5.77 -23.91
C LEU C 47 3.34 4.93 -23.32
N VAL C 48 4.61 5.11 -23.80
CA VAL C 48 5.79 4.41 -23.22
C VAL C 48 6.43 5.22 -22.05
N GLN C 49 6.75 6.50 -22.33
CA GLN C 49 7.47 7.41 -21.41
C GLN C 49 6.83 7.81 -20.07
N ASN C 50 5.61 8.39 -20.04
CA ASN C 50 5.01 8.79 -18.74
C ASN C 50 3.95 7.80 -18.22
N ALA C 51 3.70 6.77 -18.98
CA ALA C 51 2.72 5.81 -18.61
C ALA C 51 3.18 4.76 -17.63
N ASN C 52 3.63 5.08 -16.42
CA ASN C 52 3.97 3.97 -15.51
C ASN C 52 5.15 3.12 -16.05
N PRO C 53 6.38 3.27 -15.58
CA PRO C 53 7.54 2.47 -16.09
C PRO C 53 7.21 0.98 -16.22
N ASP C 54 6.18 0.49 -15.50
CA ASP C 54 5.80 -0.90 -15.62
C ASP C 54 5.57 -1.23 -17.09
N CYS C 55 4.92 -0.30 -17.76
CA CYS C 55 4.65 -0.47 -19.17
C CYS C 55 5.85 -0.08 -20.00
N LYS C 56 6.79 0.66 -19.44
CA LYS C 56 7.95 1.12 -20.20
C LYS C 56 9.00 0.00 -20.34
N THR C 57 9.20 -0.71 -19.28
CA THR C 57 10.11 -1.81 -19.27
C THR C 57 9.47 -2.94 -20.09
N ILE C 58 8.13 -3.11 -19.92
CA ILE C 58 7.33 -4.08 -20.70
C ILE C 58 7.28 -3.71 -22.17
N LEU C 59 6.99 -2.48 -22.44
CA LEU C 59 6.93 -2.04 -23.82
C LEU C 59 8.33 -2.29 -24.36
N LYS C 60 9.36 -1.66 -23.78
CA LYS C 60 10.77 -1.94 -24.20
C LYS C 60 11.06 -3.46 -24.23
N ALA C 61 10.24 -4.26 -23.49
CA ALA C 61 10.43 -5.72 -23.45
C ALA C 61 9.75 -6.43 -24.63
N LEU C 62 8.57 -5.97 -25.07
CA LEU C 62 7.92 -6.59 -26.22
C LEU C 62 8.62 -5.99 -27.44
N GLY C 63 8.60 -4.68 -27.37
CA GLY C 63 9.17 -3.76 -28.31
C GLY C 63 8.39 -2.47 -28.10
N PRO C 64 8.98 -1.30 -28.02
CA PRO C 64 8.20 -0.05 -27.72
C PRO C 64 7.14 0.27 -28.76
N GLY C 65 5.90 0.50 -28.30
CA GLY C 65 4.80 0.85 -29.20
C GLY C 65 4.17 -0.38 -29.84
N ALA C 66 4.36 -1.54 -29.22
CA ALA C 66 3.75 -2.79 -29.71
C ALA C 66 2.24 -2.57 -29.91
N THR C 67 1.56 -3.46 -30.60
CA THR C 67 0.15 -3.20 -30.88
C THR C 67 -0.68 -2.89 -29.63
N LEU C 68 -1.71 -2.11 -29.80
CA LEU C 68 -2.49 -1.74 -28.65
C LEU C 68 -3.02 -2.98 -27.94
N GLU C 69 -3.08 -4.11 -28.63
CA GLU C 69 -3.48 -5.36 -28.01
C GLU C 69 -2.24 -6.00 -27.36
N GLU C 70 -1.06 -5.80 -27.97
CA GLU C 70 0.23 -6.35 -27.49
C GLU C 70 0.83 -5.59 -26.27
N MET C 71 1.08 -4.26 -26.39
CA MET C 71 1.62 -3.47 -25.27
C MET C 71 0.68 -3.72 -24.12
N MET C 72 -0.62 -3.68 -24.43
CA MET C 72 -1.64 -3.89 -23.43
C MET C 72 -1.68 -5.33 -22.91
N THR C 73 -1.59 -6.31 -23.81
CA THR C 73 -1.67 -7.70 -23.39
C THR C 73 -0.67 -7.97 -22.28
N ALA C 74 0.51 -7.38 -22.46
CA ALA C 74 1.57 -7.55 -21.49
C ALA C 74 1.50 -6.48 -20.43
N CYS C 75 0.89 -5.33 -20.76
CA CYS C 75 0.77 -4.29 -19.78
C CYS C 75 -0.40 -4.49 -18.86
N GLN C 76 -1.21 -5.51 -19.12
CA GLN C 76 -2.20 -5.82 -18.14
C GLN C 76 -1.47 -6.45 -16.91
N GLY C 77 -0.11 -6.69 -17.03
CA GLY C 77 0.71 -7.10 -15.92
C GLY C 77 1.21 -5.81 -15.19
N VAL C 78 0.52 -4.66 -15.40
CA VAL C 78 0.98 -3.31 -14.81
C VAL C 78 0.30 -3.06 -13.51
N GLY C 79 0.80 -2.14 -12.58
CA GLY C 79 0.10 -2.08 -11.31
C GLY C 79 1.01 -2.59 -10.24
N GLY C 80 0.84 -2.28 -8.93
CA GLY C 80 1.84 -2.90 -8.10
C GLY C 80 1.55 -4.38 -8.09
N PRO C 81 0.52 -4.80 -7.41
CA PRO C 81 0.01 -6.19 -7.42
C PRO C 81 0.07 -6.84 -8.72
N GLY C 82 -0.09 -6.09 -9.73
CA GLY C 82 -0.05 -6.69 -10.99
C GLY C 82 1.35 -7.11 -11.44
N HIS C 83 2.21 -6.13 -11.63
CA HIS C 83 3.56 -6.38 -12.14
C HIS C 83 4.37 -7.15 -11.14
N LYS C 84 4.13 -6.85 -9.88
CA LYS C 84 4.81 -7.48 -8.77
C LYS C 84 4.95 -8.96 -8.94
N ALA C 85 3.84 -9.57 -9.31
CA ALA C 85 3.81 -11.01 -9.45
C ALA C 85 4.97 -11.44 -10.35
N ARG C 86 5.21 -10.66 -11.37
CA ARG C 86 6.30 -10.94 -12.29
C ARG C 86 7.62 -10.27 -11.83
N VAL C 87 7.68 -8.93 -11.83
CA VAL C 87 8.94 -8.24 -11.48
C VAL C 87 9.50 -8.61 -10.12
N LEU C 88 8.68 -8.89 -9.11
CA LEU C 88 9.29 -9.26 -7.81
C LEU C 88 10.22 -10.49 -7.98
N ALA C 89 9.73 -11.55 -8.60
CA ALA C 89 10.55 -12.73 -8.77
C ALA C 89 11.77 -12.48 -9.66
N GLU C 90 11.57 -11.78 -10.78
CA GLU C 90 12.67 -11.53 -11.72
C GLU C 90 13.83 -10.72 -11.16
N ALA C 91 13.56 -9.47 -10.78
CA ALA C 91 14.62 -8.58 -10.29
C ALA C 91 15.45 -9.26 -9.21
N MET C 92 14.80 -10.12 -8.49
CA MET C 92 15.46 -10.83 -7.42
C MET C 92 16.58 -11.67 -7.99
N SER C 93 16.35 -12.28 -9.13
CA SER C 93 17.38 -13.09 -9.74
C SER C 93 18.39 -12.22 -10.48
N GLN C 94 18.11 -10.93 -10.64
CA GLN C 94 19.08 -10.07 -11.31
C GLN C 94 20.24 -9.83 -10.35
N VAL C 95 19.87 -9.39 -9.15
CA VAL C 95 20.87 -9.14 -8.13
C VAL C 95 21.66 -10.41 -7.84
N THR C 96 21.00 -11.55 -7.93
CA THR C 96 21.67 -12.81 -7.62
C THR C 96 22.31 -13.56 -8.79
N ASN C 97 21.50 -13.99 -9.77
CA ASN C 97 22.02 -14.85 -10.84
C ASN C 97 22.50 -14.24 -12.18
N THR C 98 21.64 -13.52 -12.91
CA THR C 98 22.04 -13.04 -14.25
C THR C 98 22.53 -11.60 -14.34
N ALA C 99 21.87 -10.70 -13.67
CA ALA C 99 22.25 -9.29 -13.73
C ALA C 99 23.06 -8.90 -12.51
N THR C 100 23.76 -9.86 -11.92
CA THR C 100 24.53 -9.58 -10.73
C THR C 100 25.65 -8.60 -11.08
N ILE C 101 25.52 -7.41 -10.50
CA ILE C 101 26.46 -6.33 -10.77
C ILE C 101 27.70 -6.46 -9.90
N MET C 102 28.86 -6.46 -10.55
CA MET C 102 30.13 -6.57 -9.84
C MET C 102 30.94 -5.29 -9.95
N GLY D 1 6.64 33.24 5.32
CA GLY D 1 7.16 31.85 5.28
C GLY D 1 6.02 30.88 5.59
N GLY D 2 5.94 29.78 4.85
CA GLY D 2 4.88 28.81 5.07
C GLY D 2 3.55 29.36 4.60
N SER D 3 3.58 30.38 3.75
CA SER D 3 2.34 30.92 3.21
C SER D 3 1.68 29.76 2.52
N PRO D 4 0.39 29.76 2.36
CA PRO D 4 -0.30 28.61 1.74
C PRO D 4 0.36 28.20 0.43
N THR D 5 0.80 26.96 0.40
CA THR D 5 1.46 26.42 -0.78
C THR D 5 2.50 27.39 -1.35
N SER D 6 3.64 27.40 -0.70
CA SER D 6 4.78 28.23 -1.08
C SER D 6 5.89 27.47 -1.80
N ILE D 7 5.72 26.13 -2.04
CA ILE D 7 6.85 25.25 -2.52
C ILE D 7 7.63 24.73 -1.32
N LEU D 8 7.78 25.54 -0.30
CA LEU D 8 8.44 25.12 0.87
C LEU D 8 7.68 23.95 1.41
N ASP D 9 6.29 23.97 1.38
CA ASP D 9 5.66 22.76 1.75
C ASP D 9 5.09 22.02 0.55
N ILE D 10 5.58 22.17 -0.78
CA ILE D 10 4.82 21.36 -1.74
C ILE D 10 5.28 19.93 -1.50
N ARG D 11 4.48 18.90 -1.80
CA ARG D 11 4.94 17.55 -1.48
C ARG D 11 4.61 16.50 -2.52
N GLN D 12 5.63 15.68 -2.80
CA GLN D 12 5.45 14.56 -3.70
C GLN D 12 5.03 13.41 -2.88
N GLY D 13 3.89 12.86 -3.21
CA GLY D 13 3.41 11.76 -2.44
C GLY D 13 4.46 10.67 -2.46
N PRO D 14 4.56 9.86 -1.45
CA PRO D 14 5.59 8.81 -1.46
C PRO D 14 5.41 7.93 -2.72
N LYS D 15 4.18 7.91 -3.27
CA LYS D 15 3.88 7.15 -4.48
C LYS D 15 3.44 8.07 -5.64
N GLU D 16 3.18 9.34 -5.35
CA GLU D 16 2.70 10.28 -6.37
C GLU D 16 3.65 10.34 -7.60
N PRO D 17 3.19 10.23 -8.81
CA PRO D 17 4.13 10.36 -9.94
C PRO D 17 4.84 11.69 -9.92
N PHE D 18 6.08 11.69 -10.43
CA PHE D 18 6.88 12.90 -10.48
C PHE D 18 6.15 13.96 -11.23
N ARG D 19 5.60 13.66 -12.38
CA ARG D 19 4.83 14.67 -13.11
C ARG D 19 3.62 15.16 -12.29
N ASP D 20 2.88 14.24 -11.64
CA ASP D 20 1.69 14.62 -10.85
C ASP D 20 2.06 15.50 -9.68
N TYR D 21 3.16 15.21 -9.03
CA TYR D 21 3.58 16.04 -7.93
C TYR D 21 4.09 17.35 -8.48
N VAL D 22 4.89 17.21 -9.47
CA VAL D 22 5.43 18.33 -10.17
C VAL D 22 4.28 19.20 -10.70
N ASP D 23 3.09 18.62 -10.86
CA ASP D 23 1.97 19.44 -11.33
C ASP D 23 1.55 20.39 -10.21
N ARG D 24 1.65 19.88 -8.98
CA ARG D 24 1.31 20.65 -7.76
C ARG D 24 2.33 21.74 -7.45
N PHE D 25 3.61 21.40 -7.67
CA PHE D 25 4.69 22.35 -7.42
C PHE D 25 4.59 23.43 -8.44
N TYR D 26 4.46 23.08 -9.69
CA TYR D 26 4.31 24.11 -10.72
C TYR D 26 3.06 24.95 -10.46
N LYS D 27 1.96 24.27 -10.13
CA LYS D 27 0.71 24.96 -9.90
C LYS D 27 0.83 25.93 -8.75
N THR D 28 1.51 25.52 -7.67
CA THR D 28 1.64 26.45 -6.57
C THR D 28 2.74 27.45 -6.87
N LEU D 29 3.66 27.13 -7.75
CA LEU D 29 4.67 28.12 -8.09
C LEU D 29 3.96 29.29 -8.70
N ARG D 30 2.93 28.99 -9.46
CA ARG D 30 2.16 30.04 -10.06
C ARG D 30 1.64 30.91 -8.93
N ALA D 31 1.28 30.26 -7.81
CA ALA D 31 0.72 30.97 -6.66
C ALA D 31 1.75 31.81 -5.92
N GLU D 32 2.99 31.31 -5.84
CA GLU D 32 4.08 32.08 -5.20
C GLU D 32 4.68 33.10 -6.22
N GLN D 33 5.00 34.30 -5.75
CA GLN D 33 5.53 35.35 -6.62
C GLN D 33 7.06 35.35 -6.66
N ALA D 34 7.60 34.71 -7.69
CA ALA D 34 9.05 34.66 -7.86
C ALA D 34 9.42 34.97 -9.31
N SER D 35 10.60 35.53 -9.52
CA SER D 35 11.06 35.78 -10.88
C SER D 35 11.19 34.41 -11.52
N GLN D 36 11.40 34.33 -12.82
CA GLN D 36 11.48 33.01 -13.41
C GLN D 36 12.68 32.24 -12.85
N GLU D 37 13.80 32.92 -12.73
CA GLU D 37 14.98 32.30 -12.19
C GLU D 37 14.74 31.95 -10.74
N VAL D 38 14.10 32.86 -9.98
CA VAL D 38 13.81 32.60 -8.57
C VAL D 38 12.89 31.37 -8.42
N LYS D 39 11.92 31.25 -9.32
CA LYS D 39 11.10 30.06 -9.27
C LYS D 39 11.99 28.87 -9.59
N ASN D 40 13.03 29.10 -10.39
CA ASN D 40 13.94 28.02 -10.73
C ASN D 40 14.72 27.59 -9.49
N TRP D 41 14.90 28.51 -8.50
CA TRP D 41 15.56 28.08 -7.26
C TRP D 41 14.57 27.14 -6.62
N MET D 42 13.25 27.46 -6.78
CA MET D 42 12.24 26.68 -6.14
C MET D 42 12.18 25.37 -6.77
N THR D 43 12.42 25.33 -8.05
CA THR D 43 12.35 24.06 -8.68
C THR D 43 13.60 23.27 -8.34
N GLU D 44 14.75 23.76 -8.84
CA GLU D 44 16.01 23.07 -8.69
C GLU D 44 16.23 22.50 -7.33
N THR D 45 16.27 23.37 -6.35
CA THR D 45 16.52 22.93 -5.00
C THR D 45 15.27 22.38 -4.29
N LEU D 46 14.08 22.94 -4.47
CA LEU D 46 13.03 22.28 -3.74
C LEU D 46 12.80 20.92 -4.35
N LEU D 47 12.33 20.93 -5.64
CA LEU D 47 11.89 19.70 -6.35
C LEU D 47 12.76 18.50 -5.97
N VAL D 48 14.03 18.72 -5.74
CA VAL D 48 14.91 17.65 -5.31
C VAL D 48 14.70 17.30 -3.82
N GLN D 49 14.91 18.27 -2.95
CA GLN D 49 14.82 18.05 -1.50
C GLN D 49 13.45 17.60 -0.92
N ASN D 50 12.37 18.23 -1.33
CA ASN D 50 11.04 17.96 -0.72
C ASN D 50 10.16 16.94 -1.42
N ALA D 51 10.61 16.43 -2.55
CA ALA D 51 9.71 15.60 -3.35
C ALA D 51 9.95 14.10 -3.36
N ASN D 52 9.56 13.32 -2.32
CA ASN D 52 9.68 11.87 -2.49
C ASN D 52 11.16 11.34 -2.68
N PRO D 53 11.77 10.62 -1.75
CA PRO D 53 13.21 10.17 -1.84
C PRO D 53 13.55 9.45 -3.15
N ASP D 54 12.52 9.05 -3.91
CA ASP D 54 12.74 8.42 -5.20
C ASP D 54 13.36 9.42 -6.18
N CYS D 55 12.91 10.67 -6.13
CA CYS D 55 13.46 11.66 -7.01
C CYS D 55 14.66 12.31 -6.34
N LYS D 56 14.75 12.23 -5.00
CA LYS D 56 15.85 12.87 -4.27
C LYS D 56 17.14 12.06 -4.44
N THR D 57 16.98 10.75 -4.53
CA THR D 57 18.10 9.86 -4.71
C THR D 57 18.57 9.93 -6.19
N ILE D 58 17.56 10.04 -7.09
CA ILE D 58 17.82 10.19 -8.54
C ILE D 58 18.45 11.53 -8.84
N LEU D 59 17.85 12.55 -8.30
CA LEU D 59 18.32 13.88 -8.57
C LEU D 59 19.74 14.02 -8.06
N LYS D 60 20.20 13.10 -7.19
CA LYS D 60 21.58 13.13 -6.74
C LYS D 60 22.47 12.48 -7.83
N ALA D 61 21.88 11.59 -8.64
CA ALA D 61 22.62 10.93 -9.72
C ALA D 61 22.60 11.79 -11.00
N LEU D 62 21.41 12.07 -11.48
CA LEU D 62 21.25 12.95 -12.63
C LEU D 62 21.93 14.30 -12.33
N GLY D 63 22.11 14.62 -11.01
CA GLY D 63 22.69 15.89 -10.58
C GLY D 63 21.53 16.85 -10.30
N PRO D 64 21.65 17.76 -9.36
CA PRO D 64 20.54 18.71 -9.08
C PRO D 64 20.34 19.71 -10.21
N GLY D 65 19.28 19.52 -10.99
CA GLY D 65 19.01 20.41 -12.11
C GLY D 65 19.21 19.75 -13.47
N ALA D 66 19.16 18.43 -13.50
CA ALA D 66 19.22 17.76 -14.78
C ALA D 66 17.98 18.26 -15.49
N THR D 67 18.04 18.58 -16.79
CA THR D 67 16.87 19.21 -17.45
C THR D 67 15.61 18.48 -17.14
N LEU D 68 14.57 19.23 -16.93
CA LEU D 68 13.31 18.66 -16.55
C LEU D 68 12.92 17.52 -17.49
N GLU D 69 13.40 17.53 -18.75
CA GLU D 69 13.09 16.43 -19.69
C GLU D 69 13.93 15.20 -19.34
N GLU D 70 15.12 15.42 -18.81
CA GLU D 70 15.92 14.29 -18.39
C GLU D 70 15.32 13.75 -17.07
N MET D 71 15.22 14.65 -16.06
CA MET D 71 14.65 14.32 -14.74
C MET D 71 13.24 13.80 -14.90
N MET D 72 12.48 14.27 -15.86
CA MET D 72 11.10 13.76 -15.99
C MET D 72 11.12 12.31 -16.37
N THR D 73 11.88 11.99 -17.40
CA THR D 73 11.92 10.64 -17.87
C THR D 73 12.27 9.69 -16.74
N ALA D 74 13.33 10.02 -16.02
CA ALA D 74 13.82 9.21 -14.92
C ALA D 74 12.91 9.27 -13.71
N CYS D 75 12.40 10.42 -13.46
CA CYS D 75 11.55 10.55 -12.34
C CYS D 75 10.21 9.91 -12.62
N GLN D 76 9.92 9.54 -13.90
CA GLN D 76 8.72 8.77 -14.15
C GLN D 76 8.88 7.42 -13.43
N GLY D 77 10.13 7.05 -13.00
CA GLY D 77 10.36 5.84 -12.23
C GLY D 77 9.71 5.90 -10.85
N VAL D 78 9.42 7.11 -10.37
CA VAL D 78 8.85 7.35 -9.00
C VAL D 78 7.47 6.78 -8.91
N GLY D 79 6.97 6.31 -7.69
CA GLY D 79 5.72 5.56 -7.81
C GLY D 79 5.50 4.41 -6.84
N GLY D 80 4.27 3.86 -6.60
CA GLY D 80 4.31 2.84 -5.55
C GLY D 80 5.19 1.61 -5.96
N PRO D 81 4.90 0.99 -7.03
CA PRO D 81 5.71 -0.13 -7.54
C PRO D 81 6.83 0.24 -8.50
N GLY D 82 6.51 1.12 -9.47
CA GLY D 82 7.46 1.46 -10.53
C GLY D 82 8.83 1.75 -9.98
N HIS D 83 8.89 2.53 -8.92
CA HIS D 83 10.20 2.84 -8.37
C HIS D 83 10.80 1.60 -7.78
N LYS D 84 9.97 0.85 -7.12
CA LYS D 84 10.40 -0.33 -6.43
C LYS D 84 11.07 -1.30 -7.36
N ALA D 85 10.59 -1.36 -8.56
CA ALA D 85 11.19 -2.24 -9.52
C ALA D 85 12.67 -1.84 -9.65
N ARG D 86 12.94 -0.54 -9.48
CA ARG D 86 14.31 -0.01 -9.58
C ARG D 86 15.09 -0.12 -8.27
N VAL D 87 14.60 0.52 -7.22
CA VAL D 87 15.33 0.48 -5.96
C VAL D 87 15.38 -0.90 -5.35
N LEU D 88 14.45 -1.78 -5.66
CA LEU D 88 14.52 -3.10 -5.07
C LEU D 88 15.84 -3.73 -5.50
N ALA D 89 16.11 -3.68 -6.80
CA ALA D 89 17.34 -4.23 -7.38
C ALA D 89 18.59 -3.51 -6.91
N GLU D 90 18.58 -2.17 -6.95
CA GLU D 90 19.73 -1.38 -6.53
C GLU D 90 20.05 -1.61 -5.06
N ALA D 91 19.05 -1.53 -4.23
CA ALA D 91 19.23 -1.73 -2.79
C ALA D 91 19.60 -3.16 -2.45
N MET D 92 18.90 -4.11 -3.08
CA MET D 92 19.13 -5.52 -2.81
C MET D 92 20.54 -5.88 -3.19
N SER D 93 20.98 -5.28 -4.31
CA SER D 93 22.33 -5.50 -4.83
C SER D 93 23.35 -4.58 -4.15
N GLN D 94 22.89 -3.65 -3.30
CA GLN D 94 23.79 -2.75 -2.62
C GLN D 94 24.41 -3.43 -1.42
N VAL D 95 23.56 -3.77 -0.47
CA VAL D 95 24.02 -4.43 0.73
C VAL D 95 24.80 -5.68 0.36
N THR D 96 24.41 -6.33 -0.73
CA THR D 96 25.08 -7.57 -1.13
C THR D 96 26.28 -7.43 -2.08
N ASN D 97 26.09 -6.86 -3.28
CA ASN D 97 27.19 -6.83 -4.27
C ASN D 97 28.12 -5.60 -4.28
N THR D 98 27.57 -4.40 -4.50
CA THR D 98 28.44 -3.22 -4.64
C THR D 98 28.59 -2.38 -3.38
N ALA D 99 27.51 -2.17 -2.67
CA ALA D 99 27.56 -1.34 -1.48
C ALA D 99 27.73 -2.18 -0.23
N THR D 100 28.37 -3.34 -0.36
CA THR D 100 28.56 -4.16 0.80
C THR D 100 29.48 -3.42 1.76
N ILE D 101 28.90 -3.02 2.88
CA ILE D 101 29.60 -2.22 3.87
C ILE D 101 30.24 -3.12 4.92
N MET D 102 31.49 -2.83 5.27
CA MET D 102 32.22 -3.62 6.26
C MET D 102 32.73 -2.73 7.38
N GLY E 1 -8.64 20.94 30.46
CA GLY E 1 -7.19 20.65 30.64
C GLY E 1 -6.74 19.62 29.61
N GLY E 2 -5.74 19.96 28.80
CA GLY E 2 -5.29 19.05 27.79
C GLY E 2 -6.39 18.91 26.76
N SER E 3 -7.04 20.04 26.50
CA SER E 3 -8.13 20.11 25.55
C SER E 3 -7.73 19.41 24.27
N PRO E 4 -8.67 19.04 23.45
CA PRO E 4 -8.37 18.33 22.19
C PRO E 4 -7.28 19.04 21.40
N THR E 5 -6.25 18.29 21.04
CA THR E 5 -5.10 18.81 20.27
C THR E 5 -4.44 20.08 20.83
N SER E 6 -4.02 20.02 22.06
CA SER E 6 -3.30 21.16 22.66
C SER E 6 -1.78 21.01 22.59
N ILE E 7 -1.28 20.00 21.85
CA ILE E 7 0.16 19.66 21.84
C ILE E 7 0.40 18.82 23.09
N LEU E 8 -0.46 17.81 23.13
CA LEU E 8 -0.42 16.78 24.16
C LEU E 8 0.08 15.58 23.50
N ASP E 9 -0.67 15.30 22.42
CA ASP E 9 -0.32 14.24 21.63
C ASP E 9 -0.43 14.54 20.16
N ILE E 10 -0.09 15.73 19.60
CA ILE E 10 -0.52 15.84 18.21
C ILE E 10 0.14 14.77 17.31
N ARG E 11 -0.67 13.80 16.91
CA ARG E 11 -0.15 12.63 16.22
C ARG E 11 0.04 12.75 14.73
N GLN E 12 1.09 12.09 14.24
CA GLN E 12 1.34 12.07 12.78
C GLN E 12 0.93 10.77 12.16
N GLY E 13 0.26 10.85 11.04
CA GLY E 13 -0.15 9.66 10.38
C GLY E 13 1.07 8.89 9.85
N PRO E 14 1.10 7.57 9.88
CA PRO E 14 2.28 6.79 9.33
C PRO E 14 2.54 7.14 7.87
N LYS E 15 1.45 7.20 7.10
CA LYS E 15 1.54 7.57 5.69
C LYS E 15 1.39 9.10 5.51
N GLU E 16 1.02 9.81 6.59
CA GLU E 16 0.87 11.25 6.53
C GLU E 16 2.28 11.89 6.45
N PRO E 17 2.56 12.80 5.53
CA PRO E 17 3.90 13.44 5.44
C PRO E 17 4.25 14.21 6.69
N PHE E 18 5.56 14.36 6.91
CA PHE E 18 6.04 15.10 8.08
C PHE E 18 5.44 16.48 8.12
N ARG E 19 5.77 17.23 7.09
CA ARG E 19 5.30 18.58 6.94
C ARG E 19 3.79 18.70 7.07
N ASP E 20 3.03 17.69 6.54
CA ASP E 20 1.53 17.74 6.59
C ASP E 20 1.03 17.81 8.05
N TYR E 21 1.54 16.92 8.87
CA TYR E 21 1.21 16.88 10.30
C TYR E 21 1.85 18.05 11.07
N VAL E 22 2.93 18.57 10.55
CA VAL E 22 3.61 19.71 11.19
C VAL E 22 2.71 20.97 10.99
N ASP E 23 2.11 21.04 9.81
CA ASP E 23 1.21 22.14 9.50
C ASP E 23 0.01 22.05 10.47
N ARG E 24 -0.41 20.80 10.76
CA ARG E 24 -1.52 20.55 11.67
C ARG E 24 -1.21 20.99 13.10
N PHE E 25 -0.06 20.58 13.64
CA PHE E 25 0.21 20.93 15.04
C PHE E 25 0.44 22.41 15.15
N TYR E 26 1.04 23.03 14.13
CA TYR E 26 1.23 24.47 14.16
C TYR E 26 -0.12 25.13 14.26
N LYS E 27 -1.04 24.57 13.46
CA LYS E 27 -2.41 25.03 13.42
C LYS E 27 -3.11 24.72 14.74
N THR E 28 -2.74 23.62 15.40
CA THR E 28 -3.43 23.28 16.64
C THR E 28 -2.78 23.98 17.84
N LEU E 29 -1.54 24.46 17.68
CA LEU E 29 -0.94 25.24 18.72
C LEU E 29 -1.70 26.59 18.69
N ARG E 30 -2.17 27.00 17.49
CA ARG E 30 -2.98 28.21 17.36
C ARG E 30 -4.24 27.98 18.17
N ALA E 31 -4.72 26.72 18.14
CA ALA E 31 -5.89 26.32 18.94
C ALA E 31 -5.56 26.27 20.45
N GLU E 32 -4.26 26.33 20.80
CA GLU E 32 -3.79 26.33 22.19
C GLU E 32 -3.27 27.74 22.56
N GLN E 33 -3.92 28.42 23.51
CA GLN E 33 -3.48 29.78 23.92
C GLN E 33 -2.27 29.70 24.87
N ALA E 34 -1.07 29.76 24.29
CA ALA E 34 0.18 29.66 25.06
C ALA E 34 1.23 30.69 24.65
N SER E 35 2.30 30.69 25.44
CA SER E 35 3.44 31.57 25.21
C SER E 35 4.11 31.19 23.88
N GLN E 36 4.75 32.17 23.25
CA GLN E 36 5.43 31.92 21.98
C GLN E 36 6.60 30.95 22.20
N GLU E 37 7.33 31.12 23.31
CA GLU E 37 8.43 30.22 23.64
C GLU E 37 7.87 28.87 24.01
N VAL E 38 6.75 28.86 24.75
CA VAL E 38 6.14 27.59 25.10
C VAL E 38 5.85 26.87 23.79
N LYS E 39 5.37 27.61 22.81
CA LYS E 39 5.16 26.96 21.53
C LYS E 39 6.52 26.57 20.91
N ASN E 40 7.55 27.38 21.15
CA ASN E 40 8.86 27.13 20.55
C ASN E 40 9.50 25.78 20.95
N TRP E 41 9.59 25.42 22.24
CA TRP E 41 10.17 24.11 22.60
C TRP E 41 9.17 22.95 22.21
N MET E 42 7.84 23.31 22.12
CA MET E 42 6.73 22.37 21.74
C MET E 42 6.86 21.82 20.28
N THR E 43 7.28 22.70 19.37
CA THR E 43 7.44 22.36 17.93
C THR E 43 8.68 21.50 17.65
N GLU E 44 9.69 21.63 18.49
CA GLU E 44 10.94 20.86 18.32
C GLU E 44 10.83 19.49 19.02
N THR E 45 10.34 19.52 20.27
CA THR E 45 10.23 18.29 21.07
C THR E 45 8.90 17.53 20.93
N LEU E 46 7.77 18.17 21.29
CA LEU E 46 6.48 17.48 21.30
C LEU E 46 6.13 17.04 19.88
N LEU E 47 6.64 17.77 18.88
CA LEU E 47 6.42 17.40 17.48
C LEU E 47 7.11 16.04 17.23
N VAL E 48 8.35 15.91 17.69
CA VAL E 48 9.12 14.68 17.51
C VAL E 48 8.49 13.49 18.26
N GLN E 49 8.08 13.70 19.47
CA GLN E 49 7.59 12.58 20.29
C GLN E 49 6.43 11.75 19.69
N ASN E 50 5.42 12.40 19.16
CA ASN E 50 4.23 11.69 18.68
C ASN E 50 4.11 11.60 17.12
N ALA E 51 5.17 11.99 16.38
CA ALA E 51 5.02 12.12 14.92
C ALA E 51 5.73 11.18 13.95
N ASN E 52 5.08 10.07 13.54
CA ASN E 52 5.65 9.25 12.45
C ASN E 52 7.00 8.66 12.83
N PRO E 53 7.16 7.41 13.20
CA PRO E 53 8.52 6.84 13.60
C PRO E 53 9.62 7.25 12.66
N ASP E 54 9.26 7.60 11.41
CA ASP E 54 10.25 8.05 10.44
C ASP E 54 10.88 9.36 10.98
N CYS E 55 10.07 10.27 11.54
CA CYS E 55 10.61 11.51 12.09
C CYS E 55 11.28 11.12 13.41
N LYS E 56 10.74 10.09 14.09
CA LYS E 56 11.29 9.68 15.37
C LYS E 56 12.72 9.25 15.22
N THR E 57 12.96 8.59 14.11
CA THR E 57 14.27 8.10 13.78
C THR E 57 15.08 9.19 13.03
N ILE E 58 14.40 10.04 12.24
CA ILE E 58 15.09 11.11 11.48
C ILE E 58 15.35 12.36 12.28
N LEU E 59 14.31 13.00 12.81
CA LEU E 59 14.51 14.23 13.58
C LEU E 59 15.53 13.95 14.65
N LYS E 60 15.53 12.72 15.16
CA LYS E 60 16.48 12.34 16.17
C LYS E 60 17.88 12.25 15.54
N ALA E 61 17.91 11.69 14.33
CA ALA E 61 19.14 11.53 13.54
C ALA E 61 19.77 12.88 13.14
N LEU E 62 18.96 13.85 12.75
CA LEU E 62 19.48 15.15 12.42
C LEU E 62 20.05 15.71 13.67
N GLY E 63 19.34 15.44 14.79
CA GLY E 63 19.70 15.94 16.10
C GLY E 63 18.91 17.24 16.30
N PRO E 64 18.34 17.51 17.45
CA PRO E 64 17.56 18.77 17.66
C PRO E 64 18.37 20.01 17.21
N GLY E 65 17.72 21.16 17.17
CA GLY E 65 18.40 22.37 16.72
C GLY E 65 18.31 22.55 15.20
N ALA E 66 17.84 21.51 14.50
CA ALA E 66 17.69 21.60 13.06
C ALA E 66 16.57 22.59 12.79
N THR E 67 16.76 23.47 11.82
CA THR E 67 15.71 24.41 11.52
C THR E 67 14.45 23.66 11.16
N LEU E 68 13.34 24.36 11.01
CA LEU E 68 12.12 23.67 10.68
C LEU E 68 12.24 23.21 9.26
N GLU E 69 12.85 24.06 8.43
CA GLU E 69 13.13 23.69 7.08
C GLU E 69 14.03 22.48 7.12
N GLU E 70 14.90 22.40 8.16
CA GLU E 70 15.78 21.26 8.25
C GLU E 70 15.04 19.98 8.65
N MET E 71 14.14 20.04 9.64
CA MET E 71 13.41 18.84 10.06
C MET E 71 12.61 18.38 8.88
N MET E 72 12.05 19.35 8.20
CA MET E 72 11.28 19.10 7.02
C MET E 72 12.14 18.42 5.96
N THR E 73 13.32 18.99 5.73
CA THR E 73 14.23 18.49 4.70
C THR E 73 14.61 17.04 4.92
N ALA E 74 14.88 16.64 6.15
CA ALA E 74 15.27 15.25 6.36
C ALA E 74 14.09 14.34 6.51
N CYS E 75 13.05 14.89 7.12
CA CYS E 75 11.83 14.17 7.38
C CYS E 75 10.81 14.30 6.23
N GLN E 76 11.28 14.76 5.05
CA GLN E 76 10.38 14.85 3.86
C GLN E 76 10.26 13.49 3.20
N GLY E 77 11.23 12.62 3.43
CA GLY E 77 11.20 11.32 2.79
C GLY E 77 10.21 10.32 3.45
N VAL E 78 9.59 10.73 4.58
CA VAL E 78 8.64 9.88 5.37
C VAL E 78 7.62 9.34 4.42
N GLY E 79 6.96 8.11 4.62
CA GLY E 79 6.09 7.68 3.48
C GLY E 79 6.23 6.25 3.04
N GLY E 80 5.24 5.60 2.43
CA GLY E 80 5.54 4.20 2.21
C GLY E 80 6.60 4.06 1.15
N PRO E 81 6.26 4.06 -0.11
CA PRO E 81 7.27 4.02 -1.18
C PRO E 81 8.27 5.19 -1.14
N GLY E 82 7.99 6.18 -0.33
CA GLY E 82 8.89 7.31 -0.25
C GLY E 82 10.07 7.03 0.70
N HIS E 83 9.75 6.76 1.96
CA HIS E 83 10.76 6.50 2.97
C HIS E 83 11.34 5.09 2.79
N LYS E 84 10.43 4.15 2.49
CA LYS E 84 10.80 2.74 2.31
C LYS E 84 11.82 2.58 1.20
N ALA E 85 11.68 3.39 0.15
CA ALA E 85 12.60 3.31 -0.96
C ALA E 85 14.01 3.59 -0.48
N ARG E 86 14.16 4.49 0.47
CA ARG E 86 15.51 4.82 0.99
C ARG E 86 16.01 3.83 2.04
N VAL E 87 15.14 3.54 3.02
CA VAL E 87 15.50 2.66 4.13
C VAL E 87 15.55 1.21 3.68
N LEU E 88 14.96 0.89 2.55
CA LEU E 88 14.97 -0.51 2.14
C LEU E 88 16.42 -0.97 2.05
N ALA E 89 17.24 -0.13 1.47
CA ALA E 89 18.65 -0.44 1.37
C ALA E 89 19.28 -0.47 2.76
N GLU E 90 18.82 0.47 3.59
CA GLU E 90 19.34 0.67 4.95
C GLU E 90 19.10 -0.53 5.90
N ALA E 91 17.83 -0.84 6.19
CA ALA E 91 17.47 -1.91 7.15
C ALA E 91 18.02 -3.22 6.69
N MET E 92 17.97 -3.42 5.39
CA MET E 92 18.49 -4.63 4.83
C MET E 92 19.96 -4.76 5.18
N SER E 93 20.62 -3.62 5.38
CA SER E 93 22.02 -3.66 5.76
C SER E 93 22.17 -3.42 7.27
N GLN E 94 21.10 -2.99 7.95
CA GLN E 94 21.23 -2.83 9.37
C GLN E 94 21.53 -4.19 9.92
N VAL E 95 20.87 -5.21 9.37
CA VAL E 95 21.07 -6.56 9.85
C VAL E 95 22.35 -7.18 9.30
N THR E 96 22.75 -6.76 8.11
CA THR E 96 23.92 -7.35 7.48
C THR E 96 25.27 -6.68 7.82
N ASN E 97 25.43 -5.38 7.52
CA ASN E 97 26.75 -4.76 7.71
C ASN E 97 27.07 -4.05 9.03
N THR E 98 26.32 -3.01 9.41
CA THR E 98 26.68 -2.22 10.59
C THR E 98 25.93 -2.56 11.88
N ALA E 99 24.63 -2.76 11.78
CA ALA E 99 23.83 -3.04 12.96
C ALA E 99 23.69 -4.54 13.19
N THR E 100 24.67 -5.31 12.72
CA THR E 100 24.55 -6.75 12.85
C THR E 100 24.57 -7.10 14.33
N ILE E 101 23.42 -7.60 14.77
CA ILE E 101 23.22 -7.93 16.16
C ILE E 101 23.69 -9.36 16.44
N MET E 102 24.62 -9.50 17.37
CA MET E 102 25.15 -10.81 17.72
C MET E 102 24.77 -11.18 19.16
N GLY F 1 -26.06 -8.68 20.11
CA GLY F 1 -25.37 -8.89 18.80
C GLY F 1 -25.58 -7.67 17.92
N GLY F 2 -24.49 -7.12 17.39
CA GLY F 2 -24.58 -5.92 16.57
C GLY F 2 -24.92 -4.70 17.42
N SER F 3 -24.85 -4.82 18.76
CA SER F 3 -25.13 -3.67 19.61
C SER F 3 -24.14 -2.59 19.17
N PRO F 4 -24.54 -1.37 18.92
CA PRO F 4 -23.55 -0.39 18.40
C PRO F 4 -22.35 -0.14 19.30
N THR F 5 -21.21 -0.49 18.74
CA THR F 5 -19.88 -0.23 19.29
C THR F 5 -19.75 -0.17 20.82
N SER F 6 -20.03 -1.23 21.52
CA SER F 6 -19.85 -1.21 22.98
C SER F 6 -18.42 -1.66 23.40
N ILE F 7 -17.56 -1.95 22.42
CA ILE F 7 -16.20 -2.48 22.64
C ILE F 7 -16.43 -3.96 22.94
N LEU F 8 -17.25 -4.52 22.06
CA LEU F 8 -17.51 -5.95 22.00
C LEU F 8 -16.78 -6.33 20.79
N ASP F 9 -17.06 -5.52 19.71
CA ASP F 9 -16.31 -5.72 18.55
C ASP F 9 -15.59 -4.48 18.11
N ILE F 10 -15.13 -3.51 19.01
CA ILE F 10 -14.59 -2.29 18.37
C ILE F 10 -13.36 -2.68 17.51
N ARG F 11 -12.90 -1.86 16.52
CA ARG F 11 -11.75 -2.27 15.66
C ARG F 11 -10.77 -1.14 15.24
N GLN F 12 -9.45 -1.45 15.17
CA GLN F 12 -8.44 -0.47 14.71
C GLN F 12 -8.02 -0.82 13.29
N GLY F 13 -8.10 0.15 12.43
CA GLY F 13 -7.67 -0.12 11.08
C GLY F 13 -6.21 -0.54 11.12
N PRO F 14 -5.74 -1.36 10.22
CA PRO F 14 -4.33 -1.78 10.24
C PRO F 14 -3.42 -0.57 10.27
N LYS F 15 -3.69 0.37 9.38
CA LYS F 15 -2.92 1.58 9.33
C LYS F 15 -3.41 2.57 10.37
N GLU F 16 -4.68 2.41 10.80
CA GLU F 16 -5.25 3.33 11.78
C GLU F 16 -4.30 3.40 12.94
N PRO F 17 -3.83 4.55 13.35
CA PRO F 17 -2.91 4.54 14.48
C PRO F 17 -3.67 4.22 15.72
N PHE F 18 -2.94 3.74 16.69
CA PHE F 18 -3.46 3.35 17.99
C PHE F 18 -4.52 4.29 18.50
N ARG F 19 -4.12 5.50 18.73
CA ARG F 19 -4.99 6.53 19.26
C ARG F 19 -6.22 6.83 18.40
N ASP F 20 -6.09 6.90 17.05
CA ASP F 20 -7.26 7.26 16.22
C ASP F 20 -8.41 6.31 16.48
N TYR F 21 -8.10 5.05 16.53
CA TYR F 21 -9.08 4.05 16.86
C TYR F 21 -9.56 4.21 18.30
N VAL F 22 -8.61 4.36 19.20
CA VAL F 22 -8.94 4.55 20.61
C VAL F 22 -9.89 5.74 20.73
N ASP F 23 -9.76 6.71 19.86
CA ASP F 23 -10.66 7.85 19.94
C ASP F 23 -12.08 7.34 19.72
N ARG F 24 -12.22 6.42 18.74
CA ARG F 24 -13.52 5.80 18.40
C ARG F 24 -14.04 4.99 19.58
N PHE F 25 -13.16 4.14 20.09
CA PHE F 25 -13.51 3.26 21.19
C PHE F 25 -13.94 4.10 22.39
N TYR F 26 -13.32 5.24 22.56
CA TYR F 26 -13.69 6.12 23.63
C TYR F 26 -15.02 6.86 23.31
N LYS F 27 -15.18 7.30 22.08
CA LYS F 27 -16.38 8.05 21.72
C LYS F 27 -17.58 7.14 21.94
N THR F 28 -17.40 5.89 21.61
CA THR F 28 -18.45 4.92 21.75
C THR F 28 -18.48 4.29 23.15
N LEU F 29 -17.35 4.23 23.89
CA LEU F 29 -17.40 3.69 25.26
C LEU F 29 -18.30 4.58 26.10
N ARG F 30 -18.18 5.88 25.85
CA ARG F 30 -19.06 6.84 26.48
C ARG F 30 -20.51 6.47 26.15
N ALA F 31 -20.71 5.83 25.01
CA ALA F 31 -22.05 5.43 24.58
C ALA F 31 -22.46 4.11 25.25
N GLU F 32 -21.49 3.26 25.51
CA GLU F 32 -21.80 2.02 26.19
C GLU F 32 -21.90 2.35 27.64
N GLN F 33 -23.12 2.31 28.18
CA GLN F 33 -23.32 2.61 29.59
C GLN F 33 -22.65 1.49 30.38
N ALA F 34 -21.38 1.71 30.70
CA ALA F 34 -20.58 0.71 31.40
C ALA F 34 -19.90 1.33 32.62
N SER F 35 -19.39 0.46 33.46
CA SER F 35 -18.70 0.88 34.68
C SER F 35 -17.26 1.14 34.30
N GLN F 36 -16.51 1.83 35.15
CA GLN F 36 -15.15 2.11 34.78
C GLN F 36 -14.40 0.80 34.58
N GLU F 37 -14.64 -0.14 35.49
CA GLU F 37 -13.99 -1.45 35.40
C GLU F 37 -14.44 -2.22 34.16
N VAL F 38 -15.72 -2.13 33.82
CA VAL F 38 -16.23 -2.82 32.65
C VAL F 38 -15.55 -2.28 31.40
N LYS F 39 -15.41 -0.96 31.38
CA LYS F 39 -14.73 -0.32 30.28
C LYS F 39 -13.22 -0.78 30.29
N ASN F 40 -12.75 -1.46 31.40
CA ASN F 40 -11.36 -1.94 31.53
C ASN F 40 -11.12 -3.28 30.74
N TRP F 41 -12.15 -4.12 30.48
CA TRP F 41 -11.90 -5.27 29.57
C TRP F 41 -11.75 -4.59 28.26
N MET F 42 -12.68 -3.60 28.02
CA MET F 42 -12.76 -2.83 26.78
C MET F 42 -11.42 -2.07 26.52
N THR F 43 -10.80 -1.47 27.56
CA THR F 43 -9.51 -0.75 27.37
C THR F 43 -8.28 -1.66 27.48
N GLU F 44 -8.23 -2.44 28.52
CA GLU F 44 -7.07 -3.27 28.75
C GLU F 44 -6.91 -4.33 27.70
N THR F 45 -7.96 -5.10 27.55
CA THR F 45 -7.93 -6.20 26.63
C THR F 45 -8.48 -5.91 25.20
N LEU F 46 -9.76 -5.49 24.98
CA LEU F 46 -10.25 -5.38 23.58
C LEU F 46 -9.40 -4.43 22.86
N LEU F 47 -9.06 -3.29 23.53
CA LEU F 47 -8.22 -2.24 22.90
C LEU F 47 -7.05 -2.89 22.21
N VAL F 48 -6.56 -3.97 22.82
CA VAL F 48 -5.42 -4.72 22.30
C VAL F 48 -5.86 -5.68 21.21
N GLN F 49 -6.80 -6.55 21.60
CA GLN F 49 -7.29 -7.63 20.74
C GLN F 49 -7.81 -7.21 19.40
N ASN F 50 -8.62 -6.19 19.34
CA ASN F 50 -9.11 -5.85 18.06
C ASN F 50 -8.14 -5.00 17.34
N ALA F 51 -7.39 -4.24 18.09
CA ALA F 51 -6.64 -3.25 17.42
C ALA F 51 -5.43 -3.67 16.67
N ASN F 52 -5.57 -3.52 15.34
CA ASN F 52 -4.51 -3.64 14.36
C ASN F 52 -3.27 -4.47 14.78
N PRO F 53 -3.05 -5.66 14.32
CA PRO F 53 -1.90 -6.48 14.80
C PRO F 53 -0.54 -5.77 14.82
N ASP F 54 -0.37 -4.61 14.19
CA ASP F 54 0.89 -3.93 14.36
C ASP F 54 1.07 -3.64 15.81
N CYS F 55 -0.03 -3.21 16.44
CA CYS F 55 -0.01 -2.86 17.85
C CYS F 55 -0.44 -4.01 18.71
N LYS F 56 -1.32 -4.89 18.23
CA LYS F 56 -1.77 -5.97 19.09
C LYS F 56 -0.59 -6.73 19.64
N THR F 57 0.40 -6.89 18.81
CA THR F 57 1.61 -7.54 19.25
C THR F 57 2.31 -6.61 20.27
N ILE F 58 2.36 -5.29 19.96
CA ILE F 58 3.03 -4.31 20.85
C ILE F 58 2.45 -4.26 22.25
N LEU F 59 1.12 -4.08 22.34
CA LEU F 59 0.47 -3.92 23.63
C LEU F 59 0.80 -5.10 24.49
N LYS F 60 0.73 -6.27 23.94
CA LYS F 60 1.11 -7.42 24.72
C LYS F 60 2.62 -7.33 25.05
N ALA F 61 3.44 -6.91 24.07
CA ALA F 61 4.89 -6.86 24.27
C ALA F 61 5.21 -6.07 25.51
N LEU F 62 4.62 -4.89 25.62
CA LEU F 62 4.81 -4.09 26.83
C LEU F 62 4.19 -4.89 27.99
N GLY F 63 3.02 -5.39 27.65
CA GLY F 63 2.19 -6.15 28.55
C GLY F 63 0.98 -5.27 28.93
N PRO F 64 -0.22 -5.81 29.03
CA PRO F 64 -1.40 -4.98 29.47
C PRO F 64 -1.14 -4.40 30.85
N GLY F 65 -1.99 -3.49 31.31
CA GLY F 65 -1.76 -2.84 32.61
C GLY F 65 -0.90 -1.58 32.48
N ALA F 66 -0.33 -1.35 31.26
CA ALA F 66 0.48 -0.17 30.98
C ALA F 66 -0.45 0.99 30.67
N THR F 67 0.00 2.19 30.93
CA THR F 67 -0.87 3.31 30.69
C THR F 67 -1.22 3.43 29.22
N LEU F 68 -2.32 4.11 28.95
CA LEU F 68 -2.72 4.29 27.57
C LEU F 68 -1.68 5.17 26.87
N GLU F 69 -1.03 6.04 27.63
CA GLU F 69 0.03 6.86 27.09
C GLU F 69 1.25 5.97 26.90
N GLU F 70 1.40 4.95 27.77
CA GLU F 70 2.55 4.03 27.65
C GLU F 70 2.43 3.22 26.37
N MET F 71 1.26 2.62 26.15
CA MET F 71 1.02 1.85 24.94
C MET F 71 1.10 2.81 23.78
N MET F 72 0.49 3.98 23.94
CA MET F 72 0.51 4.97 22.86
C MET F 72 1.93 5.27 22.42
N THR F 73 2.82 5.48 23.39
CA THR F 73 4.21 5.77 23.08
C THR F 73 4.84 4.61 22.30
N ALA F 74 4.63 3.39 22.76
CA ALA F 74 5.18 2.23 22.05
C ALA F 74 4.45 1.95 20.74
N CYS F 75 3.24 2.50 20.62
CA CYS F 75 2.42 2.25 19.47
C CYS F 75 2.50 3.39 18.48
N GLN F 76 3.26 4.43 18.78
CA GLN F 76 3.45 5.41 17.72
C GLN F 76 4.25 4.66 16.60
N GLY F 77 4.93 3.50 16.96
CA GLY F 77 5.62 2.68 15.99
C GLY F 77 4.61 2.11 15.01
N VAL F 78 3.33 1.97 15.46
CA VAL F 78 2.22 1.40 14.62
C VAL F 78 2.17 2.15 13.32
N GLY F 79 1.61 1.56 12.14
CA GLY F 79 1.72 2.38 10.95
C GLY F 79 2.30 1.81 9.69
N GLY F 80 2.05 2.36 8.49
CA GLY F 80 2.65 1.66 7.39
C GLY F 80 4.13 1.97 7.29
N PRO F 81 4.51 3.13 6.85
CA PRO F 81 5.95 3.51 6.71
C PRO F 81 6.70 3.48 8.01
N GLY F 82 6.05 3.98 9.04
CA GLY F 82 6.67 4.02 10.33
C GLY F 82 6.92 2.63 10.85
N HIS F 83 5.83 1.86 11.04
CA HIS F 83 5.97 0.52 11.59
C HIS F 83 6.80 -0.30 10.67
N LYS F 84 6.70 -0.10 9.36
CA LYS F 84 7.52 -0.88 8.44
C LYS F 84 9.00 -0.70 8.84
N ALA F 85 9.34 0.51 9.28
CA ALA F 85 10.68 0.81 9.68
C ALA F 85 11.10 -0.21 10.74
N ARG F 86 10.15 -0.63 11.56
CA ARG F 86 10.45 -1.62 12.59
C ARG F 86 10.29 -3.06 12.09
N VAL F 87 9.06 -3.45 11.75
CA VAL F 87 8.79 -4.81 11.28
C VAL F 87 9.64 -5.22 10.08
N LEU F 88 10.20 -4.27 9.31
CA LEU F 88 11.03 -4.67 8.18
C LEU F 88 12.40 -5.22 8.66
N ALA F 89 13.11 -4.42 9.44
CA ALA F 89 14.41 -4.84 9.99
C ALA F 89 14.24 -6.01 10.95
N GLU F 90 13.11 -5.93 11.73
CA GLU F 90 12.79 -6.92 12.74
C GLU F 90 12.47 -8.23 12.03
N ALA F 91 11.77 -8.14 10.89
CA ALA F 91 11.43 -9.33 10.11
C ALA F 91 12.72 -9.95 9.63
N MET F 92 13.64 -9.07 9.25
CA MET F 92 14.96 -9.50 8.83
C MET F 92 15.68 -10.08 10.06
N SER F 93 15.32 -9.57 11.25
CA SER F 93 15.86 -10.10 12.48
C SER F 93 15.07 -11.35 12.91
N GLN F 94 13.98 -11.68 12.20
CA GLN F 94 13.27 -12.89 12.49
C GLN F 94 13.85 -14.04 11.64
N VAL F 95 14.33 -13.73 10.43
CA VAL F 95 14.84 -14.79 9.56
C VAL F 95 16.34 -15.03 9.77
N THR F 96 17.08 -13.97 10.08
CA THR F 96 18.52 -14.12 10.21
C THR F 96 19.06 -14.37 11.63
N ASN F 97 18.82 -13.44 12.57
CA ASN F 97 19.44 -13.57 13.90
C ASN F 97 18.67 -14.23 15.06
N THR F 98 17.49 -13.71 15.44
CA THR F 98 16.81 -14.23 16.63
C THR F 98 15.69 -15.25 16.40
N ALA F 99 14.82 -15.00 15.45
CA ALA F 99 13.69 -15.91 15.23
C ALA F 99 13.99 -16.93 14.15
N THR F 100 15.26 -17.26 13.95
CA THR F 100 15.58 -18.24 12.94
C THR F 100 14.99 -19.57 13.37
N ILE F 101 13.99 -20.00 12.63
CA ILE F 101 13.27 -21.22 12.94
C ILE F 101 14.03 -22.47 12.51
N MET F 102 14.14 -23.44 13.41
CA MET F 102 14.85 -24.68 13.10
C MET F 102 13.97 -25.89 13.41
C1 IHP G . -1.32 -1.61 0.30
C2 IHP G . -0.04 -1.89 1.19
C3 IHP G . 1.18 -2.06 0.29
C4 IHP G . 1.40 -0.79 -0.47
C5 IHP G . 0.19 -0.81 -1.48
C6 IHP G . -1.12 -0.41 -0.60
O11 IHP G . -2.50 -1.47 1.14
P1 IHP G . -3.51 -2.74 1.33
O21 IHP G . -2.80 -3.91 0.72
O31 IHP G . -3.87 -2.86 2.84
O41 IHP G . -4.69 -2.35 0.53
O12 IHP G . 0.19 -0.75 2.10
P2 IHP G . 0.35 -0.96 3.65
O22 IHP G . -0.14 -2.37 4.08
O32 IHP G . -0.45 0.09 4.32
O42 IHP G . 1.77 -0.84 3.99
O13 IHP G . 2.27 -2.38 1.06
P3 IHP G . 3.24 -3.56 0.70
O23 IHP G . 3.02 -4.66 1.70
O33 IHP G . 3.07 -3.94 -0.76
O43 IHP G . 4.60 -2.90 0.98
O14 IHP G . 2.65 -0.83 -1.12
P4 IHP G . 3.71 0.38 -1.28
O24 IHP G . 3.07 1.39 -2.21
O34 IHP G . 4.17 1.02 0.00
O44 IHP G . 4.94 -0.20 -1.96
O15 IHP G . 0.43 0.01 -2.64
P5 IHP G . 0.66 -0.60 -4.09
O25 IHP G . 0.73 0.68 -4.93
O35 IHP G . -0.45 -1.55 -4.40
O45 IHP G . 1.93 -1.38 -4.09
O16 IHP G . -2.26 -0.26 -1.51
P6 IHP G . -3.07 1.02 -1.78
O26 IHP G . -2.19 2.16 -2.24
O36 IHP G . -3.89 0.56 -2.99
O46 IHP G . -3.86 1.44 -0.60
H1 IHP G . -1.33 -2.41 -0.47
H2 IHP G . -0.14 -2.91 1.62
H3 IHP G . 0.91 -2.86 -0.43
H4 IHP G . 1.26 0.06 0.23
H5 IHP G . -0.08 -1.85 -1.77
H6 IHP G . -0.88 0.50 -0.01
C1 A1CCZ H . 7.26 -8.08 2.28
C2 A1CCZ H . 8.23 -7.97 3.28
C3 A1CCZ H . 8.26 -6.83 4.07
C11 A1CCZ H . 4.81 -9.05 -1.66
C12 A1CCZ H . 4.46 -10.22 -2.64
C13 A1CCZ H . 5.36 -7.80 -2.31
C14 A1CCZ H . 6.63 -7.69 -2.89
C15 A1CCZ H . 7.10 -6.42 -3.24
C16 A1CCZ H . 6.34 -5.21 -3.05
C17 A1CCZ H . 5.06 -5.40 -2.49
C18 A1CCZ H . 4.59 -6.59 -2.16
C19 A1CCZ H . 6.91 -3.89 -3.43
C20 A1CCZ H . 6.12 -3.41 -4.64
C21 A1CCZ H . 6.57 -2.81 -2.39
C22 A1CCZ H . 8.44 -3.97 -3.61
C24 A1CCZ H . 2.10 -9.76 -3.26
C25 A1CCZ H . 1.09 -9.48 -4.28
C26 A1CCZ H . 1.44 -9.75 -5.58
N23 A1CCZ H . 3.37 -10.06 -3.70
C28 A1CCZ H . 3.61 -10.40 -4.98
C27 A1CCZ H . 2.67 -10.26 -5.92
O29 A1CCZ H . 1.90 -9.80 -1.98
C30 A1CCZ H . -0.22 -8.86 -4.05
F31 A1CCZ H . -0.23 -8.13 -2.94
F32 A1CCZ H . -1.18 -9.75 -3.86
F33 A1CCZ H . -0.60 -8.02 -5.08
N10 A1CCZ H . 5.70 -9.66 -0.61
C8 A1CCZ H . 6.33 -8.58 0.28
C7 A1CCZ H . 5.38 -7.64 0.90
C6 A1CCZ H . 6.25 -7.13 2.07
C5 A1CCZ H . 6.33 -5.94 2.83
C4 A1CCZ H . 7.42 -5.75 3.73
C9 A1CCZ H . 7.08 -9.27 1.36
H2 A1CCZ H . 8.86 -8.77 3.62
H3 A1CCZ H . 8.98 -6.58 4.83
H11 A1CCZ H . 3.86 -8.80 -1.14
H12A A1CCZ H . 4.00 -11.02 -2.01
H12B A1CCZ H . 5.33 -10.63 -3.18
H14 A1CCZ H . 7.29 -8.54 -2.95
H15 A1CCZ H . 8.10 -6.39 -3.65
H17 A1CCZ H . 4.44 -4.54 -2.30
H18 A1CCZ H . 3.67 -6.73 -1.60
H20C A1CCZ H . 6.18 -4.12 -5.49
H20B A1CCZ H . 6.56 -2.51 -5.10
H20A A1CCZ H . 5.02 -3.28 -4.49
H21A A1CCZ H . 7.06 -3.01 -1.42
H21C A1CCZ H . 5.50 -2.64 -2.13
H21B A1CCZ H . 6.88 -1.79 -2.69
H22C A1CCZ H . 8.81 -4.58 -2.77
H22B A1CCZ H . 8.83 -2.92 -3.56
H22A A1CCZ H . 8.71 -4.45 -4.57
H26 A1CCZ H . 0.72 -9.42 -6.33
H6 A1CCZ H . 4.65 -10.49 -5.30
H27 A1CCZ H . 2.83 -10.52 -6.96
H9 A1CCZ H . 6.51 -10.12 -1.02
H8 A1CCZ H . 7.06 -8.08 -0.39
H7A A1CCZ H . 4.48 -8.20 1.21
H7B A1CCZ H . 4.97 -6.86 0.26
H5 A1CCZ H . 5.79 -5.06 2.53
H4 A1CCZ H . 7.50 -4.79 4.24
H9B A1CCZ H . 6.64 -10.22 1.67
H9A A1CCZ H . 8.11 -9.51 1.06
N GLY A 1 -33.79 -17.58 -5.99
CA GLY A 1 -32.49 -18.26 -6.03
C GLY A 1 -31.36 -17.29 -6.37
N GLY A 2 -30.30 -17.31 -5.56
CA GLY A 2 -29.20 -16.38 -5.74
C GLY A 2 -29.71 -15.04 -5.31
N SER A 3 -30.53 -15.06 -4.26
CA SER A 3 -31.07 -13.86 -3.76
C SER A 3 -29.92 -13.00 -3.34
N PRO A 4 -30.08 -11.73 -3.29
CA PRO A 4 -28.98 -10.83 -2.94
C PRO A 4 -28.33 -11.21 -1.63
N THR A 5 -27.02 -11.34 -1.67
CA THR A 5 -26.25 -11.63 -0.48
C THR A 5 -26.85 -12.70 0.41
N SER A 6 -27.01 -13.85 -0.17
CA SER A 6 -27.55 -14.99 0.52
C SER A 6 -26.48 -15.84 1.17
N ILE A 7 -25.18 -15.28 1.24
CA ILE A 7 -23.98 -16.02 1.78
C ILE A 7 -23.23 -16.78 0.77
N LEU A 8 -23.86 -17.18 -0.25
CA LEU A 8 -23.22 -17.86 -1.33
C LEU A 8 -22.13 -16.99 -1.85
N ASP A 9 -22.45 -15.67 -2.05
CA ASP A 9 -21.40 -14.83 -2.43
C ASP A 9 -21.05 -13.80 -1.35
N ILE A 10 -21.22 -14.02 0.02
CA ILE A 10 -20.81 -12.88 0.78
C ILE A 10 -19.27 -12.88 0.82
N ARG A 11 -18.60 -11.72 0.70
CA ARG A 11 -17.11 -11.75 0.64
C ARG A 11 -16.43 -10.74 1.55
N GLN A 12 -15.25 -11.12 2.01
CA GLN A 12 -14.42 -10.25 2.86
C GLN A 12 -13.38 -9.58 1.99
N GLY A 13 -13.29 -8.26 2.08
CA GLY A 13 -12.30 -7.57 1.30
C GLY A 13 -10.92 -8.09 1.71
N PRO A 14 -9.95 -8.16 0.84
CA PRO A 14 -8.61 -8.74 1.15
C PRO A 14 -8.05 -8.06 2.34
N LYS A 15 -8.27 -6.77 2.41
CA LYS A 15 -7.81 -5.98 3.52
C LYS A 15 -8.93 -5.86 4.57
N GLU A 16 -10.18 -6.01 4.15
CA GLU A 16 -11.29 -5.88 5.06
C GLU A 16 -11.08 -6.80 6.26
N PRO A 17 -11.08 -6.33 7.50
CA PRO A 17 -10.85 -7.25 8.63
C PRO A 17 -11.96 -8.26 8.78
N PHE A 18 -11.56 -9.39 9.36
CA PHE A 18 -12.40 -10.53 9.57
C PHE A 18 -13.65 -10.12 10.31
N ARG A 19 -13.49 -9.43 11.42
CA ARG A 19 -14.64 -9.01 12.16
C ARG A 19 -15.60 -8.16 11.35
N ASP A 20 -15.04 -7.28 10.52
CA ASP A 20 -15.91 -6.40 9.71
C ASP A 20 -16.81 -7.25 8.79
N TYR A 21 -16.16 -8.01 7.93
CA TYR A 21 -16.85 -8.89 6.98
C TYR A 21 -17.76 -9.85 7.69
N VAL A 22 -17.34 -10.31 8.87
CA VAL A 22 -18.18 -11.20 9.64
C VAL A 22 -19.51 -10.45 9.92
N ASP A 23 -19.44 -9.14 10.02
CA ASP A 23 -20.64 -8.34 10.24
C ASP A 23 -21.46 -8.26 8.91
N ARG A 24 -20.73 -8.42 7.76
CA ARG A 24 -21.34 -8.43 6.44
C ARG A 24 -21.94 -9.80 6.17
N PHE A 25 -21.41 -10.83 6.81
CA PHE A 25 -21.91 -12.19 6.63
C PHE A 25 -23.07 -12.42 7.57
N TYR A 26 -22.94 -11.94 8.80
CA TYR A 26 -24.02 -12.08 9.76
C TYR A 26 -25.23 -11.23 9.34
N LYS A 27 -24.96 -9.96 8.99
CA LYS A 27 -26.02 -9.01 8.63
C LYS A 27 -26.74 -9.53 7.42
N THR A 28 -25.98 -10.00 6.49
CA THR A 28 -26.61 -10.50 5.35
C THR A 28 -27.32 -11.81 5.63
N LEU A 29 -26.81 -12.57 6.62
CA LEU A 29 -27.52 -13.76 7.00
C LEU A 29 -28.91 -13.30 7.53
N ARG A 30 -28.97 -12.16 8.19
CA ARG A 30 -30.26 -11.68 8.65
C ARG A 30 -31.16 -11.53 7.43
N ALA A 31 -30.55 -11.05 6.34
CA ALA A 31 -31.28 -10.90 5.08
C ALA A 31 -31.65 -12.29 4.55
N GLU A 32 -30.84 -13.28 4.89
CA GLU A 32 -31.13 -14.64 4.46
C GLU A 32 -31.98 -15.36 5.52
N GLN A 33 -33.25 -15.60 5.21
CA GLN A 33 -34.13 -16.33 6.13
C GLN A 33 -33.74 -17.80 6.14
N ALA A 34 -32.70 -18.14 6.88
CA ALA A 34 -32.24 -19.52 6.93
C ALA A 34 -32.29 -20.06 8.33
N SER A 35 -32.54 -21.35 8.41
CA SER A 35 -32.56 -21.98 9.67
C SER A 35 -31.23 -21.76 10.30
N GLN A 36 -31.19 -21.81 11.61
CA GLN A 36 -29.95 -21.59 12.31
C GLN A 36 -28.91 -22.63 11.90
N GLU A 37 -29.28 -23.92 11.93
CA GLU A 37 -28.30 -24.94 11.56
C GLU A 37 -27.77 -24.66 10.19
N VAL A 38 -28.63 -24.23 9.30
CA VAL A 38 -28.17 -23.90 7.99
C VAL A 38 -27.15 -22.79 8.13
N LYS A 39 -27.53 -21.73 8.85
CA LYS A 39 -26.61 -20.60 9.03
C LYS A 39 -25.31 -21.09 9.61
N ASN A 40 -25.36 -22.13 10.39
CA ASN A 40 -24.14 -22.65 10.94
C ASN A 40 -23.20 -23.11 9.85
N TRP A 41 -23.72 -23.76 8.79
CA TRP A 41 -22.81 -24.23 7.73
C TRP A 41 -22.24 -23.00 6.99
N MET A 42 -23.05 -21.95 6.94
CA MET A 42 -22.65 -20.68 6.32
C MET A 42 -21.56 -19.95 7.17
N THR A 43 -21.69 -20.01 8.49
CA THR A 43 -20.75 -19.38 9.39
C THR A 43 -19.49 -20.21 9.51
N GLU A 44 -19.66 -21.52 9.41
CA GLU A 44 -18.55 -22.46 9.57
C GLU A 44 -17.72 -22.65 8.33
N THR A 45 -18.40 -22.94 7.26
CA THR A 45 -17.74 -23.18 6.03
C THR A 45 -17.64 -21.93 5.18
N LEU A 46 -18.78 -21.41 4.78
CA LEU A 46 -18.72 -20.31 3.89
C LEU A 46 -17.91 -19.15 4.46
N LEU A 47 -18.04 -18.89 5.75
CA LEU A 47 -17.27 -17.82 6.35
C LEU A 47 -15.80 -18.10 6.06
N VAL A 48 -15.39 -19.32 6.20
CA VAL A 48 -14.02 -19.65 5.93
C VAL A 48 -13.69 -19.48 4.46
N GLN A 49 -14.59 -19.93 3.60
CA GLN A 49 -14.32 -20.02 2.18
C GLN A 49 -14.12 -18.72 1.39
N ASN A 50 -15.07 -17.82 1.46
CA ASN A 50 -15.01 -16.61 0.65
C ASN A 50 -14.61 -15.40 1.41
N ALA A 51 -14.04 -15.58 2.57
CA ALA A 51 -13.69 -14.45 3.38
C ALA A 51 -12.25 -14.07 3.42
N ASN A 52 -11.67 -13.48 2.39
CA ASN A 52 -10.30 -12.96 2.56
C ASN A 52 -9.29 -14.07 2.95
N PRO A 53 -8.53 -14.62 2.04
CA PRO A 53 -7.63 -15.74 2.37
C PRO A 53 -6.77 -15.52 3.61
N ASP A 54 -6.63 -14.28 4.08
CA ASP A 54 -5.90 -14.05 5.31
C ASP A 54 -6.53 -14.85 6.39
N CYS A 55 -7.84 -14.81 6.41
CA CYS A 55 -8.49 -15.54 7.43
C CYS A 55 -8.56 -16.98 6.98
N LYS A 56 -8.81 -17.26 5.72
CA LYS A 56 -8.93 -18.64 5.28
C LYS A 56 -7.70 -19.49 5.66
N THR A 57 -6.55 -18.94 5.59
CA THR A 57 -5.41 -19.71 5.97
C THR A 57 -5.40 -19.84 7.52
N ILE A 58 -5.97 -18.83 8.21
CA ILE A 58 -6.05 -18.82 9.69
C ILE A 58 -7.10 -19.76 10.26
N LEU A 59 -8.33 -19.67 9.78
CA LEU A 59 -9.41 -20.47 10.26
C LEU A 59 -8.99 -21.90 9.98
N LYS A 60 -8.45 -22.13 8.78
CA LYS A 60 -8.06 -23.47 8.41
C LYS A 60 -7.02 -23.97 9.41
N ALA A 61 -6.08 -23.09 9.76
CA ALA A 61 -5.05 -23.43 10.75
C ALA A 61 -5.66 -23.69 12.16
N LEU A 62 -6.63 -22.86 12.55
CA LEU A 62 -7.25 -23.02 13.85
C LEU A 62 -7.95 -24.34 13.92
N GLY A 63 -8.56 -24.67 12.81
CA GLY A 63 -9.35 -25.89 12.70
C GLY A 63 -10.82 -25.40 12.54
N PRO A 64 -11.55 -25.76 11.51
CA PRO A 64 -12.90 -25.20 11.36
C PRO A 64 -13.76 -25.48 12.56
N GLY A 65 -14.78 -24.68 12.71
CA GLY A 65 -15.66 -24.83 13.83
C GLY A 65 -15.15 -24.08 15.03
N ALA A 66 -13.96 -23.47 14.94
CA ALA A 66 -13.48 -22.70 16.06
C ALA A 66 -14.52 -21.63 16.33
N THR A 67 -14.74 -21.37 17.61
CA THR A 67 -15.72 -20.37 17.99
C THR A 67 -15.36 -19.08 17.38
N LEU A 68 -16.36 -18.31 17.06
CA LEU A 68 -16.13 -17.02 16.45
C LEU A 68 -15.17 -16.23 17.30
N GLU A 69 -15.21 -16.44 18.59
CA GLU A 69 -14.30 -15.68 19.43
C GLU A 69 -12.86 -16.11 19.13
N GLU A 70 -12.67 -17.43 18.98
CA GLU A 70 -11.38 -17.99 18.65
C GLU A 70 -10.92 -17.58 17.23
N MET A 71 -11.84 -17.65 16.23
CA MET A 71 -11.52 -17.25 14.85
C MET A 71 -11.21 -15.79 14.84
N MET A 72 -11.93 -15.05 15.65
CA MET A 72 -11.76 -13.62 15.72
C MET A 72 -10.40 -13.25 16.27
N THR A 73 -10.06 -13.86 17.38
CA THR A 73 -8.83 -13.50 18.02
C THR A 73 -7.70 -13.67 17.06
N ALA A 74 -7.68 -14.81 16.41
CA ALA A 74 -6.61 -15.13 15.47
C ALA A 74 -6.73 -14.30 14.19
N CYS A 75 -7.96 -14.16 13.73
CA CYS A 75 -8.20 -13.43 12.52
C CYS A 75 -8.13 -11.96 12.73
N GLN A 76 -7.93 -11.52 13.98
CA GLN A 76 -7.68 -10.13 14.13
C GLN A 76 -6.27 -9.92 13.51
N GLY A 77 -5.47 -11.05 13.32
CA GLY A 77 -4.20 -11.00 12.65
C GLY A 77 -4.43 -10.61 11.16
N VAL A 78 -5.67 -10.75 10.65
CA VAL A 78 -6.05 -10.43 9.21
C VAL A 78 -5.83 -8.95 8.94
N GLY A 79 -5.47 -8.49 7.65
CA GLY A 79 -5.10 -7.06 7.61
C GLY A 79 -3.90 -6.71 6.76
N GLY A 80 -3.61 -5.45 6.39
CA GLY A 80 -2.44 -5.32 5.51
C GLY A 80 -1.12 -5.51 6.29
N PRO A 81 -0.69 -4.53 7.02
CA PRO A 81 0.53 -4.63 7.86
C PRO A 81 0.32 -5.63 8.98
N GLY A 82 -0.92 -5.69 9.50
CA GLY A 82 -1.26 -6.57 10.63
C GLY A 82 -1.06 -8.07 10.34
N HIS A 83 -1.53 -8.49 9.16
CA HIS A 83 -1.35 -9.90 8.74
C HIS A 83 0.06 -10.04 8.24
N LYS A 84 0.54 -9.01 7.59
CA LYS A 84 1.89 -9.02 7.06
C LYS A 84 2.93 -9.29 8.10
N ALA A 85 2.77 -8.65 9.24
CA ALA A 85 3.72 -8.81 10.29
C ALA A 85 3.89 -10.32 10.57
N ARG A 86 2.84 -11.08 10.36
CA ARG A 86 2.90 -12.49 10.57
C ARG A 86 3.32 -13.25 9.30
N VAL A 87 2.47 -13.19 8.27
CA VAL A 87 2.69 -13.91 7.00
C VAL A 87 3.96 -13.54 6.34
N LEU A 88 4.53 -12.43 6.68
CA LEU A 88 5.81 -12.12 6.08
C LEU A 88 6.88 -13.04 6.74
N ALA A 89 6.90 -13.07 8.06
CA ALA A 89 7.83 -13.91 8.75
C ALA A 89 7.58 -15.34 8.37
N GLU A 90 6.31 -15.68 8.18
CA GLU A 90 5.96 -17.07 7.85
C GLU A 90 6.34 -17.47 6.44
N ALA A 91 5.91 -16.73 5.45
CA ALA A 91 6.19 -17.11 4.05
C ALA A 91 7.68 -17.12 3.84
N MET A 92 8.32 -16.14 4.44
CA MET A 92 9.76 -16.05 4.38
C MET A 92 10.41 -17.28 5.01
N SER A 93 9.81 -17.77 6.09
CA SER A 93 10.34 -18.97 6.72
C SER A 93 9.79 -20.22 6.03
N GLN A 94 8.78 -20.07 5.13
CA GLN A 94 8.27 -21.22 4.40
C GLN A 94 9.26 -21.62 3.36
N VAL A 95 9.87 -20.66 2.70
CA VAL A 95 10.82 -20.96 1.67
C VAL A 95 12.21 -21.31 2.24
N THR A 96 12.54 -20.72 3.37
CA THR A 96 13.85 -20.95 3.94
C THR A 96 13.95 -22.09 4.97
N ASN A 97 13.19 -21.99 6.06
CA ASN A 97 13.36 -22.96 7.15
C ASN A 97 12.45 -24.22 7.20
N THR A 98 11.14 -24.06 7.23
CA THR A 98 10.27 -25.25 7.42
C THR A 98 9.63 -25.83 6.17
N ALA A 99 9.16 -24.99 5.27
CA ALA A 99 8.50 -25.48 4.06
C ALA A 99 9.43 -25.49 2.87
N THR A 100 10.73 -25.61 3.11
CA THR A 100 11.67 -25.55 2.01
C THR A 100 11.40 -26.71 1.09
N ILE A 101 11.00 -26.35 -0.12
CA ILE A 101 10.63 -27.33 -1.13
C ILE A 101 11.86 -27.75 -1.93
N MET A 102 12.08 -29.06 -2.01
CA MET A 102 13.21 -29.59 -2.76
C MET A 102 12.74 -30.54 -3.85
N GLY B 1 -15.35 3.55 -30.70
CA GLY B 1 -14.19 4.28 -30.09
C GLY B 1 -14.66 4.97 -28.81
N GLY B 2 -13.95 4.72 -27.70
CA GLY B 2 -14.34 5.30 -26.43
C GLY B 2 -15.70 4.74 -25.99
N SER B 3 -16.06 3.56 -26.51
CA SER B 3 -17.34 2.94 -26.14
C SER B 3 -17.33 2.64 -24.64
N PRO B 4 -18.29 3.11 -23.84
CA PRO B 4 -18.23 2.86 -22.36
C PRO B 4 -18.33 1.40 -21.94
N THR B 5 -17.32 1.01 -21.17
CA THR B 5 -17.22 -0.29 -20.52
C THR B 5 -17.78 -1.51 -21.29
N SER B 6 -17.10 -1.85 -22.38
CA SER B 6 -17.39 -3.03 -23.23
C SER B 6 -16.47 -4.25 -22.85
N ILE B 7 -15.69 -4.12 -21.73
CA ILE B 7 -14.61 -5.07 -21.28
C ILE B 7 -13.28 -4.60 -21.84
N LEU B 8 -13.32 -3.94 -22.97
CA LEU B 8 -12.14 -3.38 -23.53
C LEU B 8 -11.48 -2.49 -22.54
N ASP B 9 -12.22 -1.95 -21.52
CA ASP B 9 -11.50 -1.34 -20.47
C ASP B 9 -12.02 -1.84 -19.12
N ILE B 10 -12.70 -3.05 -18.97
CA ILE B 10 -13.14 -3.27 -17.60
C ILE B 10 -11.92 -3.61 -16.79
N ARG B 11 -11.87 -3.29 -15.50
CA ARG B 11 -10.62 -3.53 -14.77
C ARG B 11 -10.74 -3.90 -13.30
N GLN B 12 -10.02 -4.95 -12.98
CA GLN B 12 -9.80 -5.27 -11.60
C GLN B 12 -8.58 -4.47 -11.32
N GLY B 13 -8.64 -3.65 -10.34
CA GLY B 13 -7.51 -2.85 -9.97
C GLY B 13 -6.33 -3.74 -9.72
N PRO B 14 -5.24 -3.21 -9.43
CA PRO B 14 -4.13 -4.08 -9.19
C PRO B 14 -4.38 -4.87 -7.90
N LYS B 15 -4.84 -4.18 -6.86
CA LYS B 15 -5.14 -4.82 -5.57
C LYS B 15 -6.59 -5.33 -5.49
N GLU B 16 -7.43 -4.84 -6.41
CA GLU B 16 -8.82 -5.16 -6.37
C GLU B 16 -9.10 -6.67 -6.45
N PRO B 17 -10.00 -7.22 -5.67
CA PRO B 17 -10.29 -8.70 -5.72
C PRO B 17 -10.82 -9.22 -7.04
N PHE B 18 -10.55 -10.51 -7.26
CA PHE B 18 -11.03 -11.23 -8.42
C PHE B 18 -12.55 -11.27 -8.40
N ARG B 19 -13.09 -11.76 -7.29
CA ARG B 19 -14.53 -11.82 -7.15
C ARG B 19 -15.10 -10.42 -7.25
N ASP B 20 -14.33 -9.43 -6.87
CA ASP B 20 -14.81 -8.08 -6.93
C ASP B 20 -14.88 -7.59 -8.37
N TYR B 21 -13.87 -7.89 -9.14
CA TYR B 21 -13.89 -7.45 -10.50
C TYR B 21 -14.83 -8.29 -11.36
N VAL B 22 -15.07 -9.54 -10.94
CA VAL B 22 -15.96 -10.41 -11.70
C VAL B 22 -17.26 -9.70 -11.97
N ASP B 23 -17.77 -9.05 -10.93
CA ASP B 23 -19.00 -8.28 -11.04
C ASP B 23 -18.80 -7.12 -12.03
N ARG B 24 -17.63 -6.51 -12.01
CA ARG B 24 -17.34 -5.41 -12.96
C ARG B 24 -17.32 -5.95 -14.42
N PHE B 25 -16.86 -7.20 -14.60
CA PHE B 25 -16.83 -7.82 -15.93
C PHE B 25 -18.21 -8.42 -16.29
N TYR B 26 -19.00 -8.78 -15.28
CA TYR B 26 -20.32 -9.35 -15.57
C TYR B 26 -21.32 -8.23 -15.82
N LYS B 27 -21.45 -7.40 -14.79
CA LYS B 27 -22.34 -6.26 -14.80
C LYS B 27 -21.99 -5.33 -15.94
N THR B 28 -20.71 -5.12 -16.23
CA THR B 28 -20.44 -4.20 -17.32
C THR B 28 -20.77 -4.86 -18.65
N LEU B 29 -20.85 -6.18 -18.66
CA LEU B 29 -21.30 -6.81 -19.86
C LEU B 29 -22.85 -6.65 -19.94
N ARG B 30 -23.52 -6.27 -18.83
CA ARG B 30 -24.96 -6.03 -18.88
C ARG B 30 -25.19 -4.81 -19.75
N ALA B 31 -24.26 -3.84 -19.63
CA ALA B 31 -24.31 -2.62 -20.43
C ALA B 31 -23.98 -2.91 -21.90
N GLU B 32 -23.15 -3.91 -22.14
CA GLU B 32 -22.79 -4.26 -23.51
C GLU B 32 -23.69 -5.39 -24.01
N GLN B 33 -24.51 -5.12 -25.03
CA GLN B 33 -25.40 -6.16 -25.55
C GLN B 33 -24.62 -7.17 -26.42
N ALA B 34 -24.31 -8.32 -25.84
CA ALA B 34 -23.54 -9.34 -26.55
C ALA B 34 -24.17 -10.71 -26.43
N SER B 35 -23.52 -11.66 -27.08
CA SER B 35 -23.92 -13.05 -27.00
C SER B 35 -23.17 -13.69 -25.84
N GLN B 36 -23.72 -14.74 -25.29
CA GLN B 36 -23.06 -15.39 -24.15
C GLN B 36 -21.67 -15.92 -24.55
N GLU B 37 -21.57 -16.55 -25.72
CA GLU B 37 -20.29 -17.07 -26.18
C GLU B 37 -19.34 -15.94 -26.49
N VAL B 38 -19.86 -14.88 -27.06
CA VAL B 38 -19.06 -13.72 -27.41
C VAL B 38 -18.26 -13.23 -26.20
N LYS B 39 -18.97 -13.01 -25.13
CA LYS B 39 -18.35 -12.55 -23.91
C LYS B 39 -17.30 -13.54 -23.45
N ASN B 40 -17.30 -14.76 -23.96
CA ASN B 40 -16.32 -15.73 -23.49
C ASN B 40 -14.84 -15.26 -23.64
N TRP B 41 -14.41 -14.47 -24.69
CA TRP B 41 -12.99 -13.95 -24.66
C TRP B 41 -12.84 -13.16 -23.37
N MET B 42 -13.94 -12.64 -22.86
CA MET B 42 -13.91 -11.89 -21.66
C MET B 42 -13.98 -12.79 -20.43
N THR B 43 -15.11 -13.49 -20.22
CA THR B 43 -15.27 -14.36 -19.04
C THR B 43 -14.03 -15.24 -18.87
N GLU B 44 -13.53 -15.73 -20.00
CA GLU B 44 -12.34 -16.56 -20.01
C GLU B 44 -11.04 -15.74 -20.13
N THR B 45 -10.87 -14.92 -21.21
CA THR B 45 -9.59 -14.20 -21.39
C THR B 45 -9.43 -12.76 -20.80
N LEU B 46 -10.35 -11.78 -20.95
CA LEU B 46 -10.08 -10.44 -20.33
C LEU B 46 -10.15 -10.55 -18.81
N LEU B 47 -11.08 -11.42 -18.37
CA LEU B 47 -11.20 -11.82 -16.97
C LEU B 47 -9.81 -12.39 -16.56
N VAL B 48 -9.02 -12.87 -17.53
CA VAL B 48 -7.67 -13.31 -17.26
C VAL B 48 -6.69 -12.13 -17.48
N GLN B 49 -6.97 -11.17 -18.42
CA GLN B 49 -5.96 -10.12 -18.70
C GLN B 49 -5.90 -8.91 -17.75
N ASN B 50 -6.94 -8.06 -17.64
CA ASN B 50 -6.83 -6.95 -16.67
C ASN B 50 -7.33 -7.30 -15.32
N ALA B 51 -7.71 -8.53 -15.13
CA ALA B 51 -8.24 -8.84 -13.87
C ALA B 51 -7.23 -9.04 -12.79
N ASN B 52 -6.32 -8.10 -12.52
CA ASN B 52 -5.40 -8.32 -11.40
C ASN B 52 -4.52 -9.55 -11.58
N PRO B 53 -3.30 -9.44 -12.02
CA PRO B 53 -2.37 -10.61 -12.15
C PRO B 53 -2.38 -11.55 -11.01
N ASP B 54 -2.88 -11.16 -9.83
CA ASP B 54 -2.97 -12.14 -8.77
C ASP B 54 -3.85 -13.26 -9.31
N CYS B 55 -4.97 -12.87 -9.94
CA CYS B 55 -5.84 -13.86 -10.53
C CYS B 55 -5.21 -14.42 -11.81
N LYS B 56 -4.27 -13.74 -12.47
CA LYS B 56 -3.72 -14.28 -13.75
C LYS B 56 -2.65 -15.33 -13.49
N THR B 57 -1.97 -15.18 -12.36
CA THR B 57 -0.97 -16.13 -11.93
C THR B 57 -1.71 -17.34 -11.33
N ILE B 58 -2.86 -17.04 -10.70
CA ILE B 58 -3.75 -18.04 -10.15
C ILE B 58 -4.59 -18.72 -11.20
N LEU B 59 -5.03 -17.96 -12.17
CA LEU B 59 -5.83 -18.54 -13.24
C LEU B 59 -4.88 -19.25 -14.14
N LYS B 60 -3.64 -18.84 -14.23
CA LYS B 60 -2.74 -19.54 -15.13
C LYS B 60 -2.48 -20.93 -14.58
N ALA B 61 -2.51 -21.04 -13.24
CA ALA B 61 -2.28 -22.31 -12.59
C ALA B 61 -3.55 -23.15 -12.57
N LEU B 62 -4.62 -22.58 -12.00
CA LEU B 62 -5.93 -23.25 -11.95
C LEU B 62 -6.30 -23.61 -13.35
N GLY B 63 -6.10 -22.62 -14.18
CA GLY B 63 -6.44 -22.65 -15.56
C GLY B 63 -7.45 -21.52 -15.75
N PRO B 64 -7.72 -21.18 -16.94
CA PRO B 64 -8.71 -20.14 -17.30
C PRO B 64 -10.08 -20.78 -17.53
N GLY B 65 -11.13 -19.99 -17.48
CA GLY B 65 -12.47 -20.51 -17.71
C GLY B 65 -12.95 -21.35 -16.53
N ALA B 66 -12.16 -21.37 -15.44
CA ALA B 66 -12.59 -22.17 -14.30
C ALA B 66 -13.96 -21.64 -13.89
N THR B 67 -14.86 -22.55 -13.55
CA THR B 67 -16.20 -22.14 -13.21
C THR B 67 -16.17 -21.08 -12.15
N LEU B 68 -17.21 -20.29 -12.14
CA LEU B 68 -17.25 -19.19 -11.21
C LEU B 68 -17.05 -19.72 -9.80
N GLU B 69 -17.54 -20.91 -9.50
CA GLU B 69 -17.28 -21.46 -8.18
C GLU B 69 -15.78 -21.76 -8.01
N GLU B 70 -15.12 -22.21 -9.09
CA GLU B 70 -13.68 -22.53 -9.05
C GLU B 70 -12.81 -21.27 -8.95
N MET B 71 -12.90 -20.39 -9.96
CA MET B 71 -12.12 -19.14 -9.93
C MET B 71 -12.49 -18.34 -8.70
N MET B 72 -13.68 -18.54 -8.14
CA MET B 72 -14.02 -17.77 -6.95
C MET B 72 -13.23 -18.27 -5.76
N THR B 73 -13.36 -19.58 -5.55
CA THR B 73 -12.69 -20.25 -4.44
C THR B 73 -11.17 -20.12 -4.52
N ALA B 74 -10.65 -20.20 -5.70
CA ALA B 74 -9.23 -20.15 -5.86
C ALA B 74 -8.75 -18.74 -6.08
N CYS B 75 -9.45 -17.96 -6.90
CA CYS B 75 -8.97 -16.59 -7.11
C CYS B 75 -9.41 -15.67 -5.99
N GLN B 76 -10.08 -16.21 -4.97
CA GLN B 76 -10.26 -15.40 -3.81
C GLN B 76 -8.85 -15.28 -3.15
N GLY B 77 -7.82 -16.09 -3.63
CA GLY B 77 -6.46 -15.94 -3.17
C GLY B 77 -6.03 -14.53 -3.54
N VAL B 78 -6.65 -13.95 -4.59
CA VAL B 78 -6.30 -12.59 -5.06
C VAL B 78 -6.52 -11.62 -3.94
N GLY B 79 -5.66 -10.51 -3.79
CA GLY B 79 -5.86 -9.80 -2.53
C GLY B 79 -4.68 -9.15 -1.88
N GLY B 80 -4.79 -7.97 -1.21
CA GLY B 80 -3.52 -7.43 -0.73
C GLY B 80 -2.87 -8.41 0.26
N PRO B 81 -3.37 -8.50 1.45
CA PRO B 81 -2.84 -9.47 2.40
C PRO B 81 -3.43 -10.85 2.11
N GLY B 82 -4.63 -10.88 1.50
CA GLY B 82 -5.27 -12.14 1.15
C GLY B 82 -4.38 -12.97 0.22
N HIS B 83 -3.74 -12.33 -0.72
CA HIS B 83 -2.83 -13.08 -1.57
C HIS B 83 -1.51 -13.22 -0.87
N LYS B 84 -1.04 -12.17 -0.18
CA LYS B 84 0.25 -12.29 0.50
C LYS B 84 0.29 -13.49 1.42
N ALA B 85 -0.87 -13.95 1.83
CA ALA B 85 -0.91 -15.12 2.65
C ALA B 85 -0.26 -16.29 1.84
N ARG B 86 -0.71 -16.45 0.57
CA ARG B 86 -0.22 -17.52 -0.36
C ARG B 86 0.90 -17.13 -1.35
N VAL B 87 0.63 -16.08 -2.14
CA VAL B 87 1.52 -15.66 -3.22
C VAL B 87 2.79 -15.10 -2.73
N LEU B 88 2.76 -14.53 -1.50
CA LEU B 88 3.98 -13.96 -0.96
C LEU B 88 5.01 -15.06 -0.99
N ALA B 89 4.57 -16.27 -0.62
CA ALA B 89 5.45 -17.44 -0.68
C ALA B 89 5.73 -17.91 -2.12
N GLU B 90 4.72 -17.91 -2.96
CA GLU B 90 4.90 -18.40 -4.32
C GLU B 90 6.00 -17.67 -5.09
N ALA B 91 5.99 -16.35 -5.09
CA ALA B 91 7.05 -15.65 -5.77
C ALA B 91 8.34 -15.88 -5.01
N MET B 92 8.25 -15.94 -3.68
CA MET B 92 9.43 -16.15 -2.89
C MET B 92 10.18 -17.41 -3.29
N SER B 93 9.50 -18.55 -3.37
CA SER B 93 10.15 -19.80 -3.76
C SER B 93 10.29 -19.89 -5.30
N GLN B 94 9.70 -18.93 -6.03
CA GLN B 94 9.82 -18.93 -7.47
C GLN B 94 11.28 -18.71 -7.81
N VAL B 95 11.92 -17.84 -7.05
CA VAL B 95 13.33 -17.58 -7.29
C VAL B 95 14.25 -18.54 -6.50
N THR B 96 13.82 -18.99 -5.32
CA THR B 96 14.71 -19.80 -4.47
C THR B 96 14.64 -21.33 -4.63
N ASN B 97 13.47 -21.94 -4.40
CA ASN B 97 13.41 -23.42 -4.40
C ASN B 97 13.10 -24.16 -5.70
N THR B 98 11.96 -23.89 -6.33
CA THR B 98 11.58 -24.68 -7.52
C THR B 98 11.88 -24.02 -8.86
N ALA B 99 11.66 -22.73 -8.96
CA ALA B 99 11.90 -22.02 -10.20
C ALA B 99 13.19 -21.21 -10.13
N THR B 100 14.15 -21.69 -9.36
CA THR B 100 15.41 -20.96 -9.22
C THR B 100 16.09 -20.90 -10.57
N ILE B 101 16.28 -19.68 -11.03
CA ILE B 101 16.85 -19.42 -12.34
C ILE B 101 18.38 -19.35 -12.27
N MET B 102 19.05 -20.19 -13.05
CA MET B 102 20.51 -20.20 -13.07
C MET B 102 21.03 -19.72 -14.41
N GLY C 1 0.22 25.55 -22.19
CA GLY C 1 0.76 24.98 -20.91
C GLY C 1 -0.40 24.79 -19.93
N GLY C 2 -0.53 23.58 -19.38
CA GLY C 2 -1.61 23.29 -18.46
C GLY C 2 -2.95 23.28 -19.22
N SER C 3 -2.90 23.18 -20.56
CA SER C 3 -4.15 23.15 -21.33
C SER C 3 -4.88 21.89 -20.92
N PRO C 4 -6.18 21.86 -20.95
CA PRO C 4 -6.90 20.65 -20.50
C PRO C 4 -6.43 19.42 -21.25
N THR C 5 -5.95 18.46 -20.47
CA THR C 5 -5.49 17.17 -20.96
C THR C 5 -4.81 17.21 -22.32
N SER C 6 -3.52 17.47 -22.28
CA SER C 6 -2.69 17.49 -23.47
C SER C 6 -1.89 16.18 -23.64
N ILE C 7 -2.13 15.17 -22.76
CA ILE C 7 -1.30 13.95 -22.71
C ILE C 7 -0.02 14.16 -21.91
N LEU C 8 0.54 15.33 -21.90
CA LEU C 8 1.74 15.57 -21.19
C LEU C 8 1.56 15.29 -19.73
N ASP C 9 0.47 15.76 -19.06
CA ASP C 9 0.35 15.31 -17.73
C ASP C 9 -0.62 14.17 -17.65
N ILE C 10 -0.99 13.46 -18.78
CA ILE C 10 -1.93 12.43 -18.49
C ILE C 10 -1.02 11.41 -17.84
N ARG C 11 -1.51 10.53 -16.98
CA ARG C 11 -0.58 9.62 -16.29
C ARG C 11 -1.18 8.27 -15.98
N GLN C 12 -0.44 7.21 -16.25
CA GLN C 12 -0.95 5.93 -15.80
C GLN C 12 -0.51 5.89 -14.40
N GLY C 13 -1.46 5.69 -13.54
CA GLY C 13 -1.15 5.67 -12.15
C GLY C 13 -0.06 4.64 -11.89
N PRO C 14 0.70 4.81 -10.83
CA PRO C 14 1.77 3.84 -10.46
C PRO C 14 1.18 2.46 -10.27
N LYS C 15 -0.09 2.42 -9.86
CA LYS C 15 -0.79 1.17 -9.62
C LYS C 15 -1.95 1.02 -10.61
N GLU C 16 -2.45 2.15 -11.10
CA GLU C 16 -3.58 2.15 -12.01
C GLU C 16 -3.32 1.22 -13.20
N PRO C 17 -4.28 0.41 -13.65
CA PRO C 17 -4.04 -0.51 -14.79
C PRO C 17 -3.88 0.20 -16.11
N PHE C 18 -3.24 -0.55 -16.98
CA PHE C 18 -2.92 -0.12 -18.30
C PHE C 18 -4.13 0.49 -18.96
N ARG C 19 -5.24 -0.21 -18.89
CA ARG C 19 -6.45 0.25 -19.59
C ARG C 19 -7.14 1.48 -19.05
N ASP C 20 -7.20 1.65 -17.73
CA ASP C 20 -7.87 2.84 -17.19
C ASP C 20 -7.21 4.05 -17.79
N TYR C 21 -5.90 3.95 -17.80
CA TYR C 21 -5.06 4.96 -18.34
C TYR C 21 -5.08 5.05 -19.89
N VAL C 22 -4.99 3.92 -20.58
CA VAL C 22 -5.02 3.93 -22.04
C VAL C 22 -6.30 4.63 -22.48
N ASP C 23 -7.34 4.31 -21.77
CA ASP C 23 -8.66 4.89 -22.00
C ASP C 23 -8.63 6.40 -21.65
N ARG C 24 -7.76 6.79 -20.69
CA ARG C 24 -7.65 8.18 -20.30
C ARG C 24 -6.93 8.97 -21.38
N PHE C 25 -5.65 8.64 -21.63
CA PHE C 25 -4.91 9.36 -22.65
C PHE C 25 -5.71 9.30 -23.97
N TYR C 26 -6.30 8.17 -24.30
CA TYR C 26 -7.13 8.16 -25.48
C TYR C 26 -8.29 9.16 -25.31
N LYS C 27 -8.98 9.09 -24.16
CA LYS C 27 -10.12 9.99 -23.92
C LYS C 27 -9.71 11.43 -24.17
N THR C 28 -8.53 11.82 -23.72
CA THR C 28 -8.08 13.18 -23.98
C THR C 28 -7.47 13.35 -25.37
N LEU C 29 -7.04 12.26 -26.01
CA LEU C 29 -6.50 12.36 -27.38
C LEU C 29 -7.57 12.90 -28.30
N ARG C 30 -8.80 12.48 -28.03
CA ARG C 30 -9.94 12.96 -28.77
C ARG C 30 -10.00 14.48 -28.61
N ALA C 31 -9.70 14.96 -27.39
CA ALA C 31 -9.74 16.41 -27.14
C ALA C 31 -8.55 17.10 -27.79
N GLU C 32 -7.42 16.42 -27.81
CA GLU C 32 -6.23 16.96 -28.42
C GLU C 32 -6.43 16.87 -29.93
N GLN C 33 -6.64 18.02 -30.57
CA GLN C 33 -6.83 18.01 -32.01
C GLN C 33 -5.49 17.66 -32.66
N ALA C 34 -5.27 16.35 -32.81
CA ALA C 34 -4.02 15.84 -33.35
C ALA C 34 -4.27 14.98 -34.59
N SER C 35 -3.19 14.76 -35.33
CA SER C 35 -3.21 13.95 -36.54
C SER C 35 -3.05 12.51 -36.10
N GLN C 36 -3.39 11.54 -36.96
CA GLN C 36 -3.29 10.16 -36.51
C GLN C 36 -1.86 9.84 -36.10
N GLU C 37 -0.90 10.33 -36.88
CA GLU C 37 0.51 10.10 -36.56
C GLU C 37 0.87 10.70 -35.21
N VAL C 38 0.37 11.91 -34.98
CA VAL C 38 0.62 12.62 -33.73
C VAL C 38 0.04 11.82 -32.58
N LYS C 39 -1.17 11.31 -32.78
CA LYS C 39 -1.80 10.49 -31.76
C LYS C 39 -0.90 9.23 -31.52
N ASN C 40 -0.01 8.89 -32.52
CA ASN C 40 0.90 7.74 -32.42
C ASN C 40 2.16 7.99 -31.49
N TRP C 41 2.54 9.27 -31.16
CA TRP C 41 3.65 9.48 -30.19
C TRP C 41 3.01 9.17 -28.87
N MET C 42 1.74 9.71 -28.73
CA MET C 42 0.94 9.56 -27.51
C MET C 42 0.70 8.09 -27.23
N THR C 43 0.45 7.28 -28.27
CA THR C 43 0.19 5.86 -28.04
C THR C 43 1.48 5.04 -27.95
N GLU C 44 2.52 5.47 -28.65
CA GLU C 44 3.78 4.72 -28.69
C GLU C 44 4.71 5.05 -27.56
N THR C 45 5.19 6.28 -27.53
CA THR C 45 6.14 6.70 -26.53
C THR C 45 5.51 7.31 -25.26
N LEU C 46 4.42 8.12 -25.33
CA LEU C 46 3.93 8.66 -24.05
C LEU C 46 3.24 7.57 -23.35
N LEU C 47 2.29 6.89 -24.03
CA LEU C 47 1.50 5.79 -23.43
C LEU C 47 2.34 4.91 -22.50
N VAL C 48 3.62 4.78 -22.87
CA VAL C 48 4.62 4.06 -22.14
C VAL C 48 5.28 4.95 -21.07
N GLN C 49 5.93 6.01 -21.54
CA GLN C 49 6.70 6.88 -20.65
C GLN C 49 5.94 7.49 -19.49
N ASN C 50 4.89 8.23 -19.76
CA ASN C 50 4.17 8.83 -18.63
C ASN C 50 3.50 7.76 -17.80
N ALA C 51 3.43 6.54 -18.32
CA ALA C 51 2.69 5.53 -17.64
C ALA C 51 3.46 4.49 -16.92
N ASN C 52 3.04 4.34 -15.65
CA ASN C 52 3.39 3.21 -14.82
C ASN C 52 4.68 2.48 -15.16
N PRO C 53 5.80 2.64 -14.45
CA PRO C 53 7.11 1.93 -14.76
C PRO C 53 6.93 0.47 -15.02
N ASP C 54 5.80 -0.10 -14.56
CA ASP C 54 5.50 -1.47 -14.90
C ASP C 54 5.29 -1.53 -16.41
N CYS C 55 4.22 -0.91 -16.91
CA CYS C 55 4.01 -0.95 -18.35
C CYS C 55 5.14 -0.24 -19.03
N LYS C 56 5.85 0.60 -18.35
CA LYS C 56 6.89 1.23 -19.07
C LYS C 56 7.91 0.19 -19.43
N THR C 57 8.36 -0.49 -18.43
CA THR C 57 9.35 -1.53 -18.64
C THR C 57 8.80 -2.66 -19.56
N ILE C 58 7.53 -3.09 -19.39
CA ILE C 58 7.00 -4.18 -20.26
C ILE C 58 6.84 -3.65 -21.67
N LEU C 59 6.28 -2.45 -21.81
CA LEU C 59 6.05 -1.91 -23.15
C LEU C 59 7.41 -1.81 -23.83
N LYS C 60 8.41 -1.42 -23.04
CA LYS C 60 9.83 -1.34 -23.49
C LYS C 60 10.46 -2.79 -23.66
N ALA C 61 9.84 -3.75 -22.99
CA ALA C 61 10.29 -5.15 -23.04
C ALA C 61 9.64 -5.85 -24.24
N LEU C 62 8.53 -5.32 -24.73
CA LEU C 62 7.90 -5.99 -25.87
C LEU C 62 8.54 -5.49 -27.15
N GLY C 63 8.59 -4.19 -27.18
CA GLY C 63 9.11 -3.40 -28.25
C GLY C 63 8.29 -2.12 -28.16
N PRO C 64 8.84 -0.97 -27.77
CA PRO C 64 8.02 0.27 -27.57
C PRO C 64 7.06 0.52 -28.71
N GLY C 65 5.76 0.67 -28.37
CA GLY C 65 4.74 0.92 -29.42
C GLY C 65 4.10 -0.37 -29.90
N ALA C 66 4.35 -1.49 -29.23
CA ALA C 66 3.74 -2.76 -29.62
C ALA C 66 2.23 -2.54 -29.73
N THR C 67 1.53 -3.38 -30.45
CA THR C 67 0.11 -3.11 -30.65
C THR C 67 -0.65 -2.96 -29.34
N LEU C 68 -1.68 -2.14 -29.37
CA LEU C 68 -2.41 -1.92 -28.15
C LEU C 68 -2.94 -3.24 -27.62
N GLU C 69 -3.25 -4.15 -28.53
CA GLU C 69 -3.69 -5.45 -28.10
C GLU C 69 -2.51 -6.21 -27.51
N GLU C 70 -1.35 -6.11 -28.15
CA GLU C 70 -0.16 -6.83 -27.66
C GLU C 70 0.21 -6.37 -26.27
N MET C 71 0.52 -5.06 -26.13
CA MET C 71 0.83 -4.48 -24.83
C MET C 71 -0.28 -4.88 -23.91
N MET C 72 -1.52 -4.76 -24.33
CA MET C 72 -2.59 -5.18 -23.42
C MET C 72 -2.45 -6.64 -22.95
N THR C 73 -2.23 -7.60 -23.80
CA THR C 73 -2.07 -8.99 -23.30
C THR C 73 -0.96 -9.15 -22.18
N ALA C 74 0.23 -8.59 -22.40
CA ALA C 74 1.35 -8.69 -21.43
C ALA C 74 1.40 -7.59 -20.37
N CYS C 75 0.66 -6.55 -20.61
CA CYS C 75 0.67 -5.37 -19.77
C CYS C 75 -0.70 -5.09 -19.19
N GLN C 76 -1.68 -5.92 -19.47
CA GLN C 76 -2.92 -5.71 -18.77
C GLN C 76 -2.59 -5.98 -17.31
N GLY C 77 -1.57 -6.85 -17.06
CA GLY C 77 -1.16 -7.11 -15.72
C GLY C 77 -0.47 -5.91 -15.02
N VAL C 78 -0.26 -4.86 -15.75
CA VAL C 78 0.41 -3.63 -15.21
C VAL C 78 -0.27 -3.20 -13.95
N GLY C 79 0.43 -2.45 -12.98
CA GLY C 79 -0.27 -2.26 -11.72
C GLY C 79 0.64 -2.66 -10.61
N GLY C 80 0.53 -2.17 -9.35
CA GLY C 80 1.58 -2.67 -8.47
C GLY C 80 1.35 -4.17 -8.26
N PRO C 81 0.38 -4.53 -7.47
CA PRO C 81 -0.06 -5.93 -7.24
C PRO C 81 0.01 -6.78 -8.45
N GLY C 82 -0.25 -6.18 -9.56
CA GLY C 82 -0.27 -6.91 -10.75
C GLY C 82 1.09 -7.28 -11.26
N HIS C 83 1.88 -6.28 -11.57
CA HIS C 83 3.18 -6.51 -12.15
C HIS C 83 4.08 -7.20 -11.15
N LYS C 84 3.86 -6.90 -9.87
CA LYS C 84 4.61 -7.49 -8.78
C LYS C 84 4.79 -8.97 -8.97
N ALA C 85 3.74 -9.60 -9.40
CA ALA C 85 3.78 -11.02 -9.57
C ALA C 85 4.95 -11.40 -10.48
N ARG C 86 5.13 -10.64 -11.53
CA ARG C 86 6.22 -10.87 -12.45
C ARG C 86 7.51 -10.16 -11.97
N VAL C 87 7.52 -8.82 -11.87
CA VAL C 87 8.72 -8.09 -11.48
C VAL C 87 9.31 -8.63 -10.18
N LEU C 88 8.47 -8.97 -9.18
CA LEU C 88 9.05 -9.58 -7.96
C LEU C 88 9.81 -10.85 -8.41
N ALA C 89 9.16 -11.66 -9.24
CA ALA C 89 9.79 -12.88 -9.68
C ALA C 89 11.11 -12.67 -10.45
N GLU C 90 11.15 -11.69 -11.34
CA GLU C 90 12.34 -11.46 -12.16
C GLU C 90 13.50 -10.79 -11.41
N ALA C 91 13.22 -9.65 -10.79
CA ALA C 91 14.27 -8.89 -10.10
C ALA C 91 14.95 -9.74 -9.04
N MET C 92 14.15 -10.59 -8.40
CA MET C 92 14.69 -11.47 -7.38
C MET C 92 15.85 -12.30 -7.90
N SER C 93 15.95 -12.43 -9.22
CA SER C 93 17.03 -13.21 -9.80
C SER C 93 18.07 -12.32 -10.48
N GLN C 94 17.83 -11.02 -10.56
CA GLN C 94 18.79 -10.12 -11.21
C GLN C 94 19.98 -9.92 -10.27
N VAL C 95 19.66 -9.34 -9.13
CA VAL C 95 20.66 -9.12 -8.11
C VAL C 95 21.38 -10.42 -7.79
N THR C 96 20.64 -11.53 -7.82
CA THR C 96 21.20 -12.82 -7.45
C THR C 96 21.79 -13.69 -8.59
N ASN C 97 20.96 -14.09 -9.58
CA ASN C 97 21.45 -15.03 -10.60
C ASN C 97 22.00 -14.47 -11.94
N THR C 98 21.20 -13.71 -12.70
CA THR C 98 21.66 -13.29 -14.04
C THR C 98 22.22 -11.87 -14.13
N ALA C 99 21.59 -10.94 -13.44
CA ALA C 99 22.02 -9.54 -13.51
C ALA C 99 22.91 -9.21 -12.32
N THR C 100 23.57 -10.23 -11.78
CA THR C 100 24.40 -10.01 -10.61
C THR C 100 25.54 -9.09 -10.99
N ILE C 101 25.49 -7.91 -10.41
CA ILE C 101 26.46 -6.86 -10.69
C ILE C 101 27.72 -7.09 -9.85
N MET C 102 28.87 -7.10 -10.51
CA MET C 102 30.13 -7.31 -9.81
C MET C 102 31.12 -6.19 -10.14
N GLY D 1 4.67 35.38 4.25
CA GLY D 1 5.29 34.05 4.46
C GLY D 1 4.22 33.06 4.92
N GLY D 2 4.36 31.80 4.51
CA GLY D 2 3.39 30.79 4.89
C GLY D 2 2.10 30.93 4.09
N SER D 3 2.11 31.77 3.04
CA SER D 3 0.93 31.89 2.21
C SER D 3 0.72 30.50 1.68
N PRO D 4 -0.48 30.16 1.28
CA PRO D 4 -0.76 28.78 0.82
C PRO D 4 0.27 28.30 -0.21
N THR D 5 0.88 27.17 0.13
CA THR D 5 1.87 26.52 -0.71
C THR D 5 2.95 27.46 -1.26
N SER D 6 4.11 27.36 -0.64
CA SER D 6 5.28 28.11 -1.04
C SER D 6 6.31 27.28 -1.84
N ILE D 7 6.09 25.94 -2.13
CA ILE D 7 7.16 25.09 -2.78
C ILE D 7 8.12 24.46 -1.78
N LEU D 8 8.53 25.26 -0.82
CA LEU D 8 9.35 24.83 0.29
C LEU D 8 8.65 23.63 0.89
N ASP D 9 7.30 23.74 1.15
CA ASP D 9 6.63 22.52 1.53
C ASP D 9 5.72 21.92 0.41
N ILE D 10 5.91 22.15 -0.98
CA ILE D 10 4.89 21.51 -1.81
C ILE D 10 5.33 20.05 -1.89
N ARG D 11 4.51 19.14 -1.41
CA ARG D 11 4.96 17.74 -1.32
C ARG D 11 4.53 16.80 -2.44
N GLN D 12 5.48 15.93 -2.72
CA GLN D 12 5.30 14.87 -3.66
C GLN D 12 4.94 13.66 -2.84
N GLY D 13 3.84 13.06 -3.12
CA GLY D 13 3.44 11.93 -2.36
C GLY D 13 4.47 10.80 -2.47
N PRO D 14 4.64 9.98 -1.45
CA PRO D 14 5.61 8.86 -1.50
C PRO D 14 5.40 8.02 -2.77
N LYS D 15 4.17 8.05 -3.29
CA LYS D 15 3.84 7.32 -4.52
C LYS D 15 3.39 8.26 -5.66
N GLU D 16 3.10 9.53 -5.32
CA GLU D 16 2.62 10.51 -6.31
C GLU D 16 3.58 10.63 -7.50
N PRO D 17 3.20 10.34 -8.72
CA PRO D 17 4.14 10.48 -9.84
C PRO D 17 4.70 11.88 -9.93
N PHE D 18 5.94 11.96 -10.38
CA PHE D 18 6.60 13.23 -10.55
C PHE D 18 5.73 14.07 -11.47
N ARG D 19 5.29 13.53 -12.58
CA ARG D 19 4.43 14.32 -13.45
C ARG D 19 3.17 14.82 -12.73
N ASP D 20 2.77 14.18 -11.61
CA ASP D 20 1.56 14.61 -10.87
C ASP D 20 1.90 15.66 -9.82
N TYR D 21 2.89 15.35 -8.98
CA TYR D 21 3.34 16.28 -7.95
C TYR D 21 3.89 17.53 -8.56
N VAL D 22 4.68 17.35 -9.58
CA VAL D 22 5.26 18.46 -10.29
C VAL D 22 4.12 19.37 -10.73
N ASP D 23 2.95 18.79 -10.98
CA ASP D 23 1.82 19.61 -11.36
C ASP D 23 1.44 20.54 -10.20
N ARG D 24 1.47 20.00 -8.99
CA ARG D 24 1.15 20.75 -7.76
C ARG D 24 2.18 21.84 -7.47
N PHE D 25 3.43 21.49 -7.72
CA PHE D 25 4.53 22.41 -7.53
C PHE D 25 4.37 23.56 -8.52
N TYR D 26 4.15 23.25 -9.80
CA TYR D 26 3.97 24.31 -10.77
C TYR D 26 2.76 25.16 -10.42
N LYS D 27 1.67 24.48 -10.09
CA LYS D 27 0.43 25.18 -9.81
C LYS D 27 0.55 26.15 -8.65
N THR D 28 1.07 25.70 -7.53
CA THR D 28 1.19 26.64 -6.45
C THR D 28 2.17 27.74 -6.83
N LEU D 29 3.11 27.45 -7.73
CA LEU D 29 4.00 28.53 -8.11
C LEU D 29 3.16 29.65 -8.72
N ARG D 30 2.11 29.30 -9.48
CA ARG D 30 1.26 30.35 -9.98
C ARG D 30 0.71 31.13 -8.78
N ALA D 31 0.42 30.41 -7.69
CA ALA D 31 -0.08 31.05 -6.46
C ALA D 31 0.97 32.00 -5.84
N GLU D 32 2.21 31.65 -5.99
CA GLU D 32 3.31 32.46 -5.45
C GLU D 32 3.68 33.61 -6.42
N GLN D 33 3.62 34.86 -5.94
CA GLN D 33 3.99 36.00 -6.78
C GLN D 33 5.51 36.22 -6.75
N ALA D 34 6.20 35.60 -7.70
CA ALA D 34 7.65 35.69 -7.78
C ALA D 34 8.09 36.05 -9.18
N SER D 35 9.36 36.41 -9.34
CA SER D 35 9.89 36.68 -10.66
C SER D 35 10.05 35.34 -11.36
N GLN D 36 10.01 35.30 -12.68
CA GLN D 36 10.11 34.01 -13.35
C GLN D 36 11.39 33.29 -12.95
N GLU D 37 12.51 34.01 -13.04
CA GLU D 37 13.79 33.45 -12.64
C GLU D 37 13.84 33.26 -11.13
N VAL D 38 13.21 34.16 -10.37
CA VAL D 38 13.24 34.01 -8.92
C VAL D 38 12.74 32.63 -8.56
N LYS D 39 11.60 32.27 -9.18
CA LYS D 39 10.99 30.94 -9.01
C LYS D 39 11.90 29.83 -9.51
N ASN D 40 12.90 30.17 -10.28
CA ASN D 40 13.72 29.13 -10.84
C ASN D 40 14.31 28.24 -9.75
N TRP D 41 14.64 28.78 -8.58
CA TRP D 41 15.15 27.90 -7.53
C TRP D 41 14.07 26.88 -7.24
N MET D 42 12.81 27.36 -7.28
CA MET D 42 11.66 26.57 -6.92
C MET D 42 11.44 25.47 -7.92
N THR D 43 11.77 25.76 -9.17
CA THR D 43 11.62 24.78 -10.23
C THR D 43 12.87 23.91 -10.38
N GLU D 44 13.99 24.42 -9.90
CA GLU D 44 15.24 23.70 -10.04
C GLU D 44 15.58 22.78 -8.89
N THR D 45 15.92 23.34 -7.72
CA THR D 45 16.32 22.51 -6.57
C THR D 45 15.20 22.18 -5.59
N LEU D 46 14.14 23.03 -5.44
CA LEU D 46 13.06 22.62 -4.50
C LEU D 46 12.56 21.31 -4.96
N LEU D 47 12.27 21.24 -6.21
CA LEU D 47 11.74 20.04 -6.77
C LEU D 47 12.68 18.88 -6.44
N VAL D 48 13.98 19.20 -6.31
CA VAL D 48 14.98 18.21 -5.95
C VAL D 48 15.03 17.98 -4.45
N GLN D 49 14.58 18.92 -3.67
CA GLN D 49 14.69 18.79 -2.24
C GLN D 49 13.48 18.18 -1.50
N ASN D 50 12.28 18.77 -1.69
CA ASN D 50 11.14 18.32 -0.88
C ASN D 50 10.19 17.44 -1.63
N ALA D 51 10.66 16.82 -2.68
CA ALA D 51 9.75 16.04 -3.52
C ALA D 51 9.81 14.52 -3.45
N ASN D 52 9.46 13.86 -2.32
CA ASN D 52 9.36 12.37 -2.37
C ASN D 52 10.68 11.63 -2.75
N PRO D 53 11.35 10.91 -1.87
CA PRO D 53 12.64 10.16 -2.18
C PRO D 53 12.64 9.36 -3.48
N ASP D 54 11.50 9.13 -4.09
CA ASP D 54 11.55 8.48 -5.37
C ASP D 54 12.29 9.40 -6.34
N CYS D 55 11.81 10.64 -6.51
CA CYS D 55 12.48 11.59 -7.43
C CYS D 55 13.51 12.46 -6.70
N LYS D 56 13.33 12.63 -5.40
CA LYS D 56 14.23 13.46 -4.61
C LYS D 56 15.64 12.88 -4.71
N THR D 57 15.71 11.54 -4.85
CA THR D 57 16.97 10.84 -5.01
C THR D 57 17.37 10.79 -6.50
N ILE D 58 16.40 10.58 -7.42
CA ILE D 58 16.73 10.54 -8.85
C ILE D 58 17.37 11.84 -9.27
N LEU D 59 16.80 12.92 -8.81
CA LEU D 59 17.35 14.19 -9.14
C LEU D 59 18.82 14.25 -8.66
N LYS D 60 19.18 13.40 -7.67
CA LYS D 60 20.58 13.31 -7.23
C LYS D 60 21.39 12.30 -8.11
N ALA D 61 20.79 11.13 -8.44
CA ALA D 61 21.46 10.09 -9.29
C ALA D 61 21.72 10.54 -10.77
N LEU D 62 20.77 11.28 -11.34
CA LEU D 62 20.88 11.79 -12.71
C LEU D 62 22.10 12.66 -12.84
N GLY D 63 22.35 13.39 -11.78
CA GLY D 63 23.40 14.37 -11.78
C GLY D 63 22.65 15.69 -11.85
N PRO D 64 22.22 16.23 -10.71
CA PRO D 64 21.38 17.46 -10.63
C PRO D 64 21.62 18.49 -11.73
N GLY D 65 20.56 19.28 -12.00
CA GLY D 65 20.60 20.32 -13.02
C GLY D 65 20.02 19.87 -14.36
N ALA D 66 19.74 18.57 -14.49
CA ALA D 66 19.16 18.09 -15.72
C ALA D 66 17.90 18.87 -15.97
N THR D 67 17.54 19.07 -17.21
CA THR D 67 16.35 19.86 -17.47
C THR D 67 15.16 19.26 -16.78
N LEU D 68 14.06 19.97 -16.81
CA LEU D 68 12.88 19.45 -16.16
C LEU D 68 12.37 18.29 -16.98
N GLU D 69 12.33 18.48 -18.28
CA GLU D 69 11.91 17.40 -19.15
C GLU D 69 12.83 16.21 -18.94
N GLU D 70 14.14 16.48 -18.88
CA GLU D 70 15.12 15.39 -18.68
C GLU D 70 14.86 14.63 -17.37
N MET D 71 14.71 15.37 -16.25
CA MET D 71 14.48 14.75 -14.93
C MET D 71 13.21 13.96 -15.02
N MET D 72 12.24 14.51 -15.73
CA MET D 72 10.93 13.87 -15.82
C MET D 72 10.98 12.47 -16.39
N THR D 73 11.72 12.25 -17.47
CA THR D 73 11.75 10.93 -18.07
C THR D 73 12.12 9.90 -17.02
N ALA D 74 13.16 10.22 -16.27
CA ALA D 74 13.62 9.34 -15.20
C ALA D 74 12.65 9.30 -14.03
N CYS D 75 12.13 10.44 -13.65
CA CYS D 75 11.24 10.47 -12.53
C CYS D 75 9.95 9.73 -12.80
N GLN D 76 9.71 9.32 -14.05
CA GLN D 76 8.54 8.51 -14.32
C GLN D 76 8.68 7.19 -13.57
N GLY D 77 9.91 6.83 -13.17
CA GLY D 77 10.12 5.62 -12.38
C GLY D 77 9.44 5.76 -11.01
N VAL D 78 9.18 6.99 -10.58
CA VAL D 78 8.58 7.34 -9.23
C VAL D 78 7.22 6.72 -9.05
N GLY D 79 6.79 6.33 -7.78
CA GLY D 79 5.54 5.55 -7.76
C GLY D 79 5.47 4.43 -6.73
N GLY D 80 4.28 3.98 -6.27
CA GLY D 80 4.42 2.98 -5.19
C GLY D 80 5.18 1.68 -5.63
N PRO D 81 4.77 1.04 -6.69
CA PRO D 81 5.44 -0.16 -7.21
C PRO D 81 6.57 0.12 -8.22
N GLY D 82 6.34 1.07 -9.14
CA GLY D 82 7.29 1.36 -10.20
C GLY D 82 8.67 1.77 -9.72
N HIS D 83 8.76 2.67 -8.76
CA HIS D 83 10.08 3.04 -8.29
C HIS D 83 10.63 1.90 -7.54
N LYS D 84 9.79 1.42 -6.64
CA LYS D 84 10.12 0.31 -5.80
C LYS D 84 10.83 -0.80 -6.56
N ALA D 85 10.50 -0.98 -7.84
CA ALA D 85 11.18 -2.02 -8.63
C ALA D 85 12.69 -1.70 -8.74
N ARG D 86 12.99 -0.45 -9.13
CA ARG D 86 14.37 0.03 -9.25
C ARG D 86 15.08 0.03 -7.88
N VAL D 87 14.49 0.67 -6.87
CA VAL D 87 15.13 0.73 -5.55
C VAL D 87 15.35 -0.67 -5.00
N LEU D 88 14.55 -1.65 -5.49
CA LEU D 88 14.71 -3.04 -5.06
C LEU D 88 16.00 -3.59 -5.63
N ALA D 89 16.14 -3.48 -6.95
CA ALA D 89 17.32 -3.98 -7.65
C ALA D 89 18.61 -3.32 -7.18
N GLU D 90 18.56 -2.01 -6.98
CA GLU D 90 19.73 -1.29 -6.53
C GLU D 90 20.04 -1.58 -5.06
N ALA D 91 19.06 -1.38 -4.20
CA ALA D 91 19.27 -1.61 -2.76
C ALA D 91 19.62 -3.06 -2.41
N MET D 92 18.89 -4.00 -3.02
CA MET D 92 19.09 -5.42 -2.72
C MET D 92 20.48 -5.82 -3.14
N SER D 93 20.91 -5.26 -4.26
CA SER D 93 22.24 -5.53 -4.80
C SER D 93 23.30 -4.61 -4.16
N GLN D 94 22.88 -3.65 -3.34
CA GLN D 94 23.83 -2.74 -2.71
C GLN D 94 24.42 -3.42 -1.48
N VAL D 95 23.57 -3.72 -0.51
CA VAL D 95 24.02 -4.37 0.68
C VAL D 95 24.78 -5.65 0.31
N THR D 96 24.38 -6.28 -0.80
CA THR D 96 25.03 -7.51 -1.21
C THR D 96 26.24 -7.35 -2.17
N ASN D 97 26.03 -6.75 -3.35
CA ASN D 97 27.12 -6.68 -4.34
C ASN D 97 28.03 -5.44 -4.34
N THR D 98 27.48 -4.24 -4.51
CA THR D 98 28.33 -3.05 -4.63
C THR D 98 28.46 -2.24 -3.35
N ALA D 99 27.39 -2.09 -2.62
CA ALA D 99 27.44 -1.29 -1.40
C ALA D 99 27.72 -2.14 -0.18
N THR D 100 28.39 -3.27 -0.34
CA THR D 100 28.66 -4.08 0.83
C THR D 100 29.59 -3.26 1.73
N ILE D 101 29.03 -2.84 2.86
CA ILE D 101 29.77 -1.99 3.78
C ILE D 101 30.49 -2.83 4.82
N MET D 102 31.79 -2.54 4.99
CA MET D 102 32.60 -3.27 5.96
C MET D 102 33.18 -2.34 7.00
N GLY E 1 -8.42 21.70 30.30
CA GLY E 1 -7.07 21.14 30.54
C GLY E 1 -6.79 20.03 29.52
N GLY E 2 -5.70 20.17 28.77
CA GLY E 2 -5.38 19.19 27.76
C GLY E 2 -6.40 19.37 26.67
N SER E 3 -6.70 20.65 26.39
CA SER E 3 -7.65 21.01 25.37
C SER E 3 -7.24 20.31 24.10
N PRO E 4 -8.14 20.12 23.17
CA PRO E 4 -7.82 19.37 21.94
C PRO E 4 -6.52 19.83 21.29
N THR E 5 -5.62 18.88 21.14
CA THR E 5 -4.35 19.10 20.50
C THR E 5 -3.66 20.40 20.91
N SER E 6 -3.25 20.46 22.13
CA SER E 6 -2.52 21.61 22.62
C SER E 6 -1.00 21.37 22.58
N ILE E 7 -0.56 20.30 21.90
CA ILE E 7 0.81 19.86 21.95
C ILE E 7 0.87 19.01 23.22
N LEU E 8 -0.11 18.10 23.20
CA LEU E 8 -0.26 17.08 24.23
C LEU E 8 0.23 15.86 23.60
N ASP E 9 -0.36 15.66 22.43
CA ASP E 9 0.05 14.58 21.67
C ASP E 9 0.00 14.86 20.18
N ILE E 10 0.45 16.02 19.63
CA ILE E 10 0.08 16.14 18.24
C ILE E 10 0.75 15.01 17.40
N ARG E 11 -0.09 14.07 16.96
CA ARG E 11 0.42 12.85 16.30
C ARG E 11 0.50 12.95 14.81
N GLN E 12 1.53 12.28 14.26
CA GLN E 12 1.69 12.23 12.80
C GLN E 12 1.26 10.90 12.19
N GLY E 13 0.67 10.96 11.01
CA GLY E 13 0.24 9.75 10.32
C GLY E 13 1.45 8.92 9.83
N PRO E 14 1.36 7.61 9.77
CA PRO E 14 2.52 6.75 9.33
C PRO E 14 3.12 7.16 7.97
N LYS E 15 2.25 7.38 7.01
CA LYS E 15 2.69 7.82 5.67
C LYS E 15 2.52 9.35 5.54
N GLU E 16 1.58 9.93 6.37
CA GLU E 16 1.31 11.36 6.38
C GLU E 16 2.67 12.04 6.44
N PRO E 17 3.05 12.86 5.48
CA PRO E 17 4.41 13.44 5.50
C PRO E 17 4.60 14.35 6.66
N PHE E 18 5.86 14.40 7.10
CA PHE E 18 6.27 15.21 8.22
C PHE E 18 5.61 16.55 8.17
N ARG E 19 5.90 17.25 7.11
CA ARG E 19 5.37 18.55 6.87
C ARG E 19 3.86 18.63 7.00
N ASP E 20 3.10 17.57 6.55
CA ASP E 20 1.61 17.61 6.67
C ASP E 20 1.21 17.76 8.14
N TYR E 21 1.91 17.01 9.00
CA TYR E 21 1.68 17.05 10.46
C TYR E 21 2.40 18.25 11.13
N VAL E 22 3.48 18.75 10.52
CA VAL E 22 4.16 19.92 11.09
C VAL E 22 3.23 21.15 10.88
N ASP E 23 2.53 21.12 9.74
CA ASP E 23 1.56 22.16 9.40
C ASP E 23 0.34 22.05 10.35
N ARG E 24 0.05 20.79 10.77
CA ARG E 24 -1.05 20.50 11.68
C ARG E 24 -0.79 21.03 13.08
N PHE E 25 0.42 20.75 13.63
CA PHE E 25 0.75 21.15 15.00
C PHE E 25 0.96 22.64 15.09
N TYR E 26 1.45 23.25 14.02
CA TYR E 26 1.61 24.68 14.07
C TYR E 26 0.20 25.24 14.16
N LYS E 27 -0.65 24.70 13.32
CA LYS E 27 -2.03 25.08 13.31
C LYS E 27 -2.67 24.75 14.66
N THR E 28 -2.25 23.64 15.29
CA THR E 28 -2.92 23.31 16.52
C THR E 28 -2.35 24.13 17.65
N LEU E 29 -1.12 24.62 17.51
CA LEU E 29 -0.61 25.46 18.56
C LEU E 29 -1.48 26.73 18.56
N ARG E 30 -1.95 27.14 17.37
CA ARG E 30 -2.86 28.29 17.26
C ARG E 30 -4.10 27.98 18.08
N ALA E 31 -4.49 26.70 18.04
CA ALA E 31 -5.62 26.21 18.81
C ALA E 31 -5.33 26.33 20.32
N GLU E 32 -4.03 26.37 20.67
CA GLU E 32 -3.59 26.48 22.07
C GLU E 32 -3.09 27.90 22.40
N GLN E 33 -3.77 28.57 23.34
CA GLN E 33 -3.36 29.93 23.72
C GLN E 33 -2.14 29.89 24.66
N ALA E 34 -0.95 30.05 24.04
CA ALA E 34 0.32 29.97 24.80
C ALA E 34 1.29 31.09 24.44
N SER E 35 2.35 31.16 25.23
CA SER E 35 3.40 32.13 25.00
C SER E 35 4.08 31.77 23.69
N GLN E 36 4.62 32.75 22.94
CA GLN E 36 5.31 32.43 21.69
C GLN E 36 6.48 31.50 21.99
N GLU E 37 7.20 31.84 23.07
CA GLU E 37 8.29 31.01 23.54
C GLU E 37 7.72 29.67 23.94
N VAL E 38 6.55 29.71 24.57
CA VAL E 38 5.94 28.45 24.96
C VAL E 38 5.76 27.61 23.73
N LYS E 39 5.29 28.20 22.67
CA LYS E 39 5.11 27.44 21.47
C LYS E 39 6.46 26.94 20.94
N ASN E 40 7.55 27.63 21.25
CA ASN E 40 8.85 27.17 20.77
C ASN E 40 9.25 25.80 21.34
N TRP E 41 9.24 25.61 22.68
CA TRP E 41 9.60 24.29 23.22
C TRP E 41 8.56 23.27 22.73
N MET E 42 7.30 23.73 22.49
CA MET E 42 6.23 22.87 21.96
C MET E 42 6.56 22.33 20.55
N THR E 43 7.13 23.19 19.71
CA THR E 43 7.49 22.79 18.32
C THR E 43 8.80 21.98 18.28
N GLU E 44 9.74 22.36 19.10
CA GLU E 44 11.01 21.65 19.08
C GLU E 44 10.91 20.27 19.74
N THR E 45 10.31 20.23 20.93
CA THR E 45 10.26 18.97 21.64
C THR E 45 9.06 18.07 21.33
N LEU E 46 7.87 18.58 21.59
CA LEU E 46 6.71 17.75 21.50
C LEU E 46 6.52 17.28 20.06
N LEU E 47 7.10 18.01 19.08
CA LEU E 47 6.99 17.60 17.66
C LEU E 47 7.81 16.30 17.44
N VAL E 48 9.06 16.33 17.89
CA VAL E 48 10.01 15.21 17.73
C VAL E 48 9.70 14.04 18.65
N GLN E 49 8.95 14.30 19.69
CA GLN E 49 8.62 13.27 20.63
C GLN E 49 7.57 12.28 20.12
N ASN E 50 6.56 12.79 19.40
CA ASN E 50 5.40 11.95 19.05
C ASN E 50 5.00 11.83 17.57
N ALA E 51 5.88 11.97 16.58
CA ALA E 51 5.39 11.96 15.16
C ALA E 51 6.14 11.05 14.15
N ASN E 52 5.38 10.19 13.43
CA ASN E 52 5.89 9.36 12.33
C ASN E 52 7.30 8.83 12.61
N PRO E 53 7.48 7.66 13.17
CA PRO E 53 8.84 7.11 13.50
C PRO E 53 9.84 7.34 12.38
N ASP E 54 9.37 7.50 11.10
CA ASP E 54 10.30 7.79 9.99
C ASP E 54 10.89 9.19 10.12
N CYS E 55 10.05 10.15 10.52
CA CYS E 55 10.51 11.53 10.67
C CYS E 55 11.09 11.69 12.03
N LYS E 56 10.60 10.92 12.99
CA LYS E 56 11.12 10.98 14.34
C LYS E 56 12.47 10.31 14.39
N THR E 57 12.67 9.27 13.56
CA THR E 57 13.97 8.55 13.57
C THR E 57 15.02 9.49 12.98
N ILE E 58 14.58 10.26 12.00
CA ILE E 58 15.41 11.26 11.38
C ILE E 58 15.68 12.40 12.32
N LEU E 59 14.63 12.88 12.94
CA LEU E 59 14.72 14.00 13.85
C LEU E 59 15.76 13.73 14.89
N LYS E 60 15.94 12.47 15.24
CA LYS E 60 16.99 12.16 16.20
C LYS E 60 18.35 12.37 15.55
N ALA E 61 18.47 11.92 14.29
CA ALA E 61 19.72 12.02 13.54
C ALA E 61 20.13 13.48 13.27
N LEU E 62 19.20 14.27 12.77
CA LEU E 62 19.48 15.66 12.48
C LEU E 62 19.83 16.31 13.79
N GLY E 63 19.11 15.87 14.85
CA GLY E 63 19.34 16.35 16.21
C GLY E 63 18.48 17.58 16.51
N PRO E 64 18.19 17.86 17.78
CA PRO E 64 17.34 19.05 18.18
C PRO E 64 18.06 20.44 18.12
N GLY E 65 17.24 21.43 17.77
CA GLY E 65 17.64 22.81 17.58
C GLY E 65 17.82 23.10 16.08
N ALA E 66 17.98 22.04 15.28
CA ALA E 66 18.10 22.21 13.86
C ALA E 66 16.86 22.90 13.39
N THR E 67 16.97 23.64 12.29
CA THR E 67 15.82 24.37 11.77
C THR E 67 14.78 23.43 11.22
N LEU E 68 13.61 23.98 10.96
CA LEU E 68 12.57 23.17 10.39
C LEU E 68 13.00 22.88 8.97
N GLU E 69 13.50 23.92 8.31
CA GLU E 69 14.02 23.76 7.00
C GLU E 69 15.10 22.69 7.08
N GLU E 70 15.78 22.61 8.24
CA GLU E 70 16.79 21.58 8.38
C GLU E 70 16.10 20.22 8.53
N MET E 71 14.96 20.17 9.28
CA MET E 71 14.23 18.91 9.51
C MET E 71 13.59 18.44 8.23
N MET E 72 12.59 19.22 7.77
CA MET E 72 11.81 18.93 6.54
C MET E 72 12.66 18.32 5.43
N THR E 73 13.89 18.78 5.26
CA THR E 73 14.72 18.24 4.20
C THR E 73 15.02 16.75 4.45
N ALA E 74 15.40 16.41 5.68
CA ALA E 74 15.70 15.03 6.03
C ALA E 74 14.46 14.18 6.13
N CYS E 75 13.44 14.79 6.77
CA CYS E 75 12.13 14.19 6.96
C CYS E 75 11.44 14.08 5.62
N GLN E 76 11.90 14.81 4.61
CA GLN E 76 11.31 14.57 3.30
C GLN E 76 11.62 13.10 2.92
N GLY E 77 12.65 12.48 3.56
CA GLY E 77 12.98 11.08 3.36
C GLY E 77 11.81 10.19 3.81
N VAL E 78 11.00 10.69 4.74
CA VAL E 78 9.77 9.99 5.32
C VAL E 78 8.83 9.58 4.22
N GLY E 79 7.87 8.56 4.42
CA GLY E 79 7.09 8.18 3.22
C GLY E 79 7.01 6.70 2.97
N GLY E 80 6.00 6.13 2.30
CA GLY E 80 6.09 4.68 2.22
C GLY E 80 7.26 4.37 1.28
N PRO E 81 7.07 4.39 0.00
CA PRO E 81 8.20 4.25 -0.93
C PRO E 81 9.25 5.36 -0.62
N GLY E 82 8.78 6.49 -0.12
CA GLY E 82 9.71 7.56 0.19
C GLY E 82 10.79 7.11 1.19
N HIS E 83 10.36 6.71 2.39
CA HIS E 83 11.29 6.27 3.45
C HIS E 83 11.83 4.91 3.14
N LYS E 84 10.96 4.04 2.62
CA LYS E 84 11.32 2.66 2.23
C LYS E 84 12.45 2.66 1.21
N ALA E 85 12.42 3.59 0.25
CA ALA E 85 13.48 3.64 -0.77
C ALA E 85 14.84 3.86 -0.14
N ARG E 86 14.87 4.52 1.02
CA ARG E 86 16.14 4.78 1.73
C ARG E 86 16.49 3.66 2.72
N VAL E 87 15.50 3.29 3.52
CA VAL E 87 15.69 2.27 4.54
C VAL E 87 15.71 0.86 3.94
N LEU E 88 15.26 0.69 2.73
CA LEU E 88 15.26 -0.65 2.18
C LEU E 88 16.70 -1.11 2.12
N ALA E 89 17.53 -0.23 1.62
CA ALA E 89 18.95 -0.51 1.56
C ALA E 89 19.53 -0.55 2.97
N GLU E 90 19.07 0.40 3.80
CA GLU E 90 19.59 0.53 5.16
C GLU E 90 19.28 -0.66 6.05
N ALA E 91 18.00 -0.92 6.33
CA ALA E 91 17.60 -2.01 7.23
C ALA E 91 18.14 -3.32 6.74
N MET E 92 18.16 -3.49 5.44
CA MET E 92 18.71 -4.69 4.88
C MET E 92 20.16 -4.80 5.26
N SER E 93 20.81 -3.66 5.49
CA SER E 93 22.21 -3.68 5.89
C SER E 93 22.35 -3.48 7.41
N GLN E 94 21.26 -3.10 8.10
CA GLN E 94 21.37 -2.95 9.52
C GLN E 94 21.63 -4.32 10.05
N VAL E 95 20.98 -5.31 9.47
CA VAL E 95 21.15 -6.66 9.92
C VAL E 95 22.45 -7.26 9.35
N THR E 96 22.82 -6.84 8.15
CA THR E 96 24.00 -7.41 7.51
C THR E 96 25.35 -6.69 7.75
N ASN E 97 25.45 -5.40 7.38
CA ASN E 97 26.77 -4.74 7.46
C ASN E 97 27.16 -3.95 8.72
N THR E 98 26.40 -2.91 9.09
CA THR E 98 26.84 -2.05 10.22
C THR E 98 26.19 -2.34 11.57
N ALA E 99 24.91 -2.62 11.57
CA ALA E 99 24.23 -2.85 12.84
C ALA E 99 24.10 -4.34 13.13
N THR E 100 25.04 -5.13 12.60
CA THR E 100 24.96 -6.56 12.81
C THR E 100 25.13 -6.84 14.30
N ILE E 101 24.06 -7.36 14.88
CA ILE E 101 24.02 -7.62 16.31
C ILE E 101 24.51 -9.03 16.62
N MET E 102 25.56 -9.12 17.43
CA MET E 102 26.13 -10.41 17.79
C MET E 102 25.90 -10.70 19.28
N GLY F 1 -27.12 -7.46 20.58
CA GLY F 1 -26.42 -7.77 19.29
C GLY F 1 -26.60 -6.60 18.32
N GLY F 2 -25.51 -6.15 17.70
CA GLY F 2 -25.59 -5.03 16.79
C GLY F 2 -25.71 -3.71 17.55
N SER F 3 -25.65 -3.74 18.90
CA SER F 3 -25.72 -2.50 19.66
C SER F 3 -24.56 -1.65 19.17
N PRO F 4 -24.70 -0.36 18.96
CA PRO F 4 -23.57 0.41 18.41
C PRO F 4 -22.30 0.36 19.26
N THR F 5 -21.30 -0.22 18.64
CA THR F 5 -19.93 -0.29 19.17
C THR F 5 -19.78 -0.29 20.70
N SER F 6 -20.02 -1.39 21.33
CA SER F 6 -19.77 -1.48 22.79
C SER F 6 -18.33 -1.90 23.09
N ILE F 7 -17.50 -2.05 22.05
CA ILE F 7 -16.16 -2.55 22.19
C ILE F 7 -16.31 -3.97 22.47
N LEU F 8 -16.89 -4.57 21.48
CA LEU F 8 -17.07 -6.01 21.34
C LEU F 8 -16.17 -6.29 20.19
N ASP F 9 -16.37 -5.46 19.11
CA ASP F 9 -15.49 -5.55 18.03
C ASP F 9 -14.82 -4.20 17.75
N ILE F 10 -14.54 -3.25 18.77
CA ILE F 10 -14.08 -1.99 18.20
C ILE F 10 -12.73 -2.20 17.46
N ARG F 11 -12.72 -2.14 16.16
CA ARG F 11 -11.47 -2.43 15.44
C ARG F 11 -10.61 -1.25 15.14
N GLN F 12 -9.32 -1.48 15.33
CA GLN F 12 -8.34 -0.52 14.91
C GLN F 12 -7.99 -1.03 13.59
N GLY F 13 -8.01 -0.15 12.62
CA GLY F 13 -7.70 -0.58 11.30
C GLY F 13 -6.35 -1.27 11.30
N PRO F 14 -6.11 -2.21 10.42
CA PRO F 14 -4.78 -2.87 10.35
C PRO F 14 -3.69 -1.81 10.09
N LYS F 15 -4.10 -0.60 9.63
CA LYS F 15 -3.19 0.51 9.40
C LYS F 15 -3.55 1.70 10.32
N GLU F 16 -4.81 1.74 10.78
CA GLU F 16 -5.27 2.86 11.58
C GLU F 16 -4.31 3.15 12.74
N PRO F 17 -3.94 4.39 12.99
CA PRO F 17 -3.06 4.63 14.13
C PRO F 17 -3.74 4.17 15.37
N PHE F 18 -2.96 3.75 16.31
CA PHE F 18 -3.48 3.27 17.57
C PHE F 18 -4.49 4.24 18.16
N ARG F 19 -4.08 5.48 18.25
CA ARG F 19 -4.92 6.57 18.81
C ARG F 19 -6.21 6.84 18.05
N ASP F 20 -6.13 6.93 16.71
CA ASP F 20 -7.33 7.25 15.93
C ASP F 20 -8.44 6.31 16.29
N TYR F 21 -8.05 5.07 16.47
CA TYR F 21 -8.94 4.01 16.86
C TYR F 21 -9.41 4.14 18.30
N VAL F 22 -8.45 4.40 19.19
CA VAL F 22 -8.73 4.59 20.61
C VAL F 22 -9.69 5.80 20.75
N ASP F 23 -9.67 6.70 19.80
CA ASP F 23 -10.60 7.82 19.89
C ASP F 23 -12.01 7.23 19.70
N ARG F 24 -12.11 6.21 18.79
CA ARG F 24 -13.38 5.54 18.48
C ARG F 24 -13.89 4.75 19.68
N PHE F 25 -13.07 3.82 20.20
CA PHE F 25 -13.52 3.03 21.34
C PHE F 25 -13.87 3.98 22.46
N TYR F 26 -13.19 5.11 22.56
CA TYR F 26 -13.58 6.06 23.58
C TYR F 26 -14.88 6.83 23.17
N LYS F 27 -15.03 7.11 21.90
CA LYS F 27 -16.21 7.85 21.49
C LYS F 27 -17.45 7.02 21.83
N THR F 28 -17.32 5.74 21.62
CA THR F 28 -18.39 4.83 21.87
C THR F 28 -18.40 4.31 23.31
N LEU F 29 -17.26 4.31 24.03
CA LEU F 29 -17.28 3.88 25.45
C LEU F 29 -18.20 4.77 26.23
N ARG F 30 -18.06 6.07 25.98
CA ARG F 30 -18.92 7.04 26.60
C ARG F 30 -20.38 6.69 26.27
N ALA F 31 -20.58 5.99 25.13
CA ALA F 31 -21.93 5.63 24.70
C ALA F 31 -22.35 4.29 25.29
N GLU F 32 -21.39 3.44 25.55
CA GLU F 32 -21.68 2.15 26.14
C GLU F 32 -21.82 2.39 27.64
N GLN F 33 -23.05 2.33 28.15
CA GLN F 33 -23.26 2.56 29.57
C GLN F 33 -22.57 1.42 30.33
N ALA F 34 -21.33 1.66 30.71
CA ALA F 34 -20.52 0.66 31.40
C ALA F 34 -19.88 1.22 32.65
N SER F 35 -19.35 0.30 33.46
CA SER F 35 -18.66 0.63 34.71
C SER F 35 -17.23 0.98 34.37
N GLN F 36 -16.52 1.66 35.25
CA GLN F 36 -15.17 2.04 34.87
C GLN F 36 -14.30 0.84 34.57
N GLU F 37 -14.34 -0.20 35.42
CA GLU F 37 -13.52 -1.39 35.17
C GLU F 37 -14.04 -2.15 33.96
N VAL F 38 -15.35 -2.06 33.73
CA VAL F 38 -15.95 -2.72 32.58
C VAL F 38 -15.35 -2.10 31.34
N LYS F 39 -15.24 -0.77 31.38
CA LYS F 39 -14.62 -0.04 30.30
C LYS F 39 -13.13 -0.49 30.20
N ASN F 40 -12.53 -0.86 31.39
CA ASN F 40 -11.13 -1.34 31.49
C ASN F 40 -10.95 -2.75 30.77
N TRP F 41 -12.06 -3.48 30.43
CA TRP F 41 -11.92 -4.72 29.65
C TRP F 41 -11.66 -4.27 28.26
N MET F 42 -12.52 -3.27 27.88
CA MET F 42 -12.53 -2.66 26.54
C MET F 42 -11.21 -1.92 26.32
N THR F 43 -10.65 -1.32 27.38
CA THR F 43 -9.38 -0.62 27.23
C THR F 43 -8.16 -1.55 27.36
N GLU F 44 -8.19 -2.42 28.36
CA GLU F 44 -7.03 -3.25 28.63
C GLU F 44 -6.86 -4.37 27.64
N THR F 45 -7.81 -5.28 27.56
CA THR F 45 -7.68 -6.40 26.66
C THR F 45 -8.31 -6.23 25.26
N LEU F 46 -9.49 -5.53 25.11
CA LEU F 46 -10.10 -5.51 23.76
C LEU F 46 -9.43 -4.49 22.93
N LEU F 47 -9.07 -3.37 23.58
CA LEU F 47 -8.37 -2.32 22.86
C LEU F 47 -7.18 -2.94 22.17
N VAL F 48 -6.61 -3.97 22.81
CA VAL F 48 -5.46 -4.66 22.26
C VAL F 48 -5.85 -5.66 21.19
N GLN F 49 -6.66 -6.65 21.61
CA GLN F 49 -7.03 -7.80 20.77
C GLN F 49 -7.63 -7.50 19.43
N ASN F 50 -8.62 -6.65 19.36
CA ASN F 50 -9.25 -6.40 18.07
C ASN F 50 -8.62 -5.21 17.36
N ALA F 51 -7.47 -4.75 17.85
CA ALA F 51 -6.84 -3.60 17.24
C ALA F 51 -5.52 -3.90 16.56
N ASN F 52 -5.52 -3.64 15.25
CA ASN F 52 -4.35 -3.63 14.41
C ASN F 52 -3.21 -4.52 14.86
N PRO F 53 -3.01 -5.68 14.34
CA PRO F 53 -1.89 -6.53 14.79
C PRO F 53 -0.55 -5.81 14.84
N ASP F 54 -0.41 -4.64 14.22
CA ASP F 54 0.85 -3.92 14.37
C ASP F 54 1.01 -3.60 15.82
N CYS F 55 -0.10 -3.19 16.40
CA CYS F 55 -0.15 -2.81 17.79
C CYS F 55 -0.52 -3.96 18.70
N LYS F 56 -1.47 -4.84 18.32
CA LYS F 56 -1.83 -5.95 19.21
C LYS F 56 -0.58 -6.71 19.66
N THR F 57 0.39 -6.81 18.78
CA THR F 57 1.63 -7.44 19.16
C THR F 57 2.35 -6.50 20.17
N ILE F 58 2.48 -5.18 19.81
CA ILE F 58 3.13 -4.18 20.68
C ILE F 58 2.55 -4.15 22.06
N LEU F 59 1.26 -3.77 22.15
CA LEU F 59 0.55 -3.61 23.42
C LEU F 59 0.88 -4.80 24.29
N LYS F 60 0.69 -5.99 23.77
CA LYS F 60 1.04 -7.17 24.53
C LYS F 60 2.54 -7.17 24.92
N ALA F 61 3.41 -6.87 23.98
CA ALA F 61 4.86 -6.89 24.24
C ALA F 61 5.16 -6.08 25.47
N LEU F 62 4.57 -4.91 25.52
CA LEU F 62 4.73 -4.04 26.68
C LEU F 62 4.11 -4.76 27.89
N GLY F 63 2.96 -5.34 27.59
CA GLY F 63 2.17 -6.07 28.53
C GLY F 63 0.94 -5.21 28.91
N PRO F 64 -0.25 -5.77 29.05
CA PRO F 64 -1.45 -4.98 29.50
C PRO F 64 -1.18 -4.37 30.87
N GLY F 65 -2.04 -3.47 31.33
CA GLY F 65 -1.81 -2.81 32.62
C GLY F 65 -0.95 -1.54 32.47
N ALA F 66 -0.40 -1.31 31.24
CA ALA F 66 0.40 -0.14 30.95
C ALA F 66 -0.51 1.02 30.66
N THR F 67 -0.06 2.22 30.94
CA THR F 67 -0.90 3.36 30.72
C THR F 67 -1.25 3.48 29.25
N LEU F 68 -2.35 4.15 28.97
CA LEU F 68 -2.73 4.32 27.59
C LEU F 68 -1.71 5.21 26.88
N GLU F 69 -1.07 6.09 27.65
CA GLU F 69 -0.03 6.93 27.13
C GLU F 69 1.19 6.05 26.89
N GLU F 70 1.37 5.03 27.77
CA GLU F 70 2.50 4.10 27.63
C GLU F 70 2.36 3.28 26.34
N MET F 71 1.18 2.69 26.13
CA MET F 71 0.93 1.93 24.93
C MET F 71 1.02 2.86 23.77
N MET F 72 0.42 4.04 23.91
CA MET F 72 0.43 5.02 22.81
C MET F 72 1.85 5.32 22.37
N THR F 73 2.73 5.55 23.34
CA THR F 73 4.12 5.83 23.04
C THR F 73 4.75 4.66 22.28
N ALA F 74 4.52 3.46 22.75
CA ALA F 74 5.07 2.30 22.05
C ALA F 74 4.32 2.05 20.72
N CYS F 75 3.11 2.63 20.60
CA CYS F 75 2.30 2.40 19.45
C CYS F 75 2.33 3.57 18.48
N GLN F 76 3.12 4.60 18.78
CA GLN F 76 3.31 5.60 17.76
C GLN F 76 4.07 4.88 16.63
N GLY F 77 4.76 3.72 16.95
CA GLY F 77 5.40 2.96 15.96
C GLY F 77 4.36 2.39 15.03
N VAL F 78 3.14 2.17 15.52
CA VAL F 78 2.01 1.58 14.69
C VAL F 78 1.92 2.31 13.39
N GLY F 79 1.45 1.67 12.22
CA GLY F 79 1.57 2.48 10.99
C GLY F 79 2.16 1.81 9.77
N GLY F 80 1.97 2.30 8.51
CA GLY F 80 2.62 1.50 7.49
C GLY F 80 4.12 1.79 7.49
N PRO F 81 4.56 2.84 6.85
CA PRO F 81 5.97 3.20 7.01
C PRO F 81 6.24 3.55 8.49
N GLY F 82 5.14 3.80 9.29
CA GLY F 82 5.27 4.10 10.71
C GLY F 82 5.72 2.86 11.47
N HIS F 83 5.12 1.70 11.16
CA HIS F 83 5.49 0.42 11.84
C HIS F 83 6.55 -0.34 11.10
N LYS F 84 6.37 -0.53 9.81
CA LYS F 84 7.32 -1.27 9.01
C LYS F 84 8.75 -0.82 9.28
N ALA F 85 8.92 0.46 9.58
CA ALA F 85 10.27 0.96 9.83
C ALA F 85 10.88 0.16 10.96
N ARG F 86 10.06 -0.11 11.98
CA ARG F 86 10.50 -0.91 13.13
C ARG F 86 10.36 -2.44 12.92
N VAL F 87 9.18 -2.89 12.49
CA VAL F 87 8.93 -4.32 12.33
C VAL F 87 9.40 -4.90 11.01
N LEU F 88 9.37 -4.15 9.91
CA LEU F 88 9.87 -4.73 8.67
C LEU F 88 11.34 -5.01 8.93
N ALA F 89 12.01 -4.05 9.54
CA ALA F 89 13.40 -4.28 9.88
C ALA F 89 13.45 -5.46 10.80
N GLU F 90 12.49 -5.54 11.73
CA GLU F 90 12.48 -6.68 12.67
C GLU F 90 12.31 -8.01 11.91
N ALA F 91 11.66 -7.96 10.75
CA ALA F 91 11.45 -9.16 9.96
C ALA F 91 12.80 -9.70 9.57
N MET F 92 13.70 -8.79 9.27
CA MET F 92 15.06 -9.15 8.92
C MET F 92 15.73 -9.73 10.15
N SER F 93 15.32 -9.24 11.33
CA SER F 93 15.85 -9.79 12.57
C SER F 93 15.07 -11.07 12.93
N GLN F 94 13.99 -11.39 12.21
CA GLN F 94 13.29 -12.65 12.45
C GLN F 94 13.87 -13.80 11.59
N VAL F 95 14.36 -13.50 10.38
CA VAL F 95 14.85 -14.56 9.51
C VAL F 95 16.35 -14.84 9.71
N THR F 96 17.13 -13.80 9.98
CA THR F 96 18.56 -13.99 10.11
C THR F 96 19.11 -14.18 11.54
N ASN F 97 18.90 -13.18 12.41
CA ASN F 97 19.54 -13.22 13.74
C ASN F 97 18.79 -13.83 14.95
N THR F 98 17.60 -13.31 15.29
CA THR F 98 16.95 -13.79 16.53
C THR F 98 15.85 -14.84 16.37
N ALA F 99 15.01 -14.72 15.36
CA ALA F 99 13.91 -15.67 15.20
C ALA F 99 14.20 -16.67 14.09
N THR F 100 15.47 -16.95 13.85
CA THR F 100 15.79 -17.91 12.80
C THR F 100 15.28 -19.27 13.24
N ILE F 101 14.28 -19.74 12.51
CA ILE F 101 13.62 -21.00 12.84
C ILE F 101 14.42 -22.20 12.34
N MET F 102 14.69 -23.14 13.23
CA MET F 102 15.44 -24.34 12.87
C MET F 102 14.63 -25.60 13.14
C1 IHP G . -1.03 -1.50 -0.14
C2 IHP G . 0.23 -1.83 0.75
C3 IHP G . 1.47 -1.96 -0.14
C4 IHP G . 1.70 -0.67 -0.84
C5 IHP G . 0.51 -0.64 -1.87
C6 IHP G . -0.81 -0.27 -0.99
O11 IHP G . -2.23 -1.40 0.68
P1 IHP G . -3.24 -2.66 0.79
O21 IHP G . -2.53 -3.82 0.16
O31 IHP G . -3.63 -2.84 2.30
O41 IHP G . -4.40 -2.25 -0.01
O12 IHP G . 0.45 -0.72 1.72
P2 IHP G . 0.58 -1.00 3.26
O22 IHP G . 0.09 -2.42 3.63
O32 IHP G . -0.23 0.03 3.95
O42 IHP G . 1.99 -0.89 3.63
O13 IHP G . 2.54 -2.32 0.64
P3 IHP G . 3.52 -3.48 0.25
O23 IHP G . 3.27 -4.62 1.21
O33 IHP G . 3.37 -3.80 -1.23
O43 IHP G . 4.87 -2.84 0.59
O14 IHP G . 2.96 -0.69 -1.47
P4 IHP G . 4.02 0.53 -1.56
O24 IHP G . 3.41 1.57 -2.46
O34 IHP G . 4.47 1.11 -0.25
O44 IHP G . 5.26 -0.03 -2.24
O15 IHP G . 0.78 0.23 -2.98
P5 IHP G . 1.04 -0.33 -4.46
O25 IHP G . 1.13 0.98 -5.24
O35 IHP G . -0.09 -1.26 -4.83
O45 IHP G . 2.30 -1.13 -4.47
O16 IHP G . -1.94 -0.09 -1.92
P6 IHP G . -2.74 1.20 -2.16
O26 IHP G . -1.85 2.36 -2.55
O36 IHP G . -3.53 0.80 -3.40
O46 IHP G . -3.55 1.58 -0.97
H1 IHP G . -1.03 -2.27 -0.94
H2 IHP G . 0.12 -2.87 1.14
H3 IHP G . 1.21 -2.74 -0.88
H4 IHP G . 1.56 0.15 -0.10
H5 IHP G . 0.25 -1.67 -2.21
H6 IHP G . -0.57 0.62 -0.37
C1 A1CCZ H . 7.72 -8.16 1.51
C2 A1CCZ H . 8.76 -8.05 2.43
C3 A1CCZ H . 8.89 -6.88 3.17
C11 A1CCZ H . 4.94 -9.19 -2.18
C12 A1CCZ H . 4.47 -10.38 -3.08
C13 A1CCZ H . 5.46 -7.98 -2.91
C14 A1CCZ H . 6.69 -7.94 -3.60
C15 A1CCZ H . 7.18 -6.68 -4.04
C16 A1CCZ H . 6.47 -5.46 -3.84
C17 A1CCZ H . 5.24 -5.59 -3.16
C18 A1CCZ H . 4.76 -6.75 -2.76
C19 A1CCZ H . 7.05 -4.17 -4.31
C20 A1CCZ H . 6.18 -3.71 -5.46
C21 A1CCZ H . 6.82 -3.03 -3.29
C22 A1CCZ H . 8.56 -4.30 -4.60
C24 A1CCZ H . 2.10 -9.86 -3.54
C25 A1CCZ H . 1.01 -9.59 -4.50
C26 A1CCZ H . 1.24 -9.91 -5.81
N23 A1CCZ H . 3.31 -10.21 -4.07
C28 A1CCZ H . 3.44 -10.62 -5.34
C27 A1CCZ H . 2.43 -10.47 -6.22
O29 A1CCZ H . 1.98 -9.85 -2.25
C30 A1CCZ H . -0.26 -8.90 -4.19
F31 A1CCZ H . -0.15 -8.15 -3.10
F32 A1CCZ H . -1.22 -9.75 -3.89
F33 A1CCZ H . -0.69 -8.10 -5.21
N10 A1CCZ H . 5.88 -9.80 -1.19
C8 A1CCZ H . 6.62 -8.70 -0.39
C7 A1CCZ H . 5.75 -7.72 0.26
C6 A1CCZ H . 6.72 -7.19 1.35
C5 A1CCZ H . 6.90 -5.99 2.05
C4 A1CCZ H . 8.07 -5.79 2.86
C9 A1CCZ H . 7.43 -9.38 0.66
H2 A1CCZ H . 9.40 -8.86 2.75
H3 A1CCZ H . 9.68 -6.64 3.87
H11 A1CCZ H . 4.05 -8.89 -1.60
H12A A1CCZ H . 4.04 -11.14 -2.40
H12B A1CCZ H . 5.29 -10.84 -3.67
H14 A1CCZ H . 7.33 -8.81 -3.68
H15 A1CCZ H . 8.14 -6.72 -4.52
H17 A1CCZ H . 4.67 -4.69 -2.96
H18 A1CCZ H . 3.88 -6.83 -2.13
H20C A1CCZ H . 6.16 -4.45 -6.29
H20B A1CCZ H . 6.62 -2.84 -6.00
H20A A1CCZ H . 5.11 -3.53 -5.25
H21A A1CCZ H . 7.39 -3.22 -2.35
H21C A1CCZ H . 5.79 -2.83 -2.95
H21B A1CCZ H . 7.15 -2.04 -3.64
H22C A1CCZ H . 8.98 -4.91 -3.77
H22B A1CCZ H . 8.99 -3.27 -4.62
H22A A1CCZ H . 8.74 -4.83 -5.56
H26 A1CCZ H . 0.48 -9.58 -6.52
H6 A1CCZ H . 4.45 -10.75 -5.74
H27 A1CCZ H . 2.50 -10.78 -7.26
H9 A1CCZ H . 6.65 -10.29 -1.64
H8 A1CCZ H . 7.30 -8.25 -1.12
H7A A1CCZ H . 4.87 -8.22 0.67
H7B A1CCZ H . 5.31 -6.94 -0.37
H5 A1CCZ H . 6.37 -5.09 1.76
H4 A1CCZ H . 8.22 -4.82 3.32
H9B A1CCZ H . 6.99 -10.31 1.04
H9A A1CCZ H . 8.42 -9.67 0.28
N GLY A 1 -32.68 -17.85 -6.69
CA GLY A 1 -31.36 -18.45 -6.95
C GLY A 1 -30.29 -17.38 -7.01
N GLY A 2 -29.24 -17.60 -6.24
CA GLY A 2 -28.14 -16.67 -6.18
C GLY A 2 -28.67 -15.32 -5.80
N SER A 3 -29.63 -15.33 -4.90
CA SER A 3 -30.21 -14.09 -4.48
C SER A 3 -29.10 -13.23 -3.90
N PRO A 4 -29.21 -11.94 -3.95
CA PRO A 4 -28.13 -11.07 -3.46
C PRO A 4 -27.80 -11.28 -2.00
N THR A 5 -26.52 -11.39 -1.74
CA THR A 5 -26.02 -11.51 -0.41
C THR A 5 -26.71 -12.60 0.42
N SER A 6 -26.87 -13.71 -0.21
CA SER A 6 -27.46 -14.87 0.41
C SER A 6 -26.40 -15.72 1.08
N ILE A 7 -25.10 -15.18 1.17
CA ILE A 7 -23.95 -15.94 1.73
C ILE A 7 -23.28 -16.78 0.74
N LEU A 8 -23.92 -17.15 -0.29
CA LEU A 8 -23.29 -17.93 -1.31
C LEU A 8 -22.17 -17.12 -1.83
N ASP A 9 -22.41 -15.79 -2.06
CA ASP A 9 -21.31 -15.00 -2.42
C ASP A 9 -20.94 -13.95 -1.36
N ILE A 10 -21.11 -14.13 0.00
CA ILE A 10 -20.71 -12.96 0.75
C ILE A 10 -19.17 -12.94 0.77
N ARG A 11 -18.52 -11.78 0.65
CA ARG A 11 -17.03 -11.77 0.58
C ARG A 11 -16.35 -10.75 1.49
N GLN A 12 -15.16 -11.13 1.97
CA GLN A 12 -14.33 -10.25 2.80
C GLN A 12 -13.29 -9.59 1.93
N GLY A 13 -13.20 -8.29 2.00
CA GLY A 13 -12.20 -7.59 1.21
C GLY A 13 -10.81 -8.08 1.61
N PRO A 14 -9.85 -8.08 0.71
CA PRO A 14 -8.47 -8.61 1.00
C PRO A 14 -7.92 -7.93 2.22
N LYS A 15 -8.26 -6.67 2.35
CA LYS A 15 -7.82 -5.89 3.49
C LYS A 15 -8.96 -5.80 4.53
N GLU A 16 -10.20 -5.98 4.08
CA GLU A 16 -11.33 -5.86 4.98
C GLU A 16 -11.12 -6.75 6.20
N PRO A 17 -11.21 -6.28 7.43
CA PRO A 17 -10.99 -7.15 8.58
C PRO A 17 -12.03 -8.23 8.66
N PHE A 18 -11.60 -9.32 9.29
CA PHE A 18 -12.40 -10.48 9.48
C PHE A 18 -13.65 -10.09 10.22
N ARG A 19 -13.51 -9.37 11.32
CA ARG A 19 -14.69 -8.98 12.05
C ARG A 19 -15.61 -8.12 11.22
N ASP A 20 -15.03 -7.22 10.46
CA ASP A 20 -15.88 -6.35 9.65
C ASP A 20 -16.76 -7.19 8.73
N TYR A 21 -16.11 -7.95 7.86
CA TYR A 21 -16.81 -8.82 6.91
C TYR A 21 -17.73 -9.77 7.61
N VAL A 22 -17.33 -10.23 8.78
CA VAL A 22 -18.17 -11.12 9.55
C VAL A 22 -19.50 -10.40 9.82
N ASP A 23 -19.45 -9.09 9.93
CA ASP A 23 -20.67 -8.30 10.13
C ASP A 23 -21.49 -8.25 8.82
N ARG A 24 -20.75 -8.38 7.67
CA ARG A 24 -21.37 -8.40 6.35
C ARG A 24 -22.01 -9.77 6.09
N PHE A 25 -21.46 -10.81 6.70
CA PHE A 25 -21.99 -12.16 6.52
C PHE A 25 -23.12 -12.42 7.51
N TYR A 26 -22.95 -11.91 8.71
CA TYR A 26 -24.01 -12.09 9.69
C TYR A 26 -25.24 -11.26 9.33
N LYS A 27 -25.00 -9.98 9.04
CA LYS A 27 -26.09 -9.04 8.73
C LYS A 27 -26.81 -9.51 7.51
N THR A 28 -26.05 -9.93 6.53
CA THR A 28 -26.69 -10.39 5.36
C THR A 28 -27.35 -11.73 5.60
N LEU A 29 -26.84 -12.50 6.54
CA LEU A 29 -27.54 -13.72 6.86
C LEU A 29 -28.94 -13.32 7.36
N ARG A 30 -29.05 -12.19 8.02
CA ARG A 30 -30.37 -11.76 8.50
C ARG A 30 -31.27 -11.61 7.26
N ALA A 31 -30.68 -11.10 6.17
CA ALA A 31 -31.39 -10.97 4.91
C ALA A 31 -31.65 -12.37 4.34
N GLU A 32 -30.79 -13.32 4.67
CA GLU A 32 -30.97 -14.69 4.17
C GLU A 32 -31.92 -15.43 5.08
N GLN A 33 -33.02 -15.96 4.52
CA GLN A 33 -33.98 -16.75 5.36
C GLN A 33 -33.47 -18.16 5.51
N ALA A 34 -32.60 -18.38 6.52
CA ALA A 34 -32.03 -19.70 6.72
C ALA A 34 -32.17 -20.19 8.14
N SER A 35 -32.35 -21.50 8.22
CA SER A 35 -32.41 -22.17 9.48
C SER A 35 -31.14 -21.88 10.20
N GLN A 36 -31.16 -21.95 11.50
CA GLN A 36 -29.95 -21.68 12.23
C GLN A 36 -28.89 -22.71 11.85
N GLU A 37 -29.28 -23.98 11.84
CA GLU A 37 -28.32 -25.03 11.50
C GLU A 37 -27.71 -24.73 10.15
N VAL A 38 -28.53 -24.32 9.23
CA VAL A 38 -28.03 -23.96 7.94
C VAL A 38 -27.04 -22.80 8.11
N LYS A 39 -27.44 -21.76 8.82
CA LYS A 39 -26.56 -20.61 9.01
C LYS A 39 -25.26 -21.03 9.60
N ASN A 40 -25.30 -22.06 10.40
CA ASN A 40 -24.09 -22.55 10.97
C ASN A 40 -23.11 -23.03 9.90
N TRP A 41 -23.59 -23.72 8.88
CA TRP A 41 -22.67 -24.21 7.83
C TRP A 41 -22.13 -23.02 7.07
N MET A 42 -22.94 -21.99 6.96
CA MET A 42 -22.52 -20.75 6.32
C MET A 42 -21.45 -20.01 7.14
N THR A 43 -21.63 -20.01 8.45
CA THR A 43 -20.69 -19.36 9.37
C THR A 43 -19.41 -20.17 9.49
N GLU A 44 -19.53 -21.49 9.43
CA GLU A 44 -18.36 -22.38 9.58
C GLU A 44 -17.58 -22.59 8.34
N THR A 45 -18.28 -22.87 7.29
CA THR A 45 -17.64 -23.13 6.05
C THR A 45 -17.59 -21.89 5.19
N LEU A 46 -18.74 -21.37 4.81
CA LEU A 46 -18.70 -20.29 3.90
C LEU A 46 -17.89 -19.12 4.42
N LEU A 47 -17.98 -18.85 5.72
CA LEU A 47 -17.19 -17.77 6.28
C LEU A 47 -15.73 -18.09 5.95
N VAL A 48 -15.34 -19.32 6.13
CA VAL A 48 -13.97 -19.67 5.82
C VAL A 48 -13.66 -19.48 4.35
N GLN A 49 -14.53 -19.97 3.46
CA GLN A 49 -14.22 -19.97 2.03
C GLN A 49 -14.02 -18.64 1.32
N ASN A 50 -14.93 -17.72 1.46
CA ASN A 50 -14.85 -16.46 0.68
C ASN A 50 -14.43 -15.27 1.48
N ALA A 51 -13.95 -15.50 2.67
CA ALA A 51 -13.58 -14.39 3.50
C ALA A 51 -12.12 -14.06 3.55
N ASN A 52 -11.51 -13.48 2.51
CA ASN A 52 -10.14 -13.01 2.69
C ASN A 52 -9.17 -14.15 2.99
N PRO A 53 -8.41 -14.67 2.06
CA PRO A 53 -7.51 -15.80 2.35
C PRO A 53 -6.67 -15.64 3.60
N ASP A 54 -6.52 -14.40 4.11
CA ASP A 54 -5.81 -14.19 5.33
C ASP A 54 -6.49 -14.97 6.40
N CYS A 55 -7.80 -14.90 6.44
CA CYS A 55 -8.47 -15.63 7.44
C CYS A 55 -8.48 -17.06 7.00
N LYS A 56 -8.70 -17.34 5.73
CA LYS A 56 -8.77 -18.73 5.30
C LYS A 56 -7.55 -19.56 5.71
N THR A 57 -6.41 -18.97 5.69
CA THR A 57 -5.25 -19.70 6.10
C THR A 57 -5.27 -19.83 7.65
N ILE A 58 -5.87 -18.84 8.33
CA ILE A 58 -5.98 -18.82 9.80
C ILE A 58 -7.05 -19.76 10.32
N LEU A 59 -8.27 -19.62 9.87
CA LEU A 59 -9.37 -20.45 10.30
C LEU A 59 -8.92 -21.87 10.07
N LYS A 60 -8.27 -22.14 8.91
CA LYS A 60 -7.81 -23.50 8.66
C LYS A 60 -6.86 -23.93 9.76
N ALA A 61 -5.95 -23.04 10.12
CA ALA A 61 -4.97 -23.33 11.19
C ALA A 61 -5.64 -23.58 12.56
N LEU A 62 -6.53 -22.70 12.98
CA LEU A 62 -7.19 -22.86 14.24
C LEU A 62 -7.95 -24.16 14.21
N GLY A 63 -8.54 -24.40 13.09
CA GLY A 63 -9.35 -25.58 12.88
C GLY A 63 -10.79 -25.08 12.53
N PRO A 64 -11.46 -25.61 11.52
CA PRO A 64 -12.77 -25.10 11.21
C PRO A 64 -13.69 -25.29 12.39
N GLY A 65 -14.64 -24.41 12.52
CA GLY A 65 -15.56 -24.52 13.62
C GLY A 65 -15.02 -23.89 14.88
N ALA A 66 -13.83 -23.27 14.81
CA ALA A 66 -13.34 -22.57 15.97
C ALA A 66 -14.40 -21.54 16.33
N THR A 67 -14.52 -21.20 17.59
CA THR A 67 -15.56 -20.26 17.99
C THR A 67 -15.25 -18.91 17.40
N LEU A 68 -16.28 -18.14 17.17
CA LEU A 68 -16.09 -16.84 16.58
C LEU A 68 -15.06 -16.06 17.39
N GLU A 69 -15.03 -16.26 18.68
CA GLU A 69 -14.03 -15.56 19.48
C GLU A 69 -12.63 -16.01 19.08
N GLU A 70 -12.44 -17.31 18.87
CA GLU A 70 -11.15 -17.84 18.43
C GLU A 70 -10.80 -17.42 16.98
N MET A 71 -11.74 -17.57 16.05
CA MET A 71 -11.47 -17.17 14.67
C MET A 71 -11.17 -15.70 14.65
N MET A 72 -11.90 -14.94 15.46
CA MET A 72 -11.74 -13.49 15.54
C MET A 72 -10.39 -13.11 16.09
N THR A 73 -10.06 -13.66 17.21
CA THR A 73 -8.86 -13.26 17.86
C THR A 73 -7.71 -13.49 16.95
N ALA A 74 -7.68 -14.66 16.37
CA ALA A 74 -6.60 -14.99 15.46
C ALA A 74 -6.70 -14.19 14.17
N CYS A 75 -7.92 -14.00 13.69
CA CYS A 75 -8.15 -13.24 12.47
C CYS A 75 -8.09 -11.78 12.68
N GLN A 76 -7.85 -11.34 13.91
CA GLN A 76 -7.58 -9.97 14.06
C GLN A 76 -6.16 -9.80 13.43
N GLY A 77 -5.39 -10.97 13.23
CA GLY A 77 -4.14 -10.96 12.53
C GLY A 77 -4.40 -10.58 11.06
N VAL A 78 -5.65 -10.71 10.57
CA VAL A 78 -6.02 -10.38 9.12
C VAL A 78 -5.79 -8.89 8.85
N GLY A 79 -5.45 -8.41 7.58
CA GLY A 79 -5.07 -6.98 7.53
C GLY A 79 -3.85 -6.66 6.69
N GLY A 80 -3.56 -5.39 6.30
CA GLY A 80 -2.38 -5.28 5.43
C GLY A 80 -1.07 -5.47 6.23
N PRO A 81 -0.68 -4.50 6.99
CA PRO A 81 0.52 -4.60 7.84
C PRO A 81 0.27 -5.57 8.98
N GLY A 82 -1.02 -5.63 9.39
CA GLY A 82 -1.43 -6.49 10.50
C GLY A 82 -1.19 -7.98 10.24
N HIS A 83 -1.57 -8.44 9.04
CA HIS A 83 -1.30 -9.84 8.67
C HIS A 83 0.12 -9.96 8.26
N LYS A 84 0.65 -8.92 7.64
CA LYS A 84 2.05 -8.93 7.18
C LYS A 84 3.06 -9.06 8.29
N ALA A 85 2.72 -8.56 9.44
CA ALA A 85 3.63 -8.62 10.56
C ALA A 85 3.94 -10.09 10.86
N ARG A 86 2.93 -10.90 10.72
CA ARG A 86 3.09 -12.32 10.93
C ARG A 86 3.48 -12.99 9.61
N VAL A 87 2.58 -12.91 8.66
CA VAL A 87 2.73 -13.52 7.31
C VAL A 87 4.02 -13.20 6.67
N LEU A 88 4.55 -12.02 6.81
CA LEU A 88 5.83 -11.79 6.17
C LEU A 88 6.90 -12.73 6.83
N ALA A 89 6.88 -12.81 8.16
CA ALA A 89 7.80 -13.67 8.86
C ALA A 89 7.56 -15.11 8.47
N GLU A 90 6.30 -15.46 8.27
CA GLU A 90 5.96 -16.84 7.94
C GLU A 90 6.34 -17.27 6.53
N ALA A 91 5.88 -16.56 5.54
CA ALA A 91 6.13 -16.94 4.14
C ALA A 91 7.62 -16.97 3.90
N MET A 92 8.28 -16.00 4.51
CA MET A 92 9.71 -15.91 4.43
C MET A 92 10.35 -17.17 5.01
N SER A 93 9.78 -17.63 6.11
CA SER A 93 10.30 -18.83 6.73
C SER A 93 9.73 -20.07 6.03
N GLN A 94 8.73 -19.90 5.15
CA GLN A 94 8.21 -21.03 4.42
C GLN A 94 9.23 -21.42 3.36
N VAL A 95 9.90 -20.43 2.81
CA VAL A 95 10.90 -20.68 1.77
C VAL A 95 12.25 -21.10 2.37
N THR A 96 12.66 -20.45 3.44
CA THR A 96 13.97 -20.74 4.01
C THR A 96 14.00 -21.79 5.12
N ASN A 97 13.25 -21.56 6.20
CA ASN A 97 13.37 -22.46 7.37
C ASN A 97 12.45 -23.70 7.48
N THR A 98 11.13 -23.52 7.45
CA THR A 98 10.25 -24.67 7.71
C THR A 98 9.68 -25.39 6.50
N ALA A 99 9.27 -24.67 5.48
CA ALA A 99 8.67 -25.29 4.30
C ALA A 99 9.62 -25.28 3.11
N THR A 100 10.92 -25.28 3.38
CA THR A 100 11.86 -25.19 2.28
C THR A 100 11.68 -26.40 1.40
N ILE A 101 11.30 -26.11 0.16
CA ILE A 101 11.00 -27.14 -0.81
C ILE A 101 12.26 -27.53 -1.58
N MET A 102 12.62 -28.82 -1.51
CA MET A 102 13.79 -29.31 -2.20
C MET A 102 15.04 -28.50 -1.85
N GLY B 1 -14.38 3.29 -31.63
CA GLY B 1 -13.23 4.04 -31.02
C GLY B 1 -13.71 4.73 -29.75
N GLY B 2 -13.02 4.47 -28.64
CA GLY B 2 -13.40 5.07 -27.36
C GLY B 2 -14.73 4.48 -26.87
N SER B 3 -15.15 3.33 -27.43
CA SER B 3 -16.41 2.71 -27.00
C SER B 3 -16.27 2.27 -25.53
N PRO B 4 -17.21 2.57 -24.63
CA PRO B 4 -17.06 2.21 -23.20
C PRO B 4 -17.50 0.80 -22.76
N THR B 5 -16.65 0.23 -21.92
CA THR B 5 -16.85 -1.06 -21.23
C THR B 5 -17.51 -2.23 -22.00
N SER B 6 -17.05 -2.49 -23.20
CA SER B 6 -17.55 -3.64 -23.95
C SER B 6 -16.72 -4.93 -23.66
N ILE B 7 -15.81 -4.86 -22.63
CA ILE B 7 -14.86 -5.90 -22.20
C ILE B 7 -13.50 -5.76 -22.76
N LEU B 8 -13.31 -5.31 -24.01
CA LEU B 8 -11.95 -5.07 -24.59
C LEU B 8 -11.12 -4.38 -23.57
N ASP B 9 -11.76 -3.48 -22.76
CA ASP B 9 -11.01 -2.99 -21.66
C ASP B 9 -11.64 -3.18 -20.26
N ILE B 10 -12.53 -4.23 -19.86
CA ILE B 10 -12.94 -4.04 -18.45
C ILE B 10 -11.77 -4.32 -17.48
N ARG B 11 -11.46 -3.35 -16.67
CA ARG B 11 -10.28 -3.43 -15.81
C ARG B 11 -10.56 -3.56 -14.33
N GLN B 12 -9.81 -4.45 -13.76
CA GLN B 12 -9.79 -4.71 -12.28
C GLN B 12 -8.58 -4.00 -11.74
N GLY B 13 -8.71 -3.41 -10.58
CA GLY B 13 -7.56 -2.75 -9.97
C GLY B 13 -6.40 -3.70 -9.85
N PRO B 14 -5.29 -3.24 -9.40
CA PRO B 14 -4.12 -4.14 -9.25
C PRO B 14 -4.38 -5.09 -8.09
N LYS B 15 -4.96 -4.51 -7.01
CA LYS B 15 -5.29 -5.22 -5.78
C LYS B 15 -6.78 -5.60 -5.72
N GLU B 16 -7.60 -4.90 -6.50
CA GLU B 16 -9.04 -5.10 -6.47
C GLU B 16 -9.37 -6.59 -6.54
N PRO B 17 -10.40 -7.09 -5.87
CA PRO B 17 -10.70 -8.56 -5.90
C PRO B 17 -11.17 -9.09 -7.23
N PHE B 18 -10.74 -10.29 -7.53
CA PHE B 18 -11.16 -10.97 -8.73
C PHE B 18 -12.67 -11.11 -8.64
N ARG B 19 -13.11 -11.68 -7.52
CA ARG B 19 -14.53 -11.83 -7.28
C ARG B 19 -15.24 -10.49 -7.34
N ASP B 20 -14.48 -9.40 -7.20
CA ASP B 20 -15.13 -8.11 -7.29
C ASP B 20 -15.27 -7.68 -8.75
N TYR B 21 -14.14 -7.55 -9.43
CA TYR B 21 -14.15 -7.14 -10.82
C TYR B 21 -14.99 -8.07 -11.60
N VAL B 22 -15.17 -9.30 -11.14
CA VAL B 22 -16.02 -10.21 -11.90
C VAL B 22 -17.37 -9.57 -12.01
N ASP B 23 -17.79 -8.93 -10.93
CA ASP B 23 -19.04 -8.21 -10.94
C ASP B 23 -18.94 -7.09 -11.98
N ARG B 24 -17.77 -6.46 -12.07
CA ARG B 24 -17.55 -5.39 -13.07
C ARG B 24 -17.49 -5.96 -14.53
N PHE B 25 -17.11 -7.24 -14.68
CA PHE B 25 -17.02 -7.90 -15.98
C PHE B 25 -18.38 -8.48 -16.36
N TYR B 26 -19.19 -8.80 -15.33
CA TYR B 26 -20.50 -9.36 -15.59
C TYR B 26 -21.45 -8.20 -15.83
N LYS B 27 -21.53 -7.37 -14.81
CA LYS B 27 -22.36 -6.19 -14.82
C LYS B 27 -21.98 -5.28 -15.97
N THR B 28 -20.69 -5.11 -16.29
CA THR B 28 -20.41 -4.24 -17.43
C THR B 28 -20.85 -4.90 -18.71
N LEU B 29 -21.03 -6.20 -18.69
CA LEU B 29 -21.57 -6.83 -19.85
C LEU B 29 -23.09 -6.58 -19.91
N ARG B 30 -23.70 -6.12 -18.79
CA ARG B 30 -25.12 -5.79 -18.80
C ARG B 30 -25.29 -4.60 -19.72
N ALA B 31 -24.31 -3.68 -19.65
CA ALA B 31 -24.29 -2.48 -20.49
C ALA B 31 -23.87 -2.81 -21.94
N GLU B 32 -23.08 -3.86 -22.08
CA GLU B 32 -22.63 -4.25 -23.41
C GLU B 32 -23.46 -5.41 -23.92
N GLN B 33 -24.31 -5.14 -24.90
CA GLN B 33 -25.16 -6.18 -25.49
C GLN B 33 -24.30 -7.23 -26.20
N ALA B 34 -24.18 -8.41 -25.61
CA ALA B 34 -23.36 -9.45 -26.19
C ALA B 34 -24.04 -10.81 -26.21
N SER B 35 -23.32 -11.74 -26.81
CA SER B 35 -23.76 -13.11 -26.92
C SER B 35 -23.22 -13.86 -25.70
N GLN B 36 -23.90 -14.90 -25.29
CA GLN B 36 -23.44 -15.66 -24.14
C GLN B 36 -22.06 -16.27 -24.39
N GLU B 37 -21.88 -16.96 -25.52
CA GLU B 37 -20.57 -17.56 -25.82
C GLU B 37 -19.60 -16.49 -26.23
N VAL B 38 -20.07 -15.47 -26.91
CA VAL B 38 -19.15 -14.44 -27.28
C VAL B 38 -18.68 -13.72 -26.02
N LYS B 39 -19.55 -13.72 -24.98
CA LYS B 39 -19.22 -13.17 -23.67
C LYS B 39 -18.15 -14.05 -23.00
N ASN B 40 -17.95 -15.30 -23.54
CA ASN B 40 -16.97 -16.24 -23.01
C ASN B 40 -15.51 -15.79 -23.26
N TRP B 41 -15.11 -15.13 -24.41
CA TRP B 41 -13.67 -14.58 -24.45
C TRP B 41 -13.45 -13.64 -23.26
N MET B 42 -14.52 -13.15 -22.68
CA MET B 42 -14.46 -12.23 -21.64
C MET B 42 -14.32 -12.99 -20.36
N THR B 43 -15.38 -13.73 -20.03
CA THR B 43 -15.42 -14.50 -18.80
C THR B 43 -14.13 -15.29 -18.64
N GLU B 44 -13.71 -15.89 -19.74
CA GLU B 44 -12.50 -16.70 -19.76
C GLU B 44 -11.24 -15.90 -20.03
N THR B 45 -11.16 -15.23 -21.18
CA THR B 45 -9.92 -14.53 -21.52
C THR B 45 -9.75 -13.07 -21.03
N LEU B 46 -10.77 -12.16 -21.04
CA LEU B 46 -10.47 -10.77 -20.52
C LEU B 46 -10.55 -10.72 -18.98
N LEU B 47 -11.30 -11.66 -18.40
CA LEU B 47 -11.39 -11.81 -16.97
C LEU B 47 -9.98 -12.15 -16.48
N VAL B 48 -9.27 -12.95 -17.28
CA VAL B 48 -7.91 -13.35 -16.91
C VAL B 48 -6.84 -12.35 -17.38
N GLN B 49 -7.07 -11.81 -18.56
CA GLN B 49 -6.08 -10.99 -19.24
C GLN B 49 -5.78 -9.64 -18.63
N ASN B 50 -6.81 -8.91 -18.20
CA ASN B 50 -6.59 -7.57 -17.68
C ASN B 50 -7.08 -7.37 -16.27
N ALA B 51 -7.29 -8.49 -15.58
CA ALA B 51 -7.89 -8.42 -14.26
C ALA B 51 -7.02 -8.91 -13.10
N ASN B 52 -6.25 -8.02 -12.48
CA ASN B 52 -5.47 -8.45 -11.32
C ASN B 52 -4.48 -9.52 -11.71
N PRO B 53 -3.22 -9.26 -11.93
CA PRO B 53 -2.21 -10.36 -12.23
C PRO B 53 -2.24 -11.44 -11.22
N ASP B 54 -2.82 -11.19 -10.05
CA ASP B 54 -2.94 -12.22 -9.05
C ASP B 54 -3.71 -13.34 -9.78
N CYS B 55 -4.75 -12.92 -10.49
CA CYS B 55 -5.57 -13.83 -11.23
C CYS B 55 -4.71 -14.38 -12.39
N LYS B 56 -3.76 -13.62 -12.96
CA LYS B 56 -2.99 -14.19 -14.04
C LYS B 56 -2.18 -15.37 -13.50
N THR B 57 -1.39 -15.10 -12.48
CA THR B 57 -0.60 -16.11 -11.83
C THR B 57 -1.47 -17.27 -11.29
N ILE B 58 -2.74 -17.02 -10.97
CA ILE B 58 -3.64 -18.08 -10.48
C ILE B 58 -4.24 -18.82 -11.67
N LEU B 59 -5.07 -18.13 -12.43
CA LEU B 59 -5.70 -18.69 -13.63
C LEU B 59 -4.59 -19.27 -14.57
N LYS B 60 -3.32 -18.91 -14.39
CA LYS B 60 -2.28 -19.50 -15.24
C LYS B 60 -2.05 -20.95 -14.79
N ALA B 61 -2.16 -21.17 -13.46
CA ALA B 61 -1.99 -22.51 -12.87
C ALA B 61 -3.34 -23.24 -12.80
N LEU B 62 -4.29 -22.64 -12.10
CA LEU B 62 -5.65 -23.16 -12.00
C LEU B 62 -6.17 -23.38 -13.38
N GLY B 63 -5.79 -22.47 -14.26
CA GLY B 63 -6.27 -22.53 -15.61
C GLY B 63 -7.27 -21.40 -15.73
N PRO B 64 -7.48 -20.89 -16.89
CA PRO B 64 -8.45 -19.80 -17.10
C PRO B 64 -9.84 -20.38 -17.34
N GLY B 65 -10.87 -19.58 -17.04
CA GLY B 65 -12.22 -20.01 -17.33
C GLY B 65 -12.69 -21.07 -16.39
N ALA B 66 -11.99 -21.25 -15.27
CA ALA B 66 -12.46 -22.23 -14.33
C ALA B 66 -13.83 -21.72 -13.91
N THR B 67 -14.72 -22.63 -13.58
CA THR B 67 -16.06 -22.22 -13.26
C THR B 67 -16.08 -21.15 -12.20
N LEU B 68 -17.16 -20.41 -12.21
CA LEU B 68 -17.29 -19.33 -11.30
C LEU B 68 -17.07 -19.82 -9.90
N GLU B 69 -17.39 -21.08 -9.65
CA GLU B 69 -17.11 -21.62 -8.33
C GLU B 69 -15.60 -21.85 -8.12
N GLU B 70 -14.91 -22.29 -9.18
CA GLU B 70 -13.45 -22.57 -9.10
C GLU B 70 -12.61 -21.30 -9.11
N MET B 71 -12.69 -20.51 -10.18
CA MET B 71 -11.91 -19.25 -10.20
C MET B 71 -12.31 -18.40 -9.01
N MET B 72 -13.46 -18.64 -8.40
CA MET B 72 -13.80 -17.85 -7.22
C MET B 72 -12.98 -18.29 -6.03
N THR B 73 -13.08 -19.57 -5.74
CA THR B 73 -12.37 -20.16 -4.62
C THR B 73 -10.86 -19.96 -4.79
N ALA B 74 -10.42 -19.89 -6.04
CA ALA B 74 -9.01 -19.80 -6.34
C ALA B 74 -8.54 -18.38 -6.40
N CYS B 75 -9.24 -17.58 -7.19
CA CYS B 75 -8.85 -16.21 -7.23
C CYS B 75 -9.37 -15.48 -6.01
N GLN B 76 -10.01 -16.16 -5.08
CA GLN B 76 -10.25 -15.46 -3.85
C GLN B 76 -8.85 -15.32 -3.16
N GLY B 77 -7.81 -16.08 -3.67
CA GLY B 77 -6.45 -15.93 -3.20
C GLY B 77 -5.99 -14.51 -3.56
N VAL B 78 -6.62 -13.91 -4.60
CA VAL B 78 -6.27 -12.55 -5.10
C VAL B 78 -6.39 -11.57 -3.98
N GLY B 79 -5.51 -10.47 -3.88
CA GLY B 79 -5.63 -9.74 -2.62
C GLY B 79 -4.42 -9.07 -2.03
N GLY B 80 -4.51 -7.90 -1.34
CA GLY B 80 -3.21 -7.39 -0.91
C GLY B 80 -2.62 -8.35 0.14
N PRO B 81 -3.02 -8.26 1.37
CA PRO B 81 -2.57 -9.24 2.35
C PRO B 81 -3.28 -10.57 2.06
N GLY B 82 -4.46 -10.51 1.41
CA GLY B 82 -5.21 -11.72 1.07
C GLY B 82 -4.39 -12.69 0.22
N HIS B 83 -3.62 -12.21 -0.74
CA HIS B 83 -2.79 -13.16 -1.50
C HIS B 83 -1.45 -13.34 -0.84
N LYS B 84 -0.92 -12.27 -0.26
CA LYS B 84 0.40 -12.33 0.39
C LYS B 84 0.45 -13.42 1.42
N ALA B 85 -0.70 -13.90 1.88
CA ALA B 85 -0.71 -14.99 2.81
C ALA B 85 0.04 -16.15 2.12
N ARG B 86 -0.29 -16.35 0.83
CA ARG B 86 0.37 -17.37 -0.03
C ARG B 86 1.51 -16.83 -0.99
N VAL B 87 1.11 -15.98 -1.97
CA VAL B 87 2.03 -15.51 -3.07
C VAL B 87 3.41 -15.01 -2.68
N LEU B 88 3.56 -14.29 -1.59
CA LEU B 88 4.90 -13.81 -1.25
C LEU B 88 5.86 -14.98 -1.15
N ALA B 89 5.45 -15.98 -0.38
CA ALA B 89 6.26 -17.18 -0.21
C ALA B 89 6.49 -17.86 -1.54
N GLU B 90 5.45 -17.89 -2.37
CA GLU B 90 5.58 -18.55 -3.66
C GLU B 90 6.68 -17.90 -4.48
N ALA B 91 6.64 -16.57 -4.62
CA ALA B 91 7.67 -15.85 -5.37
C ALA B 91 9.01 -16.07 -4.69
N MET B 92 8.97 -16.11 -3.40
CA MET B 92 10.18 -16.38 -2.67
C MET B 92 10.70 -17.78 -3.10
N SER B 93 9.77 -18.72 -3.35
CA SER B 93 10.19 -20.05 -3.81
C SER B 93 10.38 -20.04 -5.36
N GLN B 94 9.94 -18.96 -6.05
CA GLN B 94 10.13 -18.85 -7.50
C GLN B 94 11.59 -18.61 -7.76
N VAL B 95 12.21 -17.86 -6.86
CA VAL B 95 13.61 -17.57 -6.96
C VAL B 95 14.49 -18.63 -6.30
N THR B 96 14.14 -19.04 -5.08
CA THR B 96 15.01 -19.97 -4.35
C THR B 96 14.74 -21.48 -4.51
N ASN B 97 13.53 -21.95 -4.19
CA ASN B 97 13.29 -23.41 -4.18
C ASN B 97 12.80 -24.11 -5.46
N THR B 98 11.70 -23.68 -6.06
CA THR B 98 11.14 -24.42 -7.20
C THR B 98 11.52 -23.88 -8.58
N ALA B 99 11.53 -22.57 -8.74
CA ALA B 99 11.83 -21.95 -10.04
C ALA B 99 13.19 -21.27 -10.00
N THR B 100 14.12 -21.81 -9.21
CA THR B 100 15.41 -21.19 -9.09
C THR B 100 16.12 -21.21 -10.43
N ILE B 101 16.61 -20.03 -10.80
CA ILE B 101 17.25 -19.83 -12.08
C ILE B 101 18.78 -19.77 -11.90
N MET B 102 19.48 -20.67 -12.59
CA MET B 102 20.93 -20.70 -12.51
C MET B 102 21.39 -20.73 -11.06
N GLY C 1 0.84 25.79 -22.68
CA GLY C 1 1.28 25.42 -21.30
C GLY C 1 0.04 25.08 -20.47
N GLY C 2 0.04 23.88 -19.87
CA GLY C 2 -1.09 23.45 -19.08
C GLY C 2 -2.29 23.17 -19.98
N SER C 3 -2.06 23.01 -21.29
CA SER C 3 -3.17 22.71 -22.19
C SER C 3 -3.78 21.40 -21.69
N PRO C 4 -5.09 21.27 -21.56
CA PRO C 4 -5.62 20.02 -20.99
C PRO C 4 -5.27 18.75 -21.78
N THR C 5 -4.54 17.91 -21.08
CA THR C 5 -4.16 16.57 -21.52
C THR C 5 -4.01 16.34 -23.01
N SER C 6 -3.06 16.98 -23.64
CA SER C 6 -2.83 16.72 -25.07
C SER C 6 -1.93 15.50 -25.31
N ILE C 7 -1.47 14.86 -24.24
CA ILE C 7 -0.56 13.76 -24.31
C ILE C 7 0.81 14.38 -24.52
N LEU C 8 1.03 15.34 -23.67
CA LEU C 8 2.30 15.99 -23.51
C LEU C 8 2.81 15.33 -22.30
N ASP C 9 1.90 15.30 -21.28
CA ASP C 9 2.25 14.60 -20.11
C ASP C 9 1.22 13.58 -19.70
N ILE C 10 0.47 12.85 -20.61
CA ILE C 10 -0.62 12.09 -19.97
C ILE C 10 -0.10 10.97 -19.00
N ARG C 11 -0.30 11.09 -17.71
CA ARG C 11 0.28 10.08 -16.80
C ARG C 11 -0.59 8.87 -16.49
N GLN C 12 0.07 7.70 -16.38
CA GLN C 12 -0.58 6.44 -15.96
C GLN C 12 -0.28 6.26 -14.51
N GLY C 13 -1.26 5.89 -13.72
CA GLY C 13 -0.99 5.71 -12.31
C GLY C 13 0.05 4.60 -12.09
N PRO C 14 1.00 4.74 -11.18
CA PRO C 14 2.02 3.68 -10.95
C PRO C 14 1.35 2.35 -10.64
N LYS C 15 0.10 2.43 -10.11
CA LYS C 15 -0.70 1.24 -9.80
C LYS C 15 -1.92 1.13 -10.76
N GLU C 16 -2.32 2.28 -11.34
CA GLU C 16 -3.48 2.33 -12.22
C GLU C 16 -3.28 1.40 -13.44
N PRO C 17 -4.30 0.70 -13.91
CA PRO C 17 -4.15 -0.19 -15.07
C PRO C 17 -3.88 0.52 -16.34
N PHE C 18 -3.06 -0.14 -17.10
CA PHE C 18 -2.67 0.32 -18.42
C PHE C 18 -3.88 0.74 -19.20
N ARG C 19 -5.01 0.11 -18.96
CA ARG C 19 -6.22 0.44 -19.72
C ARG C 19 -6.97 1.65 -19.20
N ASP C 20 -6.93 1.92 -17.90
CA ASP C 20 -7.65 3.10 -17.41
C ASP C 20 -7.00 4.30 -18.07
N TYR C 21 -5.68 4.24 -18.01
CA TYR C 21 -4.79 5.21 -18.60
C TYR C 21 -4.87 5.23 -20.14
N VAL C 22 -4.81 4.07 -20.77
CA VAL C 22 -4.90 4.05 -22.21
C VAL C 22 -6.26 4.67 -22.59
N ASP C 23 -7.24 4.41 -21.77
CA ASP C 23 -8.56 5.00 -21.97
C ASP C 23 -8.51 6.53 -21.67
N ARG C 24 -7.57 6.96 -20.79
CA ARG C 24 -7.45 8.38 -20.45
C ARG C 24 -6.84 9.13 -21.60
N PHE C 25 -5.61 8.74 -21.98
CA PHE C 25 -4.95 9.42 -23.07
C PHE C 25 -5.83 9.37 -24.31
N TYR C 26 -6.47 8.25 -24.57
CA TYR C 26 -7.35 8.20 -25.69
C TYR C 26 -8.53 9.19 -25.48
N LYS C 27 -9.18 9.12 -24.33
CA LYS C 27 -10.34 9.97 -24.09
C LYS C 27 -9.99 11.45 -24.33
N THR C 28 -8.85 11.87 -23.88
CA THR C 28 -8.42 13.25 -24.09
C THR C 28 -7.77 13.44 -25.49
N LEU C 29 -7.37 12.32 -26.14
CA LEU C 29 -6.78 12.42 -27.49
C LEU C 29 -7.78 13.11 -28.42
N ARG C 30 -9.07 12.81 -28.24
CA ARG C 30 -10.12 13.47 -29.00
C ARG C 30 -10.06 14.97 -28.68
N ALA C 31 -9.76 15.29 -27.43
CA ALA C 31 -9.63 16.69 -27.03
C ALA C 31 -8.41 17.29 -27.74
N GLU C 32 -7.43 16.46 -27.96
CA GLU C 32 -6.26 16.93 -28.65
C GLU C 32 -6.52 16.89 -30.13
N GLN C 33 -6.62 18.05 -30.73
CA GLN C 33 -6.81 18.11 -32.16
C GLN C 33 -5.47 17.72 -32.78
N ALA C 34 -5.27 16.40 -32.93
CA ALA C 34 -4.02 15.86 -33.47
C ALA C 34 -4.27 14.99 -34.68
N SER C 35 -3.20 14.77 -35.43
CA SER C 35 -3.22 13.94 -36.63
C SER C 35 -3.07 12.51 -36.19
N GLN C 36 -3.42 11.54 -37.02
CA GLN C 36 -3.31 10.16 -36.57
C GLN C 36 -1.87 9.85 -36.20
N GLU C 37 -0.93 10.33 -37.01
CA GLU C 37 0.48 10.12 -36.73
C GLU C 37 0.86 10.75 -35.40
N VAL C 38 0.35 11.94 -35.17
CA VAL C 38 0.63 12.64 -33.93
C VAL C 38 0.08 11.81 -32.78
N LYS C 39 -1.09 11.24 -33.01
CA LYS C 39 -1.71 10.37 -32.02
C LYS C 39 -0.80 9.10 -31.81
N ASN C 40 0.11 8.83 -32.79
CA ASN C 40 1.06 7.71 -32.74
C ASN C 40 2.29 8.03 -31.79
N TRP C 41 2.69 9.32 -31.62
CA TRP C 41 3.75 9.62 -30.60
C TRP C 41 3.05 9.34 -29.32
N MET C 42 1.79 9.86 -29.25
CA MET C 42 0.89 9.77 -28.08
C MET C 42 0.59 8.29 -27.69
N THR C 43 0.35 7.41 -28.67
CA THR C 43 0.07 5.99 -28.36
C THR C 43 1.33 5.14 -28.21
N GLU C 44 2.31 5.42 -29.01
CA GLU C 44 3.53 4.62 -28.95
C GLU C 44 4.49 5.16 -27.94
N THR C 45 4.90 6.40 -28.14
CA THR C 45 5.91 7.04 -27.32
C THR C 45 5.46 7.69 -25.98
N LEU C 46 4.33 8.48 -25.86
CA LEU C 46 4.00 9.03 -24.56
C LEU C 46 3.38 7.94 -23.79
N LEU C 47 2.64 7.06 -24.50
CA LEU C 47 2.07 5.94 -23.80
C LEU C 47 3.31 5.18 -23.19
N VAL C 48 4.52 5.31 -23.85
CA VAL C 48 5.79 4.71 -23.37
C VAL C 48 6.61 5.57 -22.38
N GLN C 49 6.57 6.90 -22.44
CA GLN C 49 7.42 7.71 -21.54
C GLN C 49 6.90 7.97 -20.12
N ASN C 50 5.67 8.46 -19.99
CA ASN C 50 5.17 8.82 -18.67
C ASN C 50 4.17 7.83 -18.09
N ALA C 51 3.98 6.74 -18.76
CA ALA C 51 3.04 5.78 -18.27
C ALA C 51 3.68 4.68 -17.46
N ASN C 52 3.43 4.67 -16.17
CA ASN C 52 3.78 3.52 -15.33
C ASN C 52 5.13 2.73 -15.67
N PRO C 53 6.22 2.89 -14.90
CA PRO C 53 7.53 2.15 -15.14
C PRO C 53 7.30 0.67 -15.38
N ASP C 54 6.15 0.15 -14.91
CA ASP C 54 5.82 -1.26 -15.13
C ASP C 54 5.80 -1.57 -16.61
N CYS C 55 5.11 -0.73 -17.35
CA CYS C 55 5.07 -0.93 -18.78
C CYS C 55 6.33 -0.35 -19.41
N LYS C 56 7.06 0.49 -18.69
CA LYS C 56 8.23 1.09 -19.31
C LYS C 56 9.25 0.02 -19.58
N THR C 57 9.30 -0.92 -18.69
CA THR C 57 10.22 -2.00 -18.85
C THR C 57 9.63 -3.01 -19.90
N ILE C 58 8.31 -3.08 -19.97
CA ILE C 58 7.63 -4.00 -20.91
C ILE C 58 7.57 -3.43 -22.30
N LEU C 59 6.78 -2.36 -22.50
CA LEU C 59 6.62 -1.70 -23.81
C LEU C 59 7.95 -1.58 -24.52
N LYS C 60 8.93 -1.00 -23.82
CA LYS C 60 10.26 -0.79 -24.40
C LYS C 60 10.87 -2.13 -24.77
N ALA C 61 10.64 -3.10 -23.93
CA ALA C 61 11.17 -4.42 -24.17
C ALA C 61 10.47 -5.12 -25.37
N LEU C 62 9.10 -5.13 -25.41
CA LEU C 62 8.36 -5.77 -26.48
C LEU C 62 8.86 -5.15 -27.76
N GLY C 63 8.85 -3.83 -27.71
CA GLY C 63 9.25 -2.93 -28.76
C GLY C 63 8.42 -1.67 -28.50
N PRO C 64 8.99 -0.51 -28.20
CA PRO C 64 8.16 0.68 -27.84
C PRO C 64 7.07 0.95 -28.86
N GLY C 65 5.80 0.92 -28.39
CA GLY C 65 4.66 1.16 -29.28
C GLY C 65 4.16 -0.13 -29.92
N ALA C 66 4.39 -1.25 -29.24
CA ALA C 66 3.89 -2.53 -29.73
C ALA C 66 2.38 -2.41 -29.91
N THR C 67 1.73 -3.31 -30.62
CA THR C 67 0.31 -3.10 -30.85
C THR C 67 -0.53 -2.88 -29.57
N LEU C 68 -1.58 -2.09 -29.71
CA LEU C 68 -2.39 -1.78 -28.56
C LEU C 68 -2.84 -3.05 -27.89
N GLU C 69 -3.04 -4.09 -28.69
CA GLU C 69 -3.37 -5.40 -28.15
C GLU C 69 -2.15 -6.03 -27.44
N GLU C 70 -0.94 -5.85 -27.99
CA GLU C 70 0.32 -6.43 -27.43
C GLU C 70 0.85 -5.69 -26.19
N MET C 71 1.13 -4.37 -26.29
CA MET C 71 1.63 -3.60 -25.15
C MET C 71 0.64 -3.84 -24.05
N MET C 72 -0.65 -3.94 -24.43
CA MET C 72 -1.65 -4.24 -23.44
C MET C 72 -1.46 -5.65 -22.92
N THR C 73 -1.46 -6.64 -23.80
CA THR C 73 -1.37 -8.06 -23.39
C THR C 73 -0.35 -8.30 -22.28
N ALA C 74 0.70 -7.51 -22.32
CA ALA C 74 1.72 -7.63 -21.29
C ALA C 74 1.57 -6.62 -20.15
N CYS C 75 1.16 -5.40 -20.50
CA CYS C 75 1.03 -4.34 -19.49
C CYS C 75 -0.35 -4.27 -18.84
N GLN C 76 -1.23 -5.15 -19.23
CA GLN C 76 -2.52 -5.20 -18.66
C GLN C 76 -2.39 -5.68 -17.21
N GLY C 77 -1.20 -6.24 -16.82
CA GLY C 77 -0.95 -6.63 -15.45
C GLY C 77 -0.20 -5.50 -14.69
N VAL C 78 -0.12 -4.31 -15.29
CA VAL C 78 0.59 -3.13 -14.67
C VAL C 78 -0.06 -2.87 -13.36
N GLY C 79 0.61 -2.22 -12.31
CA GLY C 79 -0.12 -2.27 -11.06
C GLY C 79 0.70 -2.33 -9.82
N GLY C 80 0.16 -2.23 -8.59
CA GLY C 80 1.18 -2.25 -7.58
C GLY C 80 1.73 -3.68 -7.46
N PRO C 81 1.16 -4.52 -6.68
CA PRO C 81 1.63 -5.90 -6.64
C PRO C 81 1.33 -6.59 -7.98
N GLY C 82 0.29 -6.10 -8.67
CA GLY C 82 -0.12 -6.67 -9.95
C GLY C 82 1.06 -6.97 -10.86
N HIS C 83 1.83 -5.96 -11.21
CA HIS C 83 2.98 -6.18 -12.06
C HIS C 83 4.02 -7.04 -11.33
N LYS C 84 4.20 -6.80 -10.05
CA LYS C 84 5.22 -7.51 -9.27
C LYS C 84 5.17 -9.02 -9.39
N ALA C 85 4.11 -9.57 -9.88
CA ALA C 85 4.08 -11.01 -10.02
C ALA C 85 5.24 -11.39 -10.97
N ARG C 86 5.40 -10.56 -11.99
CA ARG C 86 6.46 -10.71 -12.98
C ARG C 86 7.76 -9.98 -12.57
N VAL C 87 7.66 -8.84 -11.85
CA VAL C 87 8.85 -8.08 -11.44
C VAL C 87 9.46 -8.65 -10.17
N LEU C 88 8.66 -8.84 -9.10
CA LEU C 88 9.25 -9.45 -7.89
C LEU C 88 9.89 -10.80 -8.32
N ALA C 89 9.20 -11.49 -9.24
CA ALA C 89 9.73 -12.74 -9.75
C ALA C 89 11.08 -12.57 -10.51
N GLU C 90 11.23 -11.49 -11.29
CA GLU C 90 12.45 -11.31 -12.08
C GLU C 90 13.61 -10.60 -11.37
N ALA C 91 13.42 -9.33 -11.01
CA ALA C 91 14.51 -8.51 -10.41
C ALA C 91 15.28 -9.26 -9.35
N MET C 92 14.59 -10.17 -8.69
CA MET C 92 15.18 -10.94 -7.63
C MET C 92 16.38 -11.72 -8.13
N SER C 93 16.25 -12.28 -9.31
CA SER C 93 17.33 -13.05 -9.87
C SER C 93 18.35 -12.14 -10.55
N GLN C 94 18.05 -10.85 -10.69
CA GLN C 94 19.03 -9.98 -11.32
C GLN C 94 20.19 -9.80 -10.34
N VAL C 95 19.83 -9.41 -9.13
CA VAL C 95 20.82 -9.19 -8.10
C VAL C 95 21.60 -10.46 -7.83
N THR C 96 20.91 -11.61 -7.84
CA THR C 96 21.55 -12.88 -7.53
C THR C 96 22.08 -13.70 -8.74
N ASN C 97 21.18 -14.09 -9.66
CA ASN C 97 21.57 -15.00 -10.76
C ASN C 97 22.07 -14.42 -12.11
N THR C 98 21.26 -13.58 -12.77
CA THR C 98 21.63 -13.13 -14.13
C THR C 98 22.29 -11.75 -14.23
N ALA C 99 21.85 -10.82 -13.43
CA ALA C 99 22.38 -9.45 -13.49
C ALA C 99 23.34 -9.17 -12.35
N THR C 100 23.98 -10.22 -11.84
CA THR C 100 24.88 -10.02 -10.72
C THR C 100 26.03 -9.14 -11.16
N ILE C 101 26.04 -7.94 -10.58
CA ILE C 101 27.03 -6.94 -10.93
C ILE C 101 28.30 -7.12 -10.10
N MET C 102 29.42 -7.35 -10.77
CA MET C 102 30.70 -7.53 -10.09
C MET C 102 30.61 -8.69 -9.10
N GLY D 1 5.82 33.56 4.21
CA GLY D 1 6.59 32.29 4.44
C GLY D 1 5.63 31.17 4.81
N GLY D 2 5.83 29.98 4.25
CA GLY D 2 4.96 28.85 4.54
C GLY D 2 3.61 29.02 3.87
N SER D 3 3.51 29.93 2.90
CA SER D 3 2.26 30.09 2.21
C SER D 3 1.97 28.75 1.57
N PRO D 4 0.75 28.42 1.34
CA PRO D 4 0.44 27.10 0.75
C PRO D 4 1.18 26.88 -0.55
N THR D 5 1.65 25.64 -0.74
CA THR D 5 2.37 25.24 -1.97
C THR D 5 3.43 26.26 -2.39
N SER D 6 4.28 26.58 -1.42
CA SER D 6 5.34 27.54 -1.62
C SER D 6 6.54 26.92 -2.29
N ILE D 7 6.47 25.63 -2.69
CA ILE D 7 7.62 24.92 -3.29
C ILE D 7 8.62 24.49 -2.23
N LEU D 8 9.01 25.40 -1.38
CA LEU D 8 9.83 25.15 -0.24
C LEU D 8 9.21 23.98 0.48
N ASP D 9 7.82 23.92 0.55
CA ASP D 9 7.27 22.69 1.05
C ASP D 9 6.39 21.97 0.01
N ILE D 10 6.52 22.12 -1.35
CA ILE D 10 5.49 21.40 -2.08
C ILE D 10 5.76 19.91 -1.91
N ARG D 11 4.73 19.02 -1.96
CA ARG D 11 5.00 17.60 -1.66
C ARG D 11 4.56 16.57 -2.66
N GLN D 12 5.55 15.77 -3.06
CA GLN D 12 5.32 14.65 -3.94
C GLN D 12 4.95 13.50 -3.08
N GLY D 13 3.82 12.93 -3.36
CA GLY D 13 3.38 11.83 -2.58
C GLY D 13 4.43 10.73 -2.59
N PRO D 14 4.55 9.96 -1.54
CA PRO D 14 5.56 8.86 -1.51
C PRO D 14 5.41 7.99 -2.76
N LYS D 15 4.20 7.96 -3.33
CA LYS D 15 3.92 7.20 -4.55
C LYS D 15 3.47 8.11 -5.71
N GLU D 16 3.28 9.41 -5.45
CA GLU D 16 2.81 10.32 -6.49
C GLU D 16 3.76 10.36 -7.71
N PRO D 17 3.30 10.35 -8.92
CA PRO D 17 4.24 10.44 -10.04
C PRO D 17 4.97 11.77 -10.05
N PHE D 18 6.22 11.75 -10.51
CA PHE D 18 7.02 12.96 -10.61
C PHE D 18 6.30 13.93 -11.52
N ARG D 19 6.05 13.59 -12.77
CA ARG D 19 5.30 14.51 -13.65
C ARG D 19 3.96 14.97 -13.05
N ASP D 20 3.47 14.31 -12.01
CA ASP D 20 2.21 14.72 -11.40
C ASP D 20 2.47 15.77 -10.33
N TYR D 21 3.23 15.39 -9.31
CA TYR D 21 3.57 16.31 -8.25
C TYR D 21 4.26 17.51 -8.81
N VAL D 22 5.19 17.26 -9.69
CA VAL D 22 5.95 18.30 -10.30
C VAL D 22 4.95 19.23 -10.94
N ASP D 23 3.92 18.66 -11.58
CA ASP D 23 2.94 19.51 -12.21
C ASP D 23 2.37 20.43 -11.17
N ARG D 24 2.16 19.91 -9.91
CA ARG D 24 1.65 20.79 -8.82
C ARG D 24 2.69 21.89 -8.56
N PHE D 25 3.95 21.46 -8.50
CA PHE D 25 5.06 22.36 -8.24
C PHE D 25 5.11 23.51 -9.24
N TYR D 26 5.13 23.23 -10.53
CA TYR D 26 5.19 24.31 -11.52
C TYR D 26 4.02 25.28 -11.43
N LYS D 27 2.81 24.77 -11.67
CA LYS D 27 1.61 25.68 -11.65
C LYS D 27 1.52 26.38 -10.31
N THR D 28 1.69 25.63 -9.22
CA THR D 28 1.59 26.24 -7.91
C THR D 28 2.69 27.28 -7.68
N LEU D 29 3.73 27.34 -8.53
CA LEU D 29 4.73 28.39 -8.33
C LEU D 29 4.02 29.76 -8.43
N ARG D 30 2.80 29.82 -9.01
CA ARG D 30 2.05 31.09 -9.07
C ARG D 30 1.85 31.59 -7.63
N ALA D 31 1.67 30.64 -6.74
CA ALA D 31 1.50 30.98 -5.35
C ALA D 31 2.79 31.63 -4.84
N GLU D 32 3.92 31.21 -5.42
CA GLU D 32 5.21 31.75 -5.03
C GLU D 32 5.67 32.84 -6.04
N GLN D 33 5.59 34.11 -5.66
CA GLN D 33 6.00 35.19 -6.56
C GLN D 33 7.51 35.32 -6.65
N ALA D 34 8.11 34.59 -7.60
CA ALA D 34 9.56 34.64 -7.78
C ALA D 34 9.94 34.87 -9.23
N SER D 35 11.11 35.47 -9.44
CA SER D 35 11.59 35.70 -10.80
C SER D 35 11.89 34.35 -11.42
N GLN D 36 12.01 34.30 -12.72
CA GLN D 36 12.25 33.03 -13.37
C GLN D 36 13.57 32.41 -12.92
N GLU D 37 14.64 33.20 -12.82
CA GLU D 37 15.92 32.65 -12.39
C GLU D 37 15.75 31.99 -11.04
N VAL D 38 14.98 32.62 -10.15
CA VAL D 38 14.77 32.04 -8.84
C VAL D 38 14.05 30.69 -8.97
N LYS D 39 12.90 30.70 -9.70
CA LYS D 39 12.11 29.47 -9.89
C LYS D 39 12.96 28.39 -10.50
N ASN D 40 13.96 28.78 -11.24
CA ASN D 40 14.81 27.80 -11.81
C ASN D 40 15.47 26.99 -10.69
N TRP D 41 15.88 27.64 -9.60
CA TRP D 41 16.49 26.88 -8.52
C TRP D 41 15.46 25.89 -8.02
N MET D 42 14.16 26.31 -8.03
CA MET D 42 13.08 25.48 -7.48
C MET D 42 12.91 24.22 -8.31
N THR D 43 12.98 24.39 -9.59
CA THR D 43 12.86 23.27 -10.48
C THR D 43 14.12 22.40 -10.41
N GLU D 44 15.24 22.98 -9.94
CA GLU D 44 16.50 22.25 -9.88
C GLU D 44 16.74 21.48 -8.59
N THR D 45 16.86 22.23 -7.49
CA THR D 45 17.11 21.61 -6.21
C THR D 45 15.85 21.40 -5.35
N LEU D 46 14.89 22.39 -5.27
CA LEU D 46 13.72 22.19 -4.37
C LEU D 46 13.12 20.90 -4.71
N LEU D 47 12.74 20.83 -5.97
CA LEU D 47 12.14 19.64 -6.55
C LEU D 47 12.87 18.35 -6.05
N VAL D 48 14.17 18.42 -5.72
CA VAL D 48 14.90 17.26 -5.17
C VAL D 48 14.61 17.08 -3.66
N GLN D 49 14.81 18.19 -2.95
CA GLN D 49 14.74 18.24 -1.49
C GLN D 49 13.40 17.84 -0.82
N ASN D 50 12.26 18.15 -1.44
CA ASN D 50 10.98 17.93 -0.74
C ASN D 50 9.98 17.12 -1.52
N ALA D 51 10.44 16.42 -2.53
CA ALA D 51 9.51 15.70 -3.37
C ALA D 51 9.69 14.21 -3.45
N ASN D 52 9.19 13.44 -2.50
CA ASN D 52 9.27 12.00 -2.65
C ASN D 52 10.75 11.54 -2.65
N PRO D 53 11.30 10.98 -1.58
CA PRO D 53 12.73 10.58 -1.54
C PRO D 53 13.19 9.81 -2.77
N ASP D 54 12.26 9.26 -3.55
CA ASP D 54 12.65 8.59 -4.78
C ASP D 54 13.36 9.61 -5.68
N CYS D 55 12.79 10.81 -5.76
CA CYS D 55 13.42 11.81 -6.59
C CYS D 55 14.60 12.38 -5.79
N LYS D 56 14.59 12.27 -4.45
CA LYS D 56 15.67 12.85 -3.69
C LYS D 56 16.95 12.07 -3.87
N THR D 57 16.80 10.79 -3.97
CA THR D 57 17.89 9.92 -4.19
C THR D 57 18.29 9.93 -5.68
N ILE D 58 17.29 10.08 -6.60
CA ILE D 58 17.56 10.14 -8.08
C ILE D 58 18.17 11.44 -8.55
N LEU D 59 17.54 12.55 -8.21
CA LEU D 59 18.05 13.81 -8.70
C LEU D 59 19.49 14.01 -8.22
N LYS D 60 19.93 13.25 -7.18
CA LYS D 60 21.32 13.29 -6.74
C LYS D 60 22.14 12.37 -7.65
N ALA D 61 21.58 11.21 -8.05
CA ALA D 61 22.32 10.32 -8.97
C ALA D 61 22.58 11.04 -10.31
N LEU D 62 21.51 11.60 -10.93
CA LEU D 62 21.69 12.40 -12.12
C LEU D 62 22.52 13.59 -11.68
N GLY D 63 22.14 14.09 -10.51
CA GLY D 63 22.80 15.21 -9.92
C GLY D 63 22.03 16.46 -10.31
N PRO D 64 22.31 17.56 -9.64
CA PRO D 64 21.71 18.88 -9.95
C PRO D 64 22.23 19.47 -11.29
N GLY D 65 21.43 20.39 -11.88
CA GLY D 65 21.79 21.06 -13.15
C GLY D 65 21.33 20.30 -14.40
N ALA D 66 20.93 19.04 -14.26
CA ALA D 66 20.47 18.28 -15.40
C ALA D 66 19.19 18.90 -15.88
N THR D 67 18.83 18.65 -17.12
CA THR D 67 17.61 19.21 -17.62
C THR D 67 16.44 18.45 -17.05
N LEU D 68 15.26 19.00 -17.24
CA LEU D 68 14.08 18.37 -16.71
C LEU D 68 13.71 17.11 -17.53
N GLU D 69 13.96 17.08 -18.83
CA GLU D 69 13.65 15.85 -19.56
C GLU D 69 14.54 14.75 -18.95
N GLU D 70 15.81 15.10 -18.71
CA GLU D 70 16.74 14.14 -18.11
C GLU D 70 16.26 13.72 -16.71
N MET D 71 15.74 14.66 -15.91
CA MET D 71 15.23 14.27 -14.59
C MET D 71 13.98 13.43 -14.78
N MET D 72 12.93 14.05 -15.30
CA MET D 72 11.61 13.41 -15.53
C MET D 72 11.69 12.01 -16.14
N THR D 73 12.47 11.82 -17.18
CA THR D 73 12.55 10.51 -17.77
C THR D 73 13.03 9.54 -16.70
N ALA D 74 13.97 10.04 -15.88
CA ALA D 74 14.54 9.28 -14.75
C ALA D 74 13.70 9.36 -13.48
N CYS D 75 12.69 10.22 -13.47
CA CYS D 75 11.83 10.37 -12.32
C CYS D 75 10.47 9.70 -12.60
N GLN D 76 10.20 9.30 -13.88
CA GLN D 76 9.00 8.57 -14.16
C GLN D 76 9.08 7.22 -13.42
N GLY D 77 10.30 6.82 -12.99
CA GLY D 77 10.47 5.61 -12.21
C GLY D 77 9.79 5.71 -10.83
N VAL D 78 9.51 6.95 -10.40
CA VAL D 78 8.94 7.25 -9.03
C VAL D 78 7.52 6.74 -8.91
N GLY D 79 7.04 6.27 -7.67
CA GLY D 79 5.74 5.58 -7.76
C GLY D 79 5.50 4.40 -6.80
N GLY D 80 4.27 3.88 -6.54
CA GLY D 80 4.28 2.82 -5.50
C GLY D 80 5.14 1.58 -5.95
N PRO D 81 4.82 0.98 -7.04
CA PRO D 81 5.60 -0.15 -7.60
C PRO D 81 6.77 0.29 -8.46
N GLY D 82 6.52 1.32 -9.26
CA GLY D 82 7.50 1.78 -10.22
C GLY D 82 8.86 2.03 -9.61
N HIS D 83 8.91 2.77 -8.52
CA HIS D 83 10.21 3.04 -7.97
C HIS D 83 10.74 1.77 -7.35
N LYS D 84 9.94 1.24 -6.45
CA LYS D 84 10.26 0.04 -5.70
C LYS D 84 10.92 -1.01 -6.59
N ALA D 85 10.52 -1.10 -7.85
CA ALA D 85 11.14 -2.12 -8.70
C ALA D 85 12.65 -1.85 -8.84
N ARG D 86 13.00 -0.67 -9.36
CA ARG D 86 14.41 -0.29 -9.52
C ARG D 86 15.13 -0.25 -8.18
N VAL D 87 14.52 0.40 -7.22
CA VAL D 87 15.16 0.51 -5.92
C VAL D 87 15.40 -0.86 -5.33
N LEU D 88 14.47 -1.77 -5.52
CA LEU D 88 14.64 -3.10 -4.96
C LEU D 88 15.96 -3.68 -5.47
N ALA D 89 16.16 -3.60 -6.78
CA ALA D 89 17.39 -4.13 -7.40
C ALA D 89 18.66 -3.41 -6.96
N GLU D 90 18.61 -2.07 -6.85
CA GLU D 90 19.79 -1.31 -6.45
C GLU D 90 20.13 -1.56 -4.98
N ALA D 91 19.16 -1.41 -4.11
CA ALA D 91 19.37 -1.62 -2.67
C ALA D 91 19.69 -3.08 -2.36
N MET D 92 19.03 -4.01 -3.04
CA MET D 92 19.30 -5.41 -2.75
C MET D 92 20.77 -5.73 -2.98
N SER D 93 21.44 -4.91 -3.82
CA SER D 93 22.87 -5.07 -4.05
C SER D 93 23.67 -4.05 -3.22
N GLN D 94 22.99 -3.05 -2.61
CA GLN D 94 23.67 -2.10 -1.74
C GLN D 94 24.24 -2.85 -0.54
N VAL D 95 23.53 -3.85 -0.12
CA VAL D 95 24.00 -4.65 0.97
C VAL D 95 24.86 -5.82 0.51
N THR D 96 24.41 -6.55 -0.50
CA THR D 96 25.13 -7.74 -0.95
C THR D 96 26.22 -7.56 -2.02
N ASN D 97 25.90 -7.02 -3.19
CA ASN D 97 26.89 -6.99 -4.28
C ASN D 97 27.81 -5.78 -4.45
N THR D 98 27.29 -4.56 -4.59
CA THR D 98 28.17 -3.42 -4.89
C THR D 98 28.57 -2.54 -3.70
N ALA D 99 27.65 -2.27 -2.80
CA ALA D 99 27.93 -1.37 -1.66
C ALA D 99 27.99 -2.12 -0.35
N THR D 100 28.36 -3.38 -0.36
CA THR D 100 28.38 -4.15 0.87
C THR D 100 29.41 -3.54 1.82
N ILE D 101 28.89 -2.98 2.90
CA ILE D 101 29.70 -2.31 3.90
C ILE D 101 30.35 -3.33 4.83
N MET D 102 31.66 -3.21 5.02
CA MET D 102 32.39 -4.13 5.89
C MET D 102 32.21 -5.57 5.41
N GLY E 1 -8.76 20.98 30.18
CA GLY E 1 -7.31 20.66 30.36
C GLY E 1 -6.87 19.71 29.26
N GLY E 2 -5.87 20.12 28.48
CA GLY E 2 -5.40 19.27 27.41
C GLY E 2 -6.53 19.00 26.43
N SER E 3 -7.21 20.09 26.06
CA SER E 3 -8.34 20.02 25.14
C SER E 3 -7.94 19.28 23.87
N PRO E 4 -8.90 18.78 23.13
CA PRO E 4 -8.60 18.01 21.88
C PRO E 4 -7.63 18.76 20.98
N THR E 5 -6.62 18.03 20.49
CA THR E 5 -5.62 18.64 19.62
C THR E 5 -5.03 19.90 20.22
N SER E 6 -4.58 19.75 21.45
CA SER E 6 -3.90 20.81 22.16
C SER E 6 -2.36 20.65 22.09
N ILE E 7 -1.87 19.60 21.40
CA ILE E 7 -0.44 19.26 21.40
C ILE E 7 -0.12 18.40 22.62
N LEU E 8 -1.05 17.54 22.92
CA LEU E 8 -0.90 16.53 23.94
C LEU E 8 -0.56 15.28 23.24
N ASP E 9 -1.40 14.99 22.21
CA ASP E 9 -1.10 13.88 21.42
C ASP E 9 -1.00 14.23 19.96
N ILE E 10 -0.42 15.43 19.48
CA ILE E 10 -0.74 15.61 18.05
C ILE E 10 -0.15 14.48 17.16
N ARG E 11 -1.04 13.62 16.65
CA ARG E 11 -0.62 12.41 15.90
C ARG E 11 -0.43 12.55 14.42
N GLN E 12 0.64 11.91 13.96
CA GLN E 12 0.97 11.90 12.54
C GLN E 12 0.62 10.60 11.90
N GLY E 13 -0.05 10.67 10.78
CA GLY E 13 -0.36 9.46 10.12
C GLY E 13 0.94 8.78 9.71
N PRO E 14 1.00 7.47 9.65
CA PRO E 14 2.26 6.77 9.21
C PRO E 14 2.56 7.19 7.77
N LYS E 15 1.50 7.10 6.94
CA LYS E 15 1.59 7.53 5.55
C LYS E 15 1.43 9.05 5.43
N GLU E 16 1.03 9.72 6.52
CA GLU E 16 0.88 11.16 6.46
C GLU E 16 2.30 11.74 6.40
N PRO E 17 2.69 12.49 5.38
CA PRO E 17 4.07 13.03 5.31
C PRO E 17 4.35 13.97 6.48
N PHE E 18 5.63 14.03 6.85
CA PHE E 18 6.08 14.85 7.95
C PHE E 18 5.47 16.22 7.89
N ARG E 19 5.79 16.92 6.82
CA ARG E 19 5.30 18.27 6.57
C ARG E 19 3.78 18.43 6.70
N ASP E 20 2.99 17.45 6.19
CA ASP E 20 1.52 17.55 6.24
C ASP E 20 0.99 17.55 7.69
N TYR E 21 1.36 16.54 8.44
CA TYR E 21 0.99 16.47 9.85
C TYR E 21 1.61 17.64 10.58
N VAL E 22 2.78 18.03 10.17
CA VAL E 22 3.41 19.17 10.76
C VAL E 22 2.49 20.38 10.52
N ASP E 23 1.94 20.45 9.32
CA ASP E 23 1.03 21.50 9.04
C ASP E 23 -0.13 21.33 10.01
N ARG E 24 -0.48 20.07 10.35
CA ARG E 24 -1.58 19.87 11.32
C ARG E 24 -1.23 20.45 12.67
N PHE E 25 -0.13 20.02 13.29
CA PHE E 25 0.21 20.50 14.62
C PHE E 25 0.49 22.00 14.64
N TYR E 26 0.92 22.56 13.51
CA TYR E 26 1.20 23.99 13.42
C TYR E 26 -0.09 24.79 13.33
N LYS E 27 -0.98 24.31 12.44
CA LYS E 27 -2.28 24.91 12.23
C LYS E 27 -3.16 24.69 13.46
N THR E 28 -2.90 23.58 14.16
CA THR E 28 -3.68 23.29 15.35
C THR E 28 -3.01 23.95 16.53
N LEU E 29 -1.67 24.21 16.48
CA LEU E 29 -1.09 24.88 17.64
C LEU E 29 -1.81 26.21 17.83
N ARG E 30 -2.42 26.76 16.75
CA ARG E 30 -3.19 28.02 16.89
C ARG E 30 -4.31 27.77 17.88
N ALA E 31 -4.88 26.58 17.78
CA ALA E 31 -5.91 26.12 18.68
C ALA E 31 -5.35 26.02 20.09
N GLU E 32 -4.04 25.75 20.16
CA GLU E 32 -3.38 25.66 21.45
C GLU E 32 -2.91 27.06 21.85
N GLN E 33 -3.55 27.63 22.85
CA GLN E 33 -3.18 28.95 23.32
C GLN E 33 -1.89 28.82 24.11
N ALA E 34 -0.77 28.65 23.39
CA ALA E 34 0.55 28.48 24.03
C ALA E 34 1.61 29.45 23.50
N SER E 35 2.29 30.07 24.45
CA SER E 35 3.39 31.00 24.18
C SER E 35 4.36 30.42 23.17
N GLN E 36 4.85 31.22 22.23
CA GLN E 36 5.78 30.72 21.22
C GLN E 36 6.94 29.97 21.85
N GLU E 37 7.30 30.34 23.10
CA GLU E 37 8.38 29.61 23.78
C GLU E 37 7.91 28.18 24.06
N VAL E 38 6.66 28.08 24.54
CA VAL E 38 6.03 26.78 24.81
C VAL E 38 5.78 25.97 23.51
N LYS E 39 5.18 26.60 22.52
CA LYS E 39 4.91 25.96 21.27
C LYS E 39 6.19 25.51 20.63
N ASN E 40 7.26 26.20 20.91
CA ASN E 40 8.51 25.86 20.31
C ASN E 40 9.10 24.54 20.86
N TRP E 41 9.33 24.41 22.18
CA TRP E 41 9.88 23.14 22.67
C TRP E 41 8.84 22.07 22.27
N MET E 42 7.54 22.46 22.19
CA MET E 42 6.49 21.52 21.70
C MET E 42 6.81 21.13 20.21
N THR E 43 7.29 22.08 19.38
CA THR E 43 7.61 21.75 17.98
C THR E 43 8.86 20.86 17.90
N GLU E 44 9.97 21.25 18.50
CA GLU E 44 11.16 20.37 18.40
C GLU E 44 10.93 19.01 19.07
N THR E 45 10.35 19.04 20.26
CA THR E 45 10.09 17.81 21.01
C THR E 45 8.71 17.16 20.75
N LEU E 46 7.62 17.86 21.07
CA LEU E 46 6.29 17.26 20.98
C LEU E 46 5.94 16.84 19.56
N LEU E 47 6.47 17.54 18.54
CA LEU E 47 6.24 17.12 17.15
C LEU E 47 6.88 15.74 16.98
N VAL E 48 8.15 15.67 17.39
CA VAL E 48 8.96 14.45 17.26
C VAL E 48 8.44 13.26 18.07
N GLN E 49 7.99 13.50 19.28
CA GLN E 49 7.58 12.40 20.15
C GLN E 49 6.37 11.58 19.67
N ASN E 50 5.33 12.25 19.18
CA ASN E 50 4.11 11.53 18.80
C ASN E 50 3.95 11.40 17.28
N ALA E 51 5.06 11.52 16.49
CA ALA E 51 4.87 11.58 15.02
C ALA E 51 5.82 10.78 14.09
N ASN E 52 5.17 10.05 13.15
CA ASN E 52 5.82 9.29 12.09
C ASN E 52 7.13 8.69 12.53
N PRO E 53 7.19 7.49 13.05
CA PRO E 53 8.50 6.87 13.50
C PRO E 53 9.61 7.05 12.45
N ASP E 54 9.23 7.30 11.15
CA ASP E 54 10.18 7.58 10.05
C ASP E 54 10.75 9.00 10.19
N CYS E 55 9.88 9.95 10.52
CA CYS E 55 10.30 11.35 10.72
C CYS E 55 10.89 11.52 12.10
N LYS E 56 10.50 10.65 13.03
CA LYS E 56 10.99 10.68 14.37
C LYS E 56 12.38 10.11 14.37
N THR E 57 12.54 8.98 13.66
CA THR E 57 13.83 8.29 13.63
C THR E 57 14.85 9.19 12.95
N ILE E 58 14.36 9.95 11.97
CA ILE E 58 15.19 10.91 11.28
C ILE E 58 15.47 12.10 12.16
N LEU E 59 14.42 12.64 12.72
CA LEU E 59 14.51 13.82 13.57
C LEU E 59 15.59 13.64 14.61
N LYS E 60 15.75 12.41 15.10
CA LYS E 60 16.79 12.15 16.08
C LYS E 60 18.16 12.23 15.42
N ALA E 61 18.22 11.70 14.20
CA ALA E 61 19.44 11.68 13.40
C ALA E 61 19.90 13.09 13.07
N LEU E 62 18.95 13.95 12.70
CA LEU E 62 19.29 15.32 12.45
C LEU E 62 19.93 15.85 13.68
N GLY E 63 19.29 15.46 14.80
CA GLY E 63 19.68 15.93 16.11
C GLY E 63 18.90 17.23 16.30
N PRO E 64 18.31 17.51 17.44
CA PRO E 64 17.53 18.77 17.62
C PRO E 64 18.34 20.00 17.18
N GLY E 65 17.68 21.16 17.10
CA GLY E 65 18.36 22.37 16.66
C GLY E 65 18.28 22.56 15.15
N ALA E 66 17.80 21.54 14.43
CA ALA E 66 17.66 21.65 12.99
C ALA E 66 16.56 22.63 12.70
N THR E 67 16.79 23.57 11.77
CA THR E 67 15.74 24.50 11.47
C THR E 67 14.53 23.73 11.03
N LEU E 68 13.39 24.38 11.04
CA LEU E 68 12.17 23.69 10.68
C LEU E 68 12.30 23.25 9.25
N GLU E 69 12.94 24.11 8.45
CA GLU E 69 13.21 23.79 7.08
C GLU E 69 14.05 22.52 7.10
N GLU E 70 14.95 22.41 8.10
CA GLU E 70 15.77 21.21 8.19
C GLU E 70 14.97 19.99 8.66
N MET E 71 14.03 20.13 9.59
CA MET E 71 13.26 18.95 10.03
C MET E 71 12.49 18.46 8.84
N MET E 72 11.96 19.43 8.11
CA MET E 72 11.23 19.16 6.92
C MET E 72 12.14 18.47 5.92
N THR E 73 13.34 19.00 5.74
CA THR E 73 14.27 18.43 4.76
C THR E 73 14.68 17.00 5.10
N ALA E 74 15.07 16.75 6.34
CA ALA E 74 15.47 15.40 6.69
C ALA E 74 14.29 14.48 6.64
N CYS E 75 13.20 14.93 7.29
CA CYS E 75 11.98 14.16 7.33
C CYS E 75 11.35 14.06 5.96
N GLN E 76 11.78 14.84 4.99
CA GLN E 76 11.23 14.64 3.65
C GLN E 76 11.69 13.23 3.16
N GLY E 77 12.67 12.59 3.88
CA GLY E 77 13.08 11.23 3.60
C GLY E 77 11.90 10.24 3.87
N VAL E 78 10.95 10.67 4.75
CA VAL E 78 9.71 9.91 5.28
C VAL E 78 8.72 9.52 4.17
N GLY E 79 7.75 8.49 4.35
CA GLY E 79 6.98 8.12 3.14
C GLY E 79 6.87 6.62 2.86
N GLY E 80 5.78 6.06 2.26
CA GLY E 80 5.86 4.59 2.16
C GLY E 80 6.94 4.26 1.11
N PRO E 81 6.62 4.25 -0.17
CA PRO E 81 7.65 4.12 -1.23
C PRO E 81 8.69 5.26 -1.11
N GLY E 82 8.40 6.28 -0.33
CA GLY E 82 9.37 7.34 -0.16
C GLY E 82 10.48 6.92 0.82
N HIS E 83 10.10 6.63 2.06
CA HIS E 83 11.07 6.25 3.11
C HIS E 83 11.60 4.88 2.86
N LYS E 84 10.71 4.01 2.35
CA LYS E 84 11.04 2.61 2.01
C LYS E 84 12.17 2.56 1.02
N ALA E 85 12.20 3.54 0.11
CA ALA E 85 13.22 3.61 -0.90
C ALA E 85 14.59 3.84 -0.26
N ARG E 86 14.58 4.52 0.91
CA ARG E 86 15.79 4.79 1.69
C ARG E 86 15.99 3.70 2.77
N VAL E 87 14.90 3.05 3.16
CA VAL E 87 14.98 2.06 4.21
C VAL E 87 15.37 0.70 3.67
N LEU E 88 15.17 0.45 2.39
CA LEU E 88 15.54 -0.86 1.88
C LEU E 88 17.02 -1.09 2.14
N ALA E 89 17.76 0.00 2.06
CA ALA E 89 19.19 -0.04 2.32
C ALA E 89 19.48 0.07 3.82
N GLU E 90 18.51 0.60 4.57
CA GLU E 90 18.67 0.81 6.02
C GLU E 90 18.29 -0.44 6.86
N ALA E 91 17.38 -1.27 6.36
CA ALA E 91 16.97 -2.43 7.12
C ALA E 91 17.88 -3.58 6.79
N MET E 92 18.12 -3.68 5.51
CA MET E 92 18.98 -4.68 4.97
C MET E 92 20.39 -4.48 5.53
N SER E 93 20.79 -3.22 5.68
CA SER E 93 22.12 -2.94 6.23
C SER E 93 22.10 -2.97 7.76
N GLN E 94 20.92 -2.94 8.37
CA GLN E 94 20.86 -3.07 9.80
C GLN E 94 21.01 -4.53 10.17
N VAL E 95 20.68 -5.44 9.26
CA VAL E 95 20.78 -6.83 9.59
C VAL E 95 22.17 -7.41 9.22
N THR E 96 22.65 -7.11 8.02
CA THR E 96 23.90 -7.70 7.56
C THR E 96 25.19 -6.90 7.85
N ASN E 97 25.29 -5.66 7.39
CA ASN E 97 26.57 -4.94 7.53
C ASN E 97 26.84 -4.08 8.76
N THR E 98 25.99 -3.10 9.08
CA THR E 98 26.32 -2.18 10.18
C THR E 98 25.68 -2.50 11.53
N ALA E 99 24.42 -2.90 11.54
CA ALA E 99 23.73 -3.21 12.79
C ALA E 99 23.55 -4.71 12.95
N THR E 100 24.44 -5.49 12.35
CA THR E 100 24.33 -6.93 12.45
C THR E 100 24.54 -7.31 13.90
N ILE E 101 23.55 -7.98 14.45
CA ILE E 101 23.57 -8.35 15.86
C ILE E 101 24.08 -9.76 16.06
N MET E 102 25.14 -9.89 16.86
CA MET E 102 25.73 -11.20 17.15
C MET E 102 25.95 -11.98 15.86
N GLY F 1 -26.08 -8.73 19.22
CA GLY F 1 -25.38 -9.16 17.97
C GLY F 1 -25.37 -8.01 16.97
N GLY F 2 -24.18 -7.60 16.52
CA GLY F 2 -24.06 -6.49 15.60
C GLY F 2 -24.48 -5.20 16.30
N SER F 3 -24.42 -5.19 17.64
CA SER F 3 -24.78 -3.99 18.38
C SER F 3 -23.79 -2.90 17.97
N PRO F 4 -24.18 -1.66 17.94
CA PRO F 4 -23.25 -0.60 17.48
C PRO F 4 -22.18 -0.18 18.48
N THR F 5 -20.95 -0.30 18.01
CA THR F 5 -19.76 0.16 18.71
C THR F 5 -19.72 -0.04 20.25
N SER F 6 -19.86 -1.29 20.68
CA SER F 6 -19.75 -1.66 22.09
C SER F 6 -18.30 -2.10 22.48
N ILE F 7 -17.33 -1.94 21.53
CA ILE F 7 -15.92 -2.37 21.68
C ILE F 7 -15.75 -3.86 21.33
N LEU F 8 -16.83 -4.63 21.44
CA LEU F 8 -16.85 -6.00 20.98
C LEU F 8 -16.40 -5.97 19.54
N ASP F 9 -16.94 -5.01 18.68
CA ASP F 9 -16.36 -4.91 17.38
C ASP F 9 -15.61 -3.59 17.18
N ILE F 10 -15.15 -2.78 18.24
CA ILE F 10 -14.44 -1.60 17.77
C ILE F 10 -13.04 -2.10 17.47
N ARG F 11 -12.48 -1.78 16.30
CA ARG F 11 -11.15 -2.33 15.97
C ARG F 11 -10.25 -1.33 15.28
N GLN F 12 -8.99 -1.33 15.72
CA GLN F 12 -8.00 -0.49 15.08
C GLN F 12 -7.79 -1.06 13.73
N GLY F 13 -7.88 -0.22 12.74
CA GLY F 13 -7.68 -0.65 11.42
C GLY F 13 -6.31 -1.30 11.32
N PRO F 14 -6.11 -2.21 10.40
CA PRO F 14 -4.77 -2.86 10.22
C PRO F 14 -3.70 -1.81 10.06
N LYS F 15 -4.10 -0.61 9.59
CA LYS F 15 -3.15 0.49 9.38
C LYS F 15 -3.51 1.70 10.27
N GLU F 16 -4.78 1.77 10.69
CA GLU F 16 -5.26 2.91 11.48
C GLU F 16 -4.30 3.25 12.63
N PRO F 17 -3.94 4.51 12.86
CA PRO F 17 -3.04 4.82 13.99
C PRO F 17 -3.62 4.29 15.26
N PHE F 18 -2.74 3.95 16.17
CA PHE F 18 -3.18 3.39 17.42
C PHE F 18 -4.19 4.28 18.10
N ARG F 19 -3.76 5.45 18.43
CA ARG F 19 -4.63 6.44 19.08
C ARG F 19 -5.87 6.78 18.24
N ASP F 20 -5.72 6.99 16.91
CA ASP F 20 -6.89 7.40 16.09
C ASP F 20 -8.05 6.47 16.32
N TYR F 21 -7.74 5.20 16.31
CA TYR F 21 -8.72 4.17 16.59
C TYR F 21 -9.21 4.23 18.03
N VAL F 22 -8.28 4.43 18.95
CA VAL F 22 -8.59 4.53 20.37
C VAL F 22 -9.62 5.67 20.56
N ASP F 23 -9.51 6.71 19.77
CA ASP F 23 -10.48 7.80 19.85
C ASP F 23 -11.88 7.19 19.60
N ARG F 24 -11.96 6.22 18.66
CA ARG F 24 -13.22 5.55 18.34
C ARG F 24 -13.67 4.71 19.54
N PHE F 25 -12.79 3.79 19.94
CA PHE F 25 -13.01 2.91 21.11
C PHE F 25 -13.55 3.74 22.29
N TYR F 26 -12.77 4.67 22.76
CA TYR F 26 -13.24 5.52 23.83
C TYR F 26 -14.56 6.23 23.45
N LYS F 27 -14.55 6.97 22.33
CA LYS F 27 -15.74 7.75 21.93
C LYS F 27 -17.02 6.91 22.01
N THR F 28 -16.96 5.65 21.66
CA THR F 28 -18.16 4.83 21.76
C THR F 28 -18.30 4.22 23.14
N LEU F 29 -17.18 4.07 23.87
CA LEU F 29 -17.26 3.60 25.25
C LEU F 29 -18.08 4.57 26.07
N ARG F 30 -17.85 5.85 25.85
CA ARG F 30 -18.64 6.86 26.51
C ARG F 30 -20.12 6.58 26.23
N ALA F 31 -20.39 5.96 25.06
CA ALA F 31 -21.76 5.66 24.66
C ALA F 31 -22.23 4.31 25.22
N GLU F 32 -21.30 3.38 25.41
CA GLU F 32 -21.66 2.08 25.98
C GLU F 32 -21.81 2.30 27.49
N GLN F 33 -23.05 2.25 27.99
CA GLN F 33 -23.30 2.46 29.41
C GLN F 33 -22.57 1.37 30.22
N ALA F 34 -21.33 1.66 30.62
CA ALA F 34 -20.51 0.69 31.32
C ALA F 34 -19.89 1.28 32.58
N SER F 35 -19.38 0.37 33.41
CA SER F 35 -18.71 0.73 34.66
C SER F 35 -17.26 1.00 34.33
N GLN F 36 -16.51 1.64 35.22
CA GLN F 36 -15.14 1.94 34.85
C GLN F 36 -14.37 0.66 34.56
N GLU F 37 -14.54 -0.36 35.41
CA GLU F 37 -13.86 -1.64 35.22
C GLU F 37 -14.25 -2.26 33.89
N VAL F 38 -15.53 -2.15 33.56
CA VAL F 38 -16.03 -2.67 32.30
C VAL F 38 -15.31 -1.98 31.17
N LYS F 39 -15.23 -0.66 31.29
CA LYS F 39 -14.53 0.10 30.28
C LYS F 39 -13.05 -0.36 30.24
N ASN F 40 -12.51 -0.75 31.42
CA ASN F 40 -11.11 -1.23 31.56
C ASN F 40 -10.87 -2.63 30.86
N TRP F 41 -11.96 -3.40 30.53
CA TRP F 41 -11.80 -4.66 29.79
C TRP F 41 -11.59 -4.23 28.37
N MET F 42 -12.44 -3.22 27.98
CA MET F 42 -12.41 -2.66 26.63
C MET F 42 -11.07 -1.97 26.39
N THR F 43 -10.52 -1.36 27.44
CA THR F 43 -9.23 -0.67 27.30
C THR F 43 -8.05 -1.63 27.41
N GLU F 44 -8.13 -2.58 28.32
CA GLU F 44 -6.98 -3.45 28.51
C GLU F 44 -6.86 -4.55 27.50
N THR F 45 -7.84 -5.44 27.45
CA THR F 45 -7.74 -6.54 26.51
C THR F 45 -8.39 -6.31 25.13
N LEU F 46 -9.58 -5.65 24.98
CA LEU F 46 -10.13 -5.59 23.58
C LEU F 46 -9.34 -4.57 22.88
N LEU F 47 -8.98 -3.47 23.60
CA LEU F 47 -8.19 -2.38 22.98
C LEU F 47 -7.02 -2.99 22.23
N VAL F 48 -6.50 -4.09 22.78
CA VAL F 48 -5.39 -4.81 22.21
C VAL F 48 -5.85 -5.76 21.12
N GLN F 49 -6.74 -6.68 21.53
CA GLN F 49 -7.21 -7.75 20.66
C GLN F 49 -7.78 -7.29 19.35
N ASN F 50 -8.58 -6.28 19.37
CA ASN F 50 -9.15 -5.87 18.12
C ASN F 50 -8.18 -5.03 17.38
N ALA F 51 -7.22 -4.44 18.07
CA ALA F 51 -6.42 -3.47 17.41
C ALA F 51 -5.20 -3.90 16.64
N ASN F 52 -5.30 -3.61 15.33
CA ASN F 52 -4.19 -3.64 14.39
C ASN F 52 -3.03 -4.51 14.79
N PRO F 53 -2.84 -5.68 14.30
CA PRO F 53 -1.69 -6.52 14.73
C PRO F 53 -0.33 -5.80 14.76
N ASP F 54 -0.19 -4.61 14.14
CA ASP F 54 1.07 -3.91 14.30
C ASP F 54 1.23 -3.61 15.76
N CYS F 55 0.11 -3.16 16.33
CA CYS F 55 0.07 -2.79 17.74
C CYS F 55 -0.33 -3.94 18.62
N LYS F 56 -1.25 -4.83 18.18
CA LYS F 56 -1.68 -5.91 19.03
C LYS F 56 -0.50 -6.66 19.59
N THR F 57 0.53 -6.77 18.79
CA THR F 57 1.73 -7.43 19.24
C THR F 57 2.44 -6.51 20.26
N ILE F 58 2.53 -5.19 19.92
CA ILE F 58 3.19 -4.19 20.80
C ILE F 58 2.59 -4.13 22.17
N LEU F 59 1.26 -4.10 22.27
CA LEU F 59 0.65 -3.92 23.58
C LEU F 59 1.15 -5.05 24.44
N LYS F 60 1.23 -6.24 23.89
CA LYS F 60 1.81 -7.31 24.66
C LYS F 60 3.29 -6.98 24.94
N ALA F 61 3.97 -6.46 23.92
CA ALA F 61 5.40 -6.14 24.05
C ALA F 61 5.68 -5.37 25.30
N LEU F 62 4.94 -4.29 25.53
CA LEU F 62 5.07 -3.54 26.79
C LEU F 62 4.48 -4.39 27.95
N GLY F 63 3.41 -5.08 27.60
CA GLY F 63 2.67 -5.90 28.52
C GLY F 63 1.39 -5.14 28.90
N PRO F 64 0.23 -5.77 28.99
CA PRO F 64 -1.03 -5.07 29.40
C PRO F 64 -0.87 -4.46 30.81
N GLY F 65 -1.80 -3.60 31.22
CA GLY F 65 -1.69 -2.93 32.53
C GLY F 65 -0.86 -1.64 32.44
N ALA F 66 -0.33 -1.32 31.22
CA ALA F 66 0.45 -0.12 30.98
C ALA F 66 -0.48 1.04 30.71
N THR F 67 0.01 2.23 30.89
CA THR F 67 -0.85 3.36 30.67
C THR F 67 -1.19 3.51 29.19
N LEU F 68 -2.29 4.18 28.93
CA LEU F 68 -2.66 4.39 27.55
C LEU F 68 -1.60 5.27 26.86
N GLU F 69 -0.93 6.11 27.67
CA GLU F 69 0.15 6.93 27.18
C GLU F 69 1.35 6.02 26.94
N GLU F 70 1.44 4.90 27.70
CA GLU F 70 2.56 3.96 27.54
C GLU F 70 2.40 3.19 26.24
N MET F 71 1.23 2.58 26.07
CA MET F 71 0.94 1.85 24.84
C MET F 71 1.02 2.85 23.71
N MET F 72 0.47 4.03 23.90
CA MET F 72 0.52 5.03 22.84
C MET F 72 1.95 5.32 22.41
N THR F 73 2.82 5.52 23.39
CA THR F 73 4.23 5.82 23.11
C THR F 73 4.88 4.68 22.33
N ALA F 74 4.69 3.46 22.78
CA ALA F 74 5.26 2.32 22.05
C ALA F 74 4.45 2.01 20.77
N CYS F 75 3.26 2.63 20.64
CA CYS F 75 2.40 2.38 19.53
C CYS F 75 2.46 3.50 18.52
N GLN F 76 3.21 4.56 18.79
CA GLN F 76 3.43 5.52 17.73
C GLN F 76 4.21 4.77 16.63
N GLY F 77 4.90 3.63 17.01
CA GLY F 77 5.59 2.84 16.06
C GLY F 77 4.56 2.31 15.09
N VAL F 78 3.34 2.06 15.56
CA VAL F 78 2.21 1.49 14.70
C VAL F 78 2.09 2.26 13.42
N GLY F 79 1.53 1.63 12.27
CA GLY F 79 1.62 2.41 11.05
C GLY F 79 2.22 1.75 9.82
N GLY F 80 1.98 2.23 8.57
CA GLY F 80 2.60 1.47 7.52
C GLY F 80 4.09 1.76 7.50
N PRO F 81 4.52 2.81 6.89
CA PRO F 81 5.94 3.17 7.01
C PRO F 81 6.23 3.49 8.47
N GLY F 82 5.17 3.80 9.28
CA GLY F 82 5.33 4.10 10.71
C GLY F 82 5.82 2.88 11.47
N HIS F 83 5.20 1.70 11.20
CA HIS F 83 5.58 0.41 11.88
C HIS F 83 6.55 -0.43 11.12
N LYS F 84 6.66 -0.24 9.84
CA LYS F 84 7.57 -1.02 9.04
C LYS F 84 9.03 -0.63 9.34
N ALA F 85 9.25 0.63 9.57
CA ALA F 85 10.60 1.08 9.83
C ALA F 85 11.18 0.34 11.02
N ARG F 86 10.40 0.23 12.11
CA ARG F 86 10.87 -0.49 13.31
C ARG F 86 10.60 -2.00 13.25
N VAL F 87 9.39 -2.33 12.82
CA VAL F 87 8.92 -3.72 12.74
C VAL F 87 9.21 -4.43 11.44
N LEU F 88 9.15 -3.78 10.29
CA LEU F 88 9.43 -4.52 9.05
C LEU F 88 10.85 -4.97 9.20
N ALA F 89 11.69 -4.02 9.61
CA ALA F 89 13.08 -4.31 9.87
C ALA F 89 13.16 -5.36 10.93
N GLU F 90 12.29 -5.31 11.92
CA GLU F 90 12.36 -6.36 12.94
C GLU F 90 12.16 -7.72 12.26
N ALA F 91 11.23 -7.77 11.30
CA ALA F 91 10.97 -8.99 10.54
C ALA F 91 12.21 -9.34 9.77
N MET F 92 12.88 -8.29 9.29
CA MET F 92 14.10 -8.51 8.54
C MET F 92 15.10 -9.14 9.51
N SER F 93 15.00 -8.75 10.79
CA SER F 93 15.89 -9.33 11.81
C SER F 93 15.29 -10.64 12.39
N GLN F 94 14.04 -10.98 12.02
CA GLN F 94 13.42 -12.26 12.47
C GLN F 94 13.87 -13.43 11.57
N VAL F 95 14.27 -13.15 10.34
CA VAL F 95 14.70 -14.22 9.46
C VAL F 95 16.21 -14.46 9.60
N THR F 96 16.96 -13.38 9.75
CA THR F 96 18.41 -13.48 9.80
C THR F 96 19.08 -13.60 11.20
N ASN F 97 18.91 -12.60 12.08
CA ASN F 97 19.65 -12.62 13.37
C ASN F 97 19.00 -13.24 14.62
N THR F 98 17.83 -12.75 15.04
CA THR F 98 17.27 -13.21 16.32
C THR F 98 16.19 -14.30 16.24
N ALA F 99 15.29 -14.19 15.28
CA ALA F 99 14.21 -15.16 15.19
C ALA F 99 14.48 -16.20 14.11
N THR F 100 15.74 -16.48 13.83
CA THR F 100 16.05 -17.45 12.80
C THR F 100 15.55 -18.81 13.26
N ILE F 101 14.71 -19.42 12.43
CA ILE F 101 14.11 -20.69 12.77
C ILE F 101 14.87 -21.85 12.15
N MET F 102 15.31 -22.79 12.99
CA MET F 102 16.05 -23.95 12.51
C MET F 102 17.21 -23.51 11.62
C1 IHP G . -2.15 -1.79 0.21
C2 IHP G . -0.88 -2.04 1.10
C3 IHP G . 0.39 -1.96 0.22
C4 IHP G . 0.47 -0.60 -0.40
C5 IHP G . -0.71 -0.65 -1.45
C6 IHP G . -2.07 -0.49 -0.56
O11 IHP G . -3.37 -1.87 1.03
P1 IHP G . -4.23 -3.26 1.04
O21 IHP G . -3.38 -4.27 0.34
O31 IHP G . -4.61 -3.58 2.52
O41 IHP G . -5.43 -2.92 0.25
O12 IHP G . -0.79 -0.96 2.13
P2 IHP G . -0.64 -1.32 3.66
O22 IHP G . -0.96 -2.81 3.93
O32 IHP G . -1.56 -0.44 4.41
O42 IHP G . 0.75 -1.08 4.05
O13 IHP G . 1.48 -2.24 0.98
P3 IHP G . 2.59 -3.26 0.54
O23 IHP G . 2.46 -4.48 1.41
O33 IHP G . 2.48 -3.50 -0.97
O43 IHP G . 3.85 -2.49 0.92
O14 IHP G . 1.73 -0.44 -1.02
P4 IHP G . 2.64 0.89 -1.01
O24 IHP G . 1.92 1.91 -1.85
O34 IHP G . 3.01 1.44 0.34
O44 IHP G . 3.94 0.52 -1.71
O15 IHP G . -0.54 0.31 -2.49
P5 IHP G . -0.20 -0.11 -4.00
O25 IHP G . -0.27 1.26 -4.70
O35 IHP G . -1.22 -1.14 -4.44
O45 IHP G . 1.13 -0.76 -4.03
O16 IHP G . -3.22 -0.37 -1.49
P6 IHP G . -4.15 0.83 -1.65
O26 IHP G . -3.40 2.10 -1.96
O36 IHP G . -4.88 0.42 -2.93
O46 IHP G . -5.02 1.04 -0.46
H1 IHP G . -2.06 -2.50 -0.65
H2 IHP G . -0.86 -3.10 1.41
H3 IHP G . 0.21 -2.71 -0.58
H4 IHP G . 0.22 0.14 0.39
H5 IHP G . -0.85 -1.68 -1.84
H6 IHP G . -1.94 0.38 0.13
C1 A1CCZ H . 6.65 -7.19 1.02
C2 A1CCZ H . 7.67 -6.92 1.93
C3 A1CCZ H . 7.55 -5.84 2.80
C11 A1CCZ H . 4.07 -8.48 -2.74
C12 A1CCZ H . 3.87 -9.65 -3.76
C13 A1CCZ H . 4.27 -7.12 -3.34
C14 A1CCZ H . 5.42 -6.71 -4.02
C15 A1CCZ H . 5.57 -5.34 -4.33
C16 A1CCZ H . 4.60 -4.34 -3.99
C17 A1CCZ H . 3.46 -4.83 -3.33
C18 A1CCZ H . 3.28 -6.12 -3.05
C19 A1CCZ H . 4.83 -2.91 -4.33
C20 A1CCZ H . 3.83 -2.57 -5.42
C21 A1CCZ H . 4.37 -1.98 -3.19
C22 A1CCZ H . 6.31 -2.63 -4.66
C24 A1CCZ H . 1.42 -9.68 -4.12
C25 A1CCZ H . 0.27 -9.60 -5.03
C26 A1CCZ H . 0.52 -9.72 -6.37
N23 A1CCZ H . 2.67 -9.68 -4.70
C28 A1CCZ H . 2.84 -9.91 -6.01
C27 A1CCZ H . 1.80 -9.92 -6.86
O29 A1CCZ H . 1.36 -9.84 -2.84
C30 A1CCZ H . -1.11 -9.27 -4.64
F31 A1CCZ H . -1.15 -8.64 -3.49
F32 A1CCZ H . -1.83 -10.36 -4.43
F33 A1CCZ H . -1.76 -8.50 -5.57
N10 A1CCZ H . 5.16 -8.94 -1.82
C8 A1CCZ H . 5.64 -7.79 -0.92
C7 A1CCZ H . 4.59 -7.11 -0.15
C6 A1CCZ H . 5.44 -6.47 0.97
C5 A1CCZ H . 5.35 -5.35 1.80
C4 A1CCZ H . 6.47 -4.95 2.61
C9 A1CCZ H . 6.63 -8.34 0.04
H2 A1CCZ H . 8.49 -7.58 2.16
H3 A1CCZ H . 8.27 -5.48 3.51
H11 A1CCZ H . 3.15 -8.47 -2.12
H12A A1CCZ H . 3.66 -10.57 -3.15
H12B A1CCZ H . 4.75 -9.84 -4.39
H14 A1CCZ H . 6.24 -7.39 -4.21
H15 A1CCZ H . 6.50 -5.09 -4.83
H17 A1CCZ H . 2.69 -4.13 -3.02
H18 A1CCZ H . 2.48 -6.47 -2.42
H20C A1CCZ H . 3.94 -3.19 -6.32
H20B A1CCZ H . 4.03 -1.56 -5.85
H20A A1CCZ H . 2.76 -2.68 -5.18
H21A A1CCZ H . 4.99 -2.11 -2.29
H21C A1CCZ H . 3.33 -2.06 -2.82
H21B A1CCZ H . 4.44 -0.90 -3.44
H22C A1CCZ H . 6.90 -3.21 -3.90
H22B A1CCZ H . 6.48 -1.55 -4.56
H22A A1CCZ H . 6.58 -3.01 -5.67
H26 A1CCZ H . -0.32 -9.51 -7.03
H6 A1CCZ H . 3.84 -9.75 -6.43
H27 A1CCZ H . 1.90 -10.10 -7.93
H9 A1CCZ H . 6.02 -9.18 -2.32
H8 A1CCZ H . 6.18 -7.11 -1.60
H7A A1CCZ H . 3.87 -7.86 0.21
H7B A1CCZ H . 3.94 -6.41 -0.69
H5 A1CCZ H . 4.61 -4.58 1.62
H4 A1CCZ H . 6.39 -4.03 3.16
H9B A1CCZ H . 6.44 -9.39 0.33
H9A A1CCZ H . 7.65 -8.35 -0.37
N GLY A 1 -33.07 -17.51 -7.09
CA GLY A 1 -31.75 -17.97 -6.65
C GLY A 1 -30.69 -16.92 -6.84
N GLY A 2 -29.65 -17.03 -6.03
CA GLY A 2 -28.58 -16.06 -6.04
C GLY A 2 -29.17 -14.78 -5.55
N SER A 3 -30.06 -14.91 -4.58
CA SER A 3 -30.69 -13.77 -4.03
C SER A 3 -29.61 -12.87 -3.49
N PRO A 4 -29.86 -11.61 -3.38
CA PRO A 4 -28.82 -10.68 -2.93
C PRO A 4 -28.26 -11.05 -1.57
N THR A 5 -26.95 -11.15 -1.54
CA THR A 5 -26.24 -11.41 -0.32
C THR A 5 -26.85 -12.52 0.53
N SER A 6 -27.01 -13.65 -0.08
CA SER A 6 -27.57 -14.81 0.59
C SER A 6 -26.48 -15.69 1.23
N ILE A 7 -25.18 -15.17 1.27
CA ILE A 7 -23.97 -15.92 1.81
C ILE A 7 -23.19 -16.61 0.76
N LEU A 8 -23.84 -17.08 -0.23
CA LEU A 8 -23.23 -17.70 -1.38
C LEU A 8 -22.13 -16.83 -1.92
N ASP A 9 -22.40 -15.50 -2.00
CA ASP A 9 -21.33 -14.67 -2.34
C ASP A 9 -20.97 -13.66 -1.25
N ILE A 10 -21.16 -13.89 0.11
CA ILE A 10 -20.77 -12.74 0.90
C ILE A 10 -19.21 -12.73 0.95
N ARG A 11 -18.55 -11.57 0.83
CA ARG A 11 -17.05 -11.57 0.77
C ARG A 11 -16.39 -10.60 1.73
N GLN A 12 -15.20 -11.01 2.17
CA GLN A 12 -14.36 -10.18 3.02
C GLN A 12 -13.35 -9.50 2.15
N GLY A 13 -13.28 -8.19 2.23
CA GLY A 13 -12.30 -7.47 1.45
C GLY A 13 -10.93 -8.01 1.82
N PRO A 14 -9.99 -8.08 0.94
CA PRO A 14 -8.67 -8.67 1.27
C PRO A 14 -8.08 -8.00 2.46
N LYS A 15 -8.34 -6.72 2.60
CA LYS A 15 -7.85 -6.00 3.75
C LYS A 15 -8.95 -5.90 4.83
N GLU A 16 -10.21 -6.04 4.40
CA GLU A 16 -11.31 -5.92 5.33
C GLU A 16 -11.08 -6.85 6.53
N PRO A 17 -11.09 -6.38 7.77
CA PRO A 17 -10.85 -7.31 8.89
C PRO A 17 -11.94 -8.32 8.98
N PHE A 18 -11.57 -9.44 9.59
CA PHE A 18 -12.43 -10.57 9.76
C PHE A 18 -13.67 -10.17 10.51
N ARG A 19 -13.51 -9.50 11.62
CA ARG A 19 -14.66 -9.09 12.37
C ARG A 19 -15.61 -8.22 11.54
N ASP A 20 -15.05 -7.34 10.73
CA ASP A 20 -15.92 -6.44 9.94
C ASP A 20 -16.81 -7.23 8.97
N TYR A 21 -16.15 -7.98 8.10
CA TYR A 21 -16.82 -8.82 7.12
C TYR A 21 -17.74 -9.81 7.80
N VAL A 22 -17.33 -10.32 8.96
CA VAL A 22 -18.20 -11.23 9.70
C VAL A 22 -19.49 -10.47 10.03
N ASP A 23 -19.38 -9.21 10.35
CA ASP A 23 -20.57 -8.44 10.65
C ASP A 23 -21.47 -8.41 9.41
N ARG A 24 -20.83 -8.26 8.20
CA ARG A 24 -21.56 -8.23 6.91
C ARG A 24 -22.27 -9.56 6.67
N PHE A 25 -21.53 -10.67 6.85
CA PHE A 25 -22.06 -12.04 6.67
C PHE A 25 -23.19 -12.32 7.63
N TYR A 26 -23.05 -11.89 8.87
CA TYR A 26 -24.13 -12.10 9.84
C TYR A 26 -25.36 -11.26 9.47
N LYS A 27 -25.13 -9.96 9.21
CA LYS A 27 -26.20 -9.00 8.90
C LYS A 27 -26.91 -9.46 7.66
N THR A 28 -26.14 -9.94 6.73
CA THR A 28 -26.73 -10.39 5.54
C THR A 28 -27.37 -11.74 5.76
N LEU A 29 -26.87 -12.48 6.76
CA LEU A 29 -27.57 -13.71 7.07
C LEU A 29 -28.96 -13.30 7.60
N ARG A 30 -29.05 -12.17 8.25
CA ARG A 30 -30.34 -11.72 8.74
C ARG A 30 -31.24 -11.56 7.51
N ALA A 31 -30.65 -11.05 6.44
CA ALA A 31 -31.37 -10.88 5.18
C ALA A 31 -31.70 -12.27 4.61
N GLU A 32 -30.87 -13.25 4.91
CA GLU A 32 -31.11 -14.59 4.44
C GLU A 32 -31.95 -15.37 5.46
N GLN A 33 -33.22 -15.65 5.08
CA GLN A 33 -34.11 -16.45 5.95
C GLN A 33 -33.66 -17.89 6.01
N ALA A 34 -32.62 -18.18 6.79
CA ALA A 34 -32.12 -19.56 6.87
C ALA A 34 -32.18 -20.10 8.27
N SER A 35 -32.40 -21.40 8.33
CA SER A 35 -32.42 -22.06 9.58
C SER A 35 -31.11 -21.79 10.24
N GLN A 36 -31.13 -21.81 11.55
CA GLN A 36 -29.90 -21.54 12.27
C GLN A 36 -28.87 -22.61 11.88
N GLU A 37 -29.30 -23.88 11.90
CA GLU A 37 -28.38 -24.95 11.57
C GLU A 37 -27.76 -24.68 10.22
N VAL A 38 -28.58 -24.24 9.28
CA VAL A 38 -28.06 -23.94 7.98
C VAL A 38 -27.04 -22.82 8.12
N LYS A 39 -27.42 -21.75 8.83
CA LYS A 39 -26.53 -20.61 9.00
C LYS A 39 -25.23 -21.07 9.56
N ASN A 40 -25.27 -22.09 10.37
CA ASN A 40 -24.04 -22.61 10.91
C ASN A 40 -23.11 -23.07 9.79
N TRP A 41 -23.64 -23.72 8.74
CA TRP A 41 -22.75 -24.16 7.65
C TRP A 41 -22.19 -22.92 6.94
N MET A 42 -22.98 -21.85 6.94
CA MET A 42 -22.59 -20.56 6.32
C MET A 42 -21.55 -19.80 7.20
N THR A 43 -21.64 -19.97 8.50
CA THR A 43 -20.73 -19.34 9.43
C THR A 43 -19.45 -20.15 9.55
N GLU A 44 -19.59 -21.47 9.38
CA GLU A 44 -18.48 -22.42 9.51
C GLU A 44 -17.68 -22.59 8.24
N THR A 45 -18.39 -22.83 7.18
CA THR A 45 -17.75 -23.06 5.92
C THR A 45 -17.65 -21.78 5.11
N LEU A 46 -18.80 -21.25 4.72
CA LEU A 46 -18.75 -20.11 3.86
C LEU A 46 -17.96 -18.96 4.47
N LEU A 47 -18.08 -18.77 5.77
CA LEU A 47 -17.32 -17.72 6.41
C LEU A 47 -15.85 -18.02 6.13
N VAL A 48 -15.48 -19.28 6.14
CA VAL A 48 -14.10 -19.61 5.88
C VAL A 48 -13.74 -19.39 4.41
N GLN A 49 -14.63 -19.81 3.49
CA GLN A 49 -14.27 -19.78 2.06
C GLN A 49 -14.11 -18.42 1.38
N ASN A 50 -15.13 -17.60 1.41
CA ASN A 50 -15.05 -16.34 0.66
C ASN A 50 -14.61 -15.17 1.48
N ALA A 51 -14.09 -15.43 2.65
CA ALA A 51 -13.70 -14.35 3.50
C ALA A 51 -12.25 -14.00 3.53
N ASN A 52 -11.67 -13.44 2.48
CA ASN A 52 -10.30 -12.93 2.63
C ASN A 52 -9.29 -14.04 3.00
N PRO A 53 -8.52 -14.60 2.09
CA PRO A 53 -7.65 -15.73 2.41
C PRO A 53 -6.80 -15.56 3.66
N ASP A 54 -6.66 -14.34 4.16
CA ASP A 54 -5.91 -14.15 5.38
C ASP A 54 -6.55 -14.95 6.44
N CYS A 55 -7.86 -14.93 6.45
CA CYS A 55 -8.54 -15.66 7.45
C CYS A 55 -8.55 -17.09 7.00
N LYS A 56 -8.74 -17.36 5.72
CA LYS A 56 -8.81 -18.76 5.27
C LYS A 56 -7.58 -19.58 5.67
N THR A 57 -6.44 -18.98 5.61
CA THR A 57 -5.28 -19.72 6.02
C THR A 57 -5.28 -19.85 7.57
N ILE A 58 -5.97 -18.91 8.26
CA ILE A 58 -6.05 -18.90 9.74
C ILE A 58 -7.10 -19.85 10.31
N LEU A 59 -8.34 -19.71 9.86
CA LEU A 59 -9.43 -20.51 10.33
C LEU A 59 -9.02 -21.93 10.07
N LYS A 60 -8.47 -22.16 8.87
CA LYS A 60 -8.09 -23.51 8.51
C LYS A 60 -7.09 -23.99 9.55
N ALA A 61 -6.16 -23.13 9.94
CA ALA A 61 -5.19 -23.46 11.00
C ALA A 61 -5.88 -23.72 12.38
N LEU A 62 -6.87 -22.90 12.73
CA LEU A 62 -7.57 -23.06 13.99
C LEU A 62 -8.41 -24.32 14.02
N GLY A 63 -8.53 -25.01 12.90
CA GLY A 63 -9.37 -26.19 12.85
C GLY A 63 -10.81 -25.66 12.66
N PRO A 64 -11.51 -25.96 11.58
CA PRO A 64 -12.84 -25.37 11.35
C PRO A 64 -13.74 -25.57 12.55
N GLY A 65 -14.74 -24.74 12.62
CA GLY A 65 -15.66 -24.82 13.72
C GLY A 65 -15.14 -24.10 14.94
N ALA A 66 -13.95 -23.48 14.84
CA ALA A 66 -13.46 -22.74 15.97
C ALA A 66 -14.50 -21.68 16.28
N THR A 67 -14.73 -21.46 17.56
CA THR A 67 -15.72 -20.48 17.96
C THR A 67 -15.36 -19.16 17.39
N LEU A 68 -16.36 -18.37 17.15
CA LEU A 68 -16.14 -17.07 16.59
C LEU A 68 -15.14 -16.32 17.46
N GLU A 69 -15.10 -16.63 18.75
CA GLU A 69 -14.13 -15.94 19.59
C GLU A 69 -12.70 -16.36 19.23
N GLU A 70 -12.52 -17.65 18.97
CA GLU A 70 -11.22 -18.14 18.56
C GLU A 70 -10.85 -17.65 17.17
N MET A 71 -11.80 -17.74 16.21
CA MET A 71 -11.55 -17.25 14.86
C MET A 71 -11.28 -15.78 14.93
N MET A 72 -11.98 -15.10 15.80
CA MET A 72 -11.82 -13.66 15.92
C MET A 72 -10.45 -13.31 16.44
N THR A 73 -10.08 -13.92 17.55
CA THR A 73 -8.84 -13.56 18.14
C THR A 73 -7.72 -13.76 17.17
N ALA A 74 -7.75 -14.88 16.50
CA ALA A 74 -6.69 -15.20 15.54
C ALA A 74 -6.79 -14.38 14.27
N CYS A 75 -8.01 -14.26 13.80
CA CYS A 75 -8.25 -13.51 12.58
C CYS A 75 -8.17 -12.05 12.81
N GLN A 76 -7.97 -11.61 14.06
CA GLN A 76 -7.70 -10.23 14.20
C GLN A 76 -6.28 -10.01 13.59
N GLY A 77 -5.49 -11.14 13.38
CA GLY A 77 -4.23 -11.10 12.70
C GLY A 77 -4.47 -10.69 11.23
N VAL A 78 -5.69 -10.85 10.71
CA VAL A 78 -6.07 -10.51 9.28
C VAL A 78 -5.88 -9.02 9.04
N GLY A 79 -5.51 -8.52 7.79
CA GLY A 79 -5.15 -7.09 7.79
C GLY A 79 -3.96 -6.72 6.92
N GLY A 80 -3.70 -5.46 6.54
CA GLY A 80 -2.56 -5.32 5.64
C GLY A 80 -1.21 -5.51 6.36
N PRO A 81 -0.79 -4.55 7.12
CA PRO A 81 0.46 -4.64 7.93
C PRO A 81 0.26 -5.60 9.08
N GLY A 82 -1.01 -5.68 9.56
CA GLY A 82 -1.35 -6.54 10.69
C GLY A 82 -1.12 -8.02 10.40
N HIS A 83 -1.60 -8.48 9.24
CA HIS A 83 -1.37 -9.86 8.87
C HIS A 83 0.05 -9.98 8.41
N LYS A 84 0.56 -8.95 7.77
CA LYS A 84 1.95 -8.97 7.30
C LYS A 84 2.98 -9.10 8.39
N ALA A 85 2.67 -8.57 9.53
CA ALA A 85 3.62 -8.61 10.63
C ALA A 85 3.94 -10.05 10.92
N ARG A 86 2.92 -10.87 10.83
CA ARG A 86 3.08 -12.29 11.04
C ARG A 86 3.45 -12.96 9.72
N VAL A 87 2.52 -12.91 8.79
CA VAL A 87 2.63 -13.55 7.46
C VAL A 87 3.90 -13.25 6.74
N LEU A 88 4.42 -12.06 6.85
CA LEU A 88 5.68 -11.83 6.19
C LEU A 88 6.72 -12.81 6.87
N ALA A 89 6.70 -12.88 8.20
CA ALA A 89 7.61 -13.78 8.89
C ALA A 89 7.34 -15.21 8.45
N GLU A 90 6.07 -15.53 8.23
CA GLU A 90 5.70 -16.90 7.86
C GLU A 90 6.11 -17.33 6.44
N ALA A 91 5.70 -16.59 5.44
CA ALA A 91 5.99 -16.96 4.04
C ALA A 91 7.48 -17.00 3.82
N MET A 92 8.15 -16.03 4.43
CA MET A 92 9.60 -15.94 4.37
C MET A 92 10.24 -17.19 4.97
N SER A 93 9.65 -17.68 6.07
CA SER A 93 10.16 -18.89 6.71
C SER A 93 9.56 -20.14 6.05
N GLN A 94 8.54 -19.98 5.20
CA GLN A 94 7.99 -21.12 4.48
C GLN A 94 9.00 -21.50 3.43
N VAL A 95 9.60 -20.51 2.84
CA VAL A 95 10.59 -20.77 1.83
C VAL A 95 11.92 -21.24 2.43
N THR A 96 12.39 -20.55 3.44
CA THR A 96 13.68 -20.89 3.99
C THR A 96 13.71 -21.95 5.11
N ASN A 97 12.99 -21.73 6.20
CA ASN A 97 13.11 -22.65 7.34
C ASN A 97 12.17 -23.87 7.45
N THR A 98 10.86 -23.66 7.44
CA THR A 98 9.94 -24.79 7.70
C THR A 98 9.35 -25.48 6.46
N ALA A 99 8.96 -24.72 5.46
CA ALA A 99 8.34 -25.32 4.27
C ALA A 99 9.31 -25.36 3.11
N THR A 100 10.61 -25.43 3.39
CA THR A 100 11.58 -25.38 2.31
C THR A 100 11.36 -26.57 1.39
N ILE A 101 11.02 -26.25 0.16
CA ILE A 101 10.71 -27.24 -0.84
C ILE A 101 11.96 -27.63 -1.63
N MET A 102 12.27 -28.92 -1.66
CA MET A 102 13.43 -29.40 -2.37
C MET A 102 13.04 -30.47 -3.39
N GLY B 1 -14.80 3.71 -30.60
CA GLY B 1 -13.66 4.01 -29.69
C GLY B 1 -14.17 4.81 -28.49
N GLY B 2 -13.42 4.79 -27.39
CA GLY B 2 -13.84 5.50 -26.19
C GLY B 2 -15.25 5.03 -25.79
N SER B 3 -15.63 3.82 -26.21
CA SER B 3 -16.95 3.30 -25.87
C SER B 3 -17.02 3.00 -24.38
N PRO B 4 -18.16 3.11 -23.74
CA PRO B 4 -18.24 2.86 -22.28
C PRO B 4 -18.39 1.39 -21.87
N THR B 5 -17.45 1.00 -21.03
CA THR B 5 -17.44 -0.33 -20.40
C THR B 5 -17.91 -1.49 -21.26
N SER B 6 -17.23 -1.67 -22.36
CA SER B 6 -17.44 -2.79 -23.28
C SER B 6 -16.47 -3.95 -22.92
N ILE B 7 -15.76 -3.85 -21.73
CA ILE B 7 -14.67 -4.79 -21.32
C ILE B 7 -13.34 -4.41 -21.96
N LEU B 8 -13.39 -3.61 -22.99
CA LEU B 8 -12.21 -3.13 -23.60
C LEU B 8 -11.49 -2.36 -22.56
N ASP B 9 -12.21 -1.80 -21.52
CA ASP B 9 -11.47 -1.28 -20.43
C ASP B 9 -12.00 -1.69 -19.07
N ILE B 10 -12.75 -2.81 -18.85
CA ILE B 10 -13.21 -2.90 -17.46
C ILE B 10 -11.99 -3.21 -16.55
N ARG B 11 -11.97 -2.88 -15.21
CA ARG B 11 -10.69 -3.08 -14.42
C ARG B 11 -10.79 -3.61 -12.95
N GLN B 12 -10.05 -4.70 -12.66
CA GLN B 12 -9.94 -5.20 -11.28
C GLN B 12 -8.61 -4.68 -10.74
N GLY B 13 -8.70 -4.00 -9.61
CA GLY B 13 -7.53 -3.41 -8.99
C GLY B 13 -6.65 -4.49 -8.48
N PRO B 14 -5.35 -4.29 -8.40
CA PRO B 14 -4.43 -5.33 -7.90
C PRO B 14 -4.90 -5.82 -6.55
N LYS B 15 -5.52 -4.92 -5.79
CA LYS B 15 -6.04 -5.24 -4.48
C LYS B 15 -7.51 -5.64 -4.55
N GLU B 16 -8.19 -5.31 -5.67
CA GLU B 16 -9.63 -5.58 -5.82
C GLU B 16 -9.90 -7.08 -6.06
N PRO B 17 -10.92 -7.69 -5.43
CA PRO B 17 -11.18 -9.14 -5.62
C PRO B 17 -11.80 -9.51 -6.94
N PHE B 18 -11.43 -10.74 -7.30
CA PHE B 18 -11.87 -11.40 -8.50
C PHE B 18 -13.36 -11.49 -8.52
N ARG B 19 -13.94 -12.01 -7.43
CA ARG B 19 -15.40 -12.12 -7.37
C ARG B 19 -16.09 -10.76 -7.60
N ASP B 20 -15.53 -9.70 -7.01
CA ASP B 20 -16.13 -8.37 -7.13
C ASP B 20 -16.01 -7.81 -8.55
N TYR B 21 -14.82 -7.90 -9.14
CA TYR B 21 -14.64 -7.39 -10.50
C TYR B 21 -15.42 -8.23 -11.47
N VAL B 22 -15.56 -9.50 -11.14
CA VAL B 22 -16.36 -10.36 -11.95
C VAL B 22 -17.75 -9.74 -12.05
N ASP B 23 -18.24 -9.26 -10.92
CA ASP B 23 -19.54 -8.65 -10.89
C ASP B 23 -19.52 -7.35 -11.69
N ARG B 24 -18.40 -6.62 -11.62
CA ARG B 24 -18.26 -5.35 -12.35
C ARG B 24 -18.34 -5.53 -13.84
N PHE B 25 -17.63 -6.54 -14.33
CA PHE B 25 -17.59 -6.78 -15.76
C PHE B 25 -18.85 -7.48 -16.19
N TYR B 26 -19.33 -8.45 -15.40
CA TYR B 26 -20.55 -9.14 -15.79
C TYR B 26 -21.64 -8.12 -15.88
N LYS B 27 -21.77 -7.36 -14.82
CA LYS B 27 -22.77 -6.33 -14.74
C LYS B 27 -22.59 -5.33 -15.84
N THR B 28 -21.35 -4.90 -16.08
CA THR B 28 -21.20 -3.93 -17.14
C THR B 28 -21.52 -4.60 -18.46
N LEU B 29 -21.34 -5.92 -18.55
CA LEU B 29 -21.71 -6.62 -19.75
C LEU B 29 -23.24 -6.52 -19.95
N ARG B 30 -23.98 -6.21 -18.86
CA ARG B 30 -25.41 -5.97 -18.98
C ARG B 30 -25.57 -4.72 -19.85
N ALA B 31 -24.64 -3.77 -19.65
CA ALA B 31 -24.60 -2.52 -20.42
C ALA B 31 -24.23 -2.79 -21.89
N GLU B 32 -23.60 -3.93 -22.14
CA GLU B 32 -23.18 -4.28 -23.50
C GLU B 32 -24.13 -5.32 -24.13
N GLN B 33 -24.69 -5.01 -25.32
CA GLN B 33 -25.58 -5.95 -25.99
C GLN B 33 -24.78 -7.02 -26.73
N ALA B 34 -24.53 -8.16 -26.08
CA ALA B 34 -23.73 -9.22 -26.70
C ALA B 34 -24.34 -10.60 -26.56
N SER B 35 -23.69 -11.54 -27.23
CA SER B 35 -24.09 -12.92 -27.16
C SER B 35 -23.31 -13.57 -26.02
N GLN B 36 -23.83 -14.62 -25.43
CA GLN B 36 -23.15 -15.27 -24.32
C GLN B 36 -21.73 -15.71 -24.73
N GLU B 37 -21.57 -16.17 -25.98
CA GLU B 37 -20.24 -16.57 -26.46
C GLU B 37 -19.38 -15.34 -26.74
N VAL B 38 -20.00 -14.28 -27.21
CA VAL B 38 -19.26 -13.06 -27.44
C VAL B 38 -18.67 -12.56 -26.14
N LYS B 39 -19.49 -12.57 -25.12
CA LYS B 39 -19.04 -12.15 -23.83
C LYS B 39 -17.94 -13.09 -23.36
N ASN B 40 -17.85 -14.31 -23.96
CA ASN B 40 -16.84 -15.29 -23.54
C ASN B 40 -15.41 -14.76 -23.74
N TRP B 41 -15.12 -13.89 -24.77
CA TRP B 41 -13.74 -13.26 -24.83
C TRP B 41 -13.45 -12.59 -23.51
N MET B 42 -14.48 -12.26 -22.76
CA MET B 42 -14.31 -11.63 -21.51
C MET B 42 -14.17 -12.65 -20.39
N THR B 43 -15.31 -13.31 -20.05
CA THR B 43 -15.36 -14.29 -18.92
C THR B 43 -14.12 -15.17 -18.91
N GLU B 44 -13.75 -15.60 -20.11
CA GLU B 44 -12.56 -16.41 -20.33
C GLU B 44 -11.29 -15.57 -20.53
N THR B 45 -11.23 -14.63 -21.50
CA THR B 45 -9.97 -13.86 -21.74
C THR B 45 -9.84 -12.46 -21.07
N LEU B 46 -10.81 -11.50 -21.15
CA LEU B 46 -10.55 -10.16 -20.52
C LEU B 46 -10.64 -10.30 -19.03
N LEU B 47 -11.67 -10.98 -18.51
CA LEU B 47 -11.79 -11.32 -17.07
C LEU B 47 -10.41 -11.81 -16.57
N VAL B 48 -9.70 -12.53 -17.50
CA VAL B 48 -8.35 -13.06 -17.33
C VAL B 48 -7.22 -12.08 -17.59
N GLN B 49 -7.38 -11.13 -18.53
CA GLN B 49 -6.27 -10.23 -18.81
C GLN B 49 -6.29 -8.90 -18.05
N ASN B 50 -7.28 -8.01 -18.31
CA ASN B 50 -7.33 -6.68 -17.63
C ASN B 50 -7.45 -6.73 -16.13
N ALA B 51 -7.66 -7.92 -15.60
CA ALA B 51 -8.00 -8.01 -14.23
C ALA B 51 -6.94 -8.46 -13.33
N ASN B 52 -6.76 -7.63 -12.29
CA ASN B 52 -5.94 -7.93 -11.13
C ASN B 52 -4.80 -8.84 -11.45
N PRO B 53 -3.62 -8.38 -11.69
CA PRO B 53 -2.49 -9.24 -12.14
C PRO B 53 -2.36 -10.54 -11.33
N ASP B 54 -2.88 -10.51 -10.09
CA ASP B 54 -2.92 -11.71 -9.30
C ASP B 54 -3.79 -12.69 -10.02
N CYS B 55 -5.05 -12.33 -10.21
CA CYS B 55 -6.00 -13.22 -10.85
C CYS B 55 -5.61 -13.42 -12.32
N LYS B 56 -4.94 -12.45 -12.91
CA LYS B 56 -4.49 -12.63 -14.26
C LYS B 56 -3.52 -13.79 -14.25
N THR B 57 -2.68 -13.82 -13.22
CA THR B 57 -1.69 -14.87 -13.09
C THR B 57 -2.30 -16.15 -12.41
N ILE B 58 -3.47 -16.03 -11.71
CA ILE B 58 -4.08 -17.23 -11.06
C ILE B 58 -4.95 -17.92 -12.05
N LEU B 59 -5.93 -17.18 -12.59
CA LEU B 59 -6.90 -17.75 -13.57
C LEU B 59 -6.13 -18.54 -14.62
N LYS B 60 -4.99 -17.99 -15.04
CA LYS B 60 -4.13 -18.64 -16.03
C LYS B 60 -3.62 -19.97 -15.48
N ALA B 61 -3.21 -19.93 -14.22
CA ALA B 61 -2.70 -21.10 -13.50
C ALA B 61 -3.80 -22.11 -13.12
N LEU B 62 -5.05 -21.65 -12.97
CA LEU B 62 -6.15 -22.56 -12.58
C LEU B 62 -6.65 -23.23 -13.80
N GLY B 63 -6.77 -22.40 -14.81
CA GLY B 63 -7.27 -22.76 -16.09
C GLY B 63 -8.21 -21.65 -16.49
N PRO B 64 -8.52 -21.54 -17.72
CA PRO B 64 -9.45 -20.51 -18.20
C PRO B 64 -10.84 -21.04 -18.10
N GLY B 65 -11.81 -20.17 -18.07
CA GLY B 65 -13.17 -20.64 -17.99
C GLY B 65 -13.38 -21.47 -16.75
N ALA B 66 -12.49 -21.35 -15.77
CA ALA B 66 -12.67 -22.14 -14.56
C ALA B 66 -13.99 -21.67 -14.01
N THR B 67 -14.83 -22.60 -13.56
CA THR B 67 -16.16 -22.23 -13.13
C THR B 67 -16.13 -21.10 -12.15
N LEU B 68 -17.22 -20.36 -12.14
CA LEU B 68 -17.26 -19.23 -11.27
C LEU B 68 -17.06 -19.72 -9.86
N GLU B 69 -17.45 -20.94 -9.55
CA GLU B 69 -17.20 -21.47 -8.21
C GLU B 69 -15.71 -21.78 -8.03
N GLU B 70 -15.03 -22.12 -9.13
CA GLU B 70 -13.60 -22.45 -9.10
C GLU B 70 -12.75 -21.18 -9.01
N MET B 71 -12.84 -20.31 -10.04
CA MET B 71 -12.07 -19.05 -10.02
C MET B 71 -12.49 -18.27 -8.79
N MET B 72 -13.67 -18.53 -8.23
CA MET B 72 -14.04 -17.80 -7.02
C MET B 72 -13.16 -18.26 -5.88
N THR B 73 -13.14 -19.56 -5.70
CA THR B 73 -12.40 -20.20 -4.64
C THR B 73 -10.89 -19.94 -4.76
N ALA B 74 -10.40 -19.92 -5.97
CA ALA B 74 -8.99 -19.79 -6.18
C ALA B 74 -8.59 -18.33 -6.30
N CYS B 75 -9.37 -17.57 -7.04
CA CYS B 75 -9.07 -16.17 -7.12
C CYS B 75 -9.50 -15.48 -5.83
N GLN B 76 -10.14 -16.19 -4.90
CA GLN B 76 -10.34 -15.54 -3.64
C GLN B 76 -8.92 -15.36 -3.03
N GLY B 77 -7.90 -16.13 -3.53
CA GLY B 77 -6.52 -15.95 -3.11
C GLY B 77 -6.10 -14.53 -3.46
N VAL B 78 -6.73 -13.94 -4.48
CA VAL B 78 -6.42 -12.55 -4.94
C VAL B 78 -6.56 -11.60 -3.79
N GLY B 79 -5.75 -10.46 -3.65
CA GLY B 79 -5.94 -9.77 -2.37
C GLY B 79 -4.75 -9.13 -1.71
N GLY B 80 -4.83 -7.91 -1.08
CA GLY B 80 -3.55 -7.39 -0.58
C GLY B 80 -2.91 -8.36 0.43
N PRO B 81 -3.30 -8.36 1.67
CA PRO B 81 -2.77 -9.37 2.58
C PRO B 81 -3.39 -10.72 2.22
N GLY B 82 -4.59 -10.70 1.58
CA GLY B 82 -5.29 -11.91 1.18
C GLY B 82 -4.44 -12.82 0.30
N HIS B 83 -3.72 -12.28 -0.70
CA HIS B 83 -2.87 -13.16 -1.50
C HIS B 83 -1.53 -13.28 -0.83
N LYS B 84 -1.08 -12.25 -0.12
CA LYS B 84 0.22 -12.35 0.57
C LYS B 84 0.22 -13.53 1.51
N ALA B 85 -0.94 -14.02 1.87
CA ALA B 85 -0.94 -15.19 2.69
C ALA B 85 -0.27 -16.33 1.85
N ARG B 86 -0.74 -16.48 0.59
CA ARG B 86 -0.26 -17.53 -0.39
C ARG B 86 0.84 -17.12 -1.40
N VAL B 87 0.54 -16.10 -2.24
CA VAL B 87 1.45 -15.69 -3.33
C VAL B 87 2.73 -15.19 -2.78
N LEU B 88 2.67 -14.66 -1.55
CA LEU B 88 3.89 -14.11 -0.96
C LEU B 88 4.93 -15.19 -1.03
N ALA B 89 4.54 -16.36 -0.59
CA ALA B 89 5.43 -17.49 -0.64
C ALA B 89 5.71 -17.93 -2.08
N GLU B 90 4.68 -17.95 -2.91
CA GLU B 90 4.88 -18.41 -4.28
C GLU B 90 5.97 -17.65 -5.02
N ALA B 91 5.79 -16.35 -5.23
CA ALA B 91 6.81 -15.61 -5.94
C ALA B 91 8.12 -15.75 -5.21
N MET B 92 8.05 -15.76 -3.88
CA MET B 92 9.25 -15.90 -3.10
C MET B 92 10.00 -17.18 -3.43
N SER B 93 9.27 -18.30 -3.61
CA SER B 93 9.90 -19.58 -3.94
C SER B 93 10.14 -19.73 -5.45
N GLN B 94 9.57 -18.83 -6.26
CA GLN B 94 9.83 -18.88 -7.69
C GLN B 94 11.30 -18.63 -7.87
N VAL B 95 11.81 -17.72 -7.08
CA VAL B 95 13.21 -17.39 -7.15
C VAL B 95 14.11 -18.45 -6.46
N THR B 96 13.71 -18.89 -5.27
CA THR B 96 14.55 -19.79 -4.49
C THR B 96 14.38 -21.31 -4.69
N ASN B 97 13.19 -21.86 -4.44
CA ASN B 97 13.03 -23.32 -4.46
C ASN B 97 12.66 -24.01 -5.79
N THR B 98 11.58 -23.61 -6.45
CA THR B 98 11.14 -24.35 -7.64
C THR B 98 11.60 -23.75 -8.97
N ALA B 99 11.53 -22.44 -9.09
CA ALA B 99 11.89 -21.77 -10.35
C ALA B 99 13.24 -21.07 -10.24
N THR B 100 14.14 -21.60 -9.42
CA THR B 100 15.43 -20.93 -9.25
C THR B 100 16.15 -20.92 -10.59
N ILE B 101 16.38 -19.70 -11.06
CA ILE B 101 17.01 -19.48 -12.35
C ILE B 101 18.53 -19.43 -12.22
N MET B 102 19.21 -20.28 -12.99
CA MET B 102 20.67 -20.31 -12.95
C MET B 102 21.25 -20.05 -14.34
N GLY C 1 0.96 25.92 -22.26
CA GLY C 1 1.48 25.29 -21.02
C GLY C 1 0.31 25.02 -20.07
N GLY C 2 0.26 23.83 -19.48
CA GLY C 2 -0.83 23.48 -18.59
C GLY C 2 -2.12 23.33 -19.39
N SER C 3 -2.01 23.12 -20.71
CA SER C 3 -3.20 22.95 -21.52
C SER C 3 -3.92 21.72 -20.99
N PRO C 4 -5.21 21.65 -21.05
CA PRO C 4 -5.91 20.48 -20.47
C PRO C 4 -5.75 19.20 -21.28
N THR C 5 -5.19 18.22 -20.60
CA THR C 5 -5.03 16.88 -21.13
C THR C 5 -4.73 16.79 -22.62
N SER C 6 -3.57 17.25 -23.02
CA SER C 6 -3.17 17.15 -24.41
C SER C 6 -2.36 15.86 -24.69
N ILE C 7 -2.24 14.97 -23.66
CA ILE C 7 -1.33 13.80 -23.67
C ILE C 7 -0.06 14.21 -23.05
N LEU C 8 0.34 15.42 -23.20
CA LEU C 8 1.54 15.84 -22.54
C LEU C 8 1.44 15.66 -21.06
N ASP C 9 0.35 16.07 -20.31
CA ASP C 9 0.39 15.62 -18.96
C ASP C 9 -0.43 14.37 -18.77
N ILE C 10 -0.77 13.49 -19.81
CA ILE C 10 -1.64 12.44 -19.35
C ILE C 10 -0.77 11.51 -18.55
N ARG C 11 -1.26 10.86 -17.51
CA ARG C 11 -0.39 9.99 -16.73
C ARG C 11 -1.05 8.71 -16.32
N GLN C 12 -0.26 7.67 -16.32
CA GLN C 12 -0.74 6.38 -15.88
C GLN C 12 -0.34 6.22 -14.46
N GLY C 13 -1.30 5.92 -13.62
CA GLY C 13 -1.03 5.81 -12.22
C GLY C 13 0.03 4.75 -11.91
N PRO C 14 0.77 4.90 -10.81
CA PRO C 14 1.79 3.90 -10.40
C PRO C 14 1.15 2.54 -10.20
N LYS C 15 -0.13 2.56 -9.81
CA LYS C 15 -0.90 1.33 -9.62
C LYS C 15 -2.06 1.28 -10.61
N GLU C 16 -2.48 2.45 -11.10
CA GLU C 16 -3.59 2.50 -12.04
C GLU C 16 -3.25 1.55 -13.20
N PRO C 17 -4.13 0.67 -13.62
CA PRO C 17 -3.77 -0.22 -14.70
C PRO C 17 -3.68 0.48 -16.02
N PHE C 18 -2.81 -0.09 -16.80
CA PHE C 18 -2.51 0.32 -18.14
C PHE C 18 -3.76 0.77 -18.87
N ARG C 19 -4.78 -0.02 -18.74
CA ARG C 19 -6.04 0.24 -19.47
C ARG C 19 -6.80 1.46 -18.99
N ASP C 20 -6.87 1.69 -17.69
CA ASP C 20 -7.60 2.86 -17.21
C ASP C 20 -7.02 4.09 -17.87
N TYR C 21 -5.68 4.09 -17.92
CA TYR C 21 -4.90 5.14 -18.54
C TYR C 21 -4.98 5.15 -20.07
N VAL C 22 -4.90 3.98 -20.68
CA VAL C 22 -4.96 3.90 -22.13
C VAL C 22 -6.28 4.56 -22.53
N ASP C 23 -7.29 4.28 -21.74
CA ASP C 23 -8.60 4.87 -21.94
C ASP C 23 -8.56 6.41 -21.66
N ARG C 24 -7.69 6.85 -20.71
CA ARG C 24 -7.58 8.28 -20.39
C ARG C 24 -6.94 9.02 -21.54
N PHE C 25 -5.68 8.67 -21.81
CA PHE C 25 -4.92 9.30 -22.88
C PHE C 25 -5.77 9.30 -24.16
N TYR C 26 -6.32 8.15 -24.51
CA TYR C 26 -7.17 8.15 -25.69
C TYR C 26 -8.36 9.13 -25.48
N LYS C 27 -9.07 9.01 -24.35
CA LYS C 27 -10.23 9.88 -24.10
C LYS C 27 -9.88 11.34 -24.35
N THR C 28 -8.70 11.77 -23.92
CA THR C 28 -8.34 13.16 -24.14
C THR C 28 -7.68 13.38 -25.51
N LEU C 29 -7.21 12.31 -26.18
CA LEU C 29 -6.62 12.53 -27.50
C LEU C 29 -7.66 13.15 -28.43
N ARG C 30 -8.95 12.86 -28.15
CA ARG C 30 -10.03 13.48 -28.89
C ARG C 30 -9.94 14.98 -28.65
N ALA C 31 -9.65 15.35 -27.42
CA ALA C 31 -9.53 16.78 -27.11
C ALA C 31 -8.28 17.36 -27.76
N GLU C 32 -7.22 16.56 -27.81
CA GLU C 32 -6.02 17.04 -28.45
C GLU C 32 -6.24 16.88 -29.94
N GLN C 33 -6.54 17.98 -30.61
CA GLN C 33 -6.76 17.92 -32.04
C GLN C 33 -5.42 17.64 -32.69
N ALA C 34 -5.13 16.35 -32.92
CA ALA C 34 -3.85 15.96 -33.50
C ALA C 34 -4.00 15.03 -34.70
N SER C 35 -2.87 14.86 -35.41
CA SER C 35 -2.74 14.01 -36.61
C SER C 35 -2.40 12.59 -36.18
N GLN C 36 -2.87 11.58 -36.91
CA GLN C 36 -2.66 10.20 -36.47
C GLN C 36 -1.17 9.79 -36.33
N GLU C 37 -0.33 10.07 -37.32
CA GLU C 37 1.09 9.65 -37.21
C GLU C 37 1.77 10.37 -36.09
N VAL C 38 1.46 11.65 -35.98
CA VAL C 38 2.03 12.43 -34.94
C VAL C 38 1.61 11.76 -33.65
N LYS C 39 0.31 11.40 -33.59
CA LYS C 39 -0.25 10.75 -32.41
C LYS C 39 0.51 9.48 -32.12
N ASN C 40 1.26 8.96 -33.07
CA ASN C 40 2.00 7.78 -32.79
C ASN C 40 2.95 8.04 -31.63
N TRP C 41 3.51 9.26 -31.50
CA TRP C 41 4.35 9.49 -30.33
C TRP C 41 3.47 9.30 -29.15
N MET C 42 2.24 9.84 -29.27
CA MET C 42 1.26 9.82 -28.16
C MET C 42 0.83 8.39 -27.72
N THR C 43 0.57 7.49 -28.66
CA THR C 43 0.16 6.11 -28.31
C THR C 43 1.35 5.17 -28.11
N GLU C 44 2.35 5.31 -28.93
CA GLU C 44 3.48 4.42 -28.83
C GLU C 44 4.50 4.92 -27.83
N THR C 45 4.95 6.14 -27.98
CA THR C 45 6.01 6.64 -27.09
C THR C 45 5.53 7.32 -25.77
N LEU C 46 4.38 8.01 -25.66
CA LEU C 46 4.05 8.54 -24.36
C LEU C 46 3.61 7.40 -23.59
N LEU C 47 2.79 6.55 -24.25
CA LEU C 47 2.22 5.40 -23.55
C LEU C 47 3.42 4.62 -22.90
N VAL C 48 4.65 4.71 -23.53
CA VAL C 48 5.92 4.12 -22.96
C VAL C 48 6.71 5.17 -22.11
N GLN C 49 6.46 6.48 -22.25
CA GLN C 49 7.29 7.48 -21.51
C GLN C 49 6.78 7.95 -20.13
N ASN C 50 5.49 8.37 -20.01
CA ASN C 50 4.97 8.86 -18.71
C ASN C 50 3.89 7.98 -18.14
N ALA C 51 3.75 6.81 -18.69
CA ALA C 51 2.76 5.93 -18.17
C ALA C 51 3.30 4.88 -17.21
N ASN C 52 3.40 5.19 -15.93
CA ASN C 52 3.66 4.09 -14.98
C ASN C 52 4.86 3.13 -15.26
N PRO C 53 6.02 3.27 -14.60
CA PRO C 53 7.22 2.33 -14.80
C PRO C 53 6.80 0.86 -14.84
N ASP C 54 5.66 0.57 -14.21
CA ASP C 54 5.13 -0.79 -14.23
C ASP C 54 4.87 -1.21 -15.63
N CYS C 55 4.20 -0.35 -16.38
CA CYS C 55 3.90 -0.73 -17.73
C CYS C 55 5.08 -0.37 -18.55
N LYS C 56 5.70 0.77 -18.30
CA LYS C 56 6.86 1.18 -19.08
C LYS C 56 7.88 0.09 -19.24
N THR C 57 8.23 -0.52 -18.13
CA THR C 57 9.24 -1.55 -18.16
C THR C 57 8.77 -2.67 -19.10
N ILE C 58 7.50 -3.06 -18.99
CA ILE C 58 6.92 -4.08 -19.89
C ILE C 58 6.92 -3.56 -21.31
N LEU C 59 6.67 -2.29 -21.41
CA LEU C 59 6.64 -1.59 -22.62
C LEU C 59 8.07 -1.57 -23.13
N LYS C 60 9.09 -1.85 -22.29
CA LYS C 60 10.46 -1.89 -22.78
C LYS C 60 10.80 -3.34 -23.21
N ALA C 61 10.48 -4.33 -22.33
CA ALA C 61 10.74 -5.75 -22.63
C ALA C 61 10.01 -6.15 -23.91
N LEU C 62 8.77 -5.72 -23.96
CA LEU C 62 7.94 -5.90 -25.12
C LEU C 62 8.55 -5.03 -26.21
N GLY C 63 9.08 -3.87 -25.78
CA GLY C 63 9.66 -2.92 -26.74
C GLY C 63 8.66 -1.80 -26.92
N PRO C 64 9.08 -0.64 -27.34
CA PRO C 64 8.16 0.56 -27.44
C PRO C 64 7.18 0.58 -28.62
N GLY C 65 5.91 0.92 -28.32
CA GLY C 65 4.89 1.05 -29.39
C GLY C 65 4.29 -0.26 -29.84
N ALA C 66 4.65 -1.35 -29.19
CA ALA C 66 4.09 -2.64 -29.55
C ALA C 66 2.57 -2.52 -29.55
N THR C 67 1.90 -3.42 -30.24
CA THR C 67 0.46 -3.32 -30.30
C THR C 67 -0.13 -3.29 -28.93
N LEU C 68 -1.17 -2.49 -28.77
CA LEU C 68 -1.83 -2.35 -27.50
C LEU C 68 -2.16 -3.72 -26.94
N GLU C 69 -2.52 -4.66 -27.80
CA GLU C 69 -2.81 -5.99 -27.29
C GLU C 69 -1.57 -6.59 -26.68
N GLU C 70 -0.40 -6.39 -27.32
CA GLU C 70 0.84 -6.95 -26.80
C GLU C 70 1.28 -6.21 -25.51
N MET C 71 1.30 -4.86 -25.56
CA MET C 71 1.68 -4.08 -24.39
C MET C 71 0.79 -4.45 -23.25
N MET C 72 -0.48 -4.53 -23.54
CA MET C 72 -1.48 -4.88 -22.55
C MET C 72 -1.30 -6.29 -22.04
N THR C 73 -1.06 -7.24 -22.93
CA THR C 73 -0.98 -8.65 -22.55
C THR C 73 -0.06 -8.81 -21.37
N ALA C 74 1.02 -8.08 -21.41
CA ALA C 74 1.89 -8.08 -20.29
C ALA C 74 1.53 -6.93 -19.31
N CYS C 75 0.89 -5.83 -19.81
CA CYS C 75 0.57 -4.62 -18.96
C CYS C 75 -0.75 -4.61 -18.19
N GLN C 76 -1.58 -5.57 -18.38
CA GLN C 76 -2.67 -5.61 -17.49
C GLN C 76 -2.06 -6.04 -16.13
N GLY C 77 -0.81 -6.66 -16.16
CA GLY C 77 -0.10 -7.01 -14.97
C GLY C 77 0.22 -5.72 -14.18
N VAL C 78 0.21 -4.57 -14.84
CA VAL C 78 0.55 -3.23 -14.21
C VAL C 78 -0.14 -3.07 -12.87
N GLY C 79 0.36 -2.20 -11.89
CA GLY C 79 -0.33 -2.27 -10.59
C GLY C 79 0.58 -2.30 -9.39
N GLY C 80 0.12 -2.17 -8.14
CA GLY C 80 1.16 -2.19 -7.15
C GLY C 80 1.62 -3.61 -6.93
N PRO C 81 1.05 -4.35 -6.03
CA PRO C 81 1.47 -5.76 -5.86
C PRO C 81 1.21 -6.51 -7.15
N GLY C 82 0.09 -6.18 -7.78
CA GLY C 82 -0.34 -6.82 -9.02
C GLY C 82 0.82 -7.12 -10.00
N HIS C 83 1.55 -6.06 -10.47
CA HIS C 83 2.71 -6.29 -11.36
C HIS C 83 3.74 -7.15 -10.64
N LYS C 84 3.88 -6.90 -9.34
CA LYS C 84 4.84 -7.60 -8.48
C LYS C 84 4.60 -9.11 -8.44
N ALA C 85 3.48 -9.56 -8.98
CA ALA C 85 3.29 -11.00 -9.08
C ALA C 85 4.44 -11.54 -9.92
N ARG C 86 4.72 -10.77 -11.01
CA ARG C 86 5.82 -11.07 -11.96
C ARG C 86 7.12 -10.33 -11.59
N VAL C 87 7.01 -9.00 -11.42
CA VAL C 87 8.17 -8.16 -11.15
C VAL C 87 8.90 -8.61 -9.92
N LEU C 88 8.18 -9.02 -8.87
CA LEU C 88 8.91 -9.56 -7.73
C LEU C 88 9.74 -10.75 -8.25
N ALA C 89 9.13 -11.54 -9.13
CA ALA C 89 9.87 -12.65 -9.74
C ALA C 89 11.07 -12.16 -10.59
N GLU C 90 11.01 -10.90 -11.02
CA GLU C 90 12.05 -10.27 -11.85
C GLU C 90 13.18 -9.54 -11.05
N ALA C 91 12.84 -8.45 -10.31
CA ALA C 91 13.88 -7.64 -9.57
C ALA C 91 14.70 -8.52 -8.63
N MET C 92 14.03 -9.49 -8.05
CA MET C 92 14.67 -10.42 -7.16
C MET C 92 15.85 -11.13 -7.90
N SER C 93 15.68 -11.40 -9.18
CA SER C 93 16.74 -12.05 -9.91
C SER C 93 17.66 -11.00 -10.49
N GLN C 94 17.24 -9.71 -10.50
CA GLN C 94 18.12 -8.66 -10.99
C GLN C 94 19.32 -8.53 -10.04
N VAL C 95 19.17 -8.96 -8.79
CA VAL C 95 20.24 -8.89 -7.81
C VAL C 95 21.07 -10.20 -7.79
N THR C 96 20.36 -11.33 -7.66
CA THR C 96 21.02 -12.61 -7.50
C THR C 96 21.29 -13.43 -8.77
N ASN C 97 20.25 -13.78 -9.53
CA ASN C 97 20.45 -14.70 -10.66
C ASN C 97 20.77 -14.13 -12.06
N THR C 98 19.94 -13.23 -12.58
CA THR C 98 20.16 -12.77 -13.97
C THR C 98 20.95 -11.47 -14.13
N ALA C 99 20.67 -10.47 -13.31
CA ALA C 99 21.34 -9.17 -13.43
C ALA C 99 22.25 -8.91 -12.23
N THR C 100 22.78 -9.97 -11.64
CA THR C 100 23.61 -9.80 -10.47
C THR C 100 24.87 -9.03 -10.87
N ILE C 101 25.00 -7.85 -10.25
CA ILE C 101 26.10 -6.95 -10.53
C ILE C 101 27.29 -7.27 -9.65
N MET C 102 28.45 -7.42 -10.27
CA MET C 102 29.67 -7.73 -9.53
C MET C 102 30.73 -6.66 -9.78
N GLY D 1 5.23 34.89 4.41
CA GLY D 1 5.75 33.49 4.39
C GLY D 1 4.61 32.51 4.58
N GLY D 2 4.70 31.34 3.95
CA GLY D 2 3.64 30.35 4.06
C GLY D 2 2.41 30.80 3.30
N SER D 3 2.59 31.72 2.34
CA SER D 3 1.46 32.14 1.54
C SER D 3 0.98 30.89 0.87
N PRO D 4 -0.25 30.81 0.48
CA PRO D 4 -0.80 29.56 -0.11
C PRO D 4 0.10 28.98 -1.20
N THR D 5 0.51 27.76 -0.96
CA THR D 5 1.33 27.00 -1.87
C THR D 5 2.41 27.83 -2.60
N SER D 6 3.29 28.40 -1.81
CA SER D 6 4.41 29.16 -2.33
C SER D 6 5.54 28.26 -2.82
N ILE D 7 5.30 26.91 -2.87
CA ILE D 7 6.34 25.87 -3.17
C ILE D 7 7.02 25.44 -1.90
N LEU D 8 7.11 26.31 -0.95
CA LEU D 8 7.75 25.96 0.25
C LEU D 8 7.09 24.75 0.85
N ASP D 9 5.71 24.58 0.81
CA ASP D 9 5.26 23.30 1.25
C ASP D 9 4.83 22.42 0.09
N ILE D 10 5.35 22.52 -1.19
CA ILE D 10 4.69 21.63 -2.12
C ILE D 10 5.12 20.19 -1.78
N ARG D 11 4.30 19.16 -2.03
CA ARG D 11 4.73 17.79 -1.64
C ARG D 11 4.38 16.75 -2.64
N GLN D 12 5.38 15.93 -2.88
CA GLN D 12 5.25 14.82 -3.77
C GLN D 12 4.96 13.60 -2.93
N GLY D 13 3.85 12.99 -3.18
CA GLY D 13 3.48 11.84 -2.41
C GLY D 13 4.56 10.75 -2.50
N PRO D 14 4.69 9.92 -1.51
CA PRO D 14 5.72 8.85 -1.55
C PRO D 14 5.52 8.01 -2.83
N LYS D 15 4.28 8.01 -3.36
CA LYS D 15 3.95 7.28 -4.58
C LYS D 15 3.47 8.22 -5.70
N GLU D 16 3.18 9.49 -5.37
CA GLU D 16 2.65 10.45 -6.35
C GLU D 16 3.58 10.57 -7.58
N PRO D 17 3.13 10.43 -8.80
CA PRO D 17 4.04 10.60 -9.93
C PRO D 17 4.69 11.96 -9.92
N PHE D 18 5.93 11.99 -10.36
CA PHE D 18 6.67 13.22 -10.42
C PHE D 18 5.93 14.16 -11.34
N ARG D 19 5.37 13.64 -12.41
CA ARG D 19 4.63 14.48 -13.32
C ARG D 19 3.27 14.89 -12.72
N ASP D 20 2.83 14.20 -11.64
CA ASP D 20 1.55 14.53 -10.97
C ASP D 20 1.76 15.52 -9.83
N TYR D 21 2.94 15.44 -9.24
CA TYR D 21 3.31 16.32 -8.13
C TYR D 21 3.89 17.59 -8.68
N VAL D 22 4.64 17.44 -9.73
CA VAL D 22 5.18 18.58 -10.41
C VAL D 22 4.02 19.44 -10.81
N ASP D 23 2.91 18.81 -11.13
CA ASP D 23 1.77 19.60 -11.49
C ASP D 23 1.39 20.51 -10.33
N ARG D 24 1.50 20.00 -9.11
CA ARG D 24 1.17 20.76 -7.88
C ARG D 24 2.16 21.89 -7.59
N PHE D 25 3.42 21.60 -7.86
CA PHE D 25 4.49 22.56 -7.68
C PHE D 25 4.35 23.69 -8.70
N TYR D 26 4.32 23.33 -9.94
CA TYR D 26 4.18 24.33 -10.96
C TYR D 26 2.91 25.07 -10.82
N LYS D 27 1.80 24.30 -10.68
CA LYS D 27 0.50 24.92 -10.70
C LYS D 27 0.48 25.99 -9.70
N THR D 28 1.09 25.72 -8.57
CA THR D 28 1.12 26.75 -7.59
C THR D 28 2.23 27.75 -7.84
N LEU D 29 3.28 27.35 -8.56
CA LEU D 29 4.31 28.34 -8.92
C LEU D 29 3.62 29.46 -9.66
N ARG D 30 2.68 29.08 -10.53
CA ARG D 30 1.92 30.07 -11.27
C ARG D 30 1.32 31.03 -10.27
N ALA D 31 0.83 30.45 -9.19
CA ALA D 31 0.22 31.19 -8.10
C ALA D 31 1.24 32.06 -7.35
N GLU D 32 2.49 31.68 -7.40
CA GLU D 32 3.52 32.43 -6.71
C GLU D 32 4.00 33.63 -7.57
N GLN D 33 3.98 34.83 -7.03
CA GLN D 33 4.44 35.97 -7.82
C GLN D 33 5.96 35.94 -7.82
N ALA D 34 6.53 35.03 -8.63
CA ALA D 34 7.98 34.87 -8.66
C ALA D 34 8.56 35.04 -10.04
N SER D 35 9.69 35.73 -10.11
CA SER D 35 10.35 35.96 -11.39
C SER D 35 10.55 34.63 -12.09
N GLN D 36 10.62 34.63 -13.41
CA GLN D 36 10.83 33.37 -14.09
C GLN D 36 12.10 32.66 -13.57
N GLU D 37 13.20 33.40 -13.38
CA GLU D 37 14.42 32.77 -12.86
C GLU D 37 14.33 32.47 -11.35
N VAL D 38 13.81 33.40 -10.54
CA VAL D 38 13.71 33.14 -9.10
C VAL D 38 12.91 31.87 -8.88
N LYS D 39 11.84 31.70 -9.66
CA LYS D 39 11.07 30.47 -9.57
C LYS D 39 12.01 29.29 -9.79
N ASN D 40 12.97 29.44 -10.67
CA ASN D 40 13.89 28.34 -10.97
C ASN D 40 14.54 27.78 -9.70
N TRP D 41 14.57 28.51 -8.57
CA TRP D 41 15.13 27.87 -7.37
C TRP D 41 14.19 26.71 -7.02
N MET D 42 12.87 27.03 -7.10
CA MET D 42 11.82 26.12 -6.76
C MET D 42 11.86 24.94 -7.71
N THR D 43 12.27 25.19 -8.97
CA THR D 43 12.26 24.09 -9.94
C THR D 43 13.53 23.24 -9.83
N GLU D 44 14.67 23.88 -9.94
CA GLU D 44 15.96 23.21 -9.91
C GLU D 44 16.23 22.45 -8.63
N THR D 45 16.10 23.13 -7.48
CA THR D 45 16.36 22.49 -6.19
C THR D 45 15.10 22.04 -5.41
N LEU D 46 14.10 22.91 -5.15
CA LEU D 46 12.96 22.41 -4.36
C LEU D 46 12.33 21.19 -4.99
N LEU D 47 12.20 21.20 -6.28
CA LEU D 47 11.60 20.04 -6.90
C LEU D 47 12.41 18.78 -6.55
N VAL D 48 13.69 18.99 -6.26
CA VAL D 48 14.57 17.91 -5.85
C VAL D 48 14.48 17.69 -4.34
N GLN D 49 14.28 18.74 -3.57
CA GLN D 49 14.38 18.57 -2.12
C GLN D 49 13.12 18.08 -1.41
N ASN D 50 12.00 18.78 -1.56
CA ASN D 50 10.81 18.42 -0.79
C ASN D 50 9.88 17.55 -1.57
N ALA D 51 10.40 16.87 -2.57
CA ALA D 51 9.55 16.08 -3.41
C ALA D 51 9.73 14.57 -3.34
N ASN D 52 9.16 13.86 -2.36
CA ASN D 52 9.21 12.38 -2.44
C ASN D 52 10.63 11.76 -2.63
N PRO D 53 11.29 11.29 -1.60
CA PRO D 53 12.66 10.65 -1.70
C PRO D 53 12.89 9.73 -2.90
N ASP D 54 11.85 9.17 -3.53
CA ASP D 54 12.07 8.31 -4.70
C ASP D 54 12.66 9.11 -5.83
N CYS D 55 12.18 10.31 -5.99
CA CYS D 55 12.72 11.19 -7.00
C CYS D 55 13.87 11.94 -6.43
N LYS D 56 13.65 12.67 -5.34
CA LYS D 56 14.71 13.43 -4.70
C LYS D 56 16.06 12.66 -4.58
N THR D 57 16.02 11.31 -4.41
CA THR D 57 17.26 10.47 -4.28
C THR D 57 17.93 10.27 -5.68
N ILE D 58 17.08 10.30 -6.72
CA ILE D 58 17.49 10.21 -8.14
C ILE D 58 18.00 11.55 -8.66
N LEU D 59 17.19 12.59 -8.45
CA LEU D 59 17.48 13.91 -8.97
C LEU D 59 18.93 14.30 -8.61
N LYS D 60 19.46 13.75 -7.53
CA LYS D 60 20.84 13.97 -7.11
C LYS D 60 21.80 13.19 -8.04
N ALA D 61 21.45 11.94 -8.36
CA ALA D 61 22.23 11.08 -9.28
C ALA D 61 22.27 11.69 -10.70
N LEU D 62 21.14 12.21 -11.11
CA LEU D 62 21.07 12.87 -12.39
C LEU D 62 21.83 14.22 -12.27
N GLY D 63 22.14 14.67 -11.01
CA GLY D 63 22.77 15.96 -10.78
C GLY D 63 21.64 16.97 -10.48
N PRO D 64 21.66 17.74 -9.38
CA PRO D 64 20.57 18.72 -9.10
C PRO D 64 20.41 19.73 -10.24
N GLY D 65 19.33 19.58 -10.99
CA GLY D 65 19.07 20.47 -12.12
C GLY D 65 19.21 19.76 -13.46
N ALA D 66 19.14 18.46 -13.47
CA ALA D 66 19.15 17.75 -14.73
C ALA D 66 17.93 18.26 -15.47
N THR D 67 18.06 18.57 -16.78
CA THR D 67 16.93 19.17 -17.50
C THR D 67 15.67 18.41 -17.25
N LEU D 68 14.59 19.15 -17.13
CA LEU D 68 13.31 18.57 -16.81
C LEU D 68 12.99 17.29 -17.60
N GLU D 69 13.62 17.07 -18.76
CA GLU D 69 13.39 15.81 -19.50
C GLU D 69 14.31 14.72 -18.91
N GLU D 70 15.57 15.04 -18.63
CA GLU D 70 16.42 14.05 -18.01
C GLU D 70 15.81 13.64 -16.69
N MET D 71 15.35 14.63 -15.92
CA MET D 71 14.67 14.36 -14.67
C MET D 71 13.32 13.73 -14.93
N MET D 72 12.57 14.17 -15.94
CA MET D 72 11.24 13.59 -16.15
C MET D 72 11.37 12.10 -16.32
N THR D 73 12.30 11.68 -17.15
CA THR D 73 12.51 10.30 -17.34
C THR D 73 13.00 9.66 -16.01
N ALA D 74 13.93 10.32 -15.31
CA ALA D 74 14.50 9.76 -14.05
C ALA D 74 13.43 9.49 -12.99
N CYS D 75 12.67 10.52 -12.72
CA CYS D 75 11.61 10.50 -11.75
C CYS D 75 10.38 9.77 -12.29
N GLN D 76 10.34 9.43 -13.59
CA GLN D 76 9.20 8.70 -14.05
C GLN D 76 9.18 7.36 -13.34
N GLY D 77 10.35 6.93 -12.77
CA GLY D 77 10.44 5.70 -11.99
C GLY D 77 9.64 5.78 -10.67
N VAL D 78 9.30 7.00 -10.24
CA VAL D 78 8.60 7.27 -8.92
C VAL D 78 7.24 6.59 -8.86
N GLY D 79 6.69 6.19 -7.62
CA GLY D 79 5.47 5.38 -7.72
C GLY D 79 5.37 4.21 -6.74
N GLY D 80 4.19 3.67 -6.36
CA GLY D 80 4.33 2.64 -5.32
C GLY D 80 5.19 1.42 -5.80
N PRO D 81 4.83 0.81 -6.89
CA PRO D 81 5.62 -0.31 -7.47
C PRO D 81 6.76 0.15 -8.37
N GLY D 82 6.48 1.19 -9.17
CA GLY D 82 7.42 1.66 -10.16
C GLY D 82 8.77 1.95 -9.58
N HIS D 83 8.84 2.71 -8.50
CA HIS D 83 10.14 2.97 -7.97
C HIS D 83 10.63 1.71 -7.32
N LYS D 84 9.79 1.17 -6.47
CA LYS D 84 10.08 -0.06 -5.76
C LYS D 84 10.75 -1.11 -6.64
N ALA D 85 10.51 -1.10 -7.93
CA ALA D 85 11.17 -2.13 -8.75
C ALA D 85 12.69 -1.86 -8.85
N ARG D 86 13.03 -0.67 -9.36
CA ARG D 86 14.44 -0.28 -9.49
C ARG D 86 15.11 -0.27 -8.12
N VAL D 87 14.38 0.29 -7.19
CA VAL D 87 14.83 0.39 -5.82
C VAL D 87 15.11 -0.97 -5.24
N LEU D 88 14.15 -1.88 -5.38
CA LEU D 88 14.31 -3.21 -4.79
C LEU D 88 15.63 -3.83 -5.23
N ALA D 89 15.91 -3.76 -6.50
CA ALA D 89 17.16 -4.30 -6.98
C ALA D 89 18.32 -3.62 -6.26
N GLU D 90 18.15 -2.32 -5.95
CA GLU D 90 19.20 -1.55 -5.29
C GLU D 90 19.37 -1.95 -3.82
N ALA D 91 18.32 -1.88 -3.00
CA ALA D 91 18.44 -2.25 -1.58
C ALA D 91 18.83 -3.71 -1.46
N MET D 92 18.53 -4.50 -2.48
CA MET D 92 18.85 -5.89 -2.45
C MET D 92 20.26 -6.14 -2.99
N SER D 93 20.67 -5.36 -4.00
CA SER D 93 22.02 -5.52 -4.61
C SER D 93 23.09 -4.61 -4.00
N GLN D 94 22.68 -3.72 -3.11
CA GLN D 94 23.62 -2.81 -2.45
C GLN D 94 24.25 -3.50 -1.26
N VAL D 95 23.41 -3.84 -0.32
CA VAL D 95 23.88 -4.49 0.86
C VAL D 95 24.66 -5.74 0.49
N THR D 96 24.17 -6.48 -0.48
CA THR D 96 24.83 -7.71 -0.89
C THR D 96 26.00 -7.52 -1.89
N ASN D 97 25.75 -6.92 -3.06
CA ASN D 97 26.82 -6.85 -4.07
C ASN D 97 27.73 -5.60 -4.12
N THR D 98 27.16 -4.40 -4.30
CA THR D 98 28.01 -3.21 -4.49
C THR D 98 28.21 -2.35 -3.25
N ALA D 99 27.15 -2.12 -2.50
CA ALA D 99 27.22 -1.27 -1.32
C ALA D 99 27.52 -2.06 -0.05
N THR D 100 28.21 -3.18 -0.17
CA THR D 100 28.50 -3.95 1.03
C THR D 100 29.44 -3.13 1.91
N ILE D 101 28.91 -2.71 3.05
CA ILE D 101 29.66 -1.87 3.97
C ILE D 101 30.22 -2.71 5.12
N MET D 102 31.53 -2.66 5.28
CA MET D 102 32.19 -3.43 6.34
C MET D 102 32.89 -2.49 7.31
N GLY E 1 -8.61 21.45 30.37
CA GLY E 1 -7.14 21.30 30.16
C GLY E 1 -6.87 20.14 29.21
N GLY E 2 -5.80 20.24 28.42
CA GLY E 2 -5.50 19.19 27.48
C GLY E 2 -6.63 19.07 26.49
N SER E 3 -7.11 20.23 26.06
CA SER E 3 -8.22 20.31 25.11
C SER E 3 -7.88 19.53 23.85
N PRO E 4 -8.88 19.07 23.11
CA PRO E 4 -8.64 18.27 21.87
C PRO E 4 -7.60 18.92 20.96
N THR E 5 -6.61 18.13 20.57
CA THR E 5 -5.56 18.64 19.68
C THR E 5 -4.96 19.93 20.19
N SER E 6 -4.48 19.90 21.42
CA SER E 6 -3.79 21.04 21.99
C SER E 6 -2.25 20.88 21.96
N ILE E 7 -1.75 19.75 21.36
CA ILE E 7 -0.30 19.39 21.38
C ILE E 7 0.02 18.54 22.62
N LEU E 8 -0.94 17.69 22.90
CA LEU E 8 -0.86 16.72 23.95
C LEU E 8 -0.54 15.44 23.31
N ASP E 9 -1.36 15.16 22.25
CA ASP E 9 -1.05 14.02 21.49
C ASP E 9 -0.94 14.32 20.02
N ILE E 10 -0.45 15.53 19.48
CA ILE E 10 -0.75 15.66 18.04
C ILE E 10 -0.15 14.51 17.16
N ARG E 11 -1.06 13.70 16.57
CA ARG E 11 -0.65 12.48 15.83
C ARG E 11 -0.52 12.61 14.33
N GLN E 12 0.51 11.95 13.86
CA GLN E 12 0.88 11.88 12.45
C GLN E 12 0.57 10.55 11.84
N GLY E 13 -0.13 10.57 10.74
CA GLY E 13 -0.40 9.35 10.07
C GLY E 13 0.94 8.71 9.71
N PRO E 14 1.02 7.41 9.59
CA PRO E 14 2.32 6.75 9.20
C PRO E 14 2.62 7.07 7.74
N LYS E 15 1.61 6.83 6.89
CA LYS E 15 1.71 7.13 5.47
C LYS E 15 1.55 8.62 5.20
N GLU E 16 1.04 9.36 6.19
CA GLU E 16 0.86 10.79 6.03
C GLU E 16 2.25 11.40 6.10
N PRO E 17 2.72 12.16 5.13
CA PRO E 17 4.10 12.72 5.20
C PRO E 17 4.29 13.75 6.30
N PHE E 18 5.56 13.83 6.75
CA PHE E 18 5.99 14.72 7.82
C PHE E 18 5.41 16.10 7.69
N ARG E 19 5.73 16.78 6.58
CA ARG E 19 5.26 18.15 6.33
C ARG E 19 3.76 18.33 6.56
N ASP E 20 2.95 17.35 6.13
CA ASP E 20 1.47 17.44 6.26
C ASP E 20 1.02 17.58 7.72
N TYR E 21 1.33 16.58 8.50
CA TYR E 21 0.99 16.59 9.90
C TYR E 21 1.70 17.72 10.60
N VAL E 22 2.85 18.07 10.12
CA VAL E 22 3.53 19.18 10.74
C VAL E 22 2.63 20.42 10.52
N ASP E 23 2.08 20.50 9.32
CA ASP E 23 1.17 21.57 9.04
C ASP E 23 0.00 21.40 10.00
N ARG E 24 -0.39 20.12 10.30
CA ARG E 24 -1.51 19.91 11.22
C ARG E 24 -1.23 20.46 12.62
N PHE E 25 -0.09 20.09 13.23
CA PHE E 25 0.20 20.54 14.59
C PHE E 25 0.49 22.04 14.62
N TYR E 26 0.91 22.61 13.48
CA TYR E 26 1.19 24.05 13.42
C TYR E 26 -0.11 24.83 13.39
N LYS E 27 -1.03 24.33 12.53
CA LYS E 27 -2.36 24.90 12.39
C LYS E 27 -3.15 24.70 13.67
N THR E 28 -2.95 23.53 14.30
CA THR E 28 -3.66 23.24 15.52
C THR E 28 -2.96 23.94 16.66
N LEU E 29 -1.63 24.21 16.57
CA LEU E 29 -1.03 24.91 17.71
C LEU E 29 -1.75 26.24 17.88
N ARG E 30 -2.35 26.77 16.79
CA ARG E 30 -3.15 28.02 16.86
C ARG E 30 -4.29 27.77 17.83
N ALA E 31 -4.84 26.58 17.73
CA ALA E 31 -5.89 26.11 18.60
C ALA E 31 -5.38 26.02 20.04
N GLU E 32 -4.07 25.80 20.16
CA GLU E 32 -3.46 25.73 21.47
C GLU E 32 -2.92 27.11 21.87
N GLN E 33 -3.61 27.75 22.80
CA GLN E 33 -3.16 29.05 23.24
C GLN E 33 -1.84 28.87 23.96
N ALA E 34 -0.72 29.08 23.21
CA ALA E 34 0.62 28.89 23.78
C ALA E 34 1.50 30.15 23.67
N SER E 35 2.42 30.23 24.62
CA SER E 35 3.41 31.29 24.65
C SER E 35 4.29 31.10 23.43
N GLN E 36 4.78 32.18 22.84
CA GLN E 36 5.60 32.03 21.63
C GLN E 36 6.77 31.09 21.93
N GLU E 37 7.31 31.22 23.13
CA GLU E 37 8.36 30.33 23.59
C GLU E 37 7.79 28.91 23.78
N VAL E 38 6.56 28.83 24.32
CA VAL E 38 5.96 27.52 24.57
C VAL E 38 5.77 26.68 23.30
N LYS E 39 5.27 27.30 22.26
CA LYS E 39 5.08 26.57 21.03
C LYS E 39 6.41 26.02 20.52
N ASN E 40 7.52 26.61 20.97
CA ASN E 40 8.83 26.17 20.50
C ASN E 40 9.25 24.80 21.06
N TRP E 41 9.32 24.63 22.39
CA TRP E 41 9.69 23.29 22.88
C TRP E 41 8.62 22.30 22.33
N MET E 42 7.38 22.81 22.15
CA MET E 42 6.28 21.99 21.58
C MET E 42 6.60 21.45 20.14
N THR E 43 7.12 22.29 19.23
CA THR E 43 7.39 21.80 17.87
C THR E 43 8.67 20.95 17.84
N GLU E 44 9.74 21.41 18.39
CA GLU E 44 10.99 20.63 18.33
C GLU E 44 10.81 19.23 18.96
N THR E 45 10.16 19.15 20.12
CA THR E 45 9.96 17.86 20.80
C THR E 45 8.61 17.14 20.55
N LEU E 46 7.52 17.81 20.91
CA LEU E 46 6.20 17.19 20.89
C LEU E 46 5.81 16.76 19.47
N LEU E 47 6.44 17.39 18.47
CA LEU E 47 6.25 16.97 17.07
C LEU E 47 6.95 15.62 16.88
N VAL E 48 8.22 15.60 17.31
CA VAL E 48 9.11 14.44 17.20
C VAL E 48 8.69 13.31 18.13
N GLN E 49 7.91 13.61 19.12
CA GLN E 49 7.58 12.58 20.09
C GLN E 49 6.43 11.67 19.66
N ASN E 50 5.35 12.26 19.22
CA ASN E 50 4.18 11.51 18.85
C ASN E 50 3.97 11.39 17.34
N ALA E 51 5.06 11.56 16.52
CA ALA E 51 4.86 11.58 15.05
C ALA E 51 5.79 10.80 14.13
N ASN E 52 5.15 10.13 13.12
CA ASN E 52 5.81 9.39 12.05
C ASN E 52 7.13 8.76 12.50
N PRO E 53 7.16 7.55 12.99
CA PRO E 53 8.45 6.89 13.43
C PRO E 53 9.56 7.07 12.40
N ASP E 54 9.19 7.32 11.11
CA ASP E 54 10.15 7.58 10.01
C ASP E 54 10.75 8.99 10.13
N CYS E 55 9.89 9.91 10.51
CA CYS E 55 10.28 11.31 10.70
C CYS E 55 10.83 11.52 12.09
N LYS E 56 10.47 10.64 13.03
CA LYS E 56 10.95 10.73 14.37
C LYS E 56 12.31 10.09 14.41
N THR E 57 12.45 8.98 13.67
CA THR E 57 13.75 8.29 13.64
C THR E 57 14.75 9.22 12.94
N ILE E 58 14.24 10.01 12.00
CA ILE E 58 15.06 10.98 11.28
C ILE E 58 15.35 12.19 12.12
N LEU E 59 14.30 12.77 12.64
CA LEU E 59 14.41 13.97 13.47
C LEU E 59 15.46 13.75 14.54
N LYS E 60 15.57 12.52 15.02
CA LYS E 60 16.55 12.20 16.04
C LYS E 60 17.94 12.22 15.43
N ALA E 61 18.03 11.67 14.22
CA ALA E 61 19.28 11.60 13.45
C ALA E 61 19.79 12.99 13.09
N LEU E 62 18.90 13.88 12.70
CA LEU E 62 19.32 15.23 12.40
C LEU E 62 19.96 15.77 13.64
N GLY E 63 19.32 15.43 14.76
CA GLY E 63 19.72 15.92 16.06
C GLY E 63 18.94 17.22 16.25
N PRO E 64 18.33 17.48 17.38
CA PRO E 64 17.54 18.74 17.57
C PRO E 64 18.35 19.99 17.15
N GLY E 65 17.68 21.13 17.06
CA GLY E 65 18.35 22.35 16.63
C GLY E 65 18.27 22.56 15.12
N ALA E 66 17.81 21.53 14.38
CA ALA E 66 17.68 21.65 12.95
C ALA E 66 16.57 22.65 12.65
N THR E 67 16.82 23.55 11.69
CA THR E 67 15.78 24.49 11.38
C THR E 67 14.58 23.70 10.94
N LEU E 68 13.41 24.32 10.98
CA LEU E 68 12.24 23.60 10.59
C LEU E 68 12.40 23.13 9.18
N GLU E 69 12.99 24.00 8.34
CA GLU E 69 13.26 23.63 6.97
C GLU E 69 14.13 22.40 7.03
N GLU E 70 15.05 22.33 8.00
CA GLU E 70 15.87 21.14 8.09
C GLU E 70 15.05 19.93 8.55
N MET E 71 14.13 20.08 9.51
CA MET E 71 13.37 18.91 9.98
C MET E 71 12.59 18.36 8.82
N MET E 72 12.06 19.29 8.03
CA MET E 72 11.28 18.90 6.88
C MET E 72 12.18 18.40 5.77
N THR E 73 13.39 18.93 5.66
CA THR E 73 14.28 18.44 4.63
C THR E 73 14.70 17.01 4.93
N ALA E 74 15.02 16.71 6.20
CA ALA E 74 15.44 15.36 6.54
C ALA E 74 14.27 14.41 6.49
N CYS E 75 13.16 14.86 7.08
CA CYS E 75 11.93 14.07 7.14
C CYS E 75 11.22 14.01 5.79
N GLN E 76 11.53 14.89 4.85
CA GLN E 76 10.88 14.77 3.54
C GLN E 76 11.20 13.40 2.94
N GLY E 77 12.28 12.73 3.44
CA GLY E 77 12.64 11.38 3.05
C GLY E 77 11.70 10.29 3.71
N VAL E 78 10.60 10.74 4.38
CA VAL E 78 9.56 9.90 5.14
C VAL E 78 8.47 9.41 4.16
N GLY E 79 7.66 8.27 4.43
CA GLY E 79 6.76 7.87 3.31
C GLY E 79 6.70 6.38 2.95
N GLY E 80 5.61 5.80 2.39
CA GLY E 80 5.75 4.35 2.21
C GLY E 80 6.74 4.08 1.10
N PRO E 81 6.36 4.09 -0.15
CA PRO E 81 7.32 3.97 -1.26
C PRO E 81 8.32 5.14 -1.24
N GLY E 82 8.05 6.16 -0.43
CA GLY E 82 8.97 7.28 -0.33
C GLY E 82 10.15 6.99 0.63
N HIS E 83 9.86 6.65 1.88
CA HIS E 83 10.94 6.39 2.84
C HIS E 83 11.49 5.03 2.61
N LYS E 84 10.62 4.10 2.11
CA LYS E 84 11.04 2.71 1.84
C LYS E 84 12.17 2.65 0.85
N ALA E 85 12.30 3.68 0.02
CA ALA E 85 13.37 3.73 -0.94
C ALA E 85 14.71 3.80 -0.18
N ARG E 86 14.66 4.49 0.98
CA ARG E 86 15.81 4.59 1.87
C ARG E 86 15.76 3.51 3.00
N VAL E 87 14.54 3.00 3.29
CA VAL E 87 14.32 2.07 4.42
C VAL E 87 14.57 0.64 4.05
N LEU E 88 14.35 0.28 2.83
CA LEU E 88 14.68 -1.06 2.43
C LEU E 88 16.20 -1.16 2.50
N ALA E 89 16.89 -0.03 2.24
CA ALA E 89 18.34 0.00 2.32
C ALA E 89 18.78 0.22 3.77
N GLU E 90 17.88 0.80 4.59
CA GLU E 90 18.18 1.04 5.99
C GLU E 90 18.04 -0.24 6.79
N ALA E 91 17.15 -1.12 6.35
CA ALA E 91 16.89 -2.35 7.11
C ALA E 91 17.86 -3.44 6.71
N MET E 92 18.03 -3.55 5.42
CA MET E 92 18.91 -4.55 4.86
C MET E 92 20.34 -4.36 5.35
N SER E 93 20.78 -3.11 5.49
CA SER E 93 22.14 -2.90 5.97
C SER E 93 22.18 -2.90 7.51
N GLN E 94 21.05 -2.79 8.17
CA GLN E 94 21.14 -2.88 9.61
C GLN E 94 21.43 -4.30 10.01
N VAL E 95 20.78 -5.26 9.36
CA VAL E 95 20.98 -6.63 9.73
C VAL E 95 22.35 -7.17 9.27
N THR E 96 22.72 -6.87 8.04
CA THR E 96 23.96 -7.40 7.49
C THR E 96 25.22 -6.53 7.67
N ASN E 97 25.18 -5.27 7.23
CA ASN E 97 26.41 -4.45 7.21
C ASN E 97 26.77 -3.60 8.44
N THR E 98 25.89 -2.70 8.88
CA THR E 98 26.27 -1.79 9.98
C THR E 98 25.80 -2.18 11.37
N ALA E 99 24.56 -2.62 11.49
CA ALA E 99 24.01 -2.96 12.79
C ALA E 99 23.97 -4.47 13.01
N THR E 100 24.88 -5.20 12.40
CA THR E 100 24.84 -6.65 12.54
C THR E 100 25.06 -7.00 14.01
N ILE E 101 24.00 -7.56 14.59
CA ILE E 101 23.99 -7.90 16.00
C ILE E 101 24.52 -9.32 16.21
N MET E 102 25.56 -9.44 17.03
CA MET E 102 26.16 -10.74 17.31
C MET E 102 26.16 -11.01 18.82
N GLY F 1 -27.44 -7.67 19.28
CA GLY F 1 -26.67 -7.94 18.03
C GLY F 1 -26.70 -6.72 17.13
N GLY F 2 -25.54 -6.30 16.64
CA GLY F 2 -25.47 -5.12 15.80
C GLY F 2 -25.58 -3.84 16.64
N SER F 3 -25.60 -3.96 17.98
CA SER F 3 -25.66 -2.77 18.81
C SER F 3 -24.43 -1.95 18.49
N PRO F 4 -24.48 -0.65 18.53
CA PRO F 4 -23.30 0.13 18.13
C PRO F 4 -22.15 0.19 19.14
N THR F 5 -21.06 -0.36 18.65
CA THR F 5 -19.75 -0.36 19.29
C THR F 5 -19.70 -0.35 20.83
N SER F 6 -19.94 -1.47 21.46
CA SER F 6 -19.79 -1.54 22.92
C SER F 6 -18.34 -1.91 23.34
N ILE F 7 -17.46 -2.13 22.34
CA ILE F 7 -16.09 -2.53 22.56
C ILE F 7 -16.16 -4.00 22.84
N LEU F 8 -16.88 -4.65 21.90
CA LEU F 8 -17.03 -6.10 21.76
C LEU F 8 -16.12 -6.40 20.64
N ASP F 9 -16.25 -5.56 19.57
CA ASP F 9 -15.34 -5.70 18.52
C ASP F 9 -14.67 -4.39 18.14
N ILE F 10 -14.40 -3.38 19.07
CA ILE F 10 -13.99 -2.13 18.41
C ILE F 10 -12.68 -2.28 17.59
N ARG F 11 -12.72 -2.19 16.28
CA ARG F 11 -11.49 -2.47 15.51
C ARG F 11 -10.59 -1.29 15.18
N GLN F 12 -9.30 -1.54 15.34
CA GLN F 12 -8.26 -0.62 14.93
C GLN F 12 -7.91 -1.12 13.60
N GLY F 13 -7.96 -0.26 12.61
CA GLY F 13 -7.66 -0.69 11.29
C GLY F 13 -6.29 -1.36 11.27
N PRO F 14 -6.05 -2.31 10.40
CA PRO F 14 -4.72 -2.96 10.31
C PRO F 14 -3.64 -1.90 10.18
N LYS F 15 -4.00 -0.72 9.64
CA LYS F 15 -3.07 0.39 9.48
C LYS F 15 -3.46 1.60 10.33
N GLU F 16 -4.74 1.64 10.76
CA GLU F 16 -5.24 2.77 11.55
C GLU F 16 -4.28 3.07 12.69
N PRO F 17 -3.86 4.30 12.91
CA PRO F 17 -2.95 4.53 14.03
C PRO F 17 -3.67 4.14 15.29
N PHE F 18 -2.89 3.69 16.22
CA PHE F 18 -3.41 3.19 17.47
C PHE F 18 -4.40 4.12 18.12
N ARG F 19 -3.97 5.32 18.35
CA ARG F 19 -4.80 6.32 19.01
C ARG F 19 -6.07 6.70 18.25
N ASP F 20 -6.00 6.90 16.92
CA ASP F 20 -7.21 7.34 16.18
C ASP F 20 -8.34 6.37 16.45
N TYR F 21 -7.98 5.11 16.46
CA TYR F 21 -8.90 4.04 16.77
C TYR F 21 -9.39 4.14 18.22
N VAL F 22 -8.45 4.36 19.12
CA VAL F 22 -8.74 4.55 20.56
C VAL F 22 -9.67 5.78 20.72
N ASP F 23 -9.60 6.69 19.80
CA ASP F 23 -10.48 7.83 19.89
C ASP F 23 -11.91 7.28 19.69
N ARG F 24 -12.03 6.29 18.77
CA ARG F 24 -13.31 5.63 18.44
C ARG F 24 -13.85 4.85 19.63
N PHE F 25 -13.05 3.91 20.15
CA PHE F 25 -13.54 3.11 21.27
C PHE F 25 -13.88 4.02 22.42
N TYR F 26 -13.19 5.15 22.52
CA TYR F 26 -13.56 6.08 23.56
C TYR F 26 -14.85 6.86 23.16
N LYS F 27 -15.00 7.19 21.90
CA LYS F 27 -16.18 7.94 21.50
C LYS F 27 -17.42 7.11 21.82
N THR F 28 -17.31 5.84 21.57
CA THR F 28 -18.41 4.94 21.80
C THR F 28 -18.42 4.36 23.24
N LEU F 29 -17.28 4.31 23.95
CA LEU F 29 -17.31 3.84 25.35
C LEU F 29 -18.16 4.76 26.16
N ARG F 30 -17.97 6.06 25.93
CA ARG F 30 -18.80 7.05 26.56
C ARG F 30 -20.26 6.71 26.28
N ALA F 31 -20.51 6.07 25.11
CA ALA F 31 -21.86 5.72 24.68
C ALA F 31 -22.31 4.39 25.28
N GLU F 32 -21.36 3.51 25.53
CA GLU F 32 -21.68 2.23 26.12
C GLU F 32 -21.85 2.45 27.62
N GLN F 33 -23.08 2.35 28.10
CA GLN F 33 -23.35 2.56 29.52
C GLN F 33 -22.66 1.44 30.31
N ALA F 34 -21.41 1.67 30.67
CA ALA F 34 -20.58 0.69 31.37
C ALA F 34 -19.93 1.33 32.59
N SER F 35 -19.42 0.46 33.46
CA SER F 35 -18.74 0.89 34.67
C SER F 35 -17.30 1.15 34.32
N GLN F 36 -16.56 1.87 35.16
CA GLN F 36 -15.20 2.16 34.79
C GLN F 36 -14.42 0.88 34.60
N GLU F 37 -14.65 -0.09 35.49
CA GLU F 37 -13.99 -1.38 35.41
C GLU F 37 -14.38 -2.13 34.15
N VAL F 38 -15.65 -2.06 33.79
CA VAL F 38 -16.13 -2.73 32.59
C VAL F 38 -15.46 -2.12 31.37
N LYS F 39 -15.34 -0.80 31.39
CA LYS F 39 -14.66 -0.08 30.34
C LYS F 39 -13.15 -0.54 30.32
N ASN F 40 -12.68 -1.20 31.45
CA ASN F 40 -11.30 -1.70 31.55
C ASN F 40 -11.10 -3.07 30.78
N TRP F 41 -12.14 -3.91 30.58
CA TRP F 41 -11.91 -5.08 29.69
C TRP F 41 -11.76 -4.46 28.35
N MET F 42 -12.69 -3.48 28.09
CA MET F 42 -12.79 -2.75 26.82
C MET F 42 -11.47 -2.00 26.50
N THR F 43 -10.82 -1.37 27.49
CA THR F 43 -9.55 -0.66 27.22
C THR F 43 -8.32 -1.55 27.37
N GLU F 44 -8.29 -2.31 28.43
CA GLU F 44 -7.12 -3.11 28.70
C GLU F 44 -6.98 -4.27 27.76
N THR F 45 -8.03 -5.05 27.64
CA THR F 45 -7.99 -6.23 26.81
C THR F 45 -8.51 -6.06 25.37
N LEU F 46 -9.71 -5.43 25.13
CA LEU F 46 -10.22 -5.44 23.75
C LEU F 46 -9.46 -4.53 22.92
N LEU F 47 -9.20 -3.33 23.48
CA LEU F 47 -8.46 -2.30 22.76
C LEU F 47 -7.24 -2.92 22.11
N VAL F 48 -6.67 -3.89 22.80
CA VAL F 48 -5.52 -4.61 22.35
C VAL F 48 -5.87 -5.64 21.27
N GLN F 49 -6.71 -6.61 21.67
CA GLN F 49 -7.05 -7.77 20.83
C GLN F 49 -7.64 -7.52 19.46
N ASN F 50 -8.65 -6.70 19.34
CA ASN F 50 -9.24 -6.53 18.01
C ASN F 50 -8.62 -5.40 17.24
N ALA F 51 -7.45 -4.96 17.68
CA ALA F 51 -6.85 -3.83 17.09
C ALA F 51 -5.52 -4.08 16.48
N ASN F 52 -5.49 -3.80 15.18
CA ASN F 52 -4.28 -3.75 14.40
C ASN F 52 -3.17 -4.63 14.88
N PRO F 53 -2.98 -5.81 14.38
CA PRO F 53 -1.86 -6.68 14.84
C PRO F 53 -0.52 -5.98 14.89
N ASP F 54 -0.36 -4.82 14.24
CA ASP F 54 0.89 -4.10 14.38
C ASP F 54 1.07 -3.77 15.82
N CYS F 55 -0.04 -3.34 16.38
CA CYS F 55 -0.10 -2.93 17.76
C CYS F 55 -0.49 -4.07 18.67
N LYS F 56 -1.43 -4.97 18.31
CA LYS F 56 -1.79 -6.05 19.23
C LYS F 56 -0.56 -6.80 19.70
N THR F 57 0.38 -6.99 18.82
CA THR F 57 1.60 -7.64 19.24
C THR F 57 2.28 -6.74 20.31
N ILE F 58 2.36 -5.42 20.05
CA ILE F 58 2.99 -4.48 21.00
C ILE F 58 2.31 -4.43 22.35
N LEU F 59 0.99 -4.20 22.33
CA LEU F 59 0.17 -4.01 23.51
C LEU F 59 0.24 -5.22 24.36
N LYS F 60 0.30 -6.36 23.73
CA LYS F 60 0.42 -7.60 24.46
C LYS F 60 1.82 -7.64 25.11
N ALA F 61 2.82 -7.13 24.35
CA ALA F 61 4.19 -7.11 24.80
C ALA F 61 4.27 -6.29 26.05
N LEU F 62 3.64 -5.14 26.01
CA LEU F 62 3.54 -4.32 27.17
C LEU F 62 2.69 -5.12 28.17
N GLY F 63 1.73 -5.86 27.64
CA GLY F 63 0.87 -6.66 28.43
C GLY F 63 -0.23 -5.80 28.96
N PRO F 64 -1.35 -6.37 29.35
CA PRO F 64 -2.44 -5.57 29.98
C PRO F 64 -1.94 -4.86 31.26
N GLY F 65 -2.44 -3.65 31.55
CA GLY F 65 -2.02 -2.89 32.75
C GLY F 65 -1.06 -1.71 32.47
N ALA F 66 -0.65 -1.58 31.21
CA ALA F 66 0.23 -0.48 30.80
C ALA F 66 -0.61 0.76 30.55
N THR F 67 -0.10 1.92 30.92
CA THR F 67 -0.87 3.13 30.74
C THR F 67 -1.22 3.34 29.28
N LEU F 68 -2.35 3.96 29.03
CA LEU F 68 -2.70 4.22 27.65
C LEU F 68 -1.63 5.11 27.02
N GLU F 69 -0.92 5.90 27.88
CA GLU F 69 0.17 6.72 27.41
C GLU F 69 1.34 5.81 27.06
N GLU F 70 1.54 4.74 27.84
CA GLU F 70 2.64 3.81 27.55
C GLU F 70 2.38 3.08 26.23
N MET F 71 1.16 2.55 26.07
CA MET F 71 0.77 1.86 24.85
C MET F 71 0.82 2.84 23.71
N MET F 72 0.37 4.06 23.93
CA MET F 72 0.39 5.06 22.86
C MET F 72 1.80 5.31 22.38
N THR F 73 2.69 5.54 23.32
CA THR F 73 4.08 5.80 23.00
C THR F 73 4.68 4.60 22.27
N ALA F 74 4.45 3.41 22.80
CA ALA F 74 4.99 2.21 22.17
C ALA F 74 4.31 1.96 20.83
N CYS F 75 3.08 2.46 20.71
CA CYS F 75 2.28 2.22 19.54
C CYS F 75 2.35 3.36 18.56
N GLN F 76 3.11 4.41 18.87
CA GLN F 76 3.31 5.42 17.83
C GLN F 76 4.09 4.71 16.70
N GLY F 77 4.77 3.56 17.02
CA GLY F 77 5.45 2.84 16.02
C GLY F 77 4.41 2.28 15.06
N VAL F 78 3.20 2.00 15.56
CA VAL F 78 2.06 1.41 14.72
C VAL F 78 1.94 2.19 13.45
N GLY F 79 1.42 1.57 12.28
CA GLY F 79 1.51 2.36 11.06
C GLY F 79 2.16 1.70 9.86
N GLY F 80 1.98 2.19 8.61
CA GLY F 80 2.64 1.41 7.58
C GLY F 80 4.13 1.72 7.56
N PRO F 81 4.56 2.75 6.92
CA PRO F 81 5.97 3.12 7.04
C PRO F 81 6.26 3.49 8.50
N GLY F 82 5.19 3.76 9.31
CA GLY F 82 5.36 4.08 10.73
C GLY F 82 5.79 2.84 11.51
N HIS F 83 5.17 1.67 11.22
CA HIS F 83 5.53 0.39 11.90
C HIS F 83 6.53 -0.43 11.15
N LYS F 84 6.31 -0.62 9.86
CA LYS F 84 7.19 -1.44 9.04
C LYS F 84 8.66 -1.07 9.26
N ALA F 85 8.92 0.17 9.66
CA ALA F 85 10.27 0.58 9.88
C ALA F 85 10.88 -0.36 10.95
N ARG F 86 10.08 -0.64 12.03
CA ARG F 86 10.46 -1.54 13.17
C ARG F 86 10.03 -3.04 13.02
N VAL F 87 8.91 -3.27 12.35
CA VAL F 87 8.36 -4.62 12.21
C VAL F 87 9.18 -5.48 11.30
N LEU F 88 9.61 -4.93 10.19
CA LEU F 88 10.46 -5.68 9.27
C LEU F 88 11.70 -6.10 10.06
N ALA F 89 12.24 -5.15 10.83
CA ALA F 89 13.41 -5.46 11.64
C ALA F 89 13.07 -6.52 12.67
N GLU F 90 11.80 -6.62 13.04
CA GLU F 90 11.37 -7.61 14.02
C GLU F 90 11.09 -8.98 13.38
N ALA F 91 10.65 -9.00 12.12
CA ALA F 91 10.33 -10.26 11.44
C ALA F 91 11.57 -10.86 10.80
N MET F 92 12.23 -10.06 10.00
CA MET F 92 13.44 -10.50 9.36
C MET F 92 14.43 -10.96 10.41
N SER F 93 14.47 -10.22 11.55
CA SER F 93 15.36 -10.60 12.63
C SER F 93 14.74 -11.69 13.49
N GLN F 94 13.45 -12.00 13.30
CA GLN F 94 12.86 -13.12 14.02
C GLN F 94 13.33 -14.42 13.34
N VAL F 95 13.80 -14.34 12.09
CA VAL F 95 14.23 -15.52 11.38
C VAL F 95 15.74 -15.81 11.61
N THR F 96 16.55 -14.76 11.51
CA THR F 96 17.98 -14.93 11.58
C THR F 96 18.61 -14.84 12.99
N ASN F 97 18.40 -13.73 13.70
CA ASN F 97 19.11 -13.55 14.97
C ASN F 97 18.47 -14.08 16.27
N THR F 98 17.24 -13.66 16.60
CA THR F 98 16.67 -14.05 17.89
C THR F 98 15.69 -15.24 17.87
N ALA F 99 14.81 -15.29 16.89
CA ALA F 99 13.80 -16.34 16.82
C ALA F 99 14.10 -17.36 15.72
N THR F 100 15.37 -17.59 15.41
CA THR F 100 15.67 -18.53 14.34
C THR F 100 15.17 -19.91 14.73
N ILE F 101 14.24 -20.40 13.92
CA ILE F 101 13.59 -21.68 14.17
C ILE F 101 14.35 -22.81 13.47
N MET F 102 14.74 -23.82 14.24
CA MET F 102 15.45 -24.96 13.69
C MET F 102 14.73 -26.26 14.00
C1 IHP G . -2.12 -1.76 0.52
C2 IHP G . -0.81 -1.93 1.38
C3 IHP G . 0.43 -1.88 0.48
C4 IHP G . 0.47 -0.55 -0.21
C5 IHP G . -0.74 -0.67 -1.22
C6 IHP G . -2.08 -0.50 -0.32
O11 IHP G . -3.30 -1.83 1.37
P1 IHP G . -4.13 -3.22 1.47
O21 IHP G . -3.28 -4.26 0.81
O31 IHP G . -4.47 -3.48 2.98
O41 IHP G . -5.35 -2.95 0.69
O12 IHP G . -0.72 -0.81 2.36
P2 IHP G . -0.54 -1.09 3.90
O22 IHP G . -0.82 -2.56 4.25
O32 IHP G . -1.45 -0.19 4.62
O42 IHP G . 0.86 -0.80 4.24
O13 IHP G . 1.55 -2.09 1.23
P3 IHP G . 2.66 -3.11 0.81
O23 IHP G . 2.59 -4.29 1.75
O33 IHP G . 2.53 -3.43 -0.67
O43 IHP G . 3.91 -2.29 1.13
O14 IHP G . 1.70 -0.40 -0.87
P4 IHP G . 2.59 0.97 -0.95
O24 IHP G . 1.83 1.92 -1.82
O34 IHP G . 2.98 1.59 0.36
O44 IHP G . 3.89 0.58 -1.66
O15 IHP G . -0.61 0.24 -2.33
P5 IHP G . -0.30 -0.26 -3.81
O25 IHP G . -0.41 1.06 -4.58
O35 IHP G . -1.30 -1.33 -4.18
O45 IHP G . 1.04 -0.87 -3.85
O16 IHP G . -3.25 -0.45 -1.22
P6 IHP G . -4.22 0.72 -1.43
O26 IHP G . -3.49 1.99 -1.81
O36 IHP G . -4.96 0.22 -2.66
O46 IHP G . -5.05 0.97 -0.22
H1 IHP G . -2.02 -2.51 -0.31
H2 IHP G . -0.77 -2.98 1.75
H3 IHP G . 0.26 -2.67 -0.28
H4 IHP G . 0.22 0.23 0.54
H5 IHP G . -0.87 -1.72 -1.57
H6 IHP G . -1.96 0.41 0.32
C1 A1CCZ H . 6.52 -7.50 1.29
C2 A1CCZ H . 7.58 -7.30 2.19
C3 A1CCZ H . 7.54 -6.22 3.05
C11 A1CCZ H . 3.77 -8.61 -2.40
C12 A1CCZ H . 3.47 -9.76 -3.41
C13 A1CCZ H . 4.05 -7.26 -3.02
C14 A1CCZ H . 5.23 -6.94 -3.72
C15 A1CCZ H . 5.46 -5.59 -4.04
C16 A1CCZ H . 4.58 -4.52 -3.68
C17 A1CCZ H . 3.42 -4.92 -3.00
C18 A1CCZ H . 3.16 -6.19 -2.70
C19 A1CCZ H . 4.91 -3.12 -4.03
C20 A1CCZ H . 3.91 -2.69 -5.10
C21 A1CCZ H . 4.54 -2.15 -2.88
C22 A1CCZ H . 6.40 -2.94 -4.39
C24 A1CCZ H . 1.01 -9.61 -3.73
C25 A1CCZ H . -0.14 -9.44 -4.62
C26 A1CCZ H . 0.07 -9.58 -5.97
N23 A1CCZ H . 2.26 -9.70 -4.33
C28 A1CCZ H . 2.38 -9.94 -5.65
C27 A1CCZ H . 1.32 -9.88 -6.47
O29 A1CCZ H . 0.97 -9.76 -2.45
C30 A1CCZ H . -1.49 -9.03 -4.20
F31 A1CCZ H . -1.46 -8.38 -3.04
F32 A1CCZ H . -2.28 -10.05 -3.97
F33 A1CCZ H . -2.10 -8.20 -5.12
N10 A1CCZ H . 4.85 -9.14 -1.50
C8 A1CCZ H . 5.43 -8.03 -0.63
C7 A1CCZ H . 4.45 -7.28 0.17
C6 A1CCZ H . 5.36 -6.70 1.28
C5 A1CCZ H . 5.38 -5.57 2.10
C4 A1CCZ H . 6.54 -5.26 2.88
C9 A1CCZ H . 6.40 -8.66 0.33
H2 A1CCZ H . 8.35 -8.02 2.40
H3 A1CCZ H . 8.31 -5.91 3.74
H11 A1CCZ H . 2.87 -8.53 -1.77
H12A A1CCZ H . 3.21 -10.65 -2.81
H12B A1CCZ H . 4.32 -10.01 -4.07
H14 A1CCZ H . 5.98 -7.68 -3.93
H15 A1CCZ H . 6.40 -5.39 -4.56
H17 A1CCZ H . 2.71 -4.17 -2.68
H18 A1CCZ H . 2.33 -6.48 -2.06
H20C A1CCZ H . 3.97 -3.33 -6.01
H20B A1CCZ H . 4.17 -1.71 -5.54
H20A A1CCZ H . 2.84 -2.72 -4.84
H21A A1CCZ H . 5.17 -2.32 -1.99
H21C A1CCZ H . 3.50 -2.16 -2.49
H21B A1CCZ H . 4.68 -1.07 -3.14
H22C A1CCZ H . 6.96 -3.55 -3.64
H22B A1CCZ H . 6.64 -1.87 -4.30
H22A A1CCZ H . 6.61 -3.34 -5.40
H26 A1CCZ H . -0.76 -9.32 -6.61
H6 A1CCZ H . 3.38 -9.86 -6.09
H27 A1CCZ H . 1.39 -10.06 -7.54
H9 A1CCZ H . 5.67 -9.45 -2.03
H8 A1CCZ H . 6.00 -7.39 -1.31
H7A A1CCZ H . 3.68 -7.97 0.55
H7B A1CCZ H . 3.85 -6.52 -0.36
H5 A1CCZ H . 4.69 -4.74 1.92
H4 A1CCZ H . 6.53 -4.34 3.44
H9B A1CCZ H . 6.13 -9.68 0.62
H9A A1CCZ H . 7.40 -8.74 -0.11
N GLY A 1 -31.75 -18.36 -7.34
CA GLY A 1 -30.37 -18.91 -7.49
C GLY A 1 -29.35 -17.83 -7.28
N GLY A 2 -28.45 -18.03 -6.30
CA GLY A 2 -27.45 -17.03 -6.04
C GLY A 2 -28.14 -15.73 -5.75
N SER A 3 -29.17 -15.82 -4.95
CA SER A 3 -29.90 -14.65 -4.59
C SER A 3 -28.93 -13.68 -3.98
N PRO A 4 -29.18 -12.41 -4.05
CA PRO A 4 -28.22 -11.43 -3.53
C PRO A 4 -27.97 -11.54 -2.04
N THR A 5 -26.69 -11.50 -1.70
CA THR A 5 -26.26 -11.52 -0.32
C THR A 5 -26.87 -12.63 0.52
N SER A 6 -27.05 -13.76 -0.09
CA SER A 6 -27.60 -14.93 0.56
C SER A 6 -26.50 -15.78 1.20
N ILE A 7 -25.21 -15.24 1.26
CA ILE A 7 -24.01 -16.00 1.78
C ILE A 7 -23.33 -16.76 0.68
N LEU A 8 -24.03 -17.12 -0.31
CA LEU A 8 -23.47 -17.81 -1.43
C LEU A 8 -22.40 -16.94 -2.01
N ASP A 9 -22.65 -15.59 -2.07
CA ASP A 9 -21.56 -14.77 -2.45
C ASP A 9 -21.17 -13.77 -1.35
N ILE A 10 -21.32 -14.03 0.01
CA ILE A 10 -20.89 -12.90 0.82
C ILE A 10 -19.34 -12.90 0.86
N ARG A 11 -18.69 -11.73 0.71
CA ARG A 11 -17.21 -11.72 0.66
C ARG A 11 -16.53 -10.71 1.60
N GLN A 12 -15.34 -11.10 2.08
CA GLN A 12 -14.51 -10.22 2.92
C GLN A 12 -13.47 -9.54 2.06
N GLY A 13 -13.40 -8.23 2.12
CA GLY A 13 -12.41 -7.52 1.34
C GLY A 13 -11.03 -8.03 1.75
N PRO A 14 -10.07 -8.09 0.85
CA PRO A 14 -8.72 -8.64 1.20
C PRO A 14 -8.13 -7.90 2.37
N LYS A 15 -8.43 -6.62 2.45
CA LYS A 15 -7.97 -5.83 3.56
C LYS A 15 -9.06 -5.76 4.63
N GLU A 16 -10.31 -5.95 4.22
CA GLU A 16 -11.41 -5.86 5.17
C GLU A 16 -11.14 -6.80 6.34
N PRO A 17 -11.16 -6.35 7.59
CA PRO A 17 -10.91 -7.28 8.70
C PRO A 17 -12.03 -8.27 8.85
N PHE A 18 -11.65 -9.39 9.45
CA PHE A 18 -12.53 -10.50 9.66
C PHE A 18 -13.77 -10.08 10.39
N ARG A 19 -13.60 -9.34 11.46
CA ARG A 19 -14.73 -8.89 12.22
C ARG A 19 -15.71 -8.06 11.41
N ASP A 20 -15.19 -7.21 10.54
CA ASP A 20 -16.11 -6.36 9.75
C ASP A 20 -17.00 -7.21 8.85
N TYR A 21 -16.34 -7.96 7.97
CA TYR A 21 -17.02 -8.85 7.03
C TYR A 21 -17.90 -9.81 7.76
N VAL A 22 -17.46 -10.29 8.93
CA VAL A 22 -18.31 -11.18 9.71
C VAL A 22 -19.63 -10.45 10.01
N ASP A 23 -19.55 -9.16 10.22
CA ASP A 23 -20.75 -8.41 10.49
C ASP A 23 -21.65 -8.42 9.25
N ARG A 24 -21.00 -8.33 8.05
CA ARG A 24 -21.71 -8.34 6.76
C ARG A 24 -22.41 -9.66 6.55
N PHE A 25 -21.68 -10.77 6.76
CA PHE A 25 -22.21 -12.14 6.59
C PHE A 25 -23.30 -12.41 7.59
N TYR A 26 -23.15 -11.92 8.81
CA TYR A 26 -24.22 -12.12 9.79
C TYR A 26 -25.47 -11.32 9.43
N LYS A 27 -25.24 -10.04 9.10
CA LYS A 27 -26.32 -9.10 8.75
C LYS A 27 -27.03 -9.57 7.51
N THR A 28 -26.28 -10.08 6.59
CA THR A 28 -26.89 -10.51 5.39
C THR A 28 -27.52 -11.86 5.61
N LEU A 29 -26.96 -12.63 6.54
CA LEU A 29 -27.63 -13.87 6.89
C LEU A 29 -29.04 -13.49 7.40
N ARG A 30 -29.15 -12.35 8.09
CA ARG A 30 -30.48 -11.93 8.56
C ARG A 30 -31.39 -11.73 7.34
N ALA A 31 -30.80 -11.21 6.27
CA ALA A 31 -31.52 -11.03 5.01
C ALA A 31 -31.85 -12.40 4.44
N GLU A 32 -30.99 -13.37 4.71
CA GLU A 32 -31.22 -14.72 4.23
C GLU A 32 -32.18 -15.43 5.19
N GLN A 33 -33.31 -15.96 4.66
CA GLN A 33 -34.25 -16.71 5.54
C GLN A 33 -33.79 -18.14 5.72
N ALA A 34 -32.73 -18.34 6.52
CA ALA A 34 -32.20 -19.68 6.72
C ALA A 34 -32.34 -20.16 8.15
N SER A 35 -32.54 -21.45 8.25
CA SER A 35 -32.61 -22.06 9.52
C SER A 35 -31.31 -21.80 10.21
N GLN A 36 -31.30 -21.81 11.52
CA GLN A 36 -30.08 -21.51 12.24
C GLN A 36 -29.01 -22.56 11.89
N GLU A 37 -29.39 -23.84 11.94
CA GLU A 37 -28.42 -24.88 11.64
C GLU A 37 -27.83 -24.65 10.27
N VAL A 38 -28.67 -24.24 9.35
CA VAL A 38 -28.21 -23.94 8.03
C VAL A 38 -27.20 -22.80 8.14
N LYS A 39 -27.58 -21.73 8.85
CA LYS A 39 -26.66 -20.58 8.99
C LYS A 39 -25.35 -21.03 9.56
N ASN A 40 -25.40 -22.04 10.40
CA ASN A 40 -24.19 -22.54 10.98
C ASN A 40 -23.21 -23.03 9.93
N TRP A 41 -23.67 -23.75 8.91
CA TRP A 41 -22.71 -24.22 7.89
C TRP A 41 -22.18 -23.00 7.11
N MET A 42 -23.00 -21.97 7.04
CA MET A 42 -22.63 -20.71 6.37
C MET A 42 -21.62 -19.91 7.26
N THR A 43 -21.75 -20.06 8.56
CA THR A 43 -20.85 -19.38 9.49
C THR A 43 -19.55 -20.17 9.63
N GLU A 44 -19.64 -21.49 9.48
CA GLU A 44 -18.48 -22.37 9.66
C GLU A 44 -17.66 -22.57 8.40
N THR A 45 -18.35 -22.85 7.34
CA THR A 45 -17.70 -23.09 6.09
C THR A 45 -17.68 -21.85 5.22
N LEU A 46 -18.84 -21.34 4.85
CA LEU A 46 -18.82 -20.23 3.95
C LEU A 46 -18.03 -19.07 4.52
N LEU A 47 -18.17 -18.84 5.82
CA LEU A 47 -17.41 -17.79 6.45
C LEU A 47 -15.94 -18.06 6.18
N VAL A 48 -15.57 -19.32 6.13
CA VAL A 48 -14.18 -19.61 5.87
C VAL A 48 -13.82 -19.36 4.43
N GLN A 49 -14.63 -19.88 3.50
CA GLN A 49 -14.27 -19.83 2.09
C GLN A 49 -14.13 -18.47 1.42
N ASN A 50 -15.13 -17.64 1.51
CA ASN A 50 -15.08 -16.37 0.77
C ASN A 50 -14.71 -15.20 1.62
N ALA A 51 -14.08 -15.45 2.73
CA ALA A 51 -13.73 -14.38 3.62
C ALA A 51 -12.28 -14.02 3.66
N ASN A 52 -11.69 -13.44 2.63
CA ASN A 52 -10.33 -12.94 2.79
C ASN A 52 -9.33 -14.06 3.07
N PRO A 53 -8.56 -14.54 2.13
CA PRO A 53 -7.63 -15.65 2.39
C PRO A 53 -6.81 -15.50 3.67
N ASP A 54 -6.70 -14.28 4.19
CA ASP A 54 -5.97 -14.09 5.43
C ASP A 54 -6.61 -14.93 6.46
N CYS A 55 -7.92 -14.91 6.47
CA CYS A 55 -8.58 -15.68 7.45
C CYS A 55 -8.58 -17.11 6.95
N LYS A 56 -8.74 -17.33 5.67
CA LYS A 56 -8.81 -18.70 5.17
C LYS A 56 -7.60 -19.52 5.60
N THR A 57 -6.47 -18.91 5.61
CA THR A 57 -5.33 -19.64 6.03
C THR A 57 -5.32 -19.74 7.59
N ILE A 58 -5.99 -18.76 8.27
CA ILE A 58 -6.07 -18.77 9.76
C ILE A 58 -7.09 -19.75 10.26
N LEU A 59 -8.35 -19.54 9.89
CA LEU A 59 -9.43 -20.38 10.31
C LEU A 59 -9.02 -21.81 10.04
N LYS A 60 -8.43 -22.06 8.86
CA LYS A 60 -8.04 -23.42 8.54
C LYS A 60 -7.05 -23.90 9.62
N ALA A 61 -6.13 -23.02 10.03
CA ALA A 61 -5.17 -23.35 11.09
C ALA A 61 -5.87 -23.60 12.47
N LEU A 62 -6.74 -22.68 12.89
CA LEU A 62 -7.46 -22.85 14.15
C LEU A 62 -8.36 -24.07 14.11
N GLY A 63 -8.71 -24.50 12.91
CA GLY A 63 -9.62 -25.60 12.78
C GLY A 63 -11.01 -24.99 12.42
N PRO A 64 -11.69 -25.41 11.38
CA PRO A 64 -12.97 -24.80 11.08
C PRO A 64 -13.90 -25.02 12.26
N GLY A 65 -14.85 -24.16 12.43
CA GLY A 65 -15.74 -24.34 13.53
C GLY A 65 -15.17 -23.80 14.82
N ALA A 66 -13.97 -23.19 14.77
CA ALA A 66 -13.45 -22.56 15.95
C ALA A 66 -14.51 -21.52 16.34
N THR A 67 -14.70 -21.31 17.62
CA THR A 67 -15.70 -20.35 18.05
C THR A 67 -15.39 -19.03 17.48
N LEU A 68 -16.41 -18.28 17.19
CA LEU A 68 -16.24 -16.97 16.60
C LEU A 68 -15.23 -16.18 17.41
N GLU A 69 -15.23 -16.40 18.70
CA GLU A 69 -14.28 -15.69 19.52
C GLU A 69 -12.84 -16.10 19.13
N GLU A 70 -12.64 -17.41 18.96
CA GLU A 70 -11.34 -17.93 18.54
C GLU A 70 -10.97 -17.51 17.09
N MET A 71 -11.90 -17.65 16.14
CA MET A 71 -11.62 -17.25 14.76
C MET A 71 -11.30 -15.79 14.75
N MET A 72 -12.03 -15.03 15.56
CA MET A 72 -11.86 -13.57 15.65
C MET A 72 -10.51 -13.19 16.21
N THR A 73 -10.18 -13.75 17.34
CA THR A 73 -8.96 -13.35 17.98
C THR A 73 -7.83 -13.59 17.05
N ALA A 74 -7.82 -14.77 16.45
CA ALA A 74 -6.76 -15.12 15.53
C ALA A 74 -6.83 -14.28 14.26
N CYS A 75 -8.04 -14.06 13.77
CA CYS A 75 -8.20 -13.28 12.56
C CYS A 75 -8.18 -11.83 12.80
N GLN A 76 -7.93 -11.40 14.04
CA GLN A 76 -7.71 -10.03 14.19
C GLN A 76 -6.34 -9.82 13.52
N GLY A 77 -5.50 -10.93 13.39
CA GLY A 77 -4.24 -10.87 12.67
C GLY A 77 -4.51 -10.60 11.18
N VAL A 78 -5.77 -10.64 10.72
CA VAL A 78 -6.14 -10.40 9.26
C VAL A 78 -5.91 -8.93 8.96
N GLY A 79 -5.53 -8.47 7.70
CA GLY A 79 -5.14 -7.06 7.64
C GLY A 79 -3.94 -6.72 6.78
N GLY A 80 -3.67 -5.45 6.38
CA GLY A 80 -2.52 -5.34 5.49
C GLY A 80 -1.19 -5.56 6.26
N PRO A 81 -0.74 -4.59 6.98
CA PRO A 81 0.48 -4.70 7.83
C PRO A 81 0.27 -5.68 8.98
N GLY A 82 -0.98 -5.74 9.49
CA GLY A 82 -1.30 -6.61 10.64
C GLY A 82 -1.09 -8.11 10.35
N HIS A 83 -1.56 -8.55 9.19
CA HIS A 83 -1.36 -9.94 8.79
C HIS A 83 0.06 -10.08 8.33
N LYS A 84 0.54 -9.05 7.65
CA LYS A 84 1.90 -9.05 7.15
C LYS A 84 2.92 -9.29 8.20
N ALA A 85 2.72 -8.67 9.33
CA ALA A 85 3.67 -8.80 10.40
C ALA A 85 3.90 -10.29 10.67
N ARG A 86 2.86 -11.06 10.48
CA ARG A 86 2.95 -12.48 10.69
C ARG A 86 3.38 -13.21 9.41
N VAL A 87 2.52 -13.16 8.38
CA VAL A 87 2.75 -13.86 7.11
C VAL A 87 4.02 -13.48 6.45
N LEU A 88 4.59 -12.36 6.77
CA LEU A 88 5.88 -12.03 6.21
C LEU A 88 6.92 -13.01 6.84
N ALA A 89 6.89 -13.09 8.16
CA ALA A 89 7.79 -13.99 8.84
C ALA A 89 7.51 -15.42 8.43
N GLU A 90 6.23 -15.73 8.25
CA GLU A 90 5.86 -17.11 7.91
C GLU A 90 6.27 -17.54 6.51
N ALA A 91 5.92 -16.76 5.52
CA ALA A 91 6.23 -17.13 4.14
C ALA A 91 7.74 -17.18 3.96
N MET A 92 8.38 -16.22 4.58
CA MET A 92 9.82 -16.17 4.55
C MET A 92 10.41 -17.43 5.17
N SER A 93 9.76 -17.91 6.23
CA SER A 93 10.19 -19.13 6.88
C SER A 93 9.60 -20.36 6.17
N GLN A 94 8.68 -20.14 5.20
CA GLN A 94 8.13 -21.26 4.44
C GLN A 94 9.15 -21.64 3.40
N VAL A 95 9.83 -20.65 2.85
CA VAL A 95 10.82 -20.95 1.82
C VAL A 95 12.15 -21.40 2.43
N THR A 96 12.46 -20.91 3.63
CA THR A 96 13.74 -21.24 4.23
C THR A 96 13.74 -22.41 5.21
N ASN A 97 12.96 -22.30 6.28
CA ASN A 97 13.02 -23.33 7.33
C ASN A 97 12.01 -24.49 7.32
N THR A 98 10.71 -24.20 7.37
CA THR A 98 9.74 -25.30 7.52
C THR A 98 9.16 -25.86 6.24
N ALA A 99 8.79 -25.01 5.31
CA ALA A 99 8.19 -25.47 4.07
C ALA A 99 9.21 -25.50 2.95
N THR A 100 10.49 -25.64 3.30
CA THR A 100 11.52 -25.59 2.27
C THR A 100 11.31 -26.76 1.34
N ILE A 101 10.95 -26.40 0.12
CA ILE A 101 10.64 -27.38 -0.91
C ILE A 101 11.90 -27.82 -1.62
N MET A 102 12.11 -29.13 -1.68
CA MET A 102 13.30 -29.69 -2.33
C MET A 102 12.90 -30.67 -3.42
N GLY B 1 -13.15 3.90 -30.24
CA GLY B 1 -12.02 4.50 -29.46
C GLY B 1 -12.58 5.09 -28.17
N GLY B 2 -12.00 4.69 -27.03
CA GLY B 2 -12.48 5.16 -25.74
C GLY B 2 -13.93 4.69 -25.52
N SER B 3 -14.28 3.54 -26.12
CA SER B 3 -15.63 3.01 -25.99
C SER B 3 -15.93 2.74 -24.50
N PRO B 4 -17.11 3.04 -23.98
CA PRO B 4 -17.39 2.84 -22.54
C PRO B 4 -17.82 1.43 -22.11
N THR B 5 -17.07 0.95 -21.14
CA THR B 5 -17.31 -0.32 -20.43
C THR B 5 -17.82 -1.52 -21.28
N SER B 6 -17.12 -1.79 -22.37
CA SER B 6 -17.37 -2.96 -23.26
C SER B 6 -16.46 -4.17 -22.89
N ILE B 7 -15.68 -4.06 -21.76
CA ILE B 7 -14.62 -5.02 -21.31
C ILE B 7 -13.30 -4.59 -21.88
N LEU B 8 -13.32 -3.97 -23.02
CA LEU B 8 -12.15 -3.44 -23.64
C LEU B 8 -11.46 -2.56 -22.65
N ASP B 9 -12.22 -1.93 -21.68
CA ASP B 9 -11.53 -1.32 -20.61
C ASP B 9 -12.05 -1.81 -19.25
N ILE B 10 -12.68 -3.03 -19.04
CA ILE B 10 -13.12 -3.21 -17.66
C ILE B 10 -11.90 -3.54 -16.85
N ARG B 11 -11.83 -3.17 -15.56
CA ARG B 11 -10.57 -3.42 -14.84
C ARG B 11 -10.66 -3.66 -13.35
N GLN B 12 -10.09 -4.78 -12.99
CA GLN B 12 -9.85 -5.09 -11.61
C GLN B 12 -8.65 -4.27 -11.28
N GLY B 13 -8.71 -3.53 -10.25
CA GLY B 13 -7.60 -2.72 -9.88
C GLY B 13 -6.37 -3.56 -9.68
N PRO B 14 -5.36 -2.95 -9.22
CA PRO B 14 -4.09 -3.65 -8.95
C PRO B 14 -4.30 -4.52 -7.66
N LYS B 15 -4.90 -3.97 -6.63
CA LYS B 15 -5.15 -4.77 -5.40
C LYS B 15 -6.57 -5.37 -5.40
N GLU B 16 -7.43 -4.87 -6.27
CA GLU B 16 -8.79 -5.30 -6.32
C GLU B 16 -8.92 -6.82 -6.53
N PRO B 17 -9.72 -7.53 -5.79
CA PRO B 17 -9.82 -9.01 -6.00
C PRO B 17 -10.64 -9.41 -7.19
N PHE B 18 -10.42 -10.64 -7.57
CA PHE B 18 -11.06 -11.22 -8.71
C PHE B 18 -12.56 -11.21 -8.51
N ARG B 19 -13.02 -11.71 -7.37
CA ARG B 19 -14.44 -11.70 -7.10
C ARG B 19 -14.98 -10.29 -7.17
N ASP B 20 -14.18 -9.30 -6.77
CA ASP B 20 -14.68 -7.94 -6.84
C ASP B 20 -14.84 -7.50 -8.30
N TYR B 21 -13.88 -7.81 -9.14
CA TYR B 21 -13.97 -7.38 -10.52
C TYR B 21 -14.91 -8.24 -11.38
N VAL B 22 -15.13 -9.48 -10.96
CA VAL B 22 -16.02 -10.36 -11.72
C VAL B 22 -17.33 -9.67 -11.97
N ASP B 23 -17.83 -9.01 -10.93
CA ASP B 23 -19.06 -8.25 -11.04
C ASP B 23 -18.87 -7.09 -12.02
N ARG B 24 -17.71 -6.47 -12.01
CA ARG B 24 -17.42 -5.35 -12.94
C ARG B 24 -17.40 -5.86 -14.42
N PHE B 25 -16.95 -7.11 -14.60
CA PHE B 25 -16.90 -7.74 -15.92
C PHE B 25 -18.26 -8.38 -16.28
N TYR B 26 -19.04 -8.75 -15.27
CA TYR B 26 -20.36 -9.33 -15.58
C TYR B 26 -21.35 -8.23 -15.81
N LYS B 27 -21.51 -7.42 -14.75
CA LYS B 27 -22.41 -6.29 -14.76
C LYS B 27 -22.06 -5.33 -15.88
N THR B 28 -20.78 -5.07 -16.15
CA THR B 28 -20.56 -4.14 -17.23
C THR B 28 -20.91 -4.81 -18.54
N LEU B 29 -20.97 -6.14 -18.56
CA LEU B 29 -21.41 -6.79 -19.76
C LEU B 29 -22.95 -6.62 -19.91
N ARG B 30 -23.64 -6.23 -18.79
CA ARG B 30 -25.09 -5.96 -18.84
C ARG B 30 -25.28 -4.76 -19.75
N ALA B 31 -24.35 -3.80 -19.62
CA ALA B 31 -24.36 -2.58 -20.43
C ALA B 31 -24.07 -2.90 -21.89
N GLU B 32 -23.31 -3.95 -22.15
CA GLU B 32 -23.00 -4.31 -23.53
C GLU B 32 -23.98 -5.33 -24.09
N GLN B 33 -24.58 -5.01 -25.24
CA GLN B 33 -25.52 -5.92 -25.89
C GLN B 33 -24.73 -6.98 -26.65
N ALA B 34 -24.49 -8.12 -26.04
CA ALA B 34 -23.69 -9.16 -26.69
C ALA B 34 -24.28 -10.55 -26.58
N SER B 35 -23.59 -11.48 -27.23
CA SER B 35 -23.95 -12.87 -27.21
C SER B 35 -23.20 -13.52 -26.05
N GLN B 36 -23.82 -14.48 -25.40
CA GLN B 36 -23.17 -15.12 -24.27
C GLN B 36 -21.81 -15.72 -24.65
N GLU B 37 -21.72 -16.31 -25.85
CA GLU B 37 -20.43 -16.88 -26.28
C GLU B 37 -19.42 -15.80 -26.59
N VAL B 38 -19.85 -14.69 -27.18
CA VAL B 38 -18.90 -13.64 -27.49
C VAL B 38 -18.39 -13.04 -26.17
N LYS B 39 -19.25 -12.99 -25.18
CA LYS B 39 -18.84 -12.52 -23.88
C LYS B 39 -17.74 -13.43 -23.31
N ASN B 40 -17.52 -14.62 -23.92
CA ASN B 40 -16.52 -15.56 -23.43
C ASN B 40 -15.04 -15.07 -23.69
N TRP B 41 -14.71 -14.22 -24.72
CA TRP B 41 -13.30 -13.68 -24.74
C TRP B 41 -13.10 -12.94 -23.42
N MET B 42 -14.16 -12.47 -22.83
CA MET B 42 -14.06 -11.78 -21.64
C MET B 42 -14.06 -12.74 -20.47
N THR B 43 -15.19 -13.43 -20.24
CA THR B 43 -15.31 -14.39 -19.12
C THR B 43 -14.05 -15.28 -19.03
N GLU B 44 -13.57 -15.68 -20.19
CA GLU B 44 -12.35 -16.46 -20.28
C GLU B 44 -11.08 -15.62 -20.44
N THR B 45 -10.98 -14.69 -21.44
CA THR B 45 -9.70 -13.93 -21.64
C THR B 45 -9.56 -12.55 -20.93
N LEU B 46 -10.46 -11.54 -21.07
CA LEU B 46 -10.18 -10.22 -20.37
C LEU B 46 -10.33 -10.40 -18.88
N LEU B 47 -11.33 -11.20 -18.51
CA LEU B 47 -11.54 -11.65 -17.13
C LEU B 47 -10.22 -12.30 -16.65
N VAL B 48 -9.37 -12.78 -17.58
CA VAL B 48 -8.07 -13.34 -17.21
C VAL B 48 -6.96 -12.27 -17.39
N GLN B 49 -7.19 -11.30 -18.29
CA GLN B 49 -6.14 -10.33 -18.61
C GLN B 49 -6.03 -9.14 -17.64
N ASN B 50 -7.03 -8.25 -17.52
CA ASN B 50 -6.88 -7.13 -16.57
C ASN B 50 -7.42 -7.40 -15.20
N ALA B 51 -7.74 -8.63 -14.94
CA ALA B 51 -8.31 -8.96 -13.69
C ALA B 51 -7.33 -9.00 -12.52
N ASN B 52 -6.44 -7.98 -12.36
CA ASN B 52 -5.48 -8.02 -11.24
C ASN B 52 -4.52 -9.14 -11.57
N PRO B 53 -3.34 -8.90 -12.08
CA PRO B 53 -2.38 -10.00 -12.48
C PRO B 53 -2.24 -11.11 -11.47
N ASP B 54 -2.65 -10.90 -10.22
CA ASP B 54 -2.63 -11.99 -9.26
C ASP B 54 -3.52 -13.10 -9.82
N CYS B 55 -4.69 -12.73 -10.32
CA CYS B 55 -5.59 -13.73 -10.82
C CYS B 55 -5.09 -14.31 -12.11
N LYS B 56 -4.15 -13.64 -12.82
CA LYS B 56 -3.69 -14.19 -14.09
C LYS B 56 -2.56 -15.16 -13.83
N THR B 57 -1.71 -14.81 -12.87
CA THR B 57 -0.65 -15.71 -12.50
C THR B 57 -1.31 -16.96 -11.89
N ILE B 58 -2.50 -16.77 -11.24
CA ILE B 58 -3.29 -17.91 -10.70
C ILE B 58 -4.00 -18.67 -11.84
N LEU B 59 -4.70 -17.92 -12.67
CA LEU B 59 -5.46 -18.48 -13.79
C LEU B 59 -4.48 -19.20 -14.73
N LYS B 60 -3.18 -18.96 -14.60
CA LYS B 60 -2.24 -19.68 -15.45
C LYS B 60 -1.98 -21.06 -14.85
N ALA B 61 -2.14 -21.17 -13.51
CA ALA B 61 -1.96 -22.46 -12.81
C ALA B 61 -3.30 -23.20 -12.75
N LEU B 62 -4.26 -22.56 -12.09
CA LEU B 62 -5.63 -23.04 -11.99
C LEU B 62 -6.14 -23.30 -13.36
N GLY B 63 -5.75 -22.42 -14.25
CA GLY B 63 -6.22 -22.50 -15.60
C GLY B 63 -7.24 -21.39 -15.76
N PRO B 64 -7.41 -20.86 -16.92
CA PRO B 64 -8.40 -19.78 -17.13
C PRO B 64 -9.79 -20.36 -17.35
N GLY B 65 -10.82 -19.57 -17.09
CA GLY B 65 -12.17 -20.00 -17.36
C GLY B 65 -12.64 -21.03 -16.38
N ALA B 66 -11.93 -21.17 -15.25
CA ALA B 66 -12.38 -22.13 -14.26
C ALA B 66 -13.76 -21.65 -13.88
N THR B 67 -14.63 -22.57 -13.57
CA THR B 67 -15.99 -22.19 -13.28
C THR B 67 -16.04 -21.13 -12.23
N LEU B 68 -17.12 -20.39 -12.24
CA LEU B 68 -17.23 -19.30 -11.33
C LEU B 68 -17.05 -19.80 -9.91
N GLU B 69 -17.38 -21.06 -9.68
CA GLU B 69 -17.17 -21.61 -8.36
C GLU B 69 -15.66 -21.83 -8.11
N GLU B 70 -14.93 -22.24 -9.18
CA GLU B 70 -13.47 -22.52 -9.10
C GLU B 70 -12.61 -21.25 -9.11
N MET B 71 -12.66 -20.44 -10.20
CA MET B 71 -11.87 -19.19 -10.23
C MET B 71 -12.22 -18.34 -9.01
N MET B 72 -13.38 -18.56 -8.41
CA MET B 72 -13.72 -17.80 -7.22
C MET B 72 -12.91 -18.27 -6.04
N THR B 73 -12.95 -19.56 -5.81
CA THR B 73 -12.23 -20.15 -4.69
C THR B 73 -10.74 -19.87 -4.82
N ALA B 74 -10.25 -19.85 -6.04
CA ALA B 74 -8.83 -19.69 -6.27
C ALA B 74 -8.42 -18.26 -6.33
N CYS B 75 -9.13 -17.50 -7.13
CA CYS B 75 -8.76 -16.12 -7.24
C CYS B 75 -9.19 -15.35 -6.01
N GLN B 76 -9.89 -15.98 -5.07
CA GLN B 76 -10.12 -15.28 -3.86
C GLN B 76 -8.74 -15.14 -3.17
N GLY B 77 -7.71 -15.96 -3.60
CA GLY B 77 -6.36 -15.81 -3.08
C GLY B 77 -5.87 -14.41 -3.47
N VAL B 78 -6.44 -13.82 -4.52
CA VAL B 78 -6.07 -12.46 -4.98
C VAL B 78 -6.34 -11.52 -3.86
N GLY B 79 -5.55 -10.38 -3.68
CA GLY B 79 -5.81 -9.68 -2.42
C GLY B 79 -4.61 -9.10 -1.76
N GLY B 80 -4.67 -7.92 -1.08
CA GLY B 80 -3.37 -7.44 -0.59
C GLY B 80 -2.75 -8.47 0.36
N PRO B 81 -3.29 -8.63 1.52
CA PRO B 81 -2.81 -9.64 2.46
C PRO B 81 -3.37 -11.03 2.10
N GLY B 82 -4.50 -11.04 1.38
CA GLY B 82 -5.14 -12.29 0.98
C GLY B 82 -4.19 -13.12 0.12
N HIS B 83 -3.45 -12.49 -0.73
CA HIS B 83 -2.55 -13.27 -1.55
C HIS B 83 -1.26 -13.46 -0.78
N LYS B 84 -0.83 -12.42 -0.04
CA LYS B 84 0.42 -12.50 0.72
C LYS B 84 0.45 -13.70 1.60
N ALA B 85 -0.69 -14.24 1.92
CA ALA B 85 -0.70 -15.42 2.74
C ALA B 85 0.10 -16.50 1.99
N ARG B 86 -0.16 -16.60 0.67
CA ARG B 86 0.52 -17.52 -0.26
C ARG B 86 1.72 -16.94 -1.14
N VAL B 87 1.43 -16.01 -2.08
CA VAL B 87 2.43 -15.53 -3.10
C VAL B 87 3.80 -15.14 -2.61
N LEU B 88 3.91 -14.62 -1.43
CA LEU B 88 5.23 -14.23 -0.99
C LEU B 88 6.16 -15.41 -0.99
N ALA B 89 5.73 -16.47 -0.37
CA ALA B 89 6.52 -17.68 -0.32
C ALA B 89 6.79 -18.20 -1.75
N GLU B 90 5.80 -18.10 -2.61
CA GLU B 90 5.93 -18.57 -3.98
C GLU B 90 7.07 -17.83 -4.73
N ALA B 91 7.06 -16.49 -4.69
CA ALA B 91 8.11 -15.72 -5.35
C ALA B 91 9.45 -16.09 -4.73
N MET B 92 9.41 -16.28 -3.44
CA MET B 92 10.59 -16.67 -2.73
C MET B 92 11.07 -18.03 -3.24
N SER B 93 10.10 -18.90 -3.57
CA SER B 93 10.46 -20.21 -4.12
C SER B 93 10.66 -20.12 -5.65
N GLN B 94 10.37 -18.95 -6.26
CA GLN B 94 10.56 -18.79 -7.73
C GLN B 94 12.01 -18.49 -8.11
N VAL B 95 12.69 -17.77 -7.26
CA VAL B 95 14.07 -17.42 -7.56
C VAL B 95 15.05 -18.49 -7.10
N THR B 96 14.73 -19.09 -5.92
CA THR B 96 15.59 -20.07 -5.28
C THR B 96 15.32 -21.57 -5.58
N ASN B 97 14.11 -22.07 -5.31
CA ASN B 97 13.88 -23.53 -5.43
C ASN B 97 13.37 -24.09 -6.77
N THR B 98 12.21 -23.64 -7.27
CA THR B 98 11.64 -24.26 -8.48
C THR B 98 11.93 -23.50 -9.76
N ALA B 99 11.81 -22.20 -9.73
CA ALA B 99 12.04 -21.39 -10.92
C ALA B 99 13.44 -20.79 -10.87
N THR B 100 14.34 -21.48 -10.19
CA THR B 100 15.69 -20.96 -10.05
C THR B 100 16.34 -20.88 -11.41
N ILE B 101 16.77 -19.67 -11.73
CA ILE B 101 17.38 -19.40 -13.02
C ILE B 101 18.90 -19.37 -12.87
N MET B 102 19.58 -20.23 -13.62
CA MET B 102 21.03 -20.30 -13.56
C MET B 102 21.65 -19.91 -14.90
N GLY C 1 1.78 25.11 -21.94
CA GLY C 1 2.22 24.54 -20.64
C GLY C 1 0.99 24.22 -19.78
N GLY C 2 0.90 22.99 -19.29
CA GLY C 2 -0.25 22.59 -18.49
C GLY C 2 -1.50 22.60 -19.37
N SER C 3 -1.31 22.43 -20.69
CA SER C 3 -2.46 22.41 -21.58
C SER C 3 -3.36 21.26 -21.12
N PRO C 4 -4.67 21.41 -21.04
CA PRO C 4 -5.49 20.30 -20.52
C PRO C 4 -5.38 19.01 -21.32
N THR C 5 -4.97 17.98 -20.60
CA THR C 5 -4.89 16.61 -21.10
C THR C 5 -4.53 16.48 -22.57
N SER C 6 -3.52 17.18 -23.01
CA SER C 6 -3.12 17.08 -24.42
C SER C 6 -2.30 15.80 -24.71
N ILE C 7 -2.14 14.91 -23.68
CA ILE C 7 -1.27 13.69 -23.70
C ILE C 7 0.07 14.08 -23.11
N LEU C 8 0.45 15.34 -23.27
CA LEU C 8 1.65 15.79 -22.69
C LEU C 8 1.58 15.56 -21.21
N ASP C 9 0.51 16.00 -20.46
CA ASP C 9 0.52 15.57 -19.10
C ASP C 9 -0.39 14.40 -18.88
N ILE C 10 -0.78 13.55 -19.91
CA ILE C 10 -1.68 12.53 -19.45
C ILE C 10 -0.83 11.56 -18.67
N ARG C 11 -1.35 10.85 -17.68
CA ARG C 11 -0.47 9.96 -16.92
C ARG C 11 -1.12 8.67 -16.45
N GLN C 12 -0.31 7.61 -16.43
CA GLN C 12 -0.77 6.30 -15.95
C GLN C 12 -0.40 6.21 -14.50
N GLY C 13 -1.36 5.89 -13.66
CA GLY C 13 -1.06 5.78 -12.24
C GLY C 13 -0.01 4.70 -12.02
N PRO C 14 0.83 4.82 -11.01
CA PRO C 14 1.86 3.79 -10.76
C PRO C 14 1.18 2.46 -10.57
N LYS C 15 0.05 2.47 -9.86
CA LYS C 15 -0.73 1.24 -9.63
C LYS C 15 -1.91 1.15 -10.61
N GLU C 16 -2.34 2.29 -11.13
CA GLU C 16 -3.48 2.32 -12.04
C GLU C 16 -3.20 1.42 -13.25
N PRO C 17 -4.11 0.57 -13.68
CA PRO C 17 -3.82 -0.29 -14.84
C PRO C 17 -3.66 0.53 -16.07
N PHE C 18 -2.72 0.09 -16.84
CA PHE C 18 -2.38 0.68 -18.12
C PHE C 18 -3.64 0.97 -18.90
N ARG C 19 -4.65 0.12 -18.75
CA ARG C 19 -5.92 0.30 -19.49
C ARG C 19 -6.75 1.48 -19.05
N ASP C 20 -6.82 1.73 -17.74
CA ASP C 20 -7.60 2.90 -17.27
C ASP C 20 -7.00 4.11 -17.96
N TYR C 21 -5.68 4.10 -17.92
CA TYR C 21 -4.84 5.10 -18.53
C TYR C 21 -4.97 5.13 -20.08
N VAL C 22 -4.97 3.98 -20.72
CA VAL C 22 -5.08 3.93 -22.18
C VAL C 22 -6.41 4.61 -22.54
N ASP C 23 -7.41 4.34 -21.72
CA ASP C 23 -8.71 4.95 -21.92
C ASP C 23 -8.63 6.48 -21.65
N ARG C 24 -7.73 6.88 -20.71
CA ARG C 24 -7.57 8.28 -20.36
C ARG C 24 -6.94 9.04 -21.52
N PHE C 25 -5.72 8.64 -21.92
CA PHE C 25 -5.06 9.33 -23.01
C PHE C 25 -5.94 9.29 -24.25
N TYR C 26 -6.53 8.16 -24.57
CA TYR C 26 -7.37 8.16 -25.74
C TYR C 26 -8.54 9.16 -25.53
N LYS C 27 -9.23 9.05 -24.39
CA LYS C 27 -10.38 9.92 -24.13
C LYS C 27 -10.01 11.38 -24.35
N THR C 28 -8.83 11.77 -23.95
CA THR C 28 -8.42 13.14 -24.16
C THR C 28 -7.75 13.36 -25.53
N LEU C 29 -7.30 12.28 -26.20
CA LEU C 29 -6.72 12.44 -27.54
C LEU C 29 -7.73 13.14 -28.44
N ARG C 30 -9.02 12.87 -28.20
CA ARG C 30 -10.08 13.54 -28.95
C ARG C 30 -10.01 15.04 -28.66
N ALA C 31 -9.73 15.40 -27.42
CA ALA C 31 -9.62 16.82 -27.09
C ALA C 31 -8.35 17.39 -27.73
N GLU C 32 -7.32 16.60 -27.81
CA GLU C 32 -6.11 17.06 -28.43
C GLU C 32 -6.32 16.95 -29.92
N GLN C 33 -6.54 18.07 -30.58
CA GLN C 33 -6.74 18.07 -32.02
C GLN C 33 -5.42 17.65 -32.66
N ALA C 34 -5.26 16.36 -32.88
CA ALA C 34 -4.02 15.83 -33.44
C ALA C 34 -4.30 14.96 -34.67
N SER C 35 -3.23 14.75 -35.45
CA SER C 35 -3.29 13.92 -36.65
C SER C 35 -3.09 12.49 -36.21
N GLN C 36 -3.48 11.52 -37.03
CA GLN C 36 -3.35 10.13 -36.57
C GLN C 36 -1.91 9.82 -36.19
N GLU C 37 -0.95 10.31 -36.97
CA GLU C 37 0.46 10.07 -36.66
C GLU C 37 0.82 10.66 -35.31
N VAL C 38 0.33 11.86 -35.07
CA VAL C 38 0.59 12.55 -33.80
C VAL C 38 -0.02 11.74 -32.67
N LYS C 39 -1.22 11.23 -32.92
CA LYS C 39 -1.90 10.38 -31.97
C LYS C 39 -1.00 9.13 -31.73
N ASN C 40 -0.12 8.79 -32.73
CA ASN C 40 0.81 7.64 -32.65
C ASN C 40 2.08 7.94 -31.76
N TRP C 41 2.50 9.23 -31.54
CA TRP C 41 3.60 9.47 -30.58
C TRP C 41 2.96 9.22 -29.26
N MET C 42 1.67 9.72 -29.14
CA MET C 42 0.86 9.61 -27.89
C MET C 42 0.61 8.14 -27.52
N THR C 43 0.32 7.29 -28.50
CA THR C 43 0.07 5.88 -28.22
C THR C 43 1.34 5.06 -28.14
N GLU C 44 2.32 5.40 -28.94
CA GLU C 44 3.55 4.62 -28.93
C GLU C 44 4.51 5.14 -27.89
N THR C 45 4.92 6.38 -28.08
CA THR C 45 5.94 7.00 -27.26
C THR C 45 5.47 7.72 -25.94
N LEU C 46 4.23 8.28 -25.83
CA LEU C 46 3.84 8.89 -24.54
C LEU C 46 3.31 7.79 -23.74
N LEU C 47 2.54 6.91 -24.43
CA LEU C 47 2.02 5.75 -23.78
C LEU C 47 3.25 4.96 -23.26
N VAL C 48 4.47 5.16 -23.88
CA VAL C 48 5.73 4.55 -23.40
C VAL C 48 6.51 5.44 -22.40
N GLN C 49 6.41 6.79 -22.53
CA GLN C 49 7.21 7.73 -21.68
C GLN C 49 6.68 8.01 -20.25
N ASN C 50 5.43 8.45 -20.09
CA ASN C 50 4.90 8.75 -18.73
C ASN C 50 3.96 7.70 -18.20
N ALA C 51 3.70 6.70 -18.95
CA ALA C 51 2.75 5.76 -18.53
C ALA C 51 3.20 4.80 -17.44
N ASN C 52 3.82 5.28 -16.36
CA ASN C 52 4.07 4.36 -15.23
C ASN C 52 5.03 3.17 -15.60
N PRO C 53 6.28 3.11 -15.11
CA PRO C 53 7.27 2.04 -15.51
C PRO C 53 6.70 0.64 -15.66
N ASP C 54 5.62 0.33 -14.98
CA ASP C 54 5.04 -0.99 -15.12
C ASP C 54 4.73 -1.23 -16.58
N CYS C 55 4.11 -0.27 -17.25
CA CYS C 55 3.85 -0.50 -18.66
C CYS C 55 5.03 0.03 -19.50
N LYS C 56 5.84 0.93 -18.98
CA LYS C 56 6.93 1.33 -19.84
C LYS C 56 7.85 0.14 -19.98
N THR C 57 8.45 -0.30 -18.85
CA THR C 57 9.39 -1.43 -18.89
C THR C 57 8.80 -2.62 -19.71
N ILE C 58 7.49 -2.92 -19.54
CA ILE C 58 6.86 -3.98 -20.37
C ILE C 58 6.87 -3.61 -21.84
N LEU C 59 6.44 -2.39 -22.10
CA LEU C 59 6.38 -1.88 -23.46
C LEU C 59 7.76 -2.02 -24.05
N LYS C 60 8.79 -1.89 -23.20
CA LYS C 60 10.21 -2.02 -23.62
C LYS C 60 10.61 -3.49 -23.78
N ALA C 61 9.92 -4.35 -23.06
CA ALA C 61 10.18 -5.78 -23.15
C ALA C 61 9.67 -6.32 -24.47
N LEU C 62 8.46 -5.89 -24.85
CA LEU C 62 7.88 -6.38 -26.10
C LEU C 62 8.59 -5.73 -27.28
N GLY C 63 8.63 -4.43 -27.16
CA GLY C 63 9.20 -3.53 -28.15
C GLY C 63 8.35 -2.26 -28.05
N PRO C 64 8.87 -1.08 -27.74
CA PRO C 64 8.01 0.12 -27.54
C PRO C 64 7.03 0.38 -28.67
N GLY C 65 5.77 0.64 -28.29
CA GLY C 65 4.72 0.94 -29.28
C GLY C 65 4.12 -0.32 -29.89
N ALA C 66 4.31 -1.45 -29.24
CA ALA C 66 3.73 -2.72 -29.71
C ALA C 66 2.23 -2.50 -29.91
N THR C 67 1.56 -3.37 -30.62
CA THR C 67 0.14 -3.13 -30.87
C THR C 67 -0.67 -2.89 -29.59
N LEU C 68 -1.70 -2.08 -29.71
CA LEU C 68 -2.49 -1.77 -28.54
C LEU C 68 -3.01 -3.06 -27.89
N GLU C 69 -3.08 -4.14 -28.65
CA GLU C 69 -3.45 -5.41 -28.09
C GLU C 69 -2.24 -6.04 -27.38
N GLU C 70 -1.04 -5.93 -27.99
CA GLU C 70 0.19 -6.53 -27.41
C GLU C 70 0.73 -5.79 -26.17
N MET C 71 0.89 -4.47 -26.28
CA MET C 71 1.37 -3.70 -25.13
C MET C 71 0.42 -3.91 -24.01
N MET C 72 -0.91 -3.97 -24.30
CA MET C 72 -1.89 -4.16 -23.24
C MET C 72 -2.06 -5.63 -22.79
N THR C 73 -1.89 -6.59 -23.66
CA THR C 73 -2.03 -7.95 -23.18
C THR C 73 -0.93 -8.17 -22.16
N ALA C 74 0.24 -7.59 -22.47
CA ALA C 74 1.39 -7.71 -21.59
C ALA C 74 1.29 -6.70 -20.47
N CYS C 75 0.66 -5.56 -20.76
CA CYS C 75 0.53 -4.57 -19.73
C CYS C 75 -0.67 -4.76 -18.89
N GLN C 76 -1.47 -5.78 -19.12
CA GLN C 76 -2.49 -6.00 -18.14
C GLN C 76 -1.75 -6.54 -16.89
N GLY C 77 -0.44 -6.96 -17.03
CA GLY C 77 0.37 -7.32 -15.89
C GLY C 77 0.61 -6.05 -14.99
N VAL C 78 0.28 -4.84 -15.50
CA VAL C 78 0.56 -3.48 -14.82
C VAL C 78 -0.09 -3.31 -13.48
N GLY C 79 0.42 -2.34 -12.58
CA GLY C 79 -0.20 -2.33 -11.27
C GLY C 79 0.83 -2.60 -10.23
N GLY C 80 0.70 -2.15 -8.97
CA GLY C 80 1.81 -2.55 -8.13
C GLY C 80 1.68 -4.03 -7.94
N PRO C 81 0.68 -4.46 -7.20
CA PRO C 81 0.32 -5.91 -6.95
C PRO C 81 0.12 -6.68 -8.22
N GLY C 82 0.00 -6.00 -9.32
CA GLY C 82 -0.15 -6.69 -10.55
C GLY C 82 1.20 -7.07 -11.14
N HIS C 83 2.00 -6.07 -11.43
CA HIS C 83 3.29 -6.31 -12.08
C HIS C 83 4.22 -7.09 -11.20
N LYS C 84 4.19 -6.81 -9.92
CA LYS C 84 5.06 -7.53 -9.01
C LYS C 84 4.88 -9.03 -9.13
N ALA C 85 3.67 -9.43 -9.62
CA ALA C 85 3.30 -10.83 -9.80
C ALA C 85 4.49 -11.52 -10.41
N ARG C 86 4.96 -10.90 -11.50
CA ARG C 86 6.15 -11.32 -12.20
C ARG C 86 7.42 -10.57 -11.68
N VAL C 87 7.34 -9.23 -11.80
CA VAL C 87 8.42 -8.29 -11.48
C VAL C 87 9.09 -8.46 -10.12
N LEU C 88 8.34 -8.72 -9.04
CA LEU C 88 8.99 -8.90 -7.71
C LEU C 88 10.09 -9.96 -7.85
N ALA C 89 9.74 -11.08 -8.47
CA ALA C 89 10.71 -12.13 -8.72
C ALA C 89 11.81 -11.60 -9.66
N GLU C 90 11.44 -10.68 -10.58
CA GLU C 90 12.43 -10.12 -11.56
C GLU C 90 13.53 -9.24 -10.90
N ALA C 91 13.16 -8.20 -10.11
CA ALA C 91 14.21 -7.35 -9.45
C ALA C 91 15.04 -8.26 -8.55
N MET C 92 14.32 -9.20 -7.93
CA MET C 92 14.96 -10.18 -7.07
C MET C 92 16.08 -10.94 -7.83
N SER C 93 15.95 -11.04 -9.15
CA SER C 93 16.98 -11.74 -9.91
C SER C 93 17.97 -10.73 -10.50
N GLN C 94 17.64 -9.42 -10.45
CA GLN C 94 18.57 -8.42 -10.93
C GLN C 94 19.76 -8.39 -9.98
N VAL C 95 19.56 -8.81 -8.72
CA VAL C 95 20.65 -8.83 -7.79
C VAL C 95 21.35 -10.20 -7.83
N THR C 96 20.57 -11.27 -7.99
CA THR C 96 21.15 -12.61 -7.94
C THR C 96 21.56 -13.26 -9.27
N ASN C 97 20.63 -13.46 -10.21
CA ASN C 97 20.97 -14.22 -11.43
C ASN C 97 21.42 -13.48 -12.69
N THR C 98 20.59 -12.59 -13.24
CA THR C 98 20.94 -11.99 -14.54
C THR C 98 21.59 -10.61 -14.48
N ALA C 99 21.09 -9.73 -13.64
CA ALA C 99 21.66 -8.39 -13.56
C ALA C 99 22.65 -8.29 -12.41
N THR C 100 23.24 -9.42 -12.05
CA THR C 100 24.18 -9.40 -10.94
C THR C 100 25.39 -8.59 -11.35
N ILE C 101 25.52 -7.45 -10.66
CA ILE C 101 26.58 -6.50 -10.94
C ILE C 101 27.90 -6.95 -10.30
N MET C 102 28.97 -6.91 -11.08
CA MET C 102 30.28 -7.31 -10.56
C MET C 102 31.34 -6.28 -10.92
N GLY D 1 7.27 33.35 5.59
CA GLY D 1 7.76 31.95 5.64
C GLY D 1 6.58 30.99 5.77
N GLY D 2 6.60 29.91 5.00
CA GLY D 2 5.49 28.95 5.05
C GLY D 2 4.26 29.53 4.38
N SER D 3 4.45 30.59 3.56
CA SER D 3 3.31 31.15 2.86
C SER D 3 2.77 30.01 2.03
N PRO D 4 1.53 29.98 1.70
CA PRO D 4 0.95 28.82 0.96
C PRO D 4 1.78 28.44 -0.26
N THR D 5 2.24 27.20 -0.23
CA THR D 5 2.99 26.62 -1.34
C THR D 5 3.97 27.58 -2.04
N SER D 6 4.97 28.00 -1.29
CA SER D 6 5.98 28.89 -1.81
C SER D 6 7.14 28.10 -2.45
N ILE D 7 6.99 26.71 -2.57
CA ILE D 7 8.08 25.80 -3.04
C ILE D 7 8.96 25.36 -1.88
N LEU D 8 9.14 26.28 -0.94
CA LEU D 8 9.83 26.08 0.28
C LEU D 8 9.32 24.79 0.86
N ASP D 9 7.97 24.56 0.88
CA ASP D 9 7.54 23.23 1.26
C ASP D 9 6.72 22.48 0.16
N ILE D 10 6.87 22.69 -1.20
CA ILE D 10 5.82 22.02 -1.97
C ILE D 10 5.89 20.46 -1.80
N ARG D 11 4.80 19.68 -2.01
CA ARG D 11 4.84 18.22 -1.64
C ARG D 11 4.47 17.22 -2.69
N GLN D 12 5.40 16.28 -2.88
CA GLN D 12 5.14 15.15 -3.73
C GLN D 12 4.80 14.01 -2.81
N GLY D 13 3.64 13.48 -2.97
CA GLY D 13 3.25 12.35 -2.16
C GLY D 13 3.95 11.08 -2.62
N PRO D 14 4.16 10.11 -1.77
CA PRO D 14 4.81 8.85 -2.19
C PRO D 14 4.02 8.25 -3.34
N LYS D 15 2.69 8.44 -3.27
CA LYS D 15 1.77 7.94 -4.28
C LYS D 15 1.63 8.92 -5.46
N GLU D 16 2.02 10.16 -5.25
CA GLU D 16 1.91 11.17 -6.31
C GLU D 16 3.06 11.05 -7.33
N PRO D 17 2.82 10.83 -8.61
CA PRO D 17 3.95 10.75 -9.59
C PRO D 17 4.68 12.09 -9.74
N PHE D 18 5.93 12.01 -10.22
CA PHE D 18 6.79 13.18 -10.38
C PHE D 18 6.16 14.22 -11.27
N ARG D 19 5.71 13.83 -12.44
CA ARG D 19 5.09 14.79 -13.33
C ARG D 19 3.93 15.50 -12.64
N ASP D 20 3.15 14.76 -11.83
CA ASP D 20 1.98 15.36 -11.17
C ASP D 20 2.36 16.39 -10.13
N TYR D 21 3.11 15.96 -9.14
CA TYR D 21 3.54 16.87 -8.09
C TYR D 21 4.29 18.02 -8.72
N VAL D 22 5.08 17.70 -9.72
CA VAL D 22 5.80 18.72 -10.39
C VAL D 22 4.84 19.79 -10.88
N ASP D 23 3.63 19.39 -11.23
CA ASP D 23 2.62 20.35 -11.69
C ASP D 23 2.21 21.23 -10.49
N ARG D 24 2.20 20.60 -9.27
CA ARG D 24 1.88 21.30 -8.03
C ARG D 24 2.98 22.28 -7.69
N PHE D 25 4.19 22.04 -8.19
CA PHE D 25 5.30 22.92 -7.91
C PHE D 25 5.27 24.06 -8.91
N TYR D 26 5.12 23.74 -10.17
CA TYR D 26 5.06 24.76 -11.18
C TYR D 26 3.88 25.68 -10.97
N LYS D 27 2.75 25.09 -10.65
CA LYS D 27 1.50 25.84 -10.49
C LYS D 27 1.57 26.81 -9.34
N THR D 28 2.10 26.35 -8.21
CA THR D 28 2.16 27.25 -7.11
C THR D 28 3.21 28.32 -7.33
N LEU D 29 4.24 28.01 -8.12
CA LEU D 29 5.26 29.01 -8.40
C LEU D 29 4.59 30.25 -9.01
N ARG D 30 3.58 30.04 -9.90
CA ARG D 30 2.80 31.18 -10.48
C ARG D 30 2.07 31.91 -9.31
N ALA D 31 1.63 31.08 -8.35
CA ALA D 31 0.98 31.56 -7.12
C ALA D 31 2.00 32.30 -6.23
N GLU D 32 3.31 32.05 -6.46
CA GLU D 32 4.43 32.68 -5.71
C GLU D 32 4.96 33.80 -6.55
N GLN D 33 5.53 34.83 -5.93
CA GLN D 33 6.09 35.92 -6.72
C GLN D 33 7.60 35.73 -6.91
N ALA D 34 7.99 35.03 -7.98
CA ALA D 34 9.41 34.76 -8.22
C ALA D 34 9.86 35.01 -9.65
N SER D 35 11.06 35.58 -9.75
CA SER D 35 11.67 35.78 -11.04
C SER D 35 11.93 34.40 -11.61
N GLN D 36 12.05 34.29 -12.90
CA GLN D 36 12.24 32.99 -13.50
C GLN D 36 13.52 32.31 -13.00
N GLU D 37 14.65 33.02 -13.00
CA GLU D 37 15.91 32.40 -12.57
C GLU D 37 15.77 31.90 -11.15
N VAL D 38 15.06 32.65 -10.32
CA VAL D 38 14.85 32.21 -8.97
C VAL D 38 14.10 30.89 -9.03
N LYS D 39 12.98 30.89 -9.82
CA LYS D 39 12.14 29.68 -9.98
C LYS D 39 12.99 28.55 -10.49
N ASN D 40 14.00 28.87 -11.25
CA ASN D 40 14.86 27.84 -11.76
C ASN D 40 15.45 27.06 -10.59
N TRP D 41 15.89 27.74 -9.53
CA TRP D 41 16.38 26.98 -8.39
C TRP D 41 15.21 26.23 -7.82
N MET D 42 14.01 26.83 -7.89
CA MET D 42 12.80 26.22 -7.28
C MET D 42 12.46 24.91 -8.01
N THR D 43 12.86 24.82 -9.27
CA THR D 43 12.61 23.62 -10.06
C THR D 43 13.76 22.62 -9.92
N GLU D 44 15.00 23.15 -9.84
CA GLU D 44 16.23 22.32 -9.85
C GLU D 44 16.56 21.58 -8.57
N THR D 45 16.78 22.34 -7.49
CA THR D 45 17.11 21.73 -6.23
C THR D 45 15.87 21.53 -5.34
N LEU D 46 14.96 22.55 -5.19
CA LEU D 46 13.80 22.34 -4.31
C LEU D 46 13.10 21.07 -4.77
N LEU D 47 12.81 20.96 -6.06
CA LEU D 47 12.15 19.76 -6.58
C LEU D 47 12.82 18.48 -6.02
N VAL D 48 14.12 18.55 -5.72
CA VAL D 48 14.84 17.39 -5.13
C VAL D 48 14.47 17.13 -3.65
N GLN D 49 14.54 18.22 -2.86
CA GLN D 49 14.42 18.14 -1.39
C GLN D 49 13.05 17.85 -0.78
N ASN D 50 11.96 18.06 -1.50
CA ASN D 50 10.62 17.87 -0.89
C ASN D 50 9.69 16.98 -1.68
N ALA D 51 10.20 16.41 -2.74
CA ALA D 51 9.37 15.67 -3.62
C ALA D 51 9.56 14.20 -3.69
N ASN D 52 9.03 13.44 -2.72
CA ASN D 52 9.10 12.01 -2.84
C ASN D 52 10.56 11.53 -2.79
N PRO D 53 11.07 10.98 -1.71
CA PRO D 53 12.50 10.52 -1.61
C PRO D 53 13.01 9.78 -2.85
N ASP D 54 12.12 9.24 -3.67
CA ASP D 54 12.55 8.61 -4.89
C ASP D 54 13.29 9.64 -5.75
N CYS D 55 12.73 10.84 -5.83
CA CYS D 55 13.36 11.86 -6.61
C CYS D 55 14.56 12.40 -5.79
N LYS D 56 14.55 12.21 -4.46
CA LYS D 56 15.62 12.77 -3.66
C LYS D 56 16.91 11.99 -3.85
N THR D 57 16.73 10.70 -3.95
CA THR D 57 17.82 9.84 -4.18
C THR D 57 18.20 9.87 -5.68
N ILE D 58 17.19 10.01 -6.59
CA ILE D 58 17.46 10.08 -8.06
C ILE D 58 18.11 11.36 -8.50
N LEU D 59 17.50 12.46 -8.12
CA LEU D 59 18.01 13.74 -8.57
C LEU D 59 19.49 13.85 -8.14
N LYS D 60 19.88 13.11 -7.08
CA LYS D 60 21.28 13.07 -6.64
C LYS D 60 22.12 12.41 -7.74
N ALA D 61 21.59 11.33 -8.33
CA ALA D 61 22.29 10.61 -9.45
C ALA D 61 22.31 11.42 -10.78
N LEU D 62 21.16 11.98 -11.11
CA LEU D 62 21.02 12.80 -12.31
C LEU D 62 21.79 14.13 -12.10
N GLY D 63 22.01 14.50 -10.82
CA GLY D 63 22.65 15.76 -10.49
C GLY D 63 21.51 16.77 -10.27
N PRO D 64 21.59 17.69 -9.32
CA PRO D 64 20.48 18.66 -9.08
C PRO D 64 20.32 19.67 -10.22
N GLY D 65 19.25 19.50 -11.00
CA GLY D 65 19.00 20.40 -12.12
C GLY D 65 19.18 19.73 -13.48
N ALA D 66 19.14 18.41 -13.50
CA ALA D 66 19.19 17.73 -14.78
C ALA D 66 17.96 18.23 -15.50
N THR D 67 18.03 18.53 -16.81
CA THR D 67 16.88 19.13 -17.49
C THR D 67 15.62 18.38 -17.22
N LEU D 68 14.57 19.14 -17.03
CA LEU D 68 13.29 18.56 -16.69
C LEU D 68 12.94 17.39 -17.60
N GLU D 69 13.42 17.41 -18.84
CA GLU D 69 13.14 16.31 -19.77
C GLU D 69 13.92 15.07 -19.31
N GLU D 70 15.16 15.27 -18.88
CA GLU D 70 15.91 14.13 -18.37
C GLU D 70 15.28 13.66 -17.06
N MET D 71 15.11 14.58 -16.08
CA MET D 71 14.54 14.23 -14.78
C MET D 71 13.14 13.71 -14.95
N MET D 72 12.43 14.12 -15.98
CA MET D 72 11.09 13.59 -16.15
C MET D 72 11.18 12.09 -16.39
N THR D 73 12.06 11.70 -17.29
CA THR D 73 12.21 10.30 -17.57
C THR D 73 12.77 9.58 -16.35
N ALA D 74 13.79 10.16 -15.74
CA ALA D 74 14.47 9.57 -14.58
C ALA D 74 13.57 9.53 -13.35
N CYS D 75 12.63 10.45 -13.29
CA CYS D 75 11.71 10.54 -12.18
C CYS D 75 10.37 9.91 -12.54
N GLN D 76 10.15 9.56 -13.81
CA GLN D 76 8.96 8.82 -14.17
C GLN D 76 9.06 7.46 -13.48
N GLY D 77 10.29 7.05 -13.06
CA GLY D 77 10.45 5.82 -12.34
C GLY D 77 9.75 5.91 -10.96
N VAL D 78 9.52 7.15 -10.47
CA VAL D 78 8.91 7.45 -9.14
C VAL D 78 7.53 6.86 -9.04
N GLY D 79 7.05 6.47 -7.80
CA GLY D 79 5.77 5.73 -7.83
C GLY D 79 6.12 4.33 -7.41
N GLY D 80 5.53 3.75 -6.39
CA GLY D 80 6.14 2.47 -6.02
C GLY D 80 6.10 1.38 -7.10
N PRO D 81 4.93 0.99 -7.55
CA PRO D 81 4.74 -0.05 -8.62
C PRO D 81 5.76 0.01 -9.74
N GLY D 82 6.24 1.22 -10.03
CA GLY D 82 7.29 1.40 -11.02
C GLY D 82 8.69 1.42 -10.35
N HIS D 83 8.86 2.38 -9.43
CA HIS D 83 10.15 2.64 -8.75
C HIS D 83 10.59 1.47 -7.92
N LYS D 84 9.74 1.01 -7.05
CA LYS D 84 10.09 -0.08 -6.17
C LYS D 84 10.55 -1.26 -6.97
N ALA D 85 10.14 -1.35 -8.22
CA ALA D 85 10.61 -2.47 -9.02
C ALA D 85 12.13 -2.41 -9.08
N ARG D 86 12.66 -1.19 -9.26
CA ARG D 86 14.11 -0.95 -9.38
C ARG D 86 14.80 -0.77 -8.00
N VAL D 87 14.25 0.12 -7.23
CA VAL D 87 14.78 0.42 -5.91
C VAL D 87 14.91 -0.85 -5.12
N LEU D 88 14.05 -1.82 -5.41
CA LEU D 88 14.11 -3.14 -4.73
C LEU D 88 15.42 -3.82 -5.12
N ALA D 89 15.69 -3.88 -6.41
CA ALA D 89 16.92 -4.49 -6.87
C ALA D 89 18.10 -3.76 -6.24
N GLU D 90 17.91 -2.45 -5.99
CA GLU D 90 18.97 -1.61 -5.42
C GLU D 90 19.17 -1.93 -3.93
N ALA D 91 18.09 -2.06 -3.17
CA ALA D 91 18.23 -2.37 -1.74
C ALA D 91 18.82 -3.76 -1.62
N MET D 92 18.35 -4.62 -2.49
CA MET D 92 18.81 -5.98 -2.54
C MET D 92 20.26 -6.04 -3.01
N SER D 93 20.60 -5.18 -3.96
CA SER D 93 21.98 -5.16 -4.49
C SER D 93 22.91 -4.27 -3.66
N GLN D 94 22.36 -3.50 -2.70
CA GLN D 94 23.16 -2.65 -1.82
C GLN D 94 23.56 -3.44 -0.59
N VAL D 95 22.81 -4.47 -0.25
CA VAL D 95 23.16 -5.24 0.90
C VAL D 95 24.14 -6.35 0.52
N THR D 96 23.93 -6.96 -0.66
CA THR D 96 24.79 -8.06 -1.07
C THR D 96 26.00 -7.69 -1.95
N ASN D 97 25.78 -7.17 -3.16
CA ASN D 97 26.90 -6.91 -4.08
C ASN D 97 27.49 -5.49 -4.18
N THR D 98 26.66 -4.54 -4.62
CA THR D 98 27.14 -3.17 -4.90
C THR D 98 27.52 -2.32 -3.70
N ALA D 99 26.73 -2.35 -2.65
CA ALA D 99 26.99 -1.51 -1.48
C ALA D 99 27.15 -2.33 -0.22
N THR D 100 27.60 -3.57 -0.33
CA THR D 100 27.73 -4.37 0.87
C THR D 100 28.79 -3.73 1.74
N ILE D 101 28.33 -3.20 2.86
CA ILE D 101 29.19 -2.50 3.79
C ILE D 101 29.90 -3.49 4.71
N MET D 102 31.19 -3.27 4.91
CA MET D 102 31.98 -4.17 5.77
C MET D 102 32.73 -3.37 6.83
N GLY E 1 -8.67 21.08 30.15
CA GLY E 1 -7.24 20.73 30.34
C GLY E 1 -6.84 19.68 29.30
N GLY E 2 -5.83 20.00 28.49
CA GLY E 2 -5.40 19.06 27.48
C GLY E 2 -6.54 18.86 26.49
N SER E 3 -7.15 19.98 26.12
CA SER E 3 -8.26 19.97 25.19
C SER E 3 -7.85 19.24 23.92
N PRO E 4 -8.79 18.70 23.17
CA PRO E 4 -8.47 17.94 21.94
C PRO E 4 -7.54 18.74 21.01
N THR E 5 -6.50 18.07 20.53
CA THR E 5 -5.53 18.70 19.62
C THR E 5 -4.95 19.99 20.20
N SER E 6 -4.48 19.89 21.43
CA SER E 6 -3.81 21.00 22.08
C SER E 6 -2.26 20.86 22.06
N ILE E 7 -1.74 19.78 21.42
CA ILE E 7 -0.28 19.44 21.43
C ILE E 7 0.01 18.55 22.66
N LEU E 8 -0.93 17.71 22.93
CA LEU E 8 -0.80 16.71 23.96
C LEU E 8 -0.52 15.43 23.29
N ASP E 9 -1.40 15.15 22.28
CA ASP E 9 -1.15 14.04 21.50
C ASP E 9 -1.05 14.40 20.04
N ILE E 10 -0.46 15.58 19.55
CA ILE E 10 -0.77 15.74 18.12
C ILE E 10 -0.13 14.60 17.26
N ARG E 11 -0.98 13.68 16.74
CA ARG E 11 -0.49 12.49 16.03
C ARG E 11 -0.29 12.63 14.54
N GLN E 12 0.78 11.98 14.06
CA GLN E 12 1.08 11.96 12.61
C GLN E 12 0.72 10.66 11.99
N GLY E 13 0.06 10.74 10.86
CA GLY E 13 -0.30 9.54 10.20
C GLY E 13 0.97 8.78 9.79
N PRO E 14 0.98 7.45 9.78
CA PRO E 14 2.18 6.68 9.33
C PRO E 14 2.52 7.03 7.88
N LYS E 15 1.45 7.08 7.07
CA LYS E 15 1.55 7.45 5.65
C LYS E 15 1.41 8.98 5.48
N GLU E 16 1.03 9.69 6.55
CA GLU E 16 0.92 11.12 6.47
C GLU E 16 2.35 11.67 6.52
N PRO E 17 2.87 12.29 5.48
CA PRO E 17 4.27 12.80 5.54
C PRO E 17 4.44 13.98 6.51
N PHE E 18 5.72 14.21 6.86
CA PHE E 18 6.16 15.31 7.73
C PHE E 18 5.68 16.67 7.23
N ARG E 19 5.23 16.75 6.00
CA ARG E 19 4.78 18.02 5.48
C ARG E 19 3.31 18.35 5.83
N ASP E 20 2.45 17.33 5.94
CA ASP E 20 1.02 17.58 6.24
C ASP E 20 0.73 17.64 7.74
N TYR E 21 1.12 16.62 8.45
CA TYR E 21 0.89 16.56 9.90
C TYR E 21 1.57 17.72 10.59
N VAL E 22 2.76 18.03 10.18
CA VAL E 22 3.44 19.14 10.82
C VAL E 22 2.57 20.39 10.51
N ASP E 23 2.02 20.43 9.32
CA ASP E 23 1.17 21.55 9.01
C ASP E 23 -0.02 21.47 9.99
N ARG E 24 -0.45 20.22 10.33
CA ARG E 24 -1.59 20.07 11.26
C ARG E 24 -1.28 20.60 12.65
N PHE E 25 -0.16 20.18 13.25
CA PHE E 25 0.15 20.62 14.61
C PHE E 25 0.46 22.10 14.66
N TYR E 26 0.87 22.67 13.51
CA TYR E 26 1.16 24.11 13.44
C TYR E 26 -0.14 24.88 13.43
N LYS E 27 -1.07 24.39 12.58
CA LYS E 27 -2.40 24.94 12.45
C LYS E 27 -3.18 24.77 13.75
N THR E 28 -2.95 23.64 14.42
CA THR E 28 -3.64 23.37 15.65
C THR E 28 -2.90 24.05 16.78
N LEU E 29 -1.57 24.30 16.65
CA LEU E 29 -0.91 24.98 17.77
C LEU E 29 -1.63 26.32 17.97
N ARG E 30 -2.20 26.89 16.87
CA ARG E 30 -3.00 28.14 16.96
C ARG E 30 -4.18 27.86 17.89
N ALA E 31 -4.73 26.67 17.72
CA ALA E 31 -5.82 26.21 18.56
C ALA E 31 -5.32 26.09 20.00
N GLU E 32 -4.02 25.85 20.15
CA GLU E 32 -3.44 25.76 21.47
C GLU E 32 -2.93 27.14 21.92
N GLN E 33 -3.63 27.74 22.85
CA GLN E 33 -3.20 29.03 23.34
C GLN E 33 -1.87 28.83 24.07
N ALA E 34 -0.74 29.04 23.34
CA ALA E 34 0.60 28.86 23.94
C ALA E 34 1.50 30.09 23.78
N SER E 35 2.47 30.18 24.67
CA SER E 35 3.45 31.24 24.66
C SER E 35 4.33 31.04 23.44
N GLN E 36 4.81 32.14 22.86
CA GLN E 36 5.61 32.02 21.66
C GLN E 36 6.77 31.06 21.92
N GLU E 37 7.37 31.14 23.11
CA GLU E 37 8.43 30.21 23.47
C GLU E 37 7.85 28.82 23.71
N VAL E 38 6.63 28.74 24.30
CA VAL E 38 6.03 27.45 24.59
C VAL E 38 5.83 26.63 23.31
N LYS E 39 5.30 27.24 22.29
CA LYS E 39 5.09 26.52 21.06
C LYS E 39 6.42 26.03 20.50
N ASN E 40 7.51 26.71 20.87
CA ASN E 40 8.82 26.35 20.35
C ASN E 40 9.40 25.05 20.93
N TRP E 41 9.50 24.90 22.25
CA TRP E 41 10.00 23.61 22.72
C TRP E 41 8.95 22.54 22.24
N MET E 42 7.65 22.96 22.12
CA MET E 42 6.54 22.05 21.64
C MET E 42 6.80 21.46 20.21
N THR E 43 7.21 22.29 19.26
CA THR E 43 7.46 21.77 17.91
C THR E 43 8.78 20.98 17.87
N GLU E 44 9.85 21.51 18.40
CA GLU E 44 11.10 20.73 18.34
C GLU E 44 10.94 19.37 19.05
N THR E 45 10.36 19.38 20.27
CA THR E 45 10.18 18.14 21.04
C THR E 45 8.83 17.41 20.81
N LEU E 46 7.69 18.09 21.08
CA LEU E 46 6.38 17.42 21.01
C LEU E 46 6.00 16.98 19.60
N LEU E 47 6.57 17.62 18.57
CA LEU E 47 6.30 17.20 17.20
C LEU E 47 6.91 15.83 17.00
N VAL E 48 8.18 15.75 17.38
CA VAL E 48 8.98 14.58 17.23
C VAL E 48 8.42 13.41 18.04
N GLN E 49 8.06 13.67 19.28
CA GLN E 49 7.61 12.56 20.13
C GLN E 49 6.40 11.75 19.64
N ASN E 50 5.33 12.40 19.17
CA ASN E 50 4.13 11.65 18.77
C ASN E 50 3.95 11.49 17.24
N ALA E 51 5.04 11.71 16.44
CA ALA E 51 4.86 11.76 14.97
C ALA E 51 5.74 10.89 14.05
N ASN E 52 5.06 10.05 13.22
CA ASN E 52 5.68 9.24 12.16
C ASN E 52 7.06 8.73 12.54
N PRO E 53 7.21 7.53 13.08
CA PRO E 53 8.55 6.99 13.48
C PRO E 53 9.61 7.22 12.41
N ASP E 54 9.19 7.40 11.12
CA ASP E 54 10.16 7.68 10.04
C ASP E 54 10.72 9.09 10.20
N CYS E 55 9.84 10.03 10.52
CA CYS E 55 10.29 11.42 10.70
C CYS E 55 10.88 11.56 12.08
N LYS E 56 10.40 10.74 13.02
CA LYS E 56 10.92 10.78 14.35
C LYS E 56 12.30 10.18 14.38
N THR E 57 12.52 9.14 13.55
CA THR E 57 13.83 8.46 13.54
C THR E 57 14.88 9.39 12.92
N ILE E 58 14.43 10.21 11.99
CA ILE E 58 15.28 11.18 11.35
C ILE E 58 15.52 12.35 12.26
N LEU E 59 14.43 12.83 12.84
CA LEU E 59 14.47 13.96 13.72
C LEU E 59 15.57 13.74 14.75
N LYS E 60 15.75 12.48 15.19
CA LYS E 60 16.82 12.19 16.14
C LYS E 60 18.19 12.27 15.46
N ALA E 61 18.24 11.75 14.22
CA ALA E 61 19.48 11.71 13.42
C ALA E 61 20.01 13.11 13.10
N LEU E 62 19.16 14.00 12.64
CA LEU E 62 19.61 15.33 12.39
C LEU E 62 20.07 15.86 13.70
N GLY E 63 19.31 15.48 14.76
CA GLY E 63 19.58 15.93 16.11
C GLY E 63 18.82 17.26 16.29
N PRO E 64 18.27 17.55 17.44
CA PRO E 64 17.51 18.82 17.64
C PRO E 64 18.31 20.05 17.19
N GLY E 65 17.65 21.19 17.10
CA GLY E 65 18.32 22.40 16.66
C GLY E 65 18.25 22.59 15.14
N ALA E 66 17.76 21.56 14.42
CA ALA E 66 17.62 21.66 12.99
C ALA E 66 16.56 22.68 12.67
N THR E 67 16.82 23.58 11.73
CA THR E 67 15.81 24.53 11.39
C THR E 67 14.60 23.78 10.95
N LEU E 68 13.44 24.41 11.02
CA LEU E 68 12.23 23.72 10.64
C LEU E 68 12.35 23.26 9.22
N GLU E 69 12.98 24.12 8.38
CA GLU E 69 13.23 23.78 7.01
C GLU E 69 14.09 22.53 7.03
N GLU E 70 15.04 22.45 7.98
CA GLU E 70 15.88 21.27 8.07
C GLU E 70 15.09 20.05 8.53
N MET E 71 14.16 20.17 9.50
CA MET E 71 13.38 19.00 9.95
C MET E 71 12.57 18.51 8.77
N MET E 72 12.07 19.48 8.01
CA MET E 72 11.30 19.21 6.83
C MET E 72 12.13 18.46 5.80
N THR E 73 13.32 18.97 5.53
CA THR E 73 14.22 18.37 4.54
C THR E 73 14.64 17.00 4.97
N ALA E 74 14.88 16.85 6.26
CA ALA E 74 15.30 15.58 6.79
C ALA E 74 14.24 14.56 6.61
N CYS E 75 13.09 14.96 7.15
CA CYS E 75 11.91 14.17 7.18
C CYS E 75 11.30 14.08 5.80
N GLN E 76 11.76 14.84 4.85
CA GLN E 76 11.21 14.62 3.54
C GLN E 76 11.61 13.20 3.08
N GLY E 77 12.66 12.60 3.74
CA GLY E 77 13.03 11.22 3.47
C GLY E 77 11.87 10.25 3.86
N VAL E 78 11.00 10.70 4.77
CA VAL E 78 9.78 9.95 5.33
C VAL E 78 8.84 9.55 4.22
N GLY E 79 7.91 8.49 4.41
CA GLY E 79 7.16 8.11 3.22
C GLY E 79 7.05 6.63 2.99
N GLY E 80 6.01 6.07 2.34
CA GLY E 80 6.07 4.63 2.30
C GLY E 80 7.21 4.27 1.39
N PRO E 81 7.06 4.43 0.12
CA PRO E 81 8.17 4.25 -0.84
C PRO E 81 9.23 5.34 -0.57
N GLY E 82 8.79 6.46 -0.03
CA GLY E 82 9.74 7.50 0.25
C GLY E 82 10.80 7.04 1.25
N HIS E 83 10.35 6.67 2.45
CA HIS E 83 11.25 6.24 3.51
C HIS E 83 11.81 4.89 3.18
N LYS E 84 10.95 3.99 2.66
CA LYS E 84 11.35 2.62 2.27
C LYS E 84 12.46 2.65 1.24
N ALA E 85 12.39 3.59 0.28
CA ALA E 85 13.42 3.63 -0.75
C ALA E 85 14.80 3.87 -0.16
N ARG E 86 14.84 4.51 1.01
CA ARG E 86 16.12 4.78 1.70
C ARG E 86 16.48 3.66 2.69
N VAL E 87 15.49 3.28 3.48
CA VAL E 87 15.69 2.27 4.50
C VAL E 87 15.68 0.86 3.96
N LEU E 88 15.21 0.63 2.78
CA LEU E 88 15.18 -0.74 2.33
C LEU E 88 16.62 -1.18 2.21
N ALA E 89 17.44 -0.28 1.70
CA ALA E 89 18.85 -0.54 1.60
C ALA E 89 19.51 -0.57 2.98
N GLU E 90 19.09 0.36 3.85
CA GLU E 90 19.67 0.47 5.19
C GLU E 90 19.33 -0.71 6.10
N ALA E 91 18.04 -1.01 6.26
CA ALA E 91 17.59 -2.09 7.15
C ALA E 91 18.20 -3.39 6.71
N MET E 92 18.30 -3.55 5.41
CA MET E 92 18.88 -4.73 4.88
C MET E 92 20.34 -4.79 5.30
N SER E 93 20.93 -3.62 5.58
CA SER E 93 22.31 -3.61 6.02
C SER E 93 22.39 -3.46 7.55
N GLN E 94 21.27 -3.15 8.21
CA GLN E 94 21.31 -3.09 9.64
C GLN E 94 21.57 -4.49 10.10
N VAL E 95 20.91 -5.44 9.48
CA VAL E 95 21.11 -6.82 9.86
C VAL E 95 22.45 -7.35 9.37
N THR E 96 22.96 -6.82 8.27
CA THR E 96 24.20 -7.32 7.73
C THR E 96 25.48 -6.64 8.25
N ASN E 97 25.65 -5.34 8.01
CA ASN E 97 26.91 -4.68 8.37
C ASN E 97 27.03 -3.95 9.72
N THR E 98 26.20 -2.93 9.95
CA THR E 98 26.38 -2.08 11.14
C THR E 98 25.54 -2.51 12.35
N ALA E 99 24.30 -2.86 12.14
CA ALA E 99 23.45 -3.23 13.25
C ALA E 99 23.52 -4.74 13.47
N THR E 100 24.61 -5.36 13.05
CA THR E 100 24.72 -6.80 13.20
C THR E 100 24.79 -7.11 14.68
N ILE E 101 23.73 -7.75 15.15
CA ILE E 101 23.61 -8.07 16.55
C ILE E 101 24.11 -9.48 16.84
N MET E 102 25.20 -9.57 17.58
CA MET E 102 25.79 -10.87 17.91
C MET E 102 25.59 -11.17 19.40
N GLY F 1 -25.81 -8.96 19.20
CA GLY F 1 -25.11 -9.17 17.89
C GLY F 1 -25.24 -7.91 17.04
N GLY F 2 -24.11 -7.40 16.55
CA GLY F 2 -24.14 -6.19 15.75
C GLY F 2 -24.50 -4.98 16.62
N SER F 3 -24.37 -5.12 17.95
CA SER F 3 -24.67 -4.00 18.83
C SER F 3 -23.75 -2.84 18.41
N PRO F 4 -24.25 -1.66 18.10
CA PRO F 4 -23.34 -0.58 17.62
C PRO F 4 -22.26 -0.14 18.59
N THR F 5 -21.03 -0.22 18.09
CA THR F 5 -19.83 0.25 18.78
C THR F 5 -19.80 0.11 20.31
N SER F 6 -19.99 -1.06 20.81
CA SER F 6 -19.90 -1.25 22.26
C SER F 6 -18.45 -1.62 22.71
N ILE F 7 -17.50 -1.64 21.77
CA ILE F 7 -16.15 -2.13 22.00
C ILE F 7 -16.38 -3.61 21.96
N LEU F 8 -16.91 -4.02 20.85
CA LEU F 8 -17.12 -5.40 20.56
C LEU F 8 -16.45 -5.62 19.28
N ASP F 9 -16.84 -4.73 18.33
CA ASP F 9 -16.14 -4.74 17.15
C ASP F 9 -15.44 -3.41 17.02
N ILE F 10 -15.06 -2.69 18.16
CA ILE F 10 -14.49 -1.44 17.79
C ILE F 10 -13.12 -1.73 17.17
N ARG F 11 -13.01 -1.62 15.85
CA ARG F 11 -11.75 -1.99 15.20
C ARG F 11 -10.75 -0.87 14.90
N GLN F 12 -9.46 -1.22 15.02
CA GLN F 12 -8.39 -0.29 14.63
C GLN F 12 -7.96 -0.72 13.27
N GLY F 13 -7.99 0.19 12.35
CA GLY F 13 -7.60 -0.14 11.03
C GLY F 13 -6.15 -0.68 11.05
N PRO F 14 -5.81 -1.60 10.16
CA PRO F 14 -4.41 -2.13 10.08
C PRO F 14 -3.45 -0.96 9.89
N LYS F 15 -3.94 0.18 9.42
CA LYS F 15 -3.10 1.36 9.27
C LYS F 15 -3.50 2.40 10.31
N GLU F 16 -4.75 2.32 10.79
CA GLU F 16 -5.24 3.31 11.72
C GLU F 16 -4.28 3.48 12.87
N PRO F 17 -3.87 4.69 13.23
CA PRO F 17 -2.97 4.81 14.37
C PRO F 17 -3.65 4.26 15.56
N PHE F 18 -2.86 3.83 16.49
CA PHE F 18 -3.37 3.28 17.71
C PHE F 18 -4.42 4.19 18.33
N ARG F 19 -4.00 5.39 18.65
CA ARG F 19 -4.86 6.41 19.28
C ARG F 19 -6.10 6.75 18.46
N ASP F 20 -5.98 6.87 17.11
CA ASP F 20 -7.14 7.28 16.28
C ASP F 20 -8.32 6.37 16.55
N TYR F 21 -8.04 5.10 16.56
CA TYR F 21 -9.01 4.08 16.87
C TYR F 21 -9.52 4.20 18.30
N VAL F 22 -8.58 4.39 19.21
CA VAL F 22 -8.88 4.59 20.64
C VAL F 22 -9.77 5.85 20.78
N ASP F 23 -9.68 6.74 19.84
CA ASP F 23 -10.53 7.91 19.94
C ASP F 23 -11.97 7.39 19.79
N ARG F 24 -12.12 6.40 18.87
CA ARG F 24 -13.42 5.76 18.55
C ARG F 24 -13.92 4.88 19.72
N PHE F 25 -13.06 3.99 20.23
CA PHE F 25 -13.49 3.13 21.34
C PHE F 25 -13.88 4.02 22.50
N TYR F 26 -13.23 5.16 22.64
CA TYR F 26 -13.63 6.09 23.67
C TYR F 26 -14.91 6.87 23.28
N LYS F 27 -15.04 7.27 22.03
CA LYS F 27 -16.21 8.04 21.65
C LYS F 27 -17.45 7.20 21.91
N THR F 28 -17.31 5.94 21.63
CA THR F 28 -18.41 5.03 21.81
C THR F 28 -18.46 4.38 23.20
N LEU F 29 -17.33 4.32 23.93
CA LEU F 29 -17.40 3.78 25.30
C LEU F 29 -18.32 4.65 26.14
N ARG F 30 -18.18 5.96 25.93
CA ARG F 30 -19.06 6.93 26.57
C ARG F 30 -20.52 6.60 26.22
N ALA F 31 -20.74 5.85 25.13
CA ALA F 31 -22.08 5.46 24.71
C ALA F 31 -22.45 4.10 25.26
N GLU F 32 -21.45 3.25 25.45
CA GLU F 32 -21.71 1.97 26.05
C GLU F 32 -21.86 2.24 27.52
N GLN F 33 -23.08 2.18 28.03
CA GLN F 33 -23.33 2.45 29.45
C GLN F 33 -22.64 1.37 30.27
N ALA F 34 -21.38 1.61 30.62
CA ALA F 34 -20.58 0.66 31.36
C ALA F 34 -19.91 1.30 32.58
N SER F 35 -19.44 0.44 33.47
CA SER F 35 -18.75 0.86 34.68
C SER F 35 -17.29 1.09 34.31
N GLN F 36 -16.55 1.79 35.14
CA GLN F 36 -15.18 2.05 34.75
C GLN F 36 -14.44 0.74 34.55
N GLU F 37 -14.66 -0.21 35.45
CA GLU F 37 -14.02 -1.52 35.34
C GLU F 37 -14.49 -2.26 34.09
N VAL F 38 -15.77 -2.17 33.79
CA VAL F 38 -16.31 -2.85 32.62
C VAL F 38 -15.64 -2.33 31.36
N LYS F 39 -15.46 -1.04 31.31
CA LYS F 39 -14.78 -0.42 30.20
C LYS F 39 -13.28 -0.91 30.18
N ASN F 40 -12.80 -1.51 31.32
CA ASN F 40 -11.40 -1.98 31.44
C ASN F 40 -11.13 -3.31 30.65
N TRP F 41 -12.19 -4.09 30.32
CA TRP F 41 -11.98 -5.27 29.44
C TRP F 41 -11.78 -4.65 28.11
N MET F 42 -12.69 -3.65 27.82
CA MET F 42 -12.71 -2.88 26.55
C MET F 42 -11.38 -2.10 26.35
N THR F 43 -10.80 -1.54 27.43
CA THR F 43 -9.54 -0.79 27.26
C THR F 43 -8.28 -1.65 27.40
N GLU F 44 -8.23 -2.50 28.41
CA GLU F 44 -7.01 -3.27 28.63
C GLU F 44 -6.84 -4.40 27.66
N THR F 45 -7.88 -5.18 27.52
CA THR F 45 -7.83 -6.35 26.66
C THR F 45 -8.39 -6.16 25.23
N LEU F 46 -9.52 -5.43 25.02
CA LEU F 46 -10.08 -5.38 23.66
C LEU F 46 -9.36 -4.40 22.86
N LEU F 47 -9.02 -3.26 23.52
CA LEU F 47 -8.26 -2.21 22.84
C LEU F 47 -7.06 -2.84 22.14
N VAL F 48 -6.55 -3.93 22.73
CA VAL F 48 -5.42 -4.68 22.21
C VAL F 48 -5.86 -5.63 21.13
N GLN F 49 -6.82 -6.49 21.51
CA GLN F 49 -7.31 -7.57 20.66
C GLN F 49 -7.92 -7.19 19.33
N ASN F 50 -8.76 -6.16 19.30
CA ASN F 50 -9.45 -5.78 18.08
C ASN F 50 -8.85 -4.57 17.53
N ALA F 51 -7.53 -4.49 17.69
CA ALA F 51 -6.85 -3.33 17.19
C ALA F 51 -5.53 -3.62 16.53
N ASN F 52 -5.50 -3.34 15.21
CA ASN F 52 -4.32 -3.36 14.39
C ASN F 52 -3.23 -4.28 14.84
N PRO F 53 -3.07 -5.44 14.31
CA PRO F 53 -2.00 -6.35 14.78
C PRO F 53 -0.63 -5.68 14.85
N ASP F 54 -0.43 -4.53 14.20
CA ASP F 54 0.85 -3.87 14.35
C ASP F 54 1.03 -3.58 15.80
N CYS F 55 -0.06 -3.12 16.38
CA CYS F 55 -0.10 -2.74 17.77
C CYS F 55 -0.50 -3.90 18.63
N LYS F 56 -1.42 -4.77 18.21
CA LYS F 56 -1.82 -5.88 19.07
C LYS F 56 -0.62 -6.65 19.60
N THR F 57 0.37 -6.81 18.74
CA THR F 57 1.58 -7.46 19.16
C THR F 57 2.27 -6.52 20.18
N ILE F 58 2.37 -5.21 19.84
CA ILE F 58 2.99 -4.23 20.75
C ILE F 58 2.35 -4.27 22.10
N LEU F 59 1.05 -3.89 22.17
CA LEU F 59 0.29 -3.79 23.41
C LEU F 59 0.48 -5.03 24.26
N LYS F 60 0.52 -6.18 23.64
CA LYS F 60 0.77 -7.39 24.41
C LYS F 60 2.16 -7.29 25.10
N ALA F 61 3.17 -6.88 24.33
CA ALA F 61 4.54 -6.75 24.81
C ALA F 61 4.56 -5.72 25.91
N LEU F 62 3.78 -4.70 25.69
CA LEU F 62 3.61 -3.64 26.66
C LEU F 62 3.02 -4.31 27.87
N GLY F 63 2.17 -5.31 27.61
CA GLY F 63 1.53 -6.02 28.64
C GLY F 63 0.34 -5.18 29.05
N PRO F 64 -0.83 -5.74 29.27
CA PRO F 64 -1.96 -4.93 29.74
C PRO F 64 -1.56 -4.24 31.06
N GLY F 65 -2.40 -3.33 31.53
CA GLY F 65 -2.07 -2.59 32.75
C GLY F 65 -1.10 -1.43 32.50
N ALA F 66 -0.69 -1.23 31.22
CA ALA F 66 0.20 -0.15 30.85
C ALA F 66 -0.62 1.09 30.63
N THR F 67 -0.06 2.23 30.88
CA THR F 67 -0.84 3.42 30.70
C THR F 67 -1.21 3.59 29.24
N LEU F 68 -2.34 4.20 28.99
CA LEU F 68 -2.72 4.43 27.62
C LEU F 68 -1.62 5.28 26.95
N GLU F 69 -0.95 6.11 27.76
CA GLU F 69 0.16 6.91 27.30
C GLU F 69 1.34 6.00 27.01
N GLU F 70 1.46 4.92 27.82
CA GLU F 70 2.57 3.95 27.65
C GLU F 70 2.41 3.18 26.34
N MET F 71 1.25 2.55 26.16
CA MET F 71 1.00 1.82 24.93
C MET F 71 1.08 2.79 23.79
N MET F 72 0.49 3.97 23.95
CA MET F 72 0.52 4.97 22.86
C MET F 72 1.94 5.30 22.44
N THR F 73 2.81 5.56 23.41
CA THR F 73 4.20 5.88 23.11
C THR F 73 4.85 4.73 22.36
N ALA F 74 4.62 3.52 22.82
CA ALA F 74 5.17 2.35 22.13
C ALA F 74 4.41 2.08 20.81
N CYS F 75 3.23 2.72 20.65
CA CYS F 75 2.39 2.47 19.52
C CYS F 75 2.43 3.59 18.50
N GLN F 76 3.25 4.61 18.75
CA GLN F 76 3.44 5.55 17.67
C GLN F 76 4.18 4.75 16.57
N GLY F 77 4.85 3.60 16.95
CA GLY F 77 5.47 2.77 15.99
C GLY F 77 4.39 2.18 15.10
N VAL F 78 3.17 2.08 15.58
CA VAL F 78 2.04 1.47 14.77
C VAL F 78 1.95 2.18 13.47
N GLY F 79 1.39 1.54 12.32
CA GLY F 79 1.47 2.33 11.08
C GLY F 79 2.10 1.69 9.86
N GLY F 80 1.89 2.20 8.62
CA GLY F 80 2.55 1.47 7.55
C GLY F 80 4.02 1.84 7.52
N PRO F 81 4.37 2.99 7.02
CA PRO F 81 5.77 3.43 7.10
C PRO F 81 6.15 3.53 8.58
N GLY F 82 5.13 3.75 9.47
CA GLY F 82 5.33 3.88 10.92
C GLY F 82 5.70 2.55 11.61
N HIS F 83 5.06 1.44 11.26
CA HIS F 83 5.35 0.09 11.90
C HIS F 83 6.34 -0.73 11.09
N LYS F 84 6.31 -0.52 9.77
CA LYS F 84 7.20 -1.21 8.85
C LYS F 84 8.65 -0.88 9.17
N ALA F 85 8.87 0.38 9.56
CA ALA F 85 10.22 0.82 9.84
C ALA F 85 10.81 -0.13 10.85
N ARG F 86 9.96 -0.62 11.76
CA ARG F 86 10.40 -1.60 12.74
C ARG F 86 10.23 -3.05 12.22
N VAL F 87 8.98 -3.48 12.06
CA VAL F 87 8.71 -4.87 11.63
C VAL F 87 9.49 -5.31 10.38
N LEU F 88 10.02 -4.36 9.59
CA LEU F 88 10.81 -4.76 8.40
C LEU F 88 12.22 -5.26 8.80
N ALA F 89 12.98 -4.40 9.47
CA ALA F 89 14.33 -4.76 9.91
C ALA F 89 14.23 -5.91 10.91
N GLU F 90 13.13 -5.84 11.71
CA GLU F 90 12.85 -6.84 12.73
C GLU F 90 12.48 -8.13 12.02
N ALA F 91 11.78 -8.02 10.88
CA ALA F 91 11.41 -9.21 10.11
C ALA F 91 12.71 -9.85 9.64
N MET F 92 13.64 -8.99 9.26
CA MET F 92 14.95 -9.43 8.85
C MET F 92 15.69 -9.98 10.07
N SER F 93 15.35 -9.45 11.26
CA SER F 93 15.91 -9.97 12.49
C SER F 93 15.10 -11.22 12.91
N GLN F 94 14.00 -11.54 12.23
CA GLN F 94 13.28 -12.77 12.50
C GLN F 94 13.85 -13.91 11.62
N VAL F 95 14.38 -13.56 10.43
CA VAL F 95 14.86 -14.61 9.54
C VAL F 95 16.36 -14.92 9.78
N THR F 96 17.14 -13.89 10.09
CA THR F 96 18.57 -14.09 10.27
C THR F 96 19.07 -14.30 11.71
N ASN F 97 18.86 -13.31 12.59
CA ASN F 97 19.44 -13.38 13.95
C ASN F 97 18.63 -13.97 15.11
N THR F 98 17.44 -13.43 15.42
CA THR F 98 16.74 -13.90 16.63
C THR F 98 15.66 -14.96 16.42
N ALA F 99 14.83 -14.82 15.40
CA ALA F 99 13.78 -15.78 15.17
C ALA F 99 14.16 -16.77 14.09
N THR F 100 15.46 -16.97 13.89
CA THR F 100 15.89 -17.90 12.87
C THR F 100 15.45 -19.29 13.27
N ILE F 101 14.52 -19.81 12.51
CA ILE F 101 13.93 -21.10 12.81
C ILE F 101 14.71 -22.21 12.11
N MET F 102 14.99 -23.28 12.85
CA MET F 102 15.74 -24.41 12.30
C MET F 102 14.93 -25.70 12.43
C1 IHP G . -1.84 -1.86 0.19
C2 IHP G . -0.56 -2.02 1.09
C3 IHP G . 0.69 -2.02 0.21
C4 IHP G . 0.77 -0.73 -0.53
C5 IHP G . -0.42 -0.88 -1.57
C6 IHP G . -1.77 -0.64 -0.69
O11 IHP G . -3.05 -1.87 1.02
P1 IHP G . -3.91 -3.25 1.17
O21 IHP G . -3.06 -4.33 0.56
O31 IHP G . -4.28 -3.43 2.67
O41 IHP G . -5.12 -3.00 0.35
O12 IHP G . -0.47 -0.86 2.02
P2 IHP G . -0.31 -1.08 3.57
O22 IHP G . -0.64 -2.53 3.98
O32 IHP G . -1.24 -0.13 4.23
O42 IHP G . 1.08 -0.79 3.93
O13 IHP G . 1.79 -2.23 0.98
P3 IHP G . 2.90 -3.28 0.62
O23 IHP G . 2.79 -4.42 1.62
O33 IHP G . 2.80 -3.66 -0.84
O43 IHP G . 4.17 -2.47 0.93
O14 IHP G . 2.02 -0.62 -1.18
P4 IHP G . 2.93 0.71 -1.30
O24 IHP G . 2.20 1.64 -2.23
O34 IHP G . 3.31 1.38 -0.01
O44 IHP G . 4.23 0.28 -1.97
O15 IHP G . -0.25 -0.01 -2.70
P5 IHP G . 0.07 -0.57 -4.16
O25 IHP G . 0.00 0.71 -4.98
O35 IHP G . -0.94 -1.64 -4.50
O45 IHP G . 1.41 -1.22 -4.15
O16 IHP G . -2.92 -0.61 -1.62
P6 IHP G . -3.87 0.56 -1.89
O26 IHP G . -3.11 1.81 -2.32
O36 IHP G . -4.60 0.04 -3.12
O46 IHP G . -4.71 0.88 -0.72
H1 IHP G . -1.76 -2.64 -0.59
H2 IHP G . -0.54 -3.05 1.51
H3 IHP G . 0.52 -2.85 -0.53
H4 IHP G . 0.53 0.09 0.17
H5 IHP G . -0.56 -1.93 -1.87
H6 IHP G . -1.64 0.29 -0.09
C1 A1CCZ H . 6.62 -7.43 2.56
C2 A1CCZ H . 7.47 -7.16 3.63
C3 A1CCZ H . 7.33 -5.98 4.34
C11 A1CCZ H . 4.66 -8.88 -1.52
C12 A1CCZ H . 4.50 -10.13 -2.43
C13 A1CCZ H . 5.13 -7.62 -2.19
C14 A1CCZ H . 6.45 -7.43 -2.65
C15 A1CCZ H . 6.83 -6.13 -3.06
C16 A1CCZ H . 5.95 -5.00 -3.02
C17 A1CCZ H . 4.65 -5.27 -2.56
C18 A1CCZ H . 4.26 -6.49 -2.20
C19 A1CCZ H . 6.43 -3.65 -3.44
C20 A1CCZ H . 5.72 -3.33 -4.74
C21 A1CCZ H . 5.89 -2.54 -2.51
C22 A1CCZ H . 7.97 -3.58 -3.48
C24 A1CCZ H . 2.18 -9.93 -3.29
C25 A1CCZ H . 1.25 -9.83 -4.41
C26 A1CCZ H . 1.75 -10.14 -5.65
N23 A1CCZ H . 3.52 -10.14 -3.59
C28 A1CCZ H . 3.90 -10.53 -4.82
C27 A1CCZ H . 3.04 -10.54 -5.85
O29 A1CCZ H . 1.86 -9.93 -2.03
C30 A1CCZ H . -0.13 -9.32 -4.34
F31 A1CCZ H . -0.30 -8.55 -3.29
F32 A1CCZ H . -1.01 -10.28 -4.18
F33 A1CCZ H . -0.48 -8.59 -5.45
N10 A1CCZ H . 5.48 -9.33 -0.35
C8 A1CCZ H . 5.93 -8.14 0.52
C7 A1CCZ H . 4.85 -7.27 0.98
C6 A1CCZ H . 5.54 -6.60 2.19
C5 A1CCZ H . 5.45 -5.37 2.87
C4 A1CCZ H . 6.44 -5.01 3.86
C9 A1CCZ H . 6.63 -8.69 1.71
H2 A1CCZ H . 8.14 -7.88 4.08
H3 A1CCZ H . 7.95 -5.62 5.15
H11 A1CCZ H . 3.65 -8.68 -1.10
H12A A1CCZ H . 4.07 -10.93 -1.80
H12B A1CCZ H . 5.47 -10.48 -2.86
H14 A1CCZ H . 7.19 -8.21 -2.60
H15 A1CCZ H . 7.86 -6.03 -3.37
H17 A1CCZ H . 3.94 -4.46 -2.49
H18 A1CCZ H . 3.31 -6.68 -1.72
H20C A1CCZ H . 5.92 -4.08 -5.54
H20B A1CCZ H . 6.11 -2.41 -5.22
H20A A1CCZ H . 4.60 -3.29 -4.71
H21A A1CCZ H . 6.30 -2.63 -1.49
H21C A1CCZ H . 4.79 -2.47 -2.36
H21B A1CCZ H . 6.14 -1.52 -2.85
H22C A1CCZ H . 8.31 -4.11 -2.56
H22B A1CCZ H . 8.26 -2.51 -3.46
H22A A1CCZ H . 8.37 -4.10 -4.37
H26 A1CCZ H . 1.07 -9.93 -6.49
H6 A1CCZ H . 4.97 -10.54 -5.04
H27 A1CCZ H . 3.33 -10.84 -6.85
H9 A1CCZ H . 6.38 -9.72 -0.65
H8 A1CCZ H . 6.67 -7.61 -0.11
H7A A1CCZ H . 3.98 -7.88 1.26
H7B A1CCZ H . 4.42 -6.57 0.25
H5 A1CCZ H . 4.86 -4.56 2.47
H4 A1CCZ H . 6.37 -4.03 4.29
H9B A1CCZ H . 6.26 -9.66 2.05
H9A A1CCZ H . 7.70 -8.85 1.51
N GLY A 1 -32.24 -17.82 -6.79
CA GLY A 1 -30.85 -18.28 -6.95
C GLY A 1 -29.91 -17.08 -7.03
N GLY A 2 -28.86 -17.11 -6.21
CA GLY A 2 -27.91 -16.05 -6.20
C GLY A 2 -28.60 -14.79 -5.77
N SER A 3 -29.56 -14.94 -4.89
CA SER A 3 -30.27 -13.79 -4.41
C SER A 3 -29.23 -12.88 -3.78
N PRO A 4 -29.45 -11.62 -3.74
CA PRO A 4 -28.44 -10.69 -3.22
C PRO A 4 -28.02 -11.01 -1.80
N THR A 5 -26.71 -11.13 -1.63
CA THR A 5 -26.14 -11.33 -0.34
C THR A 5 -26.79 -12.45 0.47
N SER A 6 -26.92 -13.58 -0.15
CA SER A 6 -27.49 -14.74 0.47
C SER A 6 -26.46 -15.61 1.16
N ILE A 7 -25.15 -15.09 1.26
CA ILE A 7 -23.99 -15.87 1.81
C ILE A 7 -23.27 -16.66 0.78
N LEU A 8 -23.89 -16.96 -0.28
CA LEU A 8 -23.23 -17.65 -1.36
C LEU A 8 -22.14 -16.77 -1.87
N ASP A 9 -22.44 -15.44 -2.03
CA ASP A 9 -21.37 -14.61 -2.38
C ASP A 9 -20.98 -13.63 -1.26
N ILE A 10 -21.15 -13.91 0.09
CA ILE A 10 -20.73 -12.79 0.90
C ILE A 10 -19.18 -12.79 0.91
N ARG A 11 -18.51 -11.62 0.90
CA ARG A 11 -17.04 -11.62 0.82
C ARG A 11 -16.36 -10.63 1.76
N GLN A 12 -15.17 -11.02 2.20
CA GLN A 12 -14.35 -10.16 3.03
C GLN A 12 -13.33 -9.50 2.15
N GLY A 13 -13.25 -8.20 2.23
CA GLY A 13 -12.26 -7.48 1.45
C GLY A 13 -10.88 -7.95 1.85
N PRO A 14 -9.92 -7.95 0.96
CA PRO A 14 -8.56 -8.45 1.29
C PRO A 14 -8.03 -7.79 2.51
N LYS A 15 -8.34 -6.54 2.65
CA LYS A 15 -7.88 -5.81 3.80
C LYS A 15 -9.00 -5.73 4.84
N GLU A 16 -10.24 -5.91 4.40
CA GLU A 16 -11.36 -5.81 5.33
C GLU A 16 -11.12 -6.75 6.52
N PRO A 17 -11.15 -6.30 7.76
CA PRO A 17 -10.89 -7.22 8.88
C PRO A 17 -11.97 -8.25 8.97
N PHE A 18 -11.58 -9.36 9.60
CA PHE A 18 -12.43 -10.49 9.77
C PHE A 18 -13.70 -10.11 10.48
N ARG A 19 -13.58 -9.40 11.57
CA ARG A 19 -14.75 -8.99 12.30
C ARG A 19 -15.69 -8.14 11.46
N ASP A 20 -15.15 -7.27 10.63
CA ASP A 20 -16.02 -6.41 9.83
C ASP A 20 -16.91 -7.24 8.91
N TYR A 21 -16.25 -7.98 8.04
CA TYR A 21 -16.91 -8.86 7.08
C TYR A 21 -17.80 -9.83 7.80
N VAL A 22 -17.37 -10.31 8.96
CA VAL A 22 -18.22 -11.22 9.72
C VAL A 22 -19.54 -10.49 10.03
N ASP A 23 -19.46 -9.20 10.30
CA ASP A 23 -20.68 -8.46 10.56
C ASP A 23 -21.56 -8.45 9.31
N ARG A 24 -20.90 -8.35 8.12
CA ARG A 24 -21.61 -8.35 6.81
C ARG A 24 -22.31 -9.67 6.59
N PHE A 25 -21.58 -10.79 6.83
CA PHE A 25 -22.13 -12.14 6.65
C PHE A 25 -23.25 -12.40 7.65
N TYR A 26 -23.09 -11.93 8.87
CA TYR A 26 -24.16 -12.13 9.86
C TYR A 26 -25.41 -11.32 9.49
N LYS A 27 -25.17 -10.02 9.19
CA LYS A 27 -26.25 -9.08 8.84
C LYS A 27 -26.94 -9.53 7.60
N THR A 28 -26.16 -10.00 6.67
CA THR A 28 -26.77 -10.43 5.47
C THR A 28 -27.42 -11.78 5.70
N LEU A 29 -26.93 -12.53 6.67
CA LEU A 29 -27.62 -13.75 7.00
C LEU A 29 -29.02 -13.33 7.53
N ARG A 30 -29.11 -12.17 8.17
CA ARG A 30 -30.42 -11.73 8.63
C ARG A 30 -31.31 -11.59 7.39
N ALA A 31 -30.70 -11.10 6.31
CA ALA A 31 -31.40 -10.96 5.03
C ALA A 31 -31.69 -12.35 4.48
N GLU A 32 -30.85 -13.32 4.81
CA GLU A 32 -31.07 -14.67 4.33
C GLU A 32 -31.91 -15.44 5.34
N GLN A 33 -33.17 -15.74 4.96
CA GLN A 33 -34.07 -16.54 5.85
C GLN A 33 -33.61 -17.99 5.89
N ALA A 34 -32.53 -18.26 6.63
CA ALA A 34 -32.03 -19.61 6.73
C ALA A 34 -32.18 -20.15 8.13
N SER A 35 -32.42 -21.42 8.16
CA SER A 35 -32.53 -22.11 9.39
C SER A 35 -31.24 -21.91 10.15
N GLN A 36 -31.28 -22.01 11.45
CA GLN A 36 -30.07 -21.77 12.21
C GLN A 36 -28.98 -22.78 11.84
N GLU A 37 -29.33 -24.06 11.81
CA GLU A 37 -28.34 -25.07 11.48
C GLU A 37 -27.72 -24.75 10.15
N VAL A 38 -28.55 -24.32 9.21
CA VAL A 38 -28.05 -23.93 7.93
C VAL A 38 -27.08 -22.76 8.12
N LYS A 39 -27.48 -21.73 8.86
CA LYS A 39 -26.59 -20.57 9.06
C LYS A 39 -25.28 -21.03 9.63
N ASN A 40 -25.33 -22.03 10.44
CA ASN A 40 -24.12 -22.54 11.02
C ASN A 40 -23.13 -23.01 9.95
N TRP A 41 -23.60 -23.71 8.92
CA TRP A 41 -22.66 -24.17 7.88
C TRP A 41 -22.13 -22.95 7.12
N MET A 42 -22.96 -21.92 7.04
CA MET A 42 -22.57 -20.66 6.38
C MET A 42 -21.54 -19.89 7.26
N THR A 43 -21.67 -20.00 8.57
CA THR A 43 -20.75 -19.35 9.48
C THR A 43 -19.45 -20.13 9.59
N GLU A 44 -19.56 -21.46 9.46
CA GLU A 44 -18.38 -22.34 9.62
C GLU A 44 -17.58 -22.56 8.37
N THR A 45 -18.27 -22.84 7.31
CA THR A 45 -17.62 -23.10 6.07
C THR A 45 -17.56 -21.86 5.21
N LEU A 46 -18.70 -21.33 4.84
CA LEU A 46 -18.67 -20.22 3.94
C LEU A 46 -17.88 -19.05 4.51
N LEU A 47 -18.02 -18.81 5.81
CA LEU A 47 -17.27 -17.74 6.42
C LEU A 47 -15.80 -18.00 6.15
N VAL A 48 -15.40 -19.24 6.18
CA VAL A 48 -13.99 -19.54 5.95
C VAL A 48 -13.64 -19.32 4.48
N GLN A 49 -14.52 -19.82 3.58
CA GLN A 49 -14.20 -19.82 2.17
C GLN A 49 -14.03 -18.49 1.46
N ASN A 50 -15.04 -17.65 1.52
CA ASN A 50 -14.98 -16.40 0.76
C ASN A 50 -14.60 -15.21 1.57
N ALA A 51 -13.97 -15.44 2.69
CA ALA A 51 -13.63 -14.33 3.53
C ALA A 51 -12.20 -13.95 3.58
N ASN A 52 -11.61 -13.37 2.54
CA ASN A 52 -10.25 -12.84 2.71
C ASN A 52 -9.25 -13.96 3.07
N PRO A 53 -8.47 -14.48 2.15
CA PRO A 53 -7.54 -15.58 2.45
C PRO A 53 -6.71 -15.38 3.71
N ASP A 54 -6.59 -14.15 4.21
CA ASP A 54 -5.88 -13.95 5.44
C ASP A 54 -6.51 -14.79 6.49
N CYS A 55 -7.83 -14.75 6.52
CA CYS A 55 -8.48 -15.51 7.52
C CYS A 55 -8.49 -16.94 7.04
N LYS A 56 -8.67 -17.19 5.76
CA LYS A 56 -8.75 -18.56 5.30
C LYS A 56 -7.53 -19.37 5.69
N THR A 57 -6.38 -18.80 5.64
CA THR A 57 -5.25 -19.56 6.04
C THR A 57 -5.26 -19.73 7.59
N ILE A 58 -5.92 -18.76 8.30
CA ILE A 58 -6.01 -18.79 9.76
C ILE A 58 -7.04 -19.75 10.31
N LEU A 59 -8.27 -19.65 9.84
CA LEU A 59 -9.35 -20.47 10.30
C LEU A 59 -8.93 -21.89 9.99
N LYS A 60 -8.33 -22.10 8.82
CA LYS A 60 -7.93 -23.44 8.45
C LYS A 60 -6.91 -23.95 9.47
N ALA A 61 -5.99 -23.06 9.86
CA ALA A 61 -4.98 -23.40 10.88
C ALA A 61 -5.60 -23.68 12.28
N LEU A 62 -6.51 -22.82 12.71
CA LEU A 62 -7.16 -22.99 14.00
C LEU A 62 -7.92 -24.28 14.00
N GLY A 63 -8.55 -24.51 12.88
CA GLY A 63 -9.39 -25.67 12.68
C GLY A 63 -10.85 -25.13 12.42
N PRO A 64 -11.55 -25.60 11.43
CA PRO A 64 -12.88 -25.04 11.19
C PRO A 64 -13.77 -25.31 12.40
N GLY A 65 -14.76 -24.49 12.56
CA GLY A 65 -15.65 -24.67 13.67
C GLY A 65 -15.12 -24.01 14.92
N ALA A 66 -13.92 -23.41 14.85
CA ALA A 66 -13.43 -22.71 16.01
C ALA A 66 -14.47 -21.63 16.33
N THR A 67 -14.67 -21.40 17.61
CA THR A 67 -15.67 -20.42 18.02
C THR A 67 -15.33 -19.10 17.45
N LEU A 68 -16.34 -18.32 17.17
CA LEU A 68 -16.12 -17.02 16.59
C LEU A 68 -15.14 -16.24 17.43
N GLU A 69 -15.15 -16.44 18.73
CA GLU A 69 -14.18 -15.72 19.54
C GLU A 69 -12.77 -16.18 19.21
N GLU A 70 -12.62 -17.48 19.01
CA GLU A 70 -11.32 -18.05 18.67
C GLU A 70 -10.87 -17.63 17.25
N MET A 71 -11.79 -17.71 16.26
CA MET A 71 -11.49 -17.30 14.87
C MET A 71 -11.18 -15.83 14.87
N MET A 72 -11.91 -15.11 15.68
CA MET A 72 -11.73 -13.68 15.78
C MET A 72 -10.38 -13.34 16.35
N THR A 73 -10.06 -13.93 17.49
CA THR A 73 -8.85 -13.59 18.15
C THR A 73 -7.68 -13.73 17.21
N ALA A 74 -7.68 -14.80 16.46
CA ALA A 74 -6.59 -15.06 15.54
C ALA A 74 -6.73 -14.24 14.26
N CYS A 75 -7.95 -14.11 13.80
CA CYS A 75 -8.21 -13.38 12.58
C CYS A 75 -8.20 -11.91 12.80
N GLN A 76 -8.02 -11.46 14.05
CA GLN A 76 -7.80 -10.06 14.19
C GLN A 76 -6.38 -9.84 13.57
N GLY A 77 -5.55 -10.96 13.42
CA GLY A 77 -4.28 -10.89 12.75
C GLY A 77 -4.51 -10.58 11.25
N VAL A 78 -5.77 -10.63 10.76
CA VAL A 78 -6.11 -10.35 9.30
C VAL A 78 -5.90 -8.88 9.04
N GLY A 79 -5.51 -8.40 7.78
CA GLY A 79 -5.17 -6.97 7.74
C GLY A 79 -3.92 -6.64 6.97
N GLY A 80 -3.60 -5.39 6.62
CA GLY A 80 -2.39 -5.31 5.81
C GLY A 80 -1.11 -5.50 6.68
N PRO A 81 -0.62 -4.47 7.32
CA PRO A 81 0.57 -4.56 8.20
C PRO A 81 0.33 -5.48 9.36
N GLY A 82 -0.96 -5.61 9.75
CA GLY A 82 -1.32 -6.45 10.88
C GLY A 82 -1.11 -7.94 10.60
N HIS A 83 -1.49 -8.38 9.41
CA HIS A 83 -1.28 -9.77 9.01
C HIS A 83 0.10 -9.92 8.49
N LYS A 84 0.64 -8.87 7.89
CA LYS A 84 2.00 -8.91 7.35
C LYS A 84 3.05 -9.07 8.41
N ALA A 85 2.78 -8.53 9.56
CA ALA A 85 3.74 -8.59 10.65
C ALA A 85 4.03 -10.06 10.95
N ARG A 86 2.99 -10.85 10.87
CA ARG A 86 3.13 -12.27 11.09
C ARG A 86 3.49 -12.97 9.77
N VAL A 87 2.55 -12.89 8.85
CA VAL A 87 2.66 -13.56 7.52
C VAL A 87 3.94 -13.27 6.81
N LEU A 88 4.46 -12.08 6.89
CA LEU A 88 5.73 -11.87 6.22
C LEU A 88 6.81 -12.80 6.88
N ALA A 89 6.79 -12.84 8.21
CA ALA A 89 7.73 -13.67 8.93
C ALA A 89 7.50 -15.12 8.53
N GLU A 90 6.23 -15.47 8.34
CA GLU A 90 5.89 -16.85 8.00
C GLU A 90 6.30 -17.30 6.60
N ALA A 91 5.88 -16.57 5.58
CA ALA A 91 6.17 -16.95 4.20
C ALA A 91 7.66 -16.96 3.98
N MET A 92 8.30 -15.99 4.60
CA MET A 92 9.75 -15.89 4.56
C MET A 92 10.37 -17.16 5.12
N SER A 93 9.76 -17.68 6.18
CA SER A 93 10.25 -18.90 6.79
C SER A 93 9.66 -20.12 6.07
N GLN A 94 8.66 -19.90 5.18
CA GLN A 94 8.11 -21.02 4.41
C GLN A 94 9.10 -21.41 3.36
N VAL A 95 9.78 -20.44 2.79
CA VAL A 95 10.76 -20.74 1.74
C VAL A 95 12.12 -21.15 2.35
N THR A 96 12.47 -20.57 3.49
CA THR A 96 13.77 -20.83 4.05
C THR A 96 13.84 -21.95 5.09
N ASN A 97 13.07 -21.85 6.18
CA ASN A 97 13.21 -22.82 7.27
C ASN A 97 12.30 -24.07 7.31
N THR A 98 10.98 -23.90 7.33
CA THR A 98 10.10 -25.07 7.50
C THR A 98 9.48 -25.65 6.23
N ALA A 99 8.99 -24.80 5.36
CA ALA A 99 8.33 -25.28 4.15
C ALA A 99 9.28 -25.29 2.97
N THR A 100 10.58 -25.39 3.21
CA THR A 100 11.50 -25.30 2.09
C THR A 100 11.22 -26.45 1.16
N ILE A 101 10.92 -26.09 -0.07
CA ILE A 101 10.55 -27.05 -1.09
C ILE A 101 11.76 -27.48 -1.90
N MET A 102 12.00 -28.79 -1.94
CA MET A 102 13.15 -29.31 -2.68
C MET A 102 14.43 -28.62 -2.26
N GLY B 1 -14.65 3.73 -30.16
CA GLY B 1 -13.45 4.30 -29.49
C GLY B 1 -13.90 5.13 -28.28
N GLY B 2 -13.36 4.82 -27.11
CA GLY B 2 -13.73 5.52 -25.88
C GLY B 2 -15.17 5.15 -25.47
N SER B 3 -15.71 4.06 -26.03
CA SER B 3 -17.07 3.64 -25.68
C SER B 3 -17.10 3.16 -24.23
N PRO B 4 -18.17 3.32 -23.48
CA PRO B 4 -18.17 2.88 -22.07
C PRO B 4 -18.21 1.36 -21.88
N THR B 5 -17.18 0.88 -21.22
CA THR B 5 -17.02 -0.52 -20.83
C THR B 5 -17.61 -1.59 -21.76
N SER B 6 -17.10 -1.67 -22.97
CA SER B 6 -17.47 -2.76 -23.87
C SER B 6 -16.58 -3.99 -23.56
N ILE B 7 -15.79 -3.94 -22.46
CA ILE B 7 -14.89 -4.99 -22.14
C ILE B 7 -14.00 -5.20 -23.30
N LEU B 8 -13.36 -4.14 -23.52
CA LEU B 8 -12.30 -3.99 -24.44
C LEU B 8 -11.16 -4.17 -23.53
N ASP B 9 -11.31 -3.73 -22.23
CA ASP B 9 -10.29 -4.00 -21.35
C ASP B 9 -10.85 -4.22 -19.97
N ILE B 10 -12.08 -4.85 -19.75
CA ILE B 10 -12.66 -4.67 -18.39
C ILE B 10 -11.68 -5.00 -17.25
N ARG B 11 -11.18 -3.98 -16.58
CA ARG B 11 -10.12 -4.20 -15.60
C ARG B 11 -10.51 -4.51 -14.17
N GLN B 12 -9.70 -5.41 -13.57
CA GLN B 12 -9.70 -5.67 -12.11
C GLN B 12 -8.50 -4.86 -11.68
N GLY B 13 -8.64 -4.06 -10.67
CA GLY B 13 -7.54 -3.24 -10.22
C GLY B 13 -6.32 -4.08 -9.89
N PRO B 14 -5.34 -3.48 -9.33
CA PRO B 14 -4.13 -4.20 -8.95
C PRO B 14 -4.41 -4.99 -7.66
N LYS B 15 -5.05 -4.38 -6.70
CA LYS B 15 -5.38 -5.05 -5.44
C LYS B 15 -6.83 -5.55 -5.46
N GLU B 16 -7.66 -4.98 -6.33
CA GLU B 16 -9.07 -5.31 -6.42
C GLU B 16 -9.27 -6.81 -6.66
N PRO B 17 -10.21 -7.47 -6.01
CA PRO B 17 -10.38 -8.95 -6.20
C PRO B 17 -11.12 -9.38 -7.45
N PHE B 18 -10.88 -10.66 -7.75
CA PHE B 18 -11.50 -11.36 -8.86
C PHE B 18 -12.99 -11.40 -8.67
N ARG B 19 -13.45 -11.89 -7.51
CA ARG B 19 -14.90 -11.97 -7.24
C ARG B 19 -15.64 -10.65 -7.44
N ASP B 20 -15.12 -9.56 -6.93
CA ASP B 20 -15.79 -8.28 -7.09
C ASP B 20 -15.73 -7.82 -8.55
N TYR B 21 -14.54 -7.86 -9.13
CA TYR B 21 -14.34 -7.44 -10.51
C TYR B 21 -15.13 -8.30 -11.44
N VAL B 22 -15.41 -9.52 -11.03
CA VAL B 22 -16.24 -10.37 -11.84
C VAL B 22 -17.54 -9.64 -11.99
N ASP B 23 -17.97 -8.98 -10.92
CA ASP B 23 -19.19 -8.21 -10.99
C ASP B 23 -18.98 -7.08 -11.97
N ARG B 24 -17.78 -6.53 -12.01
CA ARG B 24 -17.47 -5.43 -12.97
C ARG B 24 -17.40 -5.95 -14.41
N PHE B 25 -17.10 -7.27 -14.56
CA PHE B 25 -16.99 -7.94 -15.86
C PHE B 25 -18.36 -8.53 -16.28
N TYR B 26 -19.21 -8.81 -15.32
CA TYR B 26 -20.52 -9.33 -15.64
C TYR B 26 -21.46 -8.17 -15.88
N LYS B 27 -21.46 -7.28 -14.90
CA LYS B 27 -22.28 -6.10 -14.96
C LYS B 27 -21.91 -5.29 -16.19
N THR B 28 -20.60 -5.16 -16.51
CA THR B 28 -20.23 -4.37 -17.70
C THR B 28 -20.81 -5.04 -18.91
N LEU B 29 -20.90 -6.35 -18.87
CA LEU B 29 -21.52 -7.07 -19.95
C LEU B 29 -23.03 -6.72 -20.00
N ARG B 30 -23.63 -6.36 -18.85
CA ARG B 30 -25.05 -5.96 -18.84
C ARG B 30 -25.19 -4.73 -19.71
N ALA B 31 -24.16 -3.88 -19.65
CA ALA B 31 -24.10 -2.66 -20.46
C ALA B 31 -23.83 -2.99 -21.94
N GLU B 32 -23.32 -4.20 -22.20
CA GLU B 32 -23.02 -4.61 -23.56
C GLU B 32 -24.11 -5.56 -24.09
N GLN B 33 -24.74 -5.24 -25.23
CA GLN B 33 -25.78 -6.11 -25.78
C GLN B 33 -25.16 -7.16 -26.70
N ALA B 34 -24.57 -8.20 -26.09
CA ALA B 34 -23.89 -9.23 -26.86
C ALA B 34 -24.42 -10.64 -26.61
N SER B 35 -23.80 -11.58 -27.32
CA SER B 35 -24.14 -12.98 -27.19
C SER B 35 -23.31 -13.60 -26.09
N GLN B 36 -23.84 -14.63 -25.46
CA GLN B 36 -23.12 -15.30 -24.37
C GLN B 36 -21.71 -15.75 -24.80
N GLU B 37 -21.54 -16.17 -26.07
CA GLU B 37 -20.22 -16.57 -26.54
C GLU B 37 -19.29 -15.38 -26.58
N VAL B 38 -19.80 -14.24 -27.02
CA VAL B 38 -18.99 -13.04 -27.00
C VAL B 38 -18.61 -12.77 -25.56
N LYS B 39 -19.61 -12.84 -24.69
CA LYS B 39 -19.36 -12.62 -23.28
C LYS B 39 -18.32 -13.60 -22.79
N ASN B 40 -18.15 -14.72 -23.51
CA ASN B 40 -17.15 -15.70 -23.14
C ASN B 40 -15.71 -15.17 -23.42
N TRP B 41 -15.50 -14.32 -24.47
CA TRP B 41 -14.12 -13.71 -24.71
C TRP B 41 -13.67 -13.13 -23.41
N MET B 42 -14.61 -12.50 -22.78
CA MET B 42 -14.38 -11.88 -21.54
C MET B 42 -14.24 -12.90 -20.43
N THR B 43 -15.35 -13.60 -20.08
CA THR B 43 -15.37 -14.60 -18.97
C THR B 43 -14.09 -15.41 -18.91
N GLU B 44 -13.66 -15.86 -20.07
CA GLU B 44 -12.44 -16.62 -20.20
C GLU B 44 -11.20 -15.75 -20.40
N THR B 45 -11.18 -14.98 -21.50
CA THR B 45 -9.99 -14.18 -21.80
C THR B 45 -9.90 -12.75 -21.22
N LEU B 46 -10.92 -11.86 -21.32
CA LEU B 46 -10.67 -10.47 -20.76
C LEU B 46 -10.68 -10.56 -19.24
N LEU B 47 -11.74 -11.18 -18.72
CA LEU B 47 -11.88 -11.48 -17.29
C LEU B 47 -10.55 -12.06 -16.77
N VAL B 48 -9.73 -12.74 -17.60
CA VAL B 48 -8.44 -13.30 -17.10
C VAL B 48 -7.20 -12.42 -17.45
N GLN B 49 -7.26 -11.77 -18.61
CA GLN B 49 -6.13 -11.00 -19.21
C GLN B 49 -5.71 -9.77 -18.47
N ASN B 50 -6.69 -9.08 -18.00
CA ASN B 50 -6.47 -7.82 -17.32
C ASN B 50 -6.99 -7.78 -15.94
N ALA B 51 -7.14 -8.94 -15.36
CA ALA B 51 -7.78 -9.00 -14.09
C ALA B 51 -6.90 -9.14 -12.90
N ASN B 52 -6.11 -8.14 -12.57
CA ASN B 52 -5.29 -8.25 -11.36
C ASN B 52 -4.37 -9.42 -11.47
N PRO B 53 -3.16 -9.29 -11.91
CA PRO B 53 -2.21 -10.42 -12.01
C PRO B 53 -2.14 -11.29 -10.81
N ASP B 54 -2.64 -10.81 -9.62
CA ASP B 54 -2.69 -11.66 -8.43
C ASP B 54 -3.31 -12.92 -8.88
N CYS B 55 -4.35 -12.76 -9.72
CA CYS B 55 -5.00 -13.87 -10.30
C CYS B 55 -4.30 -14.30 -11.59
N LYS B 56 -3.66 -13.46 -12.42
CA LYS B 56 -3.09 -14.00 -13.69
C LYS B 56 -2.13 -15.13 -13.37
N THR B 57 -1.42 -14.99 -12.27
CA THR B 57 -0.53 -16.03 -11.83
C THR B 57 -1.34 -17.29 -11.37
N ILE B 58 -2.60 -17.13 -10.92
CA ILE B 58 -3.44 -18.27 -10.48
C ILE B 58 -4.18 -18.85 -11.71
N LEU B 59 -4.91 -18.02 -12.46
CA LEU B 59 -5.64 -18.44 -13.67
C LEU B 59 -4.65 -19.16 -14.63
N LYS B 60 -3.35 -18.97 -14.46
CA LYS B 60 -2.40 -19.66 -15.34
C LYS B 60 -2.11 -21.06 -14.80
N ALA B 61 -2.23 -21.21 -13.46
CA ALA B 61 -2.07 -22.52 -12.82
C ALA B 61 -3.42 -23.25 -12.78
N LEU B 62 -4.38 -22.64 -12.09
CA LEU B 62 -5.76 -23.11 -12.03
C LEU B 62 -6.25 -23.31 -13.42
N GLY B 63 -5.82 -22.41 -14.28
CA GLY B 63 -6.26 -22.46 -15.63
C GLY B 63 -7.34 -21.39 -15.77
N PRO B 64 -7.63 -20.98 -16.95
CA PRO B 64 -8.69 -19.97 -17.22
C PRO B 64 -10.04 -20.65 -17.46
N GLY B 65 -11.10 -19.85 -17.43
CA GLY B 65 -12.43 -20.36 -17.67
C GLY B 65 -12.88 -21.26 -16.54
N ALA B 66 -12.12 -21.31 -15.44
CA ALA B 66 -12.54 -22.17 -14.35
C ALA B 66 -13.91 -21.66 -13.92
N THR B 67 -14.77 -22.58 -13.56
CA THR B 67 -16.13 -22.20 -13.21
C THR B 67 -16.12 -21.11 -12.18
N LEU B 68 -17.19 -20.36 -12.17
CA LEU B 68 -17.26 -19.27 -11.25
C LEU B 68 -17.04 -19.75 -9.85
N GLU B 69 -17.43 -20.98 -9.54
CA GLU B 69 -17.16 -21.49 -8.20
C GLU B 69 -15.66 -21.81 -8.03
N GLU B 70 -14.99 -22.16 -9.13
CA GLU B 70 -13.55 -22.48 -9.09
C GLU B 70 -12.69 -21.21 -9.05
N MET B 71 -12.78 -20.37 -10.09
CA MET B 71 -12.02 -19.11 -10.11
C MET B 71 -12.39 -18.32 -8.85
N MET B 72 -13.55 -18.58 -8.26
CA MET B 72 -13.90 -17.85 -7.04
C MET B 72 -13.05 -18.33 -5.90
N THR B 73 -13.02 -19.63 -5.75
CA THR B 73 -12.30 -20.28 -4.68
C THR B 73 -10.82 -19.97 -4.78
N ALA B 74 -10.32 -19.91 -6.01
CA ALA B 74 -8.90 -19.73 -6.25
C ALA B 74 -8.52 -18.29 -6.35
N CYS B 75 -9.25 -17.56 -7.16
CA CYS B 75 -8.93 -16.17 -7.29
C CYS B 75 -9.32 -15.42 -6.05
N GLN B 76 -10.02 -16.05 -5.11
CA GLN B 76 -10.21 -15.33 -3.87
C GLN B 76 -8.85 -15.24 -3.14
N GLY B 77 -7.80 -15.99 -3.64
CA GLY B 77 -6.47 -15.85 -3.12
C GLY B 77 -6.00 -14.41 -3.43
N VAL B 78 -6.60 -13.79 -4.47
CA VAL B 78 -6.28 -12.42 -4.91
C VAL B 78 -6.51 -11.50 -3.78
N GLY B 79 -5.77 -10.32 -3.66
CA GLY B 79 -6.00 -9.60 -2.42
C GLY B 79 -4.77 -9.07 -1.76
N GLY B 80 -4.79 -7.90 -1.07
CA GLY B 80 -3.47 -7.44 -0.59
C GLY B 80 -2.83 -8.50 0.32
N PRO B 81 -3.26 -8.62 1.52
CA PRO B 81 -2.74 -9.67 2.40
C PRO B 81 -3.35 -11.04 2.02
N GLY B 82 -4.46 -11.03 1.25
CA GLY B 82 -5.10 -12.27 0.84
C GLY B 82 -4.15 -13.14 0.01
N HIS B 83 -3.46 -12.57 -0.93
CA HIS B 83 -2.56 -13.40 -1.71
C HIS B 83 -1.27 -13.47 -0.92
N LYS B 84 -0.88 -12.34 -0.30
CA LYS B 84 0.35 -12.27 0.51
C LYS B 84 0.45 -13.45 1.45
N ALA B 85 -0.68 -14.00 1.85
CA ALA B 85 -0.66 -15.15 2.74
C ALA B 85 0.13 -16.29 2.08
N ARG B 86 -0.21 -16.55 0.80
CA ARG B 86 0.47 -17.56 -0.03
C ARG B 86 1.59 -16.98 -0.99
N VAL B 87 1.14 -16.15 -1.94
CA VAL B 87 2.00 -15.60 -3.04
C VAL B 87 3.38 -15.11 -2.62
N LEU B 88 3.53 -14.59 -1.42
CA LEU B 88 4.83 -14.12 -0.96
C LEU B 88 5.85 -15.22 -1.13
N ALA B 89 5.57 -16.29 -0.41
CA ALA B 89 6.40 -17.48 -0.38
C ALA B 89 6.58 -18.08 -1.78
N GLU B 90 5.55 -17.97 -2.60
CA GLU B 90 5.63 -18.53 -3.94
C GLU B 90 6.71 -17.84 -4.75
N ALA B 91 6.71 -16.51 -4.76
CA ALA B 91 7.75 -15.76 -5.49
C ALA B 91 9.09 -16.03 -4.85
N MET B 92 9.06 -16.14 -3.56
CA MET B 92 10.27 -16.43 -2.85
C MET B 92 10.85 -17.77 -3.31
N SER B 93 9.97 -18.77 -3.49
CA SER B 93 10.43 -20.06 -3.98
C SER B 93 10.51 -20.06 -5.52
N GLN B 94 10.02 -18.97 -6.18
CA GLN B 94 10.10 -18.89 -7.64
C GLN B 94 11.54 -18.66 -8.02
N VAL B 95 12.21 -17.87 -7.21
CA VAL B 95 13.61 -17.58 -7.45
C VAL B 95 14.55 -18.61 -6.80
N THR B 96 14.18 -19.11 -5.62
CA THR B 96 15.05 -20.02 -4.88
C THR B 96 14.86 -21.53 -5.09
N ASN B 97 13.66 -22.06 -4.82
CA ASN B 97 13.48 -23.52 -4.84
C ASN B 97 13.06 -24.20 -6.16
N THR B 98 11.93 -23.82 -6.75
CA THR B 98 11.46 -24.54 -7.94
C THR B 98 11.80 -23.88 -9.28
N ALA B 99 11.64 -22.58 -9.34
CA ALA B 99 11.91 -21.86 -10.59
C ALA B 99 13.23 -21.13 -10.52
N THR B 100 14.18 -21.67 -9.76
CA THR B 100 15.46 -21.00 -9.63
C THR B 100 16.13 -20.97 -10.99
N ILE B 101 16.34 -19.75 -11.44
CA ILE B 101 16.89 -19.49 -12.76
C ILE B 101 18.41 -19.54 -12.72
N MET B 102 19.00 -20.34 -13.61
CA MET B 102 20.45 -20.47 -13.68
C MET B 102 21.01 -20.78 -12.29
N GLY C 1 1.32 25.29 -21.96
CA GLY C 1 1.73 24.73 -20.64
C GLY C 1 0.51 24.55 -19.76
N GLY C 2 0.32 23.35 -19.22
CA GLY C 2 -0.84 23.08 -18.39
C GLY C 2 -2.11 23.06 -19.24
N SER C 3 -1.96 22.94 -20.58
CA SER C 3 -3.13 22.89 -21.44
C SER C 3 -3.94 21.68 -21.00
N PRO C 4 -5.24 21.72 -20.94
CA PRO C 4 -6.00 20.55 -20.45
C PRO C 4 -5.76 19.28 -21.26
N THR C 5 -5.26 18.28 -20.56
CA THR C 5 -5.04 16.95 -21.08
C THR C 5 -4.67 16.86 -22.56
N SER C 6 -3.47 17.26 -22.87
CA SER C 6 -2.96 17.16 -24.25
C SER C 6 -2.19 15.83 -24.50
N ILE C 7 -2.16 14.92 -23.48
CA ILE C 7 -1.35 13.66 -23.44
C ILE C 7 -0.05 13.94 -22.77
N LEU C 8 0.44 15.15 -22.89
CA LEU C 8 1.66 15.50 -22.24
C LEU C 8 1.55 15.23 -20.76
N ASP C 9 0.48 15.66 -20.01
CA ASP C 9 0.47 15.17 -18.66
C ASP C 9 -0.47 13.98 -18.52
N ILE C 10 -0.85 13.18 -19.60
CA ILE C 10 -1.84 12.18 -19.23
C ILE C 10 -1.12 11.06 -18.48
N ARG C 11 -1.44 10.73 -17.22
CA ARG C 11 -0.65 9.68 -16.49
C ARG C 11 -1.39 8.40 -16.09
N GLN C 12 -0.63 7.30 -16.10
CA GLN C 12 -1.14 6.03 -15.59
C GLN C 12 -0.57 5.96 -14.22
N GLY C 13 -1.42 5.77 -13.26
CA GLY C 13 -0.93 5.72 -11.92
C GLY C 13 0.09 4.61 -11.80
N PRO C 14 0.93 4.67 -10.79
CA PRO C 14 1.93 3.61 -10.53
C PRO C 14 1.23 2.29 -10.22
N LYS C 15 -0.03 2.39 -9.75
CA LYS C 15 -0.83 1.21 -9.46
C LYS C 15 -1.99 1.14 -10.46
N GLU C 16 -2.41 2.30 -10.97
CA GLU C 16 -3.53 2.35 -11.92
C GLU C 16 -3.26 1.37 -13.05
N PRO C 17 -4.21 0.59 -13.48
CA PRO C 17 -3.94 -0.33 -14.59
C PRO C 17 -3.79 0.39 -15.92
N PHE C 18 -3.05 -0.28 -16.77
CA PHE C 18 -2.71 0.17 -18.10
C PHE C 18 -3.91 0.66 -18.86
N ARG C 19 -4.96 -0.11 -18.89
CA ARG C 19 -6.09 0.29 -19.69
C ARG C 19 -6.90 1.46 -19.12
N ASP C 20 -6.96 1.63 -17.80
CA ASP C 20 -7.70 2.77 -17.26
C ASP C 20 -7.09 4.02 -17.86
N TYR C 21 -5.77 4.00 -17.90
CA TYR C 21 -4.97 5.06 -18.47
C TYR C 21 -5.05 5.13 -20.01
N VAL C 22 -4.95 3.99 -20.69
CA VAL C 22 -5.03 3.99 -22.15
C VAL C 22 -6.37 4.64 -22.54
N ASP C 23 -7.38 4.37 -21.72
CA ASP C 23 -8.70 4.94 -21.93
C ASP C 23 -8.66 6.47 -21.66
N ARG C 24 -7.78 6.89 -20.72
CA ARG C 24 -7.66 8.30 -20.38
C ARG C 24 -6.99 9.08 -21.50
N PHE C 25 -5.82 8.61 -21.96
CA PHE C 25 -5.12 9.29 -23.04
C PHE C 25 -5.97 9.22 -24.29
N TYR C 26 -6.59 8.10 -24.59
CA TYR C 26 -7.48 8.13 -25.72
C TYR C 26 -8.67 9.13 -25.45
N LYS C 27 -9.21 9.11 -24.23
CA LYS C 27 -10.34 10.00 -23.96
C LYS C 27 -9.96 11.45 -24.25
N THR C 28 -8.77 11.86 -23.86
CA THR C 28 -8.37 13.22 -24.11
C THR C 28 -7.71 13.43 -25.48
N LEU C 29 -7.29 12.33 -26.13
CA LEU C 29 -6.70 12.45 -27.48
C LEU C 29 -7.71 13.10 -28.40
N ARG C 30 -8.98 12.77 -28.16
CA ARG C 30 -10.07 13.38 -28.88
C ARG C 30 -10.04 14.89 -28.64
N ALA C 31 -9.72 15.29 -27.42
CA ALA C 31 -9.63 16.72 -27.12
C ALA C 31 -8.38 17.34 -27.76
N GLU C 32 -7.30 16.58 -27.81
CA GLU C 32 -6.11 17.09 -28.42
C GLU C 32 -6.30 16.94 -29.91
N GLN C 33 -6.54 18.05 -30.59
CA GLN C 33 -6.75 18.01 -32.02
C GLN C 33 -5.43 17.63 -32.66
N ALA C 34 -5.23 16.32 -32.84
CA ALA C 34 -3.99 15.81 -33.40
C ALA C 34 -4.26 14.97 -34.65
N SER C 35 -3.18 14.73 -35.38
CA SER C 35 -3.20 13.92 -36.59
C SER C 35 -3.07 12.48 -36.16
N GLN C 36 -3.45 11.52 -37.00
CA GLN C 36 -3.36 10.15 -36.55
C GLN C 36 -1.93 9.82 -36.16
N GLU C 37 -0.96 10.30 -36.94
CA GLU C 37 0.44 10.04 -36.64
C GLU C 37 0.83 10.63 -35.29
N VAL C 38 0.34 11.84 -35.04
CA VAL C 38 0.60 12.53 -33.78
C VAL C 38 0.03 11.71 -32.64
N LYS C 39 -1.18 11.22 -32.86
CA LYS C 39 -1.83 10.37 -31.87
C LYS C 39 -0.95 9.10 -31.67
N ASN C 40 -0.16 8.74 -32.73
CA ASN C 40 0.74 7.56 -32.70
C ASN C 40 2.04 7.81 -31.82
N TRP C 41 2.44 9.09 -31.55
CA TRP C 41 3.56 9.33 -30.61
C TRP C 41 2.98 9.06 -29.26
N MET C 42 1.74 9.63 -29.10
CA MET C 42 0.98 9.53 -27.86
C MET C 42 0.65 8.07 -27.54
N THR C 43 0.31 7.28 -28.56
CA THR C 43 -0.01 5.86 -28.32
C THR C 43 1.22 4.98 -28.33
N GLU C 44 2.24 5.31 -29.08
CA GLU C 44 3.40 4.43 -29.10
C GLU C 44 4.35 4.70 -27.96
N THR C 45 4.95 5.88 -27.90
CA THR C 45 5.92 6.17 -26.84
C THR C 45 5.39 6.90 -25.58
N LEU C 46 4.30 7.75 -25.65
CA LEU C 46 3.89 8.44 -24.39
C LEU C 46 3.09 7.46 -23.58
N LEU C 47 2.20 6.71 -24.31
CA LEU C 47 1.41 5.62 -23.72
C LEU C 47 2.35 4.65 -22.99
N VAL C 48 3.63 4.64 -23.40
CA VAL C 48 4.66 3.81 -22.76
C VAL C 48 5.29 4.55 -21.56
N GLN C 49 5.90 5.72 -21.86
CA GLN C 49 6.66 6.54 -20.88
C GLN C 49 5.93 7.11 -19.67
N ASN C 50 4.81 7.83 -19.82
CA ASN C 50 4.14 8.43 -18.64
C ASN C 50 2.98 7.57 -18.23
N ALA C 51 3.12 6.29 -18.46
CA ALA C 51 2.09 5.37 -18.15
C ALA C 51 2.57 4.30 -17.22
N ASN C 52 2.89 4.63 -15.97
CA ASN C 52 3.27 3.59 -15.04
C ASN C 52 4.50 2.83 -15.55
N PRO C 53 5.71 3.18 -15.16
CA PRO C 53 6.97 2.54 -15.65
C PRO C 53 6.85 1.03 -15.77
N ASP C 54 5.99 0.45 -14.93
CA ASP C 54 5.70 -0.96 -15.00
C ASP C 54 5.39 -1.33 -16.41
N CYS C 55 4.43 -0.64 -17.00
CA CYS C 55 4.14 -0.98 -18.35
C CYS C 55 5.37 -0.61 -19.11
N LYS C 56 5.92 0.58 -18.87
CA LYS C 56 7.06 1.02 -19.65
C LYS C 56 8.16 -0.01 -19.78
N THR C 57 8.35 -0.84 -18.79
CA THR C 57 9.38 -1.82 -18.91
C THR C 57 8.83 -3.00 -19.77
N ILE C 58 7.55 -3.35 -19.58
CA ILE C 58 6.90 -4.44 -20.35
C ILE C 58 6.83 -4.11 -21.84
N LEU C 59 6.42 -2.89 -22.15
CA LEU C 59 6.29 -2.45 -23.51
C LEU C 59 7.72 -2.49 -24.01
N LYS C 60 8.67 -2.09 -23.16
CA LYS C 60 10.11 -2.16 -23.55
C LYS C 60 10.56 -3.61 -23.76
N ALA C 61 9.89 -4.53 -23.11
CA ALA C 61 10.21 -5.93 -23.25
C ALA C 61 9.68 -6.48 -24.57
N LEU C 62 8.41 -6.14 -24.87
CA LEU C 62 7.79 -6.60 -26.09
C LEU C 62 8.49 -5.97 -27.30
N GLY C 63 8.57 -4.68 -27.16
CA GLY C 63 9.16 -3.75 -28.11
C GLY C 63 8.31 -2.48 -27.96
N PRO C 64 8.88 -1.29 -27.76
CA PRO C 64 8.04 -0.05 -27.54
C PRO C 64 7.07 0.26 -28.67
N GLY C 65 5.81 0.48 -28.32
CA GLY C 65 4.80 0.80 -29.33
C GLY C 65 4.10 -0.45 -29.87
N ALA C 66 4.33 -1.61 -29.26
CA ALA C 66 3.69 -2.85 -29.68
C ALA C 66 2.19 -2.61 -29.79
N THR C 67 1.48 -3.46 -30.51
CA THR C 67 0.06 -3.20 -30.71
C THR C 67 -0.69 -2.97 -29.40
N LEU C 68 -1.72 -2.16 -29.48
CA LEU C 68 -2.44 -1.86 -28.27
C LEU C 68 -2.95 -3.13 -27.63
N GLU C 69 -3.21 -4.14 -28.46
CA GLU C 69 -3.63 -5.42 -27.97
C GLU C 69 -2.45 -6.18 -27.42
N GLU C 70 -1.32 -6.15 -28.13
CA GLU C 70 -0.16 -6.90 -27.66
C GLU C 70 0.27 -6.41 -26.30
N MET C 71 0.53 -5.07 -26.21
CA MET C 71 0.89 -4.45 -24.93
C MET C 71 -0.17 -4.89 -23.96
N MET C 72 -1.42 -4.51 -24.24
CA MET C 72 -2.56 -4.86 -23.37
C MET C 72 -2.49 -6.26 -22.79
N THR C 73 -2.31 -7.26 -23.57
CA THR C 73 -2.24 -8.58 -22.97
C THR C 73 -1.10 -8.73 -21.91
N ALA C 74 0.08 -8.17 -22.19
CA ALA C 74 1.23 -8.31 -21.27
C ALA C 74 1.35 -7.22 -20.20
N CYS C 75 0.73 -6.09 -20.48
CA CYS C 75 0.76 -4.92 -19.64
C CYS C 75 -0.59 -4.69 -19.01
N GLN C 76 -1.59 -5.45 -19.35
CA GLN C 76 -2.80 -5.24 -18.64
C GLN C 76 -2.58 -5.69 -17.18
N GLY C 77 -1.46 -6.42 -16.89
CA GLY C 77 -1.17 -6.77 -15.52
C GLY C 77 -0.42 -5.62 -14.77
N VAL C 78 -0.18 -4.52 -15.44
CA VAL C 78 0.56 -3.34 -14.88
C VAL C 78 0.01 -2.94 -13.55
N GLY C 79 0.79 -2.21 -12.65
CA GLY C 79 0.23 -2.03 -11.33
C GLY C 79 1.12 -2.60 -10.26
N GLY C 80 1.08 -2.21 -8.99
CA GLY C 80 2.07 -2.89 -8.17
C GLY C 80 1.65 -4.34 -7.99
N PRO C 81 0.59 -4.55 -7.28
CA PRO C 81 -0.04 -5.88 -7.06
C PRO C 81 -0.04 -6.72 -8.26
N GLY C 82 -0.20 -6.07 -9.36
CA GLY C 82 -0.25 -6.77 -10.57
C GLY C 82 1.11 -7.09 -11.13
N HIS C 83 1.84 -6.06 -11.48
CA HIS C 83 3.09 -6.30 -12.13
C HIS C 83 4.00 -7.13 -11.26
N LYS C 84 4.08 -6.79 -10.00
CA LYS C 84 4.94 -7.51 -9.08
C LYS C 84 4.65 -8.99 -9.04
N ALA C 85 3.46 -9.40 -9.50
CA ALA C 85 3.12 -10.80 -9.50
C ALA C 85 4.21 -11.53 -10.23
N ARG C 86 4.63 -10.89 -11.35
CA ARG C 86 5.75 -11.36 -12.20
C ARG C 86 7.11 -10.69 -11.82
N VAL C 87 7.08 -9.34 -11.78
CA VAL C 87 8.26 -8.50 -11.53
C VAL C 87 8.90 -8.80 -10.21
N LEU C 88 8.13 -9.07 -9.16
CA LEU C 88 8.77 -9.44 -7.90
C LEU C 88 9.65 -10.68 -8.19
N ALA C 89 9.08 -11.64 -8.88
CA ALA C 89 9.84 -12.82 -9.19
C ALA C 89 11.08 -12.53 -10.07
N GLU C 90 10.92 -11.76 -11.14
CA GLU C 90 12.04 -11.47 -12.02
C GLU C 90 13.17 -10.70 -11.31
N ALA C 91 12.79 -9.61 -10.62
CA ALA C 91 13.72 -8.75 -9.88
C ALA C 91 14.44 -9.56 -8.83
N MET C 92 13.70 -10.40 -8.14
CA MET C 92 14.28 -11.29 -7.15
C MET C 92 15.50 -12.02 -7.74
N SER C 93 15.48 -12.24 -9.05
CA SER C 93 16.61 -12.88 -9.70
C SER C 93 17.42 -11.86 -10.53
N GLN C 94 16.88 -10.66 -10.75
CA GLN C 94 17.59 -9.68 -11.54
C GLN C 94 18.89 -9.43 -10.85
N VAL C 95 18.81 -9.34 -9.54
CA VAL C 95 19.99 -9.14 -8.71
C VAL C 95 20.76 -10.46 -8.47
N THR C 96 20.03 -11.57 -8.39
CA THR C 96 20.68 -12.84 -8.05
C THR C 96 21.16 -13.71 -9.23
N ASN C 97 20.27 -14.11 -10.13
CA ASN C 97 20.68 -15.06 -11.18
C ASN C 97 21.19 -14.52 -12.53
N THR C 98 20.42 -13.69 -13.23
CA THR C 98 20.84 -13.26 -14.57
C THR C 98 21.53 -11.90 -14.64
N ALA C 99 21.00 -10.93 -13.92
CA ALA C 99 21.56 -9.59 -13.95
C ALA C 99 22.38 -9.30 -12.69
N THR C 100 22.97 -10.34 -12.11
CA THR C 100 23.72 -10.13 -10.88
C THR C 100 24.87 -9.18 -11.18
N ILE C 101 24.75 -8.01 -10.58
CA ILE C 101 25.69 -6.93 -10.78
C ILE C 101 26.94 -7.13 -9.91
N MET C 102 28.10 -7.17 -10.56
CA MET C 102 29.36 -7.36 -9.85
C MET C 102 29.26 -8.55 -8.89
N GLY D 1 6.09 33.19 4.85
CA GLY D 1 6.84 31.90 4.96
C GLY D 1 5.86 30.77 5.24
N GLY D 2 6.06 29.63 4.58
CA GLY D 2 5.17 28.50 4.78
C GLY D 2 3.82 28.77 4.14
N SER D 3 3.76 29.74 3.23
CA SER D 3 2.50 30.01 2.57
C SER D 3 2.15 28.72 1.87
N PRO D 4 0.90 28.44 1.64
CA PRO D 4 0.52 27.15 1.01
C PRO D 4 1.32 26.83 -0.24
N THR D 5 1.88 25.62 -0.26
CA THR D 5 2.62 25.11 -1.40
C THR D 5 3.64 26.12 -1.99
N SER D 6 4.61 26.46 -1.19
CA SER D 6 5.60 27.42 -1.61
C SER D 6 6.76 26.78 -2.36
N ILE D 7 6.70 25.45 -2.61
CA ILE D 7 7.86 24.72 -3.18
C ILE D 7 8.78 24.27 -2.08
N LEU D 8 9.11 25.20 -1.20
CA LEU D 8 9.86 24.94 -0.02
C LEU D 8 9.21 23.78 0.67
N ASP D 9 7.83 23.78 0.80
CA ASP D 9 7.25 22.55 1.26
C ASP D 9 6.39 21.85 0.19
N ILE D 10 6.60 21.98 -1.19
CA ILE D 10 5.59 21.28 -1.94
C ILE D 10 5.86 19.81 -1.72
N ARG D 11 4.82 18.94 -1.74
CA ARG D 11 5.07 17.50 -1.42
C ARG D 11 4.67 16.50 -2.48
N GLN D 12 5.63 15.60 -2.70
CA GLN D 12 5.44 14.48 -3.60
C GLN D 12 5.01 13.32 -2.80
N GLY D 13 3.93 12.71 -3.23
CA GLY D 13 3.47 11.57 -2.52
C GLY D 13 4.55 10.52 -2.56
N PRO D 14 4.74 9.73 -1.53
CA PRO D 14 5.79 8.68 -1.56
C PRO D 14 5.60 7.81 -2.82
N LYS D 15 4.33 7.69 -3.25
CA LYS D 15 3.98 6.92 -4.45
C LYS D 15 3.60 7.81 -5.64
N GLU D 16 3.33 9.08 -5.38
CA GLU D 16 2.89 9.99 -6.44
C GLU D 16 3.89 10.06 -7.62
N PRO D 17 3.46 10.08 -8.86
CA PRO D 17 4.42 10.20 -9.98
C PRO D 17 5.04 11.58 -10.03
N PHE D 18 6.30 11.60 -10.48
CA PHE D 18 7.03 12.85 -10.61
C PHE D 18 6.22 13.79 -11.49
N ARG D 19 5.76 13.35 -12.66
CA ARG D 19 4.95 14.23 -13.51
C ARG D 19 3.68 14.80 -12.81
N ASP D 20 3.24 14.16 -11.71
CA ASP D 20 2.04 14.59 -10.97
C ASP D 20 2.41 15.53 -9.81
N TYR D 21 3.39 15.13 -9.02
CA TYR D 21 3.81 15.96 -7.95
C TYR D 21 4.39 17.24 -8.51
N VAL D 22 5.17 17.05 -9.53
CA VAL D 22 5.73 18.17 -10.24
C VAL D 22 4.51 18.95 -10.75
N ASP D 23 3.44 18.24 -11.13
CA ASP D 23 2.26 18.97 -11.62
C ASP D 23 1.81 19.93 -10.52
N ARG D 24 2.04 19.54 -9.27
CA ARG D 24 1.69 20.38 -8.11
C ARG D 24 2.79 21.37 -7.81
N PHE D 25 4.03 21.03 -8.16
CA PHE D 25 5.09 21.95 -7.88
C PHE D 25 4.94 23.14 -8.78
N TYR D 26 4.73 22.90 -10.05
CA TYR D 26 4.56 24.02 -10.98
C TYR D 26 3.32 24.83 -10.68
N LYS D 27 2.20 24.13 -10.51
CA LYS D 27 0.93 24.78 -10.28
C LYS D 27 1.04 25.69 -9.09
N THR D 28 1.82 25.26 -8.12
CA THR D 28 2.00 26.09 -6.96
C THR D 28 3.17 27.08 -7.18
N LEU D 29 4.04 26.80 -8.15
CA LEU D 29 5.03 27.79 -8.45
C LEU D 29 4.24 29.00 -8.97
N ARG D 30 3.18 28.72 -9.72
CA ARG D 30 2.34 29.79 -10.22
C ARG D 30 1.83 30.60 -9.02
N ALA D 31 1.66 29.91 -7.88
CA ALA D 31 1.21 30.53 -6.60
C ALA D 31 2.41 31.10 -5.80
N GLU D 32 3.65 30.75 -6.20
CA GLU D 32 4.85 31.24 -5.54
C GLU D 32 5.45 32.38 -6.40
N GLN D 33 5.38 33.62 -5.88
CA GLN D 33 5.86 34.80 -6.62
C GLN D 33 7.38 34.95 -6.59
N ALA D 34 8.05 34.23 -7.49
CA ALA D 34 9.52 34.27 -7.57
C ALA D 34 9.99 34.67 -8.96
N SER D 35 11.23 35.15 -9.05
CA SER D 35 11.77 35.51 -10.36
C SER D 35 11.94 34.23 -11.15
N GLN D 36 11.97 34.31 -12.46
CA GLN D 36 12.11 33.09 -13.23
C GLN D 36 13.42 32.38 -12.87
N GLU D 37 14.52 33.12 -12.81
CA GLU D 37 15.80 32.50 -12.45
C GLU D 37 15.69 31.89 -11.07
N VAL D 38 14.96 32.54 -10.17
CA VAL D 38 14.79 31.98 -8.84
C VAL D 38 14.06 30.62 -8.93
N LYS D 39 12.92 30.61 -9.66
CA LYS D 39 12.12 29.38 -9.84
C LYS D 39 12.95 28.30 -10.44
N ASN D 40 13.93 28.68 -11.21
CA ASN D 40 14.78 27.69 -11.79
C ASN D 40 15.43 26.89 -10.67
N TRP D 41 15.86 27.56 -9.59
CA TRP D 41 16.46 26.80 -8.51
C TRP D 41 15.41 25.83 -8.01
N MET D 42 14.12 26.25 -8.01
CA MET D 42 13.03 25.43 -7.45
C MET D 42 12.85 24.16 -8.25
N THR D 43 12.79 24.32 -9.54
CA THR D 43 12.67 23.17 -10.39
C THR D 43 13.95 22.33 -10.37
N GLU D 44 15.07 22.93 -9.96
CA GLU D 44 16.36 22.22 -9.94
C GLU D 44 16.66 21.44 -8.67
N THR D 45 16.81 22.16 -7.55
CA THR D 45 17.13 21.52 -6.28
C THR D 45 15.91 21.28 -5.38
N LEU D 46 14.93 22.23 -5.28
CA LEU D 46 13.78 22.01 -4.35
C LEU D 46 13.19 20.72 -4.68
N LEU D 47 12.75 20.65 -5.91
CA LEU D 47 12.14 19.47 -6.49
C LEU D 47 12.86 18.17 -6.03
N VAL D 48 14.16 18.24 -5.75
CA VAL D 48 14.92 17.09 -5.25
C VAL D 48 14.75 16.94 -3.72
N GLN D 49 15.02 18.04 -3.04
CA GLN D 49 15.02 18.07 -1.58
C GLN D 49 13.73 17.66 -0.86
N ASN D 50 12.54 18.04 -1.35
CA ASN D 50 11.30 17.75 -0.58
C ASN D 50 10.27 16.94 -1.33
N ALA D 51 10.69 16.14 -2.29
CA ALA D 51 9.72 15.41 -3.11
C ALA D 51 9.92 13.89 -3.23
N ASN D 52 9.59 13.06 -2.21
CA ASN D 52 9.71 11.59 -2.46
C ASN D 52 11.22 11.13 -2.72
N PRO D 53 11.88 10.41 -1.82
CA PRO D 53 13.34 10.00 -1.95
C PRO D 53 13.72 9.29 -3.24
N ASP D 54 12.72 8.84 -4.00
CA ASP D 54 13.06 8.22 -5.28
C ASP D 54 13.62 9.32 -6.16
N CYS D 55 13.03 10.51 -6.05
CA CYS D 55 13.50 11.61 -6.87
C CYS D 55 14.70 12.26 -6.15
N LYS D 56 14.79 12.09 -4.82
CA LYS D 56 15.89 12.71 -4.08
C LYS D 56 17.20 11.97 -4.32
N THR D 57 17.09 10.67 -4.48
CA THR D 57 18.25 9.85 -4.75
C THR D 57 18.59 9.93 -6.26
N ILE D 58 17.53 10.16 -7.08
CA ILE D 58 17.69 10.30 -8.54
C ILE D 58 18.22 11.66 -8.94
N LEU D 59 17.44 12.72 -8.70
CA LEU D 59 17.87 14.05 -9.14
C LEU D 59 19.28 14.35 -8.61
N LYS D 60 19.69 13.68 -7.52
CA LYS D 60 21.03 13.81 -6.96
C LYS D 60 22.00 12.95 -7.78
N ALA D 61 21.56 11.75 -8.19
CA ALA D 61 22.39 10.86 -9.01
C ALA D 61 22.68 11.52 -10.36
N LEU D 62 21.62 11.98 -11.03
CA LEU D 62 21.79 12.72 -12.26
C LEU D 62 22.57 13.94 -11.83
N GLY D 63 22.06 14.51 -10.73
CA GLY D 63 22.64 15.67 -10.09
C GLY D 63 21.81 16.93 -10.37
N PRO D 64 22.10 18.00 -9.63
CA PRO D 64 21.45 19.32 -9.83
C PRO D 64 22.00 19.99 -11.10
N GLY D 65 21.12 20.58 -11.90
CA GLY D 65 21.56 21.24 -13.14
C GLY D 65 21.24 20.41 -14.39
N ALA D 66 20.85 19.16 -14.20
CA ALA D 66 20.48 18.34 -15.35
C ALA D 66 19.18 18.90 -15.88
N THR D 67 18.88 18.68 -17.13
CA THR D 67 17.64 19.20 -17.64
C THR D 67 16.48 18.46 -17.04
N LEU D 68 15.30 19.00 -17.25
CA LEU D 68 14.12 18.38 -16.70
C LEU D 68 13.76 17.13 -17.51
N GLU D 69 13.98 17.09 -18.81
CA GLU D 69 13.66 15.84 -19.52
C GLU D 69 14.60 14.77 -18.94
N GLU D 70 15.86 15.17 -18.71
CA GLU D 70 16.83 14.27 -18.11
C GLU D 70 16.34 13.77 -16.75
N MET D 71 15.79 14.68 -15.91
CA MET D 71 15.26 14.27 -14.60
C MET D 71 13.99 13.46 -14.80
N MET D 72 12.93 14.09 -15.29
CA MET D 72 11.61 13.46 -15.54
C MET D 72 11.70 12.06 -16.15
N THR D 73 12.51 11.89 -17.19
CA THR D 73 12.61 10.59 -17.80
C THR D 73 13.06 9.61 -16.74
N ALA D 74 14.03 10.06 -15.93
CA ALA D 74 14.57 9.25 -14.83
C ALA D 74 13.71 9.33 -13.56
N CYS D 75 12.71 10.21 -13.55
CA CYS D 75 11.83 10.35 -12.41
C CYS D 75 10.46 9.69 -12.72
N GLN D 76 10.22 9.27 -13.99
CA GLN D 76 9.00 8.55 -14.31
C GLN D 76 9.01 7.27 -13.54
N GLY D 77 10.22 6.75 -13.27
CA GLY D 77 10.35 5.54 -12.49
C GLY D 77 9.77 5.77 -11.10
N VAL D 78 9.70 7.04 -10.67
CA VAL D 78 9.13 7.39 -9.34
C VAL D 78 7.74 6.88 -9.34
N GLY D 79 7.37 6.17 -8.27
CA GLY D 79 6.18 5.38 -8.44
C GLY D 79 6.38 4.10 -7.70
N GLY D 80 5.39 3.36 -7.28
CA GLY D 80 5.86 2.28 -6.45
C GLY D 80 6.66 1.22 -7.18
N PRO D 81 6.04 0.29 -7.82
CA PRO D 81 6.76 -0.84 -8.51
C PRO D 81 7.80 -0.34 -9.57
N GLY D 82 7.51 0.83 -10.20
CA GLY D 82 8.37 1.38 -11.26
C GLY D 82 9.78 1.66 -10.75
N HIS D 83 9.91 2.34 -9.59
CA HIS D 83 11.24 2.60 -9.00
C HIS D 83 11.58 1.47 -8.04
N LYS D 84 10.56 0.78 -7.52
CA LYS D 84 10.82 -0.29 -6.57
C LYS D 84 11.45 -1.47 -7.23
N ALA D 85 11.26 -1.66 -8.53
CA ALA D 85 11.87 -2.79 -9.18
C ALA D 85 13.39 -2.56 -9.21
N ARG D 86 13.79 -1.42 -9.79
CA ARG D 86 15.21 -1.06 -9.86
C ARG D 86 15.82 -0.88 -8.46
N VAL D 87 15.07 -0.20 -7.58
CA VAL D 87 15.52 0.08 -6.21
C VAL D 87 15.59 -1.19 -5.38
N LEU D 88 14.63 -2.07 -5.54
CA LEU D 88 14.68 -3.32 -4.78
C LEU D 88 15.99 -4.00 -5.12
N ALA D 89 16.25 -4.13 -6.41
CA ALA D 89 17.48 -4.72 -6.85
C ALA D 89 18.70 -3.96 -6.35
N GLU D 90 18.69 -2.62 -6.47
CA GLU D 90 19.85 -1.81 -6.05
C GLU D 90 20.17 -2.00 -4.58
N ALA D 91 19.20 -1.79 -3.74
CA ALA D 91 19.41 -1.97 -2.33
C ALA D 91 19.80 -3.40 -2.06
N MET D 92 19.15 -4.31 -2.79
CA MET D 92 19.42 -5.70 -2.59
C MET D 92 20.87 -6.03 -2.87
N SER D 93 21.43 -5.42 -3.93
CA SER D 93 22.83 -5.70 -4.29
C SER D 93 23.79 -4.76 -3.56
N GLN D 94 23.27 -3.68 -3.00
CA GLN D 94 24.12 -2.78 -2.25
C GLN D 94 24.66 -3.51 -1.04
N VAL D 95 23.76 -3.91 -0.18
CA VAL D 95 24.17 -4.63 0.99
C VAL D 95 24.99 -5.86 0.62
N THR D 96 24.69 -6.53 -0.50
CA THR D 96 25.43 -7.74 -0.83
C THR D 96 26.71 -7.57 -1.70
N ASN D 97 26.57 -7.10 -2.94
CA ASN D 97 27.73 -7.01 -3.83
C ASN D 97 28.46 -5.65 -3.91
N THR D 98 27.74 -4.59 -4.28
CA THR D 98 28.37 -3.28 -4.51
C THR D 98 28.62 -2.43 -3.27
N ALA D 99 27.65 -2.40 -2.36
CA ALA D 99 27.77 -1.56 -1.17
C ALA D 99 28.01 -2.36 0.10
N THR D 100 28.60 -3.54 -0.01
CA THR D 100 28.81 -4.33 1.18
C THR D 100 29.78 -3.57 2.08
N ILE D 101 29.26 -3.10 3.20
CA ILE D 101 30.03 -2.31 4.14
C ILE D 101 30.61 -3.20 5.23
N MET D 102 31.91 -3.08 5.45
CA MET D 102 32.58 -3.88 6.47
C MET D 102 32.36 -5.37 6.20
N GLY E 1 -8.36 21.47 30.20
CA GLY E 1 -6.93 21.62 29.82
C GLY E 1 -6.50 20.42 28.98
N GLY E 2 -5.45 20.59 28.16
CA GLY E 2 -4.99 19.51 27.32
C GLY E 2 -6.11 19.25 26.33
N SER E 3 -6.73 20.36 25.88
CA SER E 3 -7.83 20.28 24.95
C SER E 3 -7.42 19.38 23.80
N PRO E 4 -8.36 18.78 23.12
CA PRO E 4 -8.03 17.84 22.03
C PRO E 4 -7.05 18.45 21.05
N THR E 5 -6.02 17.66 20.70
CA THR E 5 -4.98 18.04 19.73
C THR E 5 -4.02 19.10 20.17
N SER E 6 -4.28 19.77 21.30
CA SER E 6 -3.46 20.93 21.72
C SER E 6 -1.94 20.84 21.49
N ILE E 7 -1.38 19.60 21.44
CA ILE E 7 0.08 19.20 21.29
C ILE E 7 0.40 18.04 22.22
N LEU E 8 -0.38 17.92 23.29
CA LEU E 8 -0.31 16.83 24.20
C LEU E 8 -0.30 15.56 23.47
N ASP E 9 -1.29 15.42 22.54
CA ASP E 9 -1.23 14.29 21.72
C ASP E 9 -1.08 14.65 20.27
N ILE E 10 -0.34 15.75 19.78
CA ILE E 10 -0.57 15.91 18.34
C ILE E 10 -0.02 14.70 17.55
N ARG E 11 -0.92 13.92 16.94
CA ARG E 11 -0.48 12.66 16.30
C ARG E 11 -0.26 12.73 14.81
N GLN E 12 0.79 12.03 14.41
CA GLN E 12 1.19 11.97 12.99
C GLN E 12 0.88 10.65 12.33
N GLY E 13 0.22 10.73 11.18
CA GLY E 13 -0.14 9.55 10.47
C GLY E 13 1.09 8.79 9.96
N PRO E 14 1.05 7.47 9.86
CA PRO E 14 2.22 6.67 9.32
C PRO E 14 2.52 7.06 7.87
N LYS E 15 1.45 7.14 7.07
CA LYS E 15 1.55 7.55 5.65
C LYS E 15 1.44 9.07 5.51
N GLU E 16 0.97 9.75 6.56
CA GLU E 16 0.85 11.20 6.51
C GLU E 16 2.26 11.78 6.45
N PRO E 17 2.62 12.64 5.53
CA PRO E 17 4.00 13.18 5.50
C PRO E 17 4.28 14.04 6.71
N PHE E 18 5.55 14.02 7.11
CA PHE E 18 6.01 14.77 8.27
C PHE E 18 5.45 16.18 8.27
N ARG E 19 5.72 16.90 7.20
CA ARG E 19 5.24 18.26 7.03
C ARG E 19 3.73 18.42 7.24
N ASP E 20 2.91 17.43 6.74
CA ASP E 20 1.41 17.53 6.85
C ASP E 20 0.98 17.75 8.31
N TYR E 21 1.48 16.89 9.16
CA TYR E 21 1.20 16.94 10.60
C TYR E 21 1.96 18.11 11.27
N VAL E 22 3.03 18.56 10.66
CA VAL E 22 3.74 19.72 11.20
C VAL E 22 2.83 20.98 10.99
N ASP E 23 2.17 21.00 9.82
CA ASP E 23 1.24 22.08 9.49
C ASP E 23 0.05 22.01 10.48
N ARG E 24 -0.34 20.75 10.81
CA ARG E 24 -1.43 20.49 11.75
C ARG E 24 -1.15 20.98 13.15
N PHE E 25 0.03 20.59 13.70
CA PHE E 25 0.34 20.95 15.08
C PHE E 25 0.59 22.44 15.19
N TYR E 26 1.20 23.06 14.18
CA TYR E 26 1.41 24.50 14.25
C TYR E 26 0.04 25.14 14.30
N LYS E 27 -0.82 24.62 13.44
CA LYS E 27 -2.18 25.05 13.35
C LYS E 27 -2.89 24.78 14.66
N THR E 28 -2.58 23.68 15.34
CA THR E 28 -3.29 23.41 16.56
C THR E 28 -2.67 24.13 17.75
N LEU E 29 -1.41 24.55 17.63
CA LEU E 29 -0.85 25.35 18.68
C LEU E 29 -1.66 26.65 18.65
N ARG E 30 -2.13 27.06 17.44
CA ARG E 30 -3.01 28.24 17.34
C ARG E 30 -4.25 27.93 18.16
N ALA E 31 -4.66 26.64 18.12
CA ALA E 31 -5.80 26.15 18.91
C ALA E 31 -5.49 26.18 20.42
N GLU E 32 -4.21 26.24 20.77
CA GLU E 32 -3.74 26.30 22.17
C GLU E 32 -3.22 27.74 22.53
N GLN E 33 -3.86 28.44 23.47
CA GLN E 33 -3.39 29.80 23.84
C GLN E 33 -2.19 29.75 24.81
N ALA E 34 -0.97 29.84 24.24
CA ALA E 34 0.29 29.78 25.02
C ALA E 34 1.32 30.83 24.61
N SER E 35 2.40 30.86 25.41
CA SER E 35 3.52 31.76 25.14
C SER E 35 4.18 31.38 23.81
N GLN E 36 4.77 32.35 23.13
CA GLN E 36 5.44 32.07 21.87
C GLN E 36 6.59 31.09 22.14
N GLU E 37 7.27 31.29 23.28
CA GLU E 37 8.34 30.38 23.70
C GLU E 37 7.73 29.05 24.14
N VAL E 38 6.59 29.09 24.87
CA VAL E 38 5.93 27.84 25.27
C VAL E 38 5.70 27.04 24.03
N LYS E 39 5.34 27.74 22.96
CA LYS E 39 5.13 27.05 21.70
C LYS E 39 6.46 26.59 21.10
N ASN E 40 7.46 27.46 21.22
CA ASN E 40 8.76 27.16 20.64
C ASN E 40 9.35 25.84 21.15
N TRP E 41 9.38 25.63 22.47
CA TRP E 41 9.91 24.36 22.98
C TRP E 41 8.88 23.20 22.68
N MET E 42 7.52 23.51 22.62
CA MET E 42 6.43 22.52 22.31
C MET E 42 6.56 21.97 20.85
N THR E 43 7.18 22.76 19.97
CA THR E 43 7.32 22.34 18.58
C THR E 43 8.54 21.40 18.34
N GLU E 44 9.75 21.88 18.54
CA GLU E 44 10.93 21.04 18.30
C GLU E 44 10.86 19.71 19.09
N THR E 45 10.40 19.81 20.35
CA THR E 45 10.36 18.63 21.20
C THR E 45 9.08 17.79 21.09
N LEU E 46 7.90 18.40 21.22
CA LEU E 46 6.69 17.59 21.31
C LEU E 46 6.26 17.09 19.91
N LEU E 47 6.73 17.78 18.83
CA LEU E 47 6.44 17.32 17.44
C LEU E 47 7.15 15.97 17.20
N VAL E 48 8.44 15.97 17.56
CA VAL E 48 9.38 14.85 17.38
C VAL E 48 9.09 13.69 18.29
N GLN E 49 8.76 14.02 19.50
CA GLN E 49 8.53 13.03 20.48
C GLN E 49 7.40 12.11 20.07
N ASN E 50 6.35 12.68 19.45
CA ASN E 50 5.14 11.90 19.17
C ASN E 50 4.78 11.72 17.71
N ALA E 51 5.73 11.71 16.74
CA ALA E 51 5.28 11.61 15.32
C ALA E 51 6.14 10.76 14.36
N ASN E 52 5.41 10.22 13.33
CA ASN E 52 5.96 9.42 12.23
C ASN E 52 7.26 8.72 12.60
N PRO E 53 7.30 7.51 13.09
CA PRO E 53 8.59 6.84 13.48
C PRO E 53 9.67 6.98 12.41
N ASP E 54 9.23 7.23 11.12
CA ASP E 54 10.17 7.48 9.99
C ASP E 54 10.78 8.88 10.14
N CYS E 55 9.91 9.83 10.48
CA CYS E 55 10.30 11.22 10.71
C CYS E 55 10.90 11.36 12.11
N LYS E 56 10.65 10.39 12.98
CA LYS E 56 11.17 10.46 14.32
C LYS E 56 12.57 9.98 14.27
N THR E 57 12.70 8.80 13.69
CA THR E 57 14.01 8.18 13.58
C THR E 57 14.95 9.19 12.93
N ILE E 58 14.40 9.98 12.02
CA ILE E 58 15.13 11.02 11.32
C ILE E 58 15.37 12.23 12.18
N LEU E 59 14.31 12.75 12.76
CA LEU E 59 14.41 13.93 13.60
C LEU E 59 15.50 13.72 14.63
N LYS E 60 15.65 12.48 15.12
CA LYS E 60 16.71 12.19 16.09
C LYS E 60 18.06 12.26 15.41
N ALA E 61 18.10 11.74 14.19
CA ALA E 61 19.33 11.70 13.38
C ALA E 61 19.83 13.09 13.04
N LEU E 62 18.94 13.98 12.61
CA LEU E 62 19.34 15.32 12.32
C LEU E 62 19.90 15.88 13.59
N GLY E 63 19.23 15.51 14.71
CA GLY E 63 19.60 15.98 16.03
C GLY E 63 18.83 17.29 16.24
N PRO E 64 18.27 17.56 17.39
CA PRO E 64 17.51 18.84 17.61
C PRO E 64 18.32 20.06 17.17
N GLY E 65 17.66 21.21 17.07
CA GLY E 65 18.33 22.42 16.62
C GLY E 65 18.26 22.57 15.10
N ALA E 66 17.78 21.53 14.40
CA ALA E 66 17.66 21.60 12.96
C ALA E 66 16.59 22.63 12.62
N THR E 67 16.82 23.43 11.60
CA THR E 67 15.81 24.38 11.24
C THR E 67 14.59 23.61 10.89
N LEU E 68 13.43 24.21 10.98
CA LEU E 68 12.23 23.48 10.67
C LEU E 68 12.32 23.03 9.25
N GLU E 69 12.86 23.91 8.41
CA GLU E 69 13.09 23.61 7.03
C GLU E 69 13.97 22.37 6.99
N GLU E 70 14.91 22.29 7.93
CA GLU E 70 15.78 21.13 7.98
C GLU E 70 15.03 19.88 8.46
N MET E 71 14.10 20.01 9.44
CA MET E 71 13.40 18.81 9.94
C MET E 71 12.63 18.16 8.82
N MET E 72 12.03 18.97 7.96
CA MET E 72 11.28 18.43 6.86
C MET E 72 12.21 18.04 5.72
N THR E 73 13.37 18.67 5.63
CA THR E 73 14.31 18.31 4.57
C THR E 73 14.69 16.84 4.72
N ALA E 74 14.86 16.35 5.96
CA ALA E 74 15.24 14.94 6.17
C ALA E 74 14.03 14.00 6.19
N CYS E 75 12.97 14.48 6.84
CA CYS E 75 11.73 13.75 7.01
C CYS E 75 10.86 13.77 5.76
N GLN E 76 11.18 14.62 4.79
CA GLN E 76 10.38 14.64 3.58
C GLN E 76 10.34 13.27 2.96
N GLY E 77 11.36 12.45 3.25
CA GLY E 77 11.42 11.15 2.68
C GLY E 77 10.37 10.17 3.28
N VAL E 78 9.86 10.50 4.46
CA VAL E 78 8.86 9.67 5.23
C VAL E 78 7.77 9.19 4.30
N GLY E 79 7.02 8.02 4.56
CA GLY E 79 6.11 7.60 3.47
C GLY E 79 6.27 6.15 3.02
N GLY E 80 5.32 5.50 2.33
CA GLY E 80 5.65 4.10 2.09
C GLY E 80 6.72 3.99 1.02
N PRO E 81 6.38 3.98 -0.25
CA PRO E 81 7.41 3.94 -1.35
C PRO E 81 8.37 5.12 -1.28
N GLY E 82 8.06 6.11 -0.47
CA GLY E 82 8.95 7.23 -0.33
C GLY E 82 10.08 6.93 0.67
N HIS E 83 9.71 6.65 1.91
CA HIS E 83 10.71 6.39 2.95
C HIS E 83 11.37 5.05 2.72
N LYS E 84 10.56 4.08 2.26
CA LYS E 84 11.00 2.69 2.02
C LYS E 84 12.09 2.59 0.96
N ALA E 85 12.13 3.56 0.04
CA ALA E 85 13.14 3.52 -1.00
C ALA E 85 14.54 3.75 -0.41
N ARG E 86 14.59 4.47 0.72
CA ARG E 86 15.83 4.74 1.45
C ARG E 86 16.06 3.69 2.56
N VAL E 87 14.97 3.40 3.25
CA VAL E 87 14.99 2.48 4.37
C VAL E 87 15.24 1.08 3.91
N LEU E 88 14.70 0.72 2.80
CA LEU E 88 14.85 -0.64 2.37
C LEU E 88 16.32 -0.96 2.23
N ALA E 89 17.08 -0.01 1.71
CA ALA E 89 18.51 -0.25 1.52
C ALA E 89 19.22 -0.36 2.86
N GLU E 90 18.86 0.57 3.74
CA GLU E 90 19.46 0.66 5.06
C GLU E 90 19.18 -0.53 5.97
N ALA E 91 17.90 -0.89 6.14
CA ALA E 91 17.50 -1.98 7.04
C ALA E 91 18.13 -3.26 6.57
N MET E 92 18.16 -3.39 5.26
CA MET E 92 18.75 -4.55 4.66
C MET E 92 20.20 -4.67 5.10
N SER E 93 20.82 -3.54 5.44
CA SER E 93 22.20 -3.57 5.89
C SER E 93 22.28 -3.37 7.41
N GLN E 94 21.19 -2.97 8.05
CA GLN E 94 21.26 -2.85 9.48
C GLN E 94 21.50 -4.24 9.99
N VAL E 95 20.84 -5.19 9.37
CA VAL E 95 20.97 -6.56 9.81
C VAL E 95 22.26 -7.21 9.28
N THR E 96 22.64 -6.86 8.06
CA THR E 96 23.81 -7.47 7.46
C THR E 96 25.16 -6.78 7.69
N ASN E 97 25.29 -5.51 7.27
CA ASN E 97 26.60 -4.86 7.34
C ASN E 97 26.98 -4.02 8.58
N THR E 98 26.21 -3.00 8.94
CA THR E 98 26.64 -2.11 10.04
C THR E 98 26.01 -2.39 11.41
N ALA E 99 24.73 -2.64 11.45
CA ALA E 99 24.05 -2.85 12.72
C ALA E 99 23.94 -4.33 13.06
N THR E 100 24.87 -5.14 12.57
CA THR E 100 24.78 -6.57 12.82
C THR E 100 24.89 -6.81 14.31
N ILE E 101 23.82 -7.38 14.86
CA ILE E 101 23.74 -7.63 16.29
C ILE E 101 24.21 -9.03 16.61
N MET E 102 25.24 -9.13 17.46
CA MET E 102 25.78 -10.43 17.85
C MET E 102 26.14 -11.25 16.62
N GLY F 1 -26.89 -8.02 19.24
CA GLY F 1 -26.13 -8.29 17.97
C GLY F 1 -26.25 -7.08 17.05
N GLY F 2 -25.12 -6.63 16.50
CA GLY F 2 -25.12 -5.46 15.63
C GLY F 2 -25.38 -4.19 16.45
N SER F 3 -25.33 -4.28 17.79
CA SER F 3 -25.53 -3.10 18.61
C SER F 3 -24.41 -2.15 18.26
N PRO F 4 -24.60 -0.86 18.31
CA PRO F 4 -23.53 0.05 17.89
C PRO F 4 -22.38 0.23 18.89
N THR F 5 -21.23 -0.14 18.38
CA THR F 5 -19.94 0.05 19.02
C THR F 5 -19.84 -0.07 20.56
N SER F 6 -20.15 -1.20 21.13
CA SER F 6 -19.92 -1.32 22.59
C SER F 6 -18.45 -1.72 22.90
N ILE F 7 -17.61 -1.82 21.86
CA ILE F 7 -16.26 -2.30 22.00
C ILE F 7 -16.39 -3.75 22.15
N LEU F 8 -16.93 -4.28 21.11
CA LEU F 8 -17.08 -5.70 20.88
C LEU F 8 -16.28 -5.88 19.65
N ASP F 9 -16.67 -5.02 18.65
CA ASP F 9 -15.92 -5.00 17.50
C ASP F 9 -15.25 -3.63 17.33
N ILE F 10 -14.82 -2.85 18.44
CA ILE F 10 -14.28 -1.60 18.00
C ILE F 10 -12.96 -1.88 17.27
N ARG F 11 -12.94 -1.75 15.95
CA ARG F 11 -11.72 -2.08 15.21
C ARG F 11 -10.78 -0.92 14.92
N GLN F 12 -9.50 -1.21 15.04
CA GLN F 12 -8.47 -0.26 14.67
C GLN F 12 -8.07 -0.68 13.30
N GLY F 13 -8.08 0.23 12.39
CA GLY F 13 -7.72 -0.12 11.08
C GLY F 13 -6.30 -0.74 11.05
N PRO F 14 -6.01 -1.68 10.14
CA PRO F 14 -4.64 -2.28 9.98
C PRO F 14 -3.58 -1.19 9.85
N LYS F 15 -4.00 0.03 9.48
CA LYS F 15 -3.09 1.14 9.36
C LYS F 15 -3.48 2.25 10.35
N GLU F 16 -4.76 2.24 10.79
CA GLU F 16 -5.24 3.26 11.71
C GLU F 16 -4.28 3.41 12.86
N PRO F 17 -3.84 4.60 13.22
CA PRO F 17 -2.94 4.69 14.35
C PRO F 17 -3.68 4.24 15.56
N PHE F 18 -2.93 3.75 16.50
CA PHE F 18 -3.48 3.25 17.74
C PHE F 18 -4.52 4.18 18.35
N ARG F 19 -4.09 5.36 18.69
CA ARG F 19 -4.92 6.38 19.32
C ARG F 19 -6.20 6.77 18.58
N ASP F 20 -6.17 6.95 17.23
CA ASP F 20 -7.38 7.41 16.52
C ASP F 20 -8.50 6.40 16.72
N TYR F 21 -8.13 5.16 16.66
CA TYR F 21 -9.04 4.08 16.91
C TYR F 21 -9.55 4.17 18.35
N VAL F 22 -8.61 4.37 19.27
CA VAL F 22 -8.91 4.55 20.69
C VAL F 22 -9.80 5.82 20.84
N ASP F 23 -9.77 6.70 19.89
CA ASP F 23 -10.65 7.86 20.00
C ASP F 23 -12.07 7.33 19.83
N ARG F 24 -12.21 6.34 18.90
CA ARG F 24 -13.50 5.70 18.59
C ARG F 24 -14.00 4.85 19.75
N PHE F 25 -13.15 3.96 20.28
CA PHE F 25 -13.59 3.12 21.39
C PHE F 25 -13.96 4.02 22.56
N TYR F 26 -13.30 5.16 22.66
CA TYR F 26 -13.69 6.09 23.68
C TYR F 26 -14.97 6.88 23.28
N LYS F 27 -15.11 7.19 22.02
CA LYS F 27 -16.26 7.97 21.59
C LYS F 27 -17.51 7.15 21.87
N THR F 28 -17.37 5.87 21.66
CA THR F 28 -18.47 4.96 21.87
C THR F 28 -18.50 4.41 23.30
N LEU F 29 -17.37 4.43 24.06
CA LEU F 29 -17.42 3.96 25.46
C LEU F 29 -18.46 4.76 26.23
N ARG F 30 -18.46 6.08 25.95
CA ARG F 30 -19.43 7.00 26.51
C ARG F 30 -20.85 6.56 26.16
N ALA F 31 -20.98 5.83 25.05
CA ALA F 31 -22.30 5.37 24.62
C ALA F 31 -22.59 4.01 25.24
N GLU F 32 -21.55 3.25 25.48
CA GLU F 32 -21.72 1.98 26.10
C GLU F 32 -21.85 2.30 27.59
N GLN F 33 -23.07 2.20 28.11
CA GLN F 33 -23.29 2.49 29.53
C GLN F 33 -22.56 1.40 30.32
N ALA F 34 -21.31 1.68 30.65
CA ALA F 34 -20.47 0.72 31.34
C ALA F 34 -19.86 1.30 32.61
N SER F 35 -19.34 0.39 33.43
CA SER F 35 -18.68 0.73 34.68
C SER F 35 -17.24 1.04 34.36
N GLN F 36 -16.50 1.68 35.25
CA GLN F 36 -15.14 2.00 34.87
C GLN F 36 -14.36 0.73 34.56
N GLU F 37 -14.49 -0.30 35.41
CA GLU F 37 -13.78 -1.57 35.18
C GLU F 37 -14.23 -2.24 33.89
N VAL F 38 -15.54 -2.14 33.60
CA VAL F 38 -16.08 -2.71 32.37
C VAL F 38 -15.41 -2.05 31.20
N LYS F 39 -15.36 -0.74 31.25
CA LYS F 39 -14.72 0.04 30.22
C LYS F 39 -13.20 -0.36 30.19
N ASN F 40 -12.67 -0.88 31.35
CA ASN F 40 -11.29 -1.33 31.48
C ASN F 40 -11.06 -2.72 30.73
N TRP F 41 -12.16 -3.42 30.31
CA TRP F 41 -12.03 -4.66 29.48
C TRP F 41 -11.70 -4.17 28.13
N MET F 42 -12.54 -3.13 27.76
CA MET F 42 -12.49 -2.48 26.46
C MET F 42 -11.12 -1.82 26.29
N THR F 43 -10.60 -1.25 27.39
CA THR F 43 -9.28 -0.59 27.30
C THR F 43 -8.11 -1.55 27.47
N GLU F 44 -8.18 -2.43 28.44
CA GLU F 44 -7.06 -3.31 28.69
C GLU F 44 -6.90 -4.41 27.68
N THR F 45 -7.88 -5.28 27.59
CA THR F 45 -7.76 -6.40 26.68
C THR F 45 -8.32 -6.17 25.27
N LEU F 46 -9.45 -5.41 25.08
CA LEU F 46 -10.01 -5.34 23.72
C LEU F 46 -9.28 -4.35 22.92
N LEU F 47 -8.87 -3.24 23.60
CA LEU F 47 -8.08 -2.19 22.95
C LEU F 47 -6.83 -2.84 22.35
N VAL F 48 -6.43 -4.02 22.87
CA VAL F 48 -5.28 -4.73 22.39
C VAL F 48 -5.71 -5.65 21.26
N GLN F 49 -6.68 -6.50 21.64
CA GLN F 49 -7.20 -7.60 20.82
C GLN F 49 -7.80 -7.24 19.47
N ASN F 50 -8.67 -6.23 19.41
CA ASN F 50 -9.34 -5.89 18.16
C ASN F 50 -8.85 -4.59 17.67
N ALA F 51 -7.57 -4.33 17.91
CA ALA F 51 -6.99 -3.09 17.49
C ALA F 51 -5.79 -3.21 16.63
N ASN F 52 -5.95 -3.60 15.35
CA ASN F 52 -4.82 -3.52 14.42
C ASN F 52 -3.57 -4.25 14.89
N PRO F 53 -3.31 -5.45 14.45
CA PRO F 53 -2.16 -6.21 14.98
C PRO F 53 -0.84 -5.48 15.07
N ASP F 54 -0.65 -4.34 14.42
CA ASP F 54 0.61 -3.63 14.60
C ASP F 54 0.82 -3.35 16.05
N CYS F 55 -0.27 -3.01 16.73
CA CYS F 55 -0.18 -2.72 18.14
C CYS F 55 -0.49 -3.95 18.93
N LYS F 56 -1.43 -4.80 18.50
CA LYS F 56 -1.77 -5.98 19.29
C LYS F 56 -0.53 -6.76 19.70
N THR F 57 0.45 -6.79 18.83
CA THR F 57 1.68 -7.45 19.18
C THR F 57 2.39 -6.61 20.29
N ILE F 58 2.50 -5.28 20.06
CA ILE F 58 3.14 -4.34 21.00
C ILE F 58 2.53 -4.31 22.40
N LEU F 59 1.19 -4.16 22.49
CA LEU F 59 0.53 -4.01 23.79
C LEU F 59 0.86 -5.21 24.61
N LYS F 60 0.89 -6.35 24.00
CA LYS F 60 1.30 -7.52 24.75
C LYS F 60 2.80 -7.40 25.12
N ALA F 61 3.62 -6.91 24.18
CA ALA F 61 5.06 -6.85 24.40
C ALA F 61 5.35 -6.05 25.65
N LEU F 62 4.77 -4.86 25.73
CA LEU F 62 4.92 -4.07 26.96
C LEU F 62 4.25 -4.88 28.06
N GLY F 63 3.08 -5.34 27.69
CA GLY F 63 2.20 -6.13 28.52
C GLY F 63 0.99 -5.26 28.90
N PRO F 64 -0.20 -5.81 29.04
CA PRO F 64 -1.41 -5.02 29.46
C PRO F 64 -1.15 -4.40 30.85
N GLY F 65 -2.01 -3.52 31.31
CA GLY F 65 -1.79 -2.87 32.61
C GLY F 65 -0.93 -1.60 32.47
N ALA F 66 -0.35 -1.37 31.26
CA ALA F 66 0.46 -0.20 30.98
C ALA F 66 -0.45 0.96 30.69
N THR F 67 -0.02 2.14 31.02
CA THR F 67 -0.86 3.29 30.78
C THR F 67 -1.22 3.43 29.32
N LEU F 68 -2.32 4.09 29.05
CA LEU F 68 -2.68 4.29 27.67
C LEU F 68 -1.60 5.15 27.01
N GLU F 69 -0.93 5.98 27.83
CA GLU F 69 0.17 6.79 27.34
C GLU F 69 1.35 5.86 27.08
N GLU F 70 1.53 4.86 27.95
CA GLU F 70 2.66 3.93 27.78
C GLU F 70 2.51 3.13 26.48
N MET F 71 1.32 2.53 26.29
CA MET F 71 1.06 1.79 25.07
C MET F 71 1.13 2.75 23.90
N MET F 72 0.51 3.92 24.05
CA MET F 72 0.50 4.91 22.96
C MET F 72 1.91 5.24 22.50
N THR F 73 2.80 5.48 23.44
CA THR F 73 4.18 5.81 23.10
C THR F 73 4.80 4.65 22.33
N ALA F 74 4.63 3.42 22.80
CA ALA F 74 5.16 2.27 22.08
C ALA F 74 4.38 2.01 20.78
N CYS F 75 3.17 2.59 20.69
CA CYS F 75 2.30 2.37 19.57
C CYS F 75 2.34 3.53 18.60
N GLN F 76 3.16 4.56 18.87
CA GLN F 76 3.35 5.53 17.81
C GLN F 76 4.09 4.78 16.68
N GLY F 77 4.75 3.61 17.02
CA GLY F 77 5.37 2.83 16.04
C GLY F 77 4.30 2.28 15.14
N VAL F 78 3.07 2.09 15.64
CA VAL F 78 1.93 1.52 14.82
C VAL F 78 1.85 2.23 13.51
N GLY F 79 1.36 1.57 12.35
CA GLY F 79 1.47 2.35 11.11
C GLY F 79 2.11 1.67 9.90
N GLY F 80 1.93 2.16 8.65
CA GLY F 80 2.59 1.40 7.61
C GLY F 80 4.06 1.79 7.56
N PRO F 81 4.38 2.92 7.01
CA PRO F 81 5.76 3.41 7.07
C PRO F 81 6.14 3.57 8.56
N GLY F 82 5.11 3.78 9.43
CA GLY F 82 5.30 3.97 10.87
C GLY F 82 5.69 2.68 11.62
N HIS F 83 5.06 1.53 11.31
CA HIS F 83 5.38 0.24 12.00
C HIS F 83 6.37 -0.58 11.23
N LYS F 84 6.44 -0.37 9.94
CA LYS F 84 7.35 -1.12 9.11
C LYS F 84 8.79 -0.69 9.36
N ALA F 85 9.00 0.58 9.56
CA ALA F 85 10.35 1.06 9.74
C ALA F 85 10.99 0.39 10.95
N ARG F 86 10.24 0.32 12.05
CA ARG F 86 10.75 -0.31 13.27
C ARG F 86 10.53 -1.81 13.27
N VAL F 87 9.29 -2.19 12.99
CA VAL F 87 8.89 -3.59 13.02
C VAL F 87 9.15 -4.33 11.72
N LEU F 88 9.02 -3.72 10.55
CA LEU F 88 9.28 -4.54 9.37
C LEU F 88 10.71 -4.93 9.44
N ALA F 89 11.54 -3.95 9.83
CA ALA F 89 12.94 -4.22 9.99
C ALA F 89 13.08 -5.28 11.04
N GLU F 90 12.26 -5.23 12.08
CA GLU F 90 12.37 -6.27 13.11
C GLU F 90 12.15 -7.63 12.45
N ALA F 91 11.15 -7.71 11.57
CA ALA F 91 10.86 -8.94 10.82
C ALA F 91 12.04 -9.27 9.93
N MET F 92 12.69 -8.22 9.43
CA MET F 92 13.87 -8.41 8.61
C MET F 92 14.94 -9.04 9.51
N SER F 93 14.88 -8.71 10.82
CA SER F 93 15.81 -9.31 11.77
C SER F 93 15.23 -10.63 12.35
N GLN F 94 13.94 -10.93 12.09
CA GLN F 94 13.31 -12.19 12.53
C GLN F 94 13.81 -13.37 11.72
N VAL F 95 14.05 -13.19 10.42
CA VAL F 95 14.51 -14.30 9.61
C VAL F 95 16.03 -14.41 9.69
N THR F 96 16.69 -13.30 9.97
CA THR F 96 18.14 -13.32 9.99
C THR F 96 18.81 -13.58 11.36
N ASN F 97 18.59 -12.70 12.35
CA ASN F 97 19.32 -12.84 13.62
C ASN F 97 18.66 -13.55 14.82
N THR F 98 17.52 -13.06 15.30
CA THR F 98 16.94 -13.63 16.54
C THR F 98 15.80 -14.62 16.35
N ALA F 99 14.87 -14.33 15.46
CA ALA F 99 13.73 -15.21 15.28
C ALA F 99 14.00 -16.31 14.27
N THR F 100 15.26 -16.70 14.12
CA THR F 100 15.58 -17.73 13.16
C THR F 100 14.93 -19.03 13.60
N ILE F 101 14.13 -19.59 12.72
CA ILE F 101 13.38 -20.80 13.03
C ILE F 101 14.08 -22.03 12.50
N MET F 102 14.35 -22.99 13.37
CA MET F 102 15.03 -24.22 12.97
C MET F 102 16.34 -23.90 12.27
C1 IHP G . -1.36 -1.57 0.08
C2 IHP G . -0.05 -1.93 0.89
C3 IHP G . 1.12 -2.13 -0.08
C4 IHP G . 1.35 -0.87 -0.83
C5 IHP G . 0.09 -0.81 -1.78
C6 IHP G . -1.14 -0.37 -0.81
O11 IHP G . -2.48 -1.39 0.99
P1 IHP G . -3.54 -2.61 1.21
O21 IHP G . -2.92 -3.81 0.55
O31 IHP G . -3.82 -2.74 2.74
O41 IHP G . -4.74 -2.16 0.48
O12 IHP G . 0.28 -0.80 1.81
P2 IHP G . 0.51 -1.05 3.35
O22 IHP G . -0.01 -2.43 3.78
O32 IHP G . -0.19 0.04 4.07
O42 IHP G . 1.95 -1.00 3.60
O13 IHP G . 2.23 -2.52 0.63
P3 IHP G . 3.13 -3.73 0.20
O23 IHP G . 2.91 -4.83 1.20
O33 IHP G . 2.86 -4.07 -1.26
O43 IHP G . 4.52 -3.13 0.42
O14 IHP G . 2.56 -0.95 -1.55
P4 IHP G . 3.67 0.22 -1.75
O24 IHP G . 3.03 1.26 -2.63
O34 IHP G . 4.22 0.81 -0.49
O44 IHP G . 4.83 -0.41 -2.50
O15 IHP G . 0.31 0.02 -2.93
P5 IHP G . 0.44 -0.59 -4.39
O25 IHP G . 0.53 0.71 -5.23
O35 IHP G . -0.75 -1.48 -4.66
O45 IHP G . 1.66 -1.43 -4.47
O16 IHP G . -2.33 -0.15 -1.66
P6 IHP G . -3.09 1.16 -1.88
O26 IHP G . -2.18 2.27 -2.35
O36 IHP G . -3.98 0.76 -3.05
O46 IHP G . -3.80 1.60 -0.65
H1 IHP G . -1.45 -2.35 -0.70
H2 IHP G . -0.17 -2.96 1.32
H3 IHP G . 0.78 -2.91 -0.78
H4 IHP G . 1.30 -0.02 -0.11
H5 IHP G . -0.24 -1.84 -2.06
H6 IHP G . -0.83 0.52 -0.23
C1 A1CCZ H . 7.42 -7.50 1.74
C2 A1CCZ H . 8.48 -7.25 2.62
C3 A1CCZ H . 8.56 -6.02 3.26
C11 A1CCZ H . 4.62 -8.99 -1.78
C12 A1CCZ H . 4.19 -10.27 -2.57
C13 A1CCZ H . 5.07 -7.82 -2.63
C14 A1CCZ H . 6.28 -7.78 -3.34
C15 A1CCZ H . 6.69 -6.55 -3.90
C16 A1CCZ H . 5.93 -5.34 -3.79
C17 A1CCZ H . 4.72 -5.47 -3.08
C18 A1CCZ H . 4.31 -6.62 -2.56
C19 A1CCZ H . 6.43 -4.07 -4.39
C20 A1CCZ H . 5.51 -3.76 -5.56
C21 A1CCZ H . 6.16 -2.87 -3.46
C22 A1CCZ H . 7.94 -4.15 -4.70
C24 A1CCZ H . 1.79 -9.91 -3.00
C25 A1CCZ H . 0.67 -9.78 -3.94
C26 A1CCZ H . 0.90 -10.21 -5.23
N23 A1CCZ H . 3.01 -10.25 -3.52
C28 A1CCZ H . 3.14 -10.76 -4.76
C27 A1CCZ H . 2.11 -10.74 -5.62
O29 A1CCZ H . 1.70 -9.80 -1.71
C30 A1CCZ H . -0.62 -9.14 -3.68
F31 A1CCZ H . -0.53 -8.29 -2.66
F32 A1CCZ H . -1.53 -10.00 -3.28
F33 A1CCZ H . -1.12 -8.44 -4.75
N10 A1CCZ H . 5.61 -9.46 -0.76
C8 A1CCZ H . 6.31 -8.27 -0.08
C7 A1CCZ H . 5.40 -7.27 0.51
C6 A1CCZ H . 6.36 -6.59 1.52
C5 A1CCZ H . 6.50 -5.33 2.11
C4 A1CCZ H . 7.68 -5.01 2.88
C9 A1CCZ H . 7.17 -8.80 1.00
H2 A1CCZ H . 9.16 -8.01 3.00
H3 A1CCZ H . 9.35 -5.68 3.91
H11 A1CCZ H . 3.72 -8.67 -1.21
H12A A1CCZ H . 3.82 -10.99 -1.81
H12B A1CCZ H . 5.04 -10.74 -3.13
H14 A1CCZ H . 6.95 -8.63 -3.36
H15 A1CCZ H . 7.65 -6.57 -4.40
H17 A1CCZ H . 4.10 -4.60 -2.94
H18 A1CCZ H . 3.44 -6.68 -1.90
H20C A1CCZ H . 5.51 -4.57 -6.32
H20B A1CCZ H . 5.89 -2.91 -6.16
H20A A1CCZ H . 4.43 -3.62 -5.33
H21A A1CCZ H . 6.76 -2.93 -2.53
H21C A1CCZ H . 5.12 -2.68 -3.11
H21B A1CCZ H . 6.42 -1.89 -3.91
H22C A1CCZ H . 8.40 -4.66 -3.83
H22B A1CCZ H . 8.31 -3.12 -4.82
H22A A1CCZ H . 8.12 -4.76 -5.61
H26 A1CCZ H . 0.10 -9.98 -5.95
H6 A1CCZ H . 4.14 -10.89 -5.17
H27 A1CCZ H . 2.18 -11.13 -6.64
H9 A1CCZ H . 6.40 -9.95 -1.18
H8 A1CCZ H . 6.96 -7.84 -0.85
H7A A1CCZ H . 4.56 -7.78 0.99
H7B A1CCZ H . 4.91 -6.56 -0.18
H5 A1CCZ H . 5.92 -4.48 1.76
H4 A1CCZ H . 7.78 -3.99 3.23
H9B A1CCZ H . 6.79 -9.71 1.48
H9A A1CCZ H . 8.18 -9.08 0.64
N GLY A 1 -33.77 -17.43 -5.53
CA GLY A 1 -32.57 -18.25 -5.48
C GLY A 1 -31.33 -17.44 -5.88
N GLY A 2 -30.29 -17.51 -5.05
CA GLY A 2 -29.09 -16.72 -5.30
C GLY A 2 -29.47 -15.29 -5.08
N SER A 3 -30.34 -15.08 -4.11
CA SER A 3 -30.78 -13.76 -3.80
C SER A 3 -29.57 -12.96 -3.40
N PRO A 4 -29.62 -11.68 -3.52
CA PRO A 4 -28.45 -10.86 -3.20
C PRO A 4 -28.00 -11.05 -1.78
N THR A 5 -26.71 -11.24 -1.62
CA THR A 5 -26.12 -11.37 -0.33
C THR A 5 -26.79 -12.44 0.53
N SER A 6 -26.95 -13.58 -0.06
CA SER A 6 -27.53 -14.72 0.60
C SER A 6 -26.46 -15.57 1.29
N ILE A 7 -25.16 -15.03 1.36
CA ILE A 7 -23.98 -15.79 1.90
C ILE A 7 -23.30 -16.60 0.87
N LEU A 8 -23.94 -16.93 -0.16
CA LEU A 8 -23.31 -17.67 -1.21
C LEU A 8 -22.19 -16.85 -1.73
N ASP A 9 -22.44 -15.54 -1.98
CA ASP A 9 -21.35 -14.75 -2.33
C ASP A 9 -20.95 -13.73 -1.25
N ILE A 10 -21.13 -13.94 0.11
CA ILE A 10 -20.70 -12.78 0.87
C ILE A 10 -19.14 -12.75 0.84
N ARG A 11 -18.49 -11.58 0.82
CA ARG A 11 -17.01 -11.56 0.71
C ARG A 11 -16.33 -10.58 1.64
N GLN A 12 -15.14 -10.99 2.10
CA GLN A 12 -14.31 -10.15 2.95
C GLN A 12 -13.28 -9.48 2.08
N GLY A 13 -13.20 -8.18 2.18
CA GLY A 13 -12.22 -7.46 1.40
C GLY A 13 -10.83 -7.95 1.81
N PRO A 14 -9.87 -8.01 0.92
CA PRO A 14 -8.52 -8.54 1.26
C PRO A 14 -7.98 -7.82 2.44
N LYS A 15 -8.31 -6.56 2.54
CA LYS A 15 -7.85 -5.79 3.66
C LYS A 15 -8.96 -5.72 4.72
N GLU A 16 -10.20 -5.91 4.31
CA GLU A 16 -11.31 -5.82 5.24
C GLU A 16 -11.07 -6.76 6.44
N PRO A 17 -11.05 -6.29 7.69
CA PRO A 17 -10.81 -7.21 8.81
C PRO A 17 -11.91 -8.24 8.91
N PHE A 18 -11.51 -9.36 9.52
CA PHE A 18 -12.38 -10.50 9.68
C PHE A 18 -13.63 -10.10 10.42
N ARG A 19 -13.46 -9.43 11.53
CA ARG A 19 -14.63 -9.00 12.28
C ARG A 19 -15.55 -8.14 11.45
N ASP A 20 -14.99 -7.26 10.62
CA ASP A 20 -15.84 -6.38 9.82
C ASP A 20 -16.75 -7.20 8.90
N TYR A 21 -16.12 -7.94 8.01
CA TYR A 21 -16.80 -8.79 7.06
C TYR A 21 -17.71 -9.76 7.75
N VAL A 22 -17.30 -10.25 8.91
CA VAL A 22 -18.14 -11.16 9.65
C VAL A 22 -19.45 -10.42 9.94
N ASP A 23 -19.36 -9.12 10.15
CA ASP A 23 -20.57 -8.32 10.39
C ASP A 23 -21.37 -8.21 9.07
N ARG A 24 -20.65 -8.32 7.92
CA ARG A 24 -21.27 -8.30 6.59
C ARG A 24 -21.91 -9.66 6.28
N PHE A 25 -21.41 -10.71 6.91
CA PHE A 25 -21.95 -12.05 6.70
C PHE A 25 -23.10 -12.30 7.66
N TYR A 26 -22.99 -11.80 8.87
CA TYR A 26 -24.06 -11.97 9.85
C TYR A 26 -25.30 -11.17 9.45
N LYS A 27 -25.11 -9.85 9.19
CA LYS A 27 -26.23 -8.96 8.83
C LYS A 27 -26.84 -9.44 7.56
N THR A 28 -26.01 -9.86 6.65
CA THR A 28 -26.59 -10.30 5.45
C THR A 28 -27.26 -11.63 5.69
N LEU A 29 -26.82 -12.38 6.70
CA LEU A 29 -27.54 -13.59 7.00
C LEU A 29 -28.94 -13.16 7.49
N ARG A 30 -29.06 -12.03 8.15
CA ARG A 30 -30.36 -11.60 8.60
C ARG A 30 -31.24 -11.48 7.36
N ALA A 31 -30.65 -10.96 6.29
CA ALA A 31 -31.36 -10.83 5.02
C ALA A 31 -31.66 -12.22 4.47
N GLU A 32 -30.82 -13.18 4.80
CA GLU A 32 -31.05 -14.53 4.32
C GLU A 32 -31.95 -15.28 5.30
N GLN A 33 -33.16 -15.65 4.84
CA GLN A 33 -34.09 -16.43 5.70
C GLN A 33 -33.65 -17.89 5.79
N ALA A 34 -32.57 -18.15 6.54
CA ALA A 34 -32.07 -19.50 6.68
C ALA A 34 -32.19 -20.01 8.09
N SER A 35 -32.43 -21.30 8.17
CA SER A 35 -32.50 -21.94 9.44
C SER A 35 -31.20 -21.71 10.15
N GLN A 36 -31.21 -21.80 11.45
CA GLN A 36 -29.98 -21.58 12.19
C GLN A 36 -28.92 -22.61 11.83
N GLU A 37 -29.29 -23.90 11.84
CA GLU A 37 -28.32 -24.95 11.54
C GLU A 37 -27.70 -24.69 10.18
N VAL A 38 -28.54 -24.29 9.25
CA VAL A 38 -28.04 -24.00 7.93
C VAL A 38 -27.05 -22.84 8.09
N LYS A 39 -27.48 -21.78 8.78
CA LYS A 39 -26.61 -20.61 8.98
C LYS A 39 -25.31 -21.04 9.61
N ASN A 40 -25.36 -22.08 10.39
CA ASN A 40 -24.15 -22.55 10.99
C ASN A 40 -23.16 -23.00 9.92
N TRP A 41 -23.65 -23.70 8.88
CA TRP A 41 -22.76 -24.16 7.82
C TRP A 41 -22.19 -22.94 7.08
N MET A 42 -23.00 -21.89 7.01
CA MET A 42 -22.61 -20.61 6.39
C MET A 42 -21.57 -19.86 7.25
N THR A 43 -21.72 -19.94 8.57
CA THR A 43 -20.80 -19.28 9.47
C THR A 43 -19.49 -20.07 9.58
N GLU A 44 -19.58 -21.39 9.45
CA GLU A 44 -18.42 -22.28 9.60
C GLU A 44 -17.62 -22.50 8.34
N THR A 45 -18.32 -22.79 7.29
CA THR A 45 -17.67 -23.07 6.05
C THR A 45 -17.60 -21.83 5.18
N LEU A 46 -18.74 -21.31 4.81
CA LEU A 46 -18.70 -20.21 3.91
C LEU A 46 -17.89 -19.06 4.48
N LEU A 47 -18.03 -18.81 5.78
CA LEU A 47 -17.27 -17.74 6.39
C LEU A 47 -15.80 -18.01 6.11
N VAL A 48 -15.39 -19.26 6.18
CA VAL A 48 -14.01 -19.57 5.93
C VAL A 48 -13.66 -19.34 4.46
N GLN A 49 -14.50 -19.86 3.55
CA GLN A 49 -14.16 -19.86 2.11
C GLN A 49 -14.02 -18.52 1.40
N ASN A 50 -15.01 -17.66 1.49
CA ASN A 50 -14.96 -16.42 0.72
C ASN A 50 -14.59 -15.22 1.53
N ALA A 51 -13.94 -15.44 2.63
CA ALA A 51 -13.60 -14.34 3.48
C ALA A 51 -12.16 -13.99 3.54
N ASN A 52 -11.55 -13.41 2.52
CA ASN A 52 -10.17 -12.93 2.70
C ASN A 52 -9.21 -14.09 3.02
N PRO A 53 -8.46 -14.60 2.10
CA PRO A 53 -7.57 -15.75 2.38
C PRO A 53 -6.73 -15.58 3.62
N ASP A 54 -6.57 -14.36 4.14
CA ASP A 54 -5.83 -14.19 5.36
C ASP A 54 -6.48 -15.01 6.42
N CYS A 55 -7.80 -14.93 6.45
CA CYS A 55 -8.48 -15.65 7.45
C CYS A 55 -8.49 -17.08 7.01
N LYS A 56 -8.65 -17.35 5.74
CA LYS A 56 -8.72 -18.73 5.28
C LYS A 56 -7.51 -19.55 5.70
N THR A 57 -6.37 -18.97 5.63
CA THR A 57 -5.21 -19.70 6.05
C THR A 57 -5.22 -19.81 7.60
N ILE A 58 -5.93 -18.85 8.27
CA ILE A 58 -6.02 -18.84 9.75
C ILE A 58 -7.05 -19.79 10.33
N LEU A 59 -8.29 -19.70 9.87
CA LEU A 59 -9.36 -20.53 10.35
C LEU A 59 -8.94 -21.95 10.07
N LYS A 60 -8.36 -22.18 8.88
CA LYS A 60 -7.97 -23.53 8.54
C LYS A 60 -6.94 -24.01 9.56
N ALA A 61 -6.01 -23.13 9.91
CA ALA A 61 -4.99 -23.45 10.93
C ALA A 61 -5.62 -23.70 12.33
N LEU A 62 -6.56 -22.85 12.73
CA LEU A 62 -7.21 -22.99 14.02
C LEU A 62 -7.95 -24.29 14.07
N GLY A 63 -8.54 -24.62 12.97
CA GLY A 63 -9.36 -25.82 12.88
C GLY A 63 -10.82 -25.30 12.69
N PRO A 64 -11.53 -25.61 11.61
CA PRO A 64 -12.86 -25.04 11.41
C PRO A 64 -13.75 -25.32 12.59
N GLY A 65 -14.75 -24.51 12.76
CA GLY A 65 -15.65 -24.69 13.87
C GLY A 65 -15.17 -23.94 15.08
N ALA A 66 -13.96 -23.33 15.02
CA ALA A 66 -13.52 -22.55 16.15
C ALA A 66 -14.57 -21.48 16.42
N THR A 67 -14.79 -21.19 17.68
CA THR A 67 -15.78 -20.21 18.05
C THR A 67 -15.44 -18.89 17.43
N LEU A 68 -16.44 -18.10 17.17
CA LEU A 68 -16.20 -16.83 16.54
C LEU A 68 -15.17 -16.03 17.33
N GLU A 69 -15.22 -16.14 18.64
CA GLU A 69 -14.22 -15.43 19.44
C GLU A 69 -12.82 -15.98 19.13
N GLU A 70 -12.72 -17.29 18.97
CA GLU A 70 -11.45 -17.93 18.67
C GLU A 70 -10.96 -17.58 17.23
N MET A 71 -11.86 -17.62 16.22
CA MET A 71 -11.53 -17.26 14.82
C MET A 71 -11.15 -15.81 14.77
N MET A 72 -11.85 -15.03 15.57
CA MET A 72 -11.65 -13.59 15.63
C MET A 72 -10.32 -13.24 16.24
N THR A 73 -10.03 -13.88 17.36
CA THR A 73 -8.84 -13.56 18.06
C THR A 73 -7.67 -13.72 17.14
N ALA A 74 -7.69 -14.83 16.43
CA ALA A 74 -6.60 -15.14 15.51
C ALA A 74 -6.70 -14.31 14.24
N CYS A 75 -7.91 -14.16 13.75
CA CYS A 75 -8.13 -13.43 12.54
C CYS A 75 -8.03 -11.96 12.76
N GLN A 76 -7.81 -11.53 14.01
CA GLN A 76 -7.54 -10.15 14.17
C GLN A 76 -6.15 -9.93 13.50
N GLY A 77 -5.35 -11.05 13.30
CA GLY A 77 -4.10 -11.00 12.58
C GLY A 77 -4.37 -10.65 11.10
N VAL A 78 -5.61 -10.84 10.63
CA VAL A 78 -6.00 -10.53 9.17
C VAL A 78 -5.84 -9.04 8.92
N GLY A 79 -5.48 -8.54 7.66
CA GLY A 79 -5.16 -7.10 7.64
C GLY A 79 -3.93 -6.73 6.82
N GLY A 80 -3.64 -5.46 6.51
CA GLY A 80 -2.44 -5.31 5.66
C GLY A 80 -1.14 -5.50 6.48
N PRO A 81 -0.72 -4.51 7.20
CA PRO A 81 0.48 -4.60 8.07
C PRO A 81 0.27 -5.61 9.17
N GLY A 82 -1.00 -5.72 9.63
CA GLY A 82 -1.35 -6.63 10.74
C GLY A 82 -1.10 -8.11 10.40
N HIS A 83 -1.51 -8.51 9.20
CA HIS A 83 -1.25 -9.89 8.74
C HIS A 83 0.17 -9.97 8.29
N LYS A 84 0.69 -8.89 7.76
CA LYS A 84 2.07 -8.86 7.28
C LYS A 84 3.08 -8.98 8.39
N ALA A 85 2.76 -8.48 9.55
CA ALA A 85 3.70 -8.55 10.65
C ALA A 85 3.98 -10.01 10.96
N ARG A 86 2.94 -10.80 10.90
CA ARG A 86 3.09 -12.21 11.16
C ARG A 86 3.41 -12.97 9.89
N VAL A 87 2.46 -12.97 8.98
CA VAL A 87 2.53 -13.74 7.72
C VAL A 87 3.77 -13.45 6.91
N LEU A 88 4.31 -12.25 6.97
CA LEU A 88 5.55 -12.05 6.26
C LEU A 88 6.63 -12.97 6.94
N ALA A 89 6.64 -12.97 8.27
CA ALA A 89 7.59 -13.80 8.96
C ALA A 89 7.36 -15.24 8.58
N GLU A 90 6.10 -15.59 8.41
CA GLU A 90 5.77 -16.99 8.10
C GLU A 90 6.19 -17.44 6.69
N ALA A 91 5.74 -16.74 5.68
CA ALA A 91 6.03 -17.14 4.28
C ALA A 91 7.52 -17.12 4.03
N MET A 92 8.15 -16.11 4.60
CA MET A 92 9.59 -15.98 4.48
C MET A 92 10.27 -17.22 5.07
N SER A 93 9.73 -17.71 6.19
CA SER A 93 10.29 -18.90 6.82
C SER A 93 9.72 -20.16 6.16
N GLN A 94 8.66 -20.03 5.35
CA GLN A 94 8.15 -21.19 4.63
C GLN A 94 9.15 -21.54 3.56
N VAL A 95 9.73 -20.53 2.97
CA VAL A 95 10.71 -20.75 1.91
C VAL A 95 12.09 -21.17 2.48
N THR A 96 12.51 -20.51 3.55
CA THR A 96 13.83 -20.78 4.08
C THR A 96 13.93 -21.83 5.19
N ASN A 97 13.21 -21.64 6.31
CA ASN A 97 13.39 -22.55 7.46
C ASN A 97 12.50 -23.80 7.59
N THR A 98 11.17 -23.64 7.60
CA THR A 98 10.31 -24.80 7.87
C THR A 98 9.73 -25.53 6.66
N ALA A 99 9.26 -24.79 5.68
CA ALA A 99 8.64 -25.41 4.51
C ALA A 99 9.57 -25.40 3.31
N THR A 100 10.87 -25.41 3.54
CA THR A 100 11.79 -25.32 2.42
C THR A 100 11.59 -26.52 1.53
N ILE A 101 11.24 -26.22 0.28
CA ILE A 101 10.94 -27.25 -0.68
C ILE A 101 12.18 -27.62 -1.49
N MET A 102 12.56 -28.89 -1.43
CA MET A 102 13.74 -29.36 -2.16
C MET A 102 14.96 -28.50 -1.86
N GLY B 1 -15.69 3.18 -30.65
CA GLY B 1 -14.43 3.78 -30.12
C GLY B 1 -14.75 4.52 -28.82
N GLY B 2 -14.01 4.23 -27.75
CA GLY B 2 -14.27 4.87 -26.47
C GLY B 2 -15.67 4.46 -25.98
N SER B 3 -16.17 3.31 -26.45
CA SER B 3 -17.49 2.83 -26.04
C SER B 3 -17.47 2.57 -24.52
N PRO B 4 -18.39 3.08 -23.73
CA PRO B 4 -18.34 2.85 -22.26
C PRO B 4 -18.44 1.38 -21.84
N THR B 5 -17.46 0.98 -21.05
CA THR B 5 -17.39 -0.34 -20.44
C THR B 5 -17.88 -1.51 -21.29
N SER B 6 -17.17 -1.73 -22.37
CA SER B 6 -17.39 -2.88 -23.28
C SER B 6 -16.44 -4.06 -22.88
N ILE B 7 -15.71 -3.93 -21.71
CA ILE B 7 -14.65 -4.87 -21.25
C ILE B 7 -13.29 -4.51 -21.86
N LEU B 8 -13.32 -3.80 -22.96
CA LEU B 8 -12.12 -3.32 -23.56
C LEU B 8 -11.39 -2.50 -22.56
N ASP B 9 -12.11 -1.91 -21.53
CA ASP B 9 -11.36 -1.35 -20.46
C ASP B 9 -11.87 -1.82 -19.09
N ILE B 10 -12.53 -3.01 -18.90
CA ILE B 10 -13.00 -3.15 -17.51
C ILE B 10 -11.82 -3.41 -16.58
N ARG B 11 -11.85 -3.01 -15.27
CA ARG B 11 -10.62 -3.23 -14.45
C ARG B 11 -10.72 -3.64 -12.99
N GLN B 12 -9.91 -4.67 -12.71
CA GLN B 12 -9.72 -5.22 -11.38
C GLN B 12 -8.42 -4.66 -10.82
N GLY B 13 -8.54 -4.01 -9.70
CA GLY B 13 -7.41 -3.40 -9.05
C GLY B 13 -6.50 -4.44 -8.47
N PRO B 14 -5.28 -4.07 -8.15
CA PRO B 14 -4.29 -5.00 -7.58
C PRO B 14 -4.87 -5.66 -6.35
N LYS B 15 -5.51 -4.82 -5.55
CA LYS B 15 -6.14 -5.25 -4.33
C LYS B 15 -7.62 -5.57 -4.53
N GLU B 16 -8.14 -5.38 -5.73
CA GLU B 16 -9.55 -5.61 -5.92
C GLU B 16 -9.82 -7.10 -6.20
N PRO B 17 -10.69 -7.77 -5.47
CA PRO B 17 -10.91 -9.22 -5.70
C PRO B 17 -11.52 -9.56 -7.04
N PHE B 18 -11.08 -10.71 -7.52
CA PHE B 18 -11.56 -11.30 -8.72
C PHE B 18 -13.06 -11.39 -8.62
N ARG B 19 -13.57 -11.93 -7.52
CA ARG B 19 -15.03 -12.03 -7.31
C ARG B 19 -15.76 -10.69 -7.52
N ASP B 20 -15.29 -9.62 -6.89
CA ASP B 20 -15.95 -8.31 -7.06
C ASP B 20 -15.86 -7.79 -8.50
N TYR B 21 -14.68 -7.89 -9.07
CA TYR B 21 -14.47 -7.40 -10.43
C TYR B 21 -15.24 -8.24 -11.42
N VAL B 22 -15.44 -9.48 -11.08
CA VAL B 22 -16.22 -10.34 -11.92
C VAL B 22 -17.61 -9.75 -12.02
N ASP B 23 -18.10 -9.24 -10.89
CA ASP B 23 -19.43 -8.64 -10.86
C ASP B 23 -19.42 -7.34 -11.65
N ARG B 24 -18.29 -6.61 -11.58
CA ARG B 24 -18.15 -5.34 -12.30
C ARG B 24 -18.25 -5.53 -13.79
N PHE B 25 -17.50 -6.52 -14.30
CA PHE B 25 -17.50 -6.77 -15.71
C PHE B 25 -18.78 -7.46 -16.11
N TYR B 26 -19.23 -8.44 -15.33
CA TYR B 26 -20.48 -9.12 -15.68
C TYR B 26 -21.57 -8.10 -15.80
N LYS B 27 -21.72 -7.32 -14.75
CA LYS B 27 -22.73 -6.31 -14.71
C LYS B 27 -22.51 -5.31 -15.81
N THR B 28 -21.28 -4.91 -16.06
CA THR B 28 -21.11 -3.94 -17.10
C THR B 28 -21.46 -4.61 -18.43
N LEU B 29 -21.30 -5.92 -18.52
CA LEU B 29 -21.70 -6.63 -19.72
C LEU B 29 -23.22 -6.51 -19.90
N ARG B 30 -23.95 -6.18 -18.81
CA ARG B 30 -25.38 -5.93 -18.92
C ARG B 30 -25.53 -4.71 -19.82
N ALA B 31 -24.59 -3.75 -19.65
CA ALA B 31 -24.56 -2.52 -20.44
C ALA B 31 -24.23 -2.83 -21.91
N GLU B 32 -23.53 -3.94 -22.15
CA GLU B 32 -23.16 -4.33 -23.52
C GLU B 32 -24.15 -5.40 -24.07
N GLN B 33 -24.83 -5.09 -25.18
CA GLN B 33 -25.81 -6.03 -25.76
C GLN B 33 -25.12 -7.08 -26.63
N ALA B 34 -24.57 -8.13 -26.01
CA ALA B 34 -23.83 -9.15 -26.76
C ALA B 34 -24.37 -10.57 -26.55
N SER B 35 -23.73 -11.51 -27.24
CA SER B 35 -24.08 -12.92 -27.13
C SER B 35 -23.34 -13.58 -25.97
N GLN B 36 -23.94 -14.56 -25.35
CA GLN B 36 -23.32 -15.20 -24.21
C GLN B 36 -21.94 -15.79 -24.56
N GLU B 37 -21.80 -16.41 -25.73
CA GLU B 37 -20.51 -16.98 -26.13
C GLU B 37 -19.50 -15.91 -26.52
N VAL B 38 -19.95 -14.82 -27.14
CA VAL B 38 -18.99 -13.79 -27.51
C VAL B 38 -18.51 -13.09 -26.25
N LYS B 39 -19.43 -12.85 -25.31
CA LYS B 39 -18.99 -12.25 -24.08
C LYS B 39 -17.94 -13.16 -23.43
N ASN B 40 -17.95 -14.46 -23.79
CA ASN B 40 -17.01 -15.42 -23.20
C ASN B 40 -15.55 -15.02 -23.46
N TRP B 41 -15.20 -14.26 -24.56
CA TRP B 41 -13.77 -13.79 -24.66
C TRP B 41 -13.48 -13.03 -23.40
N MET B 42 -14.48 -12.43 -22.82
CA MET B 42 -14.25 -11.70 -21.65
C MET B 42 -14.16 -12.68 -20.48
N THR B 43 -15.30 -13.27 -20.09
CA THR B 43 -15.36 -14.19 -18.93
C THR B 43 -14.15 -15.15 -18.86
N GLU B 44 -13.69 -15.59 -20.03
CA GLU B 44 -12.50 -16.44 -20.13
C GLU B 44 -11.21 -15.65 -20.33
N THR B 45 -11.17 -14.73 -21.31
CA THR B 45 -9.91 -13.99 -21.61
C THR B 45 -9.73 -12.57 -21.00
N LEU B 46 -10.71 -11.65 -21.00
CA LEU B 46 -10.42 -10.24 -20.47
C LEU B 46 -10.63 -10.28 -18.96
N LEU B 47 -11.64 -11.03 -18.56
CA LEU B 47 -11.89 -11.32 -17.16
C LEU B 47 -10.58 -11.87 -16.62
N VAL B 48 -9.84 -12.62 -17.45
CA VAL B 48 -8.56 -13.22 -17.03
C VAL B 48 -7.33 -12.38 -17.40
N GLN B 49 -7.45 -11.45 -18.36
CA GLN B 49 -6.28 -10.68 -18.78
C GLN B 49 -6.11 -9.33 -18.10
N ASN B 50 -7.01 -8.42 -18.29
CA ASN B 50 -6.79 -7.14 -17.66
C ASN B 50 -6.95 -7.21 -16.11
N ALA B 51 -7.53 -8.30 -15.63
CA ALA B 51 -7.94 -8.43 -14.22
C ALA B 51 -6.99 -8.84 -13.10
N ASN B 52 -6.26 -7.90 -12.46
CA ASN B 52 -5.52 -8.31 -11.25
C ASN B 52 -4.53 -9.43 -11.50
N PRO B 53 -3.27 -9.18 -11.71
CA PRO B 53 -2.33 -10.26 -12.03
C PRO B 53 -2.35 -11.39 -11.07
N ASP B 54 -2.96 -11.21 -9.88
CA ASP B 54 -3.07 -12.35 -8.99
C ASP B 54 -3.86 -13.39 -9.79
N CYS B 55 -4.96 -12.96 -10.44
CA CYS B 55 -5.73 -13.92 -11.22
C CYS B 55 -4.86 -14.37 -12.38
N LYS B 56 -3.96 -13.55 -12.82
CA LYS B 56 -3.17 -13.95 -13.95
C LYS B 56 -2.17 -15.02 -13.58
N THR B 57 -1.73 -14.97 -12.33
CA THR B 57 -0.79 -15.93 -11.83
C THR B 57 -1.53 -17.18 -11.29
N ILE B 58 -2.78 -16.97 -10.86
CA ILE B 58 -3.61 -18.07 -10.34
C ILE B 58 -4.28 -18.76 -11.49
N LEU B 59 -5.01 -17.97 -12.25
CA LEU B 59 -5.76 -18.49 -13.39
C LEU B 59 -4.79 -19.23 -14.26
N LYS B 60 -3.54 -18.83 -14.30
CA LYS B 60 -2.63 -19.53 -15.20
C LYS B 60 -2.29 -20.91 -14.67
N ALA B 61 -2.42 -21.08 -13.35
CA ALA B 61 -2.18 -22.38 -12.72
C ALA B 61 -3.46 -23.19 -12.71
N LEU B 62 -4.47 -22.64 -12.04
CA LEU B 62 -5.81 -23.20 -11.97
C LEU B 62 -6.28 -23.48 -13.36
N GLY B 63 -5.97 -22.55 -14.21
CA GLY B 63 -6.39 -22.60 -15.57
C GLY B 63 -7.42 -21.48 -15.74
N PRO B 64 -7.71 -21.12 -16.93
CA PRO B 64 -8.73 -20.09 -17.27
C PRO B 64 -10.09 -20.75 -17.50
N GLY B 65 -11.14 -19.96 -17.52
CA GLY B 65 -12.47 -20.48 -17.73
C GLY B 65 -12.92 -21.30 -16.55
N ALA B 66 -12.15 -21.30 -15.44
CA ALA B 66 -12.56 -22.09 -14.30
C ALA B 66 -13.92 -21.60 -13.90
N THR B 67 -14.80 -22.52 -13.53
CA THR B 67 -16.15 -22.15 -13.19
C THR B 67 -16.14 -21.08 -12.16
N LEU B 68 -17.22 -20.33 -12.14
CA LEU B 68 -17.31 -19.25 -11.23
C LEU B 68 -17.08 -19.75 -9.83
N GLU B 69 -17.53 -20.96 -9.52
CA GLU B 69 -17.24 -21.51 -8.20
C GLU B 69 -15.73 -21.77 -8.03
N GLU B 70 -15.07 -22.20 -9.11
CA GLU B 70 -13.63 -22.49 -9.08
C GLU B 70 -12.78 -21.22 -8.97
N MET B 71 -12.87 -20.32 -9.97
CA MET B 71 -12.09 -19.08 -9.91
C MET B 71 -12.54 -18.32 -8.66
N MET B 72 -13.72 -18.57 -8.16
CA MET B 72 -14.10 -17.84 -6.95
C MET B 72 -13.21 -18.27 -5.82
N THR B 73 -13.15 -19.58 -5.65
CA THR B 73 -12.36 -20.19 -4.58
C THR B 73 -10.86 -19.91 -4.76
N ALA B 74 -10.41 -19.90 -5.99
CA ALA B 74 -9.00 -19.74 -6.27
C ALA B 74 -8.61 -18.30 -6.26
N CYS B 75 -9.40 -17.55 -6.97
CA CYS B 75 -9.14 -16.14 -7.05
C CYS B 75 -9.58 -15.45 -5.78
N GLN B 76 -10.16 -16.16 -4.83
CA GLN B 76 -10.35 -15.52 -3.57
C GLN B 76 -8.93 -15.30 -3.01
N GLY B 77 -7.89 -16.06 -3.54
CA GLY B 77 -6.51 -15.85 -3.16
C GLY B 77 -6.11 -14.45 -3.59
N VAL B 78 -6.78 -13.90 -4.59
CA VAL B 78 -6.47 -12.52 -5.08
C VAL B 78 -6.64 -11.59 -3.91
N GLY B 79 -5.89 -10.41 -3.79
CA GLY B 79 -6.10 -9.69 -2.50
C GLY B 79 -4.86 -9.16 -1.82
N GLY B 80 -4.89 -7.95 -1.17
CA GLY B 80 -3.58 -7.47 -0.64
C GLY B 80 -2.92 -8.52 0.29
N PRO B 81 -3.32 -8.60 1.50
CA PRO B 81 -2.76 -9.63 2.39
C PRO B 81 -3.35 -11.01 2.02
N GLY B 82 -4.52 -11.00 1.34
CA GLY B 82 -5.17 -12.24 0.95
C GLY B 82 -4.26 -13.10 0.08
N HIS B 83 -3.63 -12.56 -0.94
CA HIS B 83 -2.76 -13.41 -1.73
C HIS B 83 -1.47 -13.50 -0.96
N LYS B 84 -1.08 -12.40 -0.29
CA LYS B 84 0.14 -12.38 0.51
C LYS B 84 0.18 -13.55 1.49
N ALA B 85 -0.95 -14.13 1.78
CA ALA B 85 -0.94 -15.26 2.65
C ALA B 85 -0.18 -16.41 1.90
N ARG B 86 -0.61 -16.65 0.63
CA ARG B 86 -0.06 -17.71 -0.28
C ARG B 86 1.01 -17.30 -1.31
N VAL B 87 0.63 -16.36 -2.19
CA VAL B 87 1.50 -15.93 -3.29
C VAL B 87 2.72 -15.27 -2.79
N LEU B 88 2.66 -14.75 -1.55
CA LEU B 88 3.84 -14.13 -0.96
C LEU B 88 4.91 -15.16 -1.05
N ALA B 89 4.55 -16.38 -0.64
CA ALA B 89 5.44 -17.51 -0.71
C ALA B 89 5.71 -17.96 -2.15
N GLU B 90 4.71 -17.94 -3.00
CA GLU B 90 4.90 -18.44 -4.36
C GLU B 90 5.98 -17.66 -5.12
N ALA B 91 5.91 -16.34 -5.15
CA ALA B 91 6.94 -15.60 -5.84
C ALA B 91 8.25 -15.82 -5.10
N MET B 92 8.16 -15.87 -3.77
CA MET B 92 9.34 -16.03 -2.98
C MET B 92 10.12 -17.30 -3.34
N SER B 93 9.42 -18.43 -3.45
CA SER B 93 10.05 -19.70 -3.81
C SER B 93 10.22 -19.83 -5.32
N GLN B 94 9.63 -18.90 -6.10
CA GLN B 94 9.84 -18.94 -7.54
C GLN B 94 11.31 -18.70 -7.78
N VAL B 95 11.91 -17.88 -6.93
CA VAL B 95 13.32 -17.60 -7.04
C VAL B 95 14.19 -18.61 -6.26
N THR B 96 13.73 -19.05 -5.08
CA THR B 96 14.57 -19.93 -4.25
C THR B 96 14.42 -21.46 -4.44
N ASN B 97 13.22 -22.00 -4.23
CA ASN B 97 13.08 -23.47 -4.26
C ASN B 97 12.74 -24.18 -5.58
N THR B 98 11.64 -23.81 -6.24
CA THR B 98 11.23 -24.56 -7.44
C THR B 98 11.68 -23.95 -8.77
N ALA B 99 11.57 -22.65 -8.91
CA ALA B 99 11.92 -21.99 -10.15
C ALA B 99 13.24 -21.25 -10.02
N THR B 100 14.13 -21.76 -9.18
CA THR B 100 15.40 -21.07 -8.98
C THR B 100 16.16 -21.07 -10.28
N ILE B 101 16.46 -19.85 -10.72
CA ILE B 101 17.12 -19.64 -12.00
C ILE B 101 18.64 -19.59 -11.83
N MET B 102 19.33 -20.49 -12.53
CA MET B 102 20.79 -20.55 -12.47
C MET B 102 21.27 -20.53 -11.03
N GLY C 1 0.34 25.09 -23.86
CA GLY C 1 0.92 24.71 -22.53
C GLY C 1 -0.20 24.58 -21.50
N GLY C 2 -0.24 23.45 -20.80
CA GLY C 2 -1.30 23.23 -19.83
C GLY C 2 -2.62 22.86 -20.53
N SER C 3 -2.61 22.72 -21.87
CA SER C 3 -3.83 22.34 -22.55
C SER C 3 -4.24 20.99 -21.96
N PRO C 4 -5.49 20.74 -21.70
CA PRO C 4 -5.83 19.46 -21.06
C PRO C 4 -5.36 18.23 -21.84
N THR C 5 -4.50 17.50 -21.16
CA THR C 5 -3.96 16.22 -21.60
C THR C 5 -3.80 15.99 -23.10
N SER C 6 -2.74 16.54 -23.62
CA SER C 6 -2.39 16.35 -25.01
C SER C 6 -1.45 15.15 -25.24
N ILE C 7 -1.05 14.46 -24.15
CA ILE C 7 -0.10 13.35 -24.20
C ILE C 7 1.29 13.94 -24.25
N LEU C 8 1.44 14.80 -23.21
CA LEU C 8 2.69 15.46 -22.85
C LEU C 8 3.13 14.72 -21.66
N ASP C 9 2.15 14.50 -20.76
CA ASP C 9 2.47 13.75 -19.62
C ASP C 9 1.47 12.69 -19.25
N ILE C 10 0.64 12.04 -20.13
CA ILE C 10 -0.36 11.27 -19.43
C ILE C 10 0.23 10.10 -18.63
N ARG C 11 0.22 10.21 -17.34
CA ARG C 11 0.89 9.22 -16.50
C ARG C 11 0.10 7.95 -16.25
N GLN C 12 0.85 6.86 -16.07
CA GLN C 12 0.25 5.61 -15.65
C GLN C 12 0.35 5.65 -14.19
N GLY C 13 -0.76 5.50 -13.50
CA GLY C 13 -0.70 5.52 -12.07
C GLY C 13 0.23 4.37 -11.73
N PRO C 14 1.24 4.53 -10.91
CA PRO C 14 2.22 3.43 -10.64
C PRO C 14 1.50 2.12 -10.30
N LYS C 15 0.28 2.23 -9.73
CA LYS C 15 -0.49 1.03 -9.41
C LYS C 15 -1.50 0.73 -10.53
N GLU C 16 -1.85 1.75 -11.31
CA GLU C 16 -2.78 1.57 -12.43
C GLU C 16 -2.16 0.57 -13.41
N PRO C 17 -2.79 -0.54 -13.72
CA PRO C 17 -2.18 -1.47 -14.69
C PRO C 17 -1.99 -0.74 -15.99
N PHE C 18 -1.21 -1.33 -16.82
CA PHE C 18 -0.95 -0.76 -18.10
C PHE C 18 -2.25 -0.45 -18.84
N ARG C 19 -3.34 -1.15 -18.49
CA ARG C 19 -4.64 -0.91 -19.15
C ARG C 19 -5.32 0.37 -18.68
N ASP C 20 -5.51 0.52 -17.37
CA ASP C 20 -6.19 1.70 -16.84
C ASP C 20 -5.53 2.93 -17.41
N TYR C 21 -4.25 2.82 -17.59
CA TYR C 21 -3.51 3.93 -18.06
C TYR C 21 -3.56 4.08 -19.56
N VAL C 22 -3.46 2.99 -20.29
CA VAL C 22 -3.57 3.10 -21.73
C VAL C 22 -4.88 3.74 -22.08
N ASP C 23 -5.96 3.29 -21.46
CA ASP C 23 -7.26 3.88 -21.76
C ASP C 23 -7.19 5.38 -21.54
N ARG C 24 -6.57 5.79 -20.45
CA ARG C 24 -6.43 7.21 -20.15
C ARG C 24 -5.65 7.90 -21.25
N PHE C 25 -4.57 7.27 -21.72
CA PHE C 25 -3.81 7.88 -22.77
C PHE C 25 -4.71 8.04 -23.98
N TYR C 26 -5.77 7.23 -24.10
CA TYR C 26 -6.65 7.33 -25.25
C TYR C 26 -7.74 8.40 -25.06
N LYS C 27 -8.60 8.22 -24.08
CA LYS C 27 -9.71 9.16 -23.89
C LYS C 27 -9.20 10.54 -23.65
N THR C 28 -8.15 10.62 -22.87
CA THR C 28 -7.60 11.91 -22.61
C THR C 28 -7.03 12.44 -23.96
N LEU C 29 -6.67 11.51 -24.90
CA LEU C 29 -6.25 11.90 -26.29
C LEU C 29 -7.44 12.24 -27.14
N ARG C 30 -8.62 11.68 -26.83
CA ARG C 30 -9.78 11.97 -27.65
C ARG C 30 -9.96 13.47 -27.65
N ALA C 31 -9.71 14.09 -26.50
CA ALA C 31 -9.80 15.53 -26.42
C ALA C 31 -8.70 16.15 -27.30
N GLU C 32 -7.56 15.49 -27.33
CA GLU C 32 -6.51 16.01 -28.16
C GLU C 32 -6.95 15.97 -29.68
N GLN C 33 -6.79 17.12 -30.35
CA GLN C 33 -7.11 17.24 -31.78
C GLN C 33 -5.81 17.16 -32.58
N ALA C 34 -5.24 15.96 -32.67
CA ALA C 34 -3.96 15.75 -33.35
C ALA C 34 -4.11 14.89 -34.61
N SER C 35 -2.96 14.73 -35.30
CA SER C 35 -2.83 13.92 -36.52
C SER C 35 -2.42 12.50 -36.14
N GLN C 36 -2.86 11.49 -36.88
CA GLN C 36 -2.57 10.10 -36.49
C GLN C 36 -1.06 9.78 -36.42
N GLU C 37 -0.26 10.22 -37.39
CA GLU C 37 1.17 9.89 -37.36
C GLU C 37 1.84 10.52 -36.17
N VAL C 38 1.46 11.77 -35.92
CA VAL C 38 2.00 12.48 -34.81
C VAL C 38 1.63 11.67 -33.58
N LYS C 39 0.36 11.21 -33.57
CA LYS C 39 -0.16 10.38 -32.49
C LYS C 39 0.68 9.13 -32.30
N ASN C 40 1.52 8.82 -33.27
CA ASN C 40 2.36 7.67 -33.07
C ASN C 40 3.23 7.88 -31.82
N TRP C 41 3.85 9.07 -31.62
CA TRP C 41 4.60 9.28 -30.35
C TRP C 41 3.62 9.10 -29.26
N MET C 42 2.41 9.58 -29.51
CA MET C 42 1.42 9.56 -28.48
C MET C 42 1.08 8.14 -27.97
N THR C 43 0.99 7.18 -28.88
CA THR C 43 0.65 5.82 -28.49
C THR C 43 1.81 4.95 -28.16
N GLU C 44 2.89 5.14 -28.83
CA GLU C 44 4.01 4.29 -28.58
C GLU C 44 4.86 4.80 -27.46
N THR C 45 5.46 5.92 -27.70
CA THR C 45 6.41 6.48 -26.78
C THR C 45 5.82 7.10 -25.51
N LEU C 46 4.70 7.89 -25.51
CA LEU C 46 4.31 8.40 -24.18
C LEU C 46 3.84 7.21 -23.40
N LEU C 47 3.17 6.26 -24.11
CA LEU C 47 2.67 5.04 -23.50
C LEU C 47 3.83 4.19 -22.96
N VAL C 48 5.01 4.36 -23.57
CA VAL C 48 6.22 3.68 -23.11
C VAL C 48 7.05 4.53 -22.10
N GLN C 49 6.90 5.85 -22.10
CA GLN C 49 7.78 6.67 -21.26
C GLN C 49 7.31 6.99 -19.85
N ASN C 50 6.14 7.59 -19.73
CA ASN C 50 5.64 7.97 -18.44
C ASN C 50 4.59 7.01 -17.95
N ALA C 51 4.66 5.79 -18.44
CA ALA C 51 3.65 4.85 -18.11
C ALA C 51 4.04 3.86 -17.09
N ASN C 52 4.54 4.28 -15.91
CA ASN C 52 4.85 3.28 -14.90
C ASN C 52 5.96 2.31 -15.42
N PRO C 53 7.27 2.51 -15.12
CA PRO C 53 8.40 1.67 -15.63
C PRO C 53 8.14 0.19 -15.63
N ASP C 54 7.18 -0.27 -14.86
CA ASP C 54 6.84 -1.69 -14.89
C ASP C 54 6.53 -2.11 -16.34
N CYS C 55 5.77 -1.23 -17.01
CA CYS C 55 5.39 -1.46 -18.40
C CYS C 55 6.53 -1.02 -19.30
N LYS C 56 7.46 -0.24 -18.81
CA LYS C 56 8.54 0.18 -19.67
C LYS C 56 9.53 -0.98 -19.78
N THR C 57 10.13 -1.37 -18.63
CA THR C 57 11.07 -2.50 -18.59
C THR C 57 10.49 -3.69 -19.37
N ILE C 58 9.16 -3.81 -19.35
CA ILE C 58 8.50 -4.84 -20.13
C ILE C 58 8.49 -4.48 -21.60
N LEU C 59 7.94 -3.28 -21.85
CA LEU C 59 7.75 -2.76 -23.21
C LEU C 59 9.04 -2.88 -23.99
N LYS C 60 10.19 -2.69 -23.36
CA LYS C 60 11.44 -2.82 -24.10
C LYS C 60 11.58 -4.26 -24.59
N ALA C 61 11.27 -5.17 -23.69
CA ALA C 61 11.33 -6.59 -23.99
C ALA C 61 10.44 -6.95 -25.18
N LEU C 62 9.19 -6.44 -25.22
CA LEU C 62 8.33 -6.75 -26.37
C LEU C 62 8.85 -6.02 -27.60
N GLY C 63 9.00 -4.76 -27.37
CA GLY C 63 9.47 -3.76 -28.30
C GLY C 63 8.69 -2.48 -27.96
N PRO C 64 9.27 -1.30 -28.06
CA PRO C 64 8.54 -0.04 -27.69
C PRO C 64 7.39 0.31 -28.65
N GLY C 65 6.20 0.50 -28.10
CA GLY C 65 5.04 0.85 -28.92
C GLY C 65 4.43 -0.37 -29.60
N ALA C 66 4.76 -1.55 -29.10
CA ALA C 66 4.20 -2.77 -29.64
C ALA C 66 2.68 -2.64 -29.64
N THR C 67 2.01 -3.52 -30.37
CA THR C 67 0.57 -3.45 -30.41
C THR C 67 0.02 -3.47 -29.01
N LEU C 68 -1.01 -2.68 -28.81
CA LEU C 68 -1.59 -2.53 -27.51
C LEU C 68 -1.94 -3.87 -26.91
N GLU C 69 -2.44 -4.80 -27.71
CA GLU C 69 -2.77 -6.10 -27.14
C GLU C 69 -1.53 -6.75 -26.62
N GLU C 70 -0.42 -6.62 -27.37
CA GLU C 70 0.83 -7.21 -26.96
C GLU C 70 1.39 -6.55 -25.68
N MET C 71 1.40 -5.22 -25.65
CA MET C 71 1.91 -4.48 -24.49
C MET C 71 1.06 -4.85 -23.30
N MET C 72 -0.23 -4.97 -23.55
CA MET C 72 -1.18 -5.32 -22.50
C MET C 72 -0.90 -6.70 -21.95
N THR C 73 -0.79 -7.69 -22.84
CA THR C 73 -0.59 -9.06 -22.39
C THR C 73 0.65 -9.16 -21.50
N ALA C 74 1.77 -8.66 -21.98
CA ALA C 74 2.99 -8.67 -21.19
C ALA C 74 2.84 -7.75 -19.99
N CYS C 75 2.10 -6.66 -20.17
CA CYS C 75 1.95 -5.74 -19.08
C CYS C 75 0.85 -6.07 -18.12
N GLN C 76 0.27 -7.23 -18.20
CA GLN C 76 -0.60 -7.54 -17.10
C GLN C 76 0.37 -7.73 -15.92
N GLY C 77 1.66 -8.06 -16.17
CA GLY C 77 2.61 -8.10 -15.07
C GLY C 77 2.68 -6.68 -14.44
N VAL C 78 2.32 -5.65 -15.20
CA VAL C 78 2.32 -4.25 -14.66
C VAL C 78 1.12 -4.16 -13.81
N GLY C 79 0.97 -3.20 -12.82
CA GLY C 79 -0.23 -3.39 -12.00
C GLY C 79 0.31 -3.91 -10.71
N GLY C 80 -0.45 -4.03 -9.64
CA GLY C 80 0.32 -4.46 -8.51
C GLY C 80 0.77 -5.90 -8.67
N PRO C 81 -0.09 -6.87 -8.38
CA PRO C 81 0.21 -8.34 -8.39
C PRO C 81 1.09 -8.91 -9.48
N GLY C 82 1.22 -8.20 -10.56
CA GLY C 82 1.98 -8.70 -11.65
C GLY C 82 3.47 -8.46 -11.48
N HIS C 83 3.76 -7.34 -10.92
CA HIS C 83 5.12 -6.92 -10.81
C HIS C 83 5.64 -7.49 -9.48
N LYS C 84 4.73 -7.54 -8.49
CA LYS C 84 5.04 -8.07 -7.19
C LYS C 84 5.49 -9.51 -7.40
N ALA C 85 4.90 -10.17 -8.39
CA ALA C 85 5.27 -11.53 -8.68
C ALA C 85 6.42 -11.55 -9.69
N ARG C 86 6.27 -10.76 -10.76
CA ARG C 86 7.29 -10.77 -11.81
C ARG C 86 8.55 -9.97 -11.49
N VAL C 87 8.44 -8.68 -11.29
CA VAL C 87 9.66 -7.93 -11.07
C VAL C 87 10.36 -8.28 -9.79
N LEU C 88 9.61 -8.77 -8.81
CA LEU C 88 10.20 -9.13 -7.54
C LEU C 88 11.12 -10.30 -7.78
N ALA C 89 10.49 -11.39 -8.27
CA ALA C 89 11.19 -12.63 -8.53
C ALA C 89 12.34 -12.44 -9.52
N GLU C 90 12.10 -11.67 -10.57
CA GLU C 90 13.13 -11.45 -11.57
C GLU C 90 14.29 -10.66 -11.02
N ALA C 91 14.01 -9.40 -10.62
CA ALA C 91 15.05 -8.51 -10.12
C ALA C 91 15.89 -9.23 -9.09
N MET C 92 15.26 -10.12 -8.36
CA MET C 92 15.95 -10.87 -7.34
C MET C 92 17.05 -11.73 -7.92
N SER C 93 16.79 -12.35 -9.07
CA SER C 93 17.82 -13.17 -9.65
C SER C 93 18.83 -12.31 -10.39
N GLN C 94 18.49 -11.03 -10.65
CA GLN C 94 19.44 -10.14 -11.28
C GLN C 94 20.50 -9.86 -10.25
N VAL C 95 20.04 -9.63 -9.03
CA VAL C 95 20.95 -9.35 -7.95
C VAL C 95 21.90 -10.53 -7.72
N THR C 96 21.34 -11.74 -7.65
CA THR C 96 22.13 -12.93 -7.34
C THR C 96 22.66 -13.77 -8.54
N ASN C 97 21.76 -14.26 -9.40
CA ASN C 97 22.17 -15.20 -10.46
C ASN C 97 22.60 -14.66 -11.84
N THR C 98 21.74 -13.89 -12.51
CA THR C 98 22.06 -13.48 -13.90
C THR C 98 22.78 -12.14 -14.04
N ALA C 99 22.36 -11.16 -13.27
CA ALA C 99 22.95 -9.83 -13.36
C ALA C 99 23.85 -9.54 -12.19
N THR C 100 24.45 -10.57 -11.60
CA THR C 100 25.27 -10.34 -10.42
C THR C 100 26.42 -9.44 -10.77
N ILE C 101 26.39 -8.26 -10.18
CA ILE C 101 27.37 -7.23 -10.44
C ILE C 101 28.59 -7.42 -9.54
N MET C 102 29.75 -7.59 -10.15
CA MET C 102 30.99 -7.78 -9.42
C MET C 102 30.81 -8.85 -8.33
N GLY D 1 5.05 37.04 1.80
CA GLY D 1 6.17 36.08 1.56
C GLY D 1 5.88 34.79 2.32
N GLY D 2 6.25 33.66 1.73
CA GLY D 2 5.99 32.39 2.39
C GLY D 2 4.51 32.11 2.43
N SER D 3 3.79 32.64 1.44
CA SER D 3 2.38 32.40 1.36
C SER D 3 2.22 30.90 1.25
N PRO D 4 1.07 30.36 1.54
CA PRO D 4 0.87 28.88 1.50
C PRO D 4 1.41 28.30 0.22
N THR D 5 2.24 27.27 0.36
CA THR D 5 2.86 26.59 -0.78
C THR D 5 3.64 27.55 -1.69
N SER D 6 4.29 28.48 -1.11
CA SER D 6 5.04 29.41 -1.91
C SER D 6 6.10 28.70 -2.77
N ILE D 7 6.42 27.39 -2.41
CA ILE D 7 7.40 26.43 -3.05
C ILE D 7 8.32 25.89 -2.03
N LEU D 8 8.66 26.71 -1.07
CA LEU D 8 9.55 26.35 0.02
C LEU D 8 9.24 24.97 0.53
N ASP D 9 7.92 24.58 0.61
CA ASP D 9 7.68 23.19 0.91
C ASP D 9 6.78 22.43 -0.08
N ILE D 10 6.77 22.65 -1.45
CA ILE D 10 5.69 21.90 -2.08
C ILE D 10 5.89 20.36 -1.92
N ARG D 11 4.80 19.59 -1.86
CA ARG D 11 4.90 18.18 -1.46
C ARG D 11 4.52 17.13 -2.49
N GLN D 12 5.45 16.20 -2.68
CA GLN D 12 5.25 15.06 -3.56
C GLN D 12 4.91 13.88 -2.70
N GLY D 13 3.84 13.24 -3.06
CA GLY D 13 3.42 12.07 -2.32
C GLY D 13 4.45 10.91 -2.43
N PRO D 14 4.62 10.11 -1.42
CA PRO D 14 5.59 8.97 -1.48
C PRO D 14 5.33 8.12 -2.73
N LYS D 15 4.09 8.18 -3.25
CA LYS D 15 3.72 7.45 -4.47
C LYS D 15 3.32 8.42 -5.60
N GLU D 16 3.02 9.69 -5.26
CA GLU D 16 2.57 10.69 -6.27
C GLU D 16 3.57 10.76 -7.44
N PRO D 17 3.21 10.49 -8.66
CA PRO D 17 4.20 10.55 -9.75
C PRO D 17 4.87 11.90 -9.85
N PHE D 18 6.12 11.87 -10.30
CA PHE D 18 6.90 13.08 -10.46
C PHE D 18 6.16 14.03 -11.38
N ARG D 19 5.72 13.55 -12.53
CA ARG D 19 4.97 14.39 -13.45
C ARG D 19 3.66 14.92 -12.82
N ASP D 20 3.25 14.32 -11.70
CA ASP D 20 2.02 14.74 -11.03
C ASP D 20 2.35 15.80 -9.99
N TYR D 21 3.15 15.45 -9.01
CA TYR D 21 3.53 16.41 -8.01
C TYR D 21 4.18 17.62 -8.65
N VAL D 22 4.91 17.39 -9.71
CA VAL D 22 5.52 18.50 -10.42
C VAL D 22 4.42 19.45 -10.84
N ASP D 23 3.25 18.91 -11.21
CA ASP D 23 2.11 19.76 -11.60
C ASP D 23 1.62 20.56 -10.38
N ARG D 24 1.90 20.04 -9.16
CA ARG D 24 1.57 20.75 -7.92
C ARG D 24 2.67 21.76 -7.62
N PHE D 25 3.88 21.42 -8.04
CA PHE D 25 4.99 22.31 -7.85
C PHE D 25 4.83 23.46 -8.82
N TYR D 26 4.21 23.19 -9.97
CA TYR D 26 3.99 24.26 -10.94
C TYR D 26 2.76 25.06 -10.58
N LYS D 27 1.69 24.38 -10.19
CA LYS D 27 0.47 25.07 -9.84
C LYS D 27 0.79 25.97 -8.69
N THR D 28 1.66 25.50 -7.81
CA THR D 28 2.01 26.29 -6.67
C THR D 28 3.05 27.37 -7.09
N LEU D 29 3.70 27.19 -8.25
CA LEU D 29 4.57 28.26 -8.77
C LEU D 29 3.73 29.46 -9.15
N ARG D 30 2.52 29.22 -9.61
CA ARG D 30 1.66 30.32 -9.97
C ARG D 30 1.26 31.12 -8.72
N ALA D 31 1.07 30.43 -7.58
CA ALA D 31 0.62 31.09 -6.34
C ALA D 31 1.63 32.07 -5.74
N GLU D 32 2.89 31.73 -5.85
CA GLU D 32 4.00 32.58 -5.33
C GLU D 32 4.51 33.55 -6.40
N GLN D 33 5.10 34.67 -5.97
CA GLN D 33 5.64 35.65 -6.93
C GLN D 33 7.17 35.55 -7.06
N ALA D 34 7.66 34.91 -8.14
CA ALA D 34 9.11 34.78 -8.32
C ALA D 34 9.57 35.03 -9.76
N SER D 35 10.69 35.71 -9.87
CA SER D 35 11.28 35.93 -11.17
C SER D 35 11.52 34.55 -11.78
N GLN D 36 11.74 34.46 -13.06
CA GLN D 36 11.95 33.15 -13.65
C GLN D 36 13.22 32.47 -13.11
N GLU D 37 14.35 33.15 -13.11
CA GLU D 37 15.57 32.51 -12.60
C GLU D 37 15.37 32.14 -11.15
N VAL D 38 14.68 33.03 -10.42
CA VAL D 38 14.39 32.80 -9.02
C VAL D 38 13.52 31.57 -8.95
N LYS D 39 12.61 31.44 -9.95
CA LYS D 39 11.74 30.27 -10.08
C LYS D 39 12.58 29.06 -10.46
N ASN D 40 13.72 29.28 -11.06
CA ASN D 40 14.54 28.17 -11.41
C ASN D 40 14.91 27.45 -10.13
N TRP D 41 15.21 28.20 -9.03
CA TRP D 41 15.49 27.50 -7.76
C TRP D 41 14.25 26.71 -7.48
N MET D 42 13.08 27.37 -7.77
CA MET D 42 11.81 26.76 -7.47
C MET D 42 11.61 25.53 -8.31
N THR D 43 12.36 25.40 -9.42
CA THR D 43 12.24 24.21 -10.24
C THR D 43 13.23 23.10 -9.84
N GLU D 44 14.46 23.50 -9.51
CA GLU D 44 15.49 22.49 -9.21
C GLU D 44 15.70 22.06 -7.75
N THR D 45 16.34 22.86 -6.94
CA THR D 45 16.59 22.37 -5.61
C THR D 45 15.28 22.23 -4.82
N LEU D 46 14.22 22.91 -5.30
CA LEU D 46 12.95 22.64 -4.68
C LEU D 46 12.63 21.21 -4.91
N LEU D 47 12.42 20.96 -6.15
CA LEU D 47 11.92 19.70 -6.57
C LEU D 47 12.81 18.59 -6.03
N VAL D 48 14.08 18.82 -6.00
CA VAL D 48 15.02 17.83 -5.51
C VAL D 48 14.93 17.59 -4.01
N GLN D 49 14.73 18.63 -3.21
CA GLN D 49 14.78 18.42 -1.75
C GLN D 49 13.47 17.98 -1.04
N ASN D 50 12.31 18.57 -1.38
CA ASN D 50 11.09 18.26 -0.64
C ASN D 50 10.11 17.41 -1.37
N ALA D 51 10.55 16.82 -2.47
CA ALA D 51 9.61 16.06 -3.29
C ALA D 51 9.71 14.55 -3.24
N ASN D 52 9.26 13.88 -2.18
CA ASN D 52 9.19 12.40 -2.26
C ASN D 52 10.55 11.72 -2.53
N PRO D 53 11.21 11.11 -1.56
CA PRO D 53 12.55 10.47 -1.78
C PRO D 53 12.62 9.56 -3.00
N ASP D 54 11.49 9.15 -3.57
CA ASP D 54 11.58 8.34 -4.78
C ASP D 54 12.30 9.12 -5.84
N CYS D 55 11.90 10.36 -6.04
CA CYS D 55 12.57 11.20 -7.00
C CYS D 55 13.72 11.91 -6.38
N LYS D 56 13.52 12.66 -5.29
CA LYS D 56 14.61 13.38 -4.64
C LYS D 56 15.91 12.56 -4.51
N THR D 57 15.80 11.25 -4.15
CA THR D 57 17.01 10.39 -4.03
C THR D 57 17.62 10.13 -5.44
N ILE D 58 16.74 10.03 -6.46
CA ILE D 58 17.15 9.86 -7.88
C ILE D 58 17.85 11.11 -8.38
N LEU D 59 17.24 12.27 -8.15
CA LEU D 59 17.77 13.50 -8.68
C LEU D 59 19.25 13.64 -8.31
N LYS D 60 19.68 12.99 -7.21
CA LYS D 60 21.08 13.01 -6.82
C LYS D 60 21.90 12.11 -7.76
N ALA D 61 21.36 10.92 -8.10
CA ALA D 61 22.02 9.97 -9.04
C ALA D 61 22.11 10.52 -10.52
N LEU D 62 21.02 11.17 -10.99
CA LEU D 62 20.95 11.74 -12.34
C LEU D 62 22.07 12.70 -12.58
N GLY D 63 22.42 13.39 -11.52
CA GLY D 63 23.41 14.43 -11.65
C GLY D 63 22.57 15.68 -11.76
N PRO D 64 22.22 16.34 -10.67
CA PRO D 64 21.32 17.54 -10.67
C PRO D 64 21.53 18.45 -11.86
N GLY D 65 20.44 19.16 -12.20
CA GLY D 65 20.45 20.08 -13.34
C GLY D 65 19.77 19.50 -14.58
N ALA D 66 19.43 18.21 -14.52
CA ALA D 66 18.76 17.61 -15.65
C ALA D 66 17.51 18.41 -15.87
N THR D 67 17.23 18.80 -17.10
CA THR D 67 16.06 19.65 -17.35
C THR D 67 14.82 19.04 -16.74
N LEU D 68 13.73 19.76 -16.74
CA LEU D 68 12.56 19.15 -16.16
C LEU D 68 12.21 17.95 -17.00
N GLU D 69 12.13 18.14 -18.31
CA GLU D 69 11.87 17.00 -19.16
C GLU D 69 12.90 15.90 -18.92
N GLU D 70 14.19 16.26 -18.79
CA GLU D 70 15.21 15.20 -18.57
C GLU D 70 14.93 14.40 -17.27
N MET D 71 14.78 15.12 -16.14
CA MET D 71 14.50 14.50 -14.84
C MET D 71 13.18 13.82 -14.93
N MET D 72 12.30 14.25 -15.83
CA MET D 72 11.00 13.61 -15.89
C MET D 72 11.16 12.16 -16.26
N THR D 73 11.99 11.89 -17.25
CA THR D 73 12.22 10.52 -17.62
C THR D 73 12.83 9.77 -16.43
N ALA D 74 13.71 10.47 -15.74
CA ALA D 74 14.42 9.95 -14.57
C ALA D 74 13.54 9.61 -13.37
N CYS D 75 12.59 10.48 -13.19
CA CYS D 75 11.69 10.42 -12.09
C CYS D 75 10.37 9.77 -12.46
N GLN D 76 10.25 9.29 -13.73
CA GLN D 76 9.08 8.53 -14.06
C GLN D 76 9.14 7.20 -13.30
N GLY D 77 10.30 6.90 -12.60
CA GLY D 77 10.40 5.74 -11.76
C GLY D 77 9.59 5.89 -10.48
N VAL D 78 9.29 7.11 -10.10
CA VAL D 78 8.57 7.39 -8.80
C VAL D 78 7.26 6.67 -8.71
N GLY D 79 6.73 6.32 -7.45
CA GLY D 79 5.53 5.46 -7.51
C GLY D 79 5.49 4.30 -6.53
N GLY D 80 4.31 3.76 -6.10
CA GLY D 80 4.47 2.73 -5.06
C GLY D 80 5.29 1.52 -5.55
N PRO D 81 4.82 0.84 -6.55
CA PRO D 81 5.56 -0.29 -7.14
C PRO D 81 6.59 0.13 -8.20
N GLY D 82 6.31 1.22 -8.90
CA GLY D 82 7.18 1.68 -9.99
C GLY D 82 8.61 1.97 -9.52
N HIS D 83 8.75 2.70 -8.42
CA HIS D 83 10.08 2.99 -7.95
C HIS D 83 10.65 1.77 -7.30
N LYS D 84 9.91 1.27 -6.32
CA LYS D 84 10.34 0.13 -5.57
C LYS D 84 10.90 -0.98 -6.47
N ALA D 85 10.47 -1.07 -7.73
CA ALA D 85 11.04 -2.13 -8.56
C ALA D 85 12.55 -1.89 -8.78
N ARG D 86 12.88 -0.73 -9.34
CA ARG D 86 14.27 -0.35 -9.58
C ARG D 86 15.04 -0.27 -8.26
N VAL D 87 14.43 0.36 -7.29
CA VAL D 87 15.05 0.52 -5.99
C VAL D 87 15.32 -0.83 -5.37
N LEU D 88 14.41 -1.77 -5.57
CA LEU D 88 14.60 -3.11 -5.01
C LEU D 88 15.91 -3.67 -5.53
N ALA D 89 16.11 -3.58 -6.84
CA ALA D 89 17.33 -4.12 -7.47
C ALA D 89 18.60 -3.41 -7.01
N GLU D 90 18.57 -2.08 -6.98
CA GLU D 90 19.72 -1.31 -6.56
C GLU D 90 20.07 -1.53 -5.09
N ALA D 91 19.07 -1.47 -4.24
CA ALA D 91 19.28 -1.65 -2.80
C ALA D 91 19.63 -3.09 -2.42
N MET D 92 18.93 -4.05 -3.04
CA MET D 92 19.16 -5.45 -2.73
C MET D 92 20.55 -5.84 -3.15
N SER D 93 20.98 -5.27 -4.28
CA SER D 93 22.33 -5.53 -4.80
C SER D 93 23.36 -4.60 -4.14
N GLN D 94 22.91 -3.65 -3.33
CA GLN D 94 23.83 -2.74 -2.67
C GLN D 94 24.40 -3.42 -1.45
N VAL D 95 23.51 -3.79 -0.56
CA VAL D 95 23.91 -4.43 0.66
C VAL D 95 24.71 -5.69 0.35
N THR D 96 24.29 -6.44 -0.66
CA THR D 96 24.98 -7.68 -1.01
C THR D 96 26.14 -7.55 -2.01
N ASN D 97 25.89 -7.00 -3.21
CA ASN D 97 26.95 -6.99 -4.25
C ASN D 97 27.90 -5.77 -4.33
N THR D 98 27.38 -4.56 -4.51
CA THR D 98 28.26 -3.40 -4.71
C THR D 98 28.51 -2.56 -3.46
N ALA D 99 27.47 -2.31 -2.69
CA ALA D 99 27.60 -1.47 -1.51
C ALA D 99 27.76 -2.28 -0.24
N THR D 100 28.30 -3.49 -0.34
CA THR D 100 28.44 -4.29 0.86
C THR D 100 29.43 -3.58 1.77
N ILE D 101 28.91 -3.11 2.89
CA ILE D 101 29.71 -2.34 3.84
C ILE D 101 30.26 -3.25 4.93
N MET D 102 31.59 -3.27 5.05
CA MET D 102 32.24 -4.10 6.06
C MET D 102 31.83 -5.56 5.90
N GLY E 1 -8.37 22.30 29.54
CA GLY E 1 -7.01 21.77 29.87
C GLY E 1 -6.74 20.52 29.05
N GLY E 2 -5.73 20.60 28.16
CA GLY E 2 -5.42 19.46 27.32
C GLY E 2 -6.58 19.23 26.37
N SER E 3 -7.16 20.35 25.94
CA SER E 3 -8.30 20.31 25.03
C SER E 3 -7.91 19.52 23.79
N PRO E 4 -8.87 19.04 23.04
CA PRO E 4 -8.58 18.22 21.84
C PRO E 4 -7.55 18.89 20.95
N THR E 5 -6.54 18.12 20.56
CA THR E 5 -5.48 18.65 19.70
C THR E 5 -4.91 19.96 20.24
N SER E 6 -4.42 19.91 21.46
CA SER E 6 -3.77 21.06 22.07
C SER E 6 -2.22 20.95 22.06
N ILE E 7 -1.68 19.85 21.45
CA ILE E 7 -0.20 19.53 21.47
C ILE E 7 0.11 18.65 22.70
N LEU E 8 -0.83 17.78 22.96
CA LEU E 8 -0.70 16.80 24.01
C LEU E 8 -0.41 15.52 23.37
N ASP E 9 -1.26 15.22 22.34
CA ASP E 9 -0.97 14.11 21.57
C ASP E 9 -0.86 14.44 20.12
N ILE E 10 -0.32 15.64 19.61
CA ILE E 10 -0.60 15.77 18.17
C ILE E 10 0.06 14.65 17.34
N ARG E 11 -0.75 13.77 16.75
CA ARG E 11 -0.19 12.58 16.08
C ARG E 11 -0.03 12.68 14.60
N GLN E 12 1.02 11.99 14.11
CA GLN E 12 1.27 11.96 12.66
C GLN E 12 0.84 10.66 12.05
N GLY E 13 0.17 10.75 10.92
CA GLY E 13 -0.25 9.56 10.25
C GLY E 13 0.98 8.76 9.80
N PRO E 14 0.96 7.43 9.82
CA PRO E 14 2.14 6.61 9.33
C PRO E 14 2.49 6.97 7.87
N LYS E 15 1.44 7.05 7.04
CA LYS E 15 1.61 7.42 5.63
C LYS E 15 1.43 8.93 5.42
N GLU E 16 1.03 9.66 6.47
CA GLU E 16 0.90 11.08 6.36
C GLU E 16 2.32 11.63 6.42
N PRO E 17 2.84 12.32 5.42
CA PRO E 17 4.24 12.82 5.52
C PRO E 17 4.43 13.87 6.61
N PHE E 18 5.69 13.97 7.07
CA PHE E 18 6.11 14.92 8.11
C PHE E 18 5.44 16.23 7.89
N ARG E 19 5.68 16.79 6.69
CA ARG E 19 5.07 18.06 6.32
C ARG E 19 3.63 18.26 6.69
N ASP E 20 2.74 17.35 6.23
CA ASP E 20 1.28 17.53 6.47
C ASP E 20 0.93 17.61 7.95
N TYR E 21 1.47 16.69 8.72
CA TYR E 21 1.24 16.68 10.16
C TYR E 21 1.94 17.85 10.82
N VAL E 22 3.03 18.28 10.25
CA VAL E 22 3.73 19.45 10.83
C VAL E 22 2.79 20.66 10.63
N ASP E 23 2.19 20.66 9.45
CA ASP E 23 1.23 21.67 9.11
C ASP E 23 0.05 21.48 10.08
N ARG E 24 -0.26 20.21 10.42
CA ARG E 24 -1.35 19.95 11.37
C ARG E 24 -1.07 20.58 12.73
N PHE E 25 -0.02 20.12 13.41
CA PHE E 25 0.30 20.63 14.75
C PHE E 25 0.56 22.13 14.76
N TYR E 26 0.96 22.69 13.61
CA TYR E 26 1.23 24.13 13.53
C TYR E 26 -0.07 24.89 13.45
N LYS E 27 -0.92 24.41 12.54
CA LYS E 27 -2.22 24.99 12.32
C LYS E 27 -3.11 24.71 13.53
N THR E 28 -2.80 23.63 14.28
CA THR E 28 -3.57 23.33 15.47
C THR E 28 -2.93 24.03 16.65
N LEU E 29 -1.58 24.31 16.59
CA LEU E 29 -1.02 25.01 17.76
C LEU E 29 -1.77 26.32 17.94
N ARG E 30 -2.37 26.86 16.85
CA ARG E 30 -3.17 28.09 16.95
C ARG E 30 -4.31 27.82 17.92
N ALA E 31 -4.85 26.63 17.80
CA ALA E 31 -5.90 26.15 18.68
C ALA E 31 -5.37 26.05 20.10
N GLU E 32 -4.06 25.83 20.22
CA GLU E 32 -3.43 25.75 21.52
C GLU E 32 -2.91 27.14 21.91
N GLN E 33 -3.60 27.78 22.84
CA GLN E 33 -3.17 29.08 23.27
C GLN E 33 -1.85 28.91 24.02
N ALA E 34 -0.70 29.09 23.30
CA ALA E 34 0.63 28.94 23.95
C ALA E 34 1.52 30.18 23.78
N SER E 35 2.46 30.32 24.73
CA SER E 35 3.44 31.40 24.71
C SER E 35 4.28 31.22 23.47
N GLN E 36 4.80 32.30 22.89
CA GLN E 36 5.60 32.13 21.69
C GLN E 36 6.75 31.17 21.99
N GLU E 37 7.31 31.30 23.18
CA GLU E 37 8.36 30.38 23.64
C GLU E 37 7.76 28.99 23.92
N VAL E 38 6.55 28.94 24.49
CA VAL E 38 5.98 27.64 24.79
C VAL E 38 5.84 26.82 23.52
N LYS E 39 5.39 27.47 22.48
CA LYS E 39 5.26 26.80 21.22
C LYS E 39 6.65 26.40 20.73
N ASN E 40 7.65 27.26 21.00
CA ASN E 40 9.00 27.00 20.53
C ASN E 40 9.53 25.63 21.00
N TRP E 41 9.43 25.27 22.29
CA TRP E 41 9.90 23.92 22.68
C TRP E 41 8.91 22.81 22.14
N MET E 42 7.60 23.19 21.93
CA MET E 42 6.54 22.26 21.40
C MET E 42 6.78 21.73 19.96
N THR E 43 7.22 22.62 19.08
CA THR E 43 7.45 22.27 17.66
C THR E 43 8.73 21.43 17.45
N GLU E 44 9.69 21.60 18.35
CA GLU E 44 10.95 20.84 18.25
C GLU E 44 10.84 19.50 18.99
N THR E 45 10.34 19.55 20.24
CA THR E 45 10.22 18.34 21.05
C THR E 45 8.89 17.57 20.90
N LEU E 46 7.75 18.22 21.20
CA LEU E 46 6.46 17.53 21.18
C LEU E 46 6.13 17.07 19.77
N LEU E 47 6.65 17.79 18.76
CA LEU E 47 6.45 17.39 17.37
C LEU E 47 7.08 16.00 17.15
N VAL E 48 8.33 15.87 17.63
CA VAL E 48 9.11 14.62 17.50
C VAL E 48 8.50 13.41 18.23
N GLN E 49 8.07 13.63 19.44
CA GLN E 49 7.62 12.48 20.25
C GLN E 49 6.44 11.67 19.67
N ASN E 50 5.46 12.33 19.11
CA ASN E 50 4.26 11.63 18.61
C ASN E 50 4.13 11.56 17.06
N ALA E 51 5.22 11.87 16.32
CA ALA E 51 5.10 12.00 14.84
C ALA E 51 5.88 11.09 13.89
N ASN E 52 5.23 10.10 13.30
CA ASN E 52 5.89 9.33 12.26
C ASN E 52 7.12 8.61 12.78
N PRO E 53 7.09 7.36 13.14
CA PRO E 53 8.31 6.64 13.64
C PRO E 53 9.52 6.87 12.75
N ASP E 54 9.26 7.22 11.45
CA ASP E 54 10.32 7.53 10.48
C ASP E 54 11.01 8.82 10.92
N CYS E 55 10.24 9.80 11.43
CA CYS E 55 10.89 10.99 11.90
C CYS E 55 11.55 10.61 13.22
N LYS E 56 10.98 9.64 13.93
CA LYS E 56 11.52 9.34 15.24
C LYS E 56 12.95 8.92 15.08
N THR E 57 13.22 8.25 13.97
CA THR E 57 14.54 7.84 13.71
C THR E 57 15.34 8.98 13.04
N ILE E 58 14.69 9.79 12.14
CA ILE E 58 15.38 10.92 11.43
C ILE E 58 15.60 12.11 12.30
N LEU E 59 14.50 12.72 12.75
CA LEU E 59 14.58 13.93 13.55
C LEU E 59 15.60 13.73 14.68
N LYS E 60 15.81 12.48 15.14
CA LYS E 60 16.84 12.22 16.15
C LYS E 60 18.25 12.27 15.54
N ALA E 61 18.38 11.64 14.36
CA ALA E 61 19.63 11.57 13.60
C ALA E 61 20.11 12.95 13.18
N LEU E 62 19.16 13.77 12.87
CA LEU E 62 19.44 15.12 12.50
C LEU E 62 19.96 15.79 13.71
N GLY E 63 19.34 15.43 14.87
CA GLY E 63 19.69 15.99 16.14
C GLY E 63 18.88 17.27 16.31
N PRO E 64 18.32 17.57 17.45
CA PRO E 64 17.53 18.84 17.63
C PRO E 64 18.32 20.08 17.18
N GLY E 65 17.66 21.21 17.07
CA GLY E 65 18.32 22.43 16.62
C GLY E 65 18.24 22.59 15.10
N ALA E 66 17.78 21.55 14.39
CA ALA E 66 17.65 21.65 12.96
C ALA E 66 16.59 22.68 12.65
N THR E 67 16.83 23.57 11.68
CA THR E 67 15.83 24.54 11.36
C THR E 67 14.59 23.80 10.98
N LEU E 68 13.44 24.46 11.01
CA LEU E 68 12.22 23.74 10.69
C LEU E 68 12.31 23.27 9.26
N GLU E 69 12.91 24.10 8.40
CA GLU E 69 13.14 23.72 7.03
C GLU E 69 14.06 22.52 7.07
N GLU E 70 14.97 22.47 8.06
CA GLU E 70 15.86 21.34 8.13
C GLU E 70 15.11 20.07 8.58
N MET E 71 14.23 20.16 9.58
CA MET E 71 13.51 18.96 10.02
C MET E 71 12.67 18.52 8.89
N MET E 72 12.12 19.46 8.17
CA MET E 72 11.28 19.13 7.06
C MET E 72 12.07 18.41 5.97
N THR E 73 13.21 18.99 5.63
CA THR E 73 14.08 18.46 4.58
C THR E 73 14.55 17.08 4.96
N ALA E 74 14.81 16.94 6.24
CA ALA E 74 15.29 15.68 6.78
C ALA E 74 14.24 14.59 6.76
N CYS E 75 13.12 14.98 7.31
CA CYS E 75 11.98 14.13 7.41
C CYS E 75 11.35 13.95 6.04
N GLN E 76 11.77 14.72 5.02
CA GLN E 76 11.25 14.49 3.69
C GLN E 76 11.67 13.06 3.25
N GLY E 77 12.62 12.41 3.98
CA GLY E 77 13.00 11.03 3.70
C GLY E 77 11.81 10.07 4.00
N VAL E 78 10.92 10.50 4.89
CA VAL E 78 9.71 9.75 5.39
C VAL E 78 8.71 9.48 4.29
N GLY E 79 7.76 8.45 4.44
CA GLY E 79 6.97 8.15 3.24
C GLY E 79 6.90 6.68 2.93
N GLY E 80 5.89 6.11 2.25
CA GLY E 80 6.00 4.65 2.16
C GLY E 80 7.20 4.33 1.29
N PRO E 81 7.09 4.42 0.00
CA PRO E 81 8.28 4.28 -0.87
C PRO E 81 9.32 5.36 -0.53
N GLY E 82 8.86 6.51 -0.05
CA GLY E 82 9.79 7.58 0.29
C GLY E 82 10.82 7.13 1.35
N HIS E 83 10.34 6.55 2.44
CA HIS E 83 11.22 6.10 3.52
C HIS E 83 11.73 4.71 3.24
N LYS E 84 10.90 3.91 2.56
CA LYS E 84 11.25 2.53 2.17
C LYS E 84 12.35 2.51 1.12
N ALA E 85 12.45 3.56 0.31
CA ALA E 85 13.47 3.62 -0.73
C ALA E 85 14.84 3.80 -0.08
N ARG E 86 14.86 4.54 1.02
CA ARG E 86 16.08 4.76 1.77
C ARG E 86 16.29 3.68 2.82
N VAL E 87 15.18 3.12 3.29
CA VAL E 87 15.24 2.12 4.33
C VAL E 87 15.45 0.73 3.77
N LEU E 88 15.08 0.51 2.56
CA LEU E 88 15.21 -0.83 2.06
C LEU E 88 16.67 -1.20 2.04
N ALA E 89 17.49 -0.31 1.50
CA ALA E 89 18.91 -0.54 1.47
C ALA E 89 19.48 -0.55 2.88
N GLU E 90 19.01 0.38 3.70
CA GLU E 90 19.52 0.56 5.06
C GLU E 90 19.18 -0.60 6.01
N ALA E 91 17.88 -0.86 6.22
CA ALA E 91 17.46 -1.88 7.17
C ALA E 91 18.01 -3.23 6.77
N MET E 92 18.00 -3.46 5.47
CA MET E 92 18.55 -4.69 4.96
C MET E 92 20.04 -4.76 5.28
N SER E 93 20.67 -3.60 5.52
CA SER E 93 22.08 -3.60 5.86
C SER E 93 22.27 -3.42 7.36
N GLN E 94 21.23 -3.01 8.09
CA GLN E 94 21.38 -2.89 9.51
C GLN E 94 21.59 -4.28 10.01
N VAL E 95 20.86 -5.22 9.42
CA VAL E 95 20.96 -6.59 9.84
C VAL E 95 22.25 -7.25 9.30
N THR E 96 22.57 -6.99 8.04
CA THR E 96 23.73 -7.64 7.43
C THR E 96 25.08 -6.92 7.55
N ASN E 97 25.17 -5.69 7.06
CA ASN E 97 26.49 -5.01 7.00
C ASN E 97 26.96 -4.14 8.19
N THR E 98 26.18 -3.11 8.59
CA THR E 98 26.69 -2.19 9.62
C THR E 98 26.22 -2.46 11.05
N ALA E 99 24.96 -2.76 11.23
CA ALA E 99 24.43 -2.98 12.57
C ALA E 99 24.27 -4.46 12.88
N THR E 100 25.10 -5.30 12.27
CA THR E 100 24.95 -6.73 12.50
C THR E 100 25.20 -7.01 13.97
N ILE E 101 24.14 -7.49 14.61
CA ILE E 101 24.17 -7.77 16.04
C ILE E 101 24.60 -9.20 16.31
N MET E 102 25.71 -9.35 17.03
CA MET E 102 26.22 -10.68 17.35
C MET E 102 26.44 -11.51 16.09
N GLY F 1 -26.83 -7.74 20.79
CA GLY F 1 -26.03 -8.35 19.69
C GLY F 1 -26.01 -7.40 18.49
N GLY F 2 -24.82 -7.11 17.97
CA GLY F 2 -24.71 -6.19 16.85
C GLY F 2 -25.10 -4.79 17.30
N SER F 3 -25.04 -4.53 18.62
CA SER F 3 -25.38 -3.21 19.12
C SER F 3 -24.38 -2.24 18.51
N PRO F 4 -24.75 -1.01 18.28
CA PRO F 4 -23.82 -0.07 17.64
C PRO F 4 -22.64 0.33 18.52
N THR F 5 -21.47 0.12 17.96
CA THR F 5 -20.21 0.51 18.59
C THR F 5 -20.12 0.20 20.09
N SER F 6 -20.45 -1.01 20.43
CA SER F 6 -20.36 -1.48 21.80
C SER F 6 -18.93 -1.89 22.17
N ILE F 7 -17.93 -1.55 21.32
CA ILE F 7 -16.53 -2.02 21.46
C ILE F 7 -16.38 -3.41 20.90
N LEU F 8 -17.38 -4.24 20.94
CA LEU F 8 -17.29 -5.51 20.35
C LEU F 8 -17.03 -5.33 18.88
N ASP F 9 -17.79 -4.43 18.15
CA ASP F 9 -17.33 -4.26 16.80
C ASP F 9 -16.38 -3.07 16.68
N ILE F 10 -15.86 -2.41 17.79
CA ILE F 10 -15.01 -1.31 17.44
C ILE F 10 -13.80 -2.03 16.93
N ARG F 11 -13.00 -1.39 16.07
CA ARG F 11 -11.82 -2.01 15.45
C ARG F 11 -10.77 -0.98 15.05
N GLN F 12 -9.52 -1.31 15.23
CA GLN F 12 -8.47 -0.42 14.76
C GLN F 12 -8.11 -0.97 13.45
N GLY F 13 -8.06 -0.11 12.48
CA GLY F 13 -7.72 -0.56 11.18
C GLY F 13 -6.38 -1.26 11.24
N PRO F 14 -6.13 -2.23 10.40
CA PRO F 14 -4.81 -2.89 10.36
C PRO F 14 -3.72 -1.85 10.09
N LYS F 15 -4.12 -0.65 9.58
CA LYS F 15 -3.20 0.45 9.32
C LYS F 15 -3.52 1.64 10.25
N GLU F 16 -4.77 1.72 10.72
CA GLU F 16 -5.20 2.85 11.52
C GLU F 16 -4.29 3.13 12.69
N PRO F 17 -3.93 4.37 12.98
CA PRO F 17 -3.08 4.63 14.15
C PRO F 17 -3.76 4.13 15.38
N PHE F 18 -2.96 3.69 16.30
CA PHE F 18 -3.46 3.18 17.56
C PHE F 18 -4.46 4.14 18.19
N ARG F 19 -4.01 5.34 18.37
CA ARG F 19 -4.84 6.40 18.97
C ARG F 19 -6.09 6.73 18.16
N ASP F 20 -5.99 6.85 16.83
CA ASP F 20 -7.17 7.25 16.03
C ASP F 20 -8.33 6.34 16.36
N TYR F 21 -8.02 5.08 16.45
CA TYR F 21 -8.99 4.06 16.78
C TYR F 21 -9.47 4.16 18.23
N VAL F 22 -8.51 4.32 19.13
CA VAL F 22 -8.79 4.49 20.56
C VAL F 22 -9.68 5.72 20.72
N ASP F 23 -9.58 6.66 19.81
CA ASP F 23 -10.43 7.82 19.91
C ASP F 23 -11.87 7.33 19.71
N ARG F 24 -12.02 6.41 18.73
CA ARG F 24 -13.32 5.80 18.39
C ARG F 24 -13.86 4.95 19.54
N PHE F 25 -13.09 3.94 19.98
CA PHE F 25 -13.55 3.08 21.06
C PHE F 25 -13.89 3.98 22.25
N TYR F 26 -13.19 5.11 22.39
CA TYR F 26 -13.54 6.02 23.46
C TYR F 26 -14.84 6.82 23.16
N LYS F 27 -15.02 7.29 21.95
CA LYS F 27 -16.22 8.05 21.66
C LYS F 27 -17.44 7.17 21.92
N THR F 28 -17.31 5.91 21.61
CA THR F 28 -18.42 5.01 21.81
C THR F 28 -18.42 4.38 23.20
N LEU F 29 -17.27 4.30 23.87
CA LEU F 29 -17.25 3.81 25.25
C LEU F 29 -18.08 4.73 26.11
N ARG F 30 -17.91 6.03 25.88
CA ARG F 30 -18.72 7.02 26.56
C ARG F 30 -20.18 6.67 26.31
N ALA F 31 -20.46 6.06 25.14
CA ALA F 31 -21.82 5.72 24.74
C ALA F 31 -22.28 4.36 25.28
N GLU F 32 -21.37 3.43 25.48
CA GLU F 32 -21.74 2.14 26.02
C GLU F 32 -21.85 2.32 27.53
N GLN F 33 -23.08 2.34 28.08
CA GLN F 33 -23.25 2.53 29.50
C GLN F 33 -22.55 1.39 30.26
N ALA F 34 -21.30 1.66 30.66
CA ALA F 34 -20.48 0.66 31.33
C ALA F 34 -19.87 1.21 32.62
N SER F 35 -19.38 0.27 33.43
CA SER F 35 -18.73 0.57 34.69
C SER F 35 -17.29 0.95 34.38
N GLN F 36 -16.59 1.61 35.27
CA GLN F 36 -15.25 2.02 34.91
C GLN F 36 -14.37 0.81 34.60
N GLU F 37 -14.45 -0.25 35.42
CA GLU F 37 -13.63 -1.44 35.16
C GLU F 37 -14.12 -2.18 33.91
N VAL F 38 -15.43 -2.12 33.64
CA VAL F 38 -15.97 -2.77 32.46
C VAL F 38 -15.38 -2.08 31.25
N LYS F 39 -15.35 -0.76 31.30
CA LYS F 39 -14.74 0.02 30.24
C LYS F 39 -13.23 -0.35 30.18
N ASN F 40 -12.66 -0.77 31.37
CA ASN F 40 -11.25 -1.18 31.49
C ASN F 40 -11.03 -2.60 30.81
N TRP F 41 -12.14 -3.35 30.48
CA TRP F 41 -12.00 -4.62 29.74
C TRP F 41 -11.73 -4.18 28.33
N MET F 42 -12.54 -3.15 27.92
CA MET F 42 -12.48 -2.60 26.57
C MET F 42 -11.15 -1.93 26.38
N THR F 43 -10.62 -1.29 27.43
CA THR F 43 -9.34 -0.61 27.28
C THR F 43 -8.16 -1.55 27.45
N GLU F 44 -8.27 -2.50 28.35
CA GLU F 44 -7.13 -3.38 28.61
C GLU F 44 -7.00 -4.49 27.62
N THR F 45 -8.01 -5.33 27.54
CA THR F 45 -7.92 -6.46 26.63
C THR F 45 -8.47 -6.16 25.23
N LEU F 46 -9.70 -5.57 25.04
CA LEU F 46 -10.14 -5.38 23.65
C LEU F 46 -9.22 -4.42 23.00
N LEU F 47 -8.90 -3.26 23.63
CA LEU F 47 -8.02 -2.24 23.01
C LEU F 47 -6.80 -2.88 22.37
N VAL F 48 -6.38 -4.03 22.90
CA VAL F 48 -5.27 -4.77 22.40
C VAL F 48 -5.74 -5.69 21.27
N GLN F 49 -6.68 -6.57 21.64
CA GLN F 49 -7.21 -7.62 20.75
C GLN F 49 -7.85 -7.17 19.45
N ASN F 50 -8.77 -6.25 19.51
CA ASN F 50 -9.45 -5.86 18.29
C ASN F 50 -8.75 -4.73 17.59
N ALA F 51 -7.57 -4.32 18.08
CA ALA F 51 -6.93 -3.15 17.51
C ALA F 51 -5.68 -3.34 16.69
N ASN F 52 -5.78 -3.67 15.40
CA ASN F 52 -4.59 -3.63 14.55
C ASN F 52 -3.39 -4.43 15.03
N PRO F 53 -3.12 -5.60 14.52
CA PRO F 53 -1.96 -6.39 15.00
C PRO F 53 -0.66 -5.60 15.08
N ASP F 54 -0.55 -4.44 14.45
CA ASP F 54 0.67 -3.67 14.62
C ASP F 54 0.87 -3.39 16.08
N CYS F 55 -0.22 -3.07 16.76
CA CYS F 55 -0.12 -2.76 18.17
C CYS F 55 -0.41 -3.99 18.98
N LYS F 56 -1.36 -4.84 18.54
CA LYS F 56 -1.71 -6.02 19.33
C LYS F 56 -0.48 -6.79 19.77
N THR F 57 0.51 -6.85 18.93
CA THR F 57 1.73 -7.52 19.33
C THR F 57 2.44 -6.68 20.43
N ILE F 58 2.56 -5.35 20.19
CA ILE F 58 3.22 -4.42 21.12
C ILE F 58 2.59 -4.38 22.51
N LEU F 59 1.27 -4.21 22.58
CA LEU F 59 0.60 -4.02 23.86
C LEU F 59 0.92 -5.18 24.76
N LYS F 60 1.09 -6.35 24.19
CA LYS F 60 1.45 -7.46 25.02
C LYS F 60 2.77 -7.14 25.71
N ALA F 61 3.76 -6.72 24.90
CA ALA F 61 5.12 -6.42 25.38
C ALA F 61 5.16 -5.29 26.39
N LEU F 62 4.59 -4.13 26.03
CA LEU F 62 4.51 -2.98 26.99
C LEU F 62 3.87 -3.52 28.27
N GLY F 63 2.94 -4.46 28.08
CA GLY F 63 2.30 -5.11 29.18
C GLY F 63 0.93 -4.51 29.43
N PRO F 64 -0.18 -5.26 29.37
CA PRO F 64 -1.52 -4.67 29.69
C PRO F 64 -1.45 -4.00 31.07
N GLY F 65 -2.43 -3.18 31.40
CA GLY F 65 -2.37 -2.44 32.66
C GLY F 65 -1.36 -1.27 32.55
N ALA F 66 -0.95 -0.93 31.30
CA ALA F 66 -0.03 0.16 31.03
C ALA F 66 -0.88 1.38 30.75
N THR F 67 -0.31 2.56 30.86
CA THR F 67 -1.12 3.71 30.62
C THR F 67 -1.43 3.83 29.14
N LEU F 68 -2.51 4.51 28.82
CA LEU F 68 -2.86 4.65 27.44
C LEU F 68 -1.75 5.43 26.72
N GLU F 69 -1.11 6.33 27.46
CA GLU F 69 0.00 7.09 26.94
C GLU F 69 1.21 6.16 26.84
N GLU F 70 1.28 5.13 27.73
CA GLU F 70 2.41 4.18 27.71
C GLU F 70 2.34 3.31 26.46
N MET F 71 1.17 2.71 26.24
CA MET F 71 0.98 1.90 25.05
C MET F 71 1.10 2.82 23.86
N MET F 72 0.46 3.99 23.94
CA MET F 72 0.49 4.96 22.83
C MET F 72 1.90 5.30 22.42
N THR F 73 2.74 5.55 23.42
CA THR F 73 4.12 5.89 23.14
C THR F 73 4.77 4.75 22.36
N ALA F 74 4.51 3.53 22.75
CA ALA F 74 5.06 2.41 22.00
C ALA F 74 4.30 2.17 20.69
N CYS F 75 3.08 2.73 20.61
CA CYS F 75 2.22 2.51 19.47
C CYS F 75 2.29 3.64 18.49
N GLN F 76 3.12 4.66 18.75
CA GLN F 76 3.34 5.60 17.68
C GLN F 76 4.09 4.78 16.59
N GLY F 77 4.75 3.62 16.99
CA GLY F 77 5.38 2.77 16.06
C GLY F 77 4.30 2.21 15.16
N VAL F 78 3.08 2.08 15.64
CA VAL F 78 1.96 1.47 14.80
C VAL F 78 1.85 2.20 13.51
N GLY F 79 1.35 1.55 12.35
CA GLY F 79 1.44 2.32 11.12
C GLY F 79 2.07 1.66 9.92
N GLY F 80 1.89 2.14 8.67
CA GLY F 80 2.56 1.37 7.63
C GLY F 80 4.03 1.75 7.58
N PRO F 81 4.35 2.89 7.06
CA PRO F 81 5.74 3.36 7.11
C PRO F 81 6.15 3.49 8.59
N GLY F 82 5.15 3.69 9.48
CA GLY F 82 5.39 3.83 10.94
C GLY F 82 5.72 2.50 11.66
N HIS F 83 5.03 1.41 11.35
CA HIS F 83 5.31 0.08 12.02
C HIS F 83 6.31 -0.72 11.22
N LYS F 84 6.39 -0.45 9.94
CA LYS F 84 7.31 -1.17 9.10
C LYS F 84 8.76 -0.71 9.35
N ALA F 85 8.94 0.55 9.57
CA ALA F 85 10.29 1.06 9.76
C ALA F 85 10.94 0.38 10.96
N ARG F 86 10.18 0.29 12.04
CA ARG F 86 10.69 -0.34 13.27
C ARG F 86 10.48 -1.85 13.26
N VAL F 87 9.26 -2.25 12.95
CA VAL F 87 8.89 -3.67 12.95
C VAL F 87 9.17 -4.39 11.65
N LEU F 88 9.05 -3.78 10.48
CA LEU F 88 9.32 -4.57 9.28
C LEU F 88 10.76 -4.96 9.37
N ALA F 89 11.57 -3.98 9.78
CA ALA F 89 12.97 -4.20 9.98
C ALA F 89 13.11 -5.28 11.00
N GLU F 90 12.28 -5.26 12.03
CA GLU F 90 12.38 -6.31 13.05
C GLU F 90 12.15 -7.68 12.39
N ALA F 91 11.18 -7.75 11.48
CA ALA F 91 10.89 -8.98 10.75
C ALA F 91 12.10 -9.33 9.90
N MET F 92 12.75 -8.29 9.40
CA MET F 92 13.94 -8.49 8.61
C MET F 92 14.99 -9.08 9.51
N SER F 93 14.94 -8.70 10.81
CA SER F 93 15.87 -9.25 11.79
C SER F 93 15.31 -10.57 12.40
N GLN F 94 14.05 -10.93 12.09
CA GLN F 94 13.45 -12.20 12.57
C GLN F 94 13.87 -13.38 11.69
N VAL F 95 14.19 -13.12 10.43
CA VAL F 95 14.60 -14.22 9.55
C VAL F 95 16.12 -14.44 9.62
N THR F 96 16.87 -13.36 9.71
CA THR F 96 18.31 -13.47 9.70
C THR F 96 19.02 -13.59 11.07
N ASN F 97 18.88 -12.59 11.95
CA ASN F 97 19.67 -12.60 13.19
C ASN F 97 19.08 -13.19 14.48
N THR F 98 17.93 -12.69 14.97
CA THR F 98 17.44 -13.14 16.28
C THR F 98 16.35 -14.22 16.26
N ALA F 99 15.37 -14.07 15.38
CA ALA F 99 14.27 -15.03 15.35
C ALA F 99 14.47 -16.10 14.29
N THR F 100 15.73 -16.39 13.96
CA THR F 100 15.99 -17.39 12.95
C THR F 100 15.50 -18.74 13.46
N ILE F 101 14.63 -19.35 12.68
CA ILE F 101 14.03 -20.61 13.07
C ILE F 101 14.75 -21.80 12.43
N MET F 102 15.20 -22.74 13.26
CA MET F 102 15.91 -23.91 12.76
C MET F 102 17.03 -23.50 11.83
C1 IHP G . -1.95 -1.89 -0.23
C2 IHP G . -0.71 -2.35 0.62
C3 IHP G . 0.53 -2.43 -0.28
C4 IHP G . 0.80 -1.08 -0.85
C5 IHP G . -0.39 -0.92 -1.88
C6 IHP G . -1.70 -0.60 -0.96
O11 IHP G . -3.15 -1.83 0.61
P1 IHP G . -4.20 -3.06 0.60
O21 IHP G . -3.52 -4.18 -0.14
O31 IHP G . -4.60 -3.37 2.08
O41 IHP G . -5.35 -2.54 -0.15
O12 IHP G . -0.46 -1.33 1.69
P2 IHP G . -0.33 -1.77 3.19
O22 IHP G . -0.86 -3.19 3.43
O32 IHP G . -1.09 -0.77 3.99
O42 IHP G . 1.08 -1.73 3.56
O13 IHP G . 1.60 -2.89 0.45
P3 IHP G . 2.54 -4.04 -0.04
O23 IHP G . 2.25 -5.26 0.80
O33 IHP G . 2.37 -4.22 -1.55
O43 IHP G . 3.90 -3.47 0.34
O14 IHP G . 2.06 -1.08 -1.50
P4 IHP G . 3.16 0.11 -1.47
O24 IHP G . 2.58 1.24 -2.27
O34 IHP G . 3.63 0.56 -0.12
O44 IHP G . 4.39 -0.43 -2.21
O15 IHP G . -0.10 0.04 -2.91
P5 IHP G . 0.14 -0.39 -4.43
O25 IHP G . 0.28 0.99 -5.09
O35 IHP G . -1.01 -1.24 -4.88
O45 IHP G . 1.38 -1.21 -4.51
O16 IHP G . -2.83 -0.29 -1.86
P6 IHP G . -3.58 1.04 -1.98
O26 IHP G . -2.65 2.20 -2.26
O36 IHP G . -4.39 0.78 -3.25
O46 IHP G . -4.39 1.34 -0.75
H1 IHP G . -1.98 -2.59 -1.11
H2 IHP G . -0.84 -3.41 0.91
H3 IHP G . 0.24 -3.12 -1.10
H4 IHP G . 0.68 -0.33 -0.05
H5 IHP G . -0.68 -1.90 -2.31
H6 IHP G . -1.43 0.22 -0.27
C1 A1CCZ H . 7.14 -7.62 1.57
C2 A1CCZ H . 8.20 -7.38 2.46
C3 A1CCZ H . 8.28 -6.16 3.11
C11 A1CCZ H . 4.35 -9.08 -1.98
C12 A1CCZ H . 3.93 -10.35 -2.77
C13 A1CCZ H . 4.80 -7.90 -2.80
C14 A1CCZ H . 6.02 -7.85 -3.51
C15 A1CCZ H . 6.43 -6.61 -4.06
C16 A1CCZ H . 5.66 -5.41 -3.93
C17 A1CCZ H . 4.44 -5.54 -3.23
C18 A1CCZ H . 4.03 -6.69 -2.72
C19 A1CCZ H . 6.16 -4.14 -4.51
C20 A1CCZ H . 5.25 -3.81 -5.68
C21 A1CCZ H . 5.90 -2.94 -3.58
C22 A1CCZ H . 7.67 -4.21 -4.84
C24 A1CCZ H . 1.52 -9.98 -3.21
C25 A1CCZ H . 0.40 -9.85 -4.15
C26 A1CCZ H . 0.63 -10.25 -5.44
N23 A1CCZ H . 2.74 -10.32 -3.73
C28 A1CCZ H . 2.87 -10.81 -4.97
C27 A1CCZ H . 1.84 -10.78 -5.84
O29 A1CCZ H . 1.43 -9.89 -1.91
C30 A1CCZ H . -0.89 -9.21 -3.87
F31 A1CCZ H . -0.81 -8.37 -2.85
F32 A1CCZ H . -1.80 -10.08 -3.48
F33 A1CCZ H . -1.38 -8.50 -4.94
N10 A1CCZ H . 5.35 -9.55 -0.95
C8 A1CCZ H . 6.04 -8.37 -0.26
C7 A1CCZ H . 5.13 -7.39 0.34
C6 A1CCZ H . 6.09 -6.71 1.36
C5 A1CCZ H . 6.22 -5.45 1.97
C4 A1CCZ H . 7.39 -5.14 2.73
C9 A1CCZ H . 6.90 -8.91 0.82
H2 A1CCZ H . 8.87 -8.14 2.83
H3 A1CCZ H . 9.06 -5.84 3.77
H11 A1CCZ H . 3.45 -8.77 -1.39
H12A A1CCZ H . 3.55 -11.07 -2.02
H12B A1CCZ H . 4.76 -10.81 -3.34
H14 A1CCZ H . 6.68 -8.69 -3.54
H15 A1CCZ H . 7.38 -6.63 -4.55
H17 A1CCZ H . 3.83 -4.67 -3.08
H18 A1CCZ H . 3.17 -6.77 -2.07
H20C A1CCZ H . 5.24 -4.61 -6.45
H20B A1CCZ H . 5.62 -2.96 -6.28
H20A A1CCZ H . 4.17 -3.67 -5.45
H21A A1CCZ H . 6.48 -3.02 -2.64
H21C A1CCZ H . 4.85 -2.76 -3.23
H21B A1CCZ H . 6.16 -1.95 -4.02
H22C A1CCZ H . 8.14 -4.72 -3.96
H22B A1CCZ H . 8.04 -3.16 -4.93
H22A A1CCZ H . 7.85 -4.80 -5.75
H26 A1CCZ H . -0.16 -10.02 -6.16
H6 A1CCZ H . 3.88 -10.93 -5.38
H27 A1CCZ H . 1.91 -11.16 -6.86
H9 A1CCZ H . 6.13 -10.04 -1.37
H8 A1CCZ H . 6.68 -7.93 -1.03
H7A A1CCZ H . 4.27 -7.90 0.81
H7B A1CCZ H . 4.63 -6.67 -0.34
H5 A1CCZ H . 5.64 -4.62 1.63
H4 A1CCZ H . 7.49 -4.14 3.11
H9B A1CCZ H . 6.51 -9.83 1.28
H9A A1CCZ H . 7.90 -9.19 0.45
N GLY A 1 -33.18 -17.59 -7.23
CA GLY A 1 -31.90 -18.00 -6.65
C GLY A 1 -30.84 -16.93 -6.81
N GLY A 2 -29.84 -17.01 -5.95
CA GLY A 2 -28.77 -16.04 -5.94
C GLY A 2 -29.35 -14.75 -5.44
N SER A 3 -30.22 -14.89 -4.46
CA SER A 3 -30.85 -13.75 -3.90
C SER A 3 -29.76 -12.83 -3.40
N PRO A 4 -30.01 -11.58 -3.27
CA PRO A 4 -28.96 -10.64 -2.85
C PRO A 4 -28.34 -11.02 -1.52
N THR A 5 -27.03 -11.12 -1.56
CA THR A 5 -26.25 -11.40 -0.38
C THR A 5 -26.86 -12.48 0.51
N SER A 6 -27.04 -13.62 -0.08
CA SER A 6 -27.59 -14.76 0.60
C SER A 6 -26.51 -15.62 1.25
N ILE A 7 -25.20 -15.10 1.28
CA ILE A 7 -24.01 -15.85 1.80
C ILE A 7 -23.30 -16.65 0.80
N LEU A 8 -23.92 -16.98 -0.25
CA LEU A 8 -23.29 -17.70 -1.31
C LEU A 8 -22.15 -16.90 -1.79
N ASP A 9 -22.38 -15.58 -1.99
CA ASP A 9 -21.29 -14.79 -2.32
C ASP A 9 -20.91 -13.76 -1.25
N ILE A 10 -21.09 -13.95 0.11
CA ILE A 10 -20.68 -12.79 0.87
C ILE A 10 -19.12 -12.76 0.83
N ARG A 11 -18.46 -11.60 0.81
CA ARG A 11 -16.97 -11.58 0.70
C ARG A 11 -16.29 -10.61 1.64
N GLN A 12 -15.11 -11.02 2.10
CA GLN A 12 -14.28 -10.17 2.94
C GLN A 12 -13.26 -9.50 2.06
N GLY A 13 -13.20 -8.19 2.13
CA GLY A 13 -12.21 -7.48 1.34
C GLY A 13 -10.82 -7.99 1.73
N PRO A 14 -9.88 -8.11 0.82
CA PRO A 14 -8.53 -8.66 1.15
C PRO A 14 -7.95 -7.96 2.34
N LYS A 15 -8.28 -6.70 2.46
CA LYS A 15 -7.81 -5.92 3.58
C LYS A 15 -8.91 -5.81 4.65
N GLU A 16 -10.17 -5.98 4.23
CA GLU A 16 -11.29 -5.85 5.15
C GLU A 16 -11.06 -6.75 6.37
N PRO A 17 -11.06 -6.27 7.60
CA PRO A 17 -10.83 -7.17 8.75
C PRO A 17 -11.92 -8.21 8.86
N PHE A 18 -11.53 -9.31 9.48
CA PHE A 18 -12.37 -10.46 9.65
C PHE A 18 -13.64 -10.08 10.38
N ARG A 19 -13.49 -9.39 11.48
CA ARG A 19 -14.67 -8.99 12.22
C ARG A 19 -15.58 -8.12 11.38
N ASP A 20 -15.01 -7.26 10.57
CA ASP A 20 -15.85 -6.36 9.75
C ASP A 20 -16.75 -7.20 8.83
N TYR A 21 -16.09 -7.96 7.97
CA TYR A 21 -16.76 -8.83 7.01
C TYR A 21 -17.71 -9.78 7.69
N VAL A 22 -17.31 -10.27 8.85
CA VAL A 22 -18.17 -11.15 9.62
C VAL A 22 -19.48 -10.40 9.91
N ASP A 23 -19.38 -9.10 10.05
CA ASP A 23 -20.58 -8.28 10.28
C ASP A 23 -21.41 -8.20 8.97
N ARG A 24 -20.70 -8.35 7.81
CA ARG A 24 -21.33 -8.35 6.49
C ARG A 24 -21.94 -9.73 6.19
N PHE A 25 -21.41 -10.77 6.83
CA PHE A 25 -21.92 -12.12 6.64
C PHE A 25 -23.07 -12.37 7.60
N TYR A 26 -22.94 -11.88 8.81
CA TYR A 26 -24.01 -12.06 9.78
C TYR A 26 -25.23 -11.22 9.42
N LYS A 27 -25.01 -9.92 9.16
CA LYS A 27 -26.10 -8.99 8.83
C LYS A 27 -26.79 -9.47 7.60
N THR A 28 -26.00 -9.86 6.64
CA THR A 28 -26.61 -10.32 5.47
C THR A 28 -27.30 -11.66 5.72
N LEU A 29 -26.82 -12.41 6.72
CA LEU A 29 -27.54 -13.61 7.03
C LEU A 29 -28.92 -13.20 7.55
N ARG A 30 -29.01 -12.07 8.22
CA ARG A 30 -30.29 -11.63 8.70
C ARG A 30 -31.20 -11.49 7.48
N ALA A 31 -30.61 -10.99 6.39
CA ALA A 31 -31.34 -10.86 5.13
C ALA A 31 -31.65 -12.24 4.58
N GLU A 32 -30.81 -13.21 4.90
CA GLU A 32 -31.05 -14.57 4.44
C GLU A 32 -31.90 -15.33 5.47
N GLN A 33 -33.16 -15.61 5.11
CA GLN A 33 -34.06 -16.39 5.99
C GLN A 33 -33.66 -17.84 6.02
N ALA A 34 -32.62 -18.17 6.77
CA ALA A 34 -32.14 -19.54 6.84
C ALA A 34 -32.23 -20.07 8.24
N SER A 35 -32.50 -21.35 8.33
CA SER A 35 -32.54 -21.97 9.61
C SER A 35 -31.20 -21.76 10.25
N GLN A 36 -31.18 -21.77 11.55
CA GLN A 36 -29.95 -21.52 12.25
C GLN A 36 -28.90 -22.57 11.88
N GLU A 37 -29.27 -23.85 11.92
CA GLU A 37 -28.31 -24.90 11.59
C GLU A 37 -27.73 -24.63 10.22
N VAL A 38 -28.59 -24.21 9.31
CA VAL A 38 -28.11 -23.92 8.00
C VAL A 38 -27.09 -22.78 8.14
N LYS A 39 -27.48 -21.71 8.85
CA LYS A 39 -26.57 -20.57 9.03
C LYS A 39 -25.26 -21.04 9.61
N ASN A 40 -25.31 -22.07 10.41
CA ASN A 40 -24.11 -22.58 10.97
C ASN A 40 -23.14 -23.05 9.87
N TRP A 41 -23.67 -23.73 8.83
CA TRP A 41 -22.77 -24.21 7.76
C TRP A 41 -22.18 -23.00 7.03
N MET A 42 -22.95 -21.93 6.98
CA MET A 42 -22.53 -20.69 6.35
C MET A 42 -21.43 -19.97 7.19
N THR A 43 -21.62 -20.01 8.51
CA THR A 43 -20.69 -19.38 9.43
C THR A 43 -19.42 -20.22 9.55
N GLU A 44 -19.55 -21.53 9.40
CA GLU A 44 -18.40 -22.44 9.53
C GLU A 44 -17.62 -22.62 8.26
N THR A 45 -18.32 -22.88 7.21
CA THR A 45 -17.69 -23.11 5.95
C THR A 45 -17.59 -21.84 5.13
N LEU A 46 -18.74 -21.30 4.76
CA LEU A 46 -18.68 -20.17 3.89
C LEU A 46 -17.89 -19.03 4.49
N LEU A 47 -18.02 -18.83 5.80
CA LEU A 47 -17.25 -17.79 6.44
C LEU A 47 -15.79 -18.07 6.16
N VAL A 48 -15.41 -19.33 6.10
CA VAL A 48 -14.03 -19.64 5.84
C VAL A 48 -13.66 -19.41 4.39
N GLN A 49 -14.49 -19.91 3.46
CA GLN A 49 -14.14 -19.88 2.04
C GLN A 49 -13.98 -18.55 1.35
N ASN A 50 -14.95 -17.66 1.48
CA ASN A 50 -14.91 -16.41 0.74
C ASN A 50 -14.56 -15.24 1.55
N ALA A 51 -13.92 -15.47 2.67
CA ALA A 51 -13.59 -14.39 3.55
C ALA A 51 -12.15 -14.01 3.59
N ASN A 52 -11.55 -13.46 2.53
CA ASN A 52 -10.19 -12.95 2.67
C ASN A 52 -9.21 -14.09 3.01
N PRO A 53 -8.47 -14.63 2.09
CA PRO A 53 -7.58 -15.78 2.39
C PRO A 53 -6.74 -15.61 3.63
N ASP A 54 -6.57 -14.38 4.12
CA ASP A 54 -5.83 -14.19 5.34
C ASP A 54 -6.49 -14.99 6.41
N CYS A 55 -7.80 -14.91 6.43
CA CYS A 55 -8.47 -15.63 7.45
C CYS A 55 -8.47 -17.07 7.00
N LYS A 56 -8.66 -17.36 5.74
CA LYS A 56 -8.74 -18.75 5.32
C LYS A 56 -7.51 -19.57 5.74
N THR A 57 -6.37 -18.99 5.68
CA THR A 57 -5.21 -19.71 6.11
C THR A 57 -5.23 -19.83 7.66
N ILE A 58 -5.89 -18.85 8.33
CA ILE A 58 -6.01 -18.83 9.80
C ILE A 58 -7.07 -19.77 10.36
N LEU A 59 -8.29 -19.66 9.87
CA LEU A 59 -9.39 -20.46 10.32
C LEU A 59 -8.98 -21.87 10.06
N LYS A 60 -8.41 -22.11 8.88
CA LYS A 60 -8.03 -23.47 8.53
C LYS A 60 -7.00 -23.96 9.55
N ALA A 61 -6.05 -23.07 9.90
CA ALA A 61 -5.04 -23.40 10.91
C ALA A 61 -5.65 -23.67 12.32
N LEU A 62 -6.59 -22.84 12.75
CA LEU A 62 -7.21 -23.01 14.04
C LEU A 62 -7.95 -24.32 14.06
N GLY A 63 -8.59 -24.58 12.95
CA GLY A 63 -9.41 -25.76 12.79
C GLY A 63 -10.85 -25.23 12.49
N PRO A 64 -11.53 -25.70 11.47
CA PRO A 64 -12.84 -25.13 11.19
C PRO A 64 -13.76 -25.32 12.38
N GLY A 65 -14.72 -24.45 12.50
CA GLY A 65 -15.64 -24.56 13.59
C GLY A 65 -15.09 -23.92 14.86
N ALA A 66 -13.89 -23.31 14.78
CA ALA A 66 -13.39 -22.62 15.94
C ALA A 66 -14.44 -21.57 16.28
N THR A 67 -14.61 -21.28 17.54
CA THR A 67 -15.62 -20.32 17.94
C THR A 67 -15.29 -19.00 17.36
N LEU A 68 -16.31 -18.19 17.17
CA LEU A 68 -16.10 -16.89 16.61
C LEU A 68 -15.06 -16.15 17.43
N GLU A 69 -15.05 -16.35 18.72
CA GLU A 69 -14.04 -15.67 19.53
C GLU A 69 -12.63 -16.13 19.12
N GLU A 70 -12.47 -17.43 18.90
CA GLU A 70 -11.17 -17.95 18.46
C GLU A 70 -10.80 -17.51 17.04
N MET A 71 -11.71 -17.69 16.08
CA MET A 71 -11.43 -17.28 14.70
C MET A 71 -11.17 -15.79 14.67
N MET A 72 -11.89 -15.06 15.49
CA MET A 72 -11.75 -13.60 15.55
C MET A 72 -10.44 -13.18 16.16
N THR A 73 -10.12 -13.78 17.28
CA THR A 73 -8.92 -13.40 17.96
C THR A 73 -7.77 -13.58 17.03
N ALA A 74 -7.73 -14.75 16.42
CA ALA A 74 -6.66 -15.09 15.51
C ALA A 74 -6.74 -14.26 14.23
N CYS A 75 -7.95 -14.08 13.75
CA CYS A 75 -8.13 -13.31 12.53
C CYS A 75 -8.09 -11.85 12.78
N GLN A 76 -7.86 -11.43 14.03
CA GLN A 76 -7.62 -10.06 14.20
C GLN A 76 -6.23 -9.85 13.54
N GLY A 77 -5.41 -10.98 13.37
CA GLY A 77 -4.17 -10.93 12.68
C GLY A 77 -4.43 -10.61 11.19
N VAL A 78 -5.67 -10.71 10.71
CA VAL A 78 -6.02 -10.43 9.24
C VAL A 78 -5.84 -8.94 8.97
N GLY A 79 -5.44 -8.48 7.70
CA GLY A 79 -5.10 -7.05 7.66
C GLY A 79 -3.90 -6.67 6.81
N GLY A 80 -3.61 -5.39 6.50
CA GLY A 80 -2.45 -5.23 5.61
C GLY A 80 -1.12 -5.44 6.36
N PRO A 81 -0.69 -4.47 7.12
CA PRO A 81 0.54 -4.57 7.94
C PRO A 81 0.32 -5.54 9.07
N GLY A 82 -0.94 -5.60 9.56
CA GLY A 82 -1.29 -6.46 10.70
C GLY A 82 -1.10 -7.96 10.40
N HIS A 83 -1.53 -8.39 9.23
CA HIS A 83 -1.32 -9.79 8.83
C HIS A 83 0.07 -9.93 8.32
N LYS A 84 0.64 -8.87 7.78
CA LYS A 84 1.99 -8.91 7.30
C LYS A 84 2.99 -9.02 8.41
N ALA A 85 2.69 -8.47 9.54
CA ALA A 85 3.65 -8.53 10.63
C ALA A 85 3.97 -9.99 10.94
N ARG A 86 2.97 -10.82 10.85
CA ARG A 86 3.15 -12.23 11.07
C ARG A 86 3.55 -12.94 9.77
N VAL A 87 2.70 -12.77 8.77
CA VAL A 87 2.85 -13.42 7.46
C VAL A 87 4.18 -13.14 6.82
N LEU A 88 4.74 -11.95 6.90
CA LEU A 88 6.08 -11.79 6.30
C LEU A 88 7.07 -12.77 6.97
N ALA A 89 7.05 -12.80 8.28
CA ALA A 89 7.92 -13.70 8.99
C ALA A 89 7.63 -15.13 8.57
N GLU A 90 6.36 -15.42 8.33
CA GLU A 90 5.97 -16.78 7.96
C GLU A 90 6.40 -17.20 6.55
N ALA A 91 5.96 -16.48 5.53
CA ALA A 91 6.26 -16.84 4.14
C ALA A 91 7.75 -16.88 3.94
N MET A 92 8.41 -15.94 4.57
CA MET A 92 9.85 -15.88 4.52
C MET A 92 10.45 -17.15 5.12
N SER A 93 9.82 -17.64 6.18
CA SER A 93 10.31 -18.86 6.78
C SER A 93 9.73 -20.08 6.05
N GLN A 94 8.72 -19.87 5.16
CA GLN A 94 8.18 -20.97 4.39
C GLN A 94 9.19 -21.36 3.34
N VAL A 95 9.85 -20.39 2.75
CA VAL A 95 10.83 -20.70 1.73
C VAL A 95 12.18 -21.14 2.35
N THR A 96 12.52 -20.58 3.50
CA THR A 96 13.81 -20.87 4.09
C THR A 96 13.83 -22.00 5.13
N ASN A 97 13.07 -21.86 6.22
CA ASN A 97 13.18 -22.82 7.32
C ASN A 97 12.24 -24.04 7.36
N THR A 98 10.93 -23.84 7.39
CA THR A 98 10.02 -24.98 7.57
C THR A 98 9.40 -25.56 6.31
N ALA A 99 8.95 -24.71 5.41
CA ALA A 99 8.29 -25.20 4.20
C ALA A 99 9.26 -25.24 3.02
N THR A 100 10.55 -25.39 3.29
CA THR A 100 11.52 -25.35 2.21
C THR A 100 11.24 -26.50 1.27
N ILE A 101 10.89 -26.13 0.04
CA ILE A 101 10.52 -27.09 -0.97
C ILE A 101 11.73 -27.55 -1.76
N MET A 102 11.95 -28.85 -1.81
CA MET A 102 13.08 -29.41 -2.54
C MET A 102 12.60 -30.32 -3.66
N GLY B 1 -15.23 3.63 -30.87
CA GLY B 1 -14.06 4.05 -30.04
C GLY B 1 -14.55 4.86 -28.85
N GLY B 2 -13.88 4.72 -27.71
CA GLY B 2 -14.29 5.43 -26.50
C GLY B 2 -15.64 4.90 -26.00
N SER B 3 -16.08 3.73 -26.50
CA SER B 3 -17.36 3.16 -26.07
C SER B 3 -17.23 2.72 -24.62
N PRO B 4 -18.28 2.73 -23.84
CA PRO B 4 -18.17 2.36 -22.42
C PRO B 4 -18.15 0.85 -22.14
N THR B 5 -17.04 0.45 -21.57
CA THR B 5 -16.78 -0.91 -21.08
C THR B 5 -17.44 -2.07 -21.82
N SER B 6 -16.90 -2.40 -22.95
CA SER B 6 -17.33 -3.57 -23.71
C SER B 6 -16.47 -4.81 -23.42
N ILE B 7 -15.43 -4.66 -22.56
CA ILE B 7 -14.42 -5.66 -22.28
C ILE B 7 -13.36 -5.49 -23.38
N LEU B 8 -12.79 -4.37 -23.23
CA LEU B 8 -11.68 -3.97 -24.02
C LEU B 8 -10.62 -4.24 -23.08
N ASP B 9 -10.85 -3.74 -21.84
CA ASP B 9 -9.95 -4.11 -20.86
C ASP B 9 -10.44 -4.16 -19.42
N ILE B 10 -11.84 -4.28 -19.17
CA ILE B 10 -12.42 -4.03 -17.81
C ILE B 10 -11.43 -4.35 -16.66
N ARG B 11 -11.25 -3.42 -15.73
CA ARG B 11 -10.10 -3.54 -14.82
C ARG B 11 -10.37 -3.69 -13.32
N GLN B 12 -9.67 -4.73 -12.79
CA GLN B 12 -9.63 -5.13 -11.39
C GLN B 12 -8.37 -4.56 -10.78
N GLY B 13 -8.54 -3.94 -9.64
CA GLY B 13 -7.43 -3.35 -8.95
C GLY B 13 -6.53 -4.47 -8.49
N PRO B 14 -5.24 -4.24 -8.37
CA PRO B 14 -4.29 -5.29 -7.92
C PRO B 14 -4.75 -5.84 -6.57
N LYS B 15 -5.45 -4.98 -5.80
CA LYS B 15 -5.95 -5.35 -4.50
C LYS B 15 -7.45 -5.68 -4.57
N GLU B 16 -8.12 -5.33 -5.71
CA GLU B 16 -9.56 -5.58 -5.87
C GLU B 16 -9.81 -7.08 -6.08
N PRO B 17 -10.80 -7.70 -5.44
CA PRO B 17 -11.04 -9.16 -5.60
C PRO B 17 -11.62 -9.56 -6.94
N PHE B 18 -11.20 -10.78 -7.34
CA PHE B 18 -11.65 -11.42 -8.55
C PHE B 18 -13.15 -11.51 -8.54
N ARG B 19 -13.72 -12.01 -7.46
CA ARG B 19 -15.18 -12.09 -7.37
C ARG B 19 -15.85 -10.73 -7.61
N ASP B 20 -15.34 -9.66 -6.98
CA ASP B 20 -15.94 -8.33 -7.16
C ASP B 20 -15.79 -7.80 -8.59
N TYR B 21 -14.59 -7.88 -9.13
CA TYR B 21 -14.37 -7.42 -10.48
C TYR B 21 -15.14 -8.26 -11.43
N VAL B 22 -15.36 -9.51 -11.07
CA VAL B 22 -16.15 -10.35 -11.92
C VAL B 22 -17.50 -9.70 -12.05
N ASP B 23 -18.00 -9.13 -10.97
CA ASP B 23 -19.26 -8.43 -11.06
C ASP B 23 -19.08 -7.22 -11.96
N ARG B 24 -17.88 -6.63 -11.97
CA ARG B 24 -17.60 -5.49 -12.87
C ARG B 24 -17.47 -5.97 -14.36
N PHE B 25 -17.10 -7.25 -14.54
CA PHE B 25 -16.98 -7.83 -15.89
C PHE B 25 -18.33 -8.43 -16.33
N TYR B 26 -19.16 -8.77 -15.36
CA TYR B 26 -20.46 -9.34 -15.70
C TYR B 26 -21.44 -8.20 -15.91
N LYS B 27 -21.54 -7.39 -14.86
CA LYS B 27 -22.41 -6.24 -14.87
C LYS B 27 -22.03 -5.30 -15.99
N THR B 28 -20.73 -5.12 -16.27
CA THR B 28 -20.43 -4.21 -17.37
C THR B 28 -20.76 -4.86 -18.68
N LEU B 29 -20.89 -6.19 -18.69
CA LEU B 29 -21.34 -6.81 -19.90
C LEU B 29 -22.89 -6.66 -20.00
N ARG B 30 -23.55 -6.30 -18.87
CA ARG B 30 -24.99 -6.02 -18.90
C ARG B 30 -25.16 -4.79 -19.77
N ALA B 31 -24.19 -3.86 -19.65
CA ALA B 31 -24.16 -2.63 -20.45
C ALA B 31 -23.83 -2.94 -21.92
N GLU B 32 -23.29 -4.14 -22.18
CA GLU B 32 -22.96 -4.52 -23.54
C GLU B 32 -24.01 -5.52 -24.08
N GLN B 33 -24.58 -5.24 -25.25
CA GLN B 33 -25.55 -6.17 -25.82
C GLN B 33 -24.79 -7.22 -26.64
N ALA B 34 -24.46 -8.34 -25.99
CA ALA B 34 -23.68 -9.39 -26.65
C ALA B 34 -24.28 -10.77 -26.49
N SER B 35 -23.60 -11.71 -27.13
CA SER B 35 -23.97 -13.11 -27.07
C SER B 35 -23.27 -13.76 -25.87
N GLN B 36 -23.82 -14.84 -25.38
CA GLN B 36 -23.20 -15.50 -24.23
C GLN B 36 -21.80 -16.03 -24.60
N GLU B 37 -21.66 -16.65 -25.77
CA GLU B 37 -20.35 -17.15 -26.22
C GLU B 37 -19.42 -16.01 -26.54
N VAL B 38 -19.99 -14.94 -27.06
CA VAL B 38 -19.22 -13.77 -27.39
C VAL B 38 -18.50 -13.29 -26.16
N LYS B 39 -19.27 -13.19 -25.09
CA LYS B 39 -18.74 -12.78 -23.82
C LYS B 39 -17.68 -13.79 -23.34
N ASN B 40 -17.56 -14.93 -23.96
CA ASN B 40 -16.59 -15.91 -23.48
C ASN B 40 -15.10 -15.44 -23.57
N TRP B 41 -14.59 -14.74 -24.65
CA TRP B 41 -13.16 -14.22 -24.54
C TRP B 41 -13.05 -13.34 -23.30
N MET B 42 -14.18 -12.83 -22.82
CA MET B 42 -14.17 -11.96 -21.71
C MET B 42 -14.15 -12.78 -20.44
N THR B 43 -15.23 -13.52 -20.19
CA THR B 43 -15.34 -14.36 -19.01
C THR B 43 -14.07 -15.21 -18.83
N GLU B 44 -13.59 -15.73 -19.94
CA GLU B 44 -12.39 -16.56 -19.95
C GLU B 44 -11.10 -15.76 -20.11
N THR B 45 -10.94 -14.97 -21.19
CA THR B 45 -9.66 -14.25 -21.41
C THR B 45 -9.52 -12.82 -20.82
N LEU B 46 -10.50 -11.92 -20.90
CA LEU B 46 -10.25 -10.58 -20.32
C LEU B 46 -10.21 -10.69 -18.81
N LEU B 47 -11.07 -11.60 -18.30
CA LEU B 47 -11.11 -11.98 -16.91
C LEU B 47 -9.69 -12.53 -16.56
N VAL B 48 -8.88 -12.92 -17.55
CA VAL B 48 -7.52 -13.35 -17.29
C VAL B 48 -6.54 -12.18 -17.41
N GLN B 49 -6.70 -11.35 -18.45
CA GLN B 49 -5.73 -10.29 -18.75
C GLN B 49 -5.63 -9.11 -17.77
N ASN B 50 -6.73 -8.51 -17.45
CA ASN B 50 -6.72 -7.33 -16.55
C ASN B 50 -7.31 -7.56 -15.21
N ALA B 51 -7.75 -8.75 -14.97
CA ALA B 51 -8.36 -9.01 -13.76
C ALA B 51 -7.37 -9.23 -12.67
N ASN B 52 -6.61 -8.18 -12.32
CA ASN B 52 -5.73 -8.31 -11.19
C ASN B 52 -4.64 -9.32 -11.48
N PRO B 53 -3.41 -8.95 -11.74
CA PRO B 53 -2.34 -9.95 -12.11
C PRO B 53 -2.29 -11.15 -11.18
N ASP B 54 -2.89 -11.03 -9.98
CA ASP B 54 -2.98 -12.15 -9.08
C ASP B 54 -3.65 -13.29 -9.89
N CYS B 55 -4.75 -12.95 -10.58
CA CYS B 55 -5.45 -13.95 -11.38
C CYS B 55 -4.53 -14.35 -12.53
N LYS B 56 -3.64 -13.46 -12.95
CA LYS B 56 -2.79 -13.77 -14.06
C LYS B 56 -1.83 -14.88 -13.66
N THR B 57 -1.40 -14.82 -12.42
CA THR B 57 -0.54 -15.83 -11.88
C THR B 57 -1.35 -17.05 -11.38
N ILE B 58 -2.65 -16.88 -11.05
CA ILE B 58 -3.49 -18.01 -10.58
C ILE B 58 -4.12 -18.73 -11.78
N LEU B 59 -4.89 -18.00 -12.55
CA LEU B 59 -5.57 -18.58 -13.72
C LEU B 59 -4.54 -19.26 -14.65
N LYS B 60 -3.25 -18.95 -14.50
CA LYS B 60 -2.27 -19.64 -15.35
C LYS B 60 -2.04 -21.03 -14.80
N ALA B 61 -2.17 -21.17 -13.47
CA ALA B 61 -2.02 -22.47 -12.81
C ALA B 61 -3.37 -23.21 -12.75
N LEU B 62 -4.34 -22.58 -12.09
CA LEU B 62 -5.71 -23.09 -12.01
C LEU B 62 -6.22 -23.33 -13.39
N GLY B 63 -5.83 -22.44 -14.26
CA GLY B 63 -6.30 -22.52 -15.61
C GLY B 63 -7.33 -21.39 -15.74
N PRO B 64 -7.56 -20.89 -16.90
CA PRO B 64 -8.56 -19.82 -17.10
C PRO B 64 -9.94 -20.41 -17.37
N GLY B 65 -10.98 -19.61 -17.13
CA GLY B 65 -12.33 -20.07 -17.42
C GLY B 65 -12.78 -21.13 -16.46
N ALA B 66 -12.06 -21.29 -15.36
CA ALA B 66 -12.49 -22.28 -14.40
C ALA B 66 -13.87 -21.82 -13.97
N THR B 67 -14.70 -22.72 -13.51
CA THR B 67 -16.05 -22.32 -13.18
C THR B 67 -16.06 -21.18 -12.21
N LEU B 68 -17.14 -20.45 -12.23
CA LEU B 68 -17.22 -19.31 -11.37
C LEU B 68 -17.08 -19.74 -9.92
N GLU B 69 -17.33 -21.00 -9.63
CA GLU B 69 -17.14 -21.45 -8.26
C GLU B 69 -15.67 -21.82 -8.04
N GLU B 70 -14.96 -22.18 -9.13
CA GLU B 70 -13.54 -22.55 -9.05
C GLU B 70 -12.64 -21.30 -9.06
N MET B 71 -12.71 -20.50 -10.13
CA MET B 71 -11.91 -19.28 -10.18
C MET B 71 -12.29 -18.43 -8.97
N MET B 72 -13.47 -18.62 -8.41
CA MET B 72 -13.79 -17.84 -7.23
C MET B 72 -13.01 -18.34 -6.03
N THR B 73 -13.05 -19.64 -5.82
CA THR B 73 -12.37 -20.26 -4.69
C THR B 73 -10.87 -20.01 -4.76
N ALA B 74 -10.35 -19.98 -5.97
CA ALA B 74 -8.92 -19.83 -6.16
C ALA B 74 -8.54 -18.39 -6.20
N CYS B 75 -9.34 -17.61 -6.87
CA CYS B 75 -9.02 -16.22 -6.95
C CYS B 75 -9.47 -15.50 -5.71
N GLN B 76 -10.04 -16.19 -4.74
CA GLN B 76 -10.22 -15.49 -3.51
C GLN B 76 -8.78 -15.26 -2.97
N GLY B 77 -7.75 -16.05 -3.47
CA GLY B 77 -6.37 -15.83 -3.11
C GLY B 77 -5.98 -14.43 -3.56
N VAL B 78 -6.67 -13.91 -4.58
CA VAL B 78 -6.38 -12.54 -5.10
C VAL B 78 -6.52 -11.60 -3.96
N GLY B 79 -5.67 -10.49 -3.82
CA GLY B 79 -5.84 -9.80 -2.54
C GLY B 79 -4.64 -9.17 -1.89
N GLY B 80 -4.75 -7.98 -1.25
CA GLY B 80 -3.49 -7.43 -0.75
C GLY B 80 -2.84 -8.42 0.25
N PRO B 81 -3.32 -8.54 1.44
CA PRO B 81 -2.76 -9.53 2.34
C PRO B 81 -3.36 -10.92 2.04
N GLY B 82 -4.53 -10.94 1.40
CA GLY B 82 -5.18 -12.20 1.04
C GLY B 82 -4.28 -13.07 0.16
N HIS B 83 -3.58 -12.49 -0.80
CA HIS B 83 -2.70 -13.31 -1.60
C HIS B 83 -1.38 -13.46 -0.91
N LYS B 84 -0.88 -12.37 -0.31
CA LYS B 84 0.41 -12.39 0.39
C LYS B 84 0.45 -13.47 1.43
N ALA B 85 -0.70 -13.96 1.85
CA ALA B 85 -0.71 -15.03 2.81
C ALA B 85 0.06 -16.20 2.14
N ARG B 86 -0.27 -16.45 0.86
CA ARG B 86 0.41 -17.46 0.02
C ARG B 86 1.52 -16.91 -0.95
N VAL B 87 1.06 -16.11 -1.94
CA VAL B 87 1.93 -15.61 -3.05
C VAL B 87 3.27 -15.04 -2.64
N LEU B 88 3.36 -14.40 -1.48
CA LEU B 88 4.64 -13.86 -1.05
C LEU B 88 5.70 -14.97 -1.09
N ALA B 89 5.40 -16.02 -0.33
CA ALA B 89 6.24 -17.20 -0.23
C ALA B 89 6.43 -17.88 -1.59
N GLU B 90 5.42 -17.81 -2.44
CA GLU B 90 5.54 -18.45 -3.74
C GLU B 90 6.68 -17.81 -4.54
N ALA B 91 6.67 -16.50 -4.64
CA ALA B 91 7.73 -15.77 -5.36
C ALA B 91 9.04 -16.04 -4.66
N MET B 92 8.98 -16.13 -3.36
CA MET B 92 10.18 -16.43 -2.64
C MET B 92 10.73 -17.79 -3.12
N SER B 93 9.82 -18.75 -3.37
CA SER B 93 10.26 -20.06 -3.87
C SER B 93 10.40 -20.02 -5.41
N GLN B 94 9.95 -18.93 -6.07
CA GLN B 94 10.10 -18.83 -7.54
C GLN B 94 11.55 -18.63 -7.87
N VAL B 95 12.21 -17.86 -7.04
CA VAL B 95 13.61 -17.60 -7.25
C VAL B 95 14.51 -18.65 -6.57
N THR B 96 14.12 -19.11 -5.39
CA THR B 96 14.98 -20.04 -4.64
C THR B 96 14.76 -21.54 -4.84
N ASN B 97 13.56 -22.05 -4.58
CA ASN B 97 13.35 -23.51 -4.61
C ASN B 97 12.94 -24.17 -5.94
N THR B 98 11.83 -23.74 -6.55
CA THR B 98 11.35 -24.45 -7.76
C THR B 98 11.75 -23.82 -9.09
N ALA B 99 11.64 -22.50 -9.18
CA ALA B 99 11.94 -21.80 -10.43
C ALA B 99 13.28 -21.09 -10.36
N THR B 100 14.21 -21.63 -9.59
CA THR B 100 15.49 -20.95 -9.46
C THR B 100 16.18 -20.92 -10.81
N ILE B 101 16.39 -19.70 -11.27
CA ILE B 101 16.98 -19.44 -12.57
C ILE B 101 18.51 -19.44 -12.48
N MET B 102 19.14 -20.29 -13.29
CA MET B 102 20.60 -20.37 -13.30
C MET B 102 21.16 -19.91 -14.64
N GLY C 1 0.38 26.13 -22.52
CA GLY C 1 0.77 25.43 -21.25
C GLY C 1 -0.49 25.14 -20.44
N GLY C 2 -0.53 23.96 -19.81
CA GLY C 2 -1.69 23.57 -19.03
C GLY C 2 -2.87 23.24 -19.95
N SER C 3 -2.62 23.09 -21.27
CA SER C 3 -3.70 22.75 -22.17
C SER C 3 -4.23 21.41 -21.67
N PRO C 4 -5.51 21.18 -21.60
CA PRO C 4 -5.97 19.90 -21.03
C PRO C 4 -5.48 18.65 -21.76
N THR C 5 -4.68 17.91 -21.02
CA THR C 5 -4.18 16.59 -21.40
C THR C 5 -3.99 16.31 -22.90
N SER C 6 -2.95 16.82 -23.50
CA SER C 6 -2.71 16.50 -24.91
C SER C 6 -1.87 15.22 -25.09
N ILE C 7 -1.51 14.57 -23.97
CA ILE C 7 -0.66 13.40 -24.00
C ILE C 7 0.72 13.89 -24.29
N LEU C 8 1.05 14.92 -23.51
CA LEU C 8 2.37 15.54 -23.44
C LEU C 8 2.93 14.90 -22.26
N ASP C 9 2.06 14.89 -21.20
CA ASP C 9 2.43 14.20 -20.06
C ASP C 9 1.34 13.26 -19.61
N ILE C 10 0.49 12.56 -20.50
CA ILE C 10 -0.63 11.88 -19.79
C ILE C 10 -0.09 10.80 -18.82
N ARG C 11 -0.62 10.71 -17.60
CA ARG C 11 -0.05 9.77 -16.64
C ARG C 11 -0.87 8.53 -16.35
N GLN C 12 -0.16 7.42 -16.32
CA GLN C 12 -0.74 6.16 -15.91
C GLN C 12 -0.38 6.05 -14.47
N GLY C 13 -1.36 5.79 -13.63
CA GLY C 13 -1.05 5.71 -12.22
C GLY C 13 0.01 4.65 -11.97
N PRO C 14 0.84 4.81 -10.95
CA PRO C 14 1.90 3.81 -10.62
C PRO C 14 1.27 2.45 -10.39
N LYS C 15 0.07 2.47 -9.81
CA LYS C 15 -0.69 1.24 -9.56
C LYS C 15 -1.88 1.13 -10.51
N GLU C 16 -2.33 2.27 -11.04
CA GLU C 16 -3.48 2.28 -11.93
C GLU C 16 -3.26 1.34 -13.13
N PRO C 17 -4.18 0.46 -13.47
CA PRO C 17 -4.00 -0.42 -14.65
C PRO C 17 -3.82 0.39 -15.93
N PHE C 18 -3.04 -0.22 -16.78
CA PHE C 18 -2.64 0.31 -18.07
C PHE C 18 -3.82 0.83 -18.87
N ARG C 19 -4.88 0.06 -18.94
CA ARG C 19 -6.02 0.46 -19.74
C ARG C 19 -6.88 1.55 -19.15
N ASP C 20 -6.92 1.70 -17.83
CA ASP C 20 -7.70 2.81 -17.28
C ASP C 20 -7.11 4.08 -17.87
N TYR C 21 -5.79 4.07 -17.88
CA TYR C 21 -4.97 5.13 -18.42
C TYR C 21 -5.03 5.19 -19.98
N VAL C 22 -4.94 4.07 -20.66
CA VAL C 22 -5.02 4.13 -22.13
C VAL C 22 -6.38 4.73 -22.49
N ASP C 23 -7.37 4.45 -21.67
CA ASP C 23 -8.69 5.02 -21.88
C ASP C 23 -8.61 6.55 -21.65
N ARG C 24 -7.71 6.98 -20.73
CA ARG C 24 -7.54 8.40 -20.45
C ARG C 24 -6.84 9.13 -21.61
N PHE C 25 -5.67 8.60 -22.04
CA PHE C 25 -4.93 9.22 -23.14
C PHE C 25 -5.84 9.25 -24.35
N TYR C 26 -6.44 8.14 -24.73
CA TYR C 26 -7.35 8.21 -25.84
C TYR C 26 -8.51 9.22 -25.55
N LYS C 27 -9.16 9.10 -24.39
CA LYS C 27 -10.30 9.97 -24.11
C LYS C 27 -9.94 11.44 -24.29
N THR C 28 -8.76 11.83 -23.88
CA THR C 28 -8.33 13.19 -24.05
C THR C 28 -7.69 13.42 -25.43
N LEU C 29 -7.31 12.32 -26.12
CA LEU C 29 -6.75 12.45 -27.48
C LEU C 29 -7.75 13.17 -28.38
N ARG C 30 -9.05 12.93 -28.14
CA ARG C 30 -10.10 13.63 -28.88
C ARG C 30 -9.96 15.11 -28.57
N ALA C 31 -9.65 15.40 -27.31
CA ALA C 31 -9.45 16.79 -26.87
C ALA C 31 -8.22 17.41 -27.55
N GLU C 32 -7.28 16.55 -27.88
CA GLU C 32 -6.11 17.00 -28.56
C GLU C 32 -6.39 16.93 -30.04
N GLN C 33 -6.57 18.07 -30.68
CA GLN C 33 -6.81 18.06 -32.09
C GLN C 33 -5.48 17.71 -32.75
N ALA C 34 -5.26 16.40 -32.92
CA ALA C 34 -4.01 15.89 -33.48
C ALA C 34 -4.28 14.98 -34.68
N SER C 35 -3.22 14.73 -35.43
CA SER C 35 -3.28 13.88 -36.60
C SER C 35 -3.12 12.45 -36.14
N GLN C 36 -3.47 11.47 -36.96
CA GLN C 36 -3.36 10.10 -36.50
C GLN C 36 -1.92 9.78 -36.13
N GLU C 37 -0.97 10.25 -36.94
CA GLU C 37 0.44 10.02 -36.65
C GLU C 37 0.83 10.65 -35.31
N VAL C 38 0.35 11.86 -35.10
CA VAL C 38 0.63 12.57 -33.86
C VAL C 38 0.08 11.77 -32.70
N LYS C 39 -1.12 11.25 -32.87
CA LYS C 39 -1.73 10.42 -31.86
C LYS C 39 -0.85 9.14 -31.67
N ASN C 40 -0.04 8.78 -32.74
CA ASN C 40 0.86 7.61 -32.70
C ASN C 40 2.13 7.88 -31.80
N TRP C 41 2.51 9.17 -31.54
CA TRP C 41 3.61 9.43 -30.56
C TRP C 41 2.98 9.12 -29.25
N MET C 42 1.73 9.65 -29.11
CA MET C 42 0.92 9.55 -27.90
C MET C 42 0.59 8.08 -27.57
N THR C 43 0.34 7.26 -28.59
CA THR C 43 0.06 5.84 -28.36
C THR C 43 1.34 5.03 -28.25
N GLU C 44 2.22 5.19 -29.20
CA GLU C 44 3.41 4.37 -29.19
C GLU C 44 4.35 4.68 -28.07
N THR C 45 4.94 5.87 -28.05
CA THR C 45 5.93 6.20 -27.02
C THR C 45 5.44 6.94 -25.75
N LEU C 46 4.41 7.85 -25.80
CA LEU C 46 4.04 8.52 -24.54
C LEU C 46 3.55 7.45 -23.67
N LEU C 47 2.69 6.62 -24.28
CA LEU C 47 2.06 5.50 -23.60
C LEU C 47 3.13 4.62 -22.88
N VAL C 48 4.43 4.73 -23.32
CA VAL C 48 5.65 4.03 -22.71
C VAL C 48 6.35 4.91 -21.62
N GLN C 49 6.78 6.12 -22.06
CA GLN C 49 7.59 7.05 -21.26
C GLN C 49 7.01 7.63 -19.97
N ASN C 50 5.80 8.18 -20.02
CA ASN C 50 5.21 8.79 -18.82
C ASN C 50 3.93 8.12 -18.42
N ALA C 51 3.96 6.82 -18.60
CA ALA C 51 2.87 6.01 -18.21
C ALA C 51 3.28 4.85 -17.28
N ASN C 52 3.34 5.07 -15.98
CA ASN C 52 3.58 3.92 -15.07
C ASN C 52 4.78 2.99 -15.43
N PRO C 53 5.94 3.10 -14.80
CA PRO C 53 7.13 2.20 -15.08
C PRO C 53 6.73 0.75 -15.20
N ASP C 54 5.64 0.39 -14.54
CA ASP C 54 5.15 -0.98 -14.62
C ASP C 54 4.80 -1.30 -16.03
N CYS C 55 4.07 -0.43 -16.70
CA CYS C 55 3.75 -0.76 -18.06
C CYS C 55 5.00 -0.45 -18.87
N LYS C 56 5.56 0.77 -18.74
CA LYS C 56 6.74 1.18 -19.53
C LYS C 56 7.75 0.09 -19.68
N THR C 57 8.24 -0.43 -18.56
CA THR C 57 9.24 -1.49 -18.62
C THR C 57 8.78 -2.63 -19.57
N ILE C 58 7.52 -3.07 -19.44
CA ILE C 58 6.96 -4.12 -20.31
C ILE C 58 6.86 -3.62 -21.76
N LEU C 59 6.48 -2.37 -21.88
CA LEU C 59 6.27 -1.70 -23.14
C LEU C 59 7.56 -1.73 -23.90
N LYS C 60 8.65 -1.57 -23.16
CA LYS C 60 10.04 -1.64 -23.70
C LYS C 60 10.52 -3.15 -23.80
N ALA C 61 9.86 -4.00 -23.02
CA ALA C 61 10.16 -5.43 -23.03
C ALA C 61 9.65 -6.06 -24.31
N LEU C 62 8.46 -5.64 -24.75
CA LEU C 62 7.90 -6.23 -25.97
C LEU C 62 8.57 -5.62 -27.19
N GLY C 63 8.58 -4.32 -27.17
CA GLY C 63 9.13 -3.50 -28.22
C GLY C 63 8.35 -2.19 -28.13
N PRO C 64 8.95 -1.04 -27.85
CA PRO C 64 8.17 0.22 -27.66
C PRO C 64 7.12 0.45 -28.74
N GLY C 65 5.88 0.69 -28.30
CA GLY C 65 4.77 0.94 -29.23
C GLY C 65 4.18 -0.32 -29.81
N ALA C 66 4.41 -1.45 -29.14
CA ALA C 66 3.83 -2.73 -29.58
C ALA C 66 2.31 -2.52 -29.77
N THR C 67 1.65 -3.40 -30.48
CA THR C 67 0.23 -3.17 -30.75
C THR C 67 -0.58 -2.93 -29.48
N LEU C 68 -1.59 -2.09 -29.62
CA LEU C 68 -2.39 -1.73 -28.49
C LEU C 68 -2.91 -2.98 -27.83
N GLU C 69 -3.15 -4.01 -28.65
CA GLU C 69 -3.55 -5.31 -28.14
C GLU C 69 -2.37 -6.02 -27.48
N GLU C 70 -1.17 -5.89 -28.08
CA GLU C 70 0.03 -6.54 -27.52
C GLU C 70 0.41 -5.94 -26.17
N MET C 71 0.78 -4.65 -26.15
CA MET C 71 1.10 -3.98 -24.87
C MET C 71 -0.11 -4.15 -23.96
N MET C 72 -1.33 -4.36 -24.52
CA MET C 72 -2.50 -4.56 -23.68
C MET C 72 -2.36 -5.86 -22.93
N THR C 73 -2.42 -6.98 -23.61
CA THR C 73 -2.29 -8.28 -22.95
C THR C 73 -1.08 -8.31 -22.01
N ALA C 74 -0.02 -7.62 -22.44
CA ALA C 74 1.25 -7.56 -21.68
C ALA C 74 1.15 -6.71 -20.41
N CYS C 75 0.41 -5.60 -20.54
CA CYS C 75 0.27 -4.67 -19.44
C CYS C 75 -1.06 -4.76 -18.75
N GLN C 76 -1.91 -5.61 -19.15
CA GLN C 76 -3.06 -5.77 -18.38
C GLN C 76 -2.56 -6.44 -17.07
N GLY C 77 -1.35 -7.12 -17.12
CA GLY C 77 -0.77 -7.69 -15.94
C GLY C 77 -0.12 -6.57 -15.02
N VAL C 78 -0.28 -5.26 -15.40
CA VAL C 78 0.30 -4.00 -14.70
C VAL C 78 -0.49 -3.69 -13.47
N GLY C 79 0.05 -2.89 -12.49
CA GLY C 79 -0.67 -2.81 -11.27
C GLY C 79 0.32 -2.79 -10.17
N GLY C 80 0.04 -2.32 -8.96
CA GLY C 80 1.20 -2.27 -8.11
C GLY C 80 1.67 -3.67 -7.76
N PRO C 81 1.08 -4.30 -6.79
CA PRO C 81 1.47 -5.66 -6.47
C PRO C 81 1.24 -6.49 -7.71
N GLY C 82 0.13 -6.22 -8.41
CA GLY C 82 -0.21 -6.92 -9.64
C GLY C 82 1.00 -7.16 -10.57
N HIS C 83 1.61 -6.07 -11.02
CA HIS C 83 2.75 -6.20 -11.90
C HIS C 83 3.82 -7.00 -11.18
N LYS C 84 3.92 -6.81 -9.88
CA LYS C 84 4.91 -7.50 -9.08
C LYS C 84 4.75 -9.00 -9.07
N ALA C 85 3.59 -9.50 -9.50
CA ALA C 85 3.41 -10.94 -9.54
C ALA C 85 4.53 -11.49 -10.39
N ARG C 86 4.78 -10.79 -11.49
CA ARG C 86 5.87 -11.11 -12.39
C ARG C 86 7.16 -10.41 -11.99
N VAL C 87 7.08 -9.07 -11.84
CA VAL C 87 8.26 -8.27 -11.54
C VAL C 87 8.90 -8.70 -10.27
N LEU C 88 8.18 -8.91 -9.16
CA LEU C 88 8.86 -9.42 -7.93
C LEU C 88 9.65 -10.71 -8.31
N ALA C 89 9.07 -11.53 -9.19
CA ALA C 89 9.79 -12.72 -9.64
C ALA C 89 11.10 -12.28 -10.32
N GLU C 90 11.02 -11.24 -11.12
CA GLU C 90 12.16 -10.67 -11.84
C GLU C 90 13.23 -9.93 -10.93
N ALA C 91 12.76 -9.11 -9.96
CA ALA C 91 13.66 -8.35 -9.06
C ALA C 91 14.42 -9.30 -8.20
N MET C 92 13.73 -10.32 -7.79
CA MET C 92 14.35 -11.35 -6.97
C MET C 92 15.54 -11.98 -7.69
N SER C 93 15.37 -12.24 -8.98
CA SER C 93 16.45 -12.81 -9.74
C SER C 93 17.33 -11.69 -10.33
N GLN C 94 16.89 -10.44 -10.25
CA GLN C 94 17.74 -9.42 -10.84
C GLN C 94 19.04 -9.38 -10.06
N VAL C 95 18.98 -8.97 -8.82
CA VAL C 95 20.18 -8.90 -7.97
C VAL C 95 20.91 -10.27 -7.84
N THR C 96 20.15 -11.36 -7.80
CA THR C 96 20.74 -12.67 -7.57
C THR C 96 21.18 -13.49 -8.80
N ASN C 97 20.25 -13.84 -9.69
CA ASN C 97 20.62 -14.75 -10.80
C ASN C 97 21.06 -14.13 -12.14
N THR C 98 20.23 -13.30 -12.76
CA THR C 98 20.59 -12.78 -14.09
C THR C 98 21.19 -11.38 -14.09
N ALA C 99 20.63 -10.49 -13.30
CA ALA C 99 21.11 -9.11 -13.26
C ALA C 99 22.14 -8.92 -12.16
N THR C 100 22.85 -9.98 -11.80
CA THR C 100 23.82 -9.86 -10.72
C THR C 100 24.91 -8.89 -11.15
N ILE C 101 25.05 -7.83 -10.38
CA ILE C 101 26.00 -6.79 -10.68
C ILE C 101 27.29 -6.99 -9.89
N MET C 102 28.41 -7.14 -10.60
CA MET C 102 29.70 -7.34 -9.96
C MET C 102 30.75 -6.41 -10.57
N GLY D 1 5.34 34.47 5.11
CA GLY D 1 6.00 33.14 5.02
C GLY D 1 4.94 32.05 5.11
N GLY D 2 5.25 30.87 4.55
CA GLY D 2 4.30 29.78 4.57
C GLY D 2 3.14 30.10 3.66
N SER D 3 3.39 30.93 2.64
CA SER D 3 2.35 31.26 1.70
C SER D 3 1.94 29.93 1.11
N PRO D 4 0.72 29.79 0.65
CA PRO D 4 0.25 28.48 0.15
C PRO D 4 1.23 27.80 -0.80
N THR D 5 1.57 26.58 -0.40
CA THR D 5 2.44 25.67 -1.15
C THR D 5 3.68 26.33 -1.79
N SER D 6 4.37 27.15 -1.04
CA SER D 6 5.56 27.86 -1.51
C SER D 6 6.67 27.05 -2.22
N ILE D 7 6.56 25.70 -2.48
CA ILE D 7 7.71 24.94 -3.08
C ILE D 7 8.65 24.46 -2.02
N LEU D 8 9.01 25.36 -1.14
CA LEU D 8 9.82 25.12 0.02
C LEU D 8 9.29 23.88 0.66
N ASP D 9 7.92 23.77 0.81
CA ASP D 9 7.43 22.50 1.23
C ASP D 9 6.48 21.87 0.21
N ILE D 10 6.54 22.09 -1.17
CA ILE D 10 5.47 21.42 -1.87
C ILE D 10 5.77 19.91 -1.75
N ARG D 11 4.74 19.03 -1.73
CA ARG D 11 5.02 17.61 -1.46
C ARG D 11 4.61 16.59 -2.51
N GLN D 12 5.55 15.68 -2.74
CA GLN D 12 5.35 14.56 -3.65
C GLN D 12 4.98 13.38 -2.81
N GLY D 13 3.86 12.76 -3.12
CA GLY D 13 3.48 11.62 -2.37
C GLY D 13 4.58 10.60 -2.51
N PRO D 14 4.89 9.82 -1.50
CA PRO D 14 5.98 8.82 -1.64
C PRO D 14 5.68 7.91 -2.85
N LYS D 15 4.38 7.77 -3.18
CA LYS D 15 3.93 6.99 -4.35
C LYS D 15 3.52 7.89 -5.54
N GLU D 16 3.36 9.18 -5.30
CA GLU D 16 2.87 10.11 -6.33
C GLU D 16 3.82 10.19 -7.57
N PRO D 17 3.34 10.13 -8.78
CA PRO D 17 4.25 10.26 -9.94
C PRO D 17 4.96 11.59 -9.96
N PHE D 18 6.21 11.57 -10.45
CA PHE D 18 7.01 12.78 -10.53
C PHE D 18 6.24 13.82 -11.31
N ARG D 19 5.68 13.49 -12.47
CA ARG D 19 4.89 14.49 -13.23
C ARG D 19 3.68 15.01 -12.42
N ASP D 20 3.00 14.13 -11.65
CA ASP D 20 1.82 14.53 -10.85
C ASP D 20 2.22 15.48 -9.72
N TYR D 21 3.29 15.15 -9.01
CA TYR D 21 3.74 16.02 -7.95
C TYR D 21 4.26 17.30 -8.53
N VAL D 22 5.05 17.13 -9.55
CA VAL D 22 5.58 18.22 -10.29
C VAL D 22 4.39 19.05 -10.79
N ASP D 23 3.25 18.38 -11.02
CA ASP D 23 2.07 19.11 -11.48
C ASP D 23 1.63 20.09 -10.38
N ARG D 24 1.85 19.67 -9.13
CA ARG D 24 1.53 20.49 -7.95
C ARG D 24 2.64 21.48 -7.67
N PHE D 25 3.87 21.11 -7.99
CA PHE D 25 4.98 22.00 -7.74
C PHE D 25 4.82 23.17 -8.69
N TYR D 26 4.52 22.89 -9.93
CA TYR D 26 4.31 23.96 -10.89
C TYR D 26 3.09 24.81 -10.57
N LYS D 27 1.98 24.14 -10.30
CA LYS D 27 0.73 24.85 -10.03
C LYS D 27 0.92 25.78 -8.86
N THR D 28 1.66 25.31 -7.86
CA THR D 28 1.92 26.18 -6.75
C THR D 28 3.09 27.12 -7.07
N LEU D 29 3.88 26.80 -8.08
CA LEU D 29 4.89 27.78 -8.43
C LEU D 29 4.15 28.98 -8.98
N ARG D 30 3.09 28.70 -9.75
CA ARG D 30 2.29 29.76 -10.33
C ARG D 30 1.80 30.63 -9.18
N ALA D 31 1.45 29.96 -8.08
CA ALA D 31 0.97 30.65 -6.90
C ALA D 31 2.11 31.38 -6.21
N GLU D 32 3.32 30.81 -6.35
CA GLU D 32 4.54 31.41 -5.77
C GLU D 32 5.02 32.60 -6.60
N GLN D 33 5.32 33.73 -5.94
CA GLN D 33 5.76 34.95 -6.65
C GLN D 33 7.29 35.08 -6.67
N ALA D 34 7.92 34.39 -7.64
CA ALA D 34 9.38 34.40 -7.75
C ALA D 34 9.86 34.76 -9.16
N SER D 35 11.08 35.31 -9.25
CA SER D 35 11.64 35.61 -10.57
C SER D 35 11.86 34.30 -11.29
N GLN D 36 11.95 34.31 -12.60
CA GLN D 36 12.10 33.05 -13.30
C GLN D 36 13.38 32.31 -12.87
N GLU D 37 14.50 33.01 -12.84
CA GLU D 37 15.74 32.37 -12.42
C GLU D 37 15.61 31.87 -11.00
N VAL D 38 14.89 32.62 -10.17
CA VAL D 38 14.71 32.15 -8.80
C VAL D 38 14.00 30.81 -8.86
N LYS D 39 12.86 30.77 -9.64
CA LYS D 39 12.09 29.53 -9.82
C LYS D 39 13.00 28.43 -10.30
N ASN D 40 14.11 28.79 -10.90
CA ASN D 40 15.01 27.78 -11.31
C ASN D 40 15.50 27.02 -10.06
N TRP D 41 15.96 27.70 -8.94
CA TRP D 41 16.40 26.91 -7.72
C TRP D 41 15.31 25.94 -7.35
N MET D 42 14.05 26.34 -7.60
CA MET D 42 12.90 25.52 -7.23
C MET D 42 12.81 24.28 -8.14
N THR D 43 12.58 24.51 -9.39
CA THR D 43 12.45 23.41 -10.33
C THR D 43 13.73 22.57 -10.39
N GLU D 44 14.85 23.16 -9.98
CA GLU D 44 16.15 22.48 -10.04
C GLU D 44 16.51 21.70 -8.80
N THR D 45 16.62 22.45 -7.73
CA THR D 45 17.01 21.90 -6.46
C THR D 45 15.80 21.63 -5.52
N LEU D 46 14.79 22.58 -5.37
CA LEU D 46 13.65 22.30 -4.45
C LEU D 46 13.12 20.96 -4.77
N LEU D 47 12.67 20.87 -6.00
CA LEU D 47 12.10 19.64 -6.56
C LEU D 47 12.91 18.39 -6.09
N VAL D 48 14.19 18.52 -5.84
CA VAL D 48 15.00 17.41 -5.33
C VAL D 48 14.75 17.18 -3.82
N GLN D 49 14.94 18.28 -3.08
CA GLN D 49 14.89 18.27 -1.61
C GLN D 49 13.56 17.88 -0.90
N ASN D 50 12.38 18.29 -1.42
CA ASN D 50 11.12 18.04 -0.66
C ASN D 50 10.10 17.27 -1.40
N ALA D 51 10.53 16.56 -2.41
CA ALA D 51 9.59 15.86 -3.23
C ALA D 51 9.76 14.36 -3.25
N ASN D 52 9.36 13.62 -2.19
CA ASN D 52 9.42 12.14 -2.27
C ASN D 52 10.90 11.69 -2.44
N PRO D 53 11.60 11.24 -1.42
CA PRO D 53 13.07 10.95 -1.51
C PRO D 53 13.49 10.23 -2.76
N ASP D 54 12.57 9.47 -3.41
CA ASP D 54 12.88 8.75 -4.67
C ASP D 54 13.49 9.71 -5.68
N CYS D 55 12.89 10.87 -5.83
CA CYS D 55 13.43 11.83 -6.76
C CYS D 55 14.67 12.49 -6.11
N LYS D 56 14.72 12.52 -4.78
CA LYS D 56 15.85 13.12 -4.08
C LYS D 56 17.13 12.29 -4.23
N THR D 57 16.95 10.99 -4.37
CA THR D 57 18.06 10.08 -4.55
C THR D 57 18.45 10.02 -6.04
N ILE D 58 17.43 10.28 -6.91
CA ILE D 58 17.61 10.31 -8.38
C ILE D 58 18.18 11.62 -8.85
N LEU D 59 17.39 12.70 -8.70
CA LEU D 59 17.79 14.02 -9.20
C LEU D 59 19.22 14.28 -8.75
N LYS D 60 19.56 13.79 -7.56
CA LYS D 60 20.93 13.93 -7.03
C LYS D 60 21.92 13.07 -7.82
N ALA D 61 21.51 11.84 -8.13
CA ALA D 61 22.35 10.92 -8.89
C ALA D 61 22.65 11.49 -10.28
N LEU D 62 21.61 12.01 -10.93
CA LEU D 62 21.76 12.61 -12.23
C LEU D 62 22.64 13.85 -12.05
N GLY D 63 22.24 14.59 -11.05
CA GLY D 63 22.82 15.86 -10.66
C GLY D 63 21.65 16.84 -10.43
N PRO D 64 21.67 17.69 -9.43
CA PRO D 64 20.52 18.62 -9.16
C PRO D 64 20.29 19.65 -10.28
N GLY D 65 19.22 19.45 -11.06
CA GLY D 65 18.91 20.37 -12.14
C GLY D 65 19.13 19.81 -13.53
N ALA D 66 19.18 18.50 -13.64
CA ALA D 66 19.27 17.90 -14.95
C ALA D 66 18.01 18.37 -15.67
N THR D 67 18.06 18.66 -16.98
CA THR D 67 16.84 19.19 -17.65
C THR D 67 15.65 18.33 -17.38
N LEU D 68 14.48 18.95 -17.32
CA LEU D 68 13.26 18.22 -16.96
C LEU D 68 13.11 16.91 -17.74
N GLU D 69 13.63 16.86 -18.95
CA GLU D 69 13.53 15.60 -19.66
C GLU D 69 14.48 14.60 -18.99
N GLU D 70 15.73 15.03 -18.73
CA GLU D 70 16.69 14.15 -18.05
C GLU D 70 16.21 13.72 -16.68
N MET D 71 15.63 14.64 -15.89
CA MET D 71 15.13 14.25 -14.57
C MET D 71 13.83 13.49 -14.71
N MET D 72 12.78 14.08 -15.32
CA MET D 72 11.49 13.38 -15.45
C MET D 72 11.64 12.00 -16.06
N THR D 73 12.43 11.89 -17.11
CA THR D 73 12.64 10.60 -17.71
C THR D 73 13.17 9.67 -16.64
N ALA D 74 14.04 10.21 -15.78
CA ALA D 74 14.63 9.42 -14.69
C ALA D 74 13.74 9.39 -13.44
N CYS D 75 12.67 10.17 -13.42
CA CYS D 75 11.78 10.24 -12.29
C CYS D 75 10.43 9.59 -12.62
N GLN D 76 10.22 9.18 -13.88
CA GLN D 76 9.03 8.44 -14.20
C GLN D 76 9.09 7.13 -13.44
N GLY D 77 10.31 6.70 -13.02
CA GLY D 77 10.45 5.50 -12.23
C GLY D 77 9.78 5.68 -10.85
N VAL D 78 9.61 6.94 -10.42
CA VAL D 78 9.03 7.31 -9.09
C VAL D 78 7.63 6.81 -8.92
N GLY D 79 7.20 6.37 -7.67
CA GLY D 79 5.91 5.67 -7.66
C GLY D 79 5.79 4.51 -6.68
N GLY D 80 4.61 4.09 -6.18
CA GLY D 80 4.75 3.03 -5.16
C GLY D 80 5.40 1.70 -5.70
N PRO D 81 4.89 1.14 -6.78
CA PRO D 81 5.47 -0.07 -7.41
C PRO D 81 6.62 0.23 -8.36
N GLY D 82 6.42 1.21 -9.23
CA GLY D 82 7.40 1.54 -10.26
C GLY D 82 8.76 1.87 -9.69
N HIS D 83 8.79 2.64 -8.61
CA HIS D 83 10.07 2.98 -8.04
C HIS D 83 10.62 1.78 -7.34
N LYS D 84 9.86 1.29 -6.38
CA LYS D 84 10.27 0.16 -5.60
C LYS D 84 10.82 -0.98 -6.45
N ALA D 85 10.42 -1.09 -7.71
CA ALA D 85 10.98 -2.19 -8.52
C ALA D 85 12.50 -1.98 -8.74
N ARG D 86 12.84 -0.85 -9.33
CA ARG D 86 14.23 -0.51 -9.58
C ARG D 86 15.00 -0.43 -8.27
N VAL D 87 14.38 0.17 -7.29
CA VAL D 87 15.03 0.32 -5.99
C VAL D 87 15.27 -1.04 -5.37
N LEU D 88 14.32 -1.94 -5.53
CA LEU D 88 14.46 -3.27 -4.93
C LEU D 88 15.81 -3.89 -5.28
N ALA D 89 16.07 -4.07 -6.56
CA ALA D 89 17.33 -4.68 -6.99
C ALA D 89 18.55 -3.85 -6.58
N GLU D 90 18.51 -2.53 -6.77
CA GLU D 90 19.65 -1.67 -6.42
C GLU D 90 19.99 -1.81 -4.95
N ALA D 91 19.00 -1.66 -4.11
CA ALA D 91 19.20 -1.80 -2.67
C ALA D 91 19.61 -3.22 -2.34
N MET D 92 19.01 -4.17 -3.03
CA MET D 92 19.32 -5.56 -2.77
C MET D 92 20.81 -5.80 -2.97
N SER D 93 21.41 -5.04 -3.89
CA SER D 93 22.85 -5.13 -4.13
C SER D 93 23.61 -4.11 -3.26
N GLN D 94 22.89 -3.16 -2.64
CA GLN D 94 23.52 -2.20 -1.73
C GLN D 94 24.01 -2.97 -0.51
N VAL D 95 23.25 -3.95 -0.10
CA VAL D 95 23.69 -4.72 1.03
C VAL D 95 24.68 -5.80 0.59
N THR D 96 24.41 -6.49 -0.51
CA THR D 96 25.31 -7.58 -0.93
C THR D 96 26.47 -7.22 -1.88
N ASN D 97 26.19 -6.74 -3.10
CA ASN D 97 27.29 -6.52 -4.06
C ASN D 97 27.89 -5.10 -4.17
N THR D 98 27.05 -4.13 -4.53
CA THR D 98 27.54 -2.77 -4.81
C THR D 98 27.99 -1.93 -3.61
N ALA D 99 27.23 -1.98 -2.52
CA ALA D 99 27.53 -1.16 -1.35
C ALA D 99 27.71 -1.96 -0.08
N THR D 100 28.20 -3.19 -0.16
CA THR D 100 28.33 -3.98 1.04
C THR D 100 29.30 -3.28 2.00
N ILE D 101 28.74 -2.82 3.11
CA ILE D 101 29.50 -2.08 4.10
C ILE D 101 30.21 -3.04 5.07
N MET D 102 31.52 -2.85 5.23
CA MET D 102 32.30 -3.70 6.12
C MET D 102 32.82 -2.89 7.30
N GLY E 1 -9.20 21.65 30.63
CA GLY E 1 -7.71 21.61 30.72
C GLY E 1 -7.15 20.78 29.58
N GLY E 2 -6.29 21.40 28.77
CA GLY E 2 -5.68 20.69 27.65
C GLY E 2 -6.68 20.56 26.53
N SER E 3 -7.05 21.73 26.01
CA SER E 3 -7.99 21.79 24.90
C SER E 3 -7.49 20.87 23.82
N PRO E 4 -8.34 20.40 22.95
CA PRO E 4 -7.92 19.45 21.88
C PRO E 4 -6.63 19.85 21.18
N THR E 5 -5.69 18.92 21.16
CA THR E 5 -4.40 19.11 20.50
C THR E 5 -3.73 20.44 20.82
N SER E 6 -3.30 20.50 22.01
CA SER E 6 -2.60 21.62 22.51
C SER E 6 -1.09 21.44 22.54
N ILE E 7 -0.60 20.38 21.87
CA ILE E 7 0.78 19.92 21.99
C ILE E 7 0.74 19.14 23.30
N LEU E 8 -0.21 18.25 23.21
CA LEU E 8 -0.52 17.32 24.24
C LEU E 8 0.14 16.08 23.81
N ASP E 9 -0.16 15.78 22.56
CA ASP E 9 0.46 14.71 21.95
C ASP E 9 0.41 14.83 20.44
N ILE E 10 0.60 16.06 19.81
CA ILE E 10 0.23 16.10 18.41
C ILE E 10 0.88 15.01 17.54
N ARG E 11 0.03 14.09 17.10
CA ARG E 11 0.47 12.87 16.41
C ARG E 11 0.55 12.99 14.91
N GLN E 12 1.54 12.32 14.34
CA GLN E 12 1.68 12.31 12.87
C GLN E 12 1.20 10.99 12.27
N GLY E 13 0.41 11.09 11.19
CA GLY E 13 -0.07 9.90 10.53
C GLY E 13 1.11 9.06 10.00
N PRO E 14 1.07 7.74 10.04
CA PRO E 14 2.23 6.92 9.54
C PRO E 14 2.45 7.05 8.04
N LYS E 15 1.37 7.28 7.30
CA LYS E 15 1.48 7.53 5.86
C LYS E 15 1.41 9.06 5.56
N GLU E 16 1.07 9.88 6.60
CA GLU E 16 1.02 11.30 6.44
C GLU E 16 2.47 11.86 6.49
N PRO E 17 2.93 12.64 5.53
CA PRO E 17 4.35 13.17 5.57
C PRO E 17 4.55 14.18 6.69
N PHE E 18 5.81 14.26 7.17
CA PHE E 18 6.21 15.16 8.25
C PHE E 18 5.52 16.51 8.16
N ARG E 19 5.84 17.21 7.10
CA ARG E 19 5.30 18.53 6.84
C ARG E 19 3.79 18.61 7.01
N ASP E 20 3.03 17.58 6.53
CA ASP E 20 1.54 17.61 6.65
C ASP E 20 1.12 17.78 8.11
N TYR E 21 1.79 17.02 8.98
CA TYR E 21 1.56 17.05 10.44
C TYR E 21 2.28 18.24 11.13
N VAL E 22 3.37 18.71 10.55
CA VAL E 22 4.07 19.87 11.13
C VAL E 22 3.17 21.12 10.93
N ASP E 23 2.48 21.12 9.77
CA ASP E 23 1.55 22.18 9.42
C ASP E 23 0.32 22.07 10.38
N ARG E 24 0.01 20.81 10.78
CA ARG E 24 -1.10 20.54 11.69
C ARG E 24 -0.84 21.03 13.10
N PHE E 25 0.38 20.73 13.63
CA PHE E 25 0.69 21.11 15.03
C PHE E 25 0.94 22.60 15.13
N TYR E 26 1.43 23.21 14.06
CA TYR E 26 1.62 24.63 14.14
C TYR E 26 0.23 25.21 14.27
N LYS E 27 -0.61 24.75 13.37
CA LYS E 27 -1.99 25.17 13.38
C LYS E 27 -2.65 24.76 14.69
N THR E 28 -2.21 23.65 15.31
CA THR E 28 -2.89 23.25 16.51
C THR E 28 -2.37 24.06 17.67
N LEU E 29 -1.13 24.58 17.56
CA LEU E 29 -0.65 25.42 18.62
C LEU E 29 -1.52 26.68 18.60
N ARG E 30 -1.98 27.09 17.40
CA ARG E 30 -2.88 28.25 17.28
C ARG E 30 -4.13 27.93 18.10
N ALA E 31 -4.51 26.66 18.08
CA ALA E 31 -5.65 26.18 18.86
C ALA E 31 -5.36 26.30 20.37
N GLU E 32 -4.06 26.35 20.73
CA GLU E 32 -3.61 26.48 22.13
C GLU E 32 -3.12 27.90 22.44
N GLN E 33 -3.77 28.59 23.38
CA GLN E 33 -3.36 29.95 23.75
C GLN E 33 -2.13 29.92 24.68
N ALA E 34 -0.94 30.07 24.09
CA ALA E 34 0.31 30.01 24.85
C ALA E 34 1.32 31.10 24.46
N SER E 35 2.39 31.20 25.27
CA SER E 35 3.45 32.16 24.99
C SER E 35 4.09 31.78 23.66
N GLN E 36 4.64 32.76 22.92
CA GLN E 36 5.31 32.42 21.67
C GLN E 36 6.48 31.50 21.97
N GLU E 37 7.17 31.83 23.06
CA GLU E 37 8.26 31.02 23.55
C GLU E 37 7.69 29.68 23.96
N VAL E 38 6.50 29.72 24.60
CA VAL E 38 5.91 28.47 24.99
C VAL E 38 5.75 27.60 23.78
N LYS E 39 5.28 28.18 22.69
CA LYS E 39 5.11 27.39 21.50
C LYS E 39 6.47 26.91 20.99
N ASN E 40 7.53 27.60 21.35
CA ASN E 40 8.84 27.16 20.88
C ASN E 40 9.20 25.77 21.42
N TRP E 41 9.15 25.54 22.76
CA TRP E 41 9.46 24.20 23.29
C TRP E 41 8.42 23.20 22.76
N MET E 42 7.21 23.69 22.45
CA MET E 42 6.15 22.82 21.91
C MET E 42 6.51 22.27 20.53
N THR E 43 7.10 23.13 19.70
CA THR E 43 7.50 22.74 18.32
C THR E 43 8.83 21.96 18.30
N GLU E 44 9.71 22.30 19.20
CA GLU E 44 11.01 21.63 19.21
C GLU E 44 10.91 20.26 19.87
N THR E 45 10.30 20.20 21.05
CA THR E 45 10.25 18.95 21.76
C THR E 45 9.04 18.06 21.43
N LEU E 46 7.85 18.57 21.70
CA LEU E 46 6.68 17.74 21.55
C LEU E 46 6.53 17.29 20.12
N LEU E 47 7.11 18.03 19.16
CA LEU E 47 7.02 17.63 17.73
C LEU E 47 7.83 16.34 17.47
N VAL E 48 9.08 16.33 17.95
CA VAL E 48 10.02 15.22 17.76
C VAL E 48 9.71 13.99 18.61
N GLN E 49 8.91 14.17 19.63
CA GLN E 49 8.63 13.06 20.52
C GLN E 49 7.50 12.14 20.04
N ASN E 50 6.52 12.68 19.32
CA ASN E 50 5.32 11.89 19.00
C ASN E 50 4.93 11.73 17.52
N ALA E 51 5.81 12.01 16.58
CA ALA E 51 5.39 12.02 15.16
C ALA E 51 6.11 11.05 14.20
N ASN E 52 5.34 10.21 13.46
CA ASN E 52 5.85 9.34 12.37
C ASN E 52 7.25 8.82 12.63
N PRO E 53 7.48 7.65 13.18
CA PRO E 53 8.85 7.14 13.48
C PRO E 53 9.84 7.40 12.35
N ASP E 54 9.35 7.58 11.08
CA ASP E 54 10.28 7.90 9.98
C ASP E 54 10.86 9.31 10.16
N CYS E 55 10.01 10.25 10.59
CA CYS E 55 10.44 11.64 10.80
C CYS E 55 11.01 11.74 12.20
N LYS E 56 10.53 10.89 13.10
CA LYS E 56 11.04 10.89 14.46
C LYS E 56 12.43 10.29 14.49
N THR E 57 12.67 9.32 13.60
CA THR E 57 13.96 8.62 13.58
C THR E 57 14.99 9.57 12.98
N ILE E 58 14.55 10.34 12.02
CA ILE E 58 15.38 11.32 11.41
C ILE E 58 15.66 12.49 12.34
N LEU E 59 14.59 12.97 12.96
CA LEU E 59 14.67 14.11 13.86
C LEU E 59 15.70 13.81 14.89
N LYS E 60 15.68 12.60 15.38
CA LYS E 60 16.66 12.25 16.36
C LYS E 60 18.01 12.14 15.66
N ALA E 61 17.96 11.58 14.45
CA ALA E 61 19.17 11.36 13.62
C ALA E 61 19.90 12.64 13.27
N LEU E 62 19.20 13.76 13.19
CA LEU E 62 19.89 15.00 12.90
C LEU E 62 20.72 15.33 14.12
N GLY E 63 20.06 15.19 15.25
CA GLY E 63 20.66 15.45 16.53
C GLY E 63 20.06 16.74 17.08
N PRO E 64 19.72 16.85 18.36
CA PRO E 64 19.10 18.10 18.90
C PRO E 64 19.95 19.36 18.64
N GLY E 65 19.21 20.44 18.39
CA GLY E 65 19.78 21.73 18.03
C GLY E 65 19.57 22.03 16.54
N ALA E 66 18.84 21.15 15.82
CA ALA E 66 18.57 21.36 14.40
C ALA E 66 17.42 22.36 14.17
N THR E 67 17.50 23.09 13.06
CA THR E 67 16.49 24.07 12.69
C THR E 67 15.29 23.41 11.98
N LEU E 68 14.25 24.19 11.72
CA LEU E 68 13.06 23.65 11.06
C LEU E 68 13.35 23.32 9.61
N GLU E 69 14.32 24.03 9.02
CA GLU E 69 14.68 23.75 7.64
C GLU E 69 15.45 22.44 7.66
N GLU E 70 16.21 22.23 8.75
CA GLU E 70 17.01 21.01 8.92
C GLU E 70 16.16 19.84 9.39
N MET E 71 15.07 20.13 10.10
CA MET E 71 14.16 19.10 10.59
C MET E 71 13.16 18.79 9.48
N MET E 72 12.86 19.79 8.64
CA MET E 72 11.86 19.58 7.58
C MET E 72 12.45 18.77 6.43
N THR E 73 13.57 19.27 5.93
CA THR E 73 14.27 18.65 4.82
C THR E 73 14.69 17.24 5.18
N ALA E 74 15.21 17.04 6.38
CA ALA E 74 15.64 15.70 6.72
C ALA E 74 14.46 14.77 6.68
N CYS E 75 13.38 15.23 7.29
CA CYS E 75 12.16 14.48 7.36
C CYS E 75 11.53 14.31 5.99
N GLN E 76 12.04 14.99 4.96
CA GLN E 76 11.52 14.70 3.62
C GLN E 76 11.84 13.21 3.29
N GLY E 77 12.76 12.56 4.08
CA GLY E 77 13.07 11.15 3.92
C GLY E 77 11.80 10.29 4.21
N VAL E 78 10.91 10.83 5.02
CA VAL E 78 9.62 10.17 5.47
C VAL E 78 8.77 9.69 4.31
N GLY E 79 7.80 8.68 4.50
CA GLY E 79 7.12 8.23 3.27
C GLY E 79 7.12 6.73 3.03
N GLY E 80 6.05 6.09 2.53
CA GLY E 80 6.24 4.64 2.44
C GLY E 80 7.19 4.38 1.28
N PRO E 81 6.72 4.32 0.06
CA PRO E 81 7.65 4.21 -1.09
C PRO E 81 8.73 5.34 -1.09
N GLY E 82 8.55 6.38 -0.29
CA GLY E 82 9.57 7.42 -0.22
C GLY E 82 10.70 7.04 0.75
N HIS E 83 10.34 6.82 2.02
CA HIS E 83 11.32 6.47 3.07
C HIS E 83 11.80 5.07 2.87
N LYS E 84 10.88 4.18 2.47
CA LYS E 84 11.17 2.75 2.22
C LYS E 84 12.22 2.60 1.11
N ALA E 85 12.24 3.58 0.20
CA ALA E 85 13.21 3.56 -0.89
C ALA E 85 14.62 3.77 -0.33
N ARG E 86 14.70 4.48 0.82
CA ARG E 86 15.95 4.73 1.53
C ARG E 86 16.19 3.67 2.63
N VAL E 87 15.11 3.14 3.16
CA VAL E 87 15.21 2.18 4.25
C VAL E 87 15.42 0.78 3.74
N LEU E 88 15.03 0.49 2.54
CA LEU E 88 15.21 -0.88 2.10
C LEU E 88 16.68 -1.22 2.08
N ALA E 89 17.47 -0.34 1.53
CA ALA E 89 18.89 -0.56 1.50
C ALA E 89 19.48 -0.56 2.91
N GLU E 90 19.00 0.39 3.72
CA GLU E 90 19.50 0.57 5.08
C GLU E 90 19.18 -0.58 6.02
N ALA E 91 17.90 -0.92 6.19
CA ALA E 91 17.47 -1.97 7.13
C ALA E 91 18.10 -3.29 6.75
N MET E 92 18.18 -3.51 5.46
CA MET E 92 18.80 -4.72 4.98
C MET E 92 20.26 -4.75 5.40
N SER E 93 20.83 -3.59 5.76
CA SER E 93 22.22 -3.56 6.20
C SER E 93 22.33 -3.21 7.69
N GLN E 94 21.25 -2.76 8.35
CA GLN E 94 21.37 -2.47 9.76
C GLN E 94 21.66 -3.77 10.43
N VAL E 95 20.83 -4.73 10.13
CA VAL E 95 20.98 -6.04 10.68
C VAL E 95 22.27 -6.70 10.20
N THR E 96 22.65 -6.47 8.94
CA THR E 96 23.82 -7.13 8.39
C THR E 96 25.17 -6.43 8.60
N ASN E 97 25.33 -5.19 8.11
CA ASN E 97 26.65 -4.55 8.18
C ASN E 97 26.98 -3.67 9.41
N THR E 98 26.18 -2.64 9.70
CA THR E 98 26.54 -1.73 10.79
C THR E 98 25.87 -2.01 12.13
N ALA E 99 24.59 -2.33 12.10
CA ALA E 99 23.86 -2.59 13.34
C ALA E 99 23.80 -4.09 13.62
N THR E 100 24.79 -4.82 13.14
CA THR E 100 24.79 -6.26 13.33
C THR E 100 24.87 -6.56 14.80
N ILE E 101 23.77 -7.09 15.31
CA ILE E 101 23.64 -7.38 16.73
C ILE E 101 24.04 -8.82 17.03
N MET E 102 25.09 -8.97 17.84
CA MET E 102 25.58 -10.30 18.21
C MET E 102 25.28 -10.59 19.68
N GLY F 1 -26.38 -8.43 19.41
CA GLY F 1 -25.41 -8.69 18.30
C GLY F 1 -25.45 -7.54 17.30
N GLY F 2 -24.27 -7.05 16.90
CA GLY F 2 -24.21 -5.94 15.98
C GLY F 2 -24.74 -4.67 16.66
N SER F 3 -24.71 -4.65 18.01
CA SER F 3 -25.19 -3.47 18.72
C SER F 3 -24.31 -2.30 18.28
N PRO F 4 -24.83 -1.11 18.10
CA PRO F 4 -23.97 -0.01 17.62
C PRO F 4 -22.78 0.30 18.52
N THR F 5 -21.61 0.20 17.92
CA THR F 5 -20.34 0.55 18.55
C THR F 5 -20.25 0.24 20.03
N SER F 6 -20.54 -0.99 20.35
CA SER F 6 -20.45 -1.48 21.72
C SER F 6 -19.00 -1.91 22.06
N ILE F 7 -18.02 -1.52 21.22
CA ILE F 7 -16.62 -2.00 21.34
C ILE F 7 -16.46 -3.37 20.72
N LEU F 8 -17.46 -4.18 20.70
CA LEU F 8 -17.36 -5.46 20.08
C LEU F 8 -17.05 -5.27 18.63
N ASP F 9 -17.75 -4.34 17.88
CA ASP F 9 -17.26 -4.19 16.56
C ASP F 9 -16.26 -3.06 16.48
N ILE F 10 -15.77 -2.43 17.64
CA ILE F 10 -14.86 -1.38 17.34
C ILE F 10 -13.59 -2.13 16.99
N ARG F 11 -12.77 -1.55 16.12
CA ARG F 11 -11.54 -2.18 15.61
C ARG F 11 -10.55 -1.14 15.15
N GLN F 12 -9.29 -1.38 15.36
CA GLN F 12 -8.30 -0.48 14.84
C GLN F 12 -7.94 -1.06 13.54
N GLY F 13 -7.98 -0.20 12.55
CA GLY F 13 -7.67 -0.64 11.24
C GLY F 13 -6.31 -1.32 11.28
N PRO F 14 -6.05 -2.26 10.41
CA PRO F 14 -4.73 -2.91 10.40
C PRO F 14 -3.63 -1.87 10.11
N LYS F 15 -4.04 -0.65 9.64
CA LYS F 15 -3.09 0.44 9.40
C LYS F 15 -3.45 1.66 10.27
N GLU F 16 -4.73 1.73 10.69
CA GLU F 16 -5.20 2.87 11.51
C GLU F 16 -4.24 3.09 12.65
N PRO F 17 -3.83 4.30 12.95
CA PRO F 17 -2.92 4.48 14.09
C PRO F 17 -3.65 4.14 15.36
N PHE F 18 -2.85 3.76 16.33
CA PHE F 18 -3.35 3.35 17.61
C PHE F 18 -4.40 4.29 18.19
N ARG F 19 -3.99 5.53 18.34
CA ARG F 19 -4.86 6.57 18.92
C ARG F 19 -6.12 6.84 18.11
N ASP F 20 -6.03 6.96 16.77
CA ASP F 20 -7.22 7.31 15.99
C ASP F 20 -8.34 6.33 16.31
N TYR F 21 -7.99 5.07 16.36
CA TYR F 21 -8.94 4.04 16.69
C TYR F 21 -9.46 4.17 18.10
N VAL F 22 -8.52 4.36 19.00
CA VAL F 22 -8.83 4.55 20.41
C VAL F 22 -9.80 5.71 20.60
N ASP F 23 -9.68 6.73 19.78
CA ASP F 23 -10.60 7.84 19.90
C ASP F 23 -12.01 7.29 19.65
N ARG F 24 -12.11 6.34 18.70
CA ARG F 24 -13.39 5.71 18.36
C ARG F 24 -13.86 4.83 19.53
N PHE F 25 -12.99 3.90 19.92
CA PHE F 25 -13.23 2.97 21.04
C PHE F 25 -13.74 3.79 22.26
N TYR F 26 -12.93 4.69 22.73
CA TYR F 26 -13.33 5.54 23.82
C TYR F 26 -14.65 6.29 23.49
N LYS F 27 -14.65 7.00 22.36
CA LYS F 27 -15.82 7.82 21.98
C LYS F 27 -17.12 7.01 22.08
N THR F 28 -17.09 5.75 21.70
CA THR F 28 -18.29 4.94 21.82
C THR F 28 -18.40 4.29 23.18
N LEU F 29 -17.26 4.16 23.89
CA LEU F 29 -17.33 3.66 25.27
C LEU F 29 -18.15 4.62 26.10
N ARG F 30 -17.92 5.91 25.86
CA ARG F 30 -18.69 6.94 26.50
C ARG F 30 -20.17 6.64 26.24
N ALA F 31 -20.46 6.02 25.08
CA ALA F 31 -21.83 5.71 24.69
C ALA F 31 -22.29 4.37 25.25
N GLU F 32 -21.37 3.45 25.45
CA GLU F 32 -21.72 2.16 26.03
C GLU F 32 -21.83 2.38 27.53
N GLN F 33 -23.06 2.36 28.06
CA GLN F 33 -23.26 2.57 29.49
C GLN F 33 -22.56 1.45 30.25
N ALA F 34 -21.31 1.69 30.64
CA ALA F 34 -20.51 0.68 31.30
C ALA F 34 -19.88 1.20 32.58
N SER F 35 -19.38 0.25 33.35
CA SER F 35 -18.72 0.50 34.61
C SER F 35 -17.28 0.89 34.34
N GLN F 36 -16.58 1.51 35.28
CA GLN F 36 -15.23 1.93 34.94
C GLN F 36 -14.34 0.75 34.58
N GLU F 37 -14.37 -0.35 35.35
CA GLU F 37 -13.53 -1.51 35.02
C GLU F 37 -14.07 -2.22 33.79
N VAL F 38 -15.38 -2.09 33.57
CA VAL F 38 -15.98 -2.67 32.38
C VAL F 38 -15.35 -2.01 31.18
N LYS F 39 -15.27 -0.69 31.24
CA LYS F 39 -14.64 0.07 30.19
C LYS F 39 -13.16 -0.39 30.10
N ASN F 40 -12.57 -0.71 31.29
CA ASN F 40 -11.18 -1.20 31.40
C ASN F 40 -11.00 -2.62 30.72
N TRP F 41 -12.13 -3.34 30.39
CA TRP F 41 -12.02 -4.63 29.66
C TRP F 41 -11.73 -4.22 28.26
N MET F 42 -12.52 -3.18 27.83
CA MET F 42 -12.43 -2.66 26.48
C MET F 42 -11.09 -1.98 26.30
N THR F 43 -10.56 -1.37 27.38
CA THR F 43 -9.29 -0.68 27.24
C THR F 43 -8.10 -1.63 27.38
N GLU F 44 -8.21 -2.60 28.26
CA GLU F 44 -7.08 -3.49 28.52
C GLU F 44 -6.97 -4.59 27.50
N THR F 45 -7.98 -5.45 27.42
CA THR F 45 -7.92 -6.54 26.49
C THR F 45 -8.50 -6.23 25.10
N LEU F 46 -9.71 -5.61 24.95
CA LEU F 46 -10.19 -5.42 23.56
C LEU F 46 -9.26 -4.52 22.89
N LEU F 47 -8.95 -3.36 23.54
CA LEU F 47 -8.06 -2.32 22.93
C LEU F 47 -6.92 -2.96 22.20
N VAL F 48 -6.44 -4.07 22.73
CA VAL F 48 -5.37 -4.83 22.14
C VAL F 48 -5.89 -5.70 21.02
N GLN F 49 -6.79 -6.64 21.37
CA GLN F 49 -7.29 -7.65 20.43
C GLN F 49 -7.98 -7.12 19.21
N ASN F 50 -8.91 -6.23 19.35
CA ASN F 50 -9.59 -5.77 18.17
C ASN F 50 -8.76 -4.77 17.44
N ALA F 51 -7.55 -4.43 17.95
CA ALA F 51 -6.78 -3.38 17.33
C ALA F 51 -5.49 -3.76 16.65
N ASN F 52 -5.49 -3.49 15.34
CA ASN F 52 -4.32 -3.51 14.50
C ASN F 52 -3.19 -4.41 14.94
N PRO F 53 -3.00 -5.57 14.41
CA PRO F 53 -1.87 -6.43 14.85
C PRO F 53 -0.53 -5.69 14.89
N ASP F 54 -0.39 -4.51 14.27
CA ASP F 54 0.88 -3.81 14.43
C ASP F 54 1.05 -3.55 15.90
N CYS F 55 -0.05 -3.16 16.51
CA CYS F 55 -0.06 -2.85 17.93
C CYS F 55 -0.43 -4.05 18.75
N LYS F 56 -1.38 -4.91 18.33
CA LYS F 56 -1.76 -6.07 19.16
C LYS F 56 -0.53 -6.85 19.63
N THR F 57 0.50 -6.87 18.79
CA THR F 57 1.72 -7.53 19.21
C THR F 57 2.42 -6.66 20.29
N ILE F 58 2.53 -5.35 20.03
CA ILE F 58 3.17 -4.41 20.96
C ILE F 58 2.52 -4.37 22.33
N LEU F 59 1.18 -4.21 22.36
CA LEU F 59 0.50 -4.01 23.62
C LEU F 59 0.81 -5.15 24.56
N LYS F 60 0.69 -6.37 24.14
CA LYS F 60 1.06 -7.42 25.07
C LYS F 60 2.60 -7.39 25.27
N ALA F 61 3.33 -6.84 24.29
CA ALA F 61 4.80 -6.82 24.37
C ALA F 61 5.20 -6.05 25.60
N LEU F 62 4.65 -4.86 25.74
CA LEU F 62 4.89 -4.09 26.96
C LEU F 62 4.24 -4.90 28.09
N GLY F 63 3.02 -5.31 27.75
CA GLY F 63 2.15 -6.08 28.59
C GLY F 63 0.93 -5.22 28.95
N PRO F 64 -0.26 -5.78 29.08
CA PRO F 64 -1.47 -5.00 29.51
C PRO F 64 -1.23 -4.35 30.87
N GLY F 65 -2.12 -3.47 31.31
CA GLY F 65 -1.93 -2.78 32.60
C GLY F 65 -1.01 -1.55 32.46
N ALA F 66 -0.51 -1.28 31.23
CA ALA F 66 0.34 -0.14 30.96
C ALA F 66 -0.53 1.06 30.69
N THR F 67 -0.02 2.23 30.91
CA THR F 67 -0.84 3.40 30.70
C THR F 67 -1.21 3.51 29.23
N LEU F 68 -2.32 4.17 28.98
CA LEU F 68 -2.73 4.35 27.61
C LEU F 68 -1.67 5.20 26.89
N GLU F 69 -1.02 6.08 27.65
CA GLU F 69 0.06 6.89 27.13
C GLU F 69 1.29 6.01 26.94
N GLU F 70 1.38 4.91 27.74
CA GLU F 70 2.54 3.99 27.63
C GLU F 70 2.42 3.18 26.35
N MET F 71 1.30 2.48 26.20
CA MET F 71 1.07 1.72 24.99
C MET F 71 1.07 2.69 23.84
N MET F 72 0.42 3.85 23.99
CA MET F 72 0.39 4.84 22.89
C MET F 72 1.80 5.22 22.45
N THR F 73 2.67 5.48 23.42
CA THR F 73 4.05 5.83 23.09
C THR F 73 4.71 4.69 22.34
N ALA F 74 4.54 3.48 22.81
CA ALA F 74 5.11 2.32 22.11
C ALA F 74 4.38 2.05 20.78
N CYS F 75 3.16 2.60 20.66
CA CYS F 75 2.34 2.35 19.53
C CYS F 75 2.34 3.55 18.57
N GLN F 76 3.13 4.58 18.87
CA GLN F 76 3.29 5.60 17.86
C GLN F 76 4.02 4.90 16.69
N GLY F 77 4.73 3.75 16.98
CA GLY F 77 5.37 3.01 15.99
C GLY F 77 4.32 2.38 15.09
N VAL F 78 3.11 2.19 15.57
CA VAL F 78 1.99 1.56 14.76
C VAL F 78 1.89 2.28 13.46
N GLY F 79 1.41 1.62 12.29
CA GLY F 79 1.53 2.42 11.05
C GLY F 79 2.12 1.77 9.83
N GLY F 80 1.95 2.29 8.59
CA GLY F 80 2.60 1.53 7.52
C GLY F 80 4.08 1.90 7.50
N PRO F 81 4.42 3.04 6.99
CA PRO F 81 5.81 3.50 7.08
C PRO F 81 6.16 3.63 8.56
N GLY F 82 5.12 3.89 9.42
CA GLY F 82 5.30 4.05 10.86
C GLY F 82 5.70 2.77 11.57
N HIS F 83 5.07 1.62 11.27
CA HIS F 83 5.42 0.33 11.93
C HIS F 83 6.41 -0.48 11.15
N LYS F 84 6.49 -0.22 9.87
CA LYS F 84 7.40 -0.97 9.06
C LYS F 84 8.86 -0.56 9.32
N ALA F 85 9.08 0.70 9.54
CA ALA F 85 10.44 1.16 9.75
C ALA F 85 11.04 0.45 10.95
N ARG F 86 10.26 0.34 12.03
CA ARG F 86 10.74 -0.34 13.24
C ARG F 86 10.50 -1.84 13.18
N VAL F 87 9.27 -2.20 12.86
CA VAL F 87 8.85 -3.60 12.81
C VAL F 87 9.13 -4.32 11.50
N LEU F 88 9.03 -3.68 10.34
CA LEU F 88 9.31 -4.46 9.11
C LEU F 88 10.74 -4.88 9.25
N ALA F 89 11.55 -3.90 9.68
CA ALA F 89 12.94 -4.13 9.95
C ALA F 89 13.06 -5.20 11.00
N GLU F 90 12.19 -5.19 12.00
CA GLU F 90 12.27 -6.23 13.03
C GLU F 90 12.09 -7.61 12.36
N ALA F 91 11.14 -7.69 11.43
CA ALA F 91 10.88 -8.92 10.67
C ALA F 91 12.11 -9.26 9.84
N MET F 92 12.75 -8.21 9.34
CA MET F 92 13.97 -8.40 8.58
C MET F 92 14.98 -9.03 9.51
N SER F 93 14.90 -8.68 10.82
CA SER F 93 15.79 -9.26 11.81
C SER F 93 15.21 -10.58 12.38
N GLN F 94 13.93 -10.89 12.09
CA GLN F 94 13.31 -12.15 12.53
C GLN F 94 13.82 -13.33 11.71
N VAL F 95 14.09 -13.13 10.42
CA VAL F 95 14.56 -14.24 9.60
C VAL F 95 16.08 -14.35 9.70
N THR F 96 16.76 -13.24 9.99
CA THR F 96 18.21 -13.26 10.04
C THR F 96 18.86 -13.51 11.41
N ASN F 97 18.66 -12.61 12.39
CA ASN F 97 19.39 -12.75 13.67
C ASN F 97 18.71 -13.45 14.87
N THR F 98 17.58 -12.93 15.35
CA THR F 98 17.00 -13.49 16.59
C THR F 98 15.85 -14.49 16.42
N ALA F 99 14.94 -14.22 15.51
CA ALA F 99 13.79 -15.10 15.34
C ALA F 99 14.08 -16.19 14.32
N THR F 100 15.35 -16.54 14.16
CA THR F 100 15.70 -17.56 13.18
C THR F 100 15.10 -18.89 13.62
N ILE F 101 14.25 -19.42 12.76
CA ILE F 101 13.54 -20.64 13.05
C ILE F 101 14.31 -21.86 12.54
N MET F 102 14.51 -22.84 13.40
CA MET F 102 15.23 -24.05 13.02
C MET F 102 14.37 -25.29 13.25
C1 IHP G . -2.02 -1.93 0.52
C2 IHP G . -0.73 -2.19 1.39
C3 IHP G . 0.51 -2.11 0.49
C4 IHP G . 0.59 -0.75 -0.11
C5 IHP G . -0.61 -0.78 -1.14
C6 IHP G . -1.95 -0.62 -0.22
O11 IHP G . -3.22 -2.02 1.36
P1 IHP G . -4.09 -3.39 1.37
O21 IHP G . -3.26 -4.41 0.64
O31 IHP G . -4.44 -3.73 2.87
O41 IHP G . -5.30 -3.04 0.62
O12 IHP G . -0.63 -1.14 2.44
P2 IHP G . -0.45 -1.52 3.95
O22 IHP G . -0.78 -3.01 4.21
O32 IHP G . -1.35 -0.64 4.73
O42 IHP G . 0.95 -1.29 4.32
O13 IHP G . 1.63 -2.41 1.23
P3 IHP G . 2.71 -3.43 0.74
O23 IHP G . 2.60 -4.67 1.61
O33 IHP G . 2.58 -3.65 -0.75
O43 IHP G . 3.98 -2.67 1.12
O14 IHP G . 1.84 -0.58 -0.75
P4 IHP G . 2.76 0.75 -0.74
O24 IHP G . 2.03 1.79 -1.56
O34 IHP G . 3.15 1.28 0.61
O44 IHP G . 4.05 0.38 -1.47
O15 IHP G . -0.45 0.20 -2.18
P5 IHP G . -0.15 -0.21 -3.68
O25 IHP G . -0.21 1.17 -4.37
O35 IHP G . -1.17 -1.22 -4.12
O45 IHP G . 1.18 -0.86 -3.76
O16 IHP G . -3.11 -0.48 -1.12
P6 IHP G . -4.05 0.72 -1.26
O26 IHP G . -3.28 2.00 -1.56
O36 IHP G . -4.80 0.33 -2.52
O46 IHP G . -4.88 0.92 -0.05
H1 IHP G . -1.96 -2.63 -0.34
H2 IHP G . -0.72 -3.26 1.69
H3 IHP G . 0.32 -2.85 -0.32
H4 IHP G . 0.36 -0.01 0.69
H5 IHP G . -0.76 -1.80 -1.54
H6 IHP G . -1.81 0.24 0.46
C1 A1CCZ H . 6.72 -7.61 1.01
C2 A1CCZ H . 7.78 -7.42 1.91
C3 A1CCZ H . 7.72 -6.37 2.80
C11 A1CCZ H . 3.98 -8.65 -2.73
C12 A1CCZ H . 3.70 -9.76 -3.78
C13 A1CCZ H . 4.22 -7.27 -3.28
C14 A1CCZ H . 5.38 -6.88 -3.98
C15 A1CCZ H . 5.59 -5.51 -4.25
C16 A1CCZ H . 4.67 -4.49 -3.84
C17 A1CCZ H . 3.53 -4.94 -3.17
C18 A1CCZ H . 3.31 -6.23 -2.92
C19 A1CCZ H . 4.96 -3.06 -4.14
C20 A1CCZ H . 3.96 -2.62 -5.18
C21 A1CCZ H . 4.58 -2.14 -2.95
C22 A1CCZ H . 6.45 -2.83 -4.49
C24 A1CCZ H . 1.25 -9.67 -4.08
C25 A1CCZ H . 0.08 -9.48 -4.95
C26 A1CCZ H . 0.30 -9.57 -6.31
N23 A1CCZ H . 2.48 -9.70 -4.69
C28 A1CCZ H . 2.61 -9.88 -6.02
C27 A1CCZ H . 1.55 -9.82 -6.83
O29 A1CCZ H . 1.21 -9.87 -2.80
C30 A1CCZ H . -1.28 -9.13 -4.51
F31 A1CCZ H . -1.26 -8.53 -3.33
F32 A1CCZ H . -2.04 -10.18 -4.32
F33 A1CCZ H . -1.91 -8.28 -5.39
N10 A1CCZ H . 5.08 -9.18 -1.85
C8 A1CCZ H . 5.64 -8.09 -0.93
C7 A1CCZ H . 4.63 -7.40 -0.11
C6 A1CCZ H . 5.54 -6.84 1.02
C5 A1CCZ H . 5.54 -5.73 1.88
C4 A1CCZ H . 6.69 -5.43 2.69
C9 A1CCZ H . 6.62 -8.73 -0.01
H2 A1CCZ H . 8.57 -8.13 2.08
H3 A1CCZ H . 8.48 -6.08 3.50
H11 A1CCZ H . 3.07 -8.61 -2.08
H12A A1CCZ H . 3.47 -10.68 -3.21
H12B A1CCZ H . 4.56 -9.96 -4.45
H14 A1CCZ H . 6.15 -7.59 -4.22
H15 A1CCZ H . 6.51 -5.28 -4.76
H17 A1CCZ H . 2.80 -4.22 -2.80
H18 A1CCZ H . 2.50 -6.57 -2.29
H20C A1CCZ H . 4.02 -3.22 -6.11
H20B A1CCZ H . 4.18 -1.61 -5.58
H20A A1CCZ H . 2.88 -2.69 -4.91
H21A A1CCZ H . 5.21 -2.34 -2.06
H21C A1CCZ H . 3.54 -2.20 -2.55
H21B A1CCZ H . 4.68 -1.06 -3.16
H22C A1CCZ H . 7.02 -3.46 -3.76
H22B A1CCZ H . 6.67 -1.75 -4.36
H22A A1CCZ H . 6.67 -3.19 -5.52
H26 A1CCZ H . -0.55 -9.31 -6.93
H6 A1CCZ H . 3.60 -9.76 -6.46
H27 A1CCZ H . 1.61 -9.95 -7.91
H9 A1CCZ H . 5.90 -9.45 -2.40
H8 A1CCZ H . 6.19 -7.40 -1.60
H7A A1CCZ H . 3.88 -8.12 0.25
H7B A1CCZ H . 4.02 -6.64 -0.60
H5 A1CCZ H . 4.83 -4.93 1.75
H4 A1CCZ H . 6.66 -4.53 3.27
H9B A1CCZ H . 6.39 -9.77 0.24
H9A A1CCZ H . 7.63 -8.77 -0.46
N GLY A 1 -32.77 -18.32 -7.03
CA GLY A 1 -31.58 -18.73 -6.28
C GLY A 1 -30.42 -17.78 -6.54
N GLY A 2 -29.35 -17.95 -5.77
CA GLY A 2 -28.20 -17.08 -5.89
C GLY A 2 -28.69 -15.67 -5.64
N SER A 3 -29.63 -15.55 -4.73
CA SER A 3 -30.18 -14.28 -4.44
C SER A 3 -29.07 -13.42 -3.88
N PRO A 4 -29.13 -12.14 -4.01
CA PRO A 4 -28.05 -11.27 -3.53
C PRO A 4 -27.82 -11.40 -2.04
N THR A 5 -26.55 -11.42 -1.69
CA THR A 5 -26.15 -11.46 -0.30
C THR A 5 -26.79 -12.61 0.49
N SER A 6 -26.91 -13.73 -0.16
CA SER A 6 -27.46 -14.92 0.45
C SER A 6 -26.37 -15.75 1.12
N ILE A 7 -25.09 -15.17 1.24
CA ILE A 7 -23.91 -15.92 1.77
C ILE A 7 -23.20 -16.70 0.73
N LEU A 8 -23.86 -17.04 -0.30
CA LEU A 8 -23.23 -17.69 -1.39
C LEU A 8 -22.18 -16.78 -1.94
N ASP A 9 -22.51 -15.44 -2.12
CA ASP A 9 -21.45 -14.59 -2.52
C ASP A 9 -21.02 -13.63 -1.42
N ILE A 10 -21.16 -13.91 -0.05
CA ILE A 10 -20.69 -12.81 0.76
C ILE A 10 -19.15 -12.86 0.76
N ARG A 11 -18.46 -11.72 0.71
CA ARG A 11 -16.98 -11.76 0.64
C ARG A 11 -16.30 -10.76 1.55
N GLN A 12 -15.12 -11.15 2.03
CA GLN A 12 -14.29 -10.28 2.87
C GLN A 12 -13.27 -9.60 2.00
N GLY A 13 -13.20 -8.31 2.07
CA GLY A 13 -12.22 -7.59 1.30
C GLY A 13 -10.83 -8.04 1.74
N PRO A 14 -9.85 -8.10 0.86
CA PRO A 14 -8.50 -8.59 1.22
C PRO A 14 -8.00 -7.84 2.42
N LYS A 15 -8.27 -6.57 2.44
CA LYS A 15 -7.87 -5.77 3.56
C LYS A 15 -8.99 -5.73 4.62
N GLU A 16 -10.21 -5.97 4.17
CA GLU A 16 -11.34 -5.89 5.10
C GLU A 16 -11.10 -6.82 6.30
N PRO A 17 -11.10 -6.36 7.54
CA PRO A 17 -10.86 -7.27 8.65
C PRO A 17 -11.96 -8.28 8.78
N PHE A 18 -11.57 -9.40 9.37
CA PHE A 18 -12.41 -10.54 9.57
C PHE A 18 -13.66 -10.14 10.30
N ARG A 19 -13.52 -9.43 11.38
CA ARG A 19 -14.72 -9.04 12.12
C ARG A 19 -15.65 -8.20 11.26
N ASP A 20 -15.07 -7.29 10.49
CA ASP A 20 -15.92 -6.43 9.67
C ASP A 20 -16.80 -7.28 8.74
N TYR A 21 -16.14 -8.04 7.89
CA TYR A 21 -16.81 -8.93 6.94
C TYR A 21 -17.73 -9.89 7.63
N VAL A 22 -17.31 -10.37 8.80
CA VAL A 22 -18.15 -11.25 9.57
C VAL A 22 -19.48 -10.52 9.86
N ASP A 23 -19.42 -9.21 9.96
CA ASP A 23 -20.62 -8.41 10.19
C ASP A 23 -21.44 -8.31 8.88
N ARG A 24 -20.72 -8.46 7.72
CA ARG A 24 -21.35 -8.44 6.41
C ARG A 24 -21.98 -9.81 6.13
N PHE A 25 -21.43 -10.85 6.74
CA PHE A 25 -21.97 -12.20 6.55
C PHE A 25 -23.10 -12.42 7.53
N TYR A 26 -22.94 -11.97 8.75
CA TYR A 26 -24.01 -12.11 9.72
C TYR A 26 -25.22 -11.27 9.35
N LYS A 27 -24.97 -9.99 9.05
CA LYS A 27 -26.06 -9.05 8.74
C LYS A 27 -26.79 -9.52 7.52
N THR A 28 -26.04 -9.96 6.55
CA THR A 28 -26.67 -10.41 5.38
C THR A 28 -27.37 -11.75 5.61
N LEU A 29 -26.85 -12.53 6.55
CA LEU A 29 -27.56 -13.74 6.87
C LEU A 29 -28.97 -13.35 7.37
N ARG A 30 -29.07 -12.22 8.05
CA ARG A 30 -30.39 -11.78 8.53
C ARG A 30 -31.30 -11.63 7.31
N ALA A 31 -30.72 -11.11 6.22
CA ALA A 31 -31.47 -10.97 4.97
C ALA A 31 -31.75 -12.37 4.41
N GLU A 32 -30.84 -13.30 4.66
CA GLU A 32 -31.04 -14.66 4.17
C GLU A 32 -32.00 -15.37 5.07
N GLN A 33 -33.11 -15.88 4.50
CA GLN A 33 -34.09 -16.64 5.32
C GLN A 33 -33.61 -18.07 5.47
N ALA A 34 -32.66 -18.29 6.37
CA ALA A 34 -32.09 -19.62 6.58
C ALA A 34 -32.22 -20.07 8.01
N SER A 35 -32.43 -21.36 8.12
CA SER A 35 -32.51 -21.99 9.40
C SER A 35 -31.21 -21.75 10.11
N GLN A 36 -31.22 -21.84 11.42
CA GLN A 36 -29.99 -21.59 12.16
C GLN A 36 -28.91 -22.62 11.79
N GLU A 37 -29.26 -23.91 11.81
CA GLU A 37 -28.27 -24.94 11.48
C GLU A 37 -27.70 -24.66 10.11
N VAL A 38 -28.55 -24.26 9.19
CA VAL A 38 -28.05 -23.94 7.88
C VAL A 38 -27.06 -22.80 8.04
N LYS A 39 -27.47 -21.74 8.75
CA LYS A 39 -26.57 -20.60 8.94
C LYS A 39 -25.28 -21.06 9.54
N ASN A 40 -25.35 -22.09 10.34
CA ASN A 40 -24.14 -22.60 10.93
C ASN A 40 -23.16 -23.08 9.85
N TRP A 41 -23.65 -23.76 8.80
CA TRP A 41 -22.72 -24.24 7.75
C TRP A 41 -22.16 -23.03 7.01
N MET A 42 -22.96 -21.98 6.93
CA MET A 42 -22.54 -20.73 6.28
C MET A 42 -21.47 -20.01 7.13
N THR A 43 -21.65 -20.03 8.45
CA THR A 43 -20.72 -19.41 9.38
C THR A 43 -19.43 -20.22 9.49
N GLU A 44 -19.55 -21.54 9.38
CA GLU A 44 -18.39 -22.44 9.53
C GLU A 44 -17.60 -22.63 8.26
N THR A 45 -18.31 -22.91 7.22
CA THR A 45 -17.68 -23.15 5.98
C THR A 45 -17.59 -21.90 5.13
N LEU A 46 -18.73 -21.37 4.74
CA LEU A 46 -18.67 -20.25 3.85
C LEU A 46 -17.85 -19.11 4.41
N LEU A 47 -17.97 -18.87 5.71
CA LEU A 47 -17.18 -17.83 6.31
C LEU A 47 -15.71 -18.16 6.01
N VAL A 48 -15.31 -19.38 6.21
CA VAL A 48 -13.93 -19.72 5.92
C VAL A 48 -13.60 -19.52 4.43
N GLN A 49 -14.46 -20.00 3.52
CA GLN A 49 -14.14 -19.98 2.08
C GLN A 49 -13.98 -18.64 1.38
N ASN A 50 -14.94 -17.77 1.50
CA ASN A 50 -14.90 -16.52 0.74
C ASN A 50 -14.53 -15.32 1.54
N ALA A 51 -13.91 -15.55 2.66
CA ALA A 51 -13.58 -14.45 3.52
C ALA A 51 -12.14 -14.08 3.57
N ASN A 52 -11.55 -13.55 2.51
CA ASN A 52 -10.19 -13.07 2.65
C ASN A 52 -9.22 -14.20 2.99
N PRO A 53 -8.46 -14.75 2.08
CA PRO A 53 -7.58 -15.90 2.39
C PRO A 53 -6.73 -15.72 3.62
N ASP A 54 -6.58 -14.48 4.11
CA ASP A 54 -5.83 -14.26 5.33
C ASP A 54 -6.47 -15.09 6.39
N CYS A 55 -7.79 -15.02 6.42
CA CYS A 55 -8.46 -15.74 7.43
C CYS A 55 -8.45 -17.18 7.02
N LYS A 56 -8.60 -17.48 5.74
CA LYS A 56 -8.67 -18.87 5.32
C LYS A 56 -7.45 -19.67 5.76
N THR A 57 -6.31 -19.07 5.70
CA THR A 57 -5.14 -19.76 6.15
C THR A 57 -5.16 -19.85 7.71
N ILE A 58 -5.89 -18.91 8.36
CA ILE A 58 -5.99 -18.86 9.83
C ILE A 58 -7.04 -19.82 10.40
N LEU A 59 -8.28 -19.72 9.94
CA LEU A 59 -9.36 -20.54 10.39
C LEU A 59 -8.93 -21.96 10.12
N LYS A 60 -8.35 -22.18 8.93
CA LYS A 60 -7.95 -23.54 8.59
C LYS A 60 -6.92 -24.01 9.61
N ALA A 61 -5.99 -23.11 9.97
CA ALA A 61 -4.97 -23.44 10.98
C ALA A 61 -5.59 -23.71 12.38
N LEU A 62 -6.56 -22.88 12.76
CA LEU A 62 -7.22 -23.03 14.05
C LEU A 62 -7.92 -24.35 14.09
N GLY A 63 -8.51 -24.68 12.97
CA GLY A 63 -9.29 -25.91 12.86
C GLY A 63 -10.75 -25.42 12.65
N PRO A 64 -11.45 -25.79 11.57
CA PRO A 64 -12.78 -25.25 11.35
C PRO A 64 -13.69 -25.48 12.55
N GLY A 65 -14.69 -24.65 12.66
CA GLY A 65 -15.60 -24.76 13.77
C GLY A 65 -15.07 -24.04 14.99
N ALA A 66 -13.89 -23.41 14.89
CA ALA A 66 -13.39 -22.66 16.01
C ALA A 66 -14.45 -21.62 16.33
N THR A 67 -14.63 -21.32 17.59
CA THR A 67 -15.64 -20.35 17.95
C THR A 67 -15.34 -19.08 17.27
N LEU A 68 -16.34 -18.27 17.12
CA LEU A 68 -16.13 -17.02 16.47
C LEU A 68 -15.14 -16.19 17.28
N GLU A 69 -15.20 -16.35 18.58
CA GLU A 69 -14.28 -15.60 19.41
C GLU A 69 -12.84 -16.04 19.10
N GLU A 70 -12.65 -17.34 18.99
CA GLU A 70 -11.34 -17.92 18.67
C GLU A 70 -10.88 -17.54 17.24
N MET A 71 -11.80 -17.61 16.24
CA MET A 71 -11.49 -17.23 14.85
C MET A 71 -11.14 -15.78 14.80
N MET A 72 -11.86 -15.01 15.60
CA MET A 72 -11.68 -13.57 15.65
C MET A 72 -10.33 -13.22 16.21
N THR A 73 -9.99 -13.83 17.31
CA THR A 73 -8.77 -13.49 17.96
C THR A 73 -7.64 -13.66 17.02
N ALA A 74 -7.63 -14.80 16.36
CA ALA A 74 -6.58 -15.12 15.42
C ALA A 74 -6.69 -14.29 14.15
N CYS A 75 -7.92 -14.13 13.70
CA CYS A 75 -8.16 -13.39 12.49
C CYS A 75 -8.08 -11.92 12.70
N GLN A 76 -7.86 -11.49 13.95
CA GLN A 76 -7.57 -10.12 14.10
C GLN A 76 -6.17 -9.93 13.46
N GLY A 77 -5.39 -11.07 13.26
CA GLY A 77 -4.14 -11.06 12.56
C GLY A 77 -4.41 -10.67 11.09
N VAL A 78 -5.63 -10.86 10.59
CA VAL A 78 -6.01 -10.50 9.14
C VAL A 78 -5.83 -9.02 8.92
N GLY A 79 -5.48 -8.50 7.66
CA GLY A 79 -5.13 -7.07 7.67
C GLY A 79 -3.91 -6.72 6.84
N GLY A 80 -3.63 -5.46 6.48
CA GLY A 80 -2.45 -5.33 5.62
C GLY A 80 -1.12 -5.49 6.40
N PRO A 81 -0.71 -4.51 7.13
CA PRO A 81 0.53 -4.59 7.96
C PRO A 81 0.33 -5.58 9.07
N GLY A 82 -0.94 -5.66 9.55
CA GLY A 82 -1.29 -6.53 10.68
C GLY A 82 -1.08 -8.02 10.36
N HIS A 83 -1.51 -8.45 9.18
CA HIS A 83 -1.29 -9.84 8.79
C HIS A 83 0.11 -9.96 8.33
N LYS A 84 0.60 -8.94 7.67
CA LYS A 84 1.97 -8.92 7.18
C LYS A 84 3.02 -9.03 8.28
N ALA A 85 2.71 -8.48 9.42
CA ALA A 85 3.66 -8.54 10.53
C ALA A 85 3.96 -10.01 10.85
N ARG A 86 2.94 -10.82 10.77
CA ARG A 86 3.11 -12.23 11.02
C ARG A 86 3.48 -12.93 9.70
N VAL A 87 2.54 -12.92 8.78
CA VAL A 87 2.66 -13.59 7.47
C VAL A 87 3.93 -13.27 6.74
N LEU A 88 4.46 -12.07 6.85
CA LEU A 88 5.71 -11.84 6.16
C LEU A 88 6.82 -12.72 6.83
N ALA A 89 6.82 -12.73 8.17
CA ALA A 89 7.77 -13.54 8.89
C ALA A 89 7.56 -15.00 8.56
N GLU A 90 6.29 -15.35 8.34
CA GLU A 90 5.96 -16.75 8.05
C GLU A 90 6.35 -17.21 6.64
N ALA A 91 5.80 -16.58 5.62
CA ALA A 91 6.03 -17.00 4.23
C ALA A 91 7.52 -16.99 3.95
N MET A 92 8.18 -16.00 4.51
CA MET A 92 9.61 -15.89 4.38
C MET A 92 10.30 -17.11 4.96
N SER A 93 9.78 -17.58 6.09
CA SER A 93 10.36 -18.76 6.70
C SER A 93 9.76 -20.03 6.07
N GLN A 94 8.68 -19.89 5.27
CA GLN A 94 8.15 -21.05 4.58
C GLN A 94 9.12 -21.43 3.50
N VAL A 95 9.76 -20.45 2.92
CA VAL A 95 10.72 -20.76 1.89
C VAL A 95 12.07 -21.21 2.47
N THR A 96 12.56 -20.47 3.46
CA THR A 96 13.87 -20.78 4.01
C THR A 96 13.90 -21.79 5.18
N ASN A 97 13.20 -21.48 6.27
CA ASN A 97 13.33 -22.34 7.45
C ASN A 97 12.33 -23.50 7.67
N THR A 98 11.02 -23.21 7.75
CA THR A 98 10.07 -24.26 8.11
C THR A 98 9.49 -25.09 6.97
N ALA A 99 9.13 -24.45 5.88
CA ALA A 99 8.53 -25.17 4.75
C ALA A 99 9.48 -25.27 3.58
N THR A 100 10.78 -25.25 3.83
CA THR A 100 11.73 -25.26 2.73
C THR A 100 11.55 -26.56 1.96
N ILE A 101 11.11 -26.39 0.72
CA ILE A 101 10.82 -27.52 -0.14
C ILE A 101 12.06 -27.93 -0.93
N MET A 102 12.41 -29.21 -0.83
CA MET A 102 13.58 -29.73 -1.52
C MET A 102 13.17 -30.79 -2.53
N GLY B 1 -14.29 3.78 -29.98
CA GLY B 1 -13.02 4.10 -29.27
C GLY B 1 -13.33 4.84 -27.97
N GLY B 2 -12.71 4.43 -26.87
CA GLY B 2 -12.95 5.05 -25.58
C GLY B 2 -14.38 4.71 -25.10
N SER B 3 -15.02 3.69 -25.72
CA SER B 3 -16.38 3.31 -25.32
C SER B 3 -16.35 2.53 -23.99
N PRO B 4 -17.14 2.88 -22.98
CA PRO B 4 -17.10 2.14 -21.68
C PRO B 4 -17.95 0.86 -21.66
N THR B 5 -17.67 0.02 -20.67
CA THR B 5 -18.40 -1.24 -20.41
C THR B 5 -18.25 -2.30 -21.48
N SER B 6 -17.45 -2.04 -22.47
CA SER B 6 -17.20 -3.02 -23.48
C SER B 6 -16.15 -4.04 -22.95
N ILE B 7 -15.74 -3.92 -21.63
CA ILE B 7 -14.65 -4.75 -21.03
C ILE B 7 -13.28 -4.20 -21.35
N LEU B 8 -13.19 -3.34 -22.36
CA LEU B 8 -11.97 -2.68 -22.71
C LEU B 8 -11.49 -1.88 -21.52
N ASP B 9 -12.40 -1.22 -20.73
CA ASP B 9 -11.84 -0.65 -19.55
C ASP B 9 -12.24 -1.46 -18.32
N ILE B 10 -12.86 -2.70 -18.38
CA ILE B 10 -13.24 -3.14 -17.06
C ILE B 10 -11.98 -3.50 -16.29
N ARG B 11 -11.86 -3.09 -15.02
CA ARG B 11 -10.60 -3.28 -14.31
C ARG B 11 -10.68 -3.69 -12.85
N GLN B 12 -9.90 -4.72 -12.53
CA GLN B 12 -9.75 -5.21 -11.18
C GLN B 12 -8.43 -4.68 -10.62
N GLY B 13 -8.57 -3.96 -9.55
CA GLY B 13 -7.44 -3.37 -8.89
C GLY B 13 -6.57 -4.44 -8.34
N PRO B 14 -5.36 -4.15 -8.00
CA PRO B 14 -4.41 -5.15 -7.46
C PRO B 14 -4.98 -5.78 -6.21
N LYS B 15 -5.72 -4.95 -5.47
CA LYS B 15 -6.33 -5.38 -4.24
C LYS B 15 -7.84 -5.60 -4.45
N GLU B 16 -8.34 -5.48 -5.69
CA GLU B 16 -9.76 -5.66 -5.90
C GLU B 16 -10.02 -7.16 -6.14
N PRO B 17 -10.93 -7.80 -5.44
CA PRO B 17 -11.15 -9.25 -5.63
C PRO B 17 -11.68 -9.62 -6.99
N PHE B 18 -11.28 -10.83 -7.38
CA PHE B 18 -11.72 -11.45 -8.60
C PHE B 18 -13.21 -11.55 -8.60
N ARG B 19 -13.79 -12.04 -7.52
CA ARG B 19 -15.25 -12.12 -7.45
C ARG B 19 -15.91 -10.75 -7.68
N ASP B 20 -15.43 -9.72 -6.99
CA ASP B 20 -16.00 -8.36 -7.13
C ASP B 20 -15.87 -7.83 -8.56
N TYR B 21 -14.69 -7.96 -9.12
CA TYR B 21 -14.45 -7.48 -10.46
C TYR B 21 -15.26 -8.26 -11.45
N VAL B 22 -15.43 -9.53 -11.18
CA VAL B 22 -16.24 -10.34 -12.04
C VAL B 22 -17.61 -9.72 -12.08
N ASP B 23 -18.03 -9.20 -10.93
CA ASP B 23 -19.32 -8.57 -10.88
C ASP B 23 -19.30 -7.39 -11.82
N ARG B 24 -18.15 -6.74 -11.93
CA ARG B 24 -17.96 -5.59 -12.85
C ARG B 24 -17.79 -6.08 -14.32
N PHE B 25 -17.30 -7.28 -14.51
CA PHE B 25 -17.12 -7.83 -15.83
C PHE B 25 -18.45 -8.45 -16.31
N TYR B 26 -19.30 -8.82 -15.36
CA TYR B 26 -20.59 -9.38 -15.74
C TYR B 26 -21.53 -8.21 -15.95
N LYS B 27 -21.64 -7.41 -14.87
CA LYS B 27 -22.49 -6.24 -14.84
C LYS B 27 -22.09 -5.25 -15.90
N THR B 28 -20.79 -5.01 -16.13
CA THR B 28 -20.51 -4.05 -17.16
C THR B 28 -20.80 -4.71 -18.51
N LEU B 29 -20.89 -6.07 -18.56
CA LEU B 29 -21.30 -6.70 -19.78
C LEU B 29 -22.86 -6.58 -19.92
N ARG B 30 -23.58 -6.23 -18.81
CA ARG B 30 -25.04 -6.02 -18.84
C ARG B 30 -25.29 -4.83 -19.75
N ALA B 31 -24.42 -3.83 -19.62
CA ALA B 31 -24.51 -2.63 -20.43
C ALA B 31 -24.20 -2.97 -21.89
N GLU B 32 -23.42 -4.02 -22.10
CA GLU B 32 -23.05 -4.45 -23.44
C GLU B 32 -24.05 -5.48 -23.99
N GLN B 33 -24.62 -5.22 -25.16
CA GLN B 33 -25.56 -6.16 -25.76
C GLN B 33 -24.80 -7.19 -26.59
N ALA B 34 -24.44 -8.31 -25.97
CA ALA B 34 -23.65 -9.33 -26.66
C ALA B 34 -24.19 -10.73 -26.45
N SER B 35 -23.51 -11.68 -27.08
CA SER B 35 -23.82 -13.08 -26.93
C SER B 35 -23.00 -13.59 -25.75
N GLN B 36 -23.38 -14.70 -25.16
CA GLN B 36 -22.60 -15.18 -24.03
C GLN B 36 -21.25 -15.73 -24.50
N GLU B 37 -21.20 -16.29 -25.71
CA GLU B 37 -19.93 -16.79 -26.26
C GLU B 37 -19.07 -15.60 -26.69
N VAL B 38 -19.71 -14.52 -27.04
CA VAL B 38 -18.99 -13.34 -27.39
C VAL B 38 -18.19 -12.85 -26.16
N LYS B 39 -18.89 -12.76 -25.08
CA LYS B 39 -18.30 -12.32 -23.85
C LYS B 39 -17.20 -13.29 -23.44
N ASN B 40 -17.16 -14.48 -24.03
CA ASN B 40 -16.14 -15.45 -23.66
C ASN B 40 -14.68 -14.89 -23.78
N TRP B 41 -14.33 -14.03 -24.79
CA TRP B 41 -12.94 -13.44 -24.76
C TRP B 41 -12.78 -12.72 -23.41
N MET B 42 -13.87 -12.31 -22.82
CA MET B 42 -13.84 -11.64 -21.56
C MET B 42 -13.86 -12.64 -20.42
N THR B 43 -14.99 -13.38 -20.25
CA THR B 43 -15.13 -14.37 -19.16
C THR B 43 -13.86 -15.20 -19.04
N GLU B 44 -13.33 -15.58 -20.21
CA GLU B 44 -12.09 -16.34 -20.31
C GLU B 44 -10.82 -15.48 -20.47
N THR B 45 -10.77 -14.48 -21.39
CA THR B 45 -9.49 -13.69 -21.59
C THR B 45 -9.35 -12.31 -20.87
N LEU B 46 -10.22 -11.25 -21.06
CA LEU B 46 -9.94 -9.92 -20.36
C LEU B 46 -10.17 -10.13 -18.86
N LEU B 47 -11.06 -11.09 -18.50
CA LEU B 47 -11.27 -11.55 -17.10
C LEU B 47 -9.92 -12.17 -16.65
N VAL B 48 -9.11 -12.67 -17.59
CA VAL B 48 -7.81 -13.23 -17.25
C VAL B 48 -6.71 -12.17 -17.35
N GLN B 49 -6.87 -11.16 -18.25
CA GLN B 49 -5.83 -10.17 -18.47
C GLN B 49 -5.83 -8.99 -17.51
N ASN B 50 -6.94 -8.27 -17.43
CA ASN B 50 -7.00 -7.07 -16.58
C ASN B 50 -7.43 -7.35 -15.17
N ALA B 51 -7.85 -8.57 -14.91
CA ALA B 51 -8.39 -8.86 -13.63
C ALA B 51 -7.40 -9.10 -12.55
N ASN B 52 -6.63 -8.06 -12.16
CA ASN B 52 -5.76 -8.22 -11.01
C ASN B 52 -4.67 -9.20 -11.36
N PRO B 53 -3.46 -8.82 -11.61
CA PRO B 53 -2.42 -9.80 -12.06
C PRO B 53 -2.34 -11.06 -11.21
N ASP B 54 -2.89 -10.99 -9.98
CA ASP B 54 -2.97 -12.12 -9.10
C ASP B 54 -3.67 -13.23 -9.90
N CYS B 55 -4.76 -12.85 -10.56
CA CYS B 55 -5.53 -13.79 -11.33
C CYS B 55 -4.63 -14.27 -12.47
N LYS B 56 -3.69 -13.46 -12.93
CA LYS B 56 -2.84 -13.91 -14.02
C LYS B 56 -2.01 -15.08 -13.54
N THR B 57 -1.35 -14.87 -12.43
CA THR B 57 -0.55 -15.91 -11.85
C THR B 57 -1.41 -17.10 -11.34
N ILE B 58 -2.71 -16.88 -11.07
CA ILE B 58 -3.62 -17.98 -10.62
C ILE B 58 -4.23 -18.69 -11.83
N LEU B 59 -5.03 -17.97 -12.60
CA LEU B 59 -5.69 -18.50 -13.81
C LEU B 59 -4.63 -19.17 -14.74
N LYS B 60 -3.33 -18.90 -14.56
CA LYS B 60 -2.33 -19.57 -15.41
C LYS B 60 -2.05 -20.97 -14.86
N ALA B 61 -2.18 -21.11 -13.53
CA ALA B 61 -1.99 -22.41 -12.86
C ALA B 61 -3.32 -23.17 -12.79
N LEU B 62 -4.29 -22.54 -12.14
CA LEU B 62 -5.66 -23.04 -12.04
C LEU B 62 -6.17 -23.29 -13.41
N GLY B 63 -5.78 -22.39 -14.30
CA GLY B 63 -6.25 -22.47 -15.64
C GLY B 63 -7.32 -21.39 -15.80
N PRO B 64 -7.60 -20.99 -16.99
CA PRO B 64 -8.66 -19.98 -17.30
C PRO B 64 -10.01 -20.70 -17.54
N GLY B 65 -11.08 -19.93 -17.59
CA GLY B 65 -12.39 -20.47 -17.82
C GLY B 65 -12.86 -21.29 -16.63
N ALA B 66 -12.07 -21.32 -15.53
CA ALA B 66 -12.49 -22.12 -14.40
C ALA B 66 -13.85 -21.62 -13.98
N THR B 67 -14.71 -22.55 -13.63
CA THR B 67 -16.07 -22.19 -13.29
C THR B 67 -16.09 -21.12 -12.26
N LEU B 68 -17.15 -20.35 -12.29
CA LEU B 68 -17.25 -19.25 -11.39
C LEU B 68 -17.11 -19.76 -9.97
N GLU B 69 -17.45 -21.01 -9.73
CA GLU B 69 -17.26 -21.55 -8.41
C GLU B 69 -15.76 -21.83 -8.15
N GLU B 70 -15.05 -22.27 -9.22
CA GLU B 70 -13.60 -22.61 -9.14
C GLU B 70 -12.71 -21.35 -9.13
N MET B 71 -12.75 -20.55 -10.22
CA MET B 71 -11.96 -19.29 -10.24
C MET B 71 -12.30 -18.46 -9.00
N MET B 72 -13.46 -18.67 -8.40
CA MET B 72 -13.79 -17.91 -7.19
C MET B 72 -12.96 -18.36 -6.02
N THR B 73 -12.99 -19.66 -5.79
CA THR B 73 -12.27 -20.26 -4.67
C THR B 73 -10.79 -19.98 -4.79
N ALA B 74 -10.30 -20.00 -6.02
CA ALA B 74 -8.90 -19.83 -6.27
C ALA B 74 -8.53 -18.39 -6.32
N CYS B 75 -9.32 -17.64 -7.04
CA CYS B 75 -9.03 -16.24 -7.10
C CYS B 75 -9.47 -15.57 -5.83
N GLN B 76 -10.06 -16.28 -4.88
CA GLN B 76 -10.27 -15.63 -3.63
C GLN B 76 -8.85 -15.40 -3.05
N GLY B 77 -7.81 -16.15 -3.55
CA GLY B 77 -6.43 -15.94 -3.17
C GLY B 77 -6.05 -14.52 -3.56
N VAL B 78 -6.70 -13.99 -4.58
CA VAL B 78 -6.41 -12.60 -5.08
C VAL B 78 -6.57 -11.66 -3.93
N GLY B 79 -5.75 -10.51 -3.80
CA GLY B 79 -5.94 -9.80 -2.53
C GLY B 79 -4.72 -9.22 -1.87
N GLY B 80 -4.79 -8.02 -1.21
CA GLY B 80 -3.51 -7.54 -0.71
C GLY B 80 -2.87 -8.53 0.29
N PRO B 81 -3.32 -8.58 1.50
CA PRO B 81 -2.79 -9.58 2.44
C PRO B 81 -3.34 -10.98 2.09
N GLY B 82 -4.52 -10.99 1.41
CA GLY B 82 -5.16 -12.25 1.03
C GLY B 82 -4.26 -13.13 0.15
N HIS B 83 -3.60 -12.57 -0.84
CA HIS B 83 -2.74 -13.42 -1.63
C HIS B 83 -1.43 -13.55 -0.92
N LYS B 84 -0.97 -12.46 -0.32
CA LYS B 84 0.31 -12.45 0.40
C LYS B 84 0.36 -13.54 1.44
N ALA B 85 -0.79 -14.05 1.84
CA ALA B 85 -0.79 -15.13 2.78
C ALA B 85 0.01 -16.27 2.12
N ARG B 86 -0.32 -16.54 0.86
CA ARG B 86 0.38 -17.56 0.03
C ARG B 86 1.46 -16.99 -0.95
N VAL B 87 0.97 -16.25 -1.96
CA VAL B 87 1.80 -15.72 -3.06
C VAL B 87 3.06 -15.07 -2.62
N LEU B 88 3.03 -14.43 -1.44
CA LEU B 88 4.23 -13.80 -0.93
C LEU B 88 5.38 -14.83 -0.95
N ALA B 89 5.13 -15.97 -0.27
CA ALA B 89 6.08 -17.08 -0.16
C ALA B 89 6.35 -17.72 -1.53
N GLU B 90 5.35 -17.76 -2.39
CA GLU B 90 5.51 -18.40 -3.69
C GLU B 90 6.62 -17.73 -4.49
N ALA B 91 6.59 -16.42 -4.64
CA ALA B 91 7.65 -15.75 -5.38
C ALA B 91 8.94 -15.97 -4.63
N MET B 92 8.85 -15.94 -3.32
CA MET B 92 10.02 -16.18 -2.53
C MET B 92 10.56 -17.61 -2.87
N SER B 93 9.66 -18.49 -3.36
CA SER B 93 10.10 -19.83 -3.76
C SER B 93 10.31 -19.90 -5.30
N GLN B 94 9.89 -18.85 -6.05
CA GLN B 94 10.07 -18.80 -7.51
C GLN B 94 11.52 -18.63 -7.81
N VAL B 95 12.17 -17.86 -6.97
CA VAL B 95 13.58 -17.64 -7.14
C VAL B 95 14.43 -18.66 -6.38
N THR B 96 14.04 -18.99 -5.15
CA THR B 96 14.86 -19.88 -4.33
C THR B 96 14.58 -21.39 -4.45
N ASN B 97 13.35 -21.81 -4.18
CA ASN B 97 13.06 -23.26 -4.13
C ASN B 97 12.61 -23.98 -5.41
N THR B 98 11.52 -23.54 -6.05
CA THR B 98 11.01 -24.30 -7.20
C THR B 98 11.43 -23.81 -8.57
N ALA B 99 11.44 -22.51 -8.78
CA ALA B 99 11.78 -21.94 -10.08
C ALA B 99 13.17 -21.30 -10.04
N THR B 100 14.06 -21.82 -9.21
CA THR B 100 15.37 -21.23 -9.11
C THR B 100 16.08 -21.33 -10.44
N ILE B 101 16.46 -20.16 -10.92
CA ILE B 101 17.11 -20.03 -12.22
C ILE B 101 18.63 -19.98 -12.05
N MET B 102 19.32 -20.89 -12.72
CA MET B 102 20.78 -20.94 -12.64
C MET B 102 21.40 -20.66 -14.01
N GLY C 1 0.97 25.60 -22.79
CA GLY C 1 1.49 24.87 -21.58
C GLY C 1 0.36 24.70 -20.57
N GLY C 2 0.27 23.51 -19.97
CA GLY C 2 -0.78 23.24 -19.02
C GLY C 2 -2.13 23.17 -19.74
N SER C 3 -2.12 23.02 -21.08
CA SER C 3 -3.38 22.92 -21.80
C SER C 3 -4.09 21.69 -21.26
N PRO C 4 -5.39 21.71 -21.08
CA PRO C 4 -6.05 20.52 -20.50
C PRO C 4 -5.84 19.23 -21.30
N THR C 5 -5.26 18.27 -20.61
CA THR C 5 -5.04 16.92 -21.12
C THR C 5 -4.76 16.80 -22.62
N SER C 6 -3.59 17.21 -23.02
CA SER C 6 -3.18 17.08 -24.42
C SER C 6 -2.40 15.75 -24.69
N ILE C 7 -2.25 14.92 -23.65
CA ILE C 7 -1.38 13.73 -23.66
C ILE C 7 0.08 14.20 -23.66
N LEU C 8 0.27 15.29 -22.97
CA LEU C 8 1.54 15.82 -22.74
C LEU C 8 1.78 15.53 -21.30
N ASP C 9 0.77 15.90 -20.43
CA ASP C 9 0.88 15.44 -19.09
C ASP C 9 -0.23 14.44 -18.81
N ILE C 10 -0.81 13.68 -19.81
CA ILE C 10 -1.90 12.86 -19.31
C ILE C 10 -1.23 11.80 -18.45
N ARG C 11 -1.88 11.09 -17.52
CA ARG C 11 -1.10 10.14 -16.67
C ARG C 11 -1.79 8.82 -16.32
N GLN C 12 -0.96 7.77 -16.17
CA GLN C 12 -1.42 6.47 -15.72
C GLN C 12 -1.10 6.41 -14.28
N GLY C 13 -2.03 6.01 -13.45
CA GLY C 13 -1.71 5.92 -12.05
C GLY C 13 -0.56 4.90 -11.95
N PRO C 14 0.43 5.11 -11.14
CA PRO C 14 1.52 4.14 -11.09
C PRO C 14 0.97 2.80 -10.65
N LYS C 15 -0.14 2.81 -9.91
CA LYS C 15 -0.78 1.55 -9.57
C LYS C 15 -1.96 1.28 -10.51
N GLU C 16 -2.51 2.35 -11.08
CA GLU C 16 -3.64 2.22 -11.97
C GLU C 16 -3.30 1.30 -13.15
N PRO C 17 -4.19 0.43 -13.57
CA PRO C 17 -3.89 -0.44 -14.74
C PRO C 17 -3.81 0.40 -16.00
N PHE C 18 -3.10 -0.20 -16.92
CA PHE C 18 -2.81 0.35 -18.21
C PHE C 18 -4.06 0.81 -18.93
N ARG C 19 -5.13 0.06 -18.81
CA ARG C 19 -6.38 0.35 -19.54
C ARG C 19 -7.14 1.58 -19.06
N ASP C 20 -7.22 1.81 -17.76
CA ASP C 20 -7.93 2.99 -17.29
C ASP C 20 -7.31 4.21 -17.93
N TYR C 21 -6.01 4.16 -17.96
CA TYR C 21 -5.19 5.20 -18.52
C TYR C 21 -5.17 5.24 -20.04
N VAL C 22 -5.09 4.08 -20.67
CA VAL C 22 -5.12 4.04 -22.12
C VAL C 22 -6.46 4.69 -22.52
N ASP C 23 -7.47 4.44 -21.70
CA ASP C 23 -8.78 5.04 -21.92
C ASP C 23 -8.71 6.57 -21.68
N ARG C 24 -7.81 7.00 -20.75
CA ARG C 24 -7.63 8.41 -20.44
C ARG C 24 -6.91 9.16 -21.57
N PHE C 25 -5.68 8.74 -21.93
CA PHE C 25 -4.97 9.42 -23.00
C PHE C 25 -5.85 9.40 -24.23
N TYR C 26 -6.56 8.31 -24.47
CA TYR C 26 -7.42 8.28 -25.64
C TYR C 26 -8.57 9.30 -25.49
N LYS C 27 -9.31 9.18 -24.39
CA LYS C 27 -10.47 10.03 -24.16
C LYS C 27 -10.09 11.48 -24.37
N THR C 28 -8.91 11.84 -23.93
CA THR C 28 -8.45 13.20 -24.10
C THR C 28 -7.72 13.41 -25.46
N LEU C 29 -7.31 12.30 -26.13
CA LEU C 29 -6.70 12.41 -27.48
C LEU C 29 -7.68 13.09 -28.40
N ARG C 30 -8.96 12.76 -28.19
CA ARG C 30 -10.03 13.37 -28.93
C ARG C 30 -10.01 14.87 -28.65
N ALA C 31 -9.72 15.25 -27.41
CA ALA C 31 -9.67 16.68 -27.09
C ALA C 31 -8.42 17.32 -27.73
N GLU C 32 -7.33 16.58 -27.78
CA GLU C 32 -6.14 17.11 -28.38
C GLU C 32 -6.32 16.97 -29.87
N GLN C 33 -6.57 18.08 -30.55
CA GLN C 33 -6.77 18.06 -31.98
C GLN C 33 -5.46 17.66 -32.65
N ALA C 34 -5.28 16.35 -32.82
CA ALA C 34 -4.04 15.81 -33.39
C ALA C 34 -4.32 14.97 -34.63
N SER C 35 -3.26 14.74 -35.39
CA SER C 35 -3.30 13.93 -36.61
C SER C 35 -3.09 12.50 -36.19
N GLN C 36 -3.49 11.52 -37.00
CA GLN C 36 -3.35 10.15 -36.56
C GLN C 36 -1.90 9.84 -36.18
N GLU C 37 -0.95 10.36 -36.94
CA GLU C 37 0.46 10.13 -36.64
C GLU C 37 0.82 10.69 -35.26
N VAL C 38 0.32 11.90 -34.98
CA VAL C 38 0.55 12.55 -33.71
C VAL C 38 -0.06 11.72 -32.59
N LYS C 39 -1.27 11.23 -32.85
CA LYS C 39 -1.95 10.40 -31.89
C LYS C 39 -1.08 9.13 -31.68
N ASN C 40 -0.28 8.76 -32.72
CA ASN C 40 0.62 7.59 -32.65
C ASN C 40 1.90 7.88 -31.77
N TRP C 41 2.20 9.20 -31.46
CA TRP C 41 3.31 9.52 -30.52
C TRP C 41 2.74 9.19 -29.19
N MET C 42 1.47 9.69 -29.01
CA MET C 42 0.71 9.58 -27.78
C MET C 42 0.49 8.11 -27.41
N THR C 43 0.24 7.27 -28.41
CA THR C 43 0.05 5.84 -28.15
C THR C 43 1.36 5.07 -28.06
N GLU C 44 2.29 5.40 -28.92
CA GLU C 44 3.54 4.64 -28.92
C GLU C 44 4.48 5.03 -27.82
N THR C 45 4.96 6.27 -27.83
CA THR C 45 5.91 6.70 -26.82
C THR C 45 5.32 7.46 -25.59
N LEU C 46 4.17 8.20 -25.68
CA LEU C 46 3.69 8.88 -24.46
C LEU C 46 3.18 7.84 -23.59
N LEU C 47 2.32 7.02 -24.20
CA LEU C 47 1.67 5.91 -23.48
C LEU C 47 2.68 5.14 -22.61
N VAL C 48 3.97 5.17 -22.98
CA VAL C 48 5.11 4.55 -22.27
C VAL C 48 5.75 5.52 -21.23
N GLN C 49 6.25 6.66 -21.79
CA GLN C 49 7.01 7.70 -21.05
C GLN C 49 6.36 8.31 -19.86
N ASN C 50 5.10 8.77 -19.94
CA ASN C 50 4.48 9.35 -18.73
C ASN C 50 3.65 8.35 -17.97
N ALA C 51 3.41 7.20 -18.55
CA ALA C 51 2.55 6.26 -17.90
C ALA C 51 3.19 5.21 -17.01
N ASN C 52 2.74 5.23 -15.70
CA ASN C 52 2.98 4.14 -14.73
C ASN C 52 4.10 3.22 -15.12
N PRO C 53 5.30 3.35 -14.67
CA PRO C 53 6.46 2.51 -15.17
C PRO C 53 6.18 1.00 -15.27
N ASP C 54 5.10 0.51 -14.65
CA ASP C 54 4.77 -0.89 -14.84
C ASP C 54 4.57 -1.11 -16.32
N CYS C 55 3.89 -0.17 -16.96
CA CYS C 55 3.63 -0.28 -18.37
C CYS C 55 4.80 0.31 -19.19
N LYS C 56 5.59 1.16 -18.62
CA LYS C 56 6.70 1.64 -19.38
C LYS C 56 7.64 0.47 -19.55
N THR C 57 8.16 -0.04 -18.42
CA THR C 57 9.08 -1.18 -18.46
C THR C 57 8.54 -2.31 -19.36
N ILE C 58 7.25 -2.63 -19.25
CA ILE C 58 6.67 -3.66 -20.13
C ILE C 58 6.70 -3.28 -21.60
N LEU C 59 6.22 -2.07 -21.87
CA LEU C 59 6.12 -1.58 -23.24
C LEU C 59 7.49 -1.66 -23.88
N LYS C 60 8.50 -1.26 -23.10
CA LYS C 60 9.92 -1.26 -23.53
C LYS C 60 10.50 -2.72 -23.56
N ALA C 61 9.82 -3.64 -22.88
CA ALA C 61 10.25 -5.03 -22.87
C ALA C 61 9.66 -5.77 -24.07
N LEU C 62 8.55 -5.25 -24.61
CA LEU C 62 7.93 -5.93 -25.74
C LEU C 62 8.53 -5.42 -27.04
N GLY C 63 8.53 -4.12 -27.12
CA GLY C 63 9.03 -3.37 -28.26
C GLY C 63 8.29 -2.04 -28.18
N PRO C 64 8.90 -0.91 -27.80
CA PRO C 64 8.17 0.40 -27.66
C PRO C 64 7.18 0.64 -28.77
N GLY C 65 5.91 0.87 -28.41
CA GLY C 65 4.87 1.09 -29.43
C GLY C 65 4.26 -0.22 -29.92
N ALA C 66 4.57 -1.33 -29.24
CA ALA C 66 3.99 -2.62 -29.61
C ALA C 66 2.48 -2.47 -29.67
N THR C 67 1.80 -3.41 -30.31
CA THR C 67 0.36 -3.30 -30.44
C THR C 67 -0.29 -3.08 -29.09
N LEU C 68 -1.43 -2.46 -29.07
CA LEU C 68 -2.02 -2.20 -27.80
C LEU C 68 -2.29 -3.52 -27.11
N GLU C 69 -2.62 -4.53 -27.91
CA GLU C 69 -2.91 -5.83 -27.35
C GLU C 69 -1.65 -6.46 -26.78
N GLU C 70 -0.51 -6.32 -27.46
CA GLU C 70 0.74 -6.91 -26.94
C GLU C 70 1.22 -6.11 -25.71
N MET C 71 1.10 -4.77 -25.79
CA MET C 71 1.48 -3.91 -24.66
C MET C 71 0.65 -4.35 -23.52
N MET C 72 -0.64 -4.55 -23.83
CA MET C 72 -1.65 -5.02 -22.88
C MET C 72 -1.41 -6.44 -22.43
N THR C 73 -0.81 -7.25 -23.24
CA THR C 73 -0.69 -8.64 -22.88
C THR C 73 0.08 -8.73 -21.62
N ALA C 74 1.14 -7.98 -21.60
CA ALA C 74 1.95 -7.92 -20.44
C ALA C 74 1.47 -6.77 -19.52
N CYS C 75 0.82 -5.75 -20.12
CA CYS C 75 0.37 -4.58 -19.32
C CYS C 75 -0.94 -4.73 -18.64
N GLN C 76 -1.71 -5.68 -18.98
CA GLN C 76 -2.86 -5.84 -18.18
C GLN C 76 -2.31 -6.38 -16.84
N GLY C 77 -1.08 -7.02 -16.86
CA GLY C 77 -0.45 -7.45 -15.64
C GLY C 77 -0.02 -6.21 -14.78
N VAL C 78 -0.14 -4.99 -15.32
CA VAL C 78 0.25 -3.69 -14.60
C VAL C 78 -0.56 -3.59 -13.34
N GLY C 79 -0.17 -2.76 -12.29
CA GLY C 79 -0.91 -2.95 -11.06
C GLY C 79 -0.03 -2.83 -9.87
N GLY C 80 -0.47 -2.80 -8.59
CA GLY C 80 0.59 -2.58 -7.63
C GLY C 80 1.40 -3.88 -7.39
N PRO C 81 1.07 -4.67 -6.38
CA PRO C 81 1.69 -5.99 -6.23
C PRO C 81 1.47 -6.77 -7.53
N GLY C 82 0.30 -6.52 -8.14
CA GLY C 82 -0.10 -7.20 -9.36
C GLY C 82 1.04 -7.41 -10.39
N HIS C 83 1.60 -6.30 -10.92
CA HIS C 83 2.71 -6.42 -11.86
C HIS C 83 3.85 -7.15 -11.16
N LYS C 84 3.97 -6.91 -9.87
CA LYS C 84 5.01 -7.55 -9.09
C LYS C 84 4.91 -9.04 -9.09
N ALA C 85 3.78 -9.58 -9.49
CA ALA C 85 3.65 -11.03 -9.52
C ALA C 85 4.79 -11.54 -10.39
N ARG C 86 5.00 -10.81 -11.48
CA ARG C 86 6.08 -11.10 -12.40
C ARG C 86 7.38 -10.38 -12.01
N VAL C 87 7.33 -9.03 -11.86
CA VAL C 87 8.52 -8.22 -11.57
C VAL C 87 9.17 -8.65 -10.26
N LEU C 88 8.39 -8.88 -9.19
CA LEU C 88 9.04 -9.36 -7.95
C LEU C 88 9.77 -10.67 -8.30
N ALA C 89 9.09 -11.52 -9.07
CA ALA C 89 9.70 -12.77 -9.47
C ALA C 89 11.00 -12.62 -10.30
N GLU C 90 11.03 -11.69 -11.25
CA GLU C 90 12.19 -11.54 -12.10
C GLU C 90 13.37 -10.81 -11.43
N ALA C 91 13.12 -9.60 -10.93
CA ALA C 91 14.17 -8.81 -10.31
C ALA C 91 14.80 -9.56 -9.14
N MET C 92 13.98 -10.25 -8.39
CA MET C 92 14.49 -11.04 -7.28
C MET C 92 15.63 -11.95 -7.73
N SER C 93 15.65 -12.31 -9.00
CA SER C 93 16.73 -13.16 -9.51
C SER C 93 17.75 -12.35 -10.31
N GLN C 94 17.45 -11.09 -10.63
CA GLN C 94 18.40 -10.28 -11.39
C GLN C 94 19.61 -9.95 -10.54
N VAL C 95 19.34 -9.49 -9.35
CA VAL C 95 20.39 -9.14 -8.42
C VAL C 95 21.22 -10.37 -8.04
N THR C 96 20.54 -11.50 -7.89
CA THR C 96 21.21 -12.72 -7.47
C THR C 96 21.72 -13.63 -8.62
N ASN C 97 20.81 -14.12 -9.47
CA ASN C 97 21.21 -15.08 -10.51
C ASN C 97 21.55 -14.56 -11.93
N THR C 98 20.63 -13.85 -12.58
CA THR C 98 20.86 -13.45 -13.99
C THR C 98 21.57 -12.12 -14.21
N ALA C 99 21.22 -11.12 -13.44
CA ALA C 99 21.80 -9.80 -13.62
C ALA C 99 22.84 -9.47 -12.57
N THR C 100 23.50 -10.48 -12.03
CA THR C 100 24.47 -10.20 -10.98
C THR C 100 25.55 -9.32 -11.55
N ILE C 101 25.55 -8.09 -11.07
CA ILE C 101 26.48 -7.08 -11.54
C ILE C 101 27.78 -7.14 -10.74
N MET C 102 28.85 -7.53 -11.41
CA MET C 102 30.14 -7.65 -10.75
C MET C 102 31.12 -6.60 -11.29
N GLY D 1 6.39 34.09 4.04
CA GLY D 1 6.99 32.80 3.57
C GLY D 1 6.26 31.64 4.23
N GLY D 2 6.33 30.45 3.62
CA GLY D 2 5.66 29.28 4.18
C GLY D 2 4.16 29.33 3.91
N SER D 3 3.70 30.28 3.08
CA SER D 3 2.30 30.32 2.76
C SER D 3 2.01 28.98 2.14
N PRO D 4 0.78 28.52 2.14
CA PRO D 4 0.45 27.18 1.58
C PRO D 4 1.06 26.94 0.21
N THR D 5 1.52 25.71 0.01
CA THR D 5 2.14 25.28 -1.24
C THR D 5 3.29 26.17 -1.73
N SER D 6 3.89 26.91 -0.83
CA SER D 6 5.01 27.79 -1.18
C SER D 6 6.22 27.13 -1.89
N ILE D 7 6.21 25.78 -2.26
CA ILE D 7 7.40 25.09 -2.85
C ILE D 7 8.30 24.61 -1.76
N LEU D 8 8.64 25.52 -0.86
CA LEU D 8 9.43 25.23 0.32
C LEU D 8 8.83 24.01 0.96
N ASP D 9 7.47 23.95 1.13
CA ASP D 9 6.94 22.67 1.53
C ASP D 9 6.10 21.97 0.43
N ILE D 10 6.22 22.22 -0.94
CA ILE D 10 5.25 21.52 -1.73
C ILE D 10 5.61 20.06 -1.64
N ARG D 11 4.63 19.15 -1.66
CA ARG D 11 4.93 17.74 -1.41
C ARG D 11 4.50 16.76 -2.47
N GLN D 12 5.43 15.88 -2.74
CA GLN D 12 5.20 14.79 -3.62
C GLN D 12 4.87 13.64 -2.73
N GLY D 13 3.69 13.16 -2.84
CA GLY D 13 3.34 12.07 -2.02
C GLY D 13 4.13 10.86 -2.45
N PRO D 14 4.37 9.91 -1.58
CA PRO D 14 5.08 8.70 -1.98
C PRO D 14 4.28 8.05 -3.13
N LYS D 15 2.94 8.28 -3.09
CA LYS D 15 2.02 7.78 -4.12
C LYS D 15 1.77 8.81 -5.26
N GLU D 16 2.32 10.01 -5.13
CA GLU D 16 2.10 11.02 -6.15
C GLU D 16 3.20 11.01 -7.24
N PRO D 17 2.92 10.61 -8.49
CA PRO D 17 3.96 10.61 -9.57
C PRO D 17 4.73 11.93 -9.68
N PHE D 18 5.92 11.86 -10.33
CA PHE D 18 6.77 13.05 -10.50
C PHE D 18 6.00 14.10 -11.24
N ARG D 19 5.35 13.75 -12.34
CA ARG D 19 4.56 14.75 -13.06
C ARG D 19 3.38 15.22 -12.19
N ASP D 20 2.71 14.27 -11.56
CA ASP D 20 1.54 14.58 -10.71
C ASP D 20 1.89 15.56 -9.60
N TYR D 21 3.08 15.41 -9.04
CA TYR D 21 3.51 16.30 -7.98
C TYR D 21 4.06 17.56 -8.54
N VAL D 22 4.84 17.41 -9.57
CA VAL D 22 5.39 18.53 -10.28
C VAL D 22 4.22 19.41 -10.74
N ASP D 23 3.04 18.80 -10.93
CA ASP D 23 1.87 19.59 -11.32
C ASP D 23 1.48 20.51 -10.18
N ARG D 24 1.63 20.01 -8.95
CA ARG D 24 1.32 20.78 -7.73
C ARG D 24 2.39 21.84 -7.44
N PHE D 25 3.64 21.44 -7.71
CA PHE D 25 4.83 22.27 -7.54
C PHE D 25 4.78 23.35 -8.59
N TYR D 26 4.23 23.03 -9.76
CA TYR D 26 4.12 24.05 -10.80
C TYR D 26 2.93 24.94 -10.56
N LYS D 27 1.79 24.33 -10.28
CA LYS D 27 0.57 25.08 -10.05
C LYS D 27 0.79 25.99 -8.90
N THR D 28 1.51 25.50 -7.93
CA THR D 28 1.82 26.32 -6.81
C THR D 28 3.01 27.24 -7.09
N LEU D 29 3.79 26.93 -8.10
CA LEU D 29 4.81 27.89 -8.47
C LEU D 29 4.08 29.10 -9.04
N ARG D 30 3.01 28.83 -9.80
CA ARG D 30 2.24 29.91 -10.36
C ARG D 30 1.74 30.75 -9.21
N ALA D 31 1.36 30.07 -8.13
CA ALA D 31 0.86 30.73 -6.94
C ALA D 31 1.98 31.45 -6.23
N GLU D 32 3.20 30.90 -6.36
CA GLU D 32 4.40 31.48 -5.74
C GLU D 32 4.90 32.70 -6.55
N GLN D 33 5.05 33.85 -5.86
CA GLN D 33 5.48 35.11 -6.51
C GLN D 33 7.00 35.18 -6.61
N ALA D 34 7.53 34.54 -7.64
CA ALA D 34 8.97 34.52 -7.85
C ALA D 34 9.38 34.89 -9.28
N SER D 35 10.55 35.46 -9.43
CA SER D 35 11.05 35.71 -10.76
C SER D 35 11.27 34.34 -11.35
N GLN D 36 11.54 34.28 -12.65
CA GLN D 36 11.74 32.99 -13.27
C GLN D 36 12.93 32.27 -12.63
N GLU D 37 14.00 33.02 -12.39
CA GLU D 37 15.17 32.46 -11.75
C GLU D 37 14.87 32.09 -10.32
N VAL D 38 14.09 32.92 -9.64
CA VAL D 38 13.72 32.60 -8.24
C VAL D 38 12.94 31.28 -8.22
N LYS D 39 12.11 31.09 -9.24
CA LYS D 39 11.37 29.84 -9.37
C LYS D 39 12.33 28.73 -9.86
N ASN D 40 13.46 29.09 -10.40
CA ASN D 40 14.34 28.07 -10.89
C ASN D 40 14.87 27.20 -9.74
N TRP D 41 15.29 27.80 -8.61
CA TRP D 41 15.79 26.95 -7.47
C TRP D 41 14.67 26.00 -7.04
N MET D 42 13.44 26.46 -7.19
CA MET D 42 12.28 25.72 -6.76
C MET D 42 12.11 24.50 -7.67
N THR D 43 12.62 24.60 -8.90
CA THR D 43 12.48 23.50 -9.83
C THR D 43 13.67 22.55 -9.81
N GLU D 44 14.86 23.12 -9.72
CA GLU D 44 16.13 22.39 -9.79
C GLU D 44 16.54 21.61 -8.55
N THR D 45 16.69 22.34 -7.46
CA THR D 45 17.10 21.72 -6.23
C THR D 45 15.91 21.35 -5.36
N LEU D 46 14.93 22.26 -5.11
CA LEU D 46 13.79 21.88 -4.25
C LEU D 46 13.20 20.64 -4.74
N LEU D 47 12.79 20.67 -6.02
CA LEU D 47 12.08 19.54 -6.62
C LEU D 47 12.78 18.24 -6.18
N VAL D 48 14.09 18.27 -6.10
CA VAL D 48 14.83 17.12 -5.60
C VAL D 48 14.61 16.95 -4.06
N GLN D 49 14.97 17.98 -3.32
CA GLN D 49 14.93 17.93 -1.86
C GLN D 49 13.57 17.60 -1.20
N ASN D 50 12.46 18.21 -1.63
CA ASN D 50 11.18 18.01 -0.91
C ASN D 50 10.18 17.14 -1.60
N ALA D 51 10.56 16.50 -2.70
CA ALA D 51 9.58 15.75 -3.49
C ALA D 51 9.66 14.25 -3.48
N ASN D 52 9.27 13.56 -2.40
CA ASN D 52 9.17 12.08 -2.48
C ASN D 52 10.48 11.38 -2.87
N PRO D 53 11.23 10.77 -1.95
CA PRO D 53 12.51 10.06 -2.26
C PRO D 53 12.49 9.17 -3.51
N ASP D 54 11.33 8.83 -4.05
CA ASP D 54 11.34 8.07 -5.29
C ASP D 54 12.08 8.89 -6.29
N CYS D 55 11.83 10.20 -6.32
CA CYS D 55 12.51 11.03 -7.27
C CYS D 55 13.86 11.46 -6.72
N LYS D 56 13.97 11.75 -5.43
CA LYS D 56 15.26 12.21 -4.87
C LYS D 56 16.42 11.28 -5.21
N THR D 57 16.17 9.99 -5.19
CA THR D 57 17.22 9.02 -5.53
C THR D 57 17.50 9.05 -7.07
N ILE D 58 16.50 9.52 -7.84
CA ILE D 58 16.60 9.65 -9.32
C ILE D 58 17.32 10.93 -9.72
N LEU D 59 16.78 12.06 -9.29
CA LEU D 59 17.38 13.32 -9.58
C LEU D 59 18.79 13.29 -9.02
N LYS D 60 18.99 12.74 -7.80
CA LYS D 60 20.35 12.74 -7.27
C LYS D 60 21.23 11.97 -8.24
N ALA D 61 20.65 10.89 -8.79
CA ALA D 61 21.34 10.11 -9.84
C ALA D 61 21.62 11.00 -11.11
N LEU D 62 20.69 11.87 -11.44
CA LEU D 62 20.83 12.75 -12.61
C LEU D 62 21.63 14.04 -12.28
N GLY D 63 21.93 14.27 -11.01
CA GLY D 63 22.58 15.51 -10.58
C GLY D 63 21.46 16.60 -10.43
N PRO D 64 21.26 17.25 -9.30
CA PRO D 64 20.16 18.29 -9.14
C PRO D 64 20.23 19.42 -10.19
N GLY D 65 19.23 19.42 -11.05
CA GLY D 65 19.18 20.38 -12.15
C GLY D 65 19.26 19.70 -13.50
N ALA D 66 19.03 18.39 -13.54
CA ALA D 66 18.90 17.73 -14.83
C ALA D 66 17.69 18.43 -15.45
N THR D 67 17.58 18.59 -16.78
CA THR D 67 16.45 19.40 -17.31
C THR D 67 15.13 18.93 -16.77
N LEU D 68 14.14 19.75 -16.87
CA LEU D 68 12.89 19.33 -16.31
C LEU D 68 12.40 18.15 -17.10
N GLU D 69 12.43 18.30 -18.43
CA GLU D 69 12.03 17.23 -19.29
C GLU D 69 12.90 16.00 -19.06
N GLU D 70 14.23 16.18 -19.06
CA GLU D 70 15.11 15.00 -18.86
C GLU D 70 14.83 14.33 -17.50
N MET D 71 14.64 15.12 -16.43
CA MET D 71 14.32 14.56 -15.11
C MET D 71 12.96 13.97 -15.21
N MET D 72 12.10 14.48 -16.09
CA MET D 72 10.78 13.92 -16.15
C MET D 72 10.84 12.46 -16.60
N THR D 73 11.55 12.19 -17.67
CA THR D 73 11.63 10.82 -18.17
C THR D 73 12.04 9.85 -17.07
N ALA D 74 13.11 10.18 -16.35
CA ALA D 74 13.59 9.29 -15.28
C ALA D 74 12.69 9.31 -14.07
N CYS D 75 12.33 10.50 -13.65
CA CYS D 75 11.50 10.66 -12.51
C CYS D 75 10.12 10.06 -12.78
N GLN D 76 9.78 9.79 -14.06
CA GLN D 76 8.52 9.09 -14.34
C GLN D 76 8.61 7.69 -13.72
N GLY D 77 9.85 7.18 -13.55
CA GLY D 77 10.09 5.92 -12.90
C GLY D 77 9.53 5.94 -11.46
N VAL D 78 9.19 7.15 -10.94
CA VAL D 78 8.63 7.37 -9.55
C VAL D 78 7.23 6.80 -9.51
N GLY D 79 6.71 6.27 -8.33
CA GLY D 79 5.42 5.58 -8.51
C GLY D 79 5.37 4.26 -7.78
N GLY D 80 4.22 3.70 -7.44
CA GLY D 80 4.38 2.54 -6.62
C GLY D 80 5.02 1.34 -7.30
N PRO D 81 4.28 0.54 -8.00
CA PRO D 81 4.81 -0.68 -8.69
C PRO D 81 5.70 -0.33 -9.84
N GLY D 82 5.66 0.94 -10.26
CA GLY D 82 6.50 1.35 -11.33
C GLY D 82 7.92 1.62 -10.80
N HIS D 83 8.00 2.35 -9.66
CA HIS D 83 9.31 2.72 -9.06
C HIS D 83 9.85 1.69 -8.15
N LYS D 84 8.96 1.10 -7.44
CA LYS D 84 9.36 0.14 -6.48
C LYS D 84 10.08 -1.00 -7.16
N ALA D 85 9.89 -1.18 -8.45
CA ALA D 85 10.66 -2.21 -9.12
C ALA D 85 12.13 -1.77 -9.14
N ARG D 86 12.39 -0.50 -9.52
CA ARG D 86 13.77 0.05 -9.63
C ARG D 86 14.45 0.20 -8.27
N VAL D 87 13.64 0.58 -7.25
CA VAL D 87 14.06 0.75 -5.82
C VAL D 87 14.23 -0.59 -5.13
N LEU D 88 13.35 -1.49 -5.40
CA LEU D 88 13.50 -2.82 -4.83
C LEU D 88 14.70 -3.47 -5.55
N ALA D 89 14.76 -3.25 -6.87
CA ALA D 89 15.86 -3.79 -7.66
C ALA D 89 17.17 -3.16 -7.21
N GLU D 90 17.12 -1.86 -6.87
CA GLU D 90 18.34 -1.13 -6.45
C GLU D 90 18.71 -1.37 -4.98
N ALA D 91 17.83 -0.95 -4.08
CA ALA D 91 18.02 -1.06 -2.62
C ALA D 91 18.24 -2.50 -2.12
N MET D 92 17.56 -3.48 -2.72
CA MET D 92 17.78 -4.83 -2.27
C MET D 92 19.24 -5.22 -2.57
N SER D 93 19.73 -4.72 -3.72
CA SER D 93 21.10 -4.98 -4.16
C SER D 93 22.06 -3.97 -3.54
N GLN D 94 21.52 -2.90 -2.91
CA GLN D 94 22.42 -1.99 -2.21
C GLN D 94 23.03 -2.77 -1.06
N VAL D 95 22.32 -3.78 -0.57
CA VAL D 95 22.85 -4.55 0.49
C VAL D 95 23.69 -5.72 0.02
N THR D 96 23.16 -6.50 -0.94
CA THR D 96 23.85 -7.71 -1.39
C THR D 96 24.83 -7.58 -2.58
N ASN D 97 24.37 -7.14 -3.76
CA ASN D 97 25.28 -7.14 -4.93
C ASN D 97 26.00 -5.83 -5.27
N THR D 98 25.23 -4.78 -5.57
CA THR D 98 25.82 -3.51 -6.04
C THR D 98 26.52 -2.66 -4.99
N ALA D 99 25.94 -2.52 -3.82
CA ALA D 99 26.50 -1.66 -2.78
C ALA D 99 26.73 -2.38 -1.47
N THR D 100 27.03 -3.67 -1.51
CA THR D 100 27.21 -4.40 -0.27
C THR D 100 28.41 -3.86 0.48
N ILE D 101 28.11 -3.31 1.64
CA ILE D 101 29.13 -2.71 2.49
C ILE D 101 29.72 -3.77 3.43
N MET D 102 31.04 -3.88 3.43
CA MET D 102 31.71 -4.86 4.29
C MET D 102 32.40 -4.16 5.45
N GLY E 1 -8.61 21.84 29.85
CA GLY E 1 -7.15 21.95 29.52
C GLY E 1 -6.73 20.77 28.65
N GLY E 2 -5.84 21.03 27.69
CA GLY E 2 -5.40 19.96 26.81
C GLY E 2 -6.54 19.68 25.84
N SER E 3 -7.09 20.77 25.29
CA SER E 3 -8.23 20.71 24.37
C SER E 3 -7.90 19.90 23.11
N PRO E 4 -8.90 19.38 22.42
CA PRO E 4 -8.70 18.56 21.18
C PRO E 4 -7.85 19.26 20.12
N THR E 5 -6.93 18.48 19.54
CA THR E 5 -6.04 18.95 18.47
C THR E 5 -5.04 20.00 18.87
N SER E 6 -5.09 20.52 20.07
CA SER E 6 -4.17 21.56 20.47
C SER E 6 -2.70 21.23 20.16
N ILE E 7 -2.33 20.01 20.56
CA ILE E 7 -0.99 19.39 20.46
C ILE E 7 -0.92 18.15 21.29
N LEU E 8 -1.73 18.06 22.30
CA LEU E 8 -1.74 16.90 23.10
C LEU E 8 -2.01 15.68 22.27
N ASP E 9 -3.06 15.66 21.38
CA ASP E 9 -3.10 14.48 20.60
C ASP E 9 -2.49 14.70 19.23
N ILE E 10 -1.56 15.72 18.97
CA ILE E 10 -1.25 15.78 17.57
C ILE E 10 -0.42 14.56 17.12
N ARG E 11 -1.05 13.72 16.33
CA ARG E 11 -0.43 12.49 15.88
C ARG E 11 -0.23 12.48 14.39
N GLN E 12 0.88 11.89 13.97
CA GLN E 12 1.16 11.85 12.53
C GLN E 12 0.79 10.55 11.93
N GLY E 13 0.09 10.63 10.83
CA GLY E 13 -0.30 9.43 10.18
C GLY E 13 0.95 8.69 9.74
N PRO E 14 0.96 7.38 9.71
CA PRO E 14 2.19 6.65 9.25
C PRO E 14 2.52 7.04 7.81
N LYS E 15 1.46 7.01 6.98
CA LYS E 15 1.58 7.39 5.57
C LYS E 15 1.43 8.91 5.40
N GLU E 16 1.05 9.62 6.48
CA GLU E 16 0.92 11.05 6.38
C GLU E 16 2.34 11.63 6.32
N PRO E 17 2.76 12.28 5.25
CA PRO E 17 4.14 12.83 5.19
C PRO E 17 4.39 13.82 6.32
N PHE E 18 5.68 13.91 6.71
CA PHE E 18 6.13 14.76 7.78
C PHE E 18 5.46 16.11 7.77
N ARG E 19 5.75 16.87 6.72
CA ARG E 19 5.22 18.22 6.55
C ARG E 19 3.71 18.33 6.63
N ASP E 20 2.99 17.36 6.02
CA ASP E 20 1.51 17.42 6.01
C ASP E 20 0.98 17.40 7.44
N TYR E 21 1.45 16.44 8.20
CA TYR E 21 1.06 16.33 9.60
C TYR E 21 1.55 17.51 10.41
N VAL E 22 2.77 17.94 10.14
CA VAL E 22 3.30 19.06 10.88
C VAL E 22 2.34 20.22 10.64
N ASP E 23 1.85 20.33 9.40
CA ASP E 23 0.93 21.39 9.07
C ASP E 23 -0.23 21.28 10.03
N ARG E 24 -0.58 20.03 10.42
CA ARG E 24 -1.63 19.86 11.41
C ARG E 24 -1.17 20.53 12.70
N PHE E 25 -0.07 20.03 13.27
CA PHE E 25 0.45 20.54 14.55
C PHE E 25 0.66 22.06 14.54
N TYR E 26 0.90 22.64 13.37
CA TYR E 26 1.13 24.09 13.29
C TYR E 26 -0.16 24.84 13.20
N LYS E 27 -0.92 24.54 12.15
CA LYS E 27 -2.23 25.14 11.94
C LYS E 27 -3.11 24.89 13.17
N THR E 28 -2.81 23.81 13.90
CA THR E 28 -3.57 23.49 15.10
C THR E 28 -2.92 24.11 16.34
N LEU E 29 -1.55 24.33 16.37
CA LEU E 29 -0.97 24.98 17.58
C LEU E 29 -1.72 26.29 17.83
N ARG E 30 -2.29 26.90 16.76
CA ARG E 30 -3.08 28.15 16.90
C ARG E 30 -4.24 27.89 17.84
N ALA E 31 -4.84 26.73 17.67
CA ALA E 31 -5.93 26.31 18.54
C ALA E 31 -5.38 26.16 19.94
N GLU E 32 -4.09 25.87 20.06
CA GLU E 32 -3.46 25.73 21.35
C GLU E 32 -2.93 27.10 21.81
N GLN E 33 -3.62 27.72 22.74
CA GLN E 33 -3.20 29.00 23.22
C GLN E 33 -1.88 28.84 23.94
N ALA E 34 -0.75 29.09 23.21
CA ALA E 34 0.59 28.95 23.82
C ALA E 34 1.46 30.21 23.65
N SER E 35 2.37 30.36 24.61
CA SER E 35 3.35 31.42 24.60
C SER E 35 4.24 31.22 23.39
N GLN E 36 4.78 32.30 22.83
CA GLN E 36 5.59 32.11 21.63
C GLN E 36 6.72 31.14 21.94
N GLU E 37 7.27 31.23 23.14
CA GLU E 37 8.29 30.28 23.55
C GLU E 37 7.63 28.93 23.86
N VAL E 38 6.36 28.91 24.30
CA VAL E 38 5.78 27.62 24.61
C VAL E 38 5.70 26.78 23.34
N LYS E 39 5.24 27.40 22.29
CA LYS E 39 5.15 26.69 21.05
C LYS E 39 6.57 26.31 20.63
N ASN E 40 7.53 27.21 20.90
CA ASN E 40 8.90 26.95 20.50
C ASN E 40 9.40 25.57 20.99
N TRP E 41 9.18 25.18 22.26
CA TRP E 41 9.59 23.81 22.67
C TRP E 41 8.55 22.72 22.18
N MET E 42 7.24 23.09 22.06
CA MET E 42 6.20 22.14 21.58
C MET E 42 6.54 21.61 20.18
N THR E 43 7.00 22.50 19.31
CA THR E 43 7.32 22.08 17.95
C THR E 43 8.55 21.16 17.91
N GLU E 44 9.71 21.62 18.31
CA GLU E 44 10.90 20.75 18.25
C GLU E 44 10.74 19.48 19.10
N THR E 45 10.13 19.61 20.30
CA THR E 45 9.99 18.43 21.17
C THR E 45 8.73 17.57 20.90
N LEU E 46 7.52 18.18 21.05
CA LEU E 46 6.25 17.44 20.95
C LEU E 46 5.97 16.92 19.54
N LEU E 47 6.44 17.62 18.50
CA LEU E 47 6.26 17.13 17.12
C LEU E 47 6.96 15.79 16.98
N VAL E 48 8.21 15.75 17.42
CA VAL E 48 9.04 14.57 17.31
C VAL E 48 8.45 13.42 18.12
N GLN E 49 8.01 13.69 19.31
CA GLN E 49 7.53 12.59 20.17
C GLN E 49 6.33 11.76 19.64
N ASN E 50 5.28 12.39 19.13
CA ASN E 50 4.08 11.63 18.71
C ASN E 50 3.94 11.46 17.20
N ALA E 51 5.04 11.68 16.43
CA ALA E 51 4.89 11.71 14.96
C ALA E 51 5.79 10.87 14.04
N ASN E 52 5.12 10.01 13.24
CA ASN E 52 5.77 9.23 12.17
C ASN E 52 7.13 8.70 12.56
N PRO E 53 7.27 7.51 13.10
CA PRO E 53 8.60 6.95 13.49
C PRO E 53 9.65 7.14 12.42
N ASP E 54 9.22 7.35 11.13
CA ASP E 54 10.17 7.62 10.01
C ASP E 54 10.73 9.02 10.14
N CYS E 55 9.86 9.97 10.49
CA CYS E 55 10.30 11.36 10.65
C CYS E 55 10.87 11.57 12.01
N LYS E 56 10.45 10.75 12.97
CA LYS E 56 10.94 10.83 14.31
C LYS E 56 12.31 10.19 14.37
N THR E 57 12.50 9.09 13.62
CA THR E 57 13.81 8.40 13.61
C THR E 57 14.83 9.32 12.96
N ILE E 58 14.35 10.07 11.97
CA ILE E 58 15.16 11.04 11.29
C ILE E 58 15.43 12.23 12.15
N LEU E 59 14.38 12.76 12.72
CA LEU E 59 14.45 13.94 13.57
C LEU E 59 15.51 13.73 14.63
N LYS E 60 15.61 12.51 15.12
CA LYS E 60 16.60 12.20 16.12
C LYS E 60 17.99 12.24 15.49
N ALA E 61 18.04 11.73 14.26
CA ALA E 61 19.27 11.69 13.46
C ALA E 61 19.79 13.08 13.11
N LEU E 62 18.90 13.98 12.73
CA LEU E 62 19.31 15.33 12.45
C LEU E 62 19.93 15.87 13.68
N GLY E 63 19.26 15.53 14.81
CA GLY E 63 19.64 16.01 16.12
C GLY E 63 18.86 17.30 16.32
N PRO E 64 18.27 17.58 17.46
CA PRO E 64 17.49 18.84 17.65
C PRO E 64 18.29 20.07 17.22
N GLY E 65 17.64 21.22 17.14
CA GLY E 65 18.31 22.44 16.69
C GLY E 65 18.25 22.59 15.16
N ALA E 66 17.79 21.54 14.46
CA ALA E 66 17.66 21.60 13.03
C ALA E 66 16.60 22.62 12.69
N THR E 67 16.85 23.46 11.70
CA THR E 67 15.84 24.42 11.34
C THR E 67 14.60 23.67 10.96
N LEU E 68 13.46 24.31 11.02
CA LEU E 68 12.25 23.61 10.70
C LEU E 68 12.32 23.17 9.26
N GLU E 69 12.92 24.02 8.43
CA GLU E 69 13.16 23.71 7.05
C GLU E 69 14.02 22.47 7.04
N GLU E 70 14.94 22.37 8.02
CA GLU E 70 15.79 21.21 8.10
C GLU E 70 15.02 19.96 8.56
N MET E 71 14.09 20.09 9.52
CA MET E 71 13.33 18.90 9.96
C MET E 71 12.55 18.40 8.77
N MET E 72 12.03 19.36 8.02
CA MET E 72 11.29 19.07 6.83
C MET E 72 12.20 18.36 5.83
N THR E 73 13.38 18.92 5.64
CA THR E 73 14.33 18.38 4.68
C THR E 73 14.75 16.96 5.00
N ALA E 74 15.12 16.68 6.24
CA ALA E 74 15.54 15.33 6.56
C ALA E 74 14.36 14.41 6.48
N CYS E 75 13.25 14.87 7.05
CA CYS E 75 12.03 14.10 7.09
C CYS E 75 11.39 14.01 5.70
N GLN E 76 11.87 14.75 4.73
CA GLN E 76 11.31 14.56 3.41
C GLN E 76 11.65 13.12 2.96
N GLY E 77 12.64 12.46 3.62
CA GLY E 77 12.96 11.06 3.33
C GLY E 77 11.80 10.13 3.76
N VAL E 78 10.96 10.61 4.70
CA VAL E 78 9.74 9.89 5.29
C VAL E 78 8.78 9.50 4.20
N GLY E 79 7.83 8.47 4.39
CA GLY E 79 7.04 8.12 3.21
C GLY E 79 6.93 6.63 2.92
N GLY E 80 5.91 6.10 2.21
CA GLY E 80 5.98 4.63 2.11
C GLY E 80 7.17 4.32 1.20
N PRO E 81 7.03 4.40 -0.09
CA PRO E 81 8.20 4.29 -0.97
C PRO E 81 9.23 5.39 -0.61
N GLY E 82 8.76 6.51 -0.10
CA GLY E 82 9.69 7.57 0.24
C GLY E 82 10.75 7.11 1.25
N HIS E 83 10.29 6.63 2.41
CA HIS E 83 11.20 6.18 3.46
C HIS E 83 11.74 4.82 3.14
N LYS E 84 10.86 3.97 2.56
CA LYS E 84 11.20 2.59 2.15
C LYS E 84 12.30 2.58 1.10
N ALA E 85 12.35 3.62 0.25
CA ALA E 85 13.37 3.71 -0.80
C ALA E 85 14.75 3.83 -0.18
N ARG E 86 14.81 4.54 0.94
CA ARG E 86 16.04 4.73 1.68
C ARG E 86 16.23 3.66 2.76
N VAL E 87 15.12 3.09 3.21
CA VAL E 87 15.19 2.12 4.29
C VAL E 87 15.43 0.70 3.78
N LEU E 88 15.03 0.42 2.59
CA LEU E 88 15.20 -0.94 2.12
C LEU E 88 16.66 -1.28 2.11
N ALA E 89 17.45 -0.41 1.52
CA ALA E 89 18.87 -0.62 1.47
C ALA E 89 19.45 -0.58 2.86
N GLU E 90 18.96 0.37 3.67
CA GLU E 90 19.46 0.57 5.03
C GLU E 90 19.17 -0.59 6.00
N ALA E 91 17.88 -0.84 6.27
CA ALA E 91 17.47 -1.86 7.25
C ALA E 91 17.97 -3.21 6.87
N MET E 92 17.92 -3.50 5.59
CA MET E 92 18.39 -4.76 5.12
C MET E 92 19.89 -4.87 5.39
N SER E 93 20.57 -3.70 5.57
CA SER E 93 21.99 -3.73 5.89
C SER E 93 22.20 -3.47 7.38
N GLN E 94 21.16 -3.03 8.10
CA GLN E 94 21.33 -2.87 9.51
C GLN E 94 21.59 -4.26 10.02
N VAL E 95 20.86 -5.22 9.46
CA VAL E 95 21.01 -6.59 9.88
C VAL E 95 22.34 -7.17 9.36
N THR E 96 22.71 -6.83 8.13
CA THR E 96 23.91 -7.41 7.55
C THR E 96 25.21 -6.61 7.79
N ASN E 97 25.29 -5.36 7.33
CA ASN E 97 26.55 -4.62 7.42
C ASN E 97 26.83 -3.72 8.66
N THR E 98 25.96 -2.74 8.93
CA THR E 98 26.28 -1.77 9.99
C THR E 98 25.73 -2.08 11.38
N ALA E 99 24.49 -2.51 11.48
CA ALA E 99 23.90 -2.78 12.78
C ALA E 99 23.96 -4.27 13.12
N THR E 100 24.93 -4.98 12.55
CA THR E 100 24.99 -6.40 12.79
C THR E 100 25.27 -6.64 14.27
N ILE E 101 24.25 -7.19 14.92
CA ILE E 101 24.32 -7.43 16.35
C ILE E 101 24.78 -8.85 16.65
N MET E 102 25.92 -8.96 17.32
CA MET E 102 26.48 -10.27 17.67
C MET E 102 26.40 -10.49 19.18
N GLY F 1 -26.05 -8.82 19.50
CA GLY F 1 -25.11 -9.17 18.39
C GLY F 1 -25.18 -8.08 17.31
N GLY F 2 -24.01 -7.65 16.82
CA GLY F 2 -23.97 -6.60 15.81
C GLY F 2 -24.42 -5.27 16.43
N SER F 3 -24.41 -5.18 17.77
CA SER F 3 -24.79 -3.92 18.40
C SER F 3 -23.79 -2.88 17.96
N PRO F 4 -24.17 -1.64 17.83
CA PRO F 4 -23.22 -0.61 17.33
C PRO F 4 -22.18 -0.16 18.35
N THR F 5 -20.93 -0.26 17.90
CA THR F 5 -19.77 0.22 18.64
C THR F 5 -19.76 -0.03 20.17
N SER F 6 -19.93 -1.29 20.54
CA SER F 6 -19.87 -1.73 21.93
C SER F 6 -18.44 -2.15 22.34
N ILE F 7 -17.43 -1.95 21.44
CA ILE F 7 -16.03 -2.39 21.65
C ILE F 7 -15.82 -3.86 21.27
N LEU F 8 -16.87 -4.65 21.34
CA LEU F 8 -16.88 -5.99 20.89
C LEU F 8 -16.41 -5.94 19.45
N ASP F 9 -16.97 -4.99 18.59
CA ASP F 9 -16.36 -4.89 17.30
C ASP F 9 -15.62 -3.57 17.13
N ILE F 10 -15.15 -2.80 18.20
CA ILE F 10 -14.46 -1.61 17.77
C ILE F 10 -13.04 -2.06 17.44
N ARG F 11 -12.56 -1.75 16.24
CA ARG F 11 -11.23 -2.23 15.86
C ARG F 11 -10.40 -1.18 15.19
N GLN F 12 -9.11 -1.35 15.39
CA GLN F 12 -8.13 -0.49 14.78
C GLN F 12 -7.84 -1.06 13.47
N GLY F 13 -7.86 -0.21 12.49
CA GLY F 13 -7.59 -0.66 11.19
C GLY F 13 -6.21 -1.31 11.19
N PRO F 14 -5.94 -2.20 10.28
CA PRO F 14 -4.59 -2.81 10.18
C PRO F 14 -3.53 -1.72 9.97
N LYS F 15 -3.99 -0.50 9.55
CA LYS F 15 -3.08 0.62 9.33
C LYS F 15 -3.40 1.78 10.26
N GLU F 16 -4.66 1.83 10.72
CA GLU F 16 -5.11 2.93 11.55
C GLU F 16 -4.14 3.15 12.68
N PRO F 17 -3.64 4.35 12.92
CA PRO F 17 -2.71 4.51 14.02
C PRO F 17 -3.41 4.21 15.31
N PHE F 18 -2.61 3.75 16.26
CA PHE F 18 -3.10 3.31 17.54
C PHE F 18 -4.13 4.24 18.14
N ARG F 19 -3.71 5.43 18.48
CA ARG F 19 -4.63 6.41 19.11
C ARG F 19 -5.86 6.75 18.25
N ASP F 20 -5.73 6.97 16.91
CA ASP F 20 -6.93 7.36 16.10
C ASP F 20 -8.07 6.42 16.35
N TYR F 21 -7.75 5.15 16.29
CA TYR F 21 -8.74 4.15 16.57
C TYR F 21 -9.20 4.20 18.03
N VAL F 22 -8.26 4.40 18.93
CA VAL F 22 -8.60 4.47 20.35
C VAL F 22 -9.62 5.61 20.55
N ASP F 23 -9.51 6.67 19.77
CA ASP F 23 -10.50 7.75 19.91
C ASP F 23 -11.89 7.14 19.61
N ARG F 24 -11.95 6.15 18.70
CA ARG F 24 -13.22 5.50 18.36
C ARG F 24 -13.68 4.67 19.56
N PHE F 25 -12.81 3.73 19.97
CA PHE F 25 -13.03 2.86 21.14
C PHE F 25 -13.56 3.72 22.31
N TYR F 26 -12.77 4.65 22.77
CA TYR F 26 -13.23 5.52 23.84
C TYR F 26 -14.55 6.23 23.44
N LYS F 27 -14.56 6.99 22.32
CA LYS F 27 -15.77 7.75 21.92
C LYS F 27 -17.04 6.90 22.02
N THR F 28 -16.96 5.63 21.70
CA THR F 28 -18.15 4.80 21.80
C THR F 28 -18.29 4.20 23.19
N LEU F 29 -17.18 4.04 23.91
CA LEU F 29 -17.27 3.60 25.29
C LEU F 29 -18.09 4.58 26.08
N ARG F 30 -17.85 5.86 25.83
CA ARG F 30 -18.63 6.90 26.46
C ARG F 30 -20.11 6.61 26.21
N ALA F 31 -20.39 5.98 25.06
CA ALA F 31 -21.76 5.66 24.66
C ALA F 31 -22.23 4.32 25.24
N GLU F 32 -21.30 3.40 25.44
CA GLU F 32 -21.66 2.11 26.02
C GLU F 32 -21.82 2.33 27.52
N GLN F 33 -23.05 2.28 28.02
CA GLN F 33 -23.29 2.50 29.45
C GLN F 33 -22.60 1.39 30.24
N ALA F 34 -21.35 1.65 30.63
CA ALA F 34 -20.54 0.66 31.32
C ALA F 34 -19.90 1.24 32.59
N SER F 35 -19.43 0.32 33.43
CA SER F 35 -18.76 0.65 34.67
C SER F 35 -17.32 0.97 34.34
N GLN F 36 -16.59 1.64 35.22
CA GLN F 36 -15.23 1.96 34.85
C GLN F 36 -14.44 0.69 34.61
N GLU F 37 -14.63 -0.31 35.48
CA GLU F 37 -13.93 -1.59 35.34
C GLU F 37 -14.26 -2.22 34.01
N VAL F 38 -15.53 -2.15 33.64
CA VAL F 38 -16.00 -2.69 32.38
C VAL F 38 -15.29 -1.99 31.25
N LYS F 39 -15.21 -0.68 31.36
CA LYS F 39 -14.54 0.11 30.36
C LYS F 39 -13.05 -0.33 30.31
N ASN F 40 -12.52 -0.78 31.49
CA ASN F 40 -11.12 -1.25 31.62
C ASN F 40 -10.90 -2.66 30.92
N TRP F 41 -12.01 -3.42 30.62
CA TRP F 41 -11.86 -4.68 29.85
C TRP F 41 -11.61 -4.22 28.45
N MET F 42 -12.43 -3.20 28.07
CA MET F 42 -12.37 -2.63 26.73
C MET F 42 -11.04 -1.95 26.50
N THR F 43 -10.48 -1.33 27.55
CA THR F 43 -9.21 -0.65 27.39
C THR F 43 -8.05 -1.63 27.49
N GLU F 44 -8.15 -2.60 28.37
CA GLU F 44 -7.02 -3.49 28.58
C GLU F 44 -6.90 -4.57 27.54
N THR F 45 -7.88 -5.45 27.45
CA THR F 45 -7.79 -6.53 26.50
C THR F 45 -8.41 -6.29 25.12
N LEU F 46 -9.60 -5.62 24.96
CA LEU F 46 -10.15 -5.53 23.58
C LEU F 46 -9.33 -4.50 22.89
N LEU F 47 -8.97 -3.42 23.64
CA LEU F 47 -8.16 -2.34 23.04
C LEU F 47 -6.98 -2.94 22.33
N VAL F 48 -6.49 -4.06 22.86
CA VAL F 48 -5.36 -4.74 22.27
C VAL F 48 -5.83 -5.67 21.16
N GLN F 49 -6.67 -6.65 21.55
CA GLN F 49 -7.14 -7.69 20.64
C GLN F 49 -7.71 -7.20 19.35
N ASN F 50 -8.52 -6.19 19.39
CA ASN F 50 -9.09 -5.77 18.15
C ASN F 50 -8.18 -4.86 17.42
N ALA F 51 -7.21 -4.28 18.10
CA ALA F 51 -6.51 -3.20 17.48
C ALA F 51 -5.35 -3.47 16.59
N ASN F 52 -5.52 -3.76 15.30
CA ASN F 52 -4.35 -3.73 14.43
C ASN F 52 -3.14 -4.58 14.88
N PRO F 53 -2.94 -5.76 14.38
CA PRO F 53 -1.78 -6.61 14.80
C PRO F 53 -0.43 -5.89 14.82
N ASP F 54 -0.30 -4.72 14.22
CA ASP F 54 0.95 -3.99 14.36
C ASP F 54 1.14 -3.70 15.82
N CYS F 55 0.05 -3.25 16.46
CA CYS F 55 0.11 -2.86 17.88
C CYS F 55 -0.32 -4.00 18.77
N LYS F 56 -1.29 -4.86 18.34
CA LYS F 56 -1.72 -5.95 19.22
C LYS F 56 -0.52 -6.73 19.71
N THR F 57 0.46 -6.88 18.86
CA THR F 57 1.67 -7.56 19.28
C THR F 57 2.38 -6.69 20.34
N ILE F 58 2.51 -5.37 20.06
CA ILE F 58 3.18 -4.41 20.97
C ILE F 58 2.58 -4.35 22.36
N LEU F 59 1.25 -4.16 22.44
CA LEU F 59 0.62 -3.97 23.74
C LEU F 59 0.92 -5.16 24.58
N LYS F 60 0.90 -6.30 23.97
CA LYS F 60 1.26 -7.49 24.68
C LYS F 60 2.75 -7.41 25.09
N ALA F 61 3.61 -6.96 24.17
CA ALA F 61 5.05 -6.93 24.43
C ALA F 61 5.33 -6.10 25.67
N LEU F 62 4.77 -4.92 25.74
CA LEU F 62 4.94 -4.11 26.95
C LEU F 62 4.28 -4.91 28.08
N GLY F 63 3.10 -5.36 27.72
CA GLY F 63 2.23 -6.13 28.57
C GLY F 63 1.01 -5.26 28.93
N PRO F 64 -0.18 -5.82 29.04
CA PRO F 64 -1.39 -5.03 29.46
C PRO F 64 -1.14 -4.42 30.85
N GLY F 65 -2.01 -3.53 31.30
CA GLY F 65 -1.80 -2.88 32.60
C GLY F 65 -0.92 -1.61 32.46
N ALA F 66 -0.35 -1.39 31.24
CA ALA F 66 0.47 -0.22 30.97
C ALA F 66 -0.43 0.95 30.69
N THR F 67 0.02 2.12 31.02
CA THR F 67 -0.81 3.27 30.83
C THR F 67 -1.18 3.42 29.36
N LEU F 68 -2.30 4.04 29.11
CA LEU F 68 -2.69 4.26 27.74
C LEU F 68 -1.61 5.13 27.07
N GLU F 69 -0.96 5.97 27.88
CA GLU F 69 0.12 6.79 27.40
C GLU F 69 1.31 5.88 27.11
N GLU F 70 1.52 4.88 27.98
CA GLU F 70 2.64 3.95 27.81
C GLU F 70 2.50 3.14 26.52
N MET F 71 1.34 2.53 26.30
CA MET F 71 1.09 1.79 25.06
C MET F 71 1.16 2.75 23.91
N MET F 72 0.57 3.94 24.07
CA MET F 72 0.55 4.92 22.98
C MET F 72 1.95 5.23 22.48
N THR F 73 2.87 5.49 23.41
CA THR F 73 4.24 5.80 23.02
C THR F 73 4.88 4.63 22.28
N ALA F 74 4.73 3.44 22.81
CA ALA F 74 5.30 2.26 22.12
C ALA F 74 4.50 1.95 20.83
N CYS F 75 3.28 2.48 20.75
CA CYS F 75 2.42 2.20 19.63
C CYS F 75 2.42 3.36 18.64
N GLN F 76 3.17 4.44 18.92
CA GLN F 76 3.33 5.44 17.89
C GLN F 76 4.13 4.74 16.76
N GLY F 77 4.85 3.60 17.11
CA GLY F 77 5.53 2.86 16.13
C GLY F 77 4.51 2.30 15.16
N VAL F 78 3.29 2.05 15.63
CA VAL F 78 2.18 1.45 14.77
C VAL F 78 2.06 2.21 13.48
N GLY F 79 1.51 1.56 12.32
CA GLY F 79 1.60 2.35 11.10
C GLY F 79 2.20 1.70 9.85
N GLY F 80 1.93 2.17 8.61
CA GLY F 80 2.56 1.41 7.55
C GLY F 80 4.05 1.72 7.51
N PRO F 81 4.50 2.74 6.87
CA PRO F 81 5.92 3.07 6.98
C PRO F 81 6.23 3.48 8.42
N GLY F 82 5.17 3.82 9.21
CA GLY F 82 5.36 4.20 10.60
C GLY F 82 5.91 3.03 11.36
N HIS F 83 5.28 1.84 11.19
CA HIS F 83 5.72 0.59 11.86
C HIS F 83 6.67 -0.24 11.11
N LYS F 84 6.73 -0.11 9.83
CA LYS F 84 7.64 -0.92 9.06
C LYS F 84 9.11 -0.56 9.35
N ALA F 85 9.38 0.69 9.54
CA ALA F 85 10.76 1.09 9.79
C ALA F 85 11.32 0.38 11.01
N ARG F 86 10.53 0.32 12.10
CA ARG F 86 10.99 -0.37 13.32
C ARG F 86 10.70 -1.87 13.30
N VAL F 87 9.46 -2.17 12.93
CA VAL F 87 8.95 -3.54 12.90
C VAL F 87 9.19 -4.29 11.59
N LEU F 88 9.11 -3.66 10.42
CA LEU F 88 9.35 -4.46 9.21
C LEU F 88 10.75 -4.92 9.32
N ALA F 89 11.61 -3.97 9.70
CA ALA F 89 13.00 -4.26 9.91
C ALA F 89 13.11 -5.29 10.99
N GLU F 90 12.27 -5.23 12.00
CA GLU F 90 12.35 -6.26 13.05
C GLU F 90 12.11 -7.63 12.39
N ALA F 91 11.14 -7.70 11.50
CA ALA F 91 10.85 -8.94 10.78
C ALA F 91 12.05 -9.30 9.93
N MET F 92 12.69 -8.26 9.40
CA MET F 92 13.87 -8.47 8.59
C MET F 92 14.95 -9.07 9.48
N SER F 93 14.94 -8.68 10.76
CA SER F 93 15.88 -9.21 11.73
C SER F 93 15.33 -10.52 12.36
N GLN F 94 14.05 -10.86 12.09
CA GLN F 94 13.46 -12.11 12.60
C GLN F 94 13.86 -13.31 11.74
N VAL F 95 14.20 -13.08 10.47
CA VAL F 95 14.60 -14.19 9.60
C VAL F 95 16.11 -14.43 9.66
N THR F 96 16.88 -13.35 9.71
CA THR F 96 18.32 -13.49 9.69
C THR F 96 19.03 -13.49 11.06
N ASN F 97 18.91 -12.41 11.85
CA ASN F 97 19.70 -12.30 13.09
C ASN F 97 19.13 -12.78 14.43
N THR F 98 17.98 -12.26 14.87
CA THR F 98 17.50 -12.60 16.23
C THR F 98 16.48 -13.71 16.32
N ALA F 99 15.49 -13.71 15.43
CA ALA F 99 14.45 -14.72 15.49
C ALA F 99 14.67 -15.80 14.45
N THR F 100 15.92 -16.02 14.08
CA THR F 100 16.18 -17.02 13.06
C THR F 100 15.83 -18.40 13.63
N ILE F 101 14.77 -18.96 13.08
CA ILE F 101 14.27 -20.26 13.53
C ILE F 101 15.03 -21.37 12.82
N MET F 102 15.47 -22.36 13.60
CA MET F 102 16.20 -23.49 13.05
C MET F 102 15.43 -24.79 13.23
C1 IHP G . -2.16 -1.99 0.42
C2 IHP G . -0.86 -2.25 1.30
C3 IHP G . 0.38 -2.19 0.41
C4 IHP G . 0.48 -0.84 -0.22
C5 IHP G . -0.72 -0.87 -1.25
C6 IHP G . -2.07 -0.69 -0.36
O11 IHP G . -3.35 -2.06 1.26
P1 IHP G . -4.23 -3.42 1.29
O21 IHP G . -3.41 -4.46 0.58
O31 IHP G . -4.60 -3.75 2.78
O41 IHP G . -5.44 -3.09 0.50
O12 IHP G . -0.75 -1.17 2.32
P2 IHP G . -0.60 -1.53 3.85
O22 IHP G . -0.93 -3.01 4.13
O32 IHP G . -1.49 -0.63 4.61
O42 IHP G . 0.80 -1.30 4.22
O13 IHP G . 1.49 -2.48 1.15
P3 IHP G . 2.58 -3.51 0.71
O23 IHP G . 2.45 -4.73 1.58
O33 IHP G . 2.45 -3.76 -0.80
O43 IHP G . 3.85 -2.75 1.07
O14 IHP G . 1.73 -0.68 -0.86
P4 IHP G . 2.66 0.63 -0.86
O24 IHP G . 1.93 1.66 -1.70
O34 IHP G . 3.04 1.18 0.48
O44 IHP G . 3.94 0.25 -1.58
O15 IHP G . -0.55 0.08 -2.30
P5 IHP G . -0.25 -0.35 -3.82
O25 IHP G . -0.29 1.01 -4.51
O35 IHP G . -1.26 -1.38 -4.25
O45 IHP G . 1.09 -1.01 -3.86
O16 IHP G . -3.22 -0.57 -1.26
P6 IHP G . -4.15 0.64 -1.43
O26 IHP G . -3.38 1.90 -1.74
O36 IHP G . -4.89 0.23 -2.69
O46 IHP G . -4.99 0.87 -0.22
H1 IHP G . -2.08 -2.71 -0.43
H2 IHP G . -0.86 -3.31 1.62
H3 IHP G . 0.19 -2.94 -0.40
H4 IHP G . 0.25 -0.08 0.57
H5 IHP G . -0.88 -1.90 -1.65
H6 IHP G . -1.92 0.18 0.33
C1 A1CCZ H . 6.49 -7.71 1.24
C2 A1CCZ H . 7.51 -7.50 2.19
C3 A1CCZ H . 7.41 -6.44 3.06
C11 A1CCZ H . 3.92 -8.83 -2.59
C12 A1CCZ H . 3.69 -9.96 -3.62
C13 A1CCZ H . 4.20 -7.46 -3.16
C14 A1CCZ H . 5.39 -7.10 -3.82
C15 A1CCZ H . 5.61 -5.73 -4.10
C16 A1CCZ H . 4.69 -4.69 -3.77
C17 A1CCZ H . 3.51 -5.13 -3.13
C18 A1CCZ H . 3.27 -6.41 -2.87
C19 A1CCZ H . 5.00 -3.28 -4.07
C20 A1CCZ H . 4.05 -2.86 -5.18
C21 A1CCZ H . 4.57 -2.33 -2.93
C22 A1CCZ H . 6.50 -3.07 -4.36
C24 A1CCZ H . 1.25 -9.87 -4.04
C25 A1CCZ H . 0.13 -9.71 -4.97
C26 A1CCZ H . 0.41 -9.82 -6.31
N23 A1CCZ H . 2.51 -9.91 -4.59
C28 A1CCZ H . 2.70 -10.13 -5.91
C27 A1CCZ H . 1.67 -10.08 -6.77
O29 A1CCZ H . 1.15 -10.04 -2.76
C30 A1CCZ H . -1.25 -9.32 -4.60
F31 A1CCZ H . -1.28 -8.69 -3.44
F32 A1CCZ H . -2.02 -10.36 -4.42
F33 A1CCZ H . -1.84 -8.50 -5.53
N10 A1CCZ H . 4.98 -9.35 -1.65
C8 A1CCZ H . 5.50 -8.24 -0.72
C7 A1CCZ H . 4.46 -7.51 0.03
C6 A1CCZ H . 5.32 -6.93 1.19
C5 A1CCZ H . 5.28 -5.82 2.03
C4 A1CCZ H . 6.39 -5.50 2.87
C9 A1CCZ H . 6.44 -8.85 0.24
H2 A1CCZ H . 8.28 -8.21 2.42
H3 A1CCZ H . 8.15 -6.13 3.79
H11 A1CCZ H . 3.00 -8.77 -1.98
H12A A1CCZ H . 3.42 -10.87 -3.04
H12B A1CCZ H . 4.58 -10.18 -4.25
H14 A1CCZ H . 6.18 -7.82 -4.00
H15 A1CCZ H . 6.57 -5.52 -4.56
H17 A1CCZ H . 2.77 -4.40 -2.83
H18 A1CCZ H . 2.43 -6.73 -2.26
H20C A1CCZ H . 4.15 -3.49 -6.09
H20B A1CCZ H . 4.29 -1.86 -5.59
H20A A1CCZ H . 2.96 -2.92 -4.96
H21A A1CCZ H . 5.16 -2.51 -2.01
H21C A1CCZ H . 3.51 -2.37 -2.58
H21B A1CCZ H . 4.68 -1.26 -3.17
H22C A1CCZ H . 7.04 -3.67 -3.61
H22B A1CCZ H . 6.72 -1.99 -4.26
H22A A1CCZ H . 6.77 -3.44 -5.38
H26 A1CCZ H . -0.41 -9.56 -6.98
H6 A1CCZ H . 3.70 -10.02 -6.31
H27 A1CCZ H . 1.79 -10.24 -7.84
H9 A1CCZ H . 5.82 -9.63 -2.14
H8 A1CCZ H . 6.08 -7.56 -1.38
H7A A1CCZ H . 3.69 -8.23 0.37
H7B A1CCZ H . 3.86 -6.77 -0.51
H5 A1CCZ H . 4.58 -5.01 1.84
H4 A1CCZ H . 6.35 -4.57 3.43
H9B A1CCZ H . 6.18 -9.89 0.51
H9A A1CCZ H . 7.46 -8.91 -0.15
#